data_7XT7
#
_entry.id   7XT7
#
_cell.length_a   1.00
_cell.length_b   1.00
_cell.length_c   1.00
_cell.angle_alpha   90.00
_cell.angle_beta   90.00
_cell.angle_gamma   90.00
#
_symmetry.space_group_name_H-M   'P 1'
#
loop_
_entity.id
_entity.type
_entity.pdbx_description
1 polymer 'DNA-directed RNA polymerase subunit'
2 polymer 'DNA-directed RNA polymerase subunit beta'
3 polymer 'RNA polymerase II third largest subunit B44, part of central core'
4 polymer 'RNA polymerase II subunit B32'
5 polymer 'DNA-directed RNA polymerases I, II, and III subunit RPABC1'
6 polymer 'RNA polymerase subunit ABC23, common to RNA polymerases I, II, and III'
7 polymer 'RNA polymerase II subunit'
8 polymer 'DNA-directed RNA polymerases I, II, and III subunit RPABC3'
9 polymer 'DNA-directed RNA polymerase subunit'
10 polymer 'RNA polymerase subunit ABC10-beta, common to RNA polymerases I, II, and III'
11 polymer 'RNA polymerase II subunit B12.5'
12 polymer 'RNA polymerase subunit ABC10-alpha'
13 polymer 'Transcription elongation factor 1 homolog'
14 polymer 'DNA (198-MER)'
15 polymer "RNA (5'-R(P*GP*AP*CP*CP*CP*GP*GP*GP*UP*GP*UP*CP*UP*UP*CP*CP*CP*CP*A)-3')"
16 polymer 'DNA (198-MER)'
17 polymer 'Transcription elongation factor SPT4'
18 polymer 'Transcription elongation factor SPT5'
19 polymer 'Transcription elongation factor Spt6'
20 polymer 'Protein that interacts with Spt6p and copurifies with Spt5p and RNA polymerase II'
21 polymer 'Component of the Paf1p complex'
22 polymer 'RNAPII-associated chromatin remodeling Paf1 complex subunit'
23 polymer Leo1
24 polymer 'RNAP II-associated protein'
25 polymer 'Constituent of Paf1 complex with RNA polymerase II, Paf1p, Hpr1p, Ctr9, Leo1, Rtf1 and Ccr4p'
26 polymer 'Histone H3.3'
27 polymer 'Histone H4'
28 polymer 'Histone H2A type 1-B/E'
29 polymer 'Histone H2B type 1-J'
30 polymer 'FACT complex subunit'
31 polymer 'FACT complex subunit POB3'
32 non-polymer 'ZINC ION'
33 non-polymer 'MAGNESIUM ION'
#
loop_
_entity_poly.entity_id
_entity_poly.type
_entity_poly.pdbx_seq_one_letter_code
_entity_poly.pdbx_strand_id
1 'polypeptide(L)'
;MSQFPYSSAPLRSVKEVQFGLLSPEEIRAISVVKIEYPEIMDESRQRPREGGLNDPKLGSIDRNFKCQTCGEGMAECPGH
FGHMELAKPVFHIGFIPKIKKVCECICMNCGKLLLDETNPTMAQAIRIRDPKKRFNAVWQLCKTKMVCEADAPVDEYSEQ
KVVSRGGCGNTQPVVRKDGMKLWGTWKKSGFSDRDAQPERKLLTPGEILNVFKHISPEDCFRLGFNEDYARPEWMIITVL
PVPPPQVRPSIAMDETTQGQDDLTHKLSDILKANINVQKLEMDGSPQHIINEVEQLLQFHVATYMDNDIAGQPQALQKSG
RPVKAIRARLKGKEGRLRGNLMGKRVDFSARTVISGDPNLELDQVGVPISIAKTLSYPETVTQYNIHRLTEYVRNGPNEH
PGAKYVIRDNGDRIDLRYHKRAGDIVLQYGWKVERHLMDDDPVLFNRQPSLHKMSMMAHRVKVMPYSTFRLNLSVTSPYN
ADFDGDEMNLHVPQSEETRAELSQLCAVPLQIVSPQSNKPVMGIVQDTLCGVRKMTLRDTFIEYEQVMNMLFWVPSWDGV
VPQPAILKPKPLWTGKQLLSIAIPSGIHLQRTDGGNSLLSPKDNGMLIVDGKVMFGVVDKKTVGSGGGGLIHTVMREKGP
KICAELFGNIQKVVNYWLLHNGFSIGIGDAIADASTMKEITHAISSAKEQVQEIIYKAQHNELELKPGMTLRESFEGEVS
RTLNDARDSAGRSAEMNLKDLNNVKQMVSAGSKGSFINIAQMSACVGQQMVEGKRIAFGFADRSLPHFTKDDFSPESKGF
VENSYLRGLTPQEFFFHAMAGREGLIDTAVKTAETGYIQRRLVKALEDIMVHYDGTTRNSLGDIIQFLYGEDGLDGTQVE
RQTIDTIPGSDKAFHKRYYVDLMDEKNSIKPDVIEYAADILGDVELQKELNSEYEQLVSDRKFLREIVFVNGDHNWPLPV
NLRRIIQNAQQIFHLDRAKASDLTIPEIIHGVRDLCKKLFVLRGENELIKEAQQNATSLFQCLVRARLATRRILEEFRLN
RDAFEWVLGTIEAQFQRSLVHPGEMVGVIAAQSIGEPATQMTLNTFHYAGVSSKNVTLGVPRLKEILNVAKNIKTPALTV
YLDREIALDIEKAKVIQSSIEYTTLKNVTSATEIYYDPDPTSTVIEEDFDTVEAYFSIPDEKVEETIDKQSPWLLRLELD
RARMLDKQLTMNQVADKISEVFSDDLFVMWSEDNADKLIIRCRVIRDPKAMDEELEAEEDQMLKRIEAHMLDLIALRGIP
GISKVYMVKHKVSVPDESGEYKNEELWALETDGINLAEVMAVPGVDSSRTYSNSFVEILSVLGIEATRSSLYKEILNVIA
FDGSYVNYRHMALLVDVMTSRGYLMAITRHGINRADTGALMRCSFEETVEILFEAGAAAELDDCRGVSENVMLGQLAPMG
TGAFDVMIDEKLLTSLPADYAPTMPLFKGKATQGSATPYDNNAQYDDEFNHDDVADVMFSPMAETGSGDDRSGGLTEYAG
IQSPYQPTSPGLSATSPGFAPTSPGFAPTSPRYSPTSPGYSPTSPSYSPTSPSYSPTSPSYSPTSPSYSPTSPSYSPTSP
SYSPTSPSYSPTSPSYSPTSPSYSPTSPQYSPTSPQYSPTSPQYSPTSPQYSPTSPQYSPTSPQYSPTSPQYSPTSPQYS
PTSPQYSPTSPQYSPTSPQYSPTSPQYSPTSPQYSPTSPQYSPASPQYSPSRHSPNGESKEGE
;
A
2 'polypeptide(L)'
;MSYDPYSIDDTITTEDCWTVISAFFEEKGLVSQQLDSFDEFMETSIQDLVWEEPRLILDQPAQHTNEKDNINKRYEIRFG
KIYLSRPTMTEADGTTHAMFPQEARLRNLTYSSPVYLDMEKSMFTSIDDEGNPNATLDWQQVHEPIKDGVEEGNKVHIGK
VPIMLRSKFCSLRTLDEVDLYKMKECPYDMGGYFVINGSEKVLIAQERSAANIVQVFKKAAPSPISHVAEIRSALEKGSR
LISTMQIKLYGREDKGTGRTIKATLPYVKQDIPIVIVFRALGVVPDGEILQHICYDENDWQMLEMLKPCIEEGFVIQDKE
VALDFIGRRGSAALGIRREKRIQYAKDILQKELLPHITQEEGFETRKTFFLGYMVNRLLLCALERKDQDDRDHFGKKRLD
LAGPLLANLFRILFRKLTREIYRYMQRCIETDRDFNLNLAVKSTTITSGLKYSLATGNWGEQKKAMSSRAGVSQVLNRYT
YSSTLSHLRRTNTPIGRDGKLAKPRQLHNTHWGLVCPAETPEGQACGLVKNLSLLSGISIGSPSEPIINFLEEWGMEPLE
DYDPAQHTKSTRIFVNGVWTGIHRDPSMLVSTMRDLRRSGAISPEVSIIRDIREREFKIFTDVGRVYRPLFIVEDDESKD
NKGELRITKEHIRKIQQGYDDDAMNDDSEEQEQDVYGWSSLVTSGVIEYVDGEEEETIMIAMTPEDLQTRSLEQKEIDLN
DTAKRIKPEMSTSSHHTFTHCEIHPSMILGVAASIIPFPDHNQSPRNTYQSAMGKQAMGVFLTNYNVRMDTMANILYYPQ
KPLAKTQAMEYLKFRELPAGQNAIVAIACYSGYNQEDSMIMNQSSIDRGLFRSLFFRSYMDQEKRFGISIVEEFEKPTRA
TTLRLKHGTYEKLDEDGLIAPGVRVSGDDIIIGKTTPIPPDTEELGQRTKYHTKRDASTPLRSTENGIVDQVLLTTNQEG
LKFVKVRMRTTKVPQIGDKFASRHGQKGTIGVTYRHEDMPFSAEGIVPDLIINPHAIPSRMTVAHLIECLLSKVGSIRGY
EGDATPFTDLTVDAVSNLLRDNGYQSRGFEVMYNGHTGKKLMAQVFFGPTYYQRLRHMVDDKIHARARGPVQVLTRQPVE
GRSRDGGLRFGEMERDCMIAHGAAGFLKERLMEASDAFRVHVCGICGLMSVIANLKKNQFECRSCKNKTNIYQLHIPYAA
KLLFQELMAMNIAPRLYTERSGVSMRS
;
B
3 'polypeptide(L)'
;MSKEPKVNIINAQDDEVELMLSDVNLSLANSLRRTMLAEVPTLAIDLVEIKMNTSVLADEFISHRLGLIPLVSEDVEEMK
YSRDCTCEDYCDECSVVLELSARHEGEEGTTDVYSSSLIKVSGPGNLNVGEPVRRDDYDQGILLCKLRNHQELNIRCIAK
KGIAKEHAKWSPCSAIAFEYDPHNKLKHTDFWFEVDAKKEWPDSKYATWEEPPKPGEVFDYKAKPNRFYMTVETTGSLKA
NQVFSRGIKTLQEKLANVLFELENSRPANTTAYGGATAYGGQTVYGRETSYGGNTNYGDYNAPY
;
C
4 'polypeptide(L)'
;MNVSTSTVGARRRRAKQQVDDEENATLLRLGPEFALKQYDHDGNEHDLIALSLSESRLLIREALKARSRARNGGVDIESS
NGEIDDDELAKVTSGAVANGVVKKTLDYLNTFARFKDEETCTAVDQLLHNSSDCSVLHPFEIAQLSSLGCEDVDEAITLI
PSLAAKKEVNLQRILDELNRLEDPYK
;
D
5 'polypeptide(L)'
;MEDNNRIISRLWRSFRTVKEMAADRGYFISQEEMDQSLEEFRSKICDSMGNPQRKLMSFLANPTPEALEKYSDLGTLWVE
FCDEPSVGIKTMRNFCLRIQEKNFSTGIFIYQNNITPSANKMIPTVSPAIIETFQESDLVVNITHHELVPKHIRLSDGEK
SQLLQRYKLKESQLPRIQREDPVARYLGLKRGQVVKIIRRSETSGRYASYRICL
;
E
6 'polypeptide(L)'
;MSEDEAFNEQTENFENFEDEHFSDDNFEDRSTQPEDYAVGVTADGRQIINGDGIQEVNGTIKAHRKRSNKELAILKEERT
TTPYLTKYERARILGTRALQISMNAPVLVDIEGETDPLQIAMKELSQRKIPLVIRRYLPDGSYEDWGCDELIVDN
;
F
7 'polypeptide(L)'
;MFFLKDLSLILTLHPSYFGPQMNQYLREKLLTDVEGTCTGQFGYIVTVLDGMNIDVGKGRIIPGSGSAEFEVKYRAVVWK
PFKGEVVDAIVSNVSPIGFFADVGPLNVFVSTRLIPDNLVYNPSNSPPAYMSNDELITKGSKVRLKVVGTRTDVNEIYAI
GSIKEDFLGAI
;
G
8 'polypeptide(L)'
;MSSALFDDIFTVQTVDNGRYNKVSRIIGISTTNSAIKLTLDINNEMFPVSQDDSLTVTLANSLSLDGEDESANFSKSWRP
PKPTDKSLADDYDYVMFGTVYKFEEGDEDKIKVYVSFGGLLMCLEGGYKSLASLKQDNLYILIRR
;
H
9 'polypeptide(L)'
;MASFRFCLECNNMLYPKEDKENQRLLYSCRNCDYTELAEDPKVYRHELITNIGETAGIVDDIGQDPTLPRSDKECPECHS
RDCVFFQSQQRRKDTNMTLFYVCLNCKKTFRDESE
;
I
10 'polypeptide(L)' MIIPVRCFSCGKVVGDKWDAYLRLLEEGKQEGDALDELKLKRYCCRRMVLTHVDLIEKFLRYNPLEKKDFDS J
11 'polypeptide(L)'
;MNAPDRFELFILPDDVPKLKITPDSRVPNCIIIKFEREDHTLANLLREELALYPDVTFVAYKVEHPLFANFVMRLQTEEG
TRPKQALERACASIINKLKTLDHKFNEEWNIKNFSLND
;
K
12 'polypeptide(L)' MSREGFVAPSGTDLAAAASGVAPNKHYGVKYTCGACAHNFSLNKSDPVRCKECGHRVIYKARTKRMIQFDAR L
13 'polypeptide(L)'
;GPGMGKRKSSARKPAPKIKQKLETQFTCLFCNHDNSVVCTLDKKNSIGLLECKKCNLSFQAPINSLSQPIDIYSDWIDAC
EAVAEENADVNGDNFIENDGADREQDDDYDDEF
;
M
14 'polydeoxyribonucleotide'
;(DG)(DC)(DT)(DT)(DA)(DC)(DG)(DT)(DC)(DA)(DG)(DT)(DC)(DT)(DG)(DG)(DC)(DC)(DA)(DT)
(DC)(DT)(DT)(DT)(DG)(DT)(DG)(DT)(DT)(DT)(DG)(DG)(DT)(DG)(DT)(DG)(DT)(DT)(DT)(DG)
(DG)(DG)(DT)(DG)(DG)(DT)(DG)(DG)(DC)(DC)(DG)(DT)(DT)(DT)(DT)(DC)(DG)(DT)(DT)(DG)
(DT)(DT)(DT)(DT)(DT)(DT)(DT)(DC)(DT)(DG)(DT)(DC)(DT)(DC)(DG)(DT)(DG)(DC)(DC)(DT)
(DG)(DG)(DT)(DG)(DT)(DC)(DT)(DT)(DG)(DG)(DG)(DT)(DG)(DT)(DT)(DT)(DT)(DC)(DC)(DC)
(DC)(DA)(DA)(DA)(DA)(DA)(DG)(DG)(DT)(DT)(DA)(DA)(DA)(DA)(DC)(DG)(DC)(DG)(DG)(DG)
(DG)(DG)(DA)(DC)(DA)(DG)(DC)(DG)(DC)(DG)(DT)(DA)(DC)(DG)(DT)(DG)(DC)(DG)(DT)(DT)
(DT)(DA)(DA)(DG)(DC)(DG)(DG)(DT)(DG)(DC)(DT)(DA)(DG)(DA)(DG)(DC)(DT)(DG)(DT)(DC)
(DT)(DA)(DC)(DG)(DA)(DC)(DC)(DA)(DA)(DT)(DT)(DG)(DA)(DG)(DC)(DG)(DG)(DC)(DC)(DT)
(DC)(DG)(DG)(DC)(DA)(DC)(DC)(DG)(DG)(DG)(DA)(DT)(DT)(DC)(DT)(DG)(DA)(DT)
;
N
15 'polyribonucleotide' GACCCGGGUGUUUUCCCCA P
16 'polydeoxyribonucleotide'
;(DA)(DT)(DC)(DA)(DG)(DA)(DA)(DT)(DC)(DC)(DC)(DG)(DG)(DT)(DG)(DC)(DC)(DG)(DA)(DG)
(DG)(DC)(DC)(DG)(DC)(DT)(DC)(DA)(DA)(DT)(DT)(DG)(DG)(DT)(DC)(DG)(DT)(DA)(DG)(DA)
(DC)(DA)(DG)(DC)(DT)(DC)(DT)(DA)(DG)(DC)(DA)(DC)(DC)(DG)(DC)(DT)(DT)(DA)(DA)(DA)
(DC)(DG)(DC)(DA)(DC)(DG)(DT)(DA)(DC)(DG)(DC)(DG)(DC)(DT)(DG)(DT)(DC)(DC)(DC)(DC)
(DC)(DG)(DC)(DG)(DT)(DT)(DT)(DT)(DA)(DA)(DC)(DC)(DT)(DT)(DT)(DT)(DT)(DG)(DG)(DG)
(DG)(DA)(DA)(DA)(DA)(DC)(DA)(DC)(DC)(DC)(DA)(DA)(DG)(DA)(DC)(DA)(DC)(DC)(DA)(DG)
(DG)(DC)(DA)(DC)(DG)(DA)(DG)(DA)(DC)(DA)(DG)(DA)(DA)(DA)(DA)(DA)(DA)(DA)(DC)(DA)
(DA)(DC)(DG)(DA)(DA)(DA)(DA)(DC)(DG)(DG)(DC)(DC)(DA)(DC)(DC)(DA)(DC)(DC)(DC)(DA)
(DA)(DA)(DC)(DA)(DC)(DA)(DC)(DC)(DA)(DA)(DA)(DC)(DA)(DC)(DA)(DA)(DG)(DA)(DG)(DC)
(DT)(DA)(DA)(DT)(DT)(DG)(DA)(DC)(DT)(DG)(DA)(DC)(DG)(DT)(DA)(DA)(DG)(DC)
;
T
17 'polypeptide(L)'
;MRERACMLCGIVLPGRVFMQNGCPNCDSVLNLRDSDQATVNECTSSSFEGLVAVGDNEHSWVAKWLRVDRFQPGLYAVRV
DGRLPSDIVAALEQYGVYYRPRDGSVID
;
V
18 'polypeptide(L)'
;GPGMSETHKNQLDKVSTVSPDGPSEAVKEHSLQSKDLSKNDGQFIVPLDRNVIEQEEHKQVKSSAQAHNTTGDAADNEIE
DGVPSEDVEFDKFKEDDYDEDDEVEEEGDIRSRKRRRHNQFLDVEAEVDDEEDDDDDDDDVELKHDFIQDDHIQHETQNE
GFIAGHVDDDRLHRKLDQSREKIADQDAQELADEFKQRYGRSASSKYMGSASTTAPQRLLIPTVDDPGIWGVKVRLGKEK
DVVRQILKKKLAREGTKNPLEIYSAFQRDSFKGHVYIEARKAEAINDALKGNVNVFSNNSKFLVGIVEYKDLLRPVKSSD
VKLTRGSYVRVKNGKFKGDLAQVDEVLENGLEARLKLVPRLDYGKDLSHLSTSSSVDSTKNRRKFYTSKFRPAQRLFSEA
EARVHEPTIRRDRDGFVTYGGEEYYEGFLYKTFRLQNLIVNSINPTLNELSLFQSNEESTTIDLSTIADSLKETAKNLVS
FQPGDNVEIINGELNHLTGTVSSVNQSTIVSVRLHSDDDTINSETVEIPTSDLRKIFNVGDHVRVIHGKHTDDTGLIVEV
NGDKVEFISNQTKRTVIVFSNYLIKSTDSTVSINESGRFELHDLVQVNSDLVGIVIRAQKDSFDVLCSDGKLLSLPPVSI
YSKLNLNPNQQIAIDSNGVEVKVGDTVREFTGERRQGTILHVYRNFLFLRSREIVENQGVFVTSSNRVKTITSKSNGTGG
QISGPDLSRMNPSRVIPPPSIPVANQRMTGRDPTLNKTVKIRQGGYKGKIGIVKEANGDRFRVELHNPNKTIPIPCSFLL
IESTHGWVPYEDFVASDRRGGNIPRHEISGHVQQPQHGRAPAWGSGGKTPAWGSGGKTPAWGSGGSGGKTPAWGSGGKTP
TWGSGAKTPAWGSGSKTPAWSGLDEEDRRDF
;
W
19 'polypeptide(L)'
;GPGMSAPSPSVSEEDINETRNSIDADASTVQDLLDQDAQEGSGSDNEGSNIVDSSEEDDDEDDEEEMQKVREGFIVDDDD
ENDEDGIPSSTKRKHRKKHKKRSAEVVEEVDEDDLQLLMENSGAVPGQQQNVKFKRLKRAEQDEKAQDSDSRGLNDMFSD
EEGPGGVVEEGSEEEGLEDNLTTKTQRSGNLPHDEFDDFIEEDEFSDEDDEARDERLARMRSAKAAPQLAGLQGEQYQEI
IEIFGDGTDYQWTLDAEEEMEQPQQDQEYDEAGEEIKGTTTSLADVFEPSELKEKMLTDEDNVIRVTDLPERFQAYRKSI
KNYKLSDVDYSNERDWIVEQLKLEKRDFLQHLTQAHSSVAHLEEKFEASVKKIVDFIAIESFEVPFIWNHRRDYALHTYN
DDSNNTIIVKLLNEDDLWRIVQLDLDYHSIHDKKAALSSIYKQLDLDVVDPTYEEFFGSARTLSELQDIDDYLTFNYSSQ
VKNLTAVAELSIEGNGSGEDEEQTTKSSFAEVKMKRKYSKYAIYDRIRQDAIYPVVQSIANISQMRENLAQSKRLHQVED
PIESPMDMIADIMSTEKDKTTFISSEKAYQAVKQFFSEQLSYEPFIRKTIRTAFQSFGVINIELTERGKLQIEPESPYFD
FKYAKNRPISALTATPDLYLRMIQAENDGLVNIKVELPMLSTVVDHFYNILKSDGTSEISEKWNALRNDAWKQSLDKLIP
LVQLNVKESIRRDCERVLYFQVKNSFTKKIDQAPYQPPTYAKGTIPRVLTLSFGEGNRGDAVLGVFMDDSGDVKSQIKFD
EDFQSRDFSDSLTRYIKSNNINPDIIGISGFNIHTKKLFDKVNELVNEERLTIEYDNEYGYDREEDGRSDKHLIRVIYVN
DETARLYQHSSKSSAEYPNRPQLAKYCIGLAKYIQSPLLEYLALDESMYSLHIHKHQNLLPREKLIDAVQTSIVDIVNLV
GVDINEAVRAPYHALALPYVCGLGPRKAAGLIQSIQRIGSNLVNRAHLITEQLTSKTVFLNMASFVYIVFDPDVERNPQG
EMDLLDSTRIHPEDYSLARKMAADALDIEDIDDDDESAMRNAIYEMVFPRSPPKDEDDLTFKLDELILDDYATELERKHQ
LKKRSTLQIIKEELQSRYREIRRDFHILNEAEIFQLLTRETVDSFRKGMVIPVYVRKVESSYMSVSTQSLIAGNIQRQDI
LEPNDRRDPREVYSVGQTVRACILDVDYYNFKCQLSLLRQFTENQVAGLNVNRNPKFWDIESENRDRQEEIDKQREESRE
SRVIKHPFFHNMKSKEAEDYLAARPVGDVVIRPSSKGSNHITISWKVAPQLYQHIDVLEENKDDANAIGRVLLVGKYRYH
DLDELLVEYVNNVANKVELMVSHDKFMSDSLDYVKEWLERYSKANGNRSHYIFTFNRKAPGWFFLLFKLNPTSEIKIWNV
KALPDGYLLANNVYPDTNSLCNGFKTLMSSRRQIKQRSNRAGGEYNNSHAGAYDNGYSNAPRY
;
m
20 'polypeptide(L)'
;GPGMSDEESENKKLLDQVLPEKTDQETQPEADAALAEQEAPENEPNEPASDDDSDSDLSDISDVDEEKVAEGLRYLDEQT
AASLSKHKAAQPSSTHKKKEPTRRRPKQQTARETQYEPDVVEDEAARRTRLFEEKLDAAIKRKPNKRKKNDDVDLEQMQD
ELIQQLKLQMEESAIRDANNIEQGKPAIFKLKLLPKVKDILLRANLADSILDNNLLASVRLWLEPLPDASLPAYQIQKVL
FDAIKSLPIKTSHLRESGLGKVMVFYQKSKRVEPNLKRTAEKLISDWTRPIMGASDNYKDMRVRTQQFDPAQFAESLPGR
VSVRPQEAKTLYEEAAERRKRAAIPQARTAAYTIAPQVNTELLMSSARRTLPSGVGSSLSGEDQYKRLNSRLNTMGTKRK
SSAKKGGISIEGRGLPQ
;
n
21 'polypeptide(L)'
;MKDHLIHNHHKHEHAHAEHDYKDDDDKEHLYFQGSSGSSGMSLLDQDYYLSALPEDKRAELVTLQLTIPLKSGDEVVTID
FNEDVDVSQLCVLLESENARPDLWLSAAKVFVSKGNIAGSQEIIRKALQSNVILDSSASVTSLFHNFSFWLSLMEYVSTN
SREDQFLEYASNSLQASNSLDSGLILNGIGNGVLYAKSRRYDEALKEFDNLLKKKSTNILAILGKAQILYKRQKYSQALE
LYQKALTINPLIVPDPRLGIGLCFWHLNNKQLAEQAWHNSLKVHPQNNLNTKILICLAKFDYCFNESKDDDEFTALYRES
LEFLHSCLKEDAKHPLLLMVLASYYFSKEDYEKVEKLCNLVLKENSRNAAFVSASHFWLARVAYHKEDYVQAQKQFKQAE
DSQNSNTLAKLGYAQCLIARNEVGDATIYLEKFFKENQDSKSSEMMLLLGIIYSQSGKSYYKAIIFLEKYVAVCQEENYP
ILPEAYLVLSRVYENKDLNVALDYLMKANDILGDKANVYVLNNLGIYHFFRNNVSQSSDFFAQSLEALNNVSPQNKEALS
ITLHYNKARVEEVSNQSEAEKLYSKLMEKCPGYTSNKIRYIYLLALKSNGNNYADVQQLLDDFPSDLEVRSFYGWFLKRY
GRKNGLKQDLESQHHKDTLINYDKHDCYALLSLGNIYATIAREMKVTDQKQNEIKRQQYLRAAQFYHKVLSIDPKNIYAA
QGIAIIFSDKERTGLALEIFKKVRDTVQDLGTFINLGHCFMEAKQFGKAIESYTIALEKFSNGMDSKLLVLIGRAWYHRG
FYEKSMDAYKKALEVSEQAYQLSKLPALRFNIVFIQFQIADFVKSLPNTQRDLTTLENALSGLNDAIKSLLKLAELEQPP
YPSEDLKARATMGSNTLRNQLERAIQDQQDYEMSIQEKLRTARRKQQLDEEKRLEQEQRRLEEARKRQEAELIKRQELIK
QAEEWNKMDIDAAKDNNDVLSEDGGEGEKKTTKKRKRKQKVSEDIAPDLDRINEENGNTEDYDPILDNEEEENYDEKDSE
NKENGQNGQNEEVYPESEGDDEDDVTNTKRQKRSKGIVDEEDSE
;
q
22 'polypeptide(L)'
;MKDHLIHNHHKHEHAHAEHLYFQGSSGSSGMSDKEQDLDEDLLALAGAGSDSESNSAYSPEQEVSRKSKKIVNDSEDENN
DSDGEQLLNPYPLEDKFKDEADRARLLGLSEMEREAILYERSQEVIKLKEKHLLSLRAKQSQLEKTAREGPKSSKTNKLS
ELKKQREQKSKRQRSDEYSDEEDDYRYEEVGDNDDVEMSDNYIDEDDAVFVEPKKSSRSQELSKPATLSDINKIIFGRTA
MSKYWYYPEFDDVVKGMYLRLNTGSGGNGFSPYKVVEVLGSQRIKGSAYGLNSKENNCDMYLKVAFPNQKEMVRPLFVFS
DSSITHPEFDLFLRELDAEGLSVMDLRDVDYKYHQLKEMSSRSLSNDEVNSIVKMKQSLSSNTGFNTVLKKAQLQEELEE
ARDAHDHERVARIEAELKSIGAESVVASKASSSMLKIDQRNKKLNNRFIRKAEMAAVEKRKLRGTSESDPFYRLATTARM
FYKSANLGADDSNQPKTKAELEEEAKQEKKLEMQKLESMVKSNYRNGGLDRIISKIDFDFDLEL
;
r
23 'polypeptide(L)'
;MKDHLIHNHHKHEHAHAEHLYFQGSSGSSGMSQELEQNRHSGEESPDPVLDANTSDVDDDGLDLFGDDDDEQPEAKPGQL
DDSSNDAEEDEQEKAGKPEAKVTSHTKSVYDNGETLDISLPIHPKSHIPQGKQDRWVVKLPDFLDINAEPFDPRPFEMNV
KTHEDKNQELLDKLIAVNTVRWRYAKSETGGIFKETNSQIIQWEDGTYSLRVGSEIFDMFTTNTDDNYLVSEHNEEGILM
TESTLSKSVKLVPASFQSTTHQKLAKALSAKQKKESYARSVVTKEDPEERQRRLESQENERYRLERRRKQAEEEEDYDSY
AVSTSRSRPSRASQMYNAADEDDDDDDVAIGRTLASRRNNGYEDDGFIIDDEEEEEAVENDSADEESENEGDDDEEDDEE
AAERLNRLKRAGASKYTNEGEQAQSEPVKSEEADNASQRDDAPRKKRRVILDDDEEEEE
;
u
24 'polypeptide(L)'
;GSAMTSSKSRQDYIAKVRYQNDLPAPPCPPKLLKYEIEKEAPQKEFLKDSRLLSALFSKDNFRYLMNETSDGLDVNYLRI
PGIIENEKSLGKLFSSYKNLAIENLHPDDRLLLVDPNKSATLNEESPVFFLRRPQYVSDGEKINLQNFTNKRKHQDMEDT
NPRSQLHSVERTFDEVIDPRNKNRLQSLIHPRKKIKAVKAWHFFPDTSTFDQVFHSLKFVGSASLSKDRPLNEQLGQVSE
TDSTSVNASILTSLFKPIEINPHNKWISLYAVTDKLSAESFRKSFNSIKDDNIVNRHVIYDHIKDFDQMFRGHKKLFEDF
AISFDDISDRAFFVPIVGRLELKKKRIVPGLVDMVNRTNYAHIRMDLRNPSTQETAIRDSRREQYDPVNYSSIQEE
;
v
25 'polypeptide(L)'
;MKDHLIHNHHKHEHAHAEHLYFQGSSGSSGMSEPLIALRQAIKDKKPVGVNEGETIGNAKVLNIGEKQYSLDAPTSFVIN
GKEFNLKVIYQCWVFRDSSSADYITECEKENIDGISFVERSELISWLKGEITSSAFIKGEKVGITEENGKNEGETKSNNK
RKLSDDPLLKEIASNERVLIDHNKVLRGLKPKDFSSVAKDCELRILKEKPANAKSSDSNGRSSTSVSSSSKDARNKEPII
VLSPAASSLVRMSNVKEFLQEGKFLDPSKEPASSSNLLAIQRKSSRFKTPIKLLVVDNVEKLFTKSEYWDRVVAIVTTGK
DWQFKNYKYKDPQILFQKFNGFYFKYKGDAVPASVKSWNVKVLDIDRVERFSDRQVVEQFWDTVENTLVAKRYKS
;
x
26 'polypeptide(L)'
;GSHMARTKQTARKSTGGKAPRKQLATKAARKSAPSTGGVKKPHRYRPGTVALREIRRYQKSTELLIRKLPFQRLVREIAQ
DFKTDLRFQSAAIGALQEASEAYLVGLFEDTNLCAIHAKRVTIMPKDIQLARRIRGERA
;
a,e
27 'polypeptide(L)'
;GSHMSGRGKGGKGLGKGGAKRHRKVLRDNIQGITKPAIRRLARRGGVKRISGLIYEETRGVLKVFLENVIRDAVTYTEHA
KRKTVTAMDVVYALKRQGRTLYGFGG
;
b,f
28 'polypeptide(L)'
;GSHMSGRGKQGGKARAKAKTRSSRAGLQFPVGRVHRLLRKGNYSERVGAGAPVYLAAVLEYLTAEILELAGNAARDNKKT
RIIPRHLQLAIRNDEELNKLLGRVTIAQGGVLPNIQAVLLPKKTESHHKAKGK
;
c,g
29 'polypeptide(L)'
;GSHMPEPAKSAPAPKKGSKKAVTKAQKKDGKKRKRSRKESYSIYVYKVLKQVHPDTGISSKAMGIMNSFVNDIFERIAGE
ASRLAHYNKRSTITSREIQTAVRLLLPGELAKHAVSEGTKAVTKYTSAK
;
d,h
30 'polypeptide(L)'
;GPGMSEVKIDPVAFKNRLGAIQRKLNSSNEIFQGITTLLVVVGSSDESNPYKKSTILHNWLLGYEFPATALAITKNSITF
LTSVGKAKYLTPLQNVTTVKILARNKDSEHNEALFDQFIDQLKSSVDDSKRLGVITKDKFTGSFYQDWLKKWDAAKSDFE
LVDVATGLSQATEYKDEEEQKFIRTASKATVNMMTVFTDEVINIIDEDLNFTNNQVVDKIENKIDDTKFWKTLEQNKSMK
KLGGDFEIGQLDWCYRPIVQSGGKYELKFSAESNDDKLTSGVILASLGLRYNSYCSNVSRTLLIDPSREINKNYDFLLEL
RSYIMNQIKDGAVCKDVYAKALAMVNKDRPDLAKHFVKNIGSLIGLEFRDSTMVLNAKNDRVIHDGSVINLVLGFQQLKD
ESQPLGTYSLLIADTVRITGGEPILLTDSPISRSEISFYFKDEEGEDKKPRVKDEPTSRKIEKPEVSAPARGSKILKSKL
RNETTNTEEEKERLRKEIQKQLHEKIQKEGLARFNKSDAQDGNENHAVFKRYESYVRESQIPSKVKNLRISIDPKAQTII
LPICGRPVPFHINSFKNGSKNEEGDYMYIRLNFNSPGMGSSVKKTELPYEDGDDKEFVRSLTFRSTNKERMSEVFKAITE
LKKTAVKRDQERKTMEDVVAQAQLVEFKGRPKKLENVFVRPAPDSKRVTGTLFIHQNGIRYQSPVRSDHRVDILFSNIKH
LFFQPCKEELMVIIHCHLKTPLMIGKKKTFDVQFYREVSDVTVDETGNKKRRYRYGDEDELEQEQEERRRKALLDKEFRR
FAEEISEASNGLLDLETPFRELGFTGVPFRSSVLCLPTRDCLIQLIDTPFLVVTLEEIEVAHLERVQFGLKNFDLVFVFK
DFSKPVVHINTIPIEMLEFVKQWLTDVDIPYSEGAVNLNWGTIMKTIQADPYEFFENGGWSFLGGGESDDEESEEEESEF
QVSDEDPEDEDVSEEYSAAEDGSDFSEEDDSEGSIAGSEDESEEEFSD
;
j
31 'polypeptide(L)'
;GPGMSTVDFDTIFLNQSKAPGRFRITSSGLGWKPSSQVPTKGKTDPFLLPSGDILSVSWSRGYRGWELRVYTRNDKVIML
DGFEQQDFQQLKNEIQRTFNVNLEHKEHSLRGWNWGKTQLTRAELVFNVNNRPAWEIPYSEISNSNLTGRHEISMELNPK
TVDENHYETLGDELVEVRLYVPGQIDKDEDSTEGQDTTEEAKSKSQLFYEQLKDKADFDTTSEAIVSFEDILFLTPRGRF
EISMYANNLRLRGQSYDYKIQNKNVLRIFSLPRLDDRHHLVILQVDPPLRQGQTRYPFLVMQFDRNEELEVELNLSDEEY
KSKYEGKLNRSYGTDSTYKILSHCLRGLTERRVITPGSFQSQHMQPGVNCSLKASEGQIYLLDKCLFFATKPCVYLPYSG
IISVVTSRGTGQSTSRTFDIEVQFSGGSHTFANINKDEQKPIEDFLKGQGVRVKNEKPAEFLGNALVDDDDDSDDGDIAM
GSAGEDDESVDEDFNAGSDSDVAEEYDSNAGSEDEDSDASSGEPEKKKPKH
;
k
#
# COMPACT_ATOMS: atom_id res chain seq x y z
N SER A 2 5.51 -9.69 38.09
CA SER A 2 5.20 -9.60 39.51
C SER A 2 4.24 -8.46 39.79
N GLN A 3 3.89 -7.71 38.74
CA GLN A 3 2.93 -6.63 38.86
C GLN A 3 1.49 -7.10 38.75
N PHE A 4 1.27 -8.37 38.45
CA PHE A 4 -0.05 -8.96 38.31
C PHE A 4 -0.40 -9.79 39.53
N PRO A 5 -1.64 -9.71 40.00
CA PRO A 5 -2.05 -10.53 41.15
C PRO A 5 -1.94 -12.01 40.82
N TYR A 6 -1.66 -12.81 41.85
CA TYR A 6 -1.36 -14.22 41.66
C TYR A 6 -2.56 -14.95 41.07
N SER A 7 -2.28 -15.80 40.07
CA SER A 7 -3.27 -16.68 39.47
C SER A 7 -2.67 -18.07 39.37
N SER A 8 -3.43 -19.08 39.78
CA SER A 8 -2.90 -20.43 39.85
C SER A 8 -2.73 -21.08 38.50
N ALA A 9 -3.26 -20.50 37.44
CA ALA A 9 -3.10 -21.08 36.11
C ALA A 9 -1.62 -20.99 35.68
N PRO A 10 -1.11 -22.02 35.01
CA PRO A 10 0.29 -21.98 34.58
C PRO A 10 0.51 -20.91 33.51
N LEU A 11 1.71 -20.35 33.52
CA LEU A 11 2.08 -19.28 32.61
C LEU A 11 2.86 -19.85 31.44
N ARG A 12 2.33 -19.68 30.23
CA ARG A 12 2.96 -20.20 29.02
C ARG A 12 2.96 -19.10 27.96
N SER A 13 3.62 -19.37 26.85
CA SER A 13 3.75 -18.39 25.78
C SER A 13 3.12 -18.93 24.49
N VAL A 14 2.62 -18.03 23.67
CA VAL A 14 1.93 -18.41 22.44
C VAL A 14 2.91 -19.05 21.48
N LYS A 15 2.53 -20.22 20.96
CA LYS A 15 3.33 -20.91 19.95
C LYS A 15 2.66 -21.00 18.59
N GLU A 16 1.34 -20.83 18.52
CA GLU A 16 0.62 -20.92 17.27
C GLU A 16 -0.60 -20.03 17.34
N VAL A 17 -0.93 -19.37 16.24
CA VAL A 17 -2.16 -18.60 16.12
C VAL A 17 -2.96 -19.23 15.00
N GLN A 18 -4.09 -19.82 15.33
CA GLN A 18 -4.97 -20.49 14.37
C GLN A 18 -6.11 -19.55 14.04
N PHE A 19 -6.26 -19.23 12.76
CA PHE A 19 -7.33 -18.34 12.34
C PHE A 19 -8.55 -19.14 11.92
N GLY A 20 -9.60 -18.44 11.54
CA GLY A 20 -10.83 -19.08 11.13
C GLY A 20 -12.00 -18.15 11.38
N LEU A 21 -13.19 -18.65 11.07
CA LEU A 21 -14.42 -17.91 11.30
C LEU A 21 -15.10 -18.40 12.57
N LEU A 22 -16.04 -17.62 13.05
CA LEU A 22 -16.79 -17.92 14.26
C LEU A 22 -18.15 -18.48 13.88
N SER A 23 -18.41 -19.71 14.29
CA SER A 23 -19.72 -20.30 14.04
C SER A 23 -20.76 -19.63 14.94
N PRO A 24 -22.02 -19.56 14.49
CA PRO A 24 -23.07 -19.02 15.37
C PRO A 24 -23.19 -19.76 16.67
N GLU A 25 -22.96 -21.08 16.65
CA GLU A 25 -22.97 -21.84 17.89
C GLU A 25 -21.90 -21.35 18.85
N GLU A 26 -20.70 -21.08 18.34
CA GLU A 26 -19.63 -20.60 19.20
C GLU A 26 -19.91 -19.19 19.71
N ILE A 27 -20.49 -18.34 18.86
CA ILE A 27 -20.84 -16.99 19.29
C ILE A 27 -21.86 -17.04 20.41
N ARG A 28 -22.87 -17.91 20.29
CA ARG A 28 -23.84 -18.06 21.37
C ARG A 28 -23.21 -18.68 22.61
N ALA A 29 -22.24 -19.56 22.44
CA ALA A 29 -21.65 -20.24 23.59
C ALA A 29 -20.76 -19.30 24.40
N ILE A 30 -19.90 -18.53 23.73
CA ILE A 30 -18.97 -17.66 24.45
C ILE A 30 -19.63 -16.38 24.96
N SER A 31 -20.86 -16.11 24.54
CA SER A 31 -21.54 -14.92 25.01
C SER A 31 -21.99 -15.09 26.46
N VAL A 32 -22.19 -13.97 27.14
CA VAL A 32 -22.65 -13.97 28.52
C VAL A 32 -24.00 -13.30 28.70
N VAL A 33 -24.50 -12.57 27.69
CA VAL A 33 -25.78 -11.90 27.78
C VAL A 33 -26.27 -11.66 26.37
N LYS A 34 -27.59 -11.52 26.21
CA LYS A 34 -28.21 -11.26 24.92
C LYS A 34 -28.65 -9.81 24.86
N ILE A 35 -28.23 -9.11 23.81
CA ILE A 35 -28.49 -7.68 23.67
C ILE A 35 -29.74 -7.50 22.82
N GLU A 36 -30.75 -6.85 23.40
CA GLU A 36 -32.02 -6.68 22.70
C GLU A 36 -32.66 -5.30 22.83
N TYR A 37 -32.33 -4.52 23.85
CA TYR A 37 -32.99 -3.23 24.08
C TYR A 37 -32.12 -2.10 23.54
N PRO A 38 -32.62 -1.31 22.58
CA PRO A 38 -31.79 -0.24 22.00
C PRO A 38 -31.43 0.86 22.99
N GLU A 39 -32.20 1.05 24.06
CA GLU A 39 -31.91 2.12 25.00
C GLU A 39 -30.63 1.84 25.75
N ILE A 40 -29.67 2.77 25.68
CA ILE A 40 -28.41 2.60 26.36
C ILE A 40 -28.60 2.69 27.87
N MET A 41 -29.36 3.68 28.33
CA MET A 41 -29.54 3.94 29.75
C MET A 41 -30.91 3.49 30.20
N ASP A 42 -30.98 2.97 31.42
CA ASP A 42 -32.24 2.46 31.95
C ASP A 42 -33.28 3.57 32.06
N GLU A 43 -33.05 4.52 32.98
CA GLU A 43 -33.93 5.67 33.13
C GLU A 43 -33.13 6.95 33.34
N SER A 44 -31.90 6.98 32.85
CA SER A 44 -30.98 8.10 33.08
C SER A 44 -30.80 8.36 34.57
N ARG A 45 -30.76 7.28 35.35
CA ARG A 45 -30.61 7.32 36.80
C ARG A 45 -29.56 6.31 37.24
N GLN A 46 -28.41 6.33 36.55
CA GLN A 46 -27.33 5.37 36.75
C GLN A 46 -27.83 3.95 36.50
N ARG A 47 -26.99 2.95 36.75
CA ARG A 47 -27.38 1.55 36.63
C ARG A 47 -27.90 1.26 35.22
N PRO A 48 -27.02 1.18 34.23
CA PRO A 48 -27.48 1.02 32.84
C PRO A 48 -28.33 -0.24 32.68
N ARG A 49 -29.29 -0.15 31.76
CA ARG A 49 -30.30 -1.18 31.62
C ARG A 49 -29.66 -2.54 31.33
N GLU A 50 -30.08 -3.55 32.08
CA GLU A 50 -29.63 -4.91 31.80
C GLU A 50 -30.25 -5.40 30.50
N GLY A 51 -29.47 -6.14 29.72
CA GLY A 51 -29.90 -6.52 28.39
C GLY A 51 -29.69 -5.47 27.34
N GLY A 52 -29.18 -4.30 27.70
CA GLY A 52 -28.88 -3.26 26.75
C GLY A 52 -27.41 -3.25 26.35
N LEU A 53 -27.03 -2.25 25.57
CA LEU A 53 -25.68 -2.17 25.04
C LEU A 53 -24.64 -1.88 26.12
N ASN A 54 -25.05 -1.45 27.31
CA ASN A 54 -24.14 -1.19 28.41
C ASN A 54 -24.47 -2.06 29.61
N ASP A 55 -24.74 -3.32 29.35
CA ASP A 55 -25.06 -4.25 30.43
C ASP A 55 -23.85 -4.39 31.35
N PRO A 56 -24.05 -4.40 32.66
CA PRO A 56 -22.92 -4.57 33.59
C PRO A 56 -22.22 -5.91 33.45
N LYS A 57 -22.86 -6.90 32.85
CA LYS A 57 -22.22 -8.20 32.70
C LYS A 57 -21.15 -8.17 31.62
N LEU A 58 -21.23 -7.23 30.69
CA LEU A 58 -20.25 -7.14 29.62
C LEU A 58 -18.87 -6.76 30.14
N GLY A 59 -18.79 -6.15 31.32
CA GLY A 59 -17.52 -5.70 31.83
C GLY A 59 -17.65 -4.34 32.50
N SER A 60 -16.62 -3.92 33.23
CA SER A 60 -16.65 -2.67 33.95
C SER A 60 -15.52 -1.77 33.50
N ILE A 61 -15.84 -0.48 33.31
CA ILE A 61 -14.85 0.53 32.98
C ILE A 61 -14.82 1.64 34.01
N ASP A 62 -15.44 1.43 35.17
CA ASP A 62 -15.46 2.40 36.25
C ASP A 62 -14.66 1.87 37.44
N ARG A 63 -13.96 2.76 38.13
CA ARG A 63 -13.06 2.34 39.20
C ARG A 63 -13.82 1.68 40.34
N ASN A 64 -14.96 2.26 40.72
CA ASN A 64 -15.70 1.79 41.89
C ASN A 64 -16.69 0.68 41.57
N PHE A 65 -16.79 0.25 40.31
CA PHE A 65 -17.71 -0.78 39.90
C PHE A 65 -16.93 -2.01 39.46
N LYS A 66 -17.29 -3.15 40.03
CA LYS A 66 -16.68 -4.43 39.66
C LYS A 66 -17.55 -5.14 38.63
N CYS A 67 -16.89 -5.92 37.77
CA CYS A 67 -17.62 -6.67 36.76
C CYS A 67 -18.54 -7.69 37.41
N GLN A 68 -19.76 -7.80 36.91
CA GLN A 68 -20.72 -8.73 37.48
C GLN A 68 -20.51 -10.15 36.99
N THR A 69 -19.61 -10.37 36.02
CA THR A 69 -19.36 -11.71 35.50
C THR A 69 -18.13 -12.36 36.11
N CYS A 70 -16.99 -11.66 36.11
CA CYS A 70 -15.77 -12.21 36.69
C CYS A 70 -15.49 -11.70 38.10
N GLY A 71 -16.07 -10.57 38.47
CA GLY A 71 -15.84 -10.02 39.80
C GLY A 71 -14.53 -9.27 39.96
N GLU A 72 -13.74 -9.14 38.90
CA GLU A 72 -12.47 -8.45 38.97
C GLU A 72 -12.67 -6.95 38.78
N GLY A 73 -11.63 -6.19 39.12
CA GLY A 73 -11.67 -4.75 38.98
C GLY A 73 -11.46 -4.31 37.55
N MET A 74 -11.44 -2.99 37.38
CA MET A 74 -11.25 -2.42 36.05
C MET A 74 -9.89 -2.78 35.47
N ALA A 75 -8.87 -2.82 36.32
CA ALA A 75 -7.52 -3.10 35.84
C ALA A 75 -7.31 -4.56 35.43
N GLU A 76 -8.24 -5.45 35.80
CA GLU A 76 -8.06 -6.86 35.53
C GLU A 76 -9.13 -7.45 34.63
N CYS A 77 -10.29 -6.84 34.53
CA CYS A 77 -11.36 -7.39 33.70
C CYS A 77 -11.01 -7.22 32.24
N PRO A 78 -10.97 -8.31 31.45
CA PRO A 78 -10.66 -8.17 30.03
C PRO A 78 -11.85 -7.79 29.18
N GLY A 79 -13.05 -7.80 29.73
CA GLY A 79 -14.24 -7.62 28.91
C GLY A 79 -14.80 -8.92 28.43
N HIS A 80 -16.14 -9.00 28.41
CA HIS A 80 -16.82 -10.22 28.03
C HIS A 80 -17.82 -9.90 26.93
N PHE A 81 -17.97 -10.84 25.99
CA PHE A 81 -18.76 -10.59 24.81
C PHE A 81 -20.24 -10.89 25.05
N GLY A 82 -21.09 -10.16 24.33
CA GLY A 82 -22.50 -10.48 24.23
C GLY A 82 -22.86 -10.71 22.77
N HIS A 83 -24.02 -11.30 22.55
CA HIS A 83 -24.44 -11.63 21.20
C HIS A 83 -25.82 -11.05 20.92
N MET A 84 -26.04 -10.71 19.65
CA MET A 84 -27.28 -10.13 19.18
C MET A 84 -27.84 -10.98 18.04
N GLU A 85 -29.06 -11.47 18.22
CA GLU A 85 -29.68 -12.31 17.21
C GLU A 85 -30.25 -11.45 16.10
N LEU A 86 -29.94 -11.80 14.86
CA LEU A 86 -30.41 -11.08 13.70
C LEU A 86 -31.72 -11.68 13.20
N ALA A 87 -32.68 -10.82 12.88
CA ALA A 87 -33.97 -11.32 12.40
C ALA A 87 -33.82 -12.03 11.06
N LYS A 88 -33.03 -11.49 10.15
CA LYS A 88 -32.76 -12.12 8.87
C LYS A 88 -31.26 -12.13 8.63
N PRO A 89 -30.72 -13.24 8.12
CA PRO A 89 -29.28 -13.29 7.87
C PRO A 89 -28.85 -12.26 6.84
N VAL A 90 -27.65 -11.73 7.04
CA VAL A 90 -27.10 -10.70 6.16
C VAL A 90 -25.69 -11.10 5.75
N PHE A 91 -25.24 -10.51 4.65
CA PHE A 91 -23.91 -10.78 4.15
C PHE A 91 -22.83 -10.15 5.02
N HIS A 92 -21.72 -10.84 5.15
CA HIS A 92 -20.52 -10.26 5.74
C HIS A 92 -19.82 -9.44 4.66
N ILE A 93 -19.60 -8.16 4.92
CA ILE A 93 -19.13 -7.26 3.88
C ILE A 93 -17.74 -7.66 3.38
N GLY A 94 -16.96 -8.35 4.20
CA GLY A 94 -15.63 -8.72 3.79
C GLY A 94 -15.53 -9.98 2.96
N PHE A 95 -16.63 -10.71 2.78
CA PHE A 95 -16.60 -12.00 2.11
C PHE A 95 -17.50 -12.07 0.89
N ILE A 96 -18.08 -10.96 0.45
CA ILE A 96 -19.01 -11.00 -0.68
C ILE A 96 -18.35 -11.52 -1.96
N PRO A 97 -17.16 -11.05 -2.36
CA PRO A 97 -16.53 -11.66 -3.54
C PRO A 97 -16.29 -13.16 -3.39
N LYS A 98 -15.87 -13.60 -2.21
CA LYS A 98 -15.66 -15.03 -2.00
C LYS A 98 -16.97 -15.79 -2.04
N ILE A 99 -18.04 -15.19 -1.52
CA ILE A 99 -19.36 -15.82 -1.58
C ILE A 99 -19.78 -15.98 -3.04
N LYS A 100 -19.55 -14.95 -3.85
CA LYS A 100 -19.88 -15.02 -5.26
C LYS A 100 -19.08 -16.12 -5.96
N LYS A 101 -17.79 -16.22 -5.65
CA LYS A 101 -16.97 -17.27 -6.24
C LYS A 101 -17.48 -18.65 -5.85
N VAL A 102 -17.82 -18.85 -4.58
CA VAL A 102 -18.32 -20.14 -4.13
C VAL A 102 -19.64 -20.47 -4.81
N CYS A 103 -20.50 -19.46 -4.99
CA CYS A 103 -21.74 -19.68 -5.72
C CYS A 103 -21.47 -20.09 -7.16
N GLU A 104 -20.44 -19.51 -7.78
CA GLU A 104 -20.07 -19.93 -9.13
C GLU A 104 -19.49 -21.33 -9.17
N CYS A 105 -18.90 -21.80 -8.09
CA CYS A 105 -18.21 -23.09 -8.10
C CYS A 105 -19.15 -24.28 -7.90
N ILE A 106 -20.30 -24.07 -7.27
CA ILE A 106 -21.20 -25.16 -6.91
C ILE A 106 -22.55 -24.94 -7.55
N CYS A 107 -23.38 -25.97 -7.49
CA CYS A 107 -24.75 -25.88 -7.99
C CYS A 107 -25.66 -25.32 -6.91
N MET A 108 -26.60 -24.47 -7.32
CA MET A 108 -27.46 -23.77 -6.38
C MET A 108 -28.62 -24.62 -5.89
N ASN A 109 -28.80 -25.83 -6.41
CA ASN A 109 -29.93 -26.67 -6.02
C ASN A 109 -29.49 -27.91 -5.28
N CYS A 110 -28.62 -28.74 -5.87
CA CYS A 110 -28.15 -29.95 -5.22
C CYS A 110 -27.00 -29.71 -4.26
N GLY A 111 -26.39 -28.53 -4.30
CA GLY A 111 -25.29 -28.21 -3.40
C GLY A 111 -24.08 -29.09 -3.59
N LYS A 112 -23.66 -29.30 -4.83
CA LYS A 112 -22.51 -30.13 -5.15
C LYS A 112 -21.64 -29.45 -6.20
N LEU A 113 -20.38 -29.84 -6.23
CA LEU A 113 -19.45 -29.26 -7.20
C LEU A 113 -19.85 -29.60 -8.62
N LEU A 114 -19.57 -28.68 -9.54
CA LEU A 114 -19.92 -28.87 -10.94
C LEU A 114 -18.94 -29.78 -11.68
N LEU A 115 -17.81 -30.11 -11.08
CA LEU A 115 -16.83 -30.99 -11.69
C LEU A 115 -16.42 -32.06 -10.70
N ASP A 116 -15.91 -33.17 -11.23
CA ASP A 116 -15.54 -34.32 -10.42
C ASP A 116 -14.12 -34.75 -10.75
N GLU A 117 -13.61 -35.69 -9.96
CA GLU A 117 -12.26 -36.19 -10.11
C GLU A 117 -12.04 -36.97 -11.40
N THR A 118 -13.11 -37.29 -12.13
CA THR A 118 -12.96 -37.97 -13.41
C THR A 118 -12.15 -37.13 -14.38
N ASN A 119 -12.35 -35.82 -14.37
CA ASN A 119 -11.57 -34.94 -15.21
C ASN A 119 -10.11 -34.94 -14.75
N PRO A 120 -9.14 -35.24 -15.62
CA PRO A 120 -7.74 -35.23 -15.17
C PRO A 120 -7.29 -33.87 -14.64
N THR A 121 -7.75 -32.78 -15.25
CA THR A 121 -7.38 -31.46 -14.76
C THR A 121 -7.95 -31.21 -13.37
N MET A 122 -9.18 -31.66 -13.11
CA MET A 122 -9.77 -31.48 -11.80
C MET A 122 -9.01 -32.26 -10.74
N ALA A 123 -8.63 -33.51 -11.03
CA ALA A 123 -7.84 -34.29 -10.09
C ALA A 123 -6.48 -33.64 -9.85
N GLN A 124 -5.86 -33.12 -10.92
CA GLN A 124 -4.60 -32.40 -10.76
C GLN A 124 -4.75 -31.20 -9.85
N ALA A 125 -5.84 -30.44 -10.02
CA ALA A 125 -6.08 -29.28 -9.16
C ALA A 125 -6.29 -29.69 -7.72
N ILE A 126 -7.06 -30.77 -7.49
CA ILE A 126 -7.29 -31.24 -6.13
C ILE A 126 -5.99 -31.72 -5.49
N ARG A 127 -5.05 -32.22 -6.31
CA ARG A 127 -3.80 -32.75 -5.77
C ARG A 127 -3.00 -31.69 -5.02
N ILE A 128 -3.16 -30.41 -5.39
CA ILE A 128 -2.38 -29.36 -4.75
C ILE A 128 -2.76 -29.23 -3.27
N ARG A 129 -1.86 -28.62 -2.49
CA ARG A 129 -1.99 -28.57 -1.05
C ARG A 129 -2.52 -27.25 -0.52
N ASP A 130 -2.03 -26.13 -1.04
CA ASP A 130 -2.38 -24.83 -0.50
C ASP A 130 -3.87 -24.55 -0.71
N PRO A 131 -4.63 -24.26 0.34
CA PRO A 131 -6.08 -24.05 0.17
C PRO A 131 -6.42 -22.92 -0.79
N LYS A 132 -5.67 -21.82 -0.77
CA LYS A 132 -6.01 -20.70 -1.63
C LYS A 132 -5.77 -21.03 -3.10
N LYS A 133 -4.61 -21.62 -3.40
CA LYS A 133 -4.34 -22.01 -4.78
C LYS A 133 -5.26 -23.13 -5.23
N ARG A 134 -5.60 -24.04 -4.32
CA ARG A 134 -6.56 -25.09 -4.64
C ARG A 134 -7.90 -24.50 -5.03
N PHE A 135 -8.39 -23.55 -4.23
CA PHE A 135 -9.66 -22.91 -4.55
C PHE A 135 -9.57 -22.14 -5.86
N ASN A 136 -8.44 -21.47 -6.11
CA ASN A 136 -8.28 -20.73 -7.36
C ASN A 136 -8.35 -21.65 -8.56
N ALA A 137 -7.66 -22.78 -8.50
CA ALA A 137 -7.68 -23.73 -9.61
C ALA A 137 -9.08 -24.33 -9.79
N VAL A 138 -9.73 -24.71 -8.69
CA VAL A 138 -11.07 -25.30 -8.80
C VAL A 138 -12.04 -24.29 -9.38
N TRP A 139 -11.91 -23.02 -9.01
CA TRP A 139 -12.78 -21.99 -9.56
C TRP A 139 -12.48 -21.76 -11.04
N GLN A 140 -11.21 -21.77 -11.41
CA GLN A 140 -10.86 -21.58 -12.82
C GLN A 140 -11.44 -22.70 -13.68
N LEU A 141 -11.46 -23.92 -13.15
CA LEU A 141 -12.06 -25.02 -13.90
C LEU A 141 -13.58 -24.93 -13.91
N CYS A 142 -14.21 -24.93 -12.72
CA CYS A 142 -15.65 -25.02 -12.61
C CYS A 142 -16.37 -23.75 -13.07
N LYS A 143 -15.67 -22.66 -13.31
CA LYS A 143 -16.31 -21.45 -13.80
C LYS A 143 -16.94 -21.68 -15.17
N THR A 144 -16.19 -22.38 -16.04
CA THR A 144 -16.56 -22.71 -17.42
C THR A 144 -17.82 -23.58 -17.49
N LYS A 145 -17.97 -24.51 -16.55
CA LYS A 145 -19.09 -25.44 -16.45
C LYS A 145 -20.32 -24.66 -15.99
N MET A 146 -21.27 -24.46 -16.90
CA MET A 146 -22.41 -23.59 -16.65
C MET A 146 -23.71 -24.34 -16.41
N VAL A 147 -23.68 -25.67 -16.36
CA VAL A 147 -24.88 -26.45 -16.15
C VAL A 147 -24.57 -27.62 -15.21
N CYS A 148 -25.43 -27.82 -14.23
CA CYS A 148 -25.33 -29.01 -13.39
C CYS A 148 -25.73 -30.24 -14.19
N GLU A 149 -25.06 -31.35 -13.91
CA GLU A 149 -25.33 -32.61 -14.58
C GLU A 149 -25.97 -33.59 -13.60
N ALA A 150 -27.21 -33.99 -13.89
CA ALA A 150 -27.85 -35.05 -13.12
C ALA A 150 -27.31 -36.43 -13.48
N ASP A 151 -26.53 -36.53 -14.56
CA ASP A 151 -25.91 -37.78 -14.98
C ASP A 151 -24.42 -37.56 -15.18
N ALA A 152 -23.67 -38.65 -15.14
CA ALA A 152 -22.23 -38.56 -15.28
C ALA A 152 -21.86 -38.04 -16.67
N PRO A 153 -20.88 -37.13 -16.78
CA PRO A 153 -20.44 -36.61 -18.08
C PRO A 153 -19.55 -37.59 -18.84
N VAL A 163 -25.19 -43.50 -15.19
CA VAL A 163 -24.49 -43.13 -13.96
C VAL A 163 -24.86 -41.72 -13.54
N SER A 164 -25.22 -41.57 -12.26
CA SER A 164 -25.60 -40.28 -11.69
C SER A 164 -24.48 -39.79 -10.78
N ARG A 165 -24.06 -38.54 -10.99
CA ARG A 165 -22.99 -37.94 -10.21
C ARG A 165 -23.52 -37.23 -8.97
N GLY A 166 -24.82 -37.32 -8.69
CA GLY A 166 -25.42 -36.63 -7.57
C GLY A 166 -25.98 -35.26 -7.91
N GLY A 167 -25.75 -34.77 -9.12
CA GLY A 167 -26.30 -33.49 -9.52
C GLY A 167 -27.78 -33.58 -9.83
N CYS A 168 -28.38 -32.41 -10.01
CA CYS A 168 -29.82 -32.31 -10.27
C CYS A 168 -30.15 -31.94 -11.72
N GLY A 169 -29.14 -31.64 -12.53
CA GLY A 169 -29.37 -31.34 -13.93
C GLY A 169 -29.81 -29.92 -14.23
N ASN A 170 -29.97 -29.08 -13.21
CA ASN A 170 -30.42 -27.72 -13.42
C ASN A 170 -29.32 -26.86 -14.04
N THR A 171 -29.71 -25.89 -14.84
CA THR A 171 -28.75 -24.95 -15.41
C THR A 171 -28.25 -23.99 -14.33
N GLN A 172 -26.95 -23.74 -14.35
CA GLN A 172 -26.34 -22.88 -13.33
C GLN A 172 -26.51 -21.42 -13.71
N PRO A 173 -27.03 -20.58 -12.81
CA PRO A 173 -27.17 -19.16 -13.12
C PRO A 173 -25.82 -18.45 -13.11
N VAL A 174 -25.80 -17.28 -13.74
CA VAL A 174 -24.64 -16.41 -13.75
C VAL A 174 -24.88 -15.30 -12.73
N VAL A 175 -23.93 -15.14 -11.80
CA VAL A 175 -24.10 -14.22 -10.69
C VAL A 175 -23.30 -12.94 -10.95
N ARG A 176 -23.92 -11.81 -10.68
CA ARG A 176 -23.30 -10.50 -10.81
C ARG A 176 -23.42 -9.74 -9.50
N LYS A 177 -22.39 -8.98 -9.17
CA LYS A 177 -22.34 -8.23 -7.92
C LYS A 177 -22.84 -6.81 -8.15
N ASP A 178 -23.65 -6.32 -7.22
CA ASP A 178 -24.17 -4.95 -7.28
C ASP A 178 -24.30 -4.46 -5.85
N GLY A 179 -23.29 -3.74 -5.38
CA GLY A 179 -23.30 -3.31 -3.99
C GLY A 179 -23.26 -4.50 -3.06
N MET A 180 -24.23 -4.55 -2.15
CA MET A 180 -24.36 -5.69 -1.25
C MET A 180 -25.33 -6.74 -1.76
N LYS A 181 -25.83 -6.60 -2.98
CA LYS A 181 -26.79 -7.53 -3.55
C LYS A 181 -26.17 -8.32 -4.69
N LEU A 182 -26.52 -9.60 -4.77
CA LEU A 182 -26.04 -10.49 -5.82
C LEU A 182 -27.22 -10.89 -6.69
N TRP A 183 -27.08 -10.70 -8.00
CA TRP A 183 -28.13 -11.05 -8.95
C TRP A 183 -27.74 -12.34 -9.66
N GLY A 184 -28.65 -13.31 -9.66
CA GLY A 184 -28.45 -14.57 -10.35
C GLY A 184 -29.38 -14.66 -11.55
N THR A 185 -28.78 -14.85 -12.72
CA THR A 185 -29.50 -14.87 -13.99
C THR A 185 -29.56 -16.28 -14.53
N TRP A 186 -30.77 -16.83 -14.62
CA TRP A 186 -30.99 -18.17 -15.15
C TRP A 186 -31.36 -18.08 -16.63
N LYS A 187 -30.75 -18.94 -17.45
CA LYS A 187 -31.13 -19.07 -18.86
C LYS A 187 -32.25 -20.09 -18.98
N LYS A 188 -33.42 -19.71 -18.44
CA LYS A 188 -34.57 -20.59 -18.43
C LYS A 188 -35.03 -20.89 -19.85
N SER A 189 -35.40 -22.15 -20.09
CA SER A 189 -35.86 -22.58 -21.41
C SER A 189 -37.34 -22.96 -21.37
N ARG A 194 -33.85 -19.89 -30.81
CA ARG A 194 -32.90 -20.26 -29.77
C ARG A 194 -33.09 -19.41 -28.52
N ASP A 195 -32.98 -18.10 -28.68
CA ASP A 195 -33.09 -17.20 -27.53
C ASP A 195 -34.49 -17.24 -26.94
N ALA A 196 -34.56 -17.07 -25.63
CA ALA A 196 -35.81 -17.12 -24.90
C ALA A 196 -35.78 -15.99 -23.86
N GLN A 197 -36.72 -16.05 -22.91
CA GLN A 197 -36.79 -15.02 -21.87
C GLN A 197 -36.05 -15.52 -20.63
N PRO A 198 -34.89 -14.96 -20.29
CA PRO A 198 -34.22 -15.34 -19.05
C PRO A 198 -34.63 -14.43 -17.89
N GLU A 199 -34.66 -15.01 -16.70
CA GLU A 199 -35.04 -14.29 -15.49
C GLU A 199 -33.83 -14.15 -14.57
N ARG A 200 -33.58 -12.92 -14.13
CA ARG A 200 -32.57 -12.65 -13.12
C ARG A 200 -33.29 -12.27 -11.83
N LYS A 201 -33.04 -13.02 -10.77
CA LYS A 201 -33.69 -12.79 -9.49
C LYS A 201 -32.65 -12.65 -8.40
N LEU A 202 -33.03 -11.95 -7.33
CA LEU A 202 -32.12 -11.65 -6.25
C LEU A 202 -31.75 -12.93 -5.50
N LEU A 203 -30.47 -13.05 -5.15
CA LEU A 203 -29.98 -14.16 -4.33
C LEU A 203 -29.94 -13.69 -2.90
N THR A 204 -31.01 -13.96 -2.14
CA THR A 204 -31.06 -13.52 -0.76
C THR A 204 -30.03 -14.27 0.08
N PRO A 205 -29.53 -13.63 1.15
CA PRO A 205 -28.57 -14.32 2.02
C PRO A 205 -29.11 -15.61 2.63
N GLY A 206 -30.41 -15.68 2.94
CA GLY A 206 -30.95 -16.89 3.51
C GLY A 206 -30.90 -18.07 2.55
N GLU A 207 -31.22 -17.82 1.28
CA GLU A 207 -31.15 -18.87 0.27
C GLU A 207 -29.73 -19.40 0.13
N ILE A 208 -28.76 -18.49 0.04
CA ILE A 208 -27.37 -18.91 -0.08
C ILE A 208 -26.95 -19.67 1.17
N LEU A 209 -27.42 -19.24 2.34
CA LEU A 209 -27.05 -19.92 3.58
C LEU A 209 -27.57 -21.35 3.62
N ASN A 210 -28.86 -21.54 3.28
CA ASN A 210 -29.40 -22.89 3.34
C ASN A 210 -28.88 -23.75 2.21
N VAL A 211 -28.41 -23.15 1.12
CA VAL A 211 -27.69 -23.92 0.11
C VAL A 211 -26.34 -24.37 0.64
N PHE A 212 -25.61 -23.45 1.29
CA PHE A 212 -24.27 -23.76 1.76
C PHE A 212 -24.29 -24.82 2.85
N LYS A 213 -25.33 -24.81 3.70
CA LYS A 213 -25.40 -25.81 4.75
C LYS A 213 -25.46 -27.24 4.21
N HIS A 214 -25.83 -27.41 2.95
CA HIS A 214 -25.92 -28.74 2.35
C HIS A 214 -24.66 -29.14 1.62
N ILE A 215 -23.58 -28.36 1.73
CA ILE A 215 -22.33 -28.74 1.10
C ILE A 215 -21.68 -29.86 1.89
N SER A 216 -21.27 -30.92 1.20
CA SER A 216 -20.64 -32.05 1.85
C SER A 216 -19.25 -31.66 2.36
N PRO A 217 -18.80 -32.28 3.46
CA PRO A 217 -17.46 -31.96 3.97
C PRO A 217 -16.35 -32.18 2.96
N GLU A 218 -16.46 -33.23 2.14
CA GLU A 218 -15.43 -33.48 1.13
C GLU A 218 -15.38 -32.36 0.10
N ASP A 219 -16.54 -31.91 -0.37
CA ASP A 219 -16.57 -30.79 -1.29
C ASP A 219 -16.06 -29.52 -0.62
N CYS A 220 -16.39 -29.33 0.65
CA CYS A 220 -15.89 -28.18 1.39
C CYS A 220 -14.37 -28.18 1.44
N PHE A 221 -13.78 -29.35 1.70
CA PHE A 221 -12.32 -29.45 1.68
C PHE A 221 -11.75 -29.20 0.30
N ARG A 222 -12.43 -29.71 -0.74
CA ARG A 222 -11.97 -29.50 -2.10
C ARG A 222 -11.98 -28.02 -2.49
N LEU A 223 -12.88 -27.25 -1.89
CA LEU A 223 -13.02 -25.84 -2.21
C LEU A 223 -12.03 -24.96 -1.47
N GLY A 224 -11.19 -25.53 -0.60
CA GLY A 224 -10.23 -24.77 0.16
C GLY A 224 -10.68 -24.39 1.55
N PHE A 225 -11.95 -24.58 1.89
CA PHE A 225 -12.42 -24.30 3.23
C PHE A 225 -12.09 -25.46 4.17
N ASN A 226 -12.08 -25.16 5.46
CA ASN A 226 -11.77 -26.13 6.49
C ASN A 226 -13.04 -26.50 7.23
N GLU A 227 -13.29 -27.79 7.37
CA GLU A 227 -14.51 -28.25 8.02
C GLU A 227 -14.56 -27.81 9.48
N ASP A 228 -13.44 -27.90 10.18
CA ASP A 228 -13.41 -27.60 11.61
C ASP A 228 -13.44 -26.10 11.89
N TYR A 229 -12.77 -25.30 11.09
CA TYR A 229 -12.48 -23.92 11.47
C TYR A 229 -13.13 -22.87 10.58
N ALA A 230 -13.20 -23.10 9.27
CA ALA A 230 -13.73 -22.12 8.33
C ALA A 230 -14.75 -22.82 7.43
N ARG A 231 -15.97 -22.88 7.88
CA ARG A 231 -17.05 -23.48 7.13
C ARG A 231 -17.71 -22.44 6.25
N PRO A 232 -18.03 -22.75 4.99
CA PRO A 232 -18.46 -21.68 4.06
C PRO A 232 -19.71 -20.94 4.50
N GLU A 233 -20.67 -21.62 5.13
CA GLU A 233 -21.90 -20.92 5.50
C GLU A 233 -21.71 -19.96 6.66
N TRP A 234 -20.56 -20.00 7.34
CA TRP A 234 -20.29 -19.04 8.39
C TRP A 234 -19.96 -17.66 7.86
N MET A 235 -19.79 -17.52 6.54
CA MET A 235 -19.56 -16.21 5.94
C MET A 235 -20.81 -15.35 5.91
N ILE A 236 -21.97 -15.91 6.23
CA ILE A 236 -23.21 -15.15 6.34
C ILE A 236 -23.52 -14.95 7.82
N ILE A 237 -23.79 -13.71 8.21
CA ILE A 237 -23.97 -13.37 9.61
C ILE A 237 -25.42 -13.62 10.01
N THR A 238 -25.63 -14.51 10.96
CA THR A 238 -26.94 -14.75 11.54
C THR A 238 -27.04 -14.32 12.99
N VAL A 239 -25.94 -14.32 13.73
CA VAL A 239 -25.86 -13.77 15.07
C VAL A 239 -24.63 -12.87 15.13
N LEU A 240 -24.77 -11.70 15.72
CA LEU A 240 -23.70 -10.71 15.77
C LEU A 240 -23.08 -10.68 17.15
N PRO A 241 -21.76 -10.74 17.28
CA PRO A 241 -21.14 -10.58 18.59
C PRO A 241 -21.04 -9.11 18.95
N VAL A 242 -21.39 -8.78 20.19
CA VAL A 242 -21.37 -7.41 20.68
C VAL A 242 -20.12 -7.24 21.54
N PRO A 243 -19.16 -6.41 21.14
CA PRO A 243 -17.92 -6.28 21.89
C PRO A 243 -18.16 -5.61 23.24
N PRO A 244 -17.30 -5.87 24.22
CA PRO A 244 -17.47 -5.27 25.54
C PRO A 244 -17.17 -3.79 25.50
N PRO A 245 -17.54 -3.03 26.54
CA PRO A 245 -17.27 -1.59 26.53
C PRO A 245 -15.80 -1.25 26.49
N GLN A 246 -14.91 -2.17 26.84
CA GLN A 246 -13.47 -1.92 26.73
C GLN A 246 -13.09 -1.62 25.29
N VAL A 247 -13.79 -2.21 24.33
CA VAL A 247 -13.47 -1.98 22.93
C VAL A 247 -14.02 -0.64 22.46
N ARG A 248 -15.11 -0.18 23.05
CA ARG A 248 -15.79 1.06 22.64
C ARG A 248 -16.02 1.93 23.86
N PRO A 249 -14.95 2.46 24.45
CA PRO A 249 -15.10 3.25 25.68
C PRO A 249 -15.77 4.58 25.41
N SER A 250 -16.48 5.07 26.41
CA SER A 250 -17.11 6.38 26.34
C SER A 250 -16.17 7.44 26.87
N ILE A 251 -16.34 8.66 26.36
CA ILE A 251 -15.48 9.79 26.70
C ILE A 251 -16.33 10.90 27.29
N ALA A 252 -15.84 11.51 28.37
CA ALA A 252 -16.51 12.64 28.99
C ALA A 252 -16.09 13.92 28.27
N MET A 253 -16.98 14.42 27.40
CA MET A 253 -16.66 15.63 26.64
C MET A 253 -16.46 16.82 27.55
N ASP A 254 -17.32 16.98 28.55
CA ASP A 254 -17.19 18.06 29.52
C ASP A 254 -17.43 17.47 30.91
N GLU A 255 -17.59 18.34 31.90
CA GLU A 255 -17.73 17.91 33.27
C GLU A 255 -19.05 17.20 33.54
N THR A 256 -20.04 17.35 32.66
CA THR A 256 -21.36 16.78 32.89
C THR A 256 -21.77 15.75 31.83
N THR A 257 -21.58 16.05 30.55
CA THR A 257 -22.09 15.21 29.47
C THR A 257 -20.96 14.36 28.91
N GLN A 258 -21.17 13.04 28.92
CA GLN A 258 -20.23 12.11 28.33
C GLN A 258 -20.68 11.72 26.92
N GLY A 259 -19.74 11.31 26.09
CA GLY A 259 -20.05 10.98 24.71
C GLY A 259 -19.99 9.51 24.39
N GLN A 260 -21.06 8.98 23.81
CA GLN A 260 -21.07 7.60 23.35
C GLN A 260 -20.11 7.42 22.19
N ASP A 261 -19.48 6.26 22.13
CA ASP A 261 -18.53 5.98 21.06
C ASP A 261 -19.26 5.73 19.76
N ASP A 262 -18.50 5.78 18.65
CA ASP A 262 -19.09 5.54 17.34
C ASP A 262 -19.63 4.13 17.22
N LEU A 263 -18.89 3.14 17.74
CA LEU A 263 -19.35 1.76 17.67
C LEU A 263 -20.63 1.58 18.47
N THR A 264 -20.75 2.27 19.60
CA THR A 264 -21.98 2.16 20.39
C THR A 264 -23.18 2.68 19.60
N HIS A 265 -23.03 3.82 18.93
CA HIS A 265 -24.13 4.36 18.13
C HIS A 265 -24.46 3.43 16.97
N LYS A 266 -23.44 2.87 16.32
CA LYS A 266 -23.70 1.97 15.21
C LYS A 266 -24.41 0.70 15.67
N LEU A 267 -24.03 0.17 16.83
CA LEU A 267 -24.71 -0.99 17.37
C LEU A 267 -26.15 -0.65 17.75
N SER A 268 -26.39 0.56 18.27
CA SER A 268 -27.76 0.98 18.55
C SER A 268 -28.58 1.04 17.28
N ASP A 269 -28.01 1.56 16.20
CA ASP A 269 -28.72 1.60 14.92
C ASP A 269 -29.02 0.21 14.41
N ILE A 270 -28.04 -0.69 14.50
CA ILE A 270 -28.25 -2.07 14.06
C ILE A 270 -29.36 -2.73 14.87
N LEU A 271 -29.37 -2.52 16.20
CA LEU A 271 -30.38 -3.15 17.03
C LEU A 271 -31.77 -2.56 16.75
N LYS A 272 -31.84 -1.26 16.49
CA LYS A 272 -33.12 -0.65 16.12
C LYS A 272 -33.64 -1.23 14.82
N ALA A 273 -32.77 -1.42 13.84
CA ALA A 273 -33.19 -2.03 12.58
C ALA A 273 -33.66 -3.46 12.80
N ASN A 274 -32.96 -4.21 13.66
CA ASN A 274 -33.41 -5.56 13.97
C ASN A 274 -34.80 -5.56 14.60
N ILE A 275 -35.03 -4.67 15.55
CA ILE A 275 -36.34 -4.56 16.18
C ILE A 275 -37.39 -4.20 15.15
N ASN A 276 -37.05 -3.29 14.24
CA ASN A 276 -38.00 -2.88 13.21
C ASN A 276 -38.37 -4.06 12.31
N VAL A 277 -37.38 -4.84 11.90
CA VAL A 277 -37.66 -6.00 11.06
C VAL A 277 -38.55 -6.99 11.79
N GLN A 278 -38.24 -7.27 13.05
CA GLN A 278 -39.04 -8.23 13.80
C GLN A 278 -40.48 -7.74 13.95
N LYS A 279 -40.66 -6.45 14.24
CA LYS A 279 -42.00 -5.90 14.39
C LYS A 279 -42.77 -5.96 13.09
N LEU A 280 -42.12 -5.59 11.98
CA LEU A 280 -42.80 -5.58 10.69
C LEU A 280 -43.19 -6.99 10.26
N GLU A 281 -42.34 -7.97 10.53
CA GLU A 281 -42.58 -9.32 10.03
C GLU A 281 -43.86 -9.91 10.64
N MET A 282 -44.06 -9.74 11.94
CA MET A 282 -45.19 -10.39 12.61
C MET A 282 -46.51 -9.69 12.33
N ASP A 283 -46.49 -8.40 12.02
CA ASP A 283 -47.73 -7.63 11.91
C ASP A 283 -48.35 -7.74 10.53
N GLY A 284 -47.63 -7.29 9.50
CA GLY A 284 -48.14 -7.25 8.16
C GLY A 284 -47.01 -7.07 7.18
N SER A 285 -47.08 -7.74 6.03
CA SER A 285 -45.91 -7.97 5.18
C SER A 285 -46.14 -7.49 3.75
N PRO A 286 -46.10 -6.19 3.51
CA PRO A 286 -45.90 -5.72 2.13
C PRO A 286 -44.44 -5.94 1.74
N GLN A 287 -44.24 -6.64 0.63
CA GLN A 287 -42.89 -7.06 0.25
C GLN A 287 -41.99 -5.86 0.02
N HIS A 288 -42.53 -4.76 -0.51
CA HIS A 288 -41.73 -3.56 -0.72
C HIS A 288 -41.17 -3.03 0.60
N ILE A 289 -42.01 -2.96 1.63
CA ILE A 289 -41.56 -2.49 2.95
C ILE A 289 -40.53 -3.45 3.53
N ILE A 290 -40.77 -4.76 3.39
CA ILE A 290 -39.83 -5.74 3.92
C ILE A 290 -38.48 -5.59 3.22
N ASN A 291 -38.49 -5.44 1.90
CA ASN A 291 -37.23 -5.26 1.18
C ASN A 291 -36.50 -4.01 1.64
N GLU A 292 -37.24 -2.91 1.80
CA GLU A 292 -36.61 -1.67 2.23
C GLU A 292 -35.97 -1.81 3.61
N VAL A 293 -36.70 -2.39 4.57
CA VAL A 293 -36.19 -2.46 5.93
C VAL A 293 -35.04 -3.46 6.03
N GLU A 294 -35.14 -4.60 5.35
CA GLU A 294 -34.05 -5.55 5.39
C GLU A 294 -32.81 -5.01 4.69
N GLN A 295 -32.98 -4.21 3.63
CA GLN A 295 -31.83 -3.60 2.99
C GLN A 295 -31.20 -2.55 3.90
N LEU A 296 -32.01 -1.85 4.68
CA LEU A 296 -31.47 -0.93 5.67
C LEU A 296 -30.65 -1.66 6.72
N LEU A 297 -31.16 -2.81 7.20
CA LEU A 297 -30.42 -3.59 8.18
C LEU A 297 -29.10 -4.09 7.60
N GLN A 298 -29.12 -4.57 6.37
CA GLN A 298 -27.90 -5.01 5.71
C GLN A 298 -26.90 -3.87 5.60
N PHE A 299 -27.37 -2.67 5.23
CA PHE A 299 -26.49 -1.52 5.13
C PHE A 299 -25.86 -1.19 6.48
N HIS A 300 -26.66 -1.17 7.55
CA HIS A 300 -26.12 -0.83 8.85
C HIS A 300 -25.07 -1.85 9.29
N VAL A 301 -25.36 -3.13 9.13
CA VAL A 301 -24.41 -4.15 9.55
C VAL A 301 -23.12 -4.04 8.74
N ALA A 302 -23.25 -3.81 7.42
CA ALA A 302 -22.06 -3.71 6.59
C ALA A 302 -21.21 -2.50 6.97
N THR A 303 -21.85 -1.34 7.18
CA THR A 303 -21.08 -0.15 7.52
C THR A 303 -20.53 -0.18 8.93
N TYR A 304 -21.08 -1.02 9.80
CA TYR A 304 -20.52 -1.16 11.13
C TYR A 304 -19.11 -1.75 11.10
N MET A 305 -18.79 -2.52 10.06
CA MET A 305 -17.49 -3.15 9.95
C MET A 305 -16.62 -2.61 8.83
N ASP A 306 -17.19 -1.84 7.91
CA ASP A 306 -16.43 -1.29 6.80
C ASP A 306 -17.19 -0.10 6.24
N ASN A 307 -16.66 1.10 6.41
CA ASN A 307 -17.33 2.31 5.99
C ASN A 307 -16.66 2.95 4.77
N ASP A 308 -15.84 2.22 4.04
CA ASP A 308 -15.21 2.70 2.82
C ASP A 308 -15.56 1.82 1.64
N ILE A 309 -16.81 1.40 1.56
CA ILE A 309 -17.26 0.53 0.47
C ILE A 309 -17.44 1.38 -0.78
N ALA A 310 -16.59 1.15 -1.77
CA ALA A 310 -16.66 1.93 -3.00
C ALA A 310 -17.95 1.63 -3.75
N GLY A 311 -18.57 2.68 -4.29
CA GLY A 311 -19.78 2.54 -5.07
C GLY A 311 -21.05 2.90 -4.34
N GLN A 312 -20.98 3.37 -3.10
CA GLN A 312 -22.18 3.78 -2.37
C GLN A 312 -21.78 4.80 -1.32
N PRO A 313 -22.71 5.67 -0.91
CA PRO A 313 -22.36 6.70 0.08
C PRO A 313 -22.05 6.11 1.44
N GLN A 314 -21.19 6.79 2.17
CA GLN A 314 -20.77 6.35 3.49
C GLN A 314 -21.82 6.69 4.54
N ALA A 315 -21.75 5.98 5.66
CA ALA A 315 -22.57 6.32 6.81
C ALA A 315 -21.97 7.53 7.52
N LEU A 316 -22.82 8.51 7.82
CA LEU A 316 -22.37 9.77 8.39
C LEU A 316 -22.93 9.94 9.79
N GLN A 317 -22.17 10.63 10.64
CA GLN A 317 -22.65 10.99 11.95
C GLN A 317 -23.54 12.23 11.87
N LYS A 318 -24.14 12.59 13.00
CA LYS A 318 -24.97 13.78 13.04
C LYS A 318 -24.13 15.04 12.82
N SER A 319 -22.84 14.98 13.13
CA SER A 319 -21.94 16.10 12.87
C SER A 319 -21.48 16.16 11.42
N GLY A 320 -21.83 15.17 10.60
CA GLY A 320 -21.44 15.14 9.22
C GLY A 320 -20.17 14.35 8.93
N ARG A 321 -19.39 14.00 9.94
CA ARG A 321 -18.20 13.20 9.74
C ARG A 321 -18.59 11.75 9.47
N PRO A 322 -17.81 11.05 8.65
CA PRO A 322 -18.08 9.62 8.43
C PRO A 322 -17.86 8.81 9.69
N VAL A 323 -18.58 7.69 9.79
CA VAL A 323 -18.44 6.82 10.95
C VAL A 323 -17.13 6.07 10.87
N LYS A 324 -16.45 5.97 12.02
CA LYS A 324 -15.18 5.26 12.11
C LYS A 324 -15.47 3.78 12.30
N ALA A 325 -15.53 3.05 11.20
CA ALA A 325 -15.82 1.62 11.24
C ALA A 325 -14.64 0.86 11.86
N ILE A 326 -14.89 -0.43 12.14
CA ILE A 326 -13.85 -1.25 12.76
C ILE A 326 -12.67 -1.43 11.80
N ARG A 327 -12.95 -1.51 10.51
CA ARG A 327 -11.87 -1.67 9.54
C ARG A 327 -10.94 -0.47 9.55
N ALA A 328 -11.50 0.73 9.69
CA ALA A 328 -10.67 1.93 9.75
C ALA A 328 -9.80 1.97 10.99
N ARG A 329 -10.18 1.26 12.05
CA ARG A 329 -9.37 1.22 13.26
C ARG A 329 -8.04 0.51 13.05
N LEU A 330 -7.97 -0.39 12.07
CA LEU A 330 -6.82 -1.29 11.94
C LEU A 330 -5.83 -0.87 10.87
N LYS A 331 -6.17 0.08 10.01
CA LYS A 331 -5.33 0.40 8.86
C LYS A 331 -4.71 1.79 8.99
N GLY A 332 -3.57 1.96 8.34
CA GLY A 332 -2.87 3.24 8.30
C GLY A 332 -1.73 3.30 9.29
N LYS A 333 -1.07 4.46 9.30
CA LYS A 333 0.00 4.70 10.27
C LYS A 333 -0.54 4.73 11.68
N GLU A 334 -1.72 5.31 11.87
CA GLU A 334 -2.32 5.45 13.19
C GLU A 334 -3.23 4.28 13.55
N GLY A 335 -3.29 3.25 12.72
CA GLY A 335 -4.11 2.09 13.00
C GLY A 335 -3.54 1.27 14.12
N ARG A 336 -4.23 0.15 14.41
CA ARG A 336 -3.79 -0.72 15.49
C ARG A 336 -2.41 -1.28 15.23
N LEU A 337 -2.22 -1.90 14.05
CA LEU A 337 -0.99 -2.64 13.81
C LEU A 337 0.23 -1.71 13.75
N ARG A 338 0.14 -0.65 12.96
CA ARG A 338 1.29 0.25 12.82
C ARG A 338 1.43 1.18 14.02
N GLY A 339 0.34 1.63 14.61
CA GLY A 339 0.39 2.67 15.62
C GLY A 339 0.35 2.22 17.06
N ASN A 340 0.05 0.95 17.32
CA ASN A 340 -0.02 0.49 18.70
C ASN A 340 0.65 -0.84 18.94
N LEU A 341 1.02 -1.59 17.91
CA LEU A 341 1.62 -2.91 18.10
C LEU A 341 3.03 -3.00 17.56
N MET A 342 3.28 -2.49 16.35
CA MET A 342 4.63 -2.48 15.82
C MET A 342 5.48 -1.41 16.50
N GLY A 343 4.88 -0.28 16.83
CA GLY A 343 5.57 0.77 17.55
C GLY A 343 4.63 1.53 18.46
N LYS A 344 5.01 1.70 19.72
CA LYS A 344 4.12 2.28 20.71
C LYS A 344 4.90 3.23 21.60
N ARG A 345 4.18 4.13 22.26
CA ARG A 345 4.80 5.00 23.24
C ARG A 345 5.22 4.21 24.47
N VAL A 346 6.32 4.64 25.08
CA VAL A 346 6.96 3.87 26.14
C VAL A 346 7.24 4.77 27.34
N ASP A 347 7.39 4.14 28.49
CA ASP A 347 7.75 4.81 29.72
C ASP A 347 9.27 4.85 29.86
N PHE A 348 9.75 5.49 30.93
CA PHE A 348 11.17 5.54 31.26
C PHE A 348 12.00 6.04 30.07
N SER A 349 11.71 7.28 29.68
CA SER A 349 12.37 7.89 28.54
C SER A 349 12.42 9.39 28.76
N ALA A 350 13.34 10.04 28.05
CA ALA A 350 13.53 11.48 28.18
C ALA A 350 13.90 12.06 26.83
N ARG A 351 13.73 13.37 26.70
CA ARG A 351 14.01 14.06 25.45
C ARG A 351 14.37 15.50 25.75
N THR A 352 15.48 15.98 25.19
CA THR A 352 15.87 17.37 25.34
C THR A 352 16.92 17.70 24.28
N VAL A 353 17.26 18.99 24.21
CA VAL A 353 18.23 19.47 23.24
C VAL A 353 19.62 18.92 23.57
N ILE A 354 20.42 18.73 22.54
CA ILE A 354 21.76 18.19 22.71
C ILE A 354 22.79 19.31 22.57
N SER A 355 23.93 19.13 23.22
CA SER A 355 25.04 20.08 23.16
C SER A 355 26.34 19.30 23.12
N GLY A 356 27.42 20.00 22.80
CA GLY A 356 28.72 19.37 22.68
C GLY A 356 29.60 19.59 23.89
N ASP A 357 30.40 18.59 24.20
CA ASP A 357 31.32 18.65 25.33
C ASP A 357 32.64 18.01 24.91
N PRO A 358 33.68 18.82 24.70
CA PRO A 358 34.99 18.23 24.38
C PRO A 358 35.57 17.41 25.52
N ASN A 359 35.09 17.58 26.74
CA ASN A 359 35.65 16.95 27.92
C ASN A 359 34.83 15.73 28.36
N LEU A 360 34.25 15.00 27.41
CA LEU A 360 33.54 13.78 27.69
C LEU A 360 34.18 12.65 26.91
N GLU A 361 34.25 11.47 27.52
CA GLU A 361 34.74 10.31 26.80
C GLU A 361 33.81 9.98 25.65
N LEU A 362 34.26 9.07 24.78
CA LEU A 362 33.48 8.77 23.58
C LEU A 362 32.12 8.18 23.93
N ASP A 363 32.08 7.27 24.90
CA ASP A 363 30.86 6.55 25.25
C ASP A 363 30.18 7.13 26.49
N GLN A 364 30.23 8.44 26.67
CA GLN A 364 29.60 9.11 27.81
C GLN A 364 28.59 10.12 27.30
N VAL A 365 27.48 10.24 28.02
CA VAL A 365 26.46 11.24 27.72
C VAL A 365 26.20 12.04 28.99
N GLY A 366 26.07 13.36 28.83
CA GLY A 366 25.80 14.22 29.96
C GLY A 366 24.31 14.39 30.18
N VAL A 367 23.84 14.06 31.38
CA VAL A 367 22.42 14.01 31.68
C VAL A 367 22.11 15.10 32.70
N PRO A 368 21.10 15.94 32.48
CA PRO A 368 20.73 16.95 33.47
C PRO A 368 20.31 16.32 34.78
N ILE A 369 20.37 17.10 35.85
CA ILE A 369 20.04 16.57 37.17
C ILE A 369 18.55 16.29 37.27
N SER A 370 17.71 17.14 36.69
CA SER A 370 16.27 16.94 36.78
C SER A 370 15.84 15.66 36.08
N ILE A 371 16.41 15.37 34.91
CA ILE A 371 16.11 14.14 34.21
C ILE A 371 16.60 12.93 35.00
N ALA A 372 17.78 13.05 35.62
CA ALA A 372 18.29 11.97 36.43
C ALA A 372 17.39 11.70 37.62
N LYS A 373 16.80 12.75 38.20
CA LYS A 373 15.87 12.57 39.31
C LYS A 373 14.55 11.95 38.83
N THR A 374 14.06 12.35 37.66
CA THR A 374 12.78 11.85 37.19
C THR A 374 12.87 10.38 36.82
N LEU A 375 13.87 10.00 36.04
CA LEU A 375 14.01 8.60 35.64
C LEU A 375 14.61 7.79 36.78
N SER A 376 14.44 6.47 36.70
CA SER A 376 14.82 5.61 37.81
C SER A 376 15.17 4.23 37.29
N TYR A 377 15.84 3.45 38.14
CA TYR A 377 16.21 2.08 37.83
C TYR A 377 15.99 1.22 39.06
N PRO A 378 15.14 0.18 38.97
CA PRO A 378 14.85 -0.66 40.14
C PRO A 378 16.00 -1.62 40.44
N GLU A 379 16.65 -1.39 41.57
CA GLU A 379 17.80 -2.19 41.98
C GLU A 379 17.39 -3.14 43.09
N THR A 380 17.71 -4.42 42.90
CA THR A 380 17.36 -5.44 43.89
C THR A 380 18.25 -5.35 45.10
N VAL A 381 17.66 -5.39 46.30
CA VAL A 381 18.44 -5.28 47.53
C VAL A 381 19.13 -6.60 47.79
N THR A 382 20.45 -6.57 47.90
CA THR A 382 21.25 -7.73 48.26
C THR A 382 22.18 -7.34 49.40
N GLN A 383 23.02 -8.28 49.80
CA GLN A 383 23.94 -8.03 50.89
C GLN A 383 25.22 -7.35 50.44
N TYR A 384 25.33 -7.01 49.15
CA TYR A 384 26.41 -6.19 48.66
C TYR A 384 26.07 -4.71 48.61
N ASN A 385 24.78 -4.35 48.67
CA ASN A 385 24.41 -2.95 48.48
C ASN A 385 23.32 -2.49 49.43
N ILE A 386 23.05 -3.23 50.51
CA ILE A 386 21.95 -2.84 51.39
C ILE A 386 22.27 -1.54 52.12
N HIS A 387 23.54 -1.33 52.48
CA HIS A 387 23.93 -0.10 53.15
C HIS A 387 23.74 1.10 52.24
N ARG A 388 24.26 1.00 51.01
CA ARG A 388 24.13 2.10 50.05
C ARG A 388 22.66 2.37 49.73
N LEU A 389 21.86 1.32 49.58
CA LEU A 389 20.46 1.51 49.25
C LEU A 389 19.69 2.12 50.41
N THR A 390 20.05 1.77 51.65
CA THR A 390 19.44 2.45 52.79
C THR A 390 19.80 3.92 52.80
N GLU A 391 21.05 4.26 52.49
CA GLU A 391 21.41 5.66 52.39
C GLU A 391 20.57 6.37 51.34
N TYR A 392 20.39 5.74 50.18
CA TYR A 392 19.57 6.33 49.13
C TYR A 392 18.14 6.53 49.58
N VAL A 393 17.58 5.56 50.30
CA VAL A 393 16.22 5.69 50.80
C VAL A 393 16.10 6.83 51.79
N ARG A 394 17.10 6.98 52.65
CA ARG A 394 17.09 8.10 53.59
C ARG A 394 17.13 9.44 52.86
N ASN A 395 17.96 9.53 51.81
CA ASN A 395 18.10 10.80 51.11
C ASN A 395 16.80 11.29 50.51
N GLY A 396 15.90 10.38 50.14
CA GLY A 396 14.60 10.75 49.65
C GLY A 396 14.58 11.11 48.19
N PRO A 397 13.40 11.42 47.65
CA PRO A 397 13.26 11.64 46.21
C PRO A 397 13.65 13.04 45.74
N ASN A 398 14.18 13.89 46.61
CA ASN A 398 14.56 15.24 46.21
C ASN A 398 16.04 15.52 46.32
N GLU A 399 16.82 14.60 46.89
CA GLU A 399 18.23 14.79 47.11
C GLU A 399 19.00 13.74 46.33
N HIS A 400 19.99 14.19 45.57
CA HIS A 400 20.78 13.28 44.75
C HIS A 400 22.07 12.90 45.46
N PRO A 401 22.40 11.61 45.58
CA PRO A 401 21.64 10.46 45.09
C PRO A 401 20.45 10.10 45.96
N GLY A 402 19.34 9.69 45.37
CA GLY A 402 18.15 9.39 46.12
C GLY A 402 17.36 8.22 45.57
N ALA A 403 16.12 8.06 46.02
CA ALA A 403 15.25 7.01 45.53
C ALA A 403 13.83 7.54 45.46
N LYS A 404 13.03 6.93 44.60
CA LYS A 404 11.64 7.32 44.43
C LYS A 404 10.65 6.36 45.05
N TYR A 405 10.88 5.05 44.93
CA TYR A 405 9.96 4.06 45.44
C TYR A 405 10.74 2.92 46.08
N VAL A 406 10.08 2.20 46.97
CA VAL A 406 10.56 0.94 47.49
C VAL A 406 9.48 -0.10 47.21
N ILE A 407 9.85 -1.18 46.55
CA ILE A 407 8.90 -2.19 46.10
C ILE A 407 9.14 -3.46 46.92
N ARG A 408 8.08 -3.95 47.56
CA ARG A 408 8.21 -5.15 48.37
C ARG A 408 8.16 -6.39 47.49
N ASP A 409 8.35 -7.56 48.12
CA ASP A 409 8.31 -8.82 47.40
C ASP A 409 6.94 -9.07 46.79
N ASN A 410 5.88 -8.75 47.53
CA ASN A 410 4.53 -8.99 47.05
C ASN A 410 4.12 -8.07 45.91
N GLY A 411 4.92 -7.03 45.62
CA GLY A 411 4.64 -6.12 44.53
C GLY A 411 4.11 -4.76 44.95
N ASP A 412 3.83 -4.55 46.23
CA ASP A 412 3.35 -3.26 46.69
C ASP A 412 4.44 -2.20 46.58
N ARG A 413 4.05 -1.00 46.18
CA ARG A 413 4.97 0.12 46.01
C ARG A 413 4.82 1.08 47.17
N ILE A 414 5.95 1.47 47.77
CA ILE A 414 6.00 2.46 48.84
C ILE A 414 6.53 3.75 48.23
N ASP A 415 5.69 4.77 48.17
CA ASP A 415 6.08 6.06 47.64
C ASP A 415 6.79 6.86 48.73
N LEU A 416 7.98 7.36 48.40
CA LEU A 416 8.79 8.07 49.37
C LEU A 416 8.46 9.55 49.46
N ARG A 417 7.65 10.08 48.56
CA ARG A 417 7.18 11.45 48.70
C ARG A 417 6.17 11.58 49.83
N TYR A 418 5.24 10.65 49.91
CA TYR A 418 4.11 10.73 50.82
C TYR A 418 4.30 9.88 52.07
N HIS A 419 5.53 9.45 52.35
CA HIS A 419 5.80 8.65 53.53
C HIS A 419 6.38 9.54 54.62
N LYS A 420 5.73 9.55 55.78
CA LYS A 420 6.19 10.36 56.90
C LYS A 420 7.26 9.67 57.73
N ARG A 421 7.51 8.38 57.52
CA ARG A 421 8.44 7.60 58.32
C ARG A 421 9.46 6.91 57.41
N ALA A 422 10.03 7.68 56.49
CA ALA A 422 11.00 7.12 55.55
C ALA A 422 12.22 6.57 56.29
N GLY A 423 12.65 7.26 57.35
CA GLY A 423 13.74 6.76 58.16
C GLY A 423 13.39 5.50 58.93
N ASP A 424 12.10 5.21 59.09
CA ASP A 424 11.64 4.01 59.76
C ASP A 424 11.36 2.86 58.81
N ILE A 425 12.08 2.80 57.68
CA ILE A 425 11.95 1.73 56.70
C ILE A 425 13.23 0.90 56.73
N VAL A 426 13.08 -0.40 56.93
CA VAL A 426 14.19 -1.34 56.87
C VAL A 426 14.03 -2.18 55.61
N LEU A 427 15.11 -2.33 54.87
CA LEU A 427 15.07 -3.03 53.58
C LEU A 427 15.42 -4.50 53.77
N GLN A 428 14.58 -5.37 53.25
CA GLN A 428 14.81 -6.80 53.28
C GLN A 428 15.37 -7.25 51.94
N TYR A 429 16.16 -8.33 51.98
CA TYR A 429 16.73 -8.88 50.76
C TYR A 429 15.62 -9.28 49.80
N GLY A 430 15.81 -8.98 48.52
CA GLY A 430 14.82 -9.27 47.51
C GLY A 430 13.89 -8.13 47.18
N TRP A 431 13.84 -7.10 48.02
CA TRP A 431 13.08 -5.91 47.68
C TRP A 431 13.78 -5.15 46.56
N LYS A 432 13.06 -4.22 45.96
CA LYS A 432 13.59 -3.37 44.91
C LYS A 432 13.49 -1.92 45.35
N VAL A 433 14.54 -1.15 45.07
CA VAL A 433 14.56 0.28 45.32
C VAL A 433 14.71 0.99 43.98
N GLU A 434 13.73 1.83 43.64
CA GLU A 434 13.76 2.56 42.38
C GLU A 434 14.62 3.80 42.57
N ARG A 435 15.93 3.58 42.61
CA ARG A 435 16.86 4.66 42.87
C ARG A 435 16.97 5.58 41.68
N HIS A 436 17.59 6.74 41.91
CA HIS A 436 17.79 7.71 40.86
C HIS A 436 18.81 7.20 39.85
N LEU A 437 18.82 7.83 38.67
CA LEU A 437 19.83 7.54 37.67
C LEU A 437 21.19 8.04 38.16
N MET A 438 22.21 7.21 38.06
CA MET A 438 23.52 7.52 38.59
C MET A 438 24.58 7.42 37.50
N ASP A 439 25.82 7.73 37.88
CA ASP A 439 26.92 7.70 36.94
C ASP A 439 27.22 6.27 36.51
N ASP A 440 27.66 6.14 35.26
CA ASP A 440 28.03 4.89 34.61
C ASP A 440 26.86 3.93 34.45
N ASP A 441 25.64 4.41 34.47
CA ASP A 441 24.50 3.59 34.12
C ASP A 441 24.35 3.54 32.61
N PRO A 442 24.31 2.37 31.99
CA PRO A 442 24.11 2.31 30.54
C PRO A 442 22.70 2.73 30.18
N VAL A 443 22.60 3.60 29.18
CA VAL A 443 21.31 4.07 28.68
C VAL A 443 21.35 4.08 27.17
N LEU A 444 20.23 3.74 26.55
CA LEU A 444 20.14 3.77 25.11
C LEU A 444 19.83 5.19 24.65
N PHE A 445 20.51 5.61 23.58
CA PHE A 445 20.46 6.99 23.11
C PHE A 445 20.17 6.97 21.63
N ASN A 446 19.27 7.83 21.16
CA ASN A 446 18.68 7.66 19.85
C ASN A 446 18.35 9.01 19.24
N ARG A 447 18.46 9.09 17.92
CA ARG A 447 18.05 10.28 17.16
C ARG A 447 17.23 9.86 15.96
N GLN A 448 16.17 10.60 15.68
CA GLN A 448 15.30 10.33 14.54
C GLN A 448 15.66 11.24 13.38
N PRO A 449 15.51 10.75 12.13
CA PRO A 449 15.10 9.39 11.77
C PRO A 449 16.22 8.37 11.94
N SER A 450 15.88 7.17 12.40
CA SER A 450 16.86 6.12 12.66
C SER A 450 17.11 5.35 11.36
N LEU A 451 18.06 5.84 10.58
CA LEU A 451 18.30 5.28 9.25
C LEU A 451 19.08 3.98 9.33
N HIS A 452 20.02 3.86 10.26
CA HIS A 452 20.82 2.66 10.39
C HIS A 452 21.04 2.36 11.87
N LYS A 453 21.69 1.22 12.13
CA LYS A 453 21.77 0.71 13.49
C LYS A 453 22.74 1.49 14.35
N MET A 454 23.55 2.38 13.78
CA MET A 454 24.40 3.25 14.57
C MET A 454 23.67 4.48 15.07
N SER A 455 22.39 4.62 14.73
CA SER A 455 21.57 5.70 15.26
C SER A 455 21.04 5.41 16.66
N MET A 456 21.17 4.17 17.14
CA MET A 456 20.87 3.82 18.51
C MET A 456 22.10 3.18 19.12
N MET A 457 22.71 3.86 20.09
CA MET A 457 23.90 3.35 20.75
C MET A 457 23.75 3.60 22.24
N ALA A 458 24.43 2.78 23.04
CA ALA A 458 24.32 2.85 24.49
C ALA A 458 25.52 3.61 25.04
N HIS A 459 25.25 4.67 25.80
CA HIS A 459 26.28 5.47 26.45
C HIS A 459 26.26 5.23 27.95
N ARG A 460 27.24 5.80 28.62
CA ARG A 460 27.33 5.76 30.08
C ARG A 460 26.93 7.11 30.64
N VAL A 461 26.08 7.10 31.65
CA VAL A 461 25.52 8.33 32.20
C VAL A 461 26.57 9.09 32.98
N LYS A 462 26.57 10.42 32.83
CA LYS A 462 27.29 11.32 33.70
C LYS A 462 26.37 12.48 34.01
N VAL A 463 26.04 12.66 35.29
CA VAL A 463 25.08 13.68 35.69
C VAL A 463 25.76 15.03 35.71
N MET A 464 25.15 16.02 35.07
CA MET A 464 25.74 17.33 34.89
C MET A 464 24.66 18.40 35.10
N PRO A 465 25.06 19.62 35.43
CA PRO A 465 24.09 20.71 35.53
C PRO A 465 23.56 21.17 34.18
N TYR A 466 22.59 22.09 34.20
CA TYR A 466 21.96 22.64 33.01
C TYR A 466 21.17 21.58 32.25
N SER A 467 20.42 21.98 31.24
CA SER A 467 19.26 21.21 30.78
C SER A 467 19.44 20.56 29.42
N THR A 468 20.67 20.32 28.98
CA THR A 468 20.90 19.73 27.65
C THR A 468 21.67 18.44 27.77
N PHE A 469 21.37 17.50 26.88
CA PHE A 469 22.21 16.32 26.72
C PHE A 469 23.54 16.72 26.10
N ARG A 470 24.61 16.07 26.52
CA ARG A 470 25.95 16.43 26.07
C ARG A 470 26.64 15.22 25.49
N LEU A 471 27.25 15.40 24.33
CA LEU A 471 27.86 14.34 23.56
C LEU A 471 29.30 14.70 23.23
N ASN A 472 30.18 13.71 23.23
CA ASN A 472 31.47 13.89 22.59
C ASN A 472 31.25 14.12 21.09
N LEU A 473 32.02 15.01 20.49
CA LEU A 473 31.68 15.43 19.14
C LEU A 473 32.01 14.39 18.08
N SER A 474 32.73 13.33 18.44
CA SER A 474 33.01 12.30 17.45
C SER A 474 31.78 11.47 17.13
N VAL A 475 30.79 11.43 18.02
CA VAL A 475 29.62 10.59 17.80
C VAL A 475 28.52 11.37 17.08
N THR A 476 28.81 12.62 16.72
CA THR A 476 27.81 13.39 15.98
C THR A 476 27.70 12.94 14.52
N SER A 477 28.66 12.15 14.04
CA SER A 477 28.62 11.66 12.67
C SER A 477 27.64 10.51 12.52
N PRO A 478 27.74 9.43 13.31
CA PRO A 478 26.75 8.35 13.17
C PRO A 478 25.34 8.78 13.44
N TYR A 479 25.13 9.71 14.37
CA TYR A 479 23.79 10.21 14.66
C TYR A 479 23.31 11.23 13.64
N ASN A 480 24.20 11.74 12.79
CA ASN A 480 23.86 12.81 11.84
C ASN A 480 23.30 14.02 12.59
N ALA A 481 23.93 14.36 13.70
CA ALA A 481 23.44 15.40 14.59
C ALA A 481 24.41 16.55 14.67
N ASP A 482 23.86 17.76 14.81
CA ASP A 482 24.65 18.93 15.18
C ASP A 482 23.86 19.70 16.23
N PHE A 483 24.48 20.74 16.77
CA PHE A 483 23.97 21.43 17.95
C PHE A 483 23.27 22.73 17.62
N ASP A 484 22.53 22.77 16.51
CA ASP A 484 21.76 23.95 16.14
C ASP A 484 20.30 23.85 16.57
N GLY A 485 19.97 22.92 17.46
CA GLY A 485 18.59 22.73 17.89
C GLY A 485 18.11 21.30 17.85
N ASP A 486 18.96 20.34 17.51
CA ASP A 486 18.52 18.94 17.43
C ASP A 486 18.17 18.43 18.82
N GLU A 487 17.29 17.44 18.84
CA GLU A 487 16.90 16.77 20.07
C GLU A 487 17.10 15.27 19.91
N MET A 488 17.40 14.59 21.01
CA MET A 488 17.65 13.17 20.98
C MET A 488 16.94 12.49 22.14
N ASN A 489 16.68 11.21 21.97
CA ASN A 489 15.86 10.44 22.89
C ASN A 489 16.75 9.57 23.74
N LEU A 490 16.39 9.42 25.02
CA LEU A 490 17.13 8.56 25.94
C LEU A 490 16.17 7.55 26.55
N HIS A 491 16.55 6.27 26.53
CA HIS A 491 15.75 5.18 27.07
C HIS A 491 16.54 4.44 28.14
N VAL A 492 15.92 4.21 29.27
CA VAL A 492 16.57 3.63 30.44
C VAL A 492 16.21 2.15 30.53
N PRO A 493 17.17 1.25 30.52
CA PRO A 493 16.86 -0.17 30.80
C PRO A 493 16.40 -0.36 32.23
N GLN A 494 15.53 -1.35 32.42
CA GLN A 494 14.90 -1.57 33.71
C GLN A 494 15.19 -2.94 34.30
N SER A 495 16.26 -3.60 33.87
CA SER A 495 16.55 -4.94 34.35
C SER A 495 18.03 -5.22 34.23
N GLU A 496 18.48 -6.23 34.97
CA GLU A 496 19.89 -6.65 34.87
C GLU A 496 20.18 -7.25 33.50
N GLU A 497 19.26 -8.06 32.98
CA GLU A 497 19.45 -8.66 31.66
C GLU A 497 19.54 -7.60 30.58
N THR A 498 18.65 -6.62 30.64
CA THR A 498 18.64 -5.58 29.62
C THR A 498 19.87 -4.68 29.74
N ARG A 499 20.29 -4.38 30.97
CA ARG A 499 21.51 -3.62 31.17
C ARG A 499 22.72 -4.34 30.58
N ALA A 500 22.80 -5.65 30.81
CA ALA A 500 23.91 -6.42 30.24
C ALA A 500 23.86 -6.40 28.73
N GLU A 501 22.67 -6.54 28.15
CA GLU A 501 22.55 -6.50 26.70
C GLU A 501 23.03 -5.16 26.15
N LEU A 502 22.62 -4.07 26.78
CA LEU A 502 23.05 -2.75 26.31
C LEU A 502 24.55 -2.57 26.44
N SER A 503 25.13 -2.98 27.55
CA SER A 503 26.55 -2.75 27.74
C SER A 503 27.42 -3.70 26.92
N GLN A 504 26.89 -4.84 26.48
CA GLN A 504 27.68 -5.81 25.74
C GLN A 504 27.41 -5.84 24.25
N LEU A 505 26.33 -5.21 23.77
CA LEU A 505 26.01 -5.28 22.36
C LEU A 505 25.96 -3.93 21.69
N CYS A 506 25.27 -2.95 22.27
CA CYS A 506 25.03 -1.67 21.63
C CYS A 506 26.01 -0.58 22.06
N ALA A 507 27.02 -0.92 22.87
CA ALA A 507 27.90 0.09 23.41
C ALA A 507 28.62 0.83 22.29
N VAL A 508 28.89 2.12 22.54
CA VAL A 508 29.49 2.96 21.49
C VAL A 508 30.83 2.43 21.01
N PRO A 509 31.76 2.00 21.87
CA PRO A 509 33.04 1.50 21.35
C PRO A 509 32.90 0.33 20.40
N LEU A 510 31.87 -0.50 20.57
CA LEU A 510 31.70 -1.66 19.69
C LEU A 510 31.18 -1.27 18.31
N GLN A 511 30.70 -0.03 18.14
CA GLN A 511 30.05 0.39 16.90
C GLN A 511 30.95 1.28 16.04
N ILE A 512 32.25 1.32 16.33
CA ILE A 512 33.13 2.24 15.62
C ILE A 512 33.26 1.83 14.16
N VAL A 513 33.36 0.55 13.88
CA VAL A 513 33.47 0.04 12.52
C VAL A 513 32.11 -0.48 12.09
N SER A 514 31.65 -0.06 10.93
CA SER A 514 30.34 -0.39 10.41
C SER A 514 30.41 -1.55 9.42
N PRO A 515 29.38 -2.39 9.37
CA PRO A 515 29.35 -3.47 8.38
C PRO A 515 28.95 -3.02 6.99
N GLN A 516 28.50 -1.78 6.83
CA GLN A 516 28.04 -1.34 5.51
C GLN A 516 29.21 -1.21 4.53
N SER A 517 30.31 -0.61 4.97
CA SER A 517 31.46 -0.42 4.09
C SER A 517 32.77 -0.80 4.75
N ASN A 518 32.74 -1.62 5.80
CA ASN A 518 33.89 -2.05 6.58
C ASN A 518 34.90 -0.93 6.78
N LYS A 519 34.44 0.24 7.20
CA LYS A 519 35.27 1.38 7.53
C LYS A 519 34.68 2.06 8.74
N PRO A 520 35.49 2.79 9.51
CA PRO A 520 34.96 3.46 10.70
C PRO A 520 33.90 4.50 10.36
N VAL A 521 32.95 4.66 11.28
CA VAL A 521 31.92 5.68 11.14
C VAL A 521 32.19 6.91 11.98
N MET A 522 33.17 6.86 12.89
CA MET A 522 33.53 7.98 13.72
C MET A 522 34.99 8.34 13.48
N GLY A 523 35.26 9.63 13.36
CA GLY A 523 36.63 10.10 13.19
C GLY A 523 36.77 11.46 13.81
N ILE A 524 37.99 11.98 13.79
CA ILE A 524 38.24 13.33 14.27
C ILE A 524 37.57 14.31 13.31
N VAL A 525 36.83 15.28 13.87
CA VAL A 525 36.01 16.16 13.08
C VAL A 525 36.17 17.61 13.53
N GLN A 526 35.92 18.52 12.62
CA GLN A 526 35.76 19.96 12.89
C GLN A 526 37.09 20.53 13.39
N ASP A 527 37.06 21.35 14.44
CA ASP A 527 38.26 22.10 14.80
C ASP A 527 39.33 21.20 15.39
N THR A 528 38.97 20.03 15.89
CA THR A 528 40.00 19.07 16.27
C THR A 528 40.78 18.59 15.06
N LEU A 529 40.09 18.36 13.94
CA LEU A 529 40.79 18.01 12.71
C LEU A 529 41.64 19.16 12.21
N CYS A 530 41.10 20.37 12.23
CA CYS A 530 41.88 21.53 11.79
C CYS A 530 43.10 21.73 12.67
N GLY A 531 42.94 21.56 13.98
CA GLY A 531 44.05 21.77 14.89
C GLY A 531 45.06 20.66 14.89
N VAL A 532 44.66 19.44 14.50
CA VAL A 532 45.66 18.39 14.39
C VAL A 532 46.43 18.54 13.09
N ARG A 533 45.82 19.17 12.08
CA ARG A 533 46.60 19.51 10.90
C ARG A 533 47.56 20.65 11.18
N LYS A 534 47.10 21.69 11.87
CA LYS A 534 47.98 22.82 12.17
C LYS A 534 49.07 22.43 13.15
N MET A 535 48.75 21.56 14.11
CA MET A 535 49.69 21.24 15.18
C MET A 535 50.79 20.33 14.69
N THR A 536 50.54 19.54 13.65
CA THR A 536 51.50 18.58 13.15
C THR A 536 52.25 19.08 11.91
N LEU A 537 52.19 20.38 11.63
CA LEU A 537 53.01 20.93 10.57
C LEU A 537 54.49 20.79 10.93
N ARG A 538 55.33 20.88 9.92
CA ARG A 538 56.76 20.66 10.15
C ARG A 538 57.38 21.75 10.99
N ASP A 539 56.83 22.96 10.97
CA ASP A 539 57.41 24.10 11.66
C ASP A 539 56.58 24.53 12.87
N THR A 540 56.09 23.56 13.63
CA THR A 540 55.41 23.82 14.89
C THR A 540 56.26 23.30 16.03
N PHE A 541 56.77 24.20 16.86
CA PHE A 541 57.63 23.85 17.97
C PHE A 541 57.00 24.34 19.26
N ILE A 542 57.16 23.55 20.32
CA ILE A 542 56.47 23.79 21.58
C ILE A 542 57.50 23.87 22.70
N GLU A 543 57.34 24.85 23.57
CA GLU A 543 58.27 25.06 24.67
C GLU A 543 58.02 24.05 25.79
N TYR A 544 58.93 24.01 26.74
CA TYR A 544 58.87 23.01 27.81
C TYR A 544 57.62 23.19 28.68
N GLU A 545 57.32 24.43 29.05
CA GLU A 545 56.21 24.66 29.98
C GLU A 545 54.87 24.31 29.36
N GLN A 546 54.72 24.54 28.05
CA GLN A 546 53.50 24.13 27.39
C GLN A 546 53.46 22.64 27.16
N VAL A 547 54.61 22.01 26.92
CA VAL A 547 54.66 20.56 26.75
C VAL A 547 54.23 19.86 28.03
N MET A 548 54.64 20.39 29.19
CA MET A 548 54.24 19.76 30.45
C MET A 548 52.73 19.78 30.60
N ASN A 549 52.10 20.91 30.33
CA ASN A 549 50.64 21.00 30.41
C ASN A 549 49.98 20.07 29.41
N MET A 550 50.51 20.01 28.19
CA MET A 550 49.90 19.16 27.16
C MET A 550 50.03 17.68 27.51
N LEU A 551 51.14 17.31 28.16
CA LEU A 551 51.33 15.91 28.54
C LEU A 551 50.44 15.54 29.70
N PHE A 552 50.26 16.45 30.67
CA PHE A 552 49.37 16.14 31.79
C PHE A 552 47.93 15.97 31.35
N TRP A 553 47.53 16.55 30.22
CA TRP A 553 46.16 16.44 29.76
C TRP A 553 45.82 15.07 29.22
N VAL A 554 46.81 14.28 28.82
CA VAL A 554 46.56 12.96 28.27
C VAL A 554 46.23 12.02 29.41
N PRO A 555 45.03 11.44 29.46
CA PRO A 555 44.70 10.53 30.57
C PRO A 555 45.55 9.29 30.63
N SER A 556 46.02 8.80 29.48
CA SER A 556 46.74 7.55 29.41
C SER A 556 48.26 7.73 29.45
N TRP A 557 48.74 8.96 29.65
CA TRP A 557 50.17 9.20 29.68
C TRP A 557 50.80 8.47 30.86
N ASP A 558 52.00 7.95 30.64
CA ASP A 558 52.66 7.09 31.62
C ASP A 558 53.62 7.83 32.54
N GLY A 559 53.68 9.15 32.47
CA GLY A 559 54.51 9.90 33.38
C GLY A 559 55.95 10.07 32.96
N VAL A 560 56.29 9.77 31.72
CA VAL A 560 57.64 9.93 31.21
C VAL A 560 57.59 10.95 30.07
N VAL A 561 58.36 12.02 30.20
CA VAL A 561 58.37 13.06 29.16
C VAL A 561 59.35 12.66 28.07
N PRO A 562 58.96 12.71 26.80
CA PRO A 562 59.89 12.37 25.74
C PRO A 562 61.00 13.39 25.62
N GLN A 563 62.13 12.94 25.10
CA GLN A 563 63.24 13.86 24.86
C GLN A 563 62.85 14.82 23.75
N PRO A 564 63.22 16.10 23.87
CA PRO A 564 62.85 17.06 22.82
C PRO A 564 63.56 16.76 21.52
N ALA A 565 62.94 17.16 20.42
CA ALA A 565 63.58 17.03 19.11
C ALA A 565 64.84 17.87 19.05
N ILE A 566 64.82 19.06 19.62
CA ILE A 566 65.95 19.98 19.63
C ILE A 566 66.39 20.16 21.08
N LEU A 567 67.60 19.71 21.39
CA LEU A 567 68.14 19.79 22.75
C LEU A 567 68.89 21.08 23.02
N LYS A 568 69.58 21.61 22.02
CA LYS A 568 70.37 22.82 22.15
C LYS A 568 70.11 23.71 20.93
N PRO A 569 70.15 25.04 21.10
CA PRO A 569 70.39 25.85 22.29
C PRO A 569 69.21 25.89 23.26
N LYS A 570 68.01 25.60 22.77
CA LYS A 570 66.79 25.68 23.55
C LYS A 570 66.01 24.38 23.38
N PRO A 571 65.55 23.76 24.46
CA PRO A 571 64.76 22.53 24.32
C PRO A 571 63.41 22.83 23.65
N LEU A 572 63.14 22.17 22.53
CA LEU A 572 61.90 22.35 21.81
C LEU A 572 61.37 20.99 21.37
N TRP A 573 60.06 20.83 21.50
CA TRP A 573 59.34 19.65 21.02
C TRP A 573 58.54 20.04 19.78
N THR A 574 58.34 19.08 18.89
CA THR A 574 57.50 19.29 17.73
C THR A 574 56.10 18.75 18.00
N GLY A 575 55.13 19.23 17.23
CA GLY A 575 53.76 18.79 17.43
C GLY A 575 53.57 17.30 17.17
N LYS A 576 54.39 16.73 16.28
CA LYS A 576 54.30 15.31 16.00
C LYS A 576 54.62 14.49 17.24
N GLN A 577 55.57 14.95 18.06
CA GLN A 577 55.89 14.23 19.29
C GLN A 577 54.70 14.21 20.25
N LEU A 578 54.05 15.36 20.42
CA LEU A 578 52.92 15.43 21.34
C LEU A 578 51.75 14.63 20.81
N LEU A 579 51.59 14.56 19.50
CA LEU A 579 50.55 13.69 18.95
C LEU A 579 50.90 12.22 19.15
N SER A 580 52.17 11.86 18.93
CA SER A 580 52.58 10.47 19.11
C SER A 580 52.44 10.04 20.56
N ILE A 581 52.44 10.99 21.49
CA ILE A 581 52.18 10.67 22.88
C ILE A 581 50.79 10.07 23.04
N ALA A 582 49.82 10.55 22.27
CA ALA A 582 48.44 10.09 22.38
C ALA A 582 48.18 8.77 21.68
N ILE A 583 49.06 8.33 20.79
CA ILE A 583 48.86 7.11 20.03
C ILE A 583 49.39 5.91 20.81
N PRO A 584 48.62 4.83 20.95
CA PRO A 584 49.13 3.66 21.69
C PRO A 584 50.30 3.03 20.98
N SER A 585 51.21 2.45 21.77
CA SER A 585 52.40 1.86 21.22
C SER A 585 52.08 0.55 20.51
N GLY A 586 52.89 0.23 19.49
CA GLY A 586 52.66 -0.95 18.70
C GLY A 586 51.77 -0.74 17.49
N ILE A 587 51.59 0.50 17.06
CA ILE A 587 50.77 0.82 15.89
C ILE A 587 51.71 1.16 14.74
N HIS A 588 51.53 0.49 13.61
CA HIS A 588 52.31 0.74 12.41
C HIS A 588 51.37 1.17 11.30
N LEU A 589 51.70 2.28 10.64
CA LEU A 589 50.87 2.80 9.57
C LEU A 589 51.76 3.44 8.54
N GLN A 590 51.56 3.08 7.27
CA GLN A 590 52.34 3.59 6.17
C GLN A 590 51.39 3.98 5.04
N ARG A 591 51.59 5.16 4.47
CA ARG A 591 50.76 5.61 3.38
C ARG A 591 51.60 6.45 2.43
N THR A 592 51.39 6.27 1.14
CA THR A 592 52.09 7.00 0.10
C THR A 592 51.09 7.95 -0.58
N ASP A 593 51.40 9.23 -0.57
CA ASP A 593 50.54 10.25 -1.16
C ASP A 593 51.25 10.86 -2.35
N GLY A 594 50.72 10.61 -3.55
CA GLY A 594 51.32 11.16 -4.76
C GLY A 594 52.71 10.65 -5.04
N GLY A 595 53.01 9.41 -4.69
CA GLY A 595 54.32 8.84 -4.98
C GLY A 595 55.47 9.56 -4.31
N ASN A 596 55.27 10.04 -3.10
CA ASN A 596 56.34 10.74 -2.38
C ASN A 596 57.45 9.78 -2.00
N SER A 597 58.66 10.32 -1.88
CA SER A 597 59.78 9.53 -1.42
C SER A 597 59.77 9.42 0.10
N LEU A 598 60.69 8.61 0.63
CA LEU A 598 60.84 8.50 2.07
C LEU A 598 61.37 9.76 2.72
N LEU A 599 61.86 10.72 1.93
CA LEU A 599 62.35 11.97 2.48
C LEU A 599 61.26 13.04 2.58
N SER A 600 60.11 12.80 1.94
CA SER A 600 58.90 13.61 2.06
C SER A 600 59.19 15.10 2.00
N PRO A 601 59.59 15.64 0.86
CA PRO A 601 59.84 17.08 0.77
C PRO A 601 58.62 17.93 1.07
N LYS A 602 57.43 17.48 0.69
CA LYS A 602 56.20 18.24 0.90
C LYS A 602 55.50 17.89 2.21
N ASP A 603 56.09 17.01 3.02
CA ASP A 603 55.49 16.56 4.26
C ASP A 603 54.12 15.93 4.02
N ASN A 604 53.99 15.16 2.95
CA ASN A 604 52.80 14.39 2.70
C ASN A 604 53.09 12.90 2.92
N GLY A 605 52.10 12.07 2.68
CA GLY A 605 52.28 10.68 3.02
C GLY A 605 52.15 10.50 4.52
N MET A 606 52.52 9.31 4.99
CA MET A 606 52.43 9.01 6.41
C MET A 606 53.35 7.86 6.74
N LEU A 607 53.93 7.89 7.93
CA LEU A 607 54.71 6.77 8.44
C LEU A 607 54.69 6.82 9.96
N ILE A 608 54.00 5.86 10.57
CA ILE A 608 53.93 5.74 12.02
C ILE A 608 54.60 4.43 12.39
N VAL A 609 55.67 4.52 13.19
CA VAL A 609 56.45 3.36 13.58
C VAL A 609 56.35 3.21 15.08
N ASP A 610 55.78 2.11 15.54
CA ASP A 610 55.62 1.82 16.97
C ASP A 610 54.91 2.96 17.68
N GLY A 611 53.88 3.50 17.04
CA GLY A 611 53.10 4.55 17.65
C GLY A 611 53.75 5.91 17.66
N LYS A 612 54.83 6.09 16.90
CA LYS A 612 55.52 7.37 16.83
C LYS A 612 55.51 7.86 15.40
N VAL A 613 55.08 9.10 15.19
CA VAL A 613 54.96 9.66 13.85
C VAL A 613 56.34 10.08 13.37
N MET A 614 56.75 9.55 12.21
CA MET A 614 58.05 9.90 11.64
C MET A 614 57.95 11.09 10.69
N PHE A 615 56.96 11.07 9.79
CA PHE A 615 56.73 12.22 8.93
C PHE A 615 55.30 12.17 8.44
N GLY A 616 54.85 13.29 7.88
CA GLY A 616 53.50 13.35 7.34
C GLY A 616 52.58 14.19 8.21
N VAL A 617 51.86 15.09 7.57
CA VAL A 617 50.87 15.91 8.27
C VAL A 617 49.63 15.07 8.53
N VAL A 618 49.14 15.11 9.76
CA VAL A 618 47.97 14.34 10.13
C VAL A 618 46.72 15.15 9.77
N ASP A 619 45.85 14.56 8.96
CA ASP A 619 44.66 15.25 8.49
C ASP A 619 43.56 14.22 8.25
N LYS A 620 42.57 14.59 7.45
CA LYS A 620 41.42 13.72 7.21
C LYS A 620 41.84 12.36 6.67
N LYS A 621 42.90 12.29 5.88
CA LYS A 621 43.31 11.02 5.31
C LYS A 621 43.90 10.07 6.33
N THR A 622 44.19 10.54 7.55
CA THR A 622 44.77 9.71 8.59
C THR A 622 43.83 9.46 9.75
N VAL A 623 43.26 10.53 10.34
CA VAL A 623 42.39 10.40 11.50
C VAL A 623 40.92 10.61 11.12
N GLY A 624 40.60 10.58 9.83
CA GLY A 624 39.22 10.68 9.41
C GLY A 624 38.51 9.35 9.55
N SER A 625 37.30 9.30 8.98
CA SER A 625 36.49 8.10 9.05
C SER A 625 36.75 7.13 7.91
N GLY A 626 37.69 7.43 7.03
CA GLY A 626 37.98 6.54 5.93
C GLY A 626 38.64 5.25 6.39
N GLY A 627 38.60 4.26 5.50
CA GLY A 627 39.17 2.97 5.82
C GLY A 627 40.68 2.97 5.72
N GLY A 628 41.30 2.09 6.51
CA GLY A 628 42.75 1.98 6.50
C GLY A 628 43.48 3.09 7.21
N GLY A 629 42.79 3.92 7.96
CA GLY A 629 43.42 5.02 8.68
C GLY A 629 43.93 4.59 10.04
N LEU A 630 44.22 5.59 10.87
CA LEU A 630 44.72 5.30 12.20
C LEU A 630 43.64 4.66 13.08
N ILE A 631 42.41 5.14 12.97
CA ILE A 631 41.34 4.62 13.82
C ILE A 631 41.04 3.17 13.48
N HIS A 632 40.97 2.85 12.18
CA HIS A 632 40.71 1.49 11.78
C HIS A 632 41.84 0.57 12.23
N THR A 633 43.09 1.02 12.08
CA THR A 633 44.23 0.21 12.52
C THR A 633 44.18 -0.05 14.01
N VAL A 634 43.88 0.99 14.80
CA VAL A 634 43.85 0.82 16.25
C VAL A 634 42.72 -0.12 16.66
N MET A 635 41.55 0.01 16.01
CA MET A 635 40.43 -0.87 16.34
C MET A 635 40.75 -2.32 16.01
N ARG A 636 41.35 -2.57 14.85
CA ARG A 636 41.72 -3.94 14.50
C ARG A 636 42.81 -4.48 15.42
N GLU A 637 43.74 -3.63 15.83
CA GLU A 637 44.91 -4.09 16.59
C GLU A 637 44.64 -4.19 18.08
N LYS A 638 44.12 -3.12 18.69
CA LYS A 638 44.07 -3.04 20.14
C LYS A 638 42.69 -3.33 20.72
N GLY A 639 41.62 -3.14 19.95
CA GLY A 639 40.29 -3.41 20.44
C GLY A 639 39.46 -2.16 20.63
N PRO A 640 38.16 -2.34 20.85
CA PRO A 640 37.27 -1.17 20.96
C PRO A 640 37.58 -0.23 22.12
N LYS A 641 38.06 -0.75 23.24
CA LYS A 641 38.31 0.11 24.40
C LYS A 641 39.46 1.08 24.13
N ILE A 642 40.58 0.57 23.62
CA ILE A 642 41.72 1.44 23.33
C ILE A 642 41.37 2.40 22.20
N CYS A 643 40.60 1.93 21.21
CA CYS A 643 40.19 2.83 20.14
C CYS A 643 39.31 3.95 20.66
N ALA A 644 38.44 3.65 21.61
CA ALA A 644 37.61 4.70 22.21
C ALA A 644 38.46 5.68 23.00
N GLU A 645 39.46 5.19 23.71
CA GLU A 645 40.34 6.09 24.46
C GLU A 645 41.18 6.97 23.53
N LEU A 646 41.46 6.48 22.31
CA LEU A 646 42.25 7.25 21.36
C LEU A 646 41.57 8.56 21.00
N PHE A 647 40.25 8.52 20.80
CA PHE A 647 39.51 9.74 20.50
C PHE A 647 39.70 10.77 21.60
N GLY A 648 39.53 10.36 22.85
CA GLY A 648 39.68 11.29 23.95
C GLY A 648 41.08 11.87 24.05
N ASN A 649 42.10 11.02 23.92
CA ASN A 649 43.47 11.51 24.00
C ASN A 649 43.74 12.55 22.94
N ILE A 650 43.45 12.22 21.68
CA ILE A 650 43.74 13.13 20.58
C ILE A 650 42.96 14.43 20.76
N GLN A 651 41.68 14.33 21.10
CA GLN A 651 40.84 15.51 21.23
C GLN A 651 41.36 16.42 22.33
N LYS A 652 41.75 15.85 23.47
CA LYS A 652 42.20 16.67 24.58
C LYS A 652 43.49 17.41 24.24
N VAL A 653 44.47 16.70 23.68
CA VAL A 653 45.74 17.34 23.34
C VAL A 653 45.53 18.44 22.31
N VAL A 654 44.83 18.12 21.23
CA VAL A 654 44.68 19.07 20.14
C VAL A 654 43.84 20.27 20.59
N ASN A 655 42.84 20.03 21.43
CA ASN A 655 41.99 21.12 21.87
C ASN A 655 42.75 22.07 22.79
N TYR A 656 43.61 21.54 23.66
CA TYR A 656 44.43 22.43 24.48
C TYR A 656 45.37 23.25 23.61
N TRP A 657 46.05 22.61 22.67
CA TRP A 657 46.98 23.35 21.81
C TRP A 657 46.26 24.43 21.02
N LEU A 658 45.09 24.10 20.46
CA LEU A 658 44.38 25.06 19.64
C LEU A 658 43.76 26.17 20.47
N LEU A 659 43.37 25.87 21.72
CA LEU A 659 42.93 26.93 22.61
C LEU A 659 44.04 27.93 22.86
N HIS A 660 45.25 27.45 23.09
CA HIS A 660 46.32 28.37 23.39
C HIS A 660 47.05 28.89 22.15
N ASN A 661 46.64 28.47 20.96
CA ASN A 661 47.17 29.00 19.71
C ASN A 661 46.19 29.91 18.99
N GLY A 662 44.95 29.46 18.82
CA GLY A 662 43.94 30.28 18.18
C GLY A 662 43.75 29.95 16.71
N PHE A 663 42.56 30.29 16.21
CA PHE A 663 42.23 30.08 14.81
C PHE A 663 40.97 30.89 14.50
N SER A 664 40.97 31.57 13.36
CA SER A 664 39.84 32.43 13.02
C SER A 664 39.67 32.46 11.50
N ILE A 665 38.68 33.23 11.05
CA ILE A 665 38.43 33.44 9.64
C ILE A 665 37.78 34.81 9.48
N GLY A 666 38.13 35.51 8.40
CA GLY A 666 37.66 36.86 8.20
C GLY A 666 37.32 37.13 6.74
N ILE A 667 36.86 38.35 6.49
CA ILE A 667 36.51 38.74 5.13
C ILE A 667 37.75 38.80 4.25
N GLY A 668 38.91 39.04 4.86
CA GLY A 668 40.14 39.11 4.09
C GLY A 668 40.57 37.79 3.51
N ASP A 669 39.99 36.69 3.97
CA ASP A 669 40.35 35.37 3.49
C ASP A 669 39.61 34.97 2.22
N ALA A 670 38.60 35.72 1.81
CA ALA A 670 37.86 35.46 0.59
C ALA A 670 38.27 36.39 -0.55
N ILE A 671 39.37 37.10 -0.39
CA ILE A 671 39.80 38.12 -1.34
C ILE A 671 41.08 37.65 -2.02
N ALA A 672 41.11 37.80 -3.34
CA ALA A 672 42.29 37.50 -4.15
C ALA A 672 42.86 38.80 -4.70
N ASP A 673 44.19 38.83 -4.85
CA ASP A 673 44.86 40.04 -5.30
C ASP A 673 44.50 40.37 -6.73
N ALA A 674 44.90 41.57 -7.16
CA ALA A 674 44.55 42.03 -8.51
C ALA A 674 45.18 41.17 -9.58
N SER A 675 46.37 40.62 -9.32
CA SER A 675 47.03 39.79 -10.31
C SER A 675 46.21 38.54 -10.62
N THR A 676 45.52 38.00 -9.61
CA THR A 676 44.66 36.85 -9.84
C THR A 676 43.30 37.26 -10.39
N MET A 677 42.80 38.42 -9.98
CA MET A 677 41.49 38.86 -10.47
C MET A 677 41.53 39.15 -11.96
N LYS A 678 42.64 39.71 -12.45
CA LYS A 678 42.73 39.92 -13.89
C LYS A 678 42.79 38.60 -14.63
N GLU A 679 43.47 37.60 -14.08
CA GLU A 679 43.48 36.28 -14.70
C GLU A 679 42.08 35.67 -14.75
N ILE A 680 41.34 35.78 -13.64
CA ILE A 680 39.99 35.24 -13.61
C ILE A 680 39.10 35.94 -14.62
N THR A 681 39.19 37.27 -14.68
CA THR A 681 38.40 38.02 -15.63
C THR A 681 38.74 37.65 -17.06
N HIS A 682 40.02 37.48 -17.36
CA HIS A 682 40.42 37.08 -18.70
C HIS A 682 39.89 35.70 -19.06
N ALA A 683 39.96 34.76 -18.11
CA ALA A 683 39.43 33.42 -18.39
C ALA A 683 37.94 33.46 -18.66
N ILE A 684 37.20 34.22 -17.86
CA ILE A 684 35.75 34.29 -18.04
C ILE A 684 35.41 34.96 -19.37
N SER A 685 36.14 36.01 -19.73
CA SER A 685 35.90 36.68 -21.01
C SER A 685 36.20 35.75 -22.18
N SER A 686 37.28 34.97 -22.08
CA SER A 686 37.60 34.02 -23.13
C SER A 686 36.51 32.98 -23.29
N ALA A 687 35.98 32.49 -22.17
CA ALA A 687 34.90 31.51 -22.25
C ALA A 687 33.66 32.11 -22.87
N LYS A 688 33.32 33.36 -22.53
CA LYS A 688 32.17 34.00 -23.13
C LYS A 688 32.37 34.19 -24.63
N GLU A 689 33.59 34.54 -25.05
CA GLU A 689 33.87 34.65 -26.47
C GLU A 689 33.71 33.31 -27.18
N GLN A 690 34.18 32.22 -26.54
CA GLN A 690 34.00 30.91 -27.13
C GLN A 690 32.53 30.55 -27.27
N VAL A 691 31.73 30.86 -26.26
CA VAL A 691 30.30 30.58 -26.34
C VAL A 691 29.66 31.41 -27.45
N GLN A 692 30.09 32.65 -27.62
CA GLN A 692 29.58 33.47 -28.70
C GLN A 692 29.92 32.87 -30.07
N GLU A 693 31.14 32.37 -30.22
CA GLU A 693 31.53 31.72 -31.47
C GLU A 693 30.69 30.48 -31.71
N ILE A 694 30.43 29.69 -30.66
CA ILE A 694 29.58 28.52 -30.81
C ILE A 694 28.18 28.93 -31.25
N ILE A 695 27.67 30.03 -30.69
CA ILE A 695 26.35 30.51 -31.06
C ILE A 695 26.32 30.88 -32.53
N TYR A 696 27.35 31.59 -33.00
CA TYR A 696 27.41 31.95 -34.42
C TYR A 696 27.46 30.71 -35.30
N LYS A 697 28.30 29.73 -34.92
CA LYS A 697 28.42 28.51 -35.72
C LYS A 697 27.10 27.76 -35.79
N ALA A 698 26.38 27.69 -34.66
CA ALA A 698 25.09 27.01 -34.66
C ALA A 698 24.06 27.77 -35.48
N GLN A 699 24.10 29.11 -35.44
CA GLN A 699 23.16 29.90 -36.21
C GLN A 699 23.44 29.86 -37.70
N HIS A 700 24.68 29.54 -38.11
CA HIS A 700 25.01 29.43 -39.51
C HIS A 700 25.19 27.98 -39.96
N ASN A 701 24.62 27.03 -39.21
CA ASN A 701 24.59 25.62 -39.59
C ASN A 701 25.99 25.01 -39.73
N GLU A 702 26.98 25.62 -39.08
CA GLU A 702 28.36 25.14 -39.13
C GLU A 702 28.70 24.25 -37.95
N LEU A 703 27.75 23.92 -37.10
CA LEU A 703 28.00 23.22 -35.86
C LEU A 703 27.91 21.71 -36.07
N GLU A 704 28.92 20.99 -35.59
CA GLU A 704 28.88 19.54 -35.62
C GLU A 704 27.83 19.02 -34.65
N LEU A 705 27.17 17.93 -35.02
CA LEU A 705 26.10 17.35 -34.23
C LEU A 705 26.61 16.12 -33.50
N LYS A 706 26.46 16.10 -32.19
CA LYS A 706 26.79 14.91 -31.42
C LYS A 706 25.80 13.79 -31.75
N PRO A 707 26.26 12.58 -32.02
CA PRO A 707 25.34 11.50 -32.40
C PRO A 707 24.35 11.19 -31.28
N GLY A 708 23.11 10.92 -31.68
CA GLY A 708 22.05 10.66 -30.73
C GLY A 708 21.43 11.88 -30.12
N MET A 709 21.86 13.08 -30.52
CA MET A 709 21.34 14.32 -29.99
C MET A 709 21.03 15.27 -31.13
N THR A 710 20.00 16.09 -30.94
CA THR A 710 19.62 17.06 -31.95
C THR A 710 20.61 18.22 -31.98
N LEU A 711 20.39 19.15 -32.92
CA LEU A 711 21.24 20.32 -33.00
C LEU A 711 21.15 21.16 -31.74
N ARG A 712 19.92 21.38 -31.26
CA ARG A 712 19.74 22.17 -30.05
C ARG A 712 20.37 21.49 -28.84
N GLU A 713 20.19 20.17 -28.71
CA GLU A 713 20.77 19.46 -27.58
C GLU A 713 22.29 19.51 -27.61
N SER A 714 22.88 19.30 -28.78
CA SER A 714 24.34 19.36 -28.89
C SER A 714 24.84 20.76 -28.56
N PHE A 715 24.16 21.79 -29.06
CA PHE A 715 24.54 23.16 -28.78
C PHE A 715 24.50 23.44 -27.29
N GLU A 716 23.41 23.05 -26.63
CA GLU A 716 23.27 23.28 -25.20
C GLU A 716 24.33 22.53 -24.41
N GLY A 717 24.60 21.28 -24.77
CA GLY A 717 25.63 20.52 -24.08
C GLY A 717 27.00 21.14 -24.22
N GLU A 718 27.35 21.60 -25.42
CA GLU A 718 28.65 22.23 -25.62
C GLU A 718 28.76 23.51 -24.82
N VAL A 719 27.70 24.33 -24.81
CA VAL A 719 27.75 25.58 -24.04
C VAL A 719 27.89 25.30 -22.56
N SER A 720 27.15 24.32 -22.05
CA SER A 720 27.24 23.98 -20.63
C SER A 720 28.64 23.50 -20.28
N ARG A 721 29.23 22.66 -21.12
CA ARG A 721 30.57 22.17 -20.85
C ARG A 721 31.58 23.33 -20.84
N THR A 722 31.46 24.25 -21.81
CA THR A 722 32.37 25.39 -21.85
C THR A 722 32.26 26.22 -20.59
N LEU A 723 31.04 26.49 -20.13
CA LEU A 723 30.86 27.34 -18.96
C LEU A 723 31.35 26.66 -17.69
N ASN A 724 31.12 25.35 -17.57
CA ASN A 724 31.63 24.63 -16.41
C ASN A 724 33.16 24.65 -16.39
N ASP A 725 33.79 24.46 -17.56
CA ASP A 725 35.24 24.54 -17.62
C ASP A 725 35.73 25.93 -17.25
N ALA A 726 34.98 26.97 -17.65
CA ALA A 726 35.35 28.32 -17.29
C ALA A 726 35.36 28.51 -15.78
N ARG A 727 34.29 28.07 -15.11
CA ARG A 727 34.24 28.22 -13.66
C ARG A 727 35.35 27.43 -12.99
N ASP A 728 35.62 26.21 -13.47
CA ASP A 728 36.69 25.41 -12.88
C ASP A 728 38.05 26.07 -13.05
N SER A 729 38.32 26.65 -14.23
CA SER A 729 39.59 27.30 -14.45
C SER A 729 39.76 28.53 -13.56
N ALA A 730 38.71 29.35 -13.45
CA ALA A 730 38.80 30.52 -12.59
C ALA A 730 39.00 30.12 -11.13
N GLY A 731 38.28 29.09 -10.68
CA GLY A 731 38.45 28.63 -9.32
C GLY A 731 39.83 28.07 -9.07
N ARG A 732 40.40 27.37 -10.05
CA ARG A 732 41.75 26.85 -9.90
C ARG A 732 42.76 27.98 -9.79
N SER A 733 42.61 29.03 -10.59
CA SER A 733 43.49 30.19 -10.45
C SER A 733 43.38 30.81 -9.06
N ALA A 734 42.15 31.01 -8.59
CA ALA A 734 41.96 31.59 -7.26
C ALA A 734 42.58 30.71 -6.18
N GLU A 735 42.39 29.40 -6.28
CA GLU A 735 42.93 28.49 -5.28
C GLU A 735 44.45 28.48 -5.30
N MET A 736 45.07 28.55 -6.48
CA MET A 736 46.52 28.58 -6.53
C MET A 736 47.07 29.91 -6.01
N ASN A 737 46.27 30.97 -6.08
CA ASN A 737 46.72 32.25 -5.51
C ASN A 737 46.90 32.16 -4.00
N LEU A 738 46.00 31.46 -3.31
CA LEU A 738 45.92 31.55 -1.86
C LEU A 738 47.23 31.16 -1.18
N LYS A 739 47.60 31.91 -0.14
CA LYS A 739 48.78 31.63 0.64
C LYS A 739 48.53 30.47 1.59
N ASP A 740 49.59 30.07 2.30
CA ASP A 740 49.45 29.02 3.29
C ASP A 740 48.75 29.53 4.55
N LEU A 741 48.87 30.83 4.84
CA LEU A 741 48.23 31.38 6.02
C LEU A 741 46.76 31.70 5.81
N ASN A 742 46.24 31.53 4.60
CA ASN A 742 44.82 31.72 4.37
C ASN A 742 44.02 30.72 5.18
N ASN A 743 43.01 31.20 5.89
CA ASN A 743 42.28 30.33 6.81
C ASN A 743 41.35 29.38 6.06
N VAL A 744 40.72 29.87 4.99
CA VAL A 744 39.86 29.01 4.18
C VAL A 744 40.67 27.88 3.57
N LYS A 745 41.85 28.20 3.06
CA LYS A 745 42.73 27.16 2.53
C LYS A 745 43.12 26.15 3.60
N GLN A 746 43.37 26.62 4.82
CA GLN A 746 43.71 25.70 5.91
C GLN A 746 42.55 24.76 6.22
N MET A 747 41.34 25.30 6.28
CA MET A 747 40.18 24.45 6.56
C MET A 747 39.94 23.45 5.44
N VAL A 748 40.12 23.86 4.19
CA VAL A 748 39.94 22.94 3.08
C VAL A 748 41.03 21.87 3.08
N SER A 749 42.28 22.28 3.33
CA SER A 749 43.39 21.33 3.33
C SER A 749 43.25 20.31 4.44
N ALA A 750 42.81 20.74 5.63
CA ALA A 750 42.59 19.79 6.70
C ALA A 750 41.42 18.87 6.43
N GLY A 751 40.53 19.24 5.51
CA GLY A 751 39.33 18.46 5.27
C GLY A 751 38.24 18.65 6.29
N SER A 752 38.42 19.58 7.24
CA SER A 752 37.44 19.76 8.29
C SER A 752 36.12 20.30 7.76
N LYS A 753 36.18 21.26 6.84
CA LYS A 753 34.97 21.85 6.30
C LYS A 753 35.31 22.59 5.01
N GLY A 754 34.43 22.47 4.03
CA GLY A 754 34.59 23.14 2.76
C GLY A 754 35.33 22.31 1.73
N SER A 755 35.32 22.81 0.51
CA SER A 755 35.98 22.13 -0.61
C SER A 755 36.40 23.19 -1.63
N PHE A 756 36.89 22.71 -2.78
CA PHE A 756 37.42 23.61 -3.79
C PHE A 756 36.32 24.47 -4.41
N ILE A 757 35.13 23.91 -4.58
CA ILE A 757 34.04 24.66 -5.21
C ILE A 757 33.63 25.84 -4.34
N ASN A 758 33.71 25.70 -3.02
CA ASN A 758 33.38 26.80 -2.15
C ASN A 758 34.37 27.96 -2.31
N ILE A 759 35.66 27.64 -2.40
CA ILE A 759 36.66 28.67 -2.65
C ILE A 759 36.38 29.34 -4.00
N ALA A 760 36.09 28.52 -5.02
CA ALA A 760 35.85 29.08 -6.35
C ALA A 760 34.67 30.04 -6.35
N GLN A 761 33.59 29.67 -5.68
CA GLN A 761 32.40 30.51 -5.70
C GLN A 761 32.53 31.73 -4.79
N MET A 762 33.23 31.61 -3.67
CA MET A 762 33.40 32.77 -2.78
C MET A 762 34.39 33.76 -3.33
N SER A 763 35.35 33.31 -4.14
CA SER A 763 36.44 34.16 -4.58
C SER A 763 36.42 34.48 -6.06
N ALA A 764 36.03 33.55 -6.92
CA ALA A 764 36.24 33.70 -8.36
C ALA A 764 34.96 33.85 -9.16
N CYS A 765 34.05 32.87 -9.10
CA CYS A 765 32.88 32.88 -9.96
C CYS A 765 31.84 31.87 -9.49
N VAL A 766 30.60 32.32 -9.34
CA VAL A 766 29.55 31.42 -8.88
C VAL A 766 29.26 30.36 -9.95
N GLY A 767 29.19 30.78 -11.21
CA GLY A 767 29.06 29.84 -12.30
C GLY A 767 27.64 29.74 -12.83
N GLN A 768 27.41 28.65 -13.56
CA GLN A 768 26.16 28.45 -14.29
C GLN A 768 25.10 27.83 -13.38
N GLN A 769 23.91 28.43 -13.38
CA GLN A 769 22.80 27.95 -12.59
C GLN A 769 21.92 27.03 -13.43
N MET A 770 21.71 25.81 -12.95
CA MET A 770 20.98 24.79 -13.68
C MET A 770 19.68 24.47 -12.97
N VAL A 771 18.58 24.50 -13.71
CA VAL A 771 17.28 24.11 -13.20
C VAL A 771 16.83 22.86 -13.96
N GLU A 772 16.62 21.77 -13.23
CA GLU A 772 16.23 20.48 -13.82
C GLU A 772 17.25 20.01 -14.85
N GLY A 773 18.53 20.26 -14.56
CA GLY A 773 19.60 19.78 -15.42
C GLY A 773 19.83 20.59 -16.68
N LYS A 774 19.13 21.70 -16.87
CA LYS A 774 19.29 22.55 -18.03
C LYS A 774 19.48 23.99 -17.57
N ARG A 775 19.97 24.82 -18.50
CA ARG A 775 20.09 26.25 -18.21
C ARG A 775 18.70 26.85 -17.98
N ILE A 776 18.70 28.12 -17.56
CA ILE A 776 17.43 28.78 -17.23
C ILE A 776 16.58 28.86 -18.48
N ALA A 777 15.35 28.34 -18.39
CA ALA A 777 14.47 28.24 -19.54
C ALA A 777 13.96 29.63 -19.93
N PHE A 778 13.09 29.65 -20.95
CA PHE A 778 12.49 30.89 -21.42
C PHE A 778 11.08 30.96 -20.83
N GLY A 779 11.00 31.41 -19.59
CA GLY A 779 9.71 31.49 -18.92
C GLY A 779 8.79 32.52 -19.54
N PHE A 780 9.34 33.64 -19.97
CA PHE A 780 8.57 34.65 -20.68
C PHE A 780 8.42 34.23 -22.14
N ALA A 781 7.96 35.14 -22.98
CA ALA A 781 7.82 34.85 -24.41
C ALA A 781 9.20 34.94 -25.05
N ASP A 782 9.85 33.79 -25.21
CA ASP A 782 11.14 33.69 -25.89
C ASP A 782 12.25 34.48 -25.20
N ARG A 783 12.14 34.64 -23.89
CA ARG A 783 13.22 35.22 -23.11
C ARG A 783 13.05 34.81 -21.66
N SER A 784 14.12 34.95 -20.89
CA SER A 784 14.10 34.51 -19.50
C SER A 784 13.59 35.58 -18.55
N LEU A 785 13.90 36.84 -18.82
CA LEU A 785 13.43 37.96 -18.02
C LEU A 785 13.05 39.09 -18.95
N PRO A 786 12.14 39.97 -18.52
CA PRO A 786 11.76 41.11 -19.38
C PRO A 786 12.85 42.14 -19.57
N HIS A 787 14.04 41.94 -19.04
CA HIS A 787 15.15 42.86 -19.22
C HIS A 787 16.09 42.45 -20.34
N PHE A 788 15.78 41.36 -21.05
CA PHE A 788 16.58 40.88 -22.16
C PHE A 788 15.77 40.95 -23.44
N THR A 789 16.46 41.08 -24.56
CA THR A 789 15.78 41.05 -25.85
C THR A 789 15.42 39.61 -26.20
N LYS A 790 14.46 39.46 -27.12
CA LYS A 790 13.99 38.15 -27.51
C LYS A 790 15.09 37.38 -28.23
N ASP A 791 15.09 36.06 -28.04
CA ASP A 791 16.03 35.16 -28.70
C ASP A 791 17.47 35.55 -28.40
N ASP A 792 17.82 35.48 -27.12
CA ASP A 792 19.15 35.82 -26.63
C ASP A 792 19.72 34.62 -25.92
N PHE A 793 20.76 34.01 -26.50
CA PHE A 793 21.38 32.82 -25.95
C PHE A 793 22.73 33.10 -25.30
N SER A 794 23.02 34.35 -24.99
CA SER A 794 24.27 34.69 -24.36
C SER A 794 24.36 34.06 -22.98
N PRO A 795 25.56 33.81 -22.46
CA PRO A 795 25.67 33.15 -21.15
C PRO A 795 24.96 33.89 -20.04
N GLU A 796 25.02 35.23 -20.02
CA GLU A 796 24.39 35.97 -18.94
C GLU A 796 22.89 36.03 -19.07
N SER A 797 22.34 35.69 -20.23
CA SER A 797 20.90 35.73 -20.45
C SER A 797 20.20 34.44 -20.08
N LYS A 798 20.95 33.39 -19.72
CA LYS A 798 20.34 32.11 -19.40
C LYS A 798 20.85 31.54 -18.09
N GLY A 799 21.42 32.37 -17.22
CA GLY A 799 21.69 31.95 -15.86
C GLY A 799 23.14 31.65 -15.54
N PHE A 800 24.08 32.41 -16.10
CA PHE A 800 25.49 32.27 -15.77
C PHE A 800 25.87 33.44 -14.88
N VAL A 801 26.11 33.16 -13.59
CA VAL A 801 26.49 34.18 -12.63
C VAL A 801 27.99 34.41 -12.79
N GLU A 802 28.36 35.54 -13.37
CA GLU A 802 29.75 35.83 -13.63
C GLU A 802 30.49 36.25 -12.37
N ASN A 803 29.79 36.87 -11.42
CA ASN A 803 30.43 37.42 -10.23
C ASN A 803 30.69 36.32 -9.19
N SER A 804 31.25 36.74 -8.07
CA SER A 804 31.46 35.89 -6.91
C SER A 804 30.63 36.41 -5.76
N TYR A 805 30.57 35.63 -4.69
CA TYR A 805 29.79 36.04 -3.52
C TYR A 805 30.42 37.27 -2.87
N LEU A 806 31.75 37.35 -2.86
CA LEU A 806 32.40 38.54 -2.33
C LEU A 806 32.09 39.76 -3.18
N ARG A 807 32.05 39.58 -4.51
CA ARG A 807 31.82 40.71 -5.40
C ARG A 807 30.36 41.13 -5.42
N GLY A 808 29.45 40.19 -5.22
CA GLY A 808 28.03 40.50 -5.20
C GLY A 808 27.36 40.18 -6.52
N LEU A 809 26.08 39.82 -6.43
CA LEU A 809 25.31 39.37 -7.59
C LEU A 809 24.40 40.48 -8.08
N THR A 810 24.30 40.61 -9.41
CA THR A 810 23.37 41.55 -10.00
C THR A 810 21.94 41.01 -9.86
N PRO A 811 20.92 41.86 -10.01
CA PRO A 811 19.55 41.38 -9.77
C PRO A 811 19.16 40.17 -10.60
N GLN A 812 19.54 40.14 -11.89
CA GLN A 812 19.19 38.99 -12.72
C GLN A 812 19.87 37.72 -12.23
N GLU A 813 21.17 37.80 -11.94
CA GLU A 813 21.88 36.65 -11.39
C GLU A 813 21.28 36.24 -10.06
N PHE A 814 20.87 37.22 -9.26
CA PHE A 814 20.23 36.92 -7.98
C PHE A 814 18.96 36.11 -8.19
N PHE A 815 18.13 36.50 -9.15
CA PHE A 815 16.89 35.76 -9.39
C PHE A 815 17.17 34.36 -9.92
N PHE A 816 18.10 34.23 -10.87
CA PHE A 816 18.40 32.90 -11.39
C PHE A 816 18.94 31.98 -10.30
N HIS A 817 19.84 32.51 -9.47
CA HIS A 817 20.40 31.71 -8.39
C HIS A 817 19.33 31.33 -7.37
N ALA A 818 18.36 32.23 -7.14
CA ALA A 818 17.23 31.89 -6.28
C ALA A 818 16.40 30.76 -6.88
N MET A 819 16.20 30.79 -8.20
CA MET A 819 15.47 29.69 -8.85
C MET A 819 16.19 28.36 -8.64
N ALA A 820 17.50 28.34 -8.83
CA ALA A 820 18.27 27.11 -8.63
C ALA A 820 18.18 26.63 -7.18
N GLY A 821 18.30 27.55 -6.22
CA GLY A 821 18.21 27.15 -4.83
C GLY A 821 16.85 26.60 -4.46
N ARG A 822 15.79 27.20 -5.00
CA ARG A 822 14.45 26.69 -4.79
C ARG A 822 14.32 25.27 -5.35
N GLU A 823 14.90 25.02 -6.51
CA GLU A 823 14.88 23.67 -7.06
C GLU A 823 15.57 22.70 -6.11
N GLY A 824 16.71 23.08 -5.55
CA GLY A 824 17.39 22.21 -4.62
C GLY A 824 16.55 21.88 -3.40
N LEU A 825 15.92 22.90 -2.83
CA LEU A 825 15.06 22.67 -1.65
C LEU A 825 13.91 21.73 -1.98
N ILE A 826 13.25 21.97 -3.11
CA ILE A 826 12.13 21.13 -3.50
C ILE A 826 12.59 19.69 -3.70
N ASP A 827 13.72 19.50 -4.37
CA ASP A 827 14.21 18.16 -4.64
C ASP A 827 14.48 17.41 -3.35
N THR A 828 15.11 18.07 -2.38
CA THR A 828 15.34 17.41 -1.10
C THR A 828 14.03 17.02 -0.43
N ALA A 829 13.12 18.00 -0.29
CA ALA A 829 11.88 17.76 0.44
C ALA A 829 10.98 16.75 -0.26
N VAL A 830 11.18 16.50 -1.54
CA VAL A 830 10.38 15.48 -2.23
C VAL A 830 11.06 14.12 -2.19
N LYS A 831 12.36 14.05 -2.44
CA LYS A 831 13.02 12.75 -2.46
C LYS A 831 13.07 12.09 -1.10
N THR A 832 12.97 12.87 -0.01
CA THR A 832 13.07 12.24 1.31
C THR A 832 11.94 11.23 1.53
N ALA A 833 10.72 11.56 1.10
CA ALA A 833 9.59 10.65 1.32
C ALA A 833 9.72 9.40 0.48
N GLU A 834 10.15 9.54 -0.77
CA GLU A 834 10.34 8.39 -1.63
C GLU A 834 11.40 7.45 -1.07
N THR A 835 12.51 8.03 -0.60
CA THR A 835 13.57 7.20 0.01
C THR A 835 13.07 6.51 1.26
N GLY A 836 12.29 7.20 2.09
CA GLY A 836 11.74 6.57 3.28
C GLY A 836 10.85 5.39 2.94
N TYR A 837 9.98 5.55 1.94
CA TYR A 837 9.13 4.44 1.52
C TYR A 837 9.95 3.27 1.01
N ILE A 838 10.99 3.55 0.21
CA ILE A 838 11.83 2.48 -0.31
C ILE A 838 12.49 1.72 0.82
N GLN A 839 13.03 2.43 1.80
CA GLN A 839 13.71 1.76 2.90
C GLN A 839 12.74 0.94 3.73
N ARG A 840 11.53 1.45 3.95
CA ARG A 840 10.55 0.67 4.70
C ARG A 840 10.20 -0.61 3.98
N ARG A 841 10.00 -0.54 2.67
CA ARG A 841 9.70 -1.74 1.90
C ARG A 841 10.85 -2.75 1.97
N LEU A 842 12.09 -2.25 1.86
CA LEU A 842 13.25 -3.13 1.93
C LEU A 842 13.32 -3.83 3.29
N VAL A 843 13.11 -3.08 4.37
CA VAL A 843 13.19 -3.67 5.70
C VAL A 843 12.10 -4.71 5.89
N LYS A 844 10.88 -4.41 5.44
CA LYS A 844 9.80 -5.38 5.58
C LYS A 844 10.08 -6.65 4.77
N ALA A 845 10.70 -6.50 3.60
CA ALA A 845 11.01 -7.68 2.79
C ALA A 845 12.11 -8.52 3.41
N LEU A 846 13.11 -7.88 4.02
CA LEU A 846 14.31 -8.58 4.47
C LEU A 846 14.38 -8.76 5.98
N GLU A 847 13.29 -8.55 6.72
CA GLU A 847 13.41 -8.48 8.17
C GLU A 847 13.67 -9.84 8.80
N ASP A 848 13.04 -10.90 8.29
CA ASP A 848 13.02 -12.19 8.97
C ASP A 848 14.15 -13.11 8.54
N ILE A 849 15.27 -12.56 8.07
CA ILE A 849 16.38 -13.35 7.55
C ILE A 849 17.52 -13.32 8.56
N MET A 850 18.06 -14.49 8.87
CA MET A 850 18.99 -14.61 9.98
C MET A 850 19.97 -15.74 9.70
N VAL A 851 21.22 -15.57 10.13
CA VAL A 851 22.24 -16.59 9.98
C VAL A 851 22.05 -17.64 11.07
N HIS A 852 21.92 -18.89 10.66
CA HIS A 852 21.65 -19.96 11.59
C HIS A 852 22.96 -20.64 12.00
N TYR A 853 22.84 -21.62 12.91
CA TYR A 853 24.02 -22.22 13.51
C TYR A 853 24.77 -23.16 12.58
N ASP A 854 24.17 -23.56 11.47
CA ASP A 854 24.86 -24.38 10.48
C ASP A 854 25.47 -23.55 9.37
N GLY A 855 25.44 -22.22 9.47
CA GLY A 855 26.04 -21.34 8.50
C GLY A 855 25.09 -20.84 7.43
N THR A 856 23.97 -21.50 7.21
CA THR A 856 23.05 -21.09 6.17
C THR A 856 22.30 -19.83 6.56
N THR A 857 21.75 -19.17 5.55
CA THR A 857 20.96 -17.95 5.73
C THR A 857 19.54 -18.27 5.32
N ARG A 858 18.63 -18.28 6.29
CA ARG A 858 17.25 -18.73 6.07
C ARG A 858 16.26 -17.69 6.55
N ASN A 859 15.06 -17.75 6.00
CA ASN A 859 13.97 -16.89 6.44
C ASN A 859 13.16 -17.59 7.52
N SER A 860 11.99 -17.06 7.85
CA SER A 860 11.19 -17.62 8.93
C SER A 860 10.59 -18.97 8.57
N LEU A 861 10.34 -19.21 7.28
CA LEU A 861 9.83 -20.49 6.85
C LEU A 861 10.88 -21.59 6.88
N GLY A 862 12.14 -21.25 7.11
CA GLY A 862 13.21 -22.21 7.00
C GLY A 862 13.78 -22.35 5.61
N ASP A 863 13.22 -21.66 4.62
CA ASP A 863 13.73 -21.73 3.26
C ASP A 863 15.13 -21.15 3.18
N ILE A 864 16.00 -21.80 2.42
CA ILE A 864 17.38 -21.36 2.29
C ILE A 864 17.44 -20.19 1.32
N ILE A 865 18.02 -19.09 1.77
CA ILE A 865 18.35 -17.98 0.88
C ILE A 865 19.76 -18.11 0.35
N GLN A 866 20.71 -18.39 1.24
CA GLN A 866 22.09 -18.64 0.89
C GLN A 866 22.60 -19.84 1.66
N PHE A 867 23.49 -20.59 1.04
CA PHE A 867 24.08 -21.74 1.72
C PHE A 867 25.27 -21.35 2.58
N LEU A 868 25.69 -20.09 2.51
CA LEU A 868 26.77 -19.56 3.32
C LEU A 868 26.69 -18.04 3.22
N TYR A 869 26.63 -17.37 4.36
CA TYR A 869 26.42 -15.92 4.35
C TYR A 869 27.54 -15.22 3.60
N GLY A 870 27.16 -14.37 2.64
CA GLY A 870 28.12 -13.60 1.87
C GLY A 870 29.00 -14.48 1.01
N GLU A 871 28.63 -15.75 0.89
CA GLU A 871 29.35 -16.77 0.14
C GLU A 871 30.73 -17.07 0.72
N ASP A 872 31.08 -16.48 1.85
CA ASP A 872 32.30 -16.82 2.56
C ASP A 872 32.11 -16.97 4.06
N GLY A 873 30.96 -16.58 4.61
CA GLY A 873 30.71 -16.78 6.02
C GLY A 873 31.37 -15.80 6.95
N LEU A 874 31.82 -14.66 6.44
CA LEU A 874 32.52 -13.68 7.24
C LEU A 874 31.59 -12.54 7.62
N ASP A 875 32.03 -11.77 8.62
CA ASP A 875 31.30 -10.60 9.07
C ASP A 875 31.74 -9.37 8.29
N GLY A 876 30.80 -8.46 8.05
CA GLY A 876 31.09 -7.31 7.22
C GLY A 876 32.09 -6.35 7.81
N THR A 877 32.29 -6.38 9.12
CA THR A 877 33.22 -5.48 9.79
C THR A 877 34.63 -6.01 9.88
N GLN A 878 34.86 -7.27 9.52
CA GLN A 878 36.13 -7.94 9.74
C GLN A 878 36.89 -8.18 8.44
N VAL A 879 36.70 -7.31 7.45
CA VAL A 879 37.36 -7.45 6.15
C VAL A 879 38.07 -6.15 5.83
N GLU A 880 39.13 -6.26 5.03
CA GLU A 880 39.93 -5.11 4.64
C GLU A 880 40.43 -5.29 3.22
N ARG A 881 40.69 -4.16 2.55
CA ARG A 881 41.27 -4.19 1.22
C ARG A 881 42.69 -4.73 1.29
N GLN A 882 42.94 -5.81 0.57
CA GLN A 882 44.29 -6.38 0.46
C GLN A 882 44.57 -6.70 -0.99
N THR A 883 45.86 -6.78 -1.32
CA THR A 883 46.31 -7.10 -2.67
C THR A 883 46.74 -8.56 -2.71
N ILE A 884 46.23 -9.28 -3.71
CA ILE A 884 46.67 -10.65 -3.96
C ILE A 884 47.84 -10.59 -4.92
N ASP A 885 48.99 -11.11 -4.49
CA ASP A 885 50.25 -10.83 -5.17
C ASP A 885 50.48 -11.69 -6.40
N THR A 886 49.73 -12.78 -6.57
CA THR A 886 49.95 -13.65 -7.71
C THR A 886 49.25 -13.16 -8.97
N ILE A 887 48.32 -12.22 -8.85
CA ILE A 887 47.57 -11.74 -10.01
C ILE A 887 48.41 -10.83 -10.89
N PRO A 888 48.94 -9.72 -10.40
CA PRO A 888 49.55 -8.74 -11.31
C PRO A 888 50.96 -9.12 -11.72
N GLY A 889 51.47 -8.37 -12.68
CA GLY A 889 52.85 -8.52 -13.10
C GLY A 889 53.02 -9.51 -14.25
N SER A 890 54.11 -9.34 -14.98
CA SER A 890 54.43 -10.21 -16.09
C SER A 890 54.88 -11.57 -15.59
N ASP A 891 55.00 -12.52 -16.52
CA ASP A 891 55.42 -13.87 -16.16
C ASP A 891 56.84 -13.88 -15.64
N LYS A 892 57.70 -13.03 -16.20
CA LYS A 892 59.09 -12.97 -15.74
C LYS A 892 59.16 -12.48 -14.30
N ALA A 893 58.39 -11.44 -13.96
CA ALA A 893 58.40 -10.92 -12.60
C ALA A 893 57.87 -11.97 -11.62
N PHE A 894 56.80 -12.67 -12.00
CA PHE A 894 56.25 -13.72 -11.15
C PHE A 894 57.28 -14.82 -10.91
N HIS A 895 57.95 -15.26 -11.99
CA HIS A 895 58.96 -16.30 -11.84
C HIS A 895 60.11 -15.83 -10.97
N LYS A 896 60.56 -14.60 -11.17
CA LYS A 896 61.67 -14.07 -10.37
C LYS A 896 61.28 -13.99 -8.90
N ARG A 897 60.04 -13.62 -8.61
CA ARG A 897 59.62 -13.43 -7.23
C ARG A 897 59.41 -14.76 -6.52
N TYR A 898 58.88 -15.77 -7.22
CA TYR A 898 58.42 -16.96 -6.51
C TYR A 898 59.25 -18.22 -6.77
N TYR A 899 59.99 -18.31 -7.86
CA TYR A 899 60.70 -19.54 -8.17
C TYR A 899 62.00 -19.63 -7.39
N VAL A 900 62.29 -20.84 -6.88
CA VAL A 900 63.52 -21.13 -6.17
C VAL A 900 64.16 -22.36 -6.80
N ASP A 901 65.43 -22.24 -7.20
CA ASP A 901 66.15 -23.31 -7.86
C ASP A 901 67.32 -23.72 -6.98
N LEU A 902 67.35 -24.98 -6.58
CA LEU A 902 68.39 -25.49 -5.69
C LEU A 902 69.56 -26.12 -6.44
N MET A 903 69.49 -26.20 -7.77
CA MET A 903 70.58 -26.73 -8.58
C MET A 903 71.49 -25.63 -9.09
N ASP A 904 70.94 -24.60 -9.70
CA ASP A 904 71.72 -23.46 -10.13
C ASP A 904 72.03 -22.58 -8.94
N GLU A 905 73.30 -22.20 -8.80
CA GLU A 905 73.73 -21.48 -7.60
C GLU A 905 73.21 -20.03 -7.61
N LYS A 906 73.30 -19.34 -8.74
CA LYS A 906 72.91 -17.94 -8.80
C LYS A 906 71.41 -17.75 -8.84
N ASN A 907 70.62 -18.82 -8.99
CA ASN A 907 69.17 -18.75 -8.95
C ASN A 907 68.62 -19.40 -7.69
N SER A 908 69.39 -19.42 -6.60
CA SER A 908 69.00 -20.04 -5.36
C SER A 908 68.81 -18.98 -4.28
N ILE A 909 68.50 -19.45 -3.07
CA ILE A 909 68.40 -18.57 -1.92
C ILE A 909 69.78 -18.02 -1.60
N LYS A 910 69.84 -16.74 -1.26
CA LYS A 910 71.10 -16.12 -0.92
C LYS A 910 71.72 -16.80 0.30
N PRO A 911 73.04 -16.95 0.34
CA PRO A 911 73.65 -17.71 1.45
C PRO A 911 73.74 -16.95 2.75
N ASP A 912 73.69 -15.62 2.72
CA ASP A 912 73.83 -14.83 3.93
C ASP A 912 72.54 -14.73 4.73
N VAL A 913 71.41 -15.18 4.18
CA VAL A 913 70.14 -15.09 4.88
C VAL A 913 69.79 -16.39 5.62
N ILE A 914 70.44 -17.50 5.30
CA ILE A 914 70.14 -18.79 5.92
C ILE A 914 71.43 -19.38 6.47
N GLU A 915 71.32 -20.01 7.64
CA GLU A 915 72.48 -20.64 8.25
C GLU A 915 72.92 -21.89 7.49
N TYR A 916 71.96 -22.63 6.93
CA TYR A 916 72.20 -23.95 6.36
C TYR A 916 72.42 -23.90 4.85
N ALA A 917 72.95 -22.81 4.31
CA ALA A 917 73.08 -22.68 2.87
C ALA A 917 74.07 -23.67 2.28
N ALA A 918 74.93 -24.27 3.11
CA ALA A 918 75.93 -25.20 2.59
C ALA A 918 75.29 -26.49 2.10
N ASP A 919 74.42 -27.10 2.91
CA ASP A 919 73.85 -28.39 2.61
C ASP A 919 72.47 -28.30 1.97
N ILE A 920 72.23 -27.27 1.16
CA ILE A 920 70.99 -27.11 0.43
C ILE A 920 71.16 -27.44 -1.05
N LEU A 921 72.20 -26.90 -1.68
CA LEU A 921 72.39 -27.13 -3.11
C LEU A 921 72.59 -28.61 -3.40
N GLY A 922 71.96 -29.07 -4.48
CA GLY A 922 72.08 -30.44 -4.91
C GLY A 922 71.06 -31.39 -4.32
N ASP A 923 70.23 -30.94 -3.37
CA ASP A 923 69.22 -31.81 -2.79
C ASP A 923 68.06 -31.94 -3.77
N VAL A 924 67.55 -33.16 -3.91
CA VAL A 924 66.50 -33.40 -4.90
C VAL A 924 65.11 -33.49 -4.27
N GLU A 925 64.99 -34.05 -3.06
CA GLU A 925 63.69 -34.11 -2.40
C GLU A 925 63.19 -32.72 -2.05
N LEU A 926 64.08 -31.87 -1.52
CA LEU A 926 63.69 -30.50 -1.22
C LEU A 926 63.32 -29.75 -2.49
N GLN A 927 64.01 -30.04 -3.60
CA GLN A 927 63.61 -29.47 -4.87
C GLN A 927 62.23 -29.95 -5.30
N LYS A 928 61.90 -31.21 -5.02
CA LYS A 928 60.55 -31.69 -5.31
C LYS A 928 59.50 -30.91 -4.52
N GLU A 929 59.78 -30.66 -3.24
CA GLU A 929 58.86 -29.87 -2.43
C GLU A 929 58.70 -28.46 -2.98
N LEU A 930 59.82 -27.83 -3.36
CA LEU A 930 59.75 -26.48 -3.90
C LEU A 930 58.97 -26.46 -5.21
N ASN A 931 59.16 -27.49 -6.05
CA ASN A 931 58.43 -27.56 -7.30
C ASN A 931 56.93 -27.71 -7.06
N SER A 932 56.56 -28.50 -6.06
CA SER A 932 55.13 -28.61 -5.73
C SER A 932 54.57 -27.28 -5.29
N GLU A 933 55.31 -26.54 -4.47
CA GLU A 933 54.87 -25.21 -4.05
C GLU A 933 54.69 -24.29 -5.24
N TYR A 934 55.64 -24.29 -6.17
CA TYR A 934 55.55 -23.40 -7.30
C TYR A 934 54.41 -23.78 -8.23
N GLU A 935 54.15 -25.08 -8.38
CA GLU A 935 53.02 -25.50 -9.20
C GLU A 935 51.71 -25.07 -8.56
N GLN A 936 51.61 -25.16 -7.23
CA GLN A 936 50.43 -24.66 -6.55
C GLN A 936 50.25 -23.17 -6.79
N LEU A 937 51.34 -22.40 -6.73
CA LEU A 937 51.27 -20.96 -6.98
C LEU A 937 50.82 -20.67 -8.41
N VAL A 938 51.33 -21.42 -9.38
CA VAL A 938 50.95 -21.20 -10.77
C VAL A 938 49.48 -21.53 -10.98
N SER A 939 49.01 -22.61 -10.34
CA SER A 939 47.59 -22.95 -10.43
C SER A 939 46.72 -21.85 -9.83
N ASP A 940 47.15 -21.29 -8.69
CA ASP A 940 46.42 -20.18 -8.10
C ASP A 940 46.39 -18.98 -9.03
N ARG A 941 47.51 -18.67 -9.66
CA ARG A 941 47.56 -17.55 -10.59
C ARG A 941 46.60 -17.76 -11.75
N LYS A 942 46.59 -18.96 -12.31
CA LYS A 942 45.69 -19.26 -13.43
C LYS A 942 44.24 -19.16 -13.00
N PHE A 943 43.91 -19.73 -11.83
CA PHE A 943 42.54 -19.70 -11.35
C PHE A 943 42.05 -18.27 -11.10
N LEU A 944 42.89 -17.44 -10.49
CA LEU A 944 42.48 -16.06 -10.22
C LEU A 944 42.41 -15.24 -11.49
N ARG A 945 43.30 -15.50 -12.45
CA ARG A 945 43.42 -14.63 -13.60
C ARG A 945 42.44 -14.99 -14.71
N GLU A 946 41.99 -16.25 -14.77
CA GLU A 946 41.14 -16.68 -15.87
C GLU A 946 39.68 -16.91 -15.48
N ILE A 947 39.38 -17.04 -14.18
CA ILE A 947 38.04 -17.38 -13.73
C ILE A 947 37.46 -16.26 -12.86
N VAL A 948 38.13 -15.94 -11.74
CA VAL A 948 37.53 -15.06 -10.75
C VAL A 948 37.61 -13.61 -11.19
N PHE A 949 38.82 -13.10 -11.37
CA PHE A 949 39.06 -11.70 -11.74
C PHE A 949 39.64 -11.65 -13.14
N VAL A 950 38.77 -11.58 -14.16
CA VAL A 950 39.24 -11.57 -15.54
C VAL A 950 39.90 -10.25 -15.88
N ASN A 951 39.43 -9.15 -15.30
CA ASN A 951 39.99 -7.84 -15.64
C ASN A 951 41.26 -7.52 -14.88
N GLY A 952 41.73 -8.41 -14.02
CA GLY A 952 43.02 -8.24 -13.39
C GLY A 952 43.04 -7.38 -12.14
N ASP A 953 41.89 -7.00 -11.61
CA ASP A 953 41.86 -6.23 -10.38
C ASP A 953 42.29 -7.09 -9.21
N HIS A 954 43.25 -6.61 -8.43
CA HIS A 954 43.86 -7.41 -7.38
C HIS A 954 43.70 -6.81 -5.99
N ASN A 955 42.93 -5.75 -5.84
CA ASN A 955 42.69 -5.11 -4.54
C ASN A 955 41.26 -5.41 -4.12
N TRP A 956 41.09 -6.33 -3.18
CA TRP A 956 39.78 -6.81 -2.79
C TRP A 956 39.69 -6.93 -1.27
N PRO A 957 38.50 -6.76 -0.69
CA PRO A 957 38.34 -6.90 0.75
C PRO A 957 38.42 -8.36 1.17
N LEU A 958 39.36 -8.66 2.06
CA LEU A 958 39.62 -10.01 2.53
C LEU A 958 39.87 -9.95 4.04
N PRO A 959 39.61 -11.04 4.75
CA PRO A 959 39.79 -11.03 6.21
C PRO A 959 41.26 -10.96 6.57
N VAL A 960 41.50 -10.87 7.89
CA VAL A 960 42.79 -10.80 8.56
C VAL A 960 43.93 -10.20 7.73
N ASN A 961 44.36 -9.00 8.11
CA ASN A 961 45.36 -8.27 7.37
C ASN A 961 46.73 -8.93 7.55
N LEU A 962 47.30 -9.44 6.45
CA LEU A 962 48.55 -10.16 6.53
C LEU A 962 49.75 -9.23 6.69
N ARG A 963 49.73 -8.09 6.00
CA ARG A 963 50.84 -7.14 6.11
C ARG A 963 51.02 -6.66 7.54
N ARG A 964 49.92 -6.34 8.20
CA ARG A 964 49.98 -5.91 9.59
C ARG A 964 50.55 -7.00 10.47
N ILE A 965 50.15 -8.25 10.26
CA ILE A 965 50.68 -9.36 11.05
C ILE A 965 52.17 -9.50 10.85
N ILE A 966 52.64 -9.41 9.61
CA ILE A 966 54.06 -9.61 9.34
C ILE A 966 54.88 -8.48 9.97
N GLN A 967 54.43 -7.23 9.83
CA GLN A 967 55.23 -6.17 10.43
C GLN A 967 55.15 -6.19 11.95
N ASN A 968 54.03 -6.65 12.52
CA ASN A 968 53.99 -6.85 13.96
C ASN A 968 54.99 -7.90 14.40
N ALA A 969 55.11 -8.99 13.64
CA ALA A 969 56.10 -10.01 13.97
C ALA A 969 57.51 -9.46 13.88
N GLN A 970 57.78 -8.67 12.84
CA GLN A 970 59.11 -8.09 12.68
C GLN A 970 59.45 -7.16 13.84
N GLN A 971 58.48 -6.36 14.29
CA GLN A 971 58.73 -5.48 15.42
C GLN A 971 58.88 -6.26 16.72
N ILE A 972 58.10 -7.32 16.90
CA ILE A 972 58.11 -8.07 18.14
C ILE A 972 59.43 -8.83 18.31
N PHE A 973 59.88 -9.50 17.26
CA PHE A 973 61.04 -10.38 17.40
C PHE A 973 62.34 -9.73 16.95
N HIS A 974 62.34 -8.44 16.63
CA HIS A 974 63.53 -7.72 16.21
C HIS A 974 64.18 -8.42 15.02
N LEU A 975 63.44 -8.51 13.93
CA LEU A 975 63.87 -9.22 12.73
C LEU A 975 64.75 -8.37 11.83
N ASP A 976 65.35 -7.31 12.37
CA ASP A 976 66.33 -6.54 11.63
C ASP A 976 67.66 -7.27 11.70
N ARG A 977 68.75 -6.58 11.32
CA ARG A 977 70.11 -7.11 11.36
C ARG A 977 70.31 -8.16 10.26
N ALA A 978 71.55 -8.32 9.81
CA ALA A 978 71.88 -9.26 8.75
C ALA A 978 72.00 -10.69 9.24
N LYS A 979 71.47 -10.99 10.42
CA LYS A 979 71.55 -12.34 10.97
C LYS A 979 70.86 -13.34 10.06
N ALA A 980 71.42 -14.53 9.97
CA ALA A 980 70.87 -15.58 9.11
C ALA A 980 69.76 -16.31 9.84
N SER A 981 68.71 -16.65 9.10
CA SER A 981 67.57 -17.35 9.66
C SER A 981 67.90 -18.82 9.90
N ASP A 982 67.20 -19.40 10.87
CA ASP A 982 67.31 -20.82 11.18
C ASP A 982 66.06 -21.59 10.77
N LEU A 983 65.29 -21.05 9.84
CA LEU A 983 64.01 -21.62 9.43
C LEU A 983 64.23 -22.48 8.19
N THR A 984 64.15 -23.79 8.35
CA THR A 984 64.36 -24.69 7.21
C THR A 984 63.19 -24.61 6.24
N ILE A 985 63.49 -24.88 4.97
CA ILE A 985 62.46 -24.83 3.93
C ILE A 985 61.32 -25.82 4.18
N PRO A 986 61.57 -27.09 4.53
CA PRO A 986 60.45 -27.99 4.80
C PRO A 986 59.53 -27.50 5.90
N GLU A 987 60.06 -26.83 6.93
CA GLU A 987 59.19 -26.26 7.95
C GLU A 987 58.26 -25.21 7.34
N ILE A 988 58.79 -24.35 6.49
CA ILE A 988 57.96 -23.34 5.84
C ILE A 988 56.85 -24.01 5.03
N ILE A 989 57.23 -24.96 4.19
CA ILE A 989 56.27 -25.59 3.30
C ILE A 989 55.18 -26.28 4.10
N HIS A 990 55.57 -27.11 5.05
CA HIS A 990 54.59 -27.88 5.81
C HIS A 990 53.75 -26.99 6.70
N GLY A 991 54.33 -25.94 7.27
CA GLY A 991 53.55 -25.04 8.10
C GLY A 991 52.48 -24.32 7.32
N VAL A 992 52.83 -23.77 6.15
CA VAL A 992 51.82 -23.09 5.35
C VAL A 992 50.76 -24.07 4.86
N ARG A 993 51.20 -25.26 4.45
CA ARG A 993 50.25 -26.26 3.95
C ARG A 993 49.28 -26.68 5.04
N ASP A 994 49.76 -26.87 6.26
CA ASP A 994 48.88 -27.24 7.36
C ASP A 994 47.96 -26.08 7.75
N LEU A 995 48.48 -24.85 7.71
CA LEU A 995 47.64 -23.70 8.03
C LEU A 995 46.48 -23.59 7.05
N CYS A 996 46.74 -23.84 5.77
CA CYS A 996 45.67 -23.76 4.79
C CYS A 996 44.61 -24.85 4.97
N LYS A 997 44.68 -25.66 6.02
CA LYS A 997 43.68 -26.68 6.30
C LYS A 997 43.04 -26.51 7.68
N LYS A 998 43.39 -25.46 8.41
CA LYS A 998 42.82 -25.20 9.73
C LYS A 998 41.93 -23.97 9.75
N LEU A 999 41.57 -23.43 8.59
CA LEU A 999 40.67 -22.28 8.52
C LEU A 999 39.24 -22.81 8.43
N PHE A 1000 38.69 -23.12 9.59
CA PHE A 1000 37.39 -23.76 9.67
C PHE A 1000 36.28 -22.72 9.55
N VAL A 1001 35.46 -22.85 8.51
CA VAL A 1001 34.24 -22.06 8.38
C VAL A 1001 33.07 -22.97 8.70
N LEU A 1002 33.20 -24.25 8.36
CA LEU A 1002 32.19 -25.26 8.60
C LEU A 1002 32.84 -26.45 9.29
N ARG A 1003 32.23 -26.91 10.38
CA ARG A 1003 32.71 -28.10 11.07
C ARG A 1003 32.00 -29.34 10.55
N GLY A 1004 32.69 -30.47 10.64
CA GLY A 1004 32.11 -31.74 10.24
C GLY A 1004 33.00 -32.55 9.32
N GLU A 1005 32.82 -33.87 9.33
CA GLU A 1005 33.61 -34.78 8.50
C GLU A 1005 32.89 -35.18 7.23
N ASN A 1006 31.68 -34.66 6.99
CA ASN A 1006 30.93 -35.02 5.80
C ASN A 1006 31.68 -34.56 4.55
N GLU A 1007 31.60 -35.37 3.49
CA GLU A 1007 32.33 -35.05 2.27
C GLU A 1007 31.82 -33.76 1.64
N LEU A 1008 30.50 -33.58 1.61
CA LEU A 1008 29.93 -32.35 1.07
C LEU A 1008 30.31 -31.16 1.94
N ILE A 1009 30.39 -31.37 3.26
CA ILE A 1009 30.84 -30.32 4.16
C ILE A 1009 32.29 -29.95 3.85
N LYS A 1010 33.14 -30.96 3.62
CA LYS A 1010 34.53 -30.67 3.30
C LYS A 1010 34.66 -29.91 2.00
N GLU A 1011 33.85 -30.28 1.00
CA GLU A 1011 33.89 -29.56 -0.27
C GLU A 1011 33.45 -28.11 -0.11
N ALA A 1012 32.40 -27.87 0.67
CA ALA A 1012 31.97 -26.50 0.92
C ALA A 1012 33.03 -25.71 1.69
N GLN A 1013 33.66 -26.35 2.67
CA GLN A 1013 34.71 -25.69 3.43
C GLN A 1013 35.89 -25.32 2.55
N GLN A 1014 36.28 -26.21 1.65
CA GLN A 1014 37.36 -25.91 0.72
C GLN A 1014 36.97 -24.77 -0.21
N ASN A 1015 35.72 -24.76 -0.68
CA ASN A 1015 35.28 -23.69 -1.56
C ASN A 1015 35.28 -22.34 -0.86
N ALA A 1016 34.88 -22.31 0.42
CA ALA A 1016 34.66 -21.04 1.10
C ALA A 1016 35.94 -20.25 1.32
N THR A 1017 37.11 -20.89 1.28
CA THR A 1017 38.36 -20.21 1.60
C THR A 1017 39.34 -20.18 0.43
N SER A 1018 38.85 -20.33 -0.80
CA SER A 1018 39.76 -20.39 -1.95
C SER A 1018 40.53 -19.10 -2.11
N LEU A 1019 39.84 -17.96 -2.14
CA LEU A 1019 40.51 -16.68 -2.34
C LEU A 1019 41.47 -16.37 -1.20
N PHE A 1020 41.04 -16.65 0.03
CA PHE A 1020 41.91 -16.37 1.17
C PHE A 1020 43.14 -17.27 1.18
N GLN A 1021 42.99 -18.53 0.81
CA GLN A 1021 44.16 -19.40 0.71
C GLN A 1021 45.11 -18.92 -0.38
N CYS A 1022 44.55 -18.42 -1.48
CA CYS A 1022 45.40 -17.85 -2.53
C CYS A 1022 46.19 -16.67 -1.99
N LEU A 1023 45.53 -15.80 -1.22
CA LEU A 1023 46.23 -14.67 -0.60
C LEU A 1023 47.34 -15.14 0.32
N VAL A 1024 47.04 -16.11 1.19
CA VAL A 1024 48.02 -16.56 2.16
C VAL A 1024 49.22 -17.18 1.46
N ARG A 1025 48.98 -18.03 0.46
CA ARG A 1025 50.08 -18.63 -0.27
C ARG A 1025 50.87 -17.61 -1.06
N ALA A 1026 50.21 -16.56 -1.56
CA ALA A 1026 50.93 -15.50 -2.25
C ALA A 1026 51.87 -14.76 -1.30
N ARG A 1027 51.42 -14.51 -0.07
CA ARG A 1027 52.26 -13.77 0.86
C ARG A 1027 53.34 -14.65 1.49
N LEU A 1028 52.95 -15.81 2.00
CA LEU A 1028 53.90 -16.67 2.73
C LEU A 1028 54.58 -17.68 1.82
N ALA A 1029 55.16 -17.20 0.72
CA ALA A 1029 55.97 -18.05 -0.12
C ALA A 1029 57.35 -18.25 0.51
N THR A 1030 58.06 -19.28 0.06
CA THR A 1030 59.34 -19.60 0.65
C THR A 1030 60.36 -18.49 0.41
N ARG A 1031 60.48 -18.04 -0.84
CA ARG A 1031 61.46 -17.01 -1.16
C ARG A 1031 61.13 -15.70 -0.43
N ARG A 1032 59.85 -15.33 -0.40
CA ARG A 1032 59.47 -14.09 0.26
C ARG A 1032 59.73 -14.15 1.76
N ILE A 1033 59.43 -15.29 2.38
CA ILE A 1033 59.67 -15.42 3.82
C ILE A 1033 61.16 -15.35 4.12
N LEU A 1034 61.99 -16.07 3.35
CA LEU A 1034 63.40 -16.13 3.69
C LEU A 1034 64.13 -14.84 3.33
N GLU A 1035 63.73 -14.16 2.26
CA GLU A 1035 64.45 -13.00 1.77
C GLU A 1035 63.76 -11.67 2.09
N GLU A 1036 62.49 -11.53 1.72
CA GLU A 1036 61.83 -10.23 1.87
C GLU A 1036 61.50 -9.92 3.32
N PHE A 1037 60.99 -10.91 4.06
CA PHE A 1037 60.59 -10.69 5.45
C PHE A 1037 61.65 -11.13 6.45
N ARG A 1038 62.46 -12.12 6.10
CA ARG A 1038 63.56 -12.59 6.94
C ARG A 1038 63.07 -13.06 8.30
N LEU A 1039 61.94 -13.76 8.32
CA LEU A 1039 61.44 -14.32 9.55
C LEU A 1039 62.34 -15.46 10.01
N ASN A 1040 62.46 -15.61 11.33
CA ASN A 1040 63.06 -16.77 11.92
C ASN A 1040 61.97 -17.77 12.30
N ARG A 1041 62.36 -18.80 13.06
CA ARG A 1041 61.39 -19.83 13.40
C ARG A 1041 60.28 -19.24 14.27
N ASP A 1042 60.64 -18.70 15.42
CA ASP A 1042 59.63 -18.28 16.40
C ASP A 1042 58.66 -17.29 15.80
N ALA A 1043 59.16 -16.36 14.99
CA ALA A 1043 58.29 -15.47 14.24
C ALA A 1043 57.36 -16.25 13.33
N PHE A 1044 57.84 -17.35 12.76
CA PHE A 1044 57.01 -18.11 11.83
C PHE A 1044 55.85 -18.80 12.54
N GLU A 1045 56.11 -19.51 13.65
CA GLU A 1045 54.98 -20.09 14.38
C GLU A 1045 54.06 -19.00 14.94
N TRP A 1046 54.62 -17.87 15.35
CA TRP A 1046 53.77 -16.78 15.83
C TRP A 1046 52.84 -16.29 14.72
N VAL A 1047 53.38 -16.14 13.50
CA VAL A 1047 52.56 -15.68 12.38
C VAL A 1047 51.47 -16.69 12.06
N LEU A 1048 51.82 -17.97 12.05
CA LEU A 1048 50.82 -19.00 11.74
C LEU A 1048 49.69 -19.02 12.77
N GLY A 1049 50.05 -19.00 14.05
CA GLY A 1049 49.05 -18.99 15.09
C GLY A 1049 48.16 -17.76 15.03
N THR A 1050 48.77 -16.60 14.79
CA THR A 1050 48.00 -15.37 14.72
C THR A 1050 47.04 -15.40 13.54
N ILE A 1051 47.48 -15.89 12.39
CA ILE A 1051 46.59 -15.96 11.23
C ILE A 1051 45.39 -16.85 11.54
N GLU A 1052 45.66 -18.03 12.13
CA GLU A 1052 44.56 -18.94 12.44
C GLU A 1052 43.58 -18.32 13.42
N ALA A 1053 44.09 -17.71 14.49
CA ALA A 1053 43.22 -17.13 15.51
C ALA A 1053 42.39 -15.97 14.96
N GLN A 1054 43.03 -15.07 14.20
CA GLN A 1054 42.29 -13.94 13.65
C GLN A 1054 41.23 -14.41 12.66
N PHE A 1055 41.54 -15.42 11.85
CA PHE A 1055 40.52 -15.93 10.95
C PHE A 1055 39.34 -16.49 11.71
N GLN A 1056 39.61 -17.25 12.79
CA GLN A 1056 38.50 -17.74 13.59
C GLN A 1056 37.69 -16.60 14.19
N ARG A 1057 38.36 -15.49 14.53
CA ARG A 1057 37.64 -14.37 15.11
C ARG A 1057 36.85 -13.57 14.08
N SER A 1058 37.15 -13.73 12.79
CA SER A 1058 36.50 -12.91 11.77
C SER A 1058 35.24 -13.55 11.18
N LEU A 1059 34.81 -14.70 11.68
CA LEU A 1059 33.62 -15.35 11.15
C LEU A 1059 32.35 -14.63 11.61
N VAL A 1060 31.25 -14.97 10.97
CA VAL A 1060 29.96 -14.37 11.32
C VAL A 1060 29.35 -15.14 12.48
N HIS A 1061 28.61 -14.44 13.31
CA HIS A 1061 28.07 -15.05 14.51
C HIS A 1061 26.65 -15.55 14.25
N PRO A 1062 26.35 -16.81 14.55
CA PRO A 1062 24.97 -17.28 14.42
C PRO A 1062 24.04 -16.45 15.28
N GLY A 1063 22.90 -16.08 14.71
CA GLY A 1063 22.00 -15.15 15.32
C GLY A 1063 22.05 -13.75 14.76
N GLU A 1064 23.00 -13.44 13.87
CA GLU A 1064 22.95 -12.19 13.12
C GLU A 1064 21.64 -12.07 12.37
N MET A 1065 21.03 -10.88 12.47
CA MET A 1065 19.87 -10.54 11.67
C MET A 1065 20.36 -9.79 10.43
N VAL A 1066 21.00 -10.55 9.55
CA VAL A 1066 21.69 -9.97 8.41
C VAL A 1066 20.73 -9.34 7.41
N GLY A 1067 19.46 -9.75 7.41
CA GLY A 1067 18.52 -9.14 6.50
C GLY A 1067 18.27 -7.67 6.81
N VAL A 1068 18.07 -7.35 8.08
CA VAL A 1068 17.86 -5.96 8.47
C VAL A 1068 19.11 -5.15 8.24
N ILE A 1069 20.28 -5.72 8.53
CA ILE A 1069 21.54 -5.01 8.32
C ILE A 1069 21.73 -4.70 6.83
N ALA A 1070 21.42 -5.68 5.97
CA ALA A 1070 21.52 -5.44 4.53
C ALA A 1070 20.53 -4.39 4.06
N ALA A 1071 19.30 -4.45 4.55
CA ALA A 1071 18.30 -3.46 4.15
C ALA A 1071 18.72 -2.07 4.56
N GLN A 1072 19.22 -1.91 5.78
CA GLN A 1072 19.68 -0.60 6.25
C GLN A 1072 20.90 -0.14 5.45
N SER A 1073 21.84 -1.05 5.18
CA SER A 1073 23.03 -0.68 4.44
C SER A 1073 22.75 -0.31 3.01
N ILE A 1074 21.67 -0.82 2.43
CA ILE A 1074 21.31 -0.42 1.08
C ILE A 1074 20.50 0.87 1.08
N GLY A 1075 19.59 1.02 2.05
CA GLY A 1075 18.75 2.20 2.08
C GLY A 1075 19.42 3.45 2.60
N GLU A 1076 20.48 3.31 3.40
CA GLU A 1076 21.17 4.48 3.93
C GLU A 1076 21.80 5.35 2.85
N PRO A 1077 22.55 4.82 1.88
CA PRO A 1077 23.06 5.70 0.82
C PRO A 1077 21.97 6.39 0.01
N ALA A 1078 20.82 5.73 -0.18
CA ALA A 1078 19.77 6.31 -1.01
C ALA A 1078 19.26 7.63 -0.43
N THR A 1079 19.36 7.79 0.88
CA THR A 1079 18.94 9.04 1.51
C THR A 1079 19.90 10.19 1.18
N GLN A 1080 21.13 9.87 0.78
CA GLN A 1080 22.13 10.87 0.46
C GLN A 1080 22.53 10.81 -1.00
N MET A 1081 21.55 10.64 -1.88
CA MET A 1081 21.80 10.60 -3.32
C MET A 1081 20.54 10.94 -4.10
N ASN A 1095 22.59 8.61 -22.63
CA ASN A 1095 21.70 9.05 -21.58
C ASN A 1095 20.95 7.87 -20.97
N VAL A 1096 21.13 7.67 -19.67
CA VAL A 1096 20.50 6.58 -18.94
C VAL A 1096 19.88 7.12 -17.66
N THR A 1097 18.92 6.37 -17.12
CA THR A 1097 18.30 6.72 -15.86
C THR A 1097 19.17 6.27 -14.70
N LEU A 1098 19.31 7.13 -13.70
CA LEU A 1098 20.14 6.81 -12.54
C LEU A 1098 19.56 7.49 -11.32
N GLY A 1099 19.96 7.01 -10.15
CA GLY A 1099 19.51 7.57 -8.90
C GLY A 1099 18.29 6.88 -8.34
N VAL A 1100 17.51 7.61 -7.54
CA VAL A 1100 16.32 7.03 -6.92
C VAL A 1100 15.31 6.51 -7.94
N PRO A 1101 15.01 7.21 -9.04
CA PRO A 1101 14.07 6.62 -10.01
C PRO A 1101 14.51 5.28 -10.57
N ARG A 1102 15.80 5.12 -10.84
CA ARG A 1102 16.28 3.83 -11.35
C ARG A 1102 16.22 2.75 -10.28
N LEU A 1103 16.52 3.10 -9.03
CA LEU A 1103 16.39 2.14 -7.95
C LEU A 1103 14.95 1.71 -7.77
N LYS A 1104 14.02 2.66 -7.87
CA LYS A 1104 12.60 2.33 -7.80
C LYS A 1104 12.19 1.43 -8.94
N GLU A 1105 12.73 1.66 -10.14
CA GLU A 1105 12.45 0.76 -11.26
C GLU A 1105 12.97 -0.64 -10.98
N ILE A 1106 14.17 -0.75 -10.40
CA ILE A 1106 14.76 -2.06 -10.14
C ILE A 1106 13.96 -2.82 -9.09
N LEU A 1107 13.64 -2.15 -7.97
CA LEU A 1107 12.97 -2.84 -6.87
C LEU A 1107 11.56 -3.27 -7.25
N ASN A 1108 10.83 -2.43 -7.98
CA ASN A 1108 9.48 -2.77 -8.40
C ASN A 1108 9.47 -3.83 -9.50
N VAL A 1109 10.61 -4.12 -10.10
CA VAL A 1109 10.70 -4.99 -11.28
C VAL A 1109 9.71 -4.48 -12.31
N ALA A 1110 9.92 -3.25 -12.77
CA ALA A 1110 9.05 -2.66 -13.78
C ALA A 1110 9.24 -3.37 -15.10
N LYS A 1111 8.13 -3.62 -15.80
CA LYS A 1111 8.21 -4.30 -17.09
C LYS A 1111 8.77 -3.39 -18.16
N ASN A 1112 8.40 -2.11 -18.13
CA ASN A 1112 8.80 -1.13 -19.15
C ASN A 1112 9.62 -0.03 -18.48
N ILE A 1113 10.94 -0.19 -18.48
CA ILE A 1113 11.83 0.78 -17.88
C ILE A 1113 11.90 2.02 -18.77
N LYS A 1114 12.48 3.10 -18.23
CA LYS A 1114 12.47 4.38 -18.93
C LYS A 1114 13.33 4.34 -20.19
N THR A 1115 14.55 3.84 -20.09
CA THR A 1115 15.52 3.86 -21.19
C THR A 1115 16.08 2.47 -21.39
N PRO A 1116 15.36 1.59 -22.09
CA PRO A 1116 15.90 0.26 -22.37
C PRO A 1116 17.12 0.36 -23.28
N ALA A 1117 18.08 -0.52 -23.06
CA ALA A 1117 19.32 -0.48 -23.83
C ALA A 1117 19.95 -1.86 -23.88
N LEU A 1118 20.80 -2.05 -24.89
CA LEU A 1118 21.61 -3.25 -25.04
C LEU A 1118 23.07 -2.85 -25.08
N THR A 1119 23.94 -3.80 -24.79
CA THR A 1119 25.38 -3.61 -24.89
C THR A 1119 25.90 -4.73 -25.77
N VAL A 1120 25.88 -4.51 -27.08
CA VAL A 1120 26.28 -5.52 -28.04
C VAL A 1120 27.79 -5.48 -28.20
N TYR A 1121 28.43 -6.61 -27.94
CA TYR A 1121 29.86 -6.75 -28.14
C TYR A 1121 30.11 -7.44 -29.47
N LEU A 1122 31.11 -6.97 -30.20
CA LEU A 1122 31.42 -7.51 -31.51
C LEU A 1122 32.57 -8.51 -31.42
N ASP A 1123 32.76 -9.26 -32.50
CA ASP A 1123 33.83 -10.24 -32.55
C ASP A 1123 35.18 -9.54 -32.57
N ARG A 1124 36.23 -10.32 -32.31
CA ARG A 1124 37.56 -9.74 -32.11
C ARG A 1124 38.02 -8.97 -33.34
N GLU A 1125 37.87 -9.55 -34.53
CA GLU A 1125 38.29 -8.87 -35.74
C GLU A 1125 37.44 -7.62 -36.00
N ILE A 1126 36.12 -7.72 -35.80
CA ILE A 1126 35.25 -6.58 -36.05
C ILE A 1126 35.45 -5.50 -34.98
N ALA A 1127 35.76 -5.91 -33.75
CA ALA A 1127 35.87 -4.93 -32.66
C ALA A 1127 36.97 -3.91 -32.92
N LEU A 1128 38.04 -4.32 -33.60
CA LEU A 1128 39.17 -3.44 -33.85
C LEU A 1128 39.13 -2.76 -35.21
N ASP A 1129 38.07 -2.97 -35.99
CA ASP A 1129 37.92 -2.34 -37.29
C ASP A 1129 36.65 -1.52 -37.31
N ILE A 1130 36.77 -0.23 -37.65
CA ILE A 1130 35.62 0.66 -37.60
C ILE A 1130 34.66 0.38 -38.76
N GLU A 1131 35.18 -0.01 -39.92
CA GLU A 1131 34.32 -0.20 -41.08
C GLU A 1131 33.36 -1.37 -40.89
N LYS A 1132 33.88 -2.52 -40.46
CA LYS A 1132 33.02 -3.66 -40.21
C LYS A 1132 32.03 -3.37 -39.09
N ALA A 1133 32.47 -2.63 -38.08
CA ALA A 1133 31.57 -2.25 -37.00
C ALA A 1133 30.43 -1.39 -37.52
N LYS A 1134 30.72 -0.45 -38.42
CA LYS A 1134 29.66 0.36 -38.99
C LYS A 1134 28.72 -0.49 -39.83
N VAL A 1135 29.27 -1.48 -40.54
CA VAL A 1135 28.42 -2.39 -41.32
C VAL A 1135 27.46 -3.13 -40.40
N ILE A 1136 27.96 -3.64 -39.28
CA ILE A 1136 27.12 -4.35 -38.32
C ILE A 1136 26.06 -3.41 -37.76
N GLN A 1137 26.46 -2.19 -37.41
CA GLN A 1137 25.52 -1.22 -36.86
C GLN A 1137 24.39 -0.93 -37.84
N SER A 1138 24.73 -0.77 -39.12
CA SER A 1138 23.70 -0.58 -40.13
C SER A 1138 22.80 -1.80 -40.25
N SER A 1139 23.39 -3.00 -40.12
CA SER A 1139 22.61 -4.22 -40.26
C SER A 1139 21.65 -4.43 -39.10
N ILE A 1140 21.97 -3.90 -37.93
CA ILE A 1140 21.14 -4.14 -36.75
C ILE A 1140 19.98 -3.15 -36.65
N GLU A 1141 20.23 -1.88 -36.91
CA GLU A 1141 19.25 -0.83 -36.64
C GLU A 1141 17.98 -1.03 -37.46
N TYR A 1142 16.84 -0.80 -36.81
CA TYR A 1142 15.55 -0.96 -37.47
C TYR A 1142 15.28 0.22 -38.38
N THR A 1143 14.93 -0.08 -39.63
CA THR A 1143 14.62 0.94 -40.63
C THR A 1143 13.37 0.54 -41.37
N THR A 1144 12.41 1.45 -41.45
CA THR A 1144 11.16 1.21 -42.15
C THR A 1144 11.03 2.15 -43.34
N LEU A 1145 10.03 1.88 -44.17
CA LEU A 1145 9.80 2.72 -45.33
C LEU A 1145 9.49 4.16 -44.94
N LYS A 1146 8.79 4.34 -43.82
CA LYS A 1146 8.47 5.68 -43.34
C LYS A 1146 9.73 6.48 -43.02
N ASN A 1147 10.81 5.81 -42.63
CA ASN A 1147 12.04 6.50 -42.28
C ASN A 1147 12.63 7.23 -43.49
N VAL A 1148 12.60 6.59 -44.66
CA VAL A 1148 13.20 7.18 -45.85
C VAL A 1148 12.20 7.93 -46.73
N THR A 1149 10.91 7.65 -46.59
CA THR A 1149 9.91 8.31 -47.42
C THR A 1149 9.82 9.79 -47.05
N SER A 1150 9.90 10.65 -48.07
CA SER A 1150 9.81 12.09 -47.89
C SER A 1150 8.40 12.63 -48.08
N ALA A 1151 7.67 12.12 -49.07
CA ALA A 1151 6.29 12.52 -49.30
C ALA A 1151 5.60 11.45 -50.13
N THR A 1152 4.27 11.42 -50.02
CA THR A 1152 3.46 10.46 -50.77
C THR A 1152 2.31 11.20 -51.44
N GLU A 1153 1.90 10.69 -52.60
CA GLU A 1153 0.87 11.35 -53.40
C GLU A 1153 0.03 10.30 -54.10
N ILE A 1154 -1.20 10.68 -54.43
CA ILE A 1154 -2.12 9.84 -55.18
C ILE A 1154 -2.58 10.61 -56.41
N TYR A 1155 -2.49 10.00 -57.58
CA TYR A 1155 -2.85 10.64 -58.83
C TYR A 1155 -3.86 9.78 -59.57
N TYR A 1156 -4.63 10.44 -60.44
CA TYR A 1156 -5.54 9.76 -61.34
C TYR A 1156 -4.89 9.65 -62.71
N ASP A 1157 -4.74 8.42 -63.19
CA ASP A 1157 -4.06 8.16 -64.47
C ASP A 1157 -4.69 6.92 -65.09
N PRO A 1158 -5.52 7.08 -66.12
CA PRO A 1158 -6.25 5.94 -66.67
C PRO A 1158 -5.46 5.06 -67.63
N ASP A 1159 -4.27 5.48 -68.05
CA ASP A 1159 -3.49 4.72 -69.02
C ASP A 1159 -2.38 3.98 -68.30
N PRO A 1160 -2.47 2.67 -68.14
CA PRO A 1160 -1.37 1.93 -67.48
C PRO A 1160 -0.06 1.99 -68.24
N THR A 1161 -0.11 2.14 -69.57
CA THR A 1161 1.10 2.15 -70.39
C THR A 1161 1.66 3.55 -70.61
N SER A 1162 1.05 4.57 -70.01
CA SER A 1162 1.54 5.94 -70.14
C SER A 1162 1.22 6.66 -68.83
N THR A 1163 1.29 7.99 -68.85
CA THR A 1163 1.02 8.75 -67.64
C THR A 1163 0.61 10.17 -68.01
N VAL A 1164 0.05 10.86 -67.01
CA VAL A 1164 -0.31 12.26 -67.18
C VAL A 1164 0.82 13.20 -66.77
N ILE A 1165 1.56 12.86 -65.71
CA ILE A 1165 2.62 13.72 -65.21
C ILE A 1165 3.75 13.75 -66.22
N GLU A 1166 4.14 14.96 -66.65
CA GLU A 1166 5.23 15.10 -67.59
C GLU A 1166 6.57 14.77 -66.96
N GLU A 1167 6.74 15.09 -65.67
CA GLU A 1167 8.02 14.85 -65.01
C GLU A 1167 8.37 13.37 -64.96
N ASP A 1168 7.39 12.53 -64.63
CA ASP A 1168 7.60 11.10 -64.56
C ASP A 1168 7.37 10.39 -65.89
N PHE A 1169 6.97 11.13 -66.92
CA PHE A 1169 6.66 10.52 -68.22
C PHE A 1169 7.89 9.85 -68.82
N ASP A 1170 9.05 10.52 -68.75
CA ASP A 1170 10.26 9.98 -69.37
C ASP A 1170 10.65 8.65 -68.73
N THR A 1171 10.64 8.59 -67.40
CA THR A 1171 11.06 7.38 -66.71
C THR A 1171 10.11 6.22 -66.98
N VAL A 1172 8.81 6.47 -66.94
CA VAL A 1172 7.85 5.39 -67.15
C VAL A 1172 7.92 4.91 -68.60
N GLU A 1173 8.08 5.82 -69.55
CA GLU A 1173 8.16 5.41 -70.96
C GLU A 1173 9.46 4.64 -71.22
N ALA A 1174 10.56 5.04 -70.58
CA ALA A 1174 11.80 4.30 -70.71
C ALA A 1174 11.67 2.90 -70.11
N TYR A 1175 10.97 2.79 -68.97
CA TYR A 1175 10.74 1.48 -68.37
C TYR A 1175 9.90 0.61 -69.28
N PHE A 1176 8.86 1.18 -69.90
CA PHE A 1176 7.98 0.39 -70.77
C PHE A 1176 8.65 -0.01 -72.07
N SER A 1177 9.77 0.61 -72.42
CA SER A 1177 10.48 0.27 -73.65
C SER A 1177 11.74 -0.54 -73.35
N GLN A 1190 -6.63 -3.94 -63.53
CA GLN A 1190 -5.92 -2.90 -62.80
C GLN A 1190 -6.79 -1.64 -62.66
N SER A 1191 -6.49 -0.83 -61.66
CA SER A 1191 -7.24 0.40 -61.44
C SER A 1191 -6.46 1.62 -61.93
N PRO A 1192 -7.15 2.64 -62.43
CA PRO A 1192 -6.45 3.86 -62.86
C PRO A 1192 -5.82 4.64 -61.73
N TRP A 1193 -6.17 4.36 -60.47
CA TRP A 1193 -5.66 5.14 -59.35
C TRP A 1193 -4.17 4.92 -59.18
N LEU A 1194 -3.38 5.97 -59.40
CA LEU A 1194 -1.94 5.90 -59.24
C LEU A 1194 -1.55 6.32 -57.83
N LEU A 1195 -0.70 5.50 -57.21
CA LEU A 1195 -0.15 5.81 -55.89
C LEU A 1195 1.37 5.87 -56.02
N ARG A 1196 1.93 7.06 -55.83
CA ARG A 1196 3.35 7.28 -55.91
C ARG A 1196 3.84 7.97 -54.64
N LEU A 1197 5.15 7.87 -54.39
CA LEU A 1197 5.73 8.52 -53.23
C LEU A 1197 7.20 8.78 -53.51
N GLU A 1198 7.68 9.92 -53.01
CA GLU A 1198 9.05 10.36 -53.26
C GLU A 1198 9.91 10.06 -52.03
N LEU A 1199 11.02 9.36 -52.27
CA LEU A 1199 11.96 9.00 -51.22
C LEU A 1199 13.08 10.04 -51.13
N ASP A 1200 13.42 10.41 -49.90
CA ASP A 1200 14.53 11.33 -49.69
C ASP A 1200 15.83 10.68 -50.12
N ARG A 1201 16.48 11.26 -51.13
CA ARG A 1201 17.71 10.67 -51.65
C ARG A 1201 18.82 10.67 -50.61
N ALA A 1202 18.92 11.73 -49.81
CA ALA A 1202 20.00 11.84 -48.84
C ALA A 1202 19.94 10.73 -47.81
N ARG A 1203 18.78 10.55 -47.16
CA ARG A 1203 18.67 9.51 -46.16
C ARG A 1203 18.67 8.12 -46.77
N MET A 1204 18.12 7.98 -47.99
CA MET A 1204 18.18 6.70 -48.68
C MET A 1204 19.62 6.27 -48.92
N LEU A 1205 20.47 7.21 -49.33
CA LEU A 1205 21.89 6.93 -49.46
C LEU A 1205 22.53 6.67 -48.10
N ASP A 1206 22.14 7.45 -47.08
CA ASP A 1206 22.73 7.29 -45.76
C ASP A 1206 22.44 5.91 -45.18
N LYS A 1207 21.22 5.42 -45.35
CA LYS A 1207 20.86 4.08 -44.90
C LYS A 1207 21.42 2.99 -45.80
N GLN A 1208 22.18 3.36 -46.84
CA GLN A 1208 22.85 2.41 -47.72
C GLN A 1208 21.86 1.44 -48.34
N LEU A 1209 20.71 1.96 -48.77
CA LEU A 1209 19.64 1.16 -49.35
C LEU A 1209 19.61 1.30 -50.87
N THR A 1210 18.94 0.34 -51.50
CA THR A 1210 18.79 0.29 -52.94
C THR A 1210 17.31 0.34 -53.31
N MET A 1211 16.98 1.13 -54.34
CA MET A 1211 15.60 1.21 -54.80
C MET A 1211 15.05 -0.16 -55.13
N ASN A 1212 15.88 -1.02 -55.74
CA ASN A 1212 15.45 -2.38 -56.03
C ASN A 1212 15.11 -3.12 -54.74
N GLN A 1213 15.87 -2.89 -53.68
CA GLN A 1213 15.59 -3.57 -52.42
C GLN A 1213 14.24 -3.15 -51.85
N VAL A 1214 13.94 -1.85 -51.90
CA VAL A 1214 12.64 -1.37 -51.42
C VAL A 1214 11.51 -1.97 -52.25
N ALA A 1215 11.67 -1.97 -53.56
CA ALA A 1215 10.65 -2.55 -54.43
C ALA A 1215 10.45 -4.02 -54.15
N ASP A 1216 11.55 -4.75 -53.92
CA ASP A 1216 11.45 -6.17 -53.61
C ASP A 1216 10.74 -6.40 -52.29
N LYS A 1217 11.02 -5.58 -51.29
CA LYS A 1217 10.33 -5.70 -50.01
C LYS A 1217 8.83 -5.47 -50.17
N ILE A 1218 8.46 -4.44 -50.92
CA ILE A 1218 7.04 -4.16 -51.15
C ILE A 1218 6.38 -5.32 -51.89
N SER A 1219 7.06 -5.84 -52.91
CA SER A 1219 6.51 -6.96 -53.67
C SER A 1219 6.35 -8.19 -52.79
N GLU A 1220 7.33 -8.47 -51.92
CA GLU A 1220 7.24 -9.63 -51.04
C GLU A 1220 6.09 -9.49 -50.06
N VAL A 1221 5.88 -8.29 -49.51
CA VAL A 1221 4.81 -8.12 -48.54
C VAL A 1221 3.44 -8.03 -49.21
N PHE A 1222 3.38 -7.72 -50.50
CA PHE A 1222 2.10 -7.61 -51.19
C PHE A 1222 1.97 -8.54 -52.39
N SER A 1223 2.88 -9.53 -52.52
CA SER A 1223 2.80 -10.53 -53.59
C SER A 1223 2.70 -9.88 -54.97
N ASP A 1224 1.59 -10.12 -55.66
CA ASP A 1224 1.34 -9.52 -56.97
C ASP A 1224 0.08 -8.67 -56.96
N ASP A 1225 -0.36 -8.21 -55.79
CA ASP A 1225 -1.54 -7.39 -55.68
C ASP A 1225 -1.31 -5.94 -56.10
N LEU A 1226 -0.06 -5.54 -56.31
CA LEU A 1226 0.28 -4.18 -56.68
C LEU A 1226 1.41 -4.19 -57.70
N PHE A 1227 1.23 -3.45 -58.78
CA PHE A 1227 2.26 -3.30 -59.80
C PHE A 1227 3.13 -2.10 -59.43
N VAL A 1228 4.44 -2.31 -59.37
CA VAL A 1228 5.36 -1.34 -58.81
C VAL A 1228 6.43 -0.99 -59.83
N MET A 1229 6.67 0.31 -60.01
CA MET A 1229 7.77 0.81 -60.82
C MET A 1229 8.58 1.78 -60.00
N TRP A 1230 9.89 1.75 -60.16
CA TRP A 1230 10.77 2.60 -59.38
C TRP A 1230 11.75 3.32 -60.30
N SER A 1231 11.99 4.59 -60.01
CA SER A 1231 12.93 5.39 -60.79
C SER A 1231 14.36 4.91 -60.54
N GLU A 1232 15.22 5.20 -61.52
CA GLU A 1232 16.63 4.84 -61.39
C GLU A 1232 17.31 5.76 -60.38
N ASP A 1233 18.48 5.32 -59.92
CA ASP A 1233 19.25 6.11 -58.97
C ASP A 1233 19.79 7.40 -59.57
N ASN A 1234 19.89 7.48 -60.90
CA ASN A 1234 20.40 8.68 -61.55
C ASN A 1234 19.33 9.73 -61.79
N ALA A 1235 18.08 9.45 -61.45
CA ALA A 1235 17.02 10.44 -61.61
C ALA A 1235 17.24 11.60 -60.64
N ASP A 1236 16.70 12.77 -61.01
CA ASP A 1236 16.85 13.95 -60.17
C ASP A 1236 16.19 13.73 -58.81
N LYS A 1237 15.01 13.14 -58.79
CA LYS A 1237 14.30 12.82 -57.57
C LYS A 1237 14.01 11.33 -57.54
N LEU A 1238 14.31 10.68 -56.41
CA LEU A 1238 14.06 9.25 -56.26
C LEU A 1238 12.58 9.05 -55.99
N ILE A 1239 11.89 8.43 -56.95
CA ILE A 1239 10.45 8.21 -56.86
C ILE A 1239 10.16 6.74 -57.16
N ILE A 1240 9.05 6.26 -56.62
CA ILE A 1240 8.58 4.91 -56.86
C ILE A 1240 7.07 4.96 -57.04
N ARG A 1241 6.55 4.27 -58.06
CA ARG A 1241 5.15 4.33 -58.42
C ARG A 1241 4.49 2.98 -58.19
N CYS A 1242 3.21 3.01 -57.88
CA CYS A 1242 2.46 1.80 -57.59
C CYS A 1242 1.06 1.91 -58.18
N ARG A 1243 0.45 0.76 -58.45
CA ARG A 1243 -0.89 0.71 -59.00
C ARG A 1243 -1.62 -0.52 -58.48
N VAL A 1244 -2.92 -0.39 -58.27
CA VAL A 1244 -3.75 -1.50 -57.83
C VAL A 1244 -4.11 -2.35 -59.04
N ILE A 1245 -4.05 -3.67 -58.87
CA ILE A 1245 -4.38 -4.59 -59.95
C ILE A 1245 -5.74 -5.22 -59.69
N GLU A 1258 -15.65 2.89 -55.92
CA GLU A 1258 -15.00 3.78 -54.97
C GLU A 1258 -13.84 3.07 -54.27
N GLU A 1259 -12.61 3.43 -54.64
CA GLU A 1259 -11.43 2.83 -54.07
C GLU A 1259 -10.44 3.84 -53.50
N ASP A 1260 -10.79 5.14 -53.49
CA ASP A 1260 -9.88 6.15 -52.97
C ASP A 1260 -9.59 5.94 -51.50
N GLN A 1261 -10.64 5.66 -50.71
CA GLN A 1261 -10.43 5.39 -49.28
C GLN A 1261 -9.64 4.11 -49.07
N MET A 1262 -9.90 3.08 -49.87
CA MET A 1262 -9.12 1.86 -49.79
C MET A 1262 -7.66 2.12 -50.10
N LEU A 1263 -7.39 2.93 -51.13
CA LEU A 1263 -6.03 3.29 -51.47
C LEU A 1263 -5.35 4.06 -50.35
N LYS A 1264 -6.09 4.98 -49.71
CA LYS A 1264 -5.53 5.72 -48.58
C LYS A 1264 -5.19 4.80 -47.43
N ARG A 1265 -6.08 3.85 -47.13
CA ARG A 1265 -5.80 2.89 -46.05
C ARG A 1265 -4.58 2.04 -46.38
N ILE A 1266 -4.46 1.61 -47.64
CA ILE A 1266 -3.31 0.81 -48.04
C ILE A 1266 -2.03 1.63 -47.94
N GLU A 1267 -2.09 2.91 -48.31
CA GLU A 1267 -0.92 3.79 -48.18
C GLU A 1267 -0.52 3.95 -46.72
N ALA A 1268 -1.51 4.12 -45.83
CA ALA A 1268 -1.21 4.23 -44.41
C ALA A 1268 -0.56 2.95 -43.89
N HIS A 1269 -1.09 1.80 -44.30
CA HIS A 1269 -0.51 0.52 -43.90
C HIS A 1269 0.92 0.38 -44.41
N MET A 1270 1.17 0.81 -45.65
CA MET A 1270 2.50 0.80 -46.22
C MET A 1270 3.48 1.64 -45.39
N LEU A 1271 3.10 2.89 -45.12
CA LEU A 1271 3.94 3.73 -44.28
C LEU A 1271 4.08 3.16 -42.87
N ASP A 1272 3.14 2.32 -42.46
CA ASP A 1272 3.13 1.81 -41.09
C ASP A 1272 4.12 0.65 -40.91
N LEU A 1273 3.90 -0.46 -41.61
CA LEU A 1273 4.55 -1.70 -41.22
C LEU A 1273 5.46 -2.30 -42.30
N ILE A 1274 5.96 -1.48 -43.23
CA ILE A 1274 6.92 -1.99 -44.21
C ILE A 1274 8.31 -1.90 -43.58
N ALA A 1275 8.88 -3.04 -43.24
CA ALA A 1275 10.19 -3.11 -42.60
C ALA A 1275 11.25 -3.37 -43.66
N LEU A 1276 12.20 -2.46 -43.79
CA LEU A 1276 13.25 -2.61 -44.79
C LEU A 1276 14.34 -3.57 -44.31
N ARG A 1277 14.99 -3.23 -43.20
CA ARG A 1277 16.02 -4.08 -42.65
C ARG A 1277 16.26 -3.72 -41.19
N GLY A 1278 16.87 -4.64 -40.47
CA GLY A 1278 17.22 -4.42 -39.08
C GLY A 1278 16.33 -5.20 -38.13
N ILE A 1279 16.76 -5.27 -36.88
CA ILE A 1279 16.01 -5.99 -35.85
C ILE A 1279 14.86 -5.10 -35.38
N PRO A 1280 13.64 -5.60 -35.38
CA PRO A 1280 12.51 -4.80 -34.87
C PRO A 1280 12.71 -4.44 -33.41
N GLY A 1281 12.31 -3.23 -33.05
CA GLY A 1281 12.42 -2.75 -31.69
C GLY A 1281 13.70 -2.02 -31.36
N ILE A 1282 14.69 -2.04 -32.25
CA ILE A 1282 15.95 -1.35 -32.02
C ILE A 1282 15.88 -0.03 -32.77
N SER A 1283 15.50 1.04 -32.06
CA SER A 1283 15.27 2.32 -32.71
C SER A 1283 16.57 2.97 -33.15
N LYS A 1284 17.58 2.97 -32.28
CA LYS A 1284 18.83 3.66 -32.54
C LYS A 1284 19.99 2.78 -32.11
N VAL A 1285 21.14 2.97 -32.75
CA VAL A 1285 22.37 2.26 -32.41
C VAL A 1285 23.51 3.24 -32.42
N TYR A 1286 24.38 3.16 -31.42
CA TYR A 1286 25.54 4.03 -31.30
C TYR A 1286 26.82 3.20 -31.28
N MET A 1287 27.88 3.76 -31.85
CA MET A 1287 29.21 3.19 -31.73
C MET A 1287 29.88 3.72 -30.49
N VAL A 1288 30.44 2.82 -29.67
CA VAL A 1288 31.06 3.18 -28.40
C VAL A 1288 32.40 2.50 -28.32
N LYS A 1289 33.40 3.22 -27.80
CA LYS A 1289 34.72 2.67 -27.57
C LYS A 1289 34.84 2.22 -26.13
N HIS A 1290 35.30 0.99 -25.93
CA HIS A 1290 35.43 0.39 -24.61
C HIS A 1290 36.90 0.11 -24.30
N LYS A 1291 37.32 0.46 -23.10
CA LYS A 1291 38.68 0.18 -22.63
C LYS A 1291 38.64 -1.09 -21.81
N VAL A 1292 39.38 -2.10 -22.25
CA VAL A 1292 39.44 -3.39 -21.57
C VAL A 1292 40.89 -3.72 -21.27
N SER A 1293 41.15 -4.20 -20.06
CA SER A 1293 42.49 -4.61 -19.64
C SER A 1293 42.65 -6.09 -19.92
N VAL A 1294 43.57 -6.43 -20.81
CA VAL A 1294 43.79 -7.81 -21.23
C VAL A 1294 45.26 -8.17 -21.00
N PRO A 1295 45.56 -9.36 -20.49
CA PRO A 1295 46.97 -9.73 -20.33
C PRO A 1295 47.69 -9.75 -21.67
N ASP A 1296 48.94 -9.32 -21.65
CA ASP A 1296 49.75 -9.21 -22.86
C ASP A 1296 50.39 -10.57 -23.15
N GLU A 1297 51.27 -10.62 -24.15
CA GLU A 1297 51.98 -11.87 -24.41
C GLU A 1297 53.00 -12.19 -23.32
N SER A 1298 53.40 -11.20 -22.54
CA SER A 1298 54.31 -11.41 -21.42
C SER A 1298 53.59 -11.62 -20.09
N GLY A 1299 52.25 -11.64 -20.10
CA GLY A 1299 51.49 -11.76 -18.89
C GLY A 1299 51.12 -10.44 -18.25
N GLU A 1300 51.68 -9.34 -18.71
CA GLU A 1300 51.35 -8.03 -18.17
C GLU A 1300 49.98 -7.59 -18.63
N TYR A 1301 49.27 -6.88 -17.76
CA TYR A 1301 47.97 -6.33 -18.10
C TYR A 1301 48.12 -4.98 -18.76
N LYS A 1302 47.59 -4.85 -19.97
CA LYS A 1302 47.68 -3.61 -20.72
C LYS A 1302 46.30 -3.22 -21.24
N ASN A 1303 46.02 -1.92 -21.19
CA ASN A 1303 44.73 -1.42 -21.64
C ASN A 1303 44.61 -1.55 -23.15
N GLU A 1304 43.37 -1.61 -23.62
CA GLU A 1304 43.10 -1.81 -25.03
C GLU A 1304 41.73 -1.22 -25.36
N GLU A 1305 41.61 -0.64 -26.54
CA GLU A 1305 40.38 -0.01 -26.97
C GLU A 1305 39.70 -0.88 -28.03
N LEU A 1306 38.41 -1.09 -27.88
CA LEU A 1306 37.64 -1.90 -28.80
C LEU A 1306 36.31 -1.21 -29.09
N TRP A 1307 35.70 -1.58 -30.21
CA TRP A 1307 34.44 -1.00 -30.63
C TRP A 1307 33.29 -1.91 -30.23
N ALA A 1308 32.21 -1.29 -29.72
CA ALA A 1308 31.01 -2.00 -29.35
C ALA A 1308 29.81 -1.11 -29.65
N LEU A 1309 28.64 -1.72 -29.69
CA LEU A 1309 27.41 -1.01 -30.01
C LEU A 1309 26.52 -0.91 -28.78
N GLU A 1310 25.85 0.23 -28.64
CA GLU A 1310 24.84 0.43 -27.61
C GLU A 1310 23.58 0.92 -28.29
N THR A 1311 22.45 0.30 -27.97
CA THR A 1311 21.21 0.53 -28.68
C THR A 1311 20.19 1.23 -27.79
N ASP A 1312 19.07 1.61 -28.40
CA ASP A 1312 17.88 2.05 -27.70
C ASP A 1312 16.76 1.07 -28.00
N GLY A 1313 16.08 0.62 -26.97
CA GLY A 1313 15.17 -0.49 -27.10
C GLY A 1313 15.89 -1.82 -27.00
N ILE A 1314 15.13 -2.85 -26.66
CA ILE A 1314 15.69 -4.15 -26.33
C ILE A 1314 15.06 -5.23 -27.20
N ASN A 1315 15.91 -6.06 -27.81
CA ASN A 1315 15.50 -7.34 -28.38
C ASN A 1315 16.71 -8.26 -28.26
N LEU A 1316 16.79 -8.97 -27.13
CA LEU A 1316 18.01 -9.70 -26.83
C LEU A 1316 18.15 -10.95 -27.68
N ALA A 1317 17.06 -11.70 -27.83
CA ALA A 1317 17.14 -12.97 -28.55
C ALA A 1317 17.51 -12.75 -30.02
N GLU A 1318 16.93 -11.74 -30.65
CA GLU A 1318 17.21 -11.51 -32.07
C GLU A 1318 18.61 -10.93 -32.27
N VAL A 1319 19.01 -9.97 -31.43
CA VAL A 1319 20.32 -9.36 -31.60
C VAL A 1319 21.43 -10.37 -31.33
N MET A 1320 21.22 -11.27 -30.37
CA MET A 1320 22.24 -12.28 -30.08
C MET A 1320 22.51 -13.17 -31.27
N ALA A 1321 21.55 -13.30 -32.20
CA ALA A 1321 21.68 -14.20 -33.33
C ALA A 1321 22.28 -13.54 -34.57
N VAL A 1322 22.53 -12.23 -34.53
CA VAL A 1322 23.07 -11.56 -35.71
C VAL A 1322 24.51 -12.01 -35.93
N PRO A 1323 24.87 -12.44 -37.13
CA PRO A 1323 26.27 -12.82 -37.39
C PRO A 1323 27.21 -11.64 -37.21
N GLY A 1324 28.40 -11.91 -36.70
CA GLY A 1324 29.35 -10.88 -36.37
C GLY A 1324 29.21 -10.32 -34.97
N VAL A 1325 28.22 -10.75 -34.21
CA VAL A 1325 27.99 -10.30 -32.85
C VAL A 1325 28.51 -11.36 -31.90
N ASP A 1326 29.25 -10.93 -30.89
CA ASP A 1326 29.71 -11.86 -29.85
C ASP A 1326 28.52 -12.27 -28.99
N SER A 1327 27.90 -13.39 -29.35
CA SER A 1327 26.67 -13.82 -28.70
C SER A 1327 26.90 -14.27 -27.26
N SER A 1328 28.13 -14.49 -26.84
CA SER A 1328 28.42 -14.95 -25.49
C SER A 1328 28.62 -13.80 -24.52
N ARG A 1329 28.46 -12.55 -24.96
CA ARG A 1329 28.66 -11.41 -24.08
C ARG A 1329 27.59 -10.32 -24.23
N THR A 1330 26.60 -10.52 -25.09
CA THR A 1330 25.54 -9.53 -25.24
C THR A 1330 24.79 -9.37 -23.93
N TYR A 1331 24.56 -8.12 -23.53
CA TYR A 1331 24.02 -7.79 -22.22
C TYR A 1331 22.90 -6.76 -22.36
N SER A 1332 21.93 -6.83 -21.46
CA SER A 1332 20.81 -5.92 -21.45
C SER A 1332 20.60 -5.39 -20.04
N ASN A 1333 20.07 -4.17 -19.94
CA ASN A 1333 19.79 -3.57 -18.65
C ASN A 1333 18.37 -3.83 -18.18
N SER A 1334 17.58 -4.59 -18.91
CA SER A 1334 16.24 -5.00 -18.51
C SER A 1334 16.31 -6.48 -18.14
N PHE A 1335 16.39 -6.76 -16.84
CA PHE A 1335 16.58 -8.14 -16.40
C PHE A 1335 15.34 -9.00 -16.54
N VAL A 1336 14.19 -8.43 -16.87
CA VAL A 1336 13.03 -9.26 -17.21
C VAL A 1336 13.32 -10.03 -18.50
N GLU A 1337 13.86 -9.34 -19.51
CA GLU A 1337 14.26 -10.03 -20.73
C GLU A 1337 15.39 -11.01 -20.48
N ILE A 1338 16.33 -10.66 -19.60
CA ILE A 1338 17.39 -11.59 -19.24
C ILE A 1338 16.80 -12.85 -18.62
N LEU A 1339 15.77 -12.69 -17.78
CA LEU A 1339 15.12 -13.86 -17.22
C LEU A 1339 14.43 -14.68 -18.30
N SER A 1340 13.80 -14.02 -19.25
CA SER A 1340 13.08 -14.75 -20.29
C SER A 1340 14.02 -15.44 -21.27
N VAL A 1341 15.26 -14.99 -21.36
CA VAL A 1341 16.21 -15.49 -22.36
C VAL A 1341 17.24 -16.44 -21.75
N LEU A 1342 17.98 -15.99 -20.75
CA LEU A 1342 19.17 -16.68 -20.27
C LEU A 1342 18.96 -17.48 -18.99
N GLY A 1343 17.82 -17.33 -18.32
CA GLY A 1343 17.56 -18.09 -17.10
C GLY A 1343 17.47 -17.22 -15.87
N ILE A 1344 17.72 -17.84 -14.72
CA ILE A 1344 17.54 -17.18 -13.44
C ILE A 1344 18.87 -16.79 -12.83
N GLU A 1345 19.91 -17.58 -13.07
CA GLU A 1345 21.23 -17.23 -12.56
C GLU A 1345 21.78 -16.00 -13.27
N ALA A 1346 21.60 -15.93 -14.60
CA ALA A 1346 21.96 -14.73 -15.32
C ALA A 1346 21.15 -13.54 -14.84
N THR A 1347 19.89 -13.76 -14.48
CA THR A 1347 19.09 -12.68 -13.90
C THR A 1347 19.67 -12.21 -12.59
N ARG A 1348 20.14 -13.14 -11.77
CA ARG A 1348 20.77 -12.77 -10.50
C ARG A 1348 22.00 -11.90 -10.73
N SER A 1349 22.86 -12.32 -11.66
CA SER A 1349 24.06 -11.54 -11.94
C SER A 1349 23.73 -10.16 -12.51
N SER A 1350 22.77 -10.11 -13.43
CA SER A 1350 22.39 -8.82 -14.03
C SER A 1350 21.78 -7.90 -13.00
N LEU A 1351 20.94 -8.45 -12.11
CA LEU A 1351 20.33 -7.64 -11.06
C LEU A 1351 21.38 -7.06 -10.13
N TYR A 1352 22.36 -7.89 -9.74
CA TYR A 1352 23.45 -7.36 -8.92
C TYR A 1352 24.20 -6.26 -9.65
N LYS A 1353 24.48 -6.47 -10.94
CA LYS A 1353 25.23 -5.47 -11.69
C LYS A 1353 24.47 -4.14 -11.75
N GLU A 1354 23.16 -4.20 -11.99
CA GLU A 1354 22.36 -2.98 -12.05
C GLU A 1354 22.32 -2.26 -10.72
N ILE A 1355 22.13 -3.02 -9.63
CA ILE A 1355 22.09 -2.39 -8.30
C ILE A 1355 23.43 -1.73 -7.98
N LEU A 1356 24.53 -2.43 -8.25
CA LEU A 1356 25.85 -1.86 -7.99
C LEU A 1356 26.09 -0.63 -8.85
N ASN A 1357 25.63 -0.66 -10.10
CA ASN A 1357 25.76 0.51 -10.97
C ASN A 1357 25.02 1.70 -10.39
N VAL A 1358 23.82 1.48 -9.86
CA VAL A 1358 23.06 2.58 -9.26
C VAL A 1358 23.78 3.12 -8.04
N ILE A 1359 24.25 2.24 -7.17
CA ILE A 1359 24.83 2.68 -5.91
C ILE A 1359 26.17 3.38 -6.12
N ALA A 1360 27.02 2.83 -6.98
CA ALA A 1360 28.39 3.29 -7.11
C ALA A 1360 28.55 4.45 -8.09
N PHE A 1361 27.47 4.96 -8.67
CA PHE A 1361 27.58 6.06 -9.61
C PHE A 1361 28.14 7.31 -8.93
N ASP A 1362 27.67 7.61 -7.72
CA ASP A 1362 28.13 8.77 -6.99
C ASP A 1362 29.36 8.48 -6.13
N GLY A 1363 30.09 7.41 -6.43
CA GLY A 1363 31.30 7.08 -5.70
C GLY A 1363 31.09 6.36 -4.39
N SER A 1364 29.85 6.10 -3.99
CA SER A 1364 29.61 5.40 -2.75
C SER A 1364 30.00 3.94 -2.87
N TYR A 1365 30.24 3.31 -1.72
CA TYR A 1365 30.63 1.90 -1.68
C TYR A 1365 29.79 1.18 -0.62
N VAL A 1366 29.17 0.10 -1.03
CA VAL A 1366 28.42 -0.78 -0.13
C VAL A 1366 29.02 -2.17 -0.25
N ASN A 1367 29.21 -2.83 0.88
CA ASN A 1367 29.84 -4.14 0.90
C ASN A 1367 29.07 -5.11 0.02
N TYR A 1368 29.78 -6.11 -0.50
CA TYR A 1368 29.19 -7.02 -1.47
C TYR A 1368 28.09 -7.87 -0.86
N ARG A 1369 28.29 -8.32 0.39
CA ARG A 1369 27.38 -9.32 0.96
C ARG A 1369 25.96 -8.79 1.10
N HIS A 1370 25.79 -7.49 1.32
CA HIS A 1370 24.45 -6.94 1.46
C HIS A 1370 23.67 -7.01 0.16
N MET A 1371 24.28 -6.56 -0.94
CA MET A 1371 23.62 -6.63 -2.23
C MET A 1371 23.46 -8.07 -2.68
N ALA A 1372 24.40 -8.93 -2.33
CA ALA A 1372 24.26 -10.35 -2.62
C ALA A 1372 23.04 -10.93 -1.93
N LEU A 1373 22.84 -10.58 -0.65
CA LEU A 1373 21.66 -11.05 0.06
C LEU A 1373 20.38 -10.52 -0.57
N LEU A 1374 20.37 -9.25 -0.96
CA LEU A 1374 19.16 -8.68 -1.55
C LEU A 1374 18.81 -9.39 -2.85
N VAL A 1375 19.79 -9.57 -3.74
CA VAL A 1375 19.48 -10.19 -5.03
C VAL A 1375 19.28 -11.69 -4.89
N ASP A 1376 19.75 -12.31 -3.82
CA ASP A 1376 19.40 -13.70 -3.57
C ASP A 1376 17.98 -13.84 -3.04
N VAL A 1377 17.49 -12.84 -2.31
CA VAL A 1377 16.11 -12.85 -1.88
C VAL A 1377 15.17 -12.60 -3.06
N MET A 1378 15.52 -11.67 -3.94
CA MET A 1378 14.64 -11.34 -5.05
C MET A 1378 14.48 -12.47 -6.05
N THR A 1379 15.44 -13.39 -6.14
CA THR A 1379 15.40 -14.45 -7.14
C THR A 1379 15.44 -15.84 -6.52
N SER A 1380 14.92 -16.00 -5.31
CA SER A 1380 15.00 -17.30 -4.64
C SER A 1380 13.84 -18.22 -4.98
N ARG A 1381 12.77 -17.70 -5.58
CA ARG A 1381 11.59 -18.49 -5.88
C ARG A 1381 11.56 -19.00 -7.31
N GLY A 1382 12.61 -18.77 -8.08
CA GLY A 1382 12.62 -19.11 -9.48
C GLY A 1382 12.14 -18.01 -10.40
N TYR A 1383 11.60 -16.92 -9.85
CA TYR A 1383 11.16 -15.79 -10.63
C TYR A 1383 11.45 -14.51 -9.86
N LEU A 1384 11.39 -13.39 -10.56
CA LEU A 1384 11.68 -12.11 -9.94
C LEU A 1384 10.56 -11.73 -8.99
N MET A 1385 10.90 -11.58 -7.70
CA MET A 1385 9.95 -11.22 -6.67
C MET A 1385 10.14 -9.74 -6.35
N ALA A 1386 9.22 -8.90 -6.83
CA ALA A 1386 9.32 -7.47 -6.61
C ALA A 1386 9.19 -7.14 -5.12
N ILE A 1387 9.85 -6.07 -4.71
CA ILE A 1387 9.76 -5.61 -3.31
C ILE A 1387 8.57 -4.66 -3.25
N THR A 1388 7.38 -5.26 -3.21
CA THR A 1388 6.11 -4.57 -3.06
C THR A 1388 5.17 -5.51 -2.33
N ARG A 1389 3.92 -5.07 -2.13
CA ARG A 1389 2.94 -5.95 -1.52
C ARG A 1389 2.63 -7.14 -2.40
N HIS A 1390 2.62 -6.94 -3.72
CA HIS A 1390 2.36 -8.04 -4.64
C HIS A 1390 3.49 -9.05 -4.69
N GLY A 1391 4.67 -8.72 -4.17
CA GLY A 1391 5.75 -9.68 -4.11
C GLY A 1391 5.93 -10.30 -2.74
N ILE A 1392 5.93 -9.45 -1.71
CA ILE A 1392 6.18 -9.94 -0.35
C ILE A 1392 4.97 -10.67 0.21
N ASN A 1393 3.77 -10.08 0.05
CA ASN A 1393 2.58 -10.64 0.66
C ASN A 1393 2.08 -11.90 -0.04
N ARG A 1394 2.64 -12.26 -1.20
CA ARG A 1394 2.26 -13.49 -1.88
C ARG A 1394 3.17 -14.66 -1.51
N ALA A 1395 3.73 -14.64 -0.32
CA ALA A 1395 4.55 -15.74 0.18
C ALA A 1395 3.70 -16.61 1.12
N ASP A 1396 4.33 -17.62 1.71
CA ASP A 1396 3.66 -18.52 2.64
C ASP A 1396 3.94 -18.16 4.09
N THR A 1397 4.46 -16.97 4.35
CA THR A 1397 4.78 -16.55 5.70
C THR A 1397 3.50 -16.38 6.52
N GLY A 1398 3.68 -16.17 7.82
CA GLY A 1398 2.54 -16.09 8.71
C GLY A 1398 1.65 -14.91 8.38
N ALA A 1399 0.35 -15.07 8.65
CA ALA A 1399 -0.61 -14.03 8.37
C ALA A 1399 -0.34 -12.78 9.20
N LEU A 1400 0.04 -12.97 10.47
CA LEU A 1400 0.32 -11.83 11.33
C LEU A 1400 1.53 -11.04 10.83
N MET A 1401 2.55 -11.74 10.33
CA MET A 1401 3.71 -11.04 9.78
C MET A 1401 3.33 -10.28 8.50
N ARG A 1402 2.53 -10.88 7.64
CA ARG A 1402 2.18 -10.25 6.37
C ARG A 1402 1.25 -9.06 6.56
N CYS A 1403 0.33 -9.16 7.53
CA CYS A 1403 -0.64 -8.08 7.71
C CYS A 1403 -0.02 -6.84 8.31
N SER A 1404 1.17 -6.95 8.91
CA SER A 1404 1.81 -5.79 9.51
C SER A 1404 2.45 -4.88 8.49
N PHE A 1405 2.55 -5.29 7.24
CA PHE A 1405 3.19 -4.47 6.22
C PHE A 1405 2.15 -3.63 5.46
N GLU A 1406 1.24 -4.28 4.75
CA GLU A 1406 0.22 -3.60 3.97
C GLU A 1406 -0.97 -4.52 3.81
N GLU A 1407 -2.12 -3.94 3.48
CA GLU A 1407 -3.36 -4.68 3.28
C GLU A 1407 -3.70 -5.52 4.51
N THR A 1408 -3.78 -4.85 5.66
CA THR A 1408 -3.95 -5.58 6.92
C THR A 1408 -5.30 -6.29 6.97
N VAL A 1409 -6.38 -5.57 6.73
CA VAL A 1409 -7.72 -6.12 6.94
C VAL A 1409 -8.03 -7.19 5.90
N GLU A 1410 -7.65 -6.94 4.64
CA GLU A 1410 -7.87 -7.93 3.59
C GLU A 1410 -7.09 -9.21 3.88
N ILE A 1411 -5.84 -9.07 4.32
CA ILE A 1411 -5.05 -10.24 4.67
C ILE A 1411 -5.70 -11.00 5.82
N LEU A 1412 -6.22 -10.29 6.81
CA LEU A 1412 -6.83 -10.96 7.96
C LEU A 1412 -8.11 -11.70 7.55
N PHE A 1413 -8.94 -11.10 6.70
CA PHE A 1413 -10.10 -11.84 6.20
C PHE A 1413 -9.70 -13.05 5.39
N GLU A 1414 -8.70 -12.92 4.51
CA GLU A 1414 -8.27 -14.06 3.71
C GLU A 1414 -7.72 -15.18 4.60
N ALA A 1415 -6.99 -14.81 5.65
CA ALA A 1415 -6.49 -15.82 6.58
C ALA A 1415 -7.63 -16.49 7.34
N GLY A 1416 -8.62 -15.71 7.75
CA GLY A 1416 -9.76 -16.30 8.46
C GLY A 1416 -10.58 -17.24 7.60
N ALA A 1417 -10.87 -16.82 6.36
CA ALA A 1417 -11.67 -17.66 5.48
C ALA A 1417 -10.94 -18.94 5.07
N ALA A 1418 -9.62 -18.87 4.93
CA ALA A 1418 -8.84 -20.03 4.55
C ALA A 1418 -8.29 -20.81 5.74
N ALA A 1419 -8.63 -20.40 6.96
CA ALA A 1419 -8.19 -21.09 8.18
C ALA A 1419 -6.68 -21.23 8.23
N GLU A 1420 -5.98 -20.14 7.92
CA GLU A 1420 -4.52 -20.16 7.93
C GLU A 1420 -3.99 -20.40 9.33
N LEU A 1421 -2.86 -21.09 9.41
CA LEU A 1421 -2.18 -21.34 10.67
C LEU A 1421 -0.85 -20.61 10.68
N ASP A 1422 -0.64 -19.79 11.71
CA ASP A 1422 0.60 -19.05 11.89
C ASP A 1422 1.43 -19.74 12.96
N ASP A 1423 2.67 -20.10 12.62
CA ASP A 1423 3.52 -20.84 13.53
C ASP A 1423 4.34 -19.95 14.45
N CYS A 1424 4.19 -18.62 14.34
CA CYS A 1424 4.85 -17.66 15.23
C CYS A 1424 6.36 -17.85 15.23
N ARG A 1425 6.94 -18.10 14.07
CA ARG A 1425 8.38 -18.24 13.94
C ARG A 1425 9.06 -16.94 13.52
N GLY A 1426 8.32 -15.98 12.99
CA GLY A 1426 8.90 -14.74 12.56
C GLY A 1426 9.20 -13.82 13.71
N VAL A 1427 9.75 -12.66 13.37
CA VAL A 1427 10.10 -11.68 14.40
C VAL A 1427 8.95 -10.70 14.64
N SER A 1428 8.16 -10.39 13.61
CA SER A 1428 7.03 -9.50 13.79
C SER A 1428 5.96 -10.16 14.66
N GLU A 1429 5.72 -11.44 14.47
CA GLU A 1429 4.74 -12.15 15.29
C GLU A 1429 5.12 -12.11 16.75
N ASN A 1430 6.39 -12.34 17.05
CA ASN A 1430 6.82 -12.35 18.45
C ASN A 1430 6.91 -10.95 19.02
N VAL A 1431 7.15 -9.95 18.18
CA VAL A 1431 7.16 -8.56 18.65
C VAL A 1431 5.76 -8.13 19.04
N MET A 1432 4.77 -8.42 18.18
CA MET A 1432 3.42 -7.97 18.46
C MET A 1432 2.71 -8.82 19.51
N LEU A 1433 3.31 -9.92 19.95
CA LEU A 1433 2.77 -10.71 21.05
C LEU A 1433 3.58 -10.55 22.32
N GLY A 1434 4.55 -9.65 22.34
CA GLY A 1434 5.35 -9.42 23.53
C GLY A 1434 6.13 -10.63 23.99
N GLN A 1435 6.81 -11.31 23.06
CA GLN A 1435 7.58 -12.49 23.38
C GLN A 1435 9.02 -12.31 22.92
N LEU A 1436 9.90 -13.16 23.44
CA LEU A 1436 11.30 -13.15 23.05
C LEU A 1436 11.45 -13.68 21.63
N ALA A 1437 11.77 -12.79 20.70
CA ALA A 1437 11.89 -13.19 19.31
C ALA A 1437 13.06 -14.16 19.14
N PRO A 1438 12.96 -15.09 18.20
CA PRO A 1438 14.06 -16.03 17.93
C PRO A 1438 15.17 -15.39 17.12
N MET A 1439 15.75 -14.32 17.66
CA MET A 1439 16.78 -13.55 17.00
C MET A 1439 17.84 -13.18 18.02
N GLY A 1440 19.03 -12.87 17.53
CA GLY A 1440 20.09 -12.35 18.38
C GLY A 1440 20.29 -13.12 19.66
N THR A 1441 20.01 -12.48 20.79
CA THR A 1441 20.15 -13.13 22.08
C THR A 1441 19.01 -14.09 22.39
N GLY A 1442 17.97 -14.11 21.57
CA GLY A 1442 16.87 -15.03 21.74
C GLY A 1442 16.90 -16.23 20.82
N ALA A 1443 18.02 -16.51 20.18
CA ALA A 1443 18.14 -17.60 19.22
C ALA A 1443 18.57 -18.91 19.85
N PHE A 1444 18.46 -19.02 21.16
CA PHE A 1444 18.89 -20.23 21.87
C PHE A 1444 18.17 -20.24 23.21
N ASP A 1445 18.49 -21.25 24.02
CA ASP A 1445 17.92 -21.39 25.34
C ASP A 1445 19.03 -21.61 26.35
N VAL A 1446 18.79 -21.15 27.58
CA VAL A 1446 19.73 -21.32 28.68
C VAL A 1446 19.13 -22.30 29.66
N MET A 1447 19.85 -23.37 29.95
CA MET A 1447 19.46 -24.37 30.91
C MET A 1447 20.36 -24.30 32.14
N ILE A 1448 19.97 -24.99 33.19
CA ILE A 1448 20.71 -25.00 34.45
C ILE A 1448 21.51 -26.28 34.53
N ASP A 1449 22.81 -26.14 34.81
CA ASP A 1449 23.76 -27.26 34.75
C ASP A 1449 23.82 -27.91 36.11
N GLU A 1450 22.97 -28.91 36.33
CA GLU A 1450 22.96 -29.61 37.61
C GLU A 1450 24.24 -30.41 37.82
N LYS A 1451 24.95 -30.75 36.75
CA LYS A 1451 26.22 -31.45 36.92
C LYS A 1451 27.31 -30.53 37.45
N LEU A 1452 27.40 -29.31 36.91
CA LEU A 1452 28.46 -28.41 37.33
C LEU A 1452 28.22 -27.89 38.74
N LEU A 1453 26.96 -27.76 39.15
CA LEU A 1453 26.66 -27.26 40.48
C LEU A 1453 27.08 -28.22 41.58
N THR A 1454 27.41 -29.46 41.23
CA THR A 1454 27.85 -30.43 42.24
C THR A 1454 29.21 -30.08 42.84
N SER A 1455 29.95 -29.16 42.25
CA SER A 1455 31.24 -28.75 42.79
C SER A 1455 31.05 -27.96 44.08
N ASP B 9 17.16 69.20 -18.16
CA ASP B 9 16.76 68.99 -16.79
C ASP B 9 17.96 68.53 -15.95
N ASP B 10 17.69 67.67 -14.97
CA ASP B 10 18.74 67.10 -14.15
C ASP B 10 18.50 65.60 -14.01
N THR B 11 19.58 64.87 -13.76
CA THR B 11 19.50 63.42 -13.70
C THR B 11 18.77 62.96 -12.44
N ILE B 12 18.27 61.73 -12.50
CA ILE B 12 17.56 61.10 -11.39
C ILE B 12 18.50 60.10 -10.73
N THR B 13 18.70 60.25 -9.43
CA THR B 13 19.61 59.39 -8.68
C THR B 13 18.82 58.34 -7.92
N THR B 14 19.53 57.52 -7.15
CA THR B 14 18.87 56.50 -6.35
C THR B 14 18.04 57.11 -5.23
N GLU B 15 18.49 58.22 -4.66
CA GLU B 15 17.75 58.85 -3.58
C GLU B 15 16.37 59.32 -4.06
N ASP B 16 16.27 59.74 -5.32
CA ASP B 16 14.97 60.12 -5.85
C ASP B 16 14.06 58.90 -6.01
N CYS B 17 14.64 57.76 -6.39
CA CYS B 17 13.86 56.53 -6.43
C CYS B 17 13.32 56.18 -5.05
N TRP B 18 14.14 56.37 -4.01
CA TRP B 18 13.66 56.09 -2.66
C TRP B 18 12.64 57.12 -2.21
N THR B 19 12.73 58.36 -2.69
CA THR B 19 11.67 59.34 -2.42
C THR B 19 10.35 58.88 -3.02
N VAL B 20 10.39 58.38 -4.25
CA VAL B 20 9.17 57.90 -4.89
C VAL B 20 8.60 56.70 -4.13
N ILE B 21 9.47 55.78 -3.72
CA ILE B 21 9.00 54.62 -2.97
C ILE B 21 8.39 55.04 -1.64
N SER B 22 8.98 56.06 -1.00
CA SER B 22 8.40 56.59 0.23
C SER B 22 7.02 57.15 -0.01
N ALA B 23 6.84 57.86 -1.13
CA ALA B 23 5.50 58.35 -1.47
C ALA B 23 4.51 57.20 -1.66
N PHE B 24 4.96 56.14 -2.35
CA PHE B 24 4.11 54.96 -2.52
C PHE B 24 3.64 54.42 -1.18
N PHE B 25 4.58 54.22 -0.26
CA PHE B 25 4.21 53.61 1.01
C PHE B 25 3.42 54.59 1.89
N GLU B 26 3.60 55.89 1.69
CA GLU B 26 2.80 56.86 2.41
C GLU B 26 1.35 56.80 1.97
N GLU B 27 1.09 56.62 0.68
CA GLU B 27 -0.29 56.51 0.25
C GLU B 27 -0.88 55.13 0.51
N LYS B 28 -0.26 54.10 -0.04
CA LYS B 28 -0.86 52.77 -0.04
C LYS B 28 -0.80 52.13 1.36
N GLY B 29 0.39 51.94 1.87
CA GLY B 29 0.59 51.13 3.06
C GLY B 29 0.97 49.71 2.68
N LEU B 30 1.09 48.86 3.71
CA LEU B 30 1.53 47.50 3.51
C LEU B 30 0.40 46.49 3.42
N VAL B 31 -0.78 46.81 3.91
CA VAL B 31 -1.90 45.87 3.87
C VAL B 31 -3.07 46.51 3.13
N SER B 32 -2.76 47.36 2.15
CA SER B 32 -3.81 48.09 1.45
C SER B 32 -4.71 47.16 0.66
N GLN B 33 -4.18 46.02 0.21
CA GLN B 33 -4.98 45.13 -0.63
C GLN B 33 -6.11 44.47 0.17
N GLN B 34 -5.82 44.05 1.40
CA GLN B 34 -6.86 43.47 2.24
C GLN B 34 -7.98 44.46 2.49
N LEU B 35 -7.62 45.68 2.91
CA LEU B 35 -8.63 46.69 3.23
C LEU B 35 -9.41 47.10 1.99
N ASP B 36 -8.73 47.25 0.86
CA ASP B 36 -9.43 47.63 -0.37
C ASP B 36 -10.42 46.54 -0.80
N SER B 37 -10.00 45.28 -0.72
CA SER B 37 -10.89 44.19 -1.09
C SER B 37 -12.11 44.16 -0.18
N PHE B 38 -11.90 44.32 1.13
CA PHE B 38 -13.05 44.28 2.04
C PHE B 38 -13.97 45.48 1.83
N ASP B 39 -13.41 46.66 1.59
CA ASP B 39 -14.25 47.82 1.32
C ASP B 39 -15.08 47.62 0.07
N GLU B 40 -14.47 47.04 -0.96
CA GLU B 40 -15.22 46.74 -2.17
C GLU B 40 -16.34 45.74 -1.89
N PHE B 41 -16.06 44.72 -1.07
CA PHE B 41 -17.10 43.74 -0.76
C PHE B 41 -18.26 44.37 -0.02
N MET B 42 -17.97 45.21 0.97
CA MET B 42 -19.05 45.78 1.77
C MET B 42 -19.83 46.83 0.99
N GLU B 43 -19.14 47.67 0.23
CA GLU B 43 -19.80 48.79 -0.43
C GLU B 43 -20.79 48.32 -1.50
N THR B 44 -20.33 47.45 -2.40
CA THR B 44 -21.12 47.10 -3.56
C THR B 44 -21.43 45.62 -3.70
N SER B 45 -20.58 44.74 -3.20
CA SER B 45 -20.74 43.32 -3.51
C SER B 45 -21.97 42.73 -2.84
N ILE B 46 -22.25 43.14 -1.59
CA ILE B 46 -23.41 42.58 -0.89
C ILE B 46 -24.70 42.92 -1.61
N GLN B 47 -24.83 44.18 -2.04
CA GLN B 47 -26.03 44.59 -2.74
C GLN B 47 -26.24 43.81 -4.02
N ASP B 48 -25.17 43.60 -4.78
CA ASP B 48 -25.29 42.84 -6.02
C ASP B 48 -25.59 41.38 -5.76
N LEU B 49 -25.02 40.81 -4.70
CA LEU B 49 -25.35 39.43 -4.34
C LEU B 49 -26.83 39.31 -4.01
N VAL B 50 -27.38 40.31 -3.32
CA VAL B 50 -28.81 40.30 -3.00
C VAL B 50 -29.64 40.43 -4.27
N TRP B 51 -29.26 41.35 -5.16
CA TRP B 51 -30.03 41.59 -6.37
C TRP B 51 -29.84 40.52 -7.43
N GLU B 52 -28.92 39.58 -7.23
CA GLU B 52 -28.77 38.48 -8.18
C GLU B 52 -30.07 37.70 -8.30
N GLU B 53 -30.78 37.49 -7.20
CA GLU B 53 -32.09 36.85 -7.18
C GLU B 53 -33.07 37.75 -6.45
N PRO B 54 -33.57 38.79 -7.12
CA PRO B 54 -34.33 39.84 -6.43
C PRO B 54 -35.81 39.52 -6.20
N ARG B 55 -36.30 38.34 -6.56
CA ARG B 55 -37.72 38.05 -6.44
C ARG B 55 -37.97 36.64 -5.95
N LEU B 56 -38.82 36.52 -4.94
CA LEU B 56 -39.40 35.25 -4.52
C LEU B 56 -40.88 35.28 -4.84
N ILE B 57 -41.34 34.33 -5.65
CA ILE B 57 -42.70 34.36 -6.17
C ILE B 57 -43.44 33.09 -5.77
N LEU B 58 -44.61 33.26 -5.18
CA LEU B 58 -45.58 32.20 -4.98
C LEU B 58 -46.91 32.56 -5.63
N ASP B 59 -47.52 31.58 -6.27
CA ASP B 59 -48.78 31.76 -6.95
C ASP B 59 -49.74 30.66 -6.50
N GLN B 60 -51.03 30.95 -6.61
CA GLN B 60 -52.03 29.97 -6.19
C GLN B 60 -53.33 30.19 -6.94
N PRO B 61 -53.74 29.25 -7.80
CA PRO B 61 -55.04 29.33 -8.49
C PRO B 61 -56.17 28.79 -7.60
N ALA B 62 -56.65 29.64 -6.71
CA ALA B 62 -57.62 29.24 -5.71
C ALA B 62 -58.95 28.86 -6.35
N GLN B 63 -59.39 27.62 -6.11
CA GLN B 63 -60.73 27.15 -6.48
C GLN B 63 -61.21 26.33 -5.29
N HIS B 64 -61.83 27.00 -4.32
CA HIS B 64 -62.21 26.34 -3.07
C HIS B 64 -63.15 27.24 -2.26
N ASP B 69 -64.94 29.97 -9.21
CA ASP B 69 -64.28 30.92 -8.34
C ASP B 69 -62.77 30.94 -8.58
N ASN B 70 -62.38 30.97 -9.86
CA ASN B 70 -60.98 30.93 -10.24
C ASN B 70 -60.31 32.22 -9.81
N ILE B 71 -59.52 32.17 -8.73
CA ILE B 71 -58.85 33.33 -8.18
C ILE B 71 -57.35 33.01 -8.17
N ASN B 72 -56.63 33.48 -9.20
CA ASN B 72 -55.20 33.29 -9.26
C ASN B 72 -54.51 34.37 -8.44
N LYS B 73 -53.98 34.01 -7.28
CA LYS B 73 -53.28 34.93 -6.39
C LYS B 73 -51.79 34.67 -6.49
N ARG B 74 -51.01 35.72 -6.75
CA ARG B 74 -49.56 35.64 -6.77
C ARG B 74 -49.00 36.43 -5.60
N TYR B 75 -48.21 35.76 -4.75
CA TYR B 75 -47.56 36.38 -3.61
C TYR B 75 -46.08 36.49 -3.93
N GLU B 76 -45.60 37.72 -4.08
CA GLU B 76 -44.22 37.99 -4.46
C GLU B 76 -43.60 38.99 -3.50
N ILE B 77 -42.35 38.71 -3.09
CA ILE B 77 -41.60 39.60 -2.20
C ILE B 77 -40.30 39.98 -2.90
N ARG B 78 -39.96 41.26 -2.84
CA ARG B 78 -38.77 41.79 -3.48
C ARG B 78 -37.77 42.27 -2.45
N PHE B 79 -36.49 42.16 -2.79
CA PHE B 79 -35.39 42.60 -1.94
C PHE B 79 -34.93 43.98 -2.38
N GLY B 80 -34.82 44.89 -1.42
CA GLY B 80 -34.45 46.25 -1.74
C GLY B 80 -33.03 46.63 -1.34
N LYS B 81 -32.89 47.81 -0.74
CA LYS B 81 -31.57 48.32 -0.41
C LYS B 81 -30.93 47.50 0.72
N ILE B 82 -29.62 47.65 0.84
CA ILE B 82 -28.85 47.11 1.96
C ILE B 82 -28.47 48.27 2.86
N TYR B 83 -28.78 48.13 4.15
CA TYR B 83 -28.39 49.11 5.14
C TYR B 83 -27.38 48.49 6.09
N LEU B 84 -26.23 49.15 6.23
CA LEU B 84 -25.17 48.71 7.12
C LEU B 84 -25.05 49.69 8.27
N SER B 85 -24.45 49.23 9.36
CA SER B 85 -24.26 50.05 10.54
C SER B 85 -22.87 49.81 11.11
N ARG B 86 -22.46 50.68 12.00
CA ARG B 86 -21.22 50.46 12.72
C ARG B 86 -21.40 49.28 13.67
N PRO B 87 -20.32 48.57 13.99
CA PRO B 87 -20.43 47.42 14.90
C PRO B 87 -21.00 47.84 16.24
N THR B 88 -21.87 46.99 16.78
CA THR B 88 -22.61 47.29 17.99
C THR B 88 -22.67 46.07 18.88
N MET B 89 -22.65 46.28 20.19
CA MET B 89 -22.70 45.21 21.17
C MET B 89 -24.01 45.29 21.93
N THR B 90 -24.72 44.17 22.00
CA THR B 90 -25.99 44.08 22.70
C THR B 90 -25.82 43.18 23.92
N GLU B 91 -25.85 43.78 25.11
CA GLU B 91 -25.63 43.05 26.33
C GLU B 91 -26.84 42.16 26.64
N ALA B 92 -26.66 41.30 27.66
CA ALA B 92 -27.75 40.42 28.06
C ALA B 92 -28.92 41.20 28.63
N ASP B 93 -28.64 42.27 29.39
CA ASP B 93 -29.71 43.06 29.99
C ASP B 93 -30.57 43.74 28.94
N GLY B 94 -30.01 44.05 27.78
CA GLY B 94 -30.78 44.65 26.71
C GLY B 94 -30.16 45.91 26.12
N THR B 95 -29.33 46.59 26.89
CA THR B 95 -28.71 47.81 26.40
C THR B 95 -27.74 47.51 25.26
N THR B 96 -27.70 48.41 24.28
CA THR B 96 -26.81 48.30 23.14
C THR B 96 -25.91 49.53 23.08
N HIS B 97 -24.65 49.32 22.74
CA HIS B 97 -23.69 50.41 22.71
C HIS B 97 -22.65 50.12 21.63
N ALA B 98 -21.95 51.18 21.22
CA ALA B 98 -20.88 51.02 20.25
C ALA B 98 -19.78 50.14 20.80
N MET B 99 -19.17 49.34 19.93
CA MET B 99 -18.16 48.39 20.31
C MET B 99 -16.84 48.72 19.63
N PHE B 100 -15.76 48.65 20.37
CA PHE B 100 -14.42 48.88 19.85
C PHE B 100 -13.60 47.62 19.95
N PRO B 101 -12.61 47.43 19.08
CA PRO B 101 -11.95 46.12 18.98
C PRO B 101 -11.30 45.64 20.27
N GLN B 102 -10.79 46.55 21.10
CA GLN B 102 -10.14 46.12 22.33
C GLN B 102 -11.14 45.43 23.26
N GLU B 103 -12.34 45.99 23.38
CA GLU B 103 -13.36 45.36 24.20
C GLU B 103 -13.75 43.99 23.66
N ALA B 104 -13.84 43.86 22.34
CA ALA B 104 -14.14 42.57 21.74
C ALA B 104 -13.05 41.56 22.04
N ARG B 105 -11.78 41.98 21.97
CA ARG B 105 -10.68 41.07 22.28
C ARG B 105 -10.71 40.65 23.74
N LEU B 106 -10.97 41.60 24.65
CA LEU B 106 -10.91 41.28 26.07
C LEU B 106 -12.07 40.40 26.49
N ARG B 107 -13.24 40.60 25.92
CA ARG B 107 -14.46 39.90 26.32
C ARG B 107 -14.80 38.73 25.42
N ASN B 108 -13.91 38.37 24.49
CA ASN B 108 -14.14 37.25 23.56
C ASN B 108 -15.43 37.44 22.77
N LEU B 109 -15.68 38.66 22.32
CA LEU B 109 -16.82 38.93 21.47
C LEU B 109 -16.39 38.81 20.01
N THR B 110 -17.30 39.15 19.09
CA THR B 110 -17.00 39.18 17.67
C THR B 110 -17.29 40.57 17.15
N TYR B 111 -16.31 41.16 16.48
CA TYR B 111 -16.42 42.51 15.94
C TYR B 111 -17.18 42.42 14.62
N SER B 112 -18.50 42.55 14.70
CA SER B 112 -19.37 42.43 13.54
C SER B 112 -20.44 43.51 13.58
N SER B 113 -21.07 43.73 12.44
CA SER B 113 -22.09 44.76 12.33
C SER B 113 -23.35 44.20 11.70
N PRO B 114 -24.52 44.66 12.12
CA PRO B 114 -25.78 44.16 11.56
C PRO B 114 -25.94 44.60 10.11
N VAL B 115 -26.68 43.79 9.36
CA VAL B 115 -27.03 44.07 7.98
C VAL B 115 -28.54 44.07 7.85
N TYR B 116 -29.10 45.16 7.32
CA TYR B 116 -30.54 45.32 7.18
C TYR B 116 -30.91 45.32 5.70
N LEU B 117 -31.99 44.62 5.38
CA LEU B 117 -32.47 44.49 4.01
C LEU B 117 -33.91 44.95 3.93
N ASP B 118 -34.25 45.69 2.88
CA ASP B 118 -35.62 46.10 2.63
C ASP B 118 -36.34 45.02 1.83
N MET B 119 -37.43 44.50 2.38
CA MET B 119 -38.25 43.51 1.69
C MET B 119 -39.62 44.12 1.42
N GLU B 120 -40.04 44.09 0.16
CA GLU B 120 -41.33 44.61 -0.24
C GLU B 120 -42.21 43.46 -0.70
N LYS B 121 -43.38 43.33 -0.09
CA LYS B 121 -44.31 42.24 -0.35
C LYS B 121 -45.46 42.73 -1.22
N SER B 122 -45.76 41.96 -2.26
CA SER B 122 -46.82 42.30 -3.20
C SER B 122 -47.81 41.15 -3.29
N MET B 123 -49.09 41.49 -3.40
CA MET B 123 -50.18 40.52 -3.46
C MET B 123 -50.88 40.70 -4.80
N PHE B 124 -50.36 40.02 -5.82
CA PHE B 124 -51.00 40.06 -7.14
C PHE B 124 -52.23 39.15 -7.15
N THR B 125 -53.33 39.67 -7.66
CA THR B 125 -54.60 38.95 -7.69
C THR B 125 -55.25 39.14 -9.05
N SER B 126 -55.49 38.04 -9.76
CA SER B 126 -56.23 38.06 -11.01
C SER B 126 -57.23 36.91 -11.00
N ILE B 127 -58.49 37.23 -11.26
CA ILE B 127 -59.55 36.23 -11.29
C ILE B 127 -59.69 35.76 -12.73
N ASP B 128 -59.18 34.57 -13.01
CA ASP B 128 -59.17 34.02 -14.37
C ASP B 128 -58.87 32.53 -14.38
N GLY B 153 -43.37 46.05 5.28
CA GLY B 153 -42.06 45.75 4.72
C GLY B 153 -41.07 46.88 4.91
N ASN B 154 -40.06 46.64 5.74
CA ASN B 154 -39.06 47.65 6.07
C ASN B 154 -37.75 46.94 6.33
N LYS B 155 -36.85 47.62 7.04
CA LYS B 155 -35.49 47.12 7.23
C LYS B 155 -35.53 45.89 8.12
N VAL B 156 -35.52 44.71 7.51
CA VAL B 156 -35.48 43.46 8.24
C VAL B 156 -34.03 43.05 8.43
N HIS B 157 -33.72 42.52 9.61
CA HIS B 157 -32.36 42.18 9.97
C HIS B 157 -32.04 40.76 9.53
N ILE B 158 -31.03 40.62 8.66
CA ILE B 158 -30.72 39.33 8.05
C ILE B 158 -29.46 38.70 8.61
N GLY B 159 -28.63 39.43 9.33
CA GLY B 159 -27.44 38.84 9.91
C GLY B 159 -26.42 39.90 10.29
N LYS B 160 -25.30 39.41 10.80
CA LYS B 160 -24.20 40.27 11.23
C LYS B 160 -22.93 39.85 10.51
N VAL B 161 -22.31 40.80 9.83
CA VAL B 161 -21.11 40.56 9.03
C VAL B 161 -19.90 41.02 9.84
N PRO B 162 -18.89 40.17 10.06
CA PRO B 162 -17.69 40.63 10.74
C PRO B 162 -17.01 41.74 9.97
N ILE B 163 -16.39 42.66 10.71
CA ILE B 163 -15.78 43.85 10.14
C ILE B 163 -14.28 43.74 10.24
N MET B 164 -13.59 43.96 9.12
CA MET B 164 -12.14 43.99 9.09
C MET B 164 -11.64 45.27 9.74
N LEU B 165 -10.63 45.13 10.59
CA LEU B 165 -10.14 46.28 11.35
C LEU B 165 -9.45 47.28 10.43
N ARG B 166 -9.63 48.56 10.76
CA ARG B 166 -9.09 49.71 10.04
C ARG B 166 -9.68 49.86 8.65
N SER B 167 -10.72 49.11 8.32
CA SER B 167 -11.40 49.27 7.03
C SER B 167 -12.37 50.43 7.13
N LYS B 168 -13.15 50.66 6.06
CA LYS B 168 -14.00 51.84 6.03
C LYS B 168 -15.12 51.78 7.04
N PHE B 169 -15.54 50.58 7.43
CA PHE B 169 -16.64 50.41 8.37
C PHE B 169 -16.18 50.12 9.79
N CYS B 170 -14.89 50.23 10.05
CA CYS B 170 -14.36 50.04 11.39
C CYS B 170 -14.45 51.33 12.18
N SER B 171 -14.59 51.20 13.50
CA SER B 171 -14.68 52.37 14.35
C SER B 171 -13.34 53.10 14.49
N LEU B 172 -12.24 52.46 14.13
CA LEU B 172 -10.91 53.05 14.26
C LEU B 172 -10.46 53.77 13.00
N ARG B 173 -11.28 53.79 11.94
CA ARG B 173 -10.89 54.54 10.74
C ARG B 173 -10.77 56.02 11.05
N THR B 174 -11.68 56.55 11.84
CA THR B 174 -11.59 57.88 12.43
C THR B 174 -10.74 57.79 13.69
N LEU B 175 -10.86 58.78 14.58
CA LEU B 175 -10.29 58.87 15.93
C LEU B 175 -8.87 59.40 15.98
N ASP B 176 -8.22 59.69 14.87
CA ASP B 176 -6.93 60.38 14.90
C ASP B 176 -5.89 59.60 15.72
N GLU B 177 -4.83 60.28 16.14
CA GLU B 177 -3.76 59.61 16.86
C GLU B 177 -4.01 59.60 18.36
N VAL B 178 -4.52 60.70 18.91
CA VAL B 178 -4.66 60.81 20.36
C VAL B 178 -5.70 59.83 20.89
N ASP B 179 -6.87 59.81 20.26
CA ASP B 179 -7.94 58.94 20.74
C ASP B 179 -7.61 57.47 20.54
N LEU B 180 -6.67 57.16 19.64
CA LEU B 180 -6.25 55.78 19.45
C LEU B 180 -5.55 55.25 20.70
N TYR B 181 -4.93 56.14 21.48
CA TYR B 181 -4.31 55.72 22.73
C TYR B 181 -5.33 55.52 23.84
N LYS B 182 -6.37 56.36 23.87
CA LYS B 182 -7.39 56.22 24.90
C LYS B 182 -8.17 54.92 24.75
N MET B 183 -8.33 54.44 23.52
CA MET B 183 -9.00 53.18 23.26
C MET B 183 -8.09 51.98 23.42
N LYS B 184 -6.86 52.19 23.91
CA LYS B 184 -5.90 51.11 24.13
C LYS B 184 -5.58 50.37 22.84
N GLU B 185 -5.45 51.12 21.74
CA GLU B 185 -5.08 50.57 20.44
C GLU B 185 -3.69 51.05 20.09
N CYS B 186 -2.85 50.16 19.60
CA CYS B 186 -1.51 50.54 19.20
C CYS B 186 -1.56 51.30 17.88
N PRO B 187 -0.97 52.48 17.80
CA PRO B 187 -0.93 53.20 16.53
C PRO B 187 -0.14 52.47 15.46
N TYR B 188 0.74 51.55 15.84
CA TYR B 188 1.49 50.76 14.87
C TYR B 188 0.68 49.62 14.29
N ASP B 189 -0.44 49.26 14.91
CA ASP B 189 -1.27 48.20 14.37
C ASP B 189 -1.83 48.63 13.02
N MET B 190 -1.83 47.71 12.06
CA MET B 190 -2.15 48.02 10.69
C MET B 190 -3.53 47.54 10.27
N GLY B 191 -4.22 46.77 11.08
CA GLY B 191 -5.52 46.28 10.69
C GLY B 191 -5.40 45.12 9.71
N GLY B 192 -6.45 44.93 8.92
CA GLY B 192 -6.46 43.88 7.93
C GLY B 192 -6.83 42.51 8.44
N TYR B 193 -7.35 42.40 9.66
CA TYR B 193 -7.75 41.12 10.21
C TYR B 193 -9.09 41.27 10.91
N PHE B 194 -9.77 40.14 11.10
CA PHE B 194 -11.04 40.10 11.80
C PHE B 194 -10.83 39.65 13.24
N VAL B 195 -11.84 39.91 14.08
CA VAL B 195 -11.84 39.47 15.46
C VAL B 195 -13.07 38.60 15.67
N ILE B 196 -12.89 37.29 15.67
CA ILE B 196 -13.97 36.33 15.90
C ILE B 196 -13.72 35.67 17.24
N ASN B 197 -14.67 35.82 18.16
CA ASN B 197 -14.58 35.25 19.50
C ASN B 197 -13.32 35.69 20.21
N GLY B 198 -12.93 36.95 20.04
CA GLY B 198 -11.77 37.49 20.69
C GLY B 198 -10.44 37.10 20.09
N SER B 199 -10.45 36.29 19.03
CA SER B 199 -9.24 35.84 18.39
C SER B 199 -9.10 36.52 17.03
N GLU B 200 -7.88 36.92 16.70
CA GLU B 200 -7.62 37.65 15.47
C GLU B 200 -7.37 36.67 14.33
N LYS B 201 -8.22 36.70 13.32
CA LYS B 201 -8.15 35.80 12.18
C LYS B 201 -7.77 36.60 10.94
N VAL B 202 -6.93 36.01 10.10
CA VAL B 202 -6.49 36.64 8.86
C VAL B 202 -6.90 35.75 7.70
N LEU B 203 -7.39 36.36 6.63
CA LEU B 203 -7.81 35.64 5.44
C LEU B 203 -6.63 35.50 4.49
N ILE B 204 -6.21 34.27 4.24
CA ILE B 204 -5.10 34.00 3.33
C ILE B 204 -5.61 34.02 1.90
N ALA B 205 -4.97 34.83 1.06
CA ALA B 205 -5.38 34.91 -0.34
C ALA B 205 -5.16 33.57 -1.04
N GLN B 206 -6.13 33.19 -1.86
CA GLN B 206 -6.14 31.89 -2.52
C GLN B 206 -5.90 32.09 -4.01
N GLU B 207 -4.93 31.36 -4.54
CA GLU B 207 -4.55 31.49 -5.94
C GLU B 207 -5.31 30.47 -6.78
N ARG B 208 -5.84 30.92 -7.91
CA ARG B 208 -6.61 30.07 -8.80
C ARG B 208 -6.28 30.42 -10.24
N SER B 209 -6.61 29.52 -11.15
CA SER B 209 -6.39 29.78 -12.56
C SER B 209 -7.40 30.79 -13.08
N ALA B 210 -6.96 31.65 -13.99
CA ALA B 210 -7.84 32.66 -14.56
C ALA B 210 -8.95 32.01 -15.38
N ALA B 211 -10.09 32.68 -15.44
CA ALA B 211 -11.22 32.20 -16.22
C ALA B 211 -11.30 32.94 -17.54
N ASN B 212 -12.16 32.43 -18.43
CA ASN B 212 -12.43 33.03 -19.73
C ASN B 212 -11.20 33.06 -20.63
N ILE B 213 -10.29 32.11 -20.44
CA ILE B 213 -9.10 31.99 -21.29
C ILE B 213 -9.00 30.56 -21.78
N VAL B 214 -8.57 30.40 -23.03
CA VAL B 214 -8.47 29.09 -23.66
C VAL B 214 -7.11 28.50 -23.33
N GLN B 215 -7.11 27.31 -22.76
CA GLN B 215 -5.88 26.59 -22.41
C GLN B 215 -5.81 25.32 -23.23
N VAL B 216 -4.71 25.14 -23.96
CA VAL B 216 -4.50 23.98 -24.81
C VAL B 216 -3.43 23.10 -24.18
N PHE B 217 -3.76 21.84 -23.96
CA PHE B 217 -2.86 20.92 -23.28
C PHE B 217 -2.67 19.67 -24.12
N LYS B 218 -1.50 19.04 -23.98
CA LYS B 218 -1.19 17.78 -24.64
C LYS B 218 -1.39 16.64 -23.65
N LYS B 219 -2.31 15.73 -23.98
CA LYS B 219 -2.56 14.59 -23.14
C LYS B 219 -1.47 13.53 -23.35
N ALA B 220 -1.29 12.69 -22.34
CA ALA B 220 -0.27 11.64 -22.39
C ALA B 220 -0.67 10.56 -23.40
N ALA B 221 0.33 9.73 -23.74
CA ALA B 221 0.12 8.71 -24.77
C ALA B 221 -0.98 7.71 -24.44
N PRO B 222 -1.04 7.11 -23.23
CA PRO B 222 -2.07 6.09 -22.99
C PRO B 222 -3.47 6.65 -22.93
N SER B 223 -3.93 7.23 -24.05
CA SER B 223 -5.25 7.83 -24.14
C SER B 223 -5.60 8.10 -25.60
N PRO B 224 -6.85 7.92 -26.01
CA PRO B 224 -7.24 8.28 -27.38
C PRO B 224 -7.14 9.78 -27.65
N ILE B 225 -7.09 10.61 -26.62
CA ILE B 225 -7.02 12.06 -26.77
C ILE B 225 -5.56 12.48 -26.82
N SER B 226 -5.21 13.29 -27.81
CA SER B 226 -3.85 13.80 -27.94
C SER B 226 -3.73 15.25 -27.46
N HIS B 227 -4.68 16.10 -27.83
CA HIS B 227 -4.70 17.49 -27.41
C HIS B 227 -6.08 17.84 -26.88
N VAL B 228 -6.11 18.74 -25.89
CA VAL B 228 -7.34 19.19 -25.26
C VAL B 228 -7.35 20.70 -25.25
N ALA B 229 -8.49 21.30 -25.61
CA ALA B 229 -8.72 22.72 -25.47
C ALA B 229 -9.73 22.94 -24.35
N GLU B 230 -9.34 23.71 -23.34
CA GLU B 230 -10.12 23.86 -22.13
C GLU B 230 -10.51 25.32 -21.95
N ILE B 231 -11.70 25.56 -21.43
CA ILE B 231 -12.11 26.91 -21.06
C ILE B 231 -13.12 26.80 -19.93
N ARG B 232 -12.97 27.66 -18.93
CA ARG B 232 -13.92 27.79 -17.84
C ARG B 232 -14.54 29.18 -17.89
N SER B 233 -15.86 29.24 -17.82
CA SER B 233 -16.58 30.48 -18.02
C SER B 233 -16.99 31.08 -16.69
N ALA B 234 -17.09 32.40 -16.65
CA ALA B 234 -17.46 33.11 -15.44
C ALA B 234 -18.08 34.45 -15.81
N LEU B 235 -19.27 34.72 -15.31
CA LEU B 235 -19.93 35.98 -15.57
C LEU B 235 -19.16 37.14 -14.96
N GLU B 236 -19.16 38.28 -15.66
CA GLU B 236 -18.46 39.45 -15.16
C GLU B 236 -19.04 39.94 -13.85
N LYS B 237 -20.37 39.95 -13.74
CA LYS B 237 -21.04 40.39 -12.51
C LYS B 237 -20.97 39.25 -11.49
N GLY B 238 -20.13 39.41 -10.48
CA GLY B 238 -19.94 38.42 -9.44
C GLY B 238 -18.69 37.57 -9.61
N SER B 239 -18.19 37.45 -10.84
CA SER B 239 -16.97 36.69 -11.13
C SER B 239 -17.04 35.28 -10.56
N ARG B 240 -18.18 34.63 -10.74
CA ARG B 240 -18.40 33.28 -10.23
C ARG B 240 -18.29 32.26 -11.35
N LEU B 241 -17.68 31.13 -11.04
CA LEU B 241 -17.58 30.04 -12.01
C LEU B 241 -18.95 29.50 -12.34
N ILE B 242 -19.23 29.32 -13.63
CA ILE B 242 -20.52 28.85 -14.11
C ILE B 242 -20.42 27.46 -14.73
N SER B 243 -19.63 27.32 -15.78
CA SER B 243 -19.53 26.04 -16.48
C SER B 243 -18.18 25.92 -17.13
N THR B 244 -17.80 24.67 -17.44
CA THR B 244 -16.55 24.37 -18.11
C THR B 244 -16.85 23.62 -19.40
N MET B 245 -16.00 23.84 -20.41
CA MET B 245 -16.20 23.25 -21.71
C MET B 245 -14.86 22.71 -22.22
N GLN B 246 -14.91 21.59 -22.94
CA GLN B 246 -13.72 20.99 -23.50
C GLN B 246 -13.94 20.66 -24.97
N ILE B 247 -12.85 20.65 -25.73
CA ILE B 247 -12.85 20.24 -27.13
C ILE B 247 -11.67 19.29 -27.29
N LYS B 248 -11.95 17.99 -27.23
CA LYS B 248 -10.91 16.98 -27.30
C LYS B 248 -10.62 16.60 -28.76
N LEU B 249 -9.36 16.31 -29.04
CA LEU B 249 -8.93 15.85 -30.35
C LEU B 249 -8.55 14.39 -30.23
N TYR B 250 -9.41 13.51 -30.74
CA TYR B 250 -9.18 12.08 -30.65
C TYR B 250 -8.24 11.62 -31.76
N GLY B 251 -7.65 10.45 -31.56
CA GLY B 251 -6.76 9.88 -32.55
C GLY B 251 -5.31 10.23 -32.30
N ARG B 252 -4.50 9.21 -32.02
CA ARG B 252 -3.08 9.39 -31.81
C ARG B 252 -2.36 9.50 -33.16
N GLU B 253 -1.06 9.74 -33.12
CA GLU B 253 -0.25 9.79 -34.34
C GLU B 253 -0.27 8.45 -35.04
N ASP B 254 -0.81 8.43 -36.27
CA ASP B 254 -0.96 7.22 -37.07
C ASP B 254 -1.75 6.15 -36.33
N LYS B 255 -2.78 6.56 -35.59
CA LYS B 255 -3.62 5.63 -34.85
C LYS B 255 -4.99 6.24 -34.67
N GLY B 256 -5.99 5.37 -34.58
CA GLY B 256 -7.37 5.81 -34.44
C GLY B 256 -8.03 6.24 -35.74
N THR B 257 -7.51 5.78 -36.88
CA THR B 257 -8.02 6.14 -38.20
C THR B 257 -8.06 7.66 -38.36
N GLY B 258 -9.26 8.22 -38.53
CA GLY B 258 -9.39 9.65 -38.65
C GLY B 258 -9.15 10.36 -37.33
N ARG B 259 -8.70 11.60 -37.42
CA ARG B 259 -8.47 12.44 -36.25
C ARG B 259 -9.68 13.33 -36.00
N THR B 260 -10.74 12.70 -35.51
CA THR B 260 -11.99 13.41 -35.26
C THR B 260 -11.87 14.31 -34.05
N ILE B 261 -12.69 15.35 -34.03
CA ILE B 261 -12.73 16.33 -32.95
C ILE B 261 -14.12 16.29 -32.32
N LYS B 262 -14.19 15.92 -31.05
CA LYS B 262 -15.44 15.83 -30.31
C LYS B 262 -15.46 16.87 -29.22
N ALA B 263 -16.53 17.67 -29.18
CA ALA B 263 -16.70 18.70 -28.17
C ALA B 263 -17.53 18.17 -27.01
N THR B 264 -17.25 18.69 -25.82
CA THR B 264 -17.97 18.29 -24.61
C THR B 264 -18.79 19.47 -24.13
N LEU B 265 -20.09 19.25 -23.96
CA LEU B 265 -20.98 20.32 -23.54
C LEU B 265 -21.53 20.05 -22.14
N PRO B 266 -21.88 21.08 -21.40
CA PRO B 266 -22.46 20.87 -20.06
C PRO B 266 -23.82 20.19 -20.16
N TYR B 267 -24.13 19.39 -19.14
CA TYR B 267 -25.40 18.65 -19.07
C TYR B 267 -25.62 17.82 -20.33
N VAL B 268 -24.55 17.22 -20.84
CA VAL B 268 -24.63 16.30 -21.96
C VAL B 268 -23.77 15.08 -21.64
N LYS B 269 -24.34 13.88 -21.78
CA LYS B 269 -23.68 12.69 -21.30
C LYS B 269 -22.48 12.30 -22.17
N GLN B 270 -22.58 12.48 -23.49
CA GLN B 270 -21.58 11.97 -24.40
C GLN B 270 -20.99 13.10 -25.25
N ASP B 271 -19.78 12.85 -25.73
CA ASP B 271 -19.10 13.82 -26.58
C ASP B 271 -19.80 13.92 -27.93
N ILE B 272 -19.66 15.09 -28.55
CA ILE B 272 -20.36 15.38 -29.80
C ILE B 272 -19.36 15.94 -30.82
N PRO B 273 -19.37 15.46 -32.06
CA PRO B 273 -18.45 16.01 -33.07
C PRO B 273 -18.72 17.48 -33.33
N ILE B 274 -17.66 18.20 -33.69
CA ILE B 274 -17.73 19.66 -33.76
C ILE B 274 -18.64 20.13 -34.88
N VAL B 275 -18.71 19.38 -35.98
CA VAL B 275 -19.55 19.80 -37.11
C VAL B 275 -21.01 19.82 -36.69
N ILE B 276 -21.41 18.86 -35.86
CA ILE B 276 -22.80 18.78 -35.42
C ILE B 276 -23.16 19.99 -34.57
N VAL B 277 -22.28 20.37 -33.63
CA VAL B 277 -22.58 21.52 -32.79
C VAL B 277 -22.55 22.81 -33.60
N PHE B 278 -21.66 22.89 -34.59
CA PHE B 278 -21.65 24.06 -35.46
C PHE B 278 -22.98 24.20 -36.19
N ARG B 279 -23.48 23.11 -36.76
CA ARG B 279 -24.78 23.16 -37.42
C ARG B 279 -25.90 23.43 -36.42
N ALA B 280 -25.75 22.96 -35.18
CA ALA B 280 -26.74 23.24 -34.16
C ALA B 280 -26.84 24.73 -33.87
N LEU B 281 -25.70 25.42 -33.82
CA LEU B 281 -25.76 26.88 -33.66
C LEU B 281 -26.41 27.58 -34.84
N GLY B 282 -26.44 26.95 -36.01
CA GLY B 282 -27.15 27.53 -37.13
C GLY B 282 -26.29 27.88 -38.32
N VAL B 283 -25.20 27.16 -38.52
CA VAL B 283 -24.36 27.32 -39.71
C VAL B 283 -24.23 25.95 -40.38
N VAL B 284 -25.11 25.67 -41.33
CA VAL B 284 -25.21 24.35 -41.94
C VAL B 284 -24.22 24.10 -43.08
N PRO B 285 -23.93 25.04 -44.00
CA PRO B 285 -23.02 24.69 -45.09
C PRO B 285 -21.60 24.51 -44.58
N ASP B 286 -20.84 23.66 -45.30
CA ASP B 286 -19.49 23.35 -44.87
C ASP B 286 -18.53 24.50 -45.19
N GLY B 287 -18.76 25.20 -46.30
CA GLY B 287 -17.90 26.33 -46.63
C GLY B 287 -17.92 27.41 -45.57
N GLU B 288 -19.12 27.71 -45.05
CA GLU B 288 -19.23 28.70 -43.98
C GLU B 288 -18.51 28.23 -42.72
N ILE B 289 -18.60 26.94 -42.41
CA ILE B 289 -17.91 26.41 -41.24
C ILE B 289 -16.41 26.56 -41.39
N LEU B 290 -15.89 26.22 -42.58
CA LEU B 290 -14.46 26.38 -42.82
C LEU B 290 -14.04 27.84 -42.74
N GLN B 291 -14.89 28.75 -43.22
CA GLN B 291 -14.60 30.17 -43.06
C GLN B 291 -14.54 30.55 -41.59
N HIS B 292 -15.45 30.00 -40.77
CA HIS B 292 -15.45 30.29 -39.35
C HIS B 292 -14.19 29.78 -38.67
N ILE B 293 -13.73 28.58 -39.05
CA ILE B 293 -12.60 27.97 -38.35
C ILE B 293 -11.28 28.54 -38.84
N CYS B 294 -10.99 28.36 -40.13
CA CYS B 294 -9.68 28.73 -40.66
C CYS B 294 -9.67 30.17 -41.14
N TYR B 295 -8.47 30.68 -41.39
CA TYR B 295 -8.28 32.04 -41.91
C TYR B 295 -7.23 32.10 -43.02
N ASP B 296 -6.87 30.95 -43.59
CA ASP B 296 -5.90 30.92 -44.69
C ASP B 296 -6.14 29.63 -45.48
N GLU B 297 -6.78 29.75 -46.64
CA GLU B 297 -7.12 28.59 -47.45
C GLU B 297 -5.87 27.84 -47.93
N ASN B 298 -4.72 28.52 -48.01
CA ASN B 298 -3.51 27.84 -48.43
C ASN B 298 -2.99 26.87 -47.38
N ASP B 299 -3.46 26.98 -46.14
CA ASP B 299 -3.03 26.10 -45.06
C ASP B 299 -3.73 24.75 -45.23
N TRP B 300 -3.22 23.96 -46.18
CA TRP B 300 -3.83 22.67 -46.48
C TRP B 300 -3.69 21.67 -45.34
N GLN B 301 -2.74 21.88 -44.43
CA GLN B 301 -2.56 20.93 -43.33
C GLN B 301 -3.76 20.94 -42.39
N MET B 302 -4.19 22.13 -41.96
CA MET B 302 -5.35 22.20 -41.10
C MET B 302 -6.61 21.75 -41.84
N LEU B 303 -6.67 21.98 -43.15
CA LEU B 303 -7.81 21.51 -43.92
C LEU B 303 -7.87 19.99 -43.94
N GLU B 304 -6.74 19.33 -44.16
CA GLU B 304 -6.75 17.88 -44.15
C GLU B 304 -6.96 17.33 -42.75
N MET B 305 -6.60 18.10 -41.72
CA MET B 305 -6.97 17.70 -40.36
C MET B 305 -8.47 17.80 -40.14
N LEU B 306 -9.11 18.81 -40.74
CA LEU B 306 -10.54 19.00 -40.60
C LEU B 306 -11.38 18.05 -41.44
N LYS B 307 -10.80 17.50 -42.50
CA LYS B 307 -11.54 16.59 -43.38
C LYS B 307 -12.23 15.44 -42.65
N PRO B 308 -11.58 14.70 -41.73
CA PRO B 308 -12.30 13.62 -41.04
C PRO B 308 -13.51 14.11 -40.25
N CYS B 309 -13.43 15.30 -39.66
CA CYS B 309 -14.57 15.82 -38.91
C CYS B 309 -15.77 16.07 -39.82
N ILE B 310 -15.52 16.66 -41.00
CA ILE B 310 -16.60 16.88 -41.95
C ILE B 310 -17.17 15.56 -42.43
N GLU B 311 -16.30 14.59 -42.72
CA GLU B 311 -16.77 13.29 -43.18
C GLU B 311 -17.63 12.61 -42.13
N GLU B 312 -17.23 12.70 -40.87
CA GLU B 312 -18.04 12.10 -39.80
C GLU B 312 -19.36 12.82 -39.64
N GLY B 313 -19.36 14.15 -39.67
CA GLY B 313 -20.57 14.91 -39.46
C GLY B 313 -21.47 15.06 -40.67
N PHE B 314 -21.08 14.50 -41.81
CA PHE B 314 -21.88 14.60 -43.02
C PHE B 314 -23.29 14.04 -42.86
N VAL B 315 -23.50 13.15 -41.89
CA VAL B 315 -24.82 12.52 -41.75
C VAL B 315 -25.88 13.55 -41.42
N ILE B 316 -25.55 14.54 -40.59
CA ILE B 316 -26.49 15.60 -40.21
C ILE B 316 -26.34 16.75 -41.18
N GLN B 317 -27.45 17.21 -41.75
CA GLN B 317 -27.42 18.23 -42.79
C GLN B 317 -28.45 19.33 -42.56
N ASP B 318 -28.97 19.47 -41.35
CA ASP B 318 -29.98 20.48 -41.09
C ASP B 318 -29.88 20.95 -39.65
N LYS B 319 -30.41 22.15 -39.40
CA LYS B 319 -30.35 22.72 -38.06
C LYS B 319 -31.21 21.93 -37.09
N GLU B 320 -32.47 21.67 -37.43
CA GLU B 320 -33.39 21.06 -36.49
C GLU B 320 -32.97 19.65 -36.10
N VAL B 321 -32.47 18.87 -37.08
CA VAL B 321 -32.04 17.52 -36.76
C VAL B 321 -30.81 17.54 -35.86
N ALA B 322 -29.92 18.52 -36.07
CA ALA B 322 -28.76 18.67 -35.20
C ALA B 322 -29.19 19.02 -33.77
N LEU B 323 -30.14 19.95 -33.64
CA LEU B 323 -30.66 20.28 -32.31
C LEU B 323 -31.30 19.06 -31.66
N ASP B 324 -32.03 18.27 -32.43
CA ASP B 324 -32.64 17.06 -31.86
C ASP B 324 -31.57 16.08 -31.40
N PHE B 325 -30.50 15.92 -32.17
CA PHE B 325 -29.43 15.03 -31.75
C PHE B 325 -28.77 15.52 -30.48
N ILE B 326 -28.55 16.83 -30.36
CA ILE B 326 -27.99 17.37 -29.13
C ILE B 326 -28.92 17.13 -27.96
N GLY B 327 -30.23 17.36 -28.16
CA GLY B 327 -31.18 17.19 -27.09
C GLY B 327 -31.34 15.76 -26.64
N ARG B 328 -31.20 14.81 -27.56
CA ARG B 328 -31.38 13.39 -27.20
C ARG B 328 -30.38 12.97 -26.13
N ARG B 329 -29.14 13.42 -26.24
CA ARG B 329 -28.11 13.10 -25.27
C ARG B 329 -28.03 14.13 -24.14
N GLY B 330 -29.01 15.02 -24.04
CA GLY B 330 -28.95 16.12 -23.10
C GLY B 330 -29.15 15.76 -21.65
N SER B 331 -29.11 14.47 -21.33
CA SER B 331 -29.22 13.96 -19.97
C SER B 331 -30.48 14.44 -19.26
N ALA B 332 -31.52 14.78 -20.02
CA ALA B 332 -32.78 15.22 -19.46
C ALA B 332 -33.66 13.99 -19.19
N ALA B 333 -34.95 14.22 -18.93
CA ALA B 333 -35.87 13.13 -18.72
C ALA B 333 -35.99 12.28 -19.98
N LEU B 334 -36.18 10.98 -19.78
CA LEU B 334 -36.31 10.06 -20.90
C LEU B 334 -37.70 10.16 -21.53
N GLY B 335 -37.77 9.94 -22.84
CA GLY B 335 -39.02 9.98 -23.54
C GLY B 335 -39.54 11.35 -23.89
N ILE B 336 -38.70 12.38 -23.83
CA ILE B 336 -39.14 13.73 -24.16
C ILE B 336 -39.48 13.82 -25.64
N ARG B 337 -40.59 14.49 -25.94
CA ARG B 337 -41.05 14.64 -27.31
C ARG B 337 -40.06 15.45 -28.13
N ARG B 338 -40.17 15.33 -29.46
CA ARG B 338 -39.19 15.95 -30.35
C ARG B 338 -39.21 17.46 -30.24
N GLU B 339 -40.40 18.07 -30.18
CA GLU B 339 -40.48 19.53 -30.02
C GLU B 339 -39.88 19.97 -28.70
N LYS B 340 -40.22 19.28 -27.61
CA LYS B 340 -39.65 19.62 -26.32
C LYS B 340 -38.16 19.32 -26.27
N ARG B 341 -37.71 18.28 -26.99
CA ARG B 341 -36.28 18.02 -27.08
C ARG B 341 -35.55 19.16 -27.78
N ILE B 342 -36.13 19.68 -28.87
CA ILE B 342 -35.51 20.80 -29.57
C ILE B 342 -35.48 22.04 -28.69
N GLN B 343 -36.57 22.29 -27.96
CA GLN B 343 -36.58 23.45 -27.06
C GLN B 343 -35.55 23.30 -25.94
N TYR B 344 -35.40 22.08 -25.42
CA TYR B 344 -34.39 21.84 -24.39
C TYR B 344 -32.99 22.06 -24.96
N ALA B 345 -32.76 21.63 -26.20
CA ALA B 345 -31.47 21.87 -26.84
C ALA B 345 -31.22 23.35 -27.02
N LYS B 346 -32.25 24.11 -27.43
CA LYS B 346 -32.09 25.55 -27.56
C LYS B 346 -31.77 26.20 -26.23
N ASP B 347 -32.41 25.74 -25.16
CA ASP B 347 -32.10 26.25 -23.82
C ASP B 347 -30.66 25.96 -23.44
N ILE B 348 -30.23 24.70 -23.61
CA ILE B 348 -28.88 24.31 -23.23
C ILE B 348 -27.82 24.86 -24.17
N LEU B 349 -28.22 25.39 -25.32
CA LEU B 349 -27.27 25.93 -26.27
C LEU B 349 -27.12 27.44 -26.13
N GLN B 350 -28.25 28.15 -25.99
CA GLN B 350 -28.20 29.57 -25.67
C GLN B 350 -27.54 29.82 -24.32
N LYS B 351 -28.03 29.14 -23.29
CA LYS B 351 -27.48 29.27 -21.95
C LYS B 351 -26.54 28.10 -21.66
N GLU B 352 -25.64 28.31 -20.71
CA GLU B 352 -24.75 27.28 -20.19
C GLU B 352 -23.66 26.89 -21.18
N LEU B 353 -23.73 27.38 -22.41
CA LEU B 353 -22.66 27.17 -23.39
C LEU B 353 -21.94 28.49 -23.61
N LEU B 354 -20.71 28.57 -23.12
CA LEU B 354 -19.96 29.82 -23.09
C LEU B 354 -20.81 30.96 -22.53
N PRO B 355 -21.29 30.84 -21.28
CA PRO B 355 -22.14 31.90 -20.73
C PRO B 355 -21.46 33.24 -20.64
N HIS B 356 -20.12 33.27 -20.52
CA HIS B 356 -19.42 34.53 -20.39
C HIS B 356 -19.52 35.38 -21.64
N ILE B 357 -19.93 34.80 -22.77
CA ILE B 357 -20.02 35.58 -24.00
C ILE B 357 -21.33 36.36 -24.05
N THR B 358 -22.46 35.67 -23.94
CA THR B 358 -23.76 36.30 -23.97
C THR B 358 -24.81 35.35 -23.43
N GLN B 359 -26.00 35.90 -23.20
CA GLN B 359 -27.15 35.12 -22.75
C GLN B 359 -28.43 35.39 -23.53
N GLU B 360 -28.52 36.49 -24.28
CA GLU B 360 -29.76 36.87 -24.93
C GLU B 360 -29.94 36.10 -26.24
N GLU B 361 -31.17 36.15 -26.75
CA GLU B 361 -31.55 35.43 -27.96
C GLU B 361 -31.06 36.15 -29.20
N GLY B 362 -30.94 35.39 -30.29
CA GLY B 362 -30.51 35.96 -31.56
C GLY B 362 -29.15 36.58 -31.50
N PHE B 363 -28.26 36.03 -30.68
CA PHE B 363 -26.94 36.60 -30.44
C PHE B 363 -25.90 35.48 -30.41
N GLU B 364 -26.05 34.51 -31.32
CA GLU B 364 -25.26 33.29 -31.31
C GLU B 364 -24.13 33.29 -32.34
N THR B 365 -24.06 34.31 -33.20
CA THR B 365 -22.95 34.38 -34.15
C THR B 365 -21.62 34.49 -33.42
N ARG B 366 -21.59 35.25 -32.32
CA ARG B 366 -20.37 35.38 -31.55
C ARG B 366 -19.94 34.04 -30.96
N LYS B 367 -20.90 33.22 -30.54
CA LYS B 367 -20.55 31.90 -30.04
C LYS B 367 -19.95 31.03 -31.15
N THR B 368 -20.48 31.12 -32.36
CA THR B 368 -19.91 30.39 -33.48
C THR B 368 -18.48 30.85 -33.75
N PHE B 369 -18.25 32.16 -33.73
CA PHE B 369 -16.91 32.68 -33.96
C PHE B 369 -15.95 32.23 -32.88
N PHE B 370 -16.41 32.18 -31.63
CA PHE B 370 -15.53 31.72 -30.56
C PHE B 370 -15.24 30.23 -30.66
N LEU B 371 -16.21 29.44 -31.08
CA LEU B 371 -15.92 28.03 -31.37
C LEU B 371 -14.89 27.91 -32.48
N GLY B 372 -15.00 28.75 -33.51
CA GLY B 372 -13.97 28.77 -34.55
C GLY B 372 -12.61 29.10 -33.99
N TYR B 373 -12.55 30.07 -33.10
CA TYR B 373 -11.28 30.45 -32.49
C TYR B 373 -10.70 29.31 -31.66
N MET B 374 -11.54 28.64 -30.87
CA MET B 374 -11.06 27.53 -30.05
C MET B 374 -10.54 26.39 -30.92
N VAL B 375 -11.26 26.05 -31.99
CA VAL B 375 -10.82 24.99 -32.88
C VAL B 375 -9.54 25.37 -33.57
N ASN B 376 -9.42 26.64 -33.97
CA ASN B 376 -8.19 27.11 -34.60
C ASN B 376 -7.01 26.95 -33.66
N ARG B 377 -7.18 27.34 -32.40
CA ARG B 377 -6.10 27.21 -31.42
C ARG B 377 -5.74 25.75 -31.20
N LEU B 378 -6.76 24.88 -31.11
CA LEU B 378 -6.51 23.46 -30.89
C LEU B 378 -5.70 22.86 -32.03
N LEU B 379 -6.12 23.14 -33.26
CA LEU B 379 -5.39 22.61 -34.42
C LEU B 379 -3.99 23.21 -34.50
N LEU B 380 -3.86 24.50 -34.19
CA LEU B 380 -2.56 25.16 -34.28
C LEU B 380 -1.57 24.55 -33.31
N CYS B 381 -2.02 24.21 -32.10
CA CYS B 381 -1.12 23.55 -31.17
C CYS B 381 -0.91 22.09 -31.54
N ALA B 382 -1.91 21.43 -32.12
CA ALA B 382 -1.75 20.04 -32.54
C ALA B 382 -0.72 19.92 -33.66
N LEU B 383 -0.68 20.90 -34.55
CA LEU B 383 0.28 20.93 -35.65
C LEU B 383 1.67 21.34 -35.20
N GLU B 384 1.91 21.44 -33.89
CA GLU B 384 3.19 21.80 -33.29
C GLU B 384 3.68 23.18 -33.70
N ARG B 385 2.82 23.98 -34.35
CA ARG B 385 3.23 25.31 -34.76
C ARG B 385 3.43 26.25 -33.58
N LYS B 386 2.79 25.98 -32.45
CA LYS B 386 2.94 26.79 -31.25
C LYS B 386 3.15 25.90 -30.05
N ASP B 387 3.88 26.41 -29.07
CA ASP B 387 4.05 25.69 -27.82
C ASP B 387 2.75 25.68 -27.03
N GLN B 388 2.51 24.56 -26.34
CA GLN B 388 1.32 24.46 -25.51
C GLN B 388 1.36 25.50 -24.40
N ASP B 389 0.18 26.00 -24.05
CA ASP B 389 0.09 27.09 -23.08
C ASP B 389 0.72 26.69 -21.76
N ASP B 390 1.56 27.58 -21.23
CA ASP B 390 2.26 27.29 -19.98
C ASP B 390 1.30 27.36 -18.81
N ARG B 391 1.23 26.29 -18.03
CA ARG B 391 0.34 26.25 -16.88
C ARG B 391 0.87 27.07 -15.72
N ASP B 392 2.19 27.19 -15.61
CA ASP B 392 2.81 27.90 -14.51
C ASP B 392 2.98 29.39 -14.76
N HIS B 393 2.61 29.87 -15.96
CA HIS B 393 2.71 31.27 -16.29
C HIS B 393 1.89 32.10 -15.30
N PHE B 394 2.58 32.91 -14.49
CA PHE B 394 1.91 33.63 -13.40
C PHE B 394 1.00 34.74 -13.90
N GLY B 395 1.08 35.12 -15.16
CA GLY B 395 0.12 36.08 -15.68
C GLY B 395 -1.26 35.52 -15.92
N LYS B 396 -1.41 34.21 -15.87
CA LYS B 396 -2.69 33.55 -16.05
C LYS B 396 -3.31 33.10 -14.73
N LYS B 397 -2.80 33.57 -13.60
CA LYS B 397 -3.35 33.25 -12.30
C LYS B 397 -4.09 34.45 -11.73
N ARG B 398 -4.96 34.17 -10.76
CA ARG B 398 -5.69 35.20 -10.06
C ARG B 398 -5.64 34.91 -8.57
N LEU B 399 -5.70 35.97 -7.77
CA LEU B 399 -5.66 35.85 -6.31
C LEU B 399 -6.99 36.30 -5.74
N ASP B 400 -7.57 35.48 -4.88
CA ASP B 400 -8.84 35.79 -4.23
C ASP B 400 -8.55 36.36 -2.84
N LEU B 401 -8.84 37.64 -2.67
CA LEU B 401 -8.64 38.32 -1.39
C LEU B 401 -9.91 38.18 -0.56
N ALA B 402 -10.03 38.98 0.50
CA ALA B 402 -11.21 38.88 1.37
C ALA B 402 -12.50 39.13 0.61
N GLY B 403 -12.46 40.00 -0.40
CA GLY B 403 -13.64 40.33 -1.17
C GLY B 403 -14.29 39.15 -1.82
N PRO B 404 -13.62 38.54 -2.79
CA PRO B 404 -14.22 37.37 -3.48
C PRO B 404 -14.57 36.21 -2.57
N LEU B 405 -13.74 35.91 -1.57
CA LEU B 405 -14.03 34.80 -0.67
C LEU B 405 -15.30 35.07 0.13
N LEU B 406 -15.39 36.26 0.73
CA LEU B 406 -16.60 36.60 1.46
C LEU B 406 -17.80 36.65 0.54
N ALA B 407 -17.62 37.07 -0.72
CA ALA B 407 -18.74 37.11 -1.64
C ALA B 407 -19.28 35.72 -1.93
N ASN B 408 -18.38 34.75 -2.17
CA ASN B 408 -18.83 33.38 -2.40
C ASN B 408 -19.57 32.84 -1.19
N LEU B 409 -18.97 32.99 -0.01
CA LEU B 409 -19.61 32.48 1.20
C LEU B 409 -20.96 33.13 1.44
N PHE B 410 -21.05 34.45 1.25
CA PHE B 410 -22.30 35.15 1.48
C PHE B 410 -23.34 34.76 0.46
N ARG B 411 -22.94 34.49 -0.78
CA ARG B 411 -23.90 34.03 -1.77
C ARG B 411 -24.50 32.69 -1.34
N ILE B 412 -23.66 31.78 -0.87
CA ILE B 412 -24.18 30.49 -0.40
C ILE B 412 -25.15 30.69 0.76
N LEU B 413 -24.74 31.47 1.76
CA LEU B 413 -25.57 31.64 2.94
C LEU B 413 -26.87 32.36 2.62
N PHE B 414 -26.83 33.34 1.71
CA PHE B 414 -28.04 34.06 1.36
C PHE B 414 -28.99 33.19 0.56
N ARG B 415 -28.47 32.31 -0.30
CA ARG B 415 -29.34 31.36 -0.97
C ARG B 415 -30.02 30.44 0.05
N LYS B 416 -29.26 30.01 1.07
CA LYS B 416 -29.86 29.19 2.12
C LYS B 416 -30.96 29.95 2.85
N LEU B 417 -30.71 31.23 3.17
CA LEU B 417 -31.73 32.02 3.84
C LEU B 417 -32.96 32.21 2.97
N THR B 418 -32.76 32.43 1.67
CA THR B 418 -33.89 32.58 0.76
C THR B 418 -34.73 31.31 0.70
N ARG B 419 -34.07 30.16 0.65
CA ARG B 419 -34.80 28.90 0.64
C ARG B 419 -35.57 28.72 1.95
N GLU B 420 -34.98 29.10 3.08
CA GLU B 420 -35.70 29.00 4.34
C GLU B 420 -36.92 29.91 4.35
N ILE B 421 -36.80 31.12 3.83
CA ILE B 421 -37.94 32.02 3.75
C ILE B 421 -39.02 31.44 2.86
N TYR B 422 -38.62 30.86 1.72
CA TYR B 422 -39.58 30.25 0.81
C TYR B 422 -40.34 29.11 1.49
N ARG B 423 -39.62 28.24 2.20
CA ARG B 423 -40.26 27.13 2.88
C ARG B 423 -41.20 27.61 3.96
N TYR B 424 -40.79 28.61 4.74
CA TYR B 424 -41.65 29.15 5.79
C TYR B 424 -42.90 29.78 5.18
N MET B 425 -42.75 30.48 4.06
CA MET B 425 -43.91 31.07 3.40
C MET B 425 -44.88 30.01 2.94
N GLN B 426 -44.38 28.93 2.34
CA GLN B 426 -45.26 27.85 1.91
C GLN B 426 -45.98 27.24 3.10
N ARG B 427 -45.27 27.05 4.21
CA ARG B 427 -45.89 26.47 5.39
C ARG B 427 -46.95 27.39 5.97
N CYS B 428 -46.71 28.70 5.96
CA CYS B 428 -47.58 29.62 6.68
C CYS B 428 -48.73 30.18 5.83
N ILE B 429 -48.68 30.05 4.51
CA ILE B 429 -49.82 30.50 3.71
C ILE B 429 -51.05 29.64 3.98
N GLU B 430 -50.86 28.38 4.40
CA GLU B 430 -52.00 27.51 4.67
C GLU B 430 -52.95 28.13 5.69
N THR B 431 -52.41 28.85 6.67
CA THR B 431 -53.26 29.57 7.62
C THR B 431 -53.85 30.85 7.03
N ASP B 432 -53.35 31.29 5.87
CA ASP B 432 -53.81 32.52 5.24
C ASP B 432 -53.72 33.71 6.18
N ARG B 433 -52.60 33.80 6.90
CA ARG B 433 -52.37 34.87 7.86
C ARG B 433 -51.45 35.92 7.27
N ASP B 434 -51.60 37.16 7.75
CA ASP B 434 -50.68 38.22 7.37
C ASP B 434 -49.38 38.08 8.13
N PHE B 435 -48.46 37.26 7.62
CA PHE B 435 -47.16 37.08 8.25
C PHE B 435 -46.40 38.40 8.31
N ASN B 436 -45.72 38.62 9.44
CA ASN B 436 -45.01 39.87 9.64
C ASN B 436 -43.81 40.02 8.71
N LEU B 437 -43.33 38.92 8.14
CA LEU B 437 -42.13 38.87 7.29
C LEU B 437 -40.89 39.19 8.11
N ASN B 438 -41.07 39.61 9.35
CA ASN B 438 -39.99 39.72 10.31
C ASN B 438 -39.79 38.43 11.09
N LEU B 439 -40.69 37.46 10.90
CA LEU B 439 -40.57 36.15 11.50
C LEU B 439 -40.09 35.10 10.52
N ALA B 440 -40.32 35.31 9.23
CA ALA B 440 -39.85 34.37 8.21
C ALA B 440 -38.34 34.30 8.19
N VAL B 441 -37.67 35.45 8.32
CA VAL B 441 -36.21 35.47 8.27
C VAL B 441 -35.65 34.83 9.51
N LYS B 442 -34.46 34.26 9.37
CA LYS B 442 -33.68 33.76 10.49
C LYS B 442 -32.32 34.45 10.42
N SER B 443 -32.13 35.48 11.25
CA SER B 443 -30.87 36.19 11.26
C SER B 443 -29.72 35.32 11.71
N THR B 444 -30.01 34.17 12.30
CA THR B 444 -28.95 33.30 12.79
C THR B 444 -28.22 32.59 11.66
N THR B 445 -28.87 32.40 10.50
CA THR B 445 -28.27 31.63 9.42
C THR B 445 -26.97 32.27 8.95
N ILE B 446 -27.05 33.49 8.43
CA ILE B 446 -25.87 34.17 7.90
C ILE B 446 -24.84 34.40 8.99
N THR B 447 -25.30 34.82 10.17
CA THR B 447 -24.38 35.12 11.27
C THR B 447 -23.56 33.89 11.63
N SER B 448 -24.23 32.76 11.88
CA SER B 448 -23.52 31.56 12.27
C SER B 448 -22.64 31.03 11.15
N GLY B 449 -23.12 31.11 9.91
CA GLY B 449 -22.31 30.62 8.80
C GLY B 449 -21.01 31.40 8.65
N LEU B 450 -21.11 32.73 8.64
CA LEU B 450 -19.92 33.56 8.52
C LEU B 450 -18.98 33.35 9.70
N LYS B 451 -19.54 33.33 10.91
CA LYS B 451 -18.69 33.18 12.09
C LYS B 451 -17.99 31.83 12.10
N TYR B 452 -18.70 30.76 11.72
CA TYR B 452 -18.08 29.45 11.70
C TYR B 452 -16.96 29.37 10.66
N SER B 453 -17.23 29.88 9.45
CA SER B 453 -16.22 29.79 8.42
C SER B 453 -14.99 30.61 8.76
N LEU B 454 -15.18 31.76 9.39
CA LEU B 454 -14.03 32.58 9.76
C LEU B 454 -13.30 32.00 10.96
N ALA B 455 -14.03 31.36 11.88
CA ALA B 455 -13.40 30.83 13.08
C ALA B 455 -12.59 29.57 12.80
N THR B 456 -13.14 28.67 11.99
CA THR B 456 -12.48 27.39 11.78
C THR B 456 -11.63 27.33 10.53
N GLY B 457 -11.88 28.20 9.55
CA GLY B 457 -11.13 28.21 8.32
C GLY B 457 -11.71 27.35 7.22
N ASN B 458 -12.70 26.52 7.53
CA ASN B 458 -13.37 25.72 6.52
C ASN B 458 -14.31 26.63 5.72
N TRP B 459 -14.02 26.81 4.44
CA TRP B 459 -14.76 27.77 3.64
C TRP B 459 -15.95 27.05 2.99
N GLY B 460 -17.05 27.02 3.73
CA GLY B 460 -18.25 26.38 3.24
C GLY B 460 -19.28 26.28 4.34
N GLU B 461 -20.33 25.52 4.05
CA GLU B 461 -21.36 25.28 5.05
C GLU B 461 -20.84 24.36 6.15
N GLN B 462 -21.43 24.48 7.33
CA GLN B 462 -20.96 23.71 8.48
C GLN B 462 -21.16 22.21 8.28
N LYS B 463 -22.30 21.82 7.71
CA LYS B 463 -22.61 20.41 7.53
C LYS B 463 -21.90 19.80 6.33
N LYS B 464 -21.21 20.60 5.54
CA LYS B 464 -20.38 20.13 4.44
C LYS B 464 -18.91 20.42 4.71
N ALA B 465 -18.46 20.18 5.95
CA ALA B 465 -17.08 20.47 6.31
C ALA B 465 -16.10 19.67 5.46
N MET B 466 -16.39 18.39 5.25
CA MET B 466 -15.62 17.62 4.31
C MET B 466 -15.81 18.17 2.90
N SER B 467 -14.76 18.04 2.09
CA SER B 467 -14.70 18.53 0.71
C SER B 467 -14.66 20.04 0.61
N SER B 468 -14.66 20.76 1.72
CA SER B 468 -14.54 22.20 1.71
C SER B 468 -13.07 22.61 1.82
N ARG B 469 -12.74 23.76 1.25
CA ARG B 469 -11.37 24.25 1.27
C ARG B 469 -11.02 24.72 2.66
N ALA B 470 -10.05 24.06 3.29
CA ALA B 470 -9.68 24.35 4.66
C ALA B 470 -8.40 25.18 4.72
N GLY B 471 -8.22 25.86 5.85
CA GLY B 471 -7.06 26.69 6.06
C GLY B 471 -7.14 28.07 5.48
N VAL B 472 -8.32 28.50 5.01
CA VAL B 472 -8.45 29.83 4.44
C VAL B 472 -8.23 30.90 5.50
N SER B 473 -8.79 30.69 6.68
CA SER B 473 -8.67 31.62 7.80
C SER B 473 -7.72 31.05 8.84
N GLN B 474 -6.76 31.85 9.27
CA GLN B 474 -5.74 31.41 10.21
C GLN B 474 -5.59 32.43 11.33
N VAL B 475 -5.06 31.95 12.45
CA VAL B 475 -4.82 32.84 13.59
C VAL B 475 -3.64 33.73 13.29
N LEU B 476 -3.82 35.03 13.48
CA LEU B 476 -2.77 35.99 13.15
C LEU B 476 -1.53 35.75 14.00
N ASN B 477 -0.37 35.74 13.36
CA ASN B 477 0.89 35.49 14.04
C ASN B 477 1.39 36.79 14.64
N ARG B 478 1.43 36.87 15.97
CA ARG B 478 1.81 38.09 16.66
C ARG B 478 3.09 37.91 17.45
N TYR B 479 3.99 37.05 16.98
CA TYR B 479 5.24 36.85 17.71
C TYR B 479 6.12 38.09 17.63
N THR B 480 6.17 38.73 16.47
CA THR B 480 6.90 39.98 16.32
C THR B 480 6.26 40.74 15.17
N TYR B 481 6.62 42.02 15.06
CA TYR B 481 5.95 42.89 14.09
C TYR B 481 6.16 42.40 12.67
N SER B 482 7.38 41.99 12.35
CA SER B 482 7.67 41.51 11.00
C SER B 482 6.87 40.26 10.68
N SER B 483 6.67 39.38 11.66
CA SER B 483 5.89 38.17 11.42
C SER B 483 4.44 38.49 11.11
N THR B 484 3.87 39.47 11.82
CA THR B 484 2.51 39.91 11.51
C THR B 484 2.42 40.49 10.11
N LEU B 485 3.38 41.35 9.75
CA LEU B 485 3.37 41.94 8.42
C LEU B 485 3.49 40.87 7.34
N SER B 486 4.34 39.87 7.56
CA SER B 486 4.47 38.80 6.59
C SER B 486 3.19 37.99 6.49
N HIS B 487 2.55 37.70 7.62
CA HIS B 487 1.32 36.91 7.60
C HIS B 487 0.21 37.62 6.88
N LEU B 488 0.14 38.94 7.00
CA LEU B 488 -0.94 39.67 6.34
C LEU B 488 -0.77 39.77 4.83
N ARG B 489 0.38 39.35 4.29
CA ARG B 489 0.61 39.43 2.86
C ARG B 489 0.99 38.07 2.28
N ARG B 490 0.26 37.03 2.66
CA ARG B 490 0.60 35.66 2.30
C ARG B 490 -0.46 35.10 1.36
N THR B 491 -0.01 34.30 0.39
CA THR B 491 -0.88 33.68 -0.59
C THR B 491 -0.69 32.17 -0.56
N ASN B 492 -1.73 31.44 -0.93
CA ASN B 492 -1.70 29.98 -0.86
C ASN B 492 -2.17 29.38 -2.18
N THR B 493 -1.53 28.29 -2.58
CA THR B 493 -1.93 27.57 -3.78
C THR B 493 -2.60 26.27 -3.36
N PRO B 494 -3.90 26.11 -3.54
CA PRO B 494 -4.63 24.95 -3.03
C PRO B 494 -4.51 23.71 -3.90
N ILE B 495 -3.27 23.32 -4.21
CA ILE B 495 -3.06 22.08 -4.96
C ILE B 495 -2.96 20.88 -4.03
N GLY B 496 -2.71 21.11 -2.74
CA GLY B 496 -2.69 20.03 -1.79
C GLY B 496 -1.43 19.18 -1.89
N ARG B 497 -1.49 18.03 -1.22
CA ARG B 497 -0.40 17.06 -1.16
C ARG B 497 -0.60 15.88 -2.09
N ASP B 498 -1.83 15.37 -2.22
CA ASP B 498 -2.09 14.27 -3.15
C ASP B 498 -1.82 14.70 -4.58
N GLY B 499 -1.16 13.81 -5.33
CA GLY B 499 -0.81 14.12 -6.70
C GLY B 499 0.14 15.30 -6.85
N LYS B 500 1.14 15.37 -5.97
CA LYS B 500 2.09 16.47 -6.00
C LYS B 500 2.99 16.37 -7.24
N LEU B 501 3.55 17.51 -7.62
CA LEU B 501 4.51 17.57 -8.71
C LEU B 501 5.45 18.74 -8.45
N ALA B 502 6.65 18.67 -9.04
CA ALA B 502 7.66 19.68 -8.77
C ALA B 502 7.35 21.00 -9.48
N LYS B 503 6.70 20.94 -10.64
CA LYS B 503 6.48 22.15 -11.44
C LYS B 503 5.68 23.23 -10.71
N PRO B 504 4.56 22.93 -10.03
CA PRO B 504 3.88 24.00 -9.31
C PRO B 504 4.72 24.62 -8.19
N ARG B 505 5.62 23.85 -7.58
CA ARG B 505 6.42 24.35 -6.48
C ARG B 505 7.59 25.20 -6.93
N GLN B 506 7.96 25.15 -8.20
CA GLN B 506 9.15 25.84 -8.67
C GLN B 506 8.95 27.34 -8.65
N LEU B 507 10.07 28.06 -8.71
CA LEU B 507 10.06 29.51 -8.85
C LEU B 507 10.19 29.83 -10.33
N HIS B 508 9.12 30.37 -10.91
CA HIS B 508 9.05 30.59 -12.34
C HIS B 508 9.63 31.95 -12.72
N ASN B 509 9.96 32.09 -14.00
CA ASN B 509 10.49 33.37 -14.49
C ASN B 509 9.49 34.49 -14.30
N THR B 510 8.21 34.21 -14.51
CA THR B 510 7.18 35.25 -14.43
C THR B 510 6.90 35.70 -13.01
N HIS B 511 7.44 35.02 -12.01
CA HIS B 511 7.30 35.47 -10.63
C HIS B 511 8.11 36.71 -10.31
N TRP B 512 8.98 37.15 -11.23
CA TRP B 512 9.86 38.27 -10.95
C TRP B 512 9.06 39.52 -10.62
N GLY B 513 9.34 40.13 -9.48
CA GLY B 513 8.76 41.39 -9.10
C GLY B 513 7.39 41.30 -8.46
N LEU B 514 6.75 40.13 -8.50
CA LEU B 514 5.41 39.97 -7.95
C LEU B 514 5.37 39.14 -6.68
N VAL B 515 6.25 38.15 -6.53
CA VAL B 515 6.35 37.39 -5.30
C VAL B 515 7.82 37.30 -4.89
N CYS B 516 8.03 37.06 -3.61
CA CYS B 516 9.38 37.04 -3.06
C CYS B 516 10.11 35.79 -3.53
N PRO B 517 11.31 35.92 -4.10
CA PRO B 517 12.05 34.72 -4.50
C PRO B 517 12.63 33.94 -3.34
N ALA B 518 12.78 34.55 -2.17
CA ALA B 518 13.48 33.93 -1.06
C ALA B 518 12.57 33.34 0.00
N GLU B 519 11.40 33.93 0.22
CA GLU B 519 10.56 33.55 1.36
C GLU B 519 9.58 32.47 0.94
N THR B 520 9.73 31.29 1.54
CA THR B 520 8.80 30.18 1.36
C THR B 520 8.98 29.23 2.53
N PRO B 521 7.93 28.51 2.93
CA PRO B 521 8.07 27.59 4.06
C PRO B 521 8.91 26.38 3.71
N GLU B 522 9.11 25.54 4.72
CA GLU B 522 9.84 24.29 4.57
C GLU B 522 8.88 23.10 4.66
N GLY B 523 9.27 22.01 4.03
CA GLY B 523 8.51 20.78 4.14
C GLY B 523 7.43 20.69 3.09
N GLN B 524 6.21 20.35 3.54
CA GLN B 524 5.13 20.04 2.62
C GLN B 524 4.73 21.24 1.78
N ALA B 525 4.67 22.42 2.39
CA ALA B 525 4.12 23.60 1.74
C ALA B 525 5.18 24.43 1.01
N CYS B 526 6.38 23.89 0.83
CA CYS B 526 7.44 24.64 0.16
C CYS B 526 7.04 24.96 -1.28
N GLY B 527 7.12 26.22 -1.64
CA GLY B 527 6.80 26.66 -2.98
C GLY B 527 5.33 26.93 -3.23
N LEU B 528 4.45 26.22 -2.50
CA LEU B 528 3.02 26.44 -2.67
C LEU B 528 2.55 27.70 -1.97
N VAL B 529 3.22 28.09 -0.88
CA VAL B 529 2.87 29.30 -0.14
C VAL B 529 3.80 30.41 -0.59
N LYS B 530 3.22 31.52 -1.03
CA LYS B 530 3.98 32.63 -1.60
C LYS B 530 3.70 33.90 -0.84
N ASN B 531 4.64 34.83 -0.91
CA ASN B 531 4.53 36.13 -0.27
C ASN B 531 4.67 37.21 -1.32
N LEU B 532 3.76 38.18 -1.28
CA LEU B 532 3.81 39.28 -2.24
C LEU B 532 5.09 40.07 -2.10
N SER B 533 5.61 40.56 -3.22
CA SER B 533 6.75 41.46 -3.17
C SER B 533 6.36 42.76 -2.52
N LEU B 534 7.36 43.60 -2.27
CA LEU B 534 7.13 44.74 -1.39
C LEU B 534 6.45 45.90 -2.12
N LEU B 535 6.34 45.84 -3.45
CA LEU B 535 5.62 46.86 -4.21
C LEU B 535 4.43 46.29 -4.97
N SER B 536 4.06 45.04 -4.72
CA SER B 536 3.00 44.41 -5.49
C SER B 536 1.62 44.91 -5.06
N GLY B 537 0.65 44.71 -5.95
CA GLY B 537 -0.73 44.98 -5.63
C GLY B 537 -1.62 43.96 -6.30
N ILE B 538 -2.89 43.99 -5.93
CA ILE B 538 -3.90 43.11 -6.53
C ILE B 538 -4.98 43.99 -7.13
N SER B 539 -5.35 43.71 -8.37
CA SER B 539 -6.36 44.51 -9.03
C SER B 539 -7.70 44.35 -8.34
N ILE B 540 -8.49 45.41 -8.34
CA ILE B 540 -9.75 45.44 -7.60
C ILE B 540 -10.95 45.13 -8.49
N GLY B 541 -10.80 45.20 -9.81
CA GLY B 541 -11.89 44.95 -10.71
C GLY B 541 -12.56 46.22 -11.19
N SER B 542 -12.83 46.31 -12.49
CA SER B 542 -13.41 47.50 -13.09
C SER B 542 -14.45 47.08 -14.12
N PRO B 543 -15.49 47.89 -14.31
CA PRO B 543 -16.46 47.59 -15.37
C PRO B 543 -15.83 47.73 -16.75
N SER B 544 -16.25 46.86 -17.66
CA SER B 544 -15.68 46.83 -19.00
C SER B 544 -16.47 47.67 -20.01
N GLU B 545 -17.61 48.23 -19.61
CA GLU B 545 -18.41 49.02 -20.55
C GLU B 545 -17.67 50.23 -21.09
N PRO B 546 -16.98 51.05 -20.27
CA PRO B 546 -16.21 52.16 -20.87
C PRO B 546 -15.17 51.71 -21.86
N ILE B 547 -14.54 50.56 -21.63
CA ILE B 547 -13.55 50.06 -22.58
C ILE B 547 -14.19 49.76 -23.92
N ILE B 548 -15.36 49.10 -23.90
CA ILE B 548 -16.06 48.79 -25.14
C ILE B 548 -16.47 50.08 -25.84
N ASN B 549 -16.95 51.06 -25.08
CA ASN B 549 -17.35 52.32 -25.67
C ASN B 549 -16.18 53.01 -26.36
N PHE B 550 -15.02 53.06 -25.69
CA PHE B 550 -13.85 53.67 -26.29
C PHE B 550 -13.41 52.92 -27.54
N LEU B 551 -13.42 51.59 -27.48
CA LEU B 551 -13.02 50.79 -28.63
C LEU B 551 -13.93 51.04 -29.82
N GLU B 552 -15.24 51.05 -29.60
CA GLU B 552 -16.18 51.33 -30.68
C GLU B 552 -15.99 52.75 -31.22
N GLU B 553 -15.73 53.71 -30.33
CA GLU B 553 -15.54 55.08 -30.76
C GLU B 553 -14.31 55.22 -31.64
N TRP B 554 -13.25 54.47 -31.35
CA TRP B 554 -11.99 54.61 -32.05
C TRP B 554 -11.84 53.61 -33.20
N GLY B 555 -12.94 53.23 -33.84
CA GLY B 555 -12.87 52.56 -35.12
C GLY B 555 -12.97 51.04 -35.10
N MET B 556 -13.10 50.42 -33.94
CA MET B 556 -13.26 48.97 -33.91
C MET B 556 -14.59 48.58 -34.52
N GLU B 557 -14.57 47.54 -35.34
CA GLU B 557 -15.79 47.13 -36.00
C GLU B 557 -16.25 45.75 -35.51
N PRO B 558 -17.54 45.61 -35.18
CA PRO B 558 -18.01 44.39 -34.53
C PRO B 558 -17.94 43.15 -35.41
N LEU B 559 -18.30 42.01 -34.83
CA LEU B 559 -18.07 40.72 -35.50
C LEU B 559 -19.01 40.51 -36.67
N GLU B 560 -20.24 41.01 -36.60
CA GLU B 560 -21.18 40.76 -37.69
C GLU B 560 -20.74 41.42 -38.99
N ASP B 561 -19.87 42.42 -38.92
CA ASP B 561 -19.30 43.05 -40.12
C ASP B 561 -17.96 42.44 -40.51
N TYR B 562 -17.71 41.20 -40.11
CA TYR B 562 -16.43 40.55 -40.31
C TYR B 562 -16.58 39.36 -41.24
N ASP B 563 -15.69 39.27 -42.23
CA ASP B 563 -15.58 38.11 -43.11
C ASP B 563 -14.12 37.67 -43.12
N PRO B 564 -13.84 36.40 -42.84
CA PRO B 564 -12.44 35.95 -42.80
C PRO B 564 -11.71 36.16 -44.12
N ALA B 565 -12.38 35.95 -45.25
CA ALA B 565 -11.74 36.16 -46.54
C ALA B 565 -11.36 37.62 -46.75
N GLN B 566 -12.23 38.54 -46.35
CA GLN B 566 -11.98 39.96 -46.55
C GLN B 566 -10.89 40.46 -45.61
N HIS B 567 -11.13 40.39 -44.30
CA HIS B 567 -10.16 40.86 -43.30
C HIS B 567 -9.16 39.76 -43.00
N THR B 568 -8.30 39.50 -43.99
CA THR B 568 -7.26 38.50 -43.84
C THR B 568 -6.05 39.04 -43.08
N LYS B 569 -6.04 40.35 -42.77
CA LYS B 569 -4.92 40.96 -42.08
C LYS B 569 -5.34 41.76 -40.85
N SER B 570 -6.63 41.82 -40.54
CA SER B 570 -7.08 42.58 -39.38
C SER B 570 -6.67 41.87 -38.08
N THR B 571 -6.70 42.64 -37.00
CA THR B 571 -6.29 42.16 -35.69
C THR B 571 -7.52 41.94 -34.82
N ARG B 572 -7.58 40.78 -34.18
CA ARG B 572 -8.68 40.50 -33.27
C ARG B 572 -8.52 41.32 -31.99
N ILE B 573 -9.65 41.53 -31.31
CA ILE B 573 -9.69 42.31 -30.08
C ILE B 573 -10.46 41.54 -29.03
N PHE B 574 -9.81 41.25 -27.91
CA PHE B 574 -10.42 40.54 -26.81
C PHE B 574 -10.57 41.49 -25.63
N VAL B 575 -11.72 41.44 -24.96
CA VAL B 575 -11.95 42.21 -23.74
C VAL B 575 -12.42 41.24 -22.67
N ASN B 576 -11.60 41.06 -21.64
CA ASN B 576 -11.89 40.12 -20.55
C ASN B 576 -12.11 38.70 -21.07
N GLY B 577 -11.41 38.34 -22.13
CA GLY B 577 -11.45 36.98 -22.62
C GLY B 577 -12.48 36.67 -23.68
N VAL B 578 -13.35 37.63 -24.03
CA VAL B 578 -14.35 37.41 -25.08
C VAL B 578 -13.92 38.17 -26.31
N TRP B 579 -14.01 37.51 -27.46
CA TRP B 579 -13.71 38.15 -28.73
C TRP B 579 -14.87 39.09 -29.07
N THR B 580 -14.58 40.39 -29.12
CA THR B 580 -15.62 41.39 -29.30
C THR B 580 -15.62 42.05 -30.66
N GLY B 581 -14.53 41.99 -31.40
CA GLY B 581 -14.48 42.67 -32.69
C GLY B 581 -13.14 42.50 -33.34
N ILE B 582 -12.92 43.28 -34.40
CA ILE B 582 -11.67 43.30 -35.13
C ILE B 582 -11.29 44.74 -35.41
N HIS B 583 -10.01 44.95 -35.68
CA HIS B 583 -9.48 46.26 -36.00
C HIS B 583 -8.39 46.11 -37.04
N ARG B 584 -8.28 47.10 -37.92
CA ARG B 584 -7.34 47.04 -39.04
C ARG B 584 -6.08 47.83 -38.82
N ASP B 585 -6.06 48.74 -37.85
CA ASP B 585 -4.87 49.54 -37.52
C ASP B 585 -4.63 49.45 -36.02
N PRO B 586 -4.14 48.30 -35.54
CA PRO B 586 -4.01 48.12 -34.09
C PRO B 586 -2.99 49.05 -33.44
N SER B 587 -2.03 49.58 -34.20
CA SER B 587 -0.98 50.39 -33.60
C SER B 587 -1.55 51.68 -33.00
N MET B 588 -2.32 52.42 -33.79
CA MET B 588 -2.90 53.64 -33.26
C MET B 588 -3.89 53.36 -32.14
N LEU B 589 -4.59 52.22 -32.21
CA LEU B 589 -5.54 51.89 -31.16
C LEU B 589 -4.83 51.61 -29.85
N VAL B 590 -3.75 50.84 -29.88
CA VAL B 590 -3.03 50.54 -28.64
C VAL B 590 -2.38 51.81 -28.11
N SER B 591 -1.87 52.67 -28.99
CA SER B 591 -1.32 53.94 -28.53
C SER B 591 -2.38 54.78 -27.84
N THR B 592 -3.57 54.86 -28.42
CA THR B 592 -4.65 55.65 -27.83
C THR B 592 -5.09 55.08 -26.49
N MET B 593 -5.26 53.76 -26.40
CA MET B 593 -5.69 53.17 -25.15
C MET B 593 -4.65 53.36 -24.06
N ARG B 594 -3.37 53.20 -24.41
CA ARG B 594 -2.31 53.38 -23.43
C ARG B 594 -2.25 54.84 -22.97
N ASP B 595 -2.39 55.79 -23.89
CA ASP B 595 -2.37 57.20 -23.49
C ASP B 595 -3.57 57.53 -22.61
N LEU B 596 -4.74 56.97 -22.92
CA LEU B 596 -5.91 57.18 -22.09
C LEU B 596 -5.70 56.63 -20.68
N ARG B 597 -5.10 55.44 -20.57
CA ARG B 597 -4.84 54.87 -19.26
C ARG B 597 -3.84 55.73 -18.49
N ARG B 598 -2.82 56.24 -19.18
CA ARG B 598 -1.84 57.08 -18.50
C ARG B 598 -2.42 58.42 -18.08
N SER B 599 -3.41 58.93 -18.81
CA SER B 599 -4.03 60.19 -18.42
C SER B 599 -5.08 60.03 -17.34
N GLY B 600 -5.38 58.80 -16.92
CA GLY B 600 -6.34 58.56 -15.88
C GLY B 600 -7.77 58.34 -16.34
N ALA B 601 -8.05 58.47 -17.64
CA ALA B 601 -9.41 58.26 -18.13
C ALA B 601 -9.84 56.81 -17.92
N ILE B 602 -8.94 55.86 -18.16
CA ILE B 602 -9.17 54.47 -17.88
C ILE B 602 -8.50 54.14 -16.56
N SER B 603 -9.08 53.20 -15.81
CA SER B 603 -8.53 52.83 -14.52
C SER B 603 -7.11 52.32 -14.69
N PRO B 604 -6.15 52.78 -13.88
CA PRO B 604 -4.75 52.42 -14.10
C PRO B 604 -4.46 50.93 -13.98
N GLU B 605 -5.32 50.16 -13.33
CA GLU B 605 -5.11 48.74 -13.19
C GLU B 605 -5.61 47.93 -14.38
N VAL B 606 -6.17 48.59 -15.40
CA VAL B 606 -6.60 47.89 -16.60
C VAL B 606 -5.38 47.47 -17.41
N SER B 607 -5.35 46.19 -17.79
CA SER B 607 -4.22 45.62 -18.50
C SER B 607 -4.45 45.70 -20.00
N ILE B 608 -3.49 46.29 -20.70
CA ILE B 608 -3.56 46.46 -22.14
C ILE B 608 -2.39 45.73 -22.77
N ILE B 609 -2.68 44.69 -23.54
CA ILE B 609 -1.67 43.81 -24.10
C ILE B 609 -1.85 43.74 -25.61
N ARG B 610 -0.76 43.86 -26.34
CA ARG B 610 -0.77 43.68 -27.79
C ARG B 610 0.20 42.56 -28.14
N ASP B 611 -0.33 41.50 -28.77
CA ASP B 611 0.47 40.38 -29.22
C ASP B 611 0.67 40.51 -30.73
N ILE B 612 1.79 41.11 -31.12
CA ILE B 612 2.01 41.38 -32.54
C ILE B 612 2.19 40.09 -33.32
N ARG B 613 2.85 39.10 -32.72
CA ARG B 613 3.10 37.84 -33.41
C ARG B 613 1.79 37.13 -33.77
N GLU B 614 0.85 37.08 -32.83
CA GLU B 614 -0.40 36.37 -33.04
C GLU B 614 -1.52 37.27 -33.56
N ARG B 615 -1.24 38.54 -33.81
CA ARG B 615 -2.25 39.49 -34.31
C ARG B 615 -3.46 39.55 -33.37
N GLU B 616 -3.18 39.78 -32.09
CA GLU B 616 -4.21 39.90 -31.07
C GLU B 616 -3.98 41.17 -30.27
N PHE B 617 -5.06 41.69 -29.69
CA PHE B 617 -5.00 42.90 -28.87
C PHE B 617 -5.94 42.68 -27.69
N LYS B 618 -5.41 42.20 -26.58
CA LYS B 618 -6.21 41.78 -25.44
C LYS B 618 -6.29 42.89 -24.39
N ILE B 619 -7.42 42.97 -23.71
CA ILE B 619 -7.65 43.93 -22.64
C ILE B 619 -8.25 43.20 -21.45
N PHE B 620 -7.75 43.48 -20.26
CA PHE B 620 -8.22 42.83 -19.04
C PHE B 620 -8.63 43.89 -18.03
N THR B 621 -9.86 43.80 -17.54
CA THR B 621 -10.31 44.58 -16.38
C THR B 621 -10.72 43.66 -15.24
N ASP B 622 -10.20 42.44 -15.22
CA ASP B 622 -10.58 41.43 -14.26
C ASP B 622 -10.10 41.79 -12.86
N VAL B 623 -10.63 41.08 -11.88
CA VAL B 623 -10.28 41.27 -10.48
C VAL B 623 -9.36 40.12 -10.06
N GLY B 624 -8.30 40.46 -9.34
CA GLY B 624 -7.37 39.47 -8.86
C GLY B 624 -6.05 39.37 -9.62
N ARG B 625 -5.71 40.37 -10.42
CA ARG B 625 -4.47 40.35 -11.18
C ARG B 625 -3.38 41.07 -10.41
N VAL B 626 -2.24 40.42 -10.24
CA VAL B 626 -1.13 40.99 -9.50
C VAL B 626 -0.33 41.90 -10.43
N TYR B 627 -0.16 43.16 -10.02
CA TYR B 627 0.60 44.12 -10.81
C TYR B 627 1.68 44.76 -9.96
N ARG B 628 2.49 45.61 -10.58
CA ARG B 628 3.56 46.33 -9.90
C ARG B 628 3.88 47.59 -10.68
N PRO B 629 4.33 48.64 -10.02
CA PRO B 629 4.61 49.90 -10.74
C PRO B 629 5.97 49.90 -11.40
N LEU B 630 6.09 50.72 -12.44
CA LEU B 630 7.34 50.89 -13.16
C LEU B 630 7.44 52.33 -13.65
N PHE B 631 8.67 52.80 -13.81
CA PHE B 631 8.88 54.09 -14.47
C PHE B 631 8.56 53.96 -15.96
N ILE B 632 8.26 55.09 -16.57
CA ILE B 632 7.91 55.15 -17.99
C ILE B 632 9.02 55.89 -18.73
N VAL B 633 9.55 55.26 -19.78
CA VAL B 633 10.59 55.84 -20.60
C VAL B 633 9.95 56.41 -21.87
N GLU B 634 10.27 57.65 -22.19
CA GLU B 634 9.70 58.31 -23.36
C GLU B 634 10.24 57.65 -24.63
N ASP B 635 9.41 56.85 -25.29
CA ASP B 635 9.83 56.07 -26.44
C ASP B 635 9.33 56.61 -27.77
N ASP B 636 8.74 57.80 -27.79
CA ASP B 636 8.28 58.39 -29.03
C ASP B 636 9.47 58.90 -29.83
N GLU B 637 9.59 58.43 -31.08
CA GLU B 637 10.70 58.88 -31.93
C GLU B 637 10.61 60.37 -32.23
N SER B 638 9.40 60.88 -32.43
CA SER B 638 9.22 62.28 -32.77
C SER B 638 9.54 63.23 -31.63
N LYS B 639 9.72 62.71 -30.42
CA LYS B 639 9.95 63.55 -29.25
C LYS B 639 11.45 63.77 -29.03
N ASP B 640 11.80 64.97 -28.60
CA ASP B 640 13.18 65.27 -28.27
C ASP B 640 13.65 64.49 -27.05
N ASN B 641 12.73 64.12 -26.16
CA ASN B 641 13.04 63.40 -24.94
C ASN B 641 13.10 61.89 -25.14
N LYS B 642 13.31 61.44 -26.37
CA LYS B 642 13.29 60.01 -26.66
C LYS B 642 14.36 59.27 -25.86
N GLY B 643 13.96 58.14 -25.29
CA GLY B 643 14.90 57.30 -24.56
C GLY B 643 15.27 57.80 -23.19
N GLU B 644 14.46 58.65 -22.58
CA GLU B 644 14.73 59.19 -21.26
C GLU B 644 13.54 58.96 -20.35
N LEU B 645 13.82 58.91 -19.05
CA LEU B 645 12.75 58.80 -18.07
C LEU B 645 11.86 60.04 -18.15
N ARG B 646 10.55 59.82 -18.04
CA ARG B 646 9.62 60.93 -18.03
C ARG B 646 9.69 61.72 -16.73
N ILE B 647 9.93 61.03 -15.61
CA ILE B 647 9.99 61.71 -14.32
C ILE B 647 11.25 62.56 -14.23
N THR B 648 11.08 63.78 -13.75
CA THR B 648 12.18 64.75 -13.65
C THR B 648 12.28 65.21 -12.20
N LYS B 649 13.30 66.02 -11.92
CA LYS B 649 13.47 66.54 -10.58
C LYS B 649 12.31 67.43 -10.13
N GLU B 650 11.56 67.99 -11.09
CA GLU B 650 10.39 68.78 -10.72
C GLU B 650 9.35 67.92 -10.01
N HIS B 651 9.11 66.71 -10.52
CA HIS B 651 8.19 65.80 -9.84
C HIS B 651 8.71 65.43 -8.46
N ILE B 652 10.01 65.22 -8.33
CA ILE B 652 10.59 64.86 -7.04
C ILE B 652 10.39 65.98 -6.04
N ARG B 653 10.63 67.23 -6.45
CA ARG B 653 10.46 68.34 -5.52
C ARG B 653 8.98 68.57 -5.20
N LYS B 654 8.09 68.31 -6.16
CA LYS B 654 6.66 68.39 -5.85
C LYS B 654 6.26 67.33 -4.83
N ILE B 655 6.80 66.13 -4.97
CA ILE B 655 6.50 65.06 -4.01
C ILE B 655 7.01 65.44 -2.62
N GLN B 656 8.23 65.98 -2.56
CA GLN B 656 8.80 66.37 -1.28
C GLN B 656 7.99 67.49 -0.63
N GLN B 657 7.58 68.49 -1.42
CA GLN B 657 6.77 69.56 -0.86
C GLN B 657 5.43 69.05 -0.38
N GLY B 658 4.78 68.20 -1.16
CA GLY B 658 3.46 67.70 -0.85
C GLY B 658 2.32 68.37 -1.58
N TYR B 659 2.62 69.32 -2.45
CA TYR B 659 1.57 70.02 -3.20
C TYR B 659 2.15 70.49 -4.53
N ASP B 660 1.26 70.74 -5.49
CA ASP B 660 1.67 71.23 -6.79
C ASP B 660 1.67 72.75 -6.81
N ASP B 661 2.41 73.30 -7.76
CA ASP B 661 2.49 74.75 -7.95
C ASP B 661 1.55 75.17 -9.08
N ASP B 662 0.26 75.17 -8.76
CA ASP B 662 -0.80 75.53 -9.70
C ASP B 662 -0.74 74.72 -10.99
N VAL B 675 -3.17 68.07 -2.78
CA VAL B 675 -2.12 67.14 -2.36
C VAL B 675 -1.54 66.44 -3.57
N TYR B 676 -0.21 66.38 -3.64
CA TYR B 676 0.51 65.76 -4.74
C TYR B 676 1.25 64.55 -4.20
N GLY B 677 0.70 63.36 -4.44
CA GLY B 677 1.29 62.15 -3.91
C GLY B 677 1.57 61.10 -4.97
N TRP B 678 1.44 59.84 -4.59
CA TRP B 678 1.73 58.75 -5.53
C TRP B 678 0.69 58.68 -6.64
N SER B 679 -0.58 58.86 -6.30
CA SER B 679 -1.63 58.79 -7.30
C SER B 679 -1.47 59.90 -8.33
N SER B 680 -0.98 61.06 -7.91
CA SER B 680 -0.71 62.13 -8.86
C SER B 680 0.39 61.72 -9.84
N LEU B 681 1.42 61.03 -9.34
CA LEU B 681 2.45 60.51 -10.24
C LEU B 681 1.86 59.52 -11.23
N VAL B 682 0.99 58.62 -10.76
CA VAL B 682 0.43 57.61 -11.65
C VAL B 682 -0.44 58.25 -12.72
N THR B 683 -1.28 59.22 -12.34
CA THR B 683 -2.20 59.83 -13.31
C THR B 683 -1.54 60.90 -14.16
N SER B 684 -0.33 61.34 -13.83
CA SER B 684 0.37 62.33 -14.65
C SER B 684 1.22 61.68 -15.73
N GLY B 685 1.19 60.35 -15.85
CA GLY B 685 1.85 59.68 -16.94
C GLY B 685 3.34 59.47 -16.76
N VAL B 686 3.83 59.38 -15.53
CA VAL B 686 5.23 59.09 -15.29
C VAL B 686 5.46 57.73 -14.67
N ILE B 687 4.42 57.09 -14.11
CA ILE B 687 4.51 55.76 -13.54
C ILE B 687 3.26 55.00 -13.94
N GLU B 688 3.38 53.71 -14.24
CA GLU B 688 2.22 52.91 -14.59
C GLU B 688 2.39 51.50 -14.05
N TYR B 689 1.25 50.83 -13.84
CA TYR B 689 1.25 49.46 -13.34
C TYR B 689 1.20 48.48 -14.50
N VAL B 690 1.97 47.39 -14.38
CA VAL B 690 1.96 46.31 -15.34
C VAL B 690 1.83 45.00 -14.60
N ASP B 691 1.08 44.06 -15.18
CA ASP B 691 0.88 42.76 -14.57
C ASP B 691 1.76 41.72 -15.26
N GLY B 692 1.57 40.45 -14.90
CA GLY B 692 2.42 39.40 -15.42
C GLY B 692 2.22 39.11 -16.89
N GLU B 693 1.09 39.51 -17.46
CA GLU B 693 0.83 39.27 -18.88
C GLU B 693 1.24 40.44 -19.76
N GLU B 694 1.17 41.66 -19.26
CA GLU B 694 1.65 42.80 -20.03
C GLU B 694 3.17 42.86 -20.04
N GLU B 695 3.83 42.25 -19.05
CA GLU B 695 5.29 42.24 -19.02
C GLU B 695 5.88 41.46 -20.18
N GLU B 696 5.11 40.60 -20.83
CA GLU B 696 5.62 39.84 -21.95
C GLU B 696 6.00 40.74 -23.11
N THR B 697 5.43 41.94 -23.20
CA THR B 697 5.53 42.77 -24.39
C THR B 697 6.28 44.07 -24.14
N ILE B 698 7.05 44.16 -23.07
CA ILE B 698 7.76 45.39 -22.73
C ILE B 698 9.23 45.08 -22.54
N MET B 699 10.05 46.12 -22.71
CA MET B 699 11.48 46.05 -22.52
C MET B 699 11.85 46.97 -21.36
N ILE B 700 12.33 46.37 -20.27
CA ILE B 700 12.57 47.08 -19.02
C ILE B 700 14.06 47.28 -18.84
N ALA B 701 14.44 48.44 -18.33
CA ALA B 701 15.82 48.71 -17.91
C ALA B 701 15.92 48.45 -16.41
N MET B 702 17.06 47.91 -15.98
CA MET B 702 17.21 47.58 -14.57
C MET B 702 17.40 48.82 -13.72
N THR B 703 18.17 49.78 -14.21
CA THR B 703 18.47 51.01 -13.48
C THR B 703 18.45 52.16 -14.45
N PRO B 704 18.23 53.39 -13.97
CA PRO B 704 18.29 54.55 -14.87
C PRO B 704 19.64 54.70 -15.56
N GLU B 705 20.70 54.14 -14.97
CA GLU B 705 22.00 54.15 -15.63
C GLU B 705 22.03 53.28 -16.87
N ASP B 706 21.14 52.29 -16.97
CA ASP B 706 21.11 51.45 -18.17
C ASP B 706 20.51 52.17 -19.37
N LEU B 707 19.93 53.36 -19.18
CA LEU B 707 19.27 54.05 -20.28
C LEU B 707 20.27 54.72 -21.22
N GLN B 708 21.55 54.74 -20.89
CA GLN B 708 22.58 55.30 -21.75
C GLN B 708 23.73 54.32 -21.89
N THR B 709 24.42 54.41 -23.01
CA THR B 709 25.54 53.52 -23.31
C THR B 709 26.75 53.84 -22.42
N ASN B 720 38.47 48.65 -14.36
CA ASN B 720 39.37 47.55 -14.03
C ASN B 720 39.56 47.43 -12.52
N ASP B 721 38.44 47.29 -11.80
CA ASP B 721 38.45 47.17 -10.35
C ASP B 721 38.11 45.74 -9.95
N THR B 722 38.86 45.21 -8.99
CA THR B 722 38.69 43.83 -8.57
C THR B 722 37.58 43.64 -7.54
N ALA B 723 36.99 44.72 -7.04
CA ALA B 723 35.96 44.64 -6.01
C ALA B 723 34.55 44.89 -6.53
N LYS B 724 34.38 45.83 -7.46
CA LYS B 724 33.04 46.16 -7.95
C LYS B 724 32.55 45.07 -8.90
N ARG B 725 31.23 44.93 -8.97
CA ARG B 725 30.63 43.86 -9.76
C ARG B 725 30.57 44.25 -11.24
N ILE B 726 30.24 43.27 -12.07
CA ILE B 726 30.29 43.38 -13.51
C ILE B 726 28.87 43.39 -14.06
N LYS B 727 28.53 44.42 -14.83
CA LYS B 727 27.24 44.54 -15.48
C LYS B 727 27.20 43.70 -16.76
N PRO B 728 26.01 43.25 -17.16
CA PRO B 728 25.91 42.50 -18.42
C PRO B 728 26.36 43.33 -19.61
N GLU B 729 27.05 42.68 -20.56
CA GLU B 729 27.54 43.39 -21.73
C GLU B 729 26.41 43.72 -22.70
N MET B 730 25.53 42.75 -22.96
CA MET B 730 24.38 42.92 -23.84
C MET B 730 24.79 43.41 -25.22
N SER B 731 25.70 42.65 -25.84
CA SER B 731 26.23 42.97 -27.16
C SER B 731 25.46 42.32 -28.29
N THR B 732 24.44 41.53 -27.99
CA THR B 732 23.68 40.87 -29.06
C THR B 732 22.83 41.85 -29.85
N SER B 733 22.41 42.94 -29.21
CA SER B 733 21.58 43.97 -29.85
C SER B 733 22.43 45.19 -30.15
N SER B 734 22.38 45.64 -31.40
CA SER B 734 23.12 46.84 -31.79
C SER B 734 22.60 48.06 -31.05
N HIS B 735 21.29 48.12 -30.81
CA HIS B 735 20.69 49.25 -30.10
C HIS B 735 19.48 48.74 -29.34
N HIS B 736 19.10 49.48 -28.30
CA HIS B 736 17.95 49.14 -27.48
C HIS B 736 16.98 50.30 -27.42
N THR B 737 15.69 49.96 -27.34
CA THR B 737 14.62 50.93 -27.16
C THR B 737 13.84 50.46 -25.94
N PHE B 738 14.26 50.91 -24.76
CA PHE B 738 13.56 50.56 -23.54
C PHE B 738 12.24 51.29 -23.47
N THR B 739 11.26 50.67 -22.82
CA THR B 739 9.96 51.26 -22.61
C THR B 739 9.65 51.55 -21.15
N HIS B 740 10.33 50.88 -20.22
CA HIS B 740 10.09 51.08 -18.80
C HIS B 740 11.41 50.93 -18.06
N CYS B 741 11.43 51.41 -16.82
CA CYS B 741 12.60 51.28 -15.96
C CYS B 741 12.16 50.87 -14.57
N GLU B 742 12.92 49.96 -13.96
CA GLU B 742 12.61 49.52 -12.61
C GLU B 742 12.82 50.65 -11.61
N ILE B 743 11.89 50.79 -10.66
CA ILE B 743 12.03 51.85 -9.66
C ILE B 743 13.24 51.58 -8.77
N HIS B 744 13.33 50.37 -8.23
CA HIS B 744 14.56 49.92 -7.59
C HIS B 744 14.53 48.39 -7.53
N PRO B 745 15.59 47.72 -7.99
CA PRO B 745 15.56 46.26 -8.07
C PRO B 745 15.38 45.56 -6.75
N SER B 746 15.72 46.20 -5.64
CA SER B 746 15.62 45.56 -4.33
C SER B 746 14.18 45.45 -3.85
N MET B 747 13.24 45.95 -4.65
CA MET B 747 11.83 45.86 -4.31
C MET B 747 11.21 44.54 -4.74
N ILE B 748 11.99 43.63 -5.33
CA ILE B 748 11.48 42.30 -5.65
C ILE B 748 11.43 41.39 -4.45
N LEU B 749 11.84 41.85 -3.29
CA LEU B 749 11.87 41.06 -2.07
C LEU B 749 10.62 41.33 -1.23
N GLY B 750 10.29 40.35 -0.38
CA GLY B 750 9.13 40.45 0.48
C GLY B 750 9.44 41.15 1.77
N VAL B 751 8.51 41.01 2.73
CA VAL B 751 8.68 41.66 4.02
C VAL B 751 9.79 40.99 4.83
N ALA B 752 9.81 39.66 4.85
CA ALA B 752 10.77 38.97 5.69
C ALA B 752 12.16 39.01 5.07
N ALA B 753 12.24 39.00 3.75
CA ALA B 753 13.54 39.04 3.08
C ALA B 753 14.11 40.43 2.97
N SER B 754 13.36 41.46 3.36
CA SER B 754 13.87 42.83 3.36
C SER B 754 14.67 43.14 4.61
N ILE B 755 14.77 42.20 5.55
CA ILE B 755 15.58 42.40 6.75
C ILE B 755 17.03 41.99 6.53
N ILE B 756 17.29 41.04 5.66
CA ILE B 756 18.65 40.55 5.45
C ILE B 756 19.52 41.67 4.91
N PRO B 757 20.69 41.92 5.49
CA PRO B 757 21.63 42.87 4.89
C PRO B 757 22.50 42.17 3.86
N PHE B 758 22.70 42.81 2.72
CA PHE B 758 23.44 42.24 1.61
C PHE B 758 22.94 40.84 1.24
N PRO B 759 21.66 40.71 0.87
CA PRO B 759 21.16 39.38 0.49
C PRO B 759 21.80 38.87 -0.79
N ASP B 760 22.40 39.73 -1.60
CA ASP B 760 23.04 39.31 -2.83
C ASP B 760 24.47 38.80 -2.64
N HIS B 761 24.99 38.80 -1.42
CA HIS B 761 26.26 38.17 -1.11
C HIS B 761 26.11 36.82 -0.44
N ASN B 762 24.92 36.25 -0.45
CA ASN B 762 24.58 35.05 0.29
C ASN B 762 24.18 33.93 -0.66
N GLN B 763 24.43 32.71 -0.23
CA GLN B 763 23.83 31.55 -0.89
C GLN B 763 22.32 31.57 -0.63
N SER B 764 21.54 31.39 -1.69
CA SER B 764 20.09 31.61 -1.58
C SER B 764 19.38 30.75 -0.53
N PRO B 765 19.71 29.47 -0.33
CA PRO B 765 19.06 28.72 0.76
C PRO B 765 19.23 29.38 2.11
N ARG B 766 20.35 30.07 2.33
CA ARG B 766 20.52 30.79 3.58
C ARG B 766 19.55 31.96 3.68
N ASN B 767 19.28 32.63 2.56
CA ASN B 767 18.26 33.67 2.56
C ASN B 767 16.89 33.10 2.90
N THR B 768 16.56 31.93 2.36
CA THR B 768 15.28 31.31 2.69
C THR B 768 15.21 30.94 4.17
N TYR B 769 16.29 30.37 4.71
CA TYR B 769 16.30 30.00 6.12
C TYR B 769 16.15 31.22 7.01
N GLN B 770 16.80 32.34 6.64
CA GLN B 770 16.63 33.54 7.44
C GLN B 770 15.21 34.09 7.32
N SER B 771 14.61 34.02 6.15
CA SER B 771 13.22 34.43 6.03
C SER B 771 12.33 33.62 6.96
N ALA B 772 12.63 32.33 7.10
CA ALA B 772 11.87 31.50 8.02
C ALA B 772 12.14 31.87 9.48
N MET B 773 13.40 32.09 9.85
CA MET B 773 13.75 32.30 11.24
C MET B 773 13.49 33.72 11.73
N GLY B 774 13.29 34.67 10.83
CA GLY B 774 12.99 36.03 11.27
C GLY B 774 11.60 36.19 11.82
N LYS B 775 10.72 35.24 11.57
CA LYS B 775 9.37 35.23 12.12
C LYS B 775 9.32 34.57 13.48
N GLN B 776 10.45 34.11 14.00
CA GLN B 776 10.53 33.53 15.34
C GLN B 776 11.42 34.33 16.27
N ALA B 777 11.86 35.51 15.86
CA ALA B 777 12.72 36.35 16.69
C ALA B 777 11.87 37.16 17.66
N MET B 778 12.25 37.12 18.93
CA MET B 778 11.52 37.88 19.94
C MET B 778 11.87 39.36 19.83
N GLY B 779 10.85 40.21 19.84
CA GLY B 779 11.06 41.63 19.80
C GLY B 779 9.99 42.35 20.60
N VAL B 780 9.38 43.37 20.00
CA VAL B 780 8.24 44.06 20.59
C VAL B 780 7.15 44.05 19.53
N PHE B 781 6.19 43.13 19.66
CA PHE B 781 5.20 43.00 18.60
C PHE B 781 4.25 44.19 18.55
N LEU B 782 3.93 44.76 19.71
CA LEU B 782 3.06 45.93 19.77
C LEU B 782 3.45 46.76 20.98
N THR B 783 3.07 48.03 20.95
CA THR B 783 3.36 48.91 22.06
C THR B 783 2.35 48.80 23.20
N ASN B 784 1.20 48.18 22.95
CA ASN B 784 0.17 48.04 23.98
C ASN B 784 0.13 46.62 24.55
N TYR B 785 1.28 45.99 24.68
CA TYR B 785 1.30 44.61 25.15
C TYR B 785 0.84 44.47 26.59
N ASN B 786 0.82 45.57 27.35
CA ASN B 786 0.36 45.50 28.74
C ASN B 786 -1.14 45.28 28.82
N VAL B 787 -1.91 45.90 27.94
CA VAL B 787 -3.36 45.83 28.02
C VAL B 787 -3.93 44.67 27.22
N ARG B 788 -3.09 43.87 26.59
CA ARG B 788 -3.53 42.73 25.81
C ARG B 788 -3.41 41.45 26.61
N MET B 789 -4.33 40.52 26.38
CA MET B 789 -4.32 39.21 27.03
C MET B 789 -4.16 38.17 25.94
N ASP B 790 -2.92 37.92 25.53
CA ASP B 790 -2.61 36.92 24.53
C ASP B 790 -2.24 35.62 25.23
N THR B 791 -2.40 34.51 24.52
CA THR B 791 -2.04 33.22 25.10
C THR B 791 -0.55 33.16 25.42
N MET B 792 0.28 33.67 24.53
CA MET B 792 1.70 33.81 24.77
C MET B 792 2.15 35.20 24.33
N ALA B 793 3.23 35.67 24.94
CA ALA B 793 3.83 36.93 24.54
C ALA B 793 5.27 36.95 25.00
N ASN B 794 6.18 37.33 24.12
CA ASN B 794 7.60 37.45 24.45
C ASN B 794 8.04 38.87 24.11
N ILE B 795 8.65 39.54 25.09
CA ILE B 795 9.13 40.91 24.92
C ILE B 795 10.58 40.94 25.34
N LEU B 796 11.43 41.51 24.49
CA LEU B 796 12.84 41.61 24.79
C LEU B 796 13.08 42.86 25.64
N TYR B 797 13.92 42.74 26.66
CA TYR B 797 14.13 43.87 27.57
C TYR B 797 14.65 45.09 26.83
N TYR B 798 15.75 44.94 26.09
CA TYR B 798 16.49 46.05 25.54
C TYR B 798 16.68 45.85 24.04
N PRO B 799 15.64 46.08 23.25
CA PRO B 799 15.80 46.01 21.80
C PRO B 799 16.75 47.09 21.30
N GLN B 800 17.49 46.75 20.24
CA GLN B 800 18.39 47.70 19.60
C GLN B 800 18.16 47.63 18.11
N LYS B 801 18.29 48.76 17.45
CA LYS B 801 18.18 48.74 16.00
C LYS B 801 19.50 48.29 15.38
N PRO B 802 19.44 47.63 14.23
CA PRO B 802 20.67 47.14 13.61
C PRO B 802 21.57 48.27 13.17
N LEU B 803 22.89 48.02 13.23
CA LEU B 803 23.85 48.99 12.74
C LEU B 803 23.94 48.97 11.22
N ALA B 804 23.84 47.78 10.63
CA ALA B 804 23.81 47.63 9.17
C ALA B 804 22.37 47.35 8.77
N LYS B 805 21.68 48.38 8.32
CA LYS B 805 20.28 48.31 7.96
C LYS B 805 20.11 48.41 6.45
N THR B 806 18.90 48.18 6.00
CA THR B 806 18.54 48.32 4.60
C THR B 806 17.50 49.43 4.45
N GLN B 807 17.38 49.97 3.24
CA GLN B 807 16.44 51.05 3.02
C GLN B 807 15.00 50.59 3.14
N ALA B 808 14.74 49.31 2.89
CA ALA B 808 13.37 48.79 3.00
C ALA B 808 12.91 48.64 4.44
N MET B 809 13.84 48.69 5.40
CA MET B 809 13.46 48.61 6.80
C MET B 809 12.73 49.86 7.28
N GLU B 810 12.79 50.94 6.52
CA GLU B 810 12.12 52.17 6.93
C GLU B 810 10.62 52.02 6.92
N TYR B 811 10.09 51.30 5.94
CA TYR B 811 8.65 51.14 5.78
C TYR B 811 8.12 49.91 6.48
N LEU B 812 8.99 49.08 7.07
CA LEU B 812 8.58 47.97 7.89
C LEU B 812 8.61 48.31 9.37
N LYS B 813 8.92 49.55 9.72
CA LYS B 813 9.00 50.03 11.10
C LYS B 813 9.99 49.23 11.93
N PHE B 814 10.98 48.61 11.28
CA PHE B 814 11.94 47.80 12.02
C PHE B 814 12.82 48.65 12.92
N ARG B 815 12.93 49.95 12.63
CA ARG B 815 13.70 50.84 13.47
C ARG B 815 12.97 51.13 14.79
N GLU B 816 11.64 51.10 14.78
CA GLU B 816 10.85 51.46 15.95
C GLU B 816 10.44 50.26 16.80
N LEU B 817 10.36 49.07 16.22
CA LEU B 817 10.04 47.85 16.94
C LEU B 817 11.03 46.77 16.56
N PRO B 818 12.30 46.92 16.92
CA PRO B 818 13.31 45.96 16.48
C PRO B 818 13.24 44.67 17.28
N ALA B 819 13.86 43.64 16.73
CA ALA B 819 13.73 42.28 17.27
C ALA B 819 15.11 41.63 17.38
N GLY B 820 16.05 42.31 18.02
CA GLY B 820 17.36 41.74 18.18
C GLY B 820 18.26 42.70 18.93
N GLN B 821 19.53 42.32 19.04
CA GLN B 821 20.53 43.14 19.70
C GLN B 821 21.85 43.03 18.98
N ASN B 822 22.67 44.06 19.11
CA ASN B 822 24.00 44.09 18.51
C ASN B 822 25.01 43.48 19.50
N ALA B 823 25.45 42.27 19.22
CA ALA B 823 26.43 41.59 20.05
C ALA B 823 27.81 41.73 19.43
N ILE B 824 28.83 41.84 20.27
CA ILE B 824 30.21 41.83 19.81
C ILE B 824 30.59 40.38 19.55
N VAL B 825 30.71 39.99 18.28
CA VAL B 825 30.93 38.61 17.89
C VAL B 825 32.38 38.43 17.50
N ALA B 826 32.99 37.37 18.00
CA ALA B 826 34.35 36.98 17.60
C ALA B 826 34.29 35.59 16.99
N ILE B 827 34.89 35.44 15.82
CA ILE B 827 34.93 34.16 15.12
C ILE B 827 36.24 33.49 15.49
N ALA B 828 36.17 32.43 16.27
CA ALA B 828 37.38 31.77 16.73
C ALA B 828 37.05 30.38 17.26
N CYS B 829 38.03 29.48 17.16
CA CYS B 829 38.00 28.20 17.85
C CYS B 829 38.64 28.42 19.21
N TYR B 830 37.84 28.81 20.20
CA TYR B 830 38.45 29.13 21.48
C TYR B 830 38.73 27.88 22.30
N SER B 831 37.68 27.21 22.77
CA SER B 831 37.90 26.08 23.68
C SER B 831 37.27 24.80 23.18
N GLY B 832 36.74 24.79 21.96
CA GLY B 832 36.06 23.62 21.44
C GLY B 832 34.61 23.49 21.84
N TYR B 833 34.06 24.46 22.54
CA TYR B 833 32.67 24.40 22.97
C TYR B 833 31.72 25.04 21.99
N ASN B 834 32.21 25.56 20.86
CA ASN B 834 31.36 26.20 19.87
C ASN B 834 31.38 25.46 18.53
N GLN B 835 31.78 24.19 18.54
CA GLN B 835 31.78 23.43 17.31
C GLN B 835 30.37 22.93 16.99
N GLU B 836 30.18 22.57 15.72
CA GLU B 836 28.92 21.99 15.25
C GLU B 836 27.74 22.91 15.56
N ASP B 837 27.88 24.18 15.18
CA ASP B 837 26.85 25.21 15.28
C ASP B 837 26.57 25.67 16.70
N SER B 838 27.38 25.27 17.68
CA SER B 838 27.23 25.83 19.01
C SER B 838 27.82 27.24 19.04
N MET B 839 27.76 27.86 20.22
CA MET B 839 28.40 29.16 20.40
C MET B 839 28.68 29.34 21.89
N ILE B 840 29.63 30.21 22.19
CA ILE B 840 30.02 30.54 23.55
C ILE B 840 29.52 31.94 23.84
N MET B 841 28.80 32.11 24.94
CA MET B 841 28.27 33.40 25.33
C MET B 841 28.96 33.89 26.59
N ASN B 842 29.11 35.20 26.69
CA ASN B 842 29.74 35.83 27.86
C ASN B 842 28.75 35.83 29.01
N GLN B 843 29.13 35.23 30.12
CA GLN B 843 28.24 35.17 31.28
C GLN B 843 28.02 36.57 31.87
N SER B 844 29.04 37.39 31.87
CA SER B 844 28.90 38.73 32.43
C SER B 844 27.97 39.59 31.60
N SER B 845 27.97 39.41 30.29
CA SER B 845 27.02 40.13 29.45
C SER B 845 25.59 39.67 29.72
N ILE B 846 25.40 38.38 29.95
CA ILE B 846 24.09 37.87 30.33
C ILE B 846 23.65 38.47 31.65
N ASP B 847 24.58 38.58 32.60
CA ASP B 847 24.26 39.18 33.89
C ASP B 847 23.85 40.64 33.74
N ARG B 848 24.39 41.35 32.76
CA ARG B 848 24.08 42.75 32.56
C ARG B 848 22.85 42.98 31.71
N GLY B 849 22.17 41.92 31.29
CA GLY B 849 20.90 42.04 30.61
C GLY B 849 20.90 41.72 29.13
N LEU B 850 21.94 41.10 28.60
CA LEU B 850 21.98 40.79 27.18
C LEU B 850 20.99 39.67 26.87
N PHE B 851 20.12 39.91 25.89
CA PHE B 851 19.17 38.94 25.36
C PHE B 851 18.18 38.46 26.42
N ARG B 852 18.07 39.15 27.54
CA ARG B 852 17.06 38.83 28.53
C ARG B 852 15.69 39.21 28.01
N SER B 853 14.68 38.43 28.36
CA SER B 853 13.35 38.69 27.83
C SER B 853 12.28 38.44 28.87
N LEU B 854 11.05 38.78 28.49
CA LEU B 854 9.88 38.74 29.35
C LEU B 854 8.86 37.82 28.73
N PHE B 855 8.19 37.00 29.55
CA PHE B 855 7.27 36.00 29.06
C PHE B 855 5.92 36.17 29.75
N PHE B 856 4.85 36.21 28.96
CA PHE B 856 3.49 36.33 29.45
C PHE B 856 2.67 35.14 28.96
N ARG B 857 1.85 34.58 29.84
CA ARG B 857 0.88 33.57 29.46
C ARG B 857 -0.45 33.87 30.12
N SER B 858 -1.53 33.73 29.38
CA SER B 858 -2.86 34.03 29.87
C SER B 858 -3.69 32.75 29.96
N TYR B 859 -4.54 32.68 30.98
CA TYR B 859 -5.48 31.59 31.16
C TYR B 859 -6.89 32.14 31.14
N MET B 860 -7.81 31.40 30.56
CA MET B 860 -9.19 31.82 30.44
C MET B 860 -10.09 30.78 31.13
N ASP B 861 -11.19 31.26 31.71
CA ASP B 861 -12.21 30.37 32.24
C ASP B 861 -13.51 31.15 32.35
N GLN B 862 -14.63 30.43 32.30
CA GLN B 862 -15.93 31.07 32.36
C GLN B 862 -16.92 30.11 33.00
N GLU B 863 -18.00 30.68 33.52
CA GLU B 863 -19.06 29.90 34.16
C GLU B 863 -20.03 29.41 33.10
N LYS B 864 -20.16 28.10 32.98
CA LYS B 864 -21.08 27.52 32.01
C LYS B 864 -22.46 27.34 32.64
N ARG B 865 -23.47 27.37 31.78
CA ARG B 865 -24.86 27.17 32.17
C ARG B 865 -25.34 25.85 31.58
N PHE B 866 -25.71 24.91 32.45
CA PHE B 866 -26.17 23.60 32.00
C PHE B 866 -27.68 23.44 32.01
N GLY B 867 -28.41 24.32 32.69
CA GLY B 867 -29.83 24.19 32.76
C GLY B 867 -30.48 25.43 33.31
N ILE B 868 -31.70 25.26 33.83
CA ILE B 868 -32.44 26.39 34.38
C ILE B 868 -31.72 26.95 35.60
N SER B 869 -31.24 26.08 36.48
CA SER B 869 -30.59 26.54 37.70
C SER B 869 -29.35 25.73 38.03
N ILE B 870 -28.72 25.14 37.02
CA ILE B 870 -27.45 24.43 37.19
C ILE B 870 -26.37 25.33 36.58
N VAL B 871 -25.64 26.03 37.44
CA VAL B 871 -24.59 26.96 37.01
C VAL B 871 -23.30 26.61 37.73
N GLU B 872 -22.19 26.95 37.09
CA GLU B 872 -20.90 26.86 37.75
C GLU B 872 -20.63 28.13 38.54
N GLU B 873 -19.79 28.02 39.56
CA GLU B 873 -19.54 29.13 40.47
C GLU B 873 -18.05 29.29 40.67
N PHE B 874 -17.57 30.54 40.66
CA PHE B 874 -16.20 30.84 41.01
C PHE B 874 -16.12 30.97 42.53
N GLU B 875 -15.40 30.04 43.16
CA GLU B 875 -15.32 30.03 44.62
C GLU B 875 -14.08 29.26 45.02
N LYS B 876 -13.67 29.45 46.27
CA LYS B 876 -12.58 28.66 46.82
C LYS B 876 -13.15 27.37 47.39
N PRO B 877 -13.01 26.25 46.70
CA PRO B 877 -13.61 25.01 47.17
C PRO B 877 -12.97 24.52 48.45
N THR B 878 -13.78 23.90 49.29
CA THR B 878 -13.35 23.37 50.57
C THR B 878 -13.24 21.85 50.49
N ARG B 879 -12.35 21.29 51.31
CA ARG B 879 -12.13 19.86 51.31
C ARG B 879 -13.39 19.09 51.74
N ALA B 880 -14.31 19.75 52.44
CA ALA B 880 -15.50 19.11 52.96
C ALA B 880 -16.65 19.07 51.97
N THR B 881 -17.01 20.22 51.39
CA THR B 881 -18.20 20.32 50.56
C THR B 881 -17.97 19.92 49.11
N THR B 882 -16.72 19.68 48.69
CA THR B 882 -16.43 19.30 47.33
C THR B 882 -15.62 18.02 47.32
N LEU B 883 -15.67 17.31 46.21
CA LEU B 883 -14.99 16.03 46.09
C LEU B 883 -14.14 16.01 44.82
N ARG B 884 -13.10 15.18 44.85
CA ARG B 884 -12.13 15.03 43.77
C ARG B 884 -11.44 16.37 43.48
N LEU B 885 -10.74 16.86 44.49
CA LEU B 885 -9.97 18.09 44.35
C LEU B 885 -8.63 17.81 43.68
N LYS B 886 -8.07 18.85 43.07
CA LYS B 886 -6.76 18.70 42.47
C LYS B 886 -5.73 18.57 43.56
N HIS B 887 -4.58 18.00 43.23
CA HIS B 887 -3.55 17.77 44.22
C HIS B 887 -2.75 19.02 44.54
N GLY B 888 -2.95 20.12 43.82
CA GLY B 888 -2.26 21.36 44.09
C GLY B 888 -2.75 22.00 45.37
N THR B 889 -2.38 23.26 45.54
CA THR B 889 -2.75 24.01 46.73
C THR B 889 -3.76 25.10 46.37
N TYR B 890 -4.79 25.24 47.21
CA TYR B 890 -5.82 26.24 47.03
C TYR B 890 -5.63 27.45 47.93
N GLU B 891 -4.51 27.54 48.64
CA GLU B 891 -4.37 28.57 49.66
C GLU B 891 -4.05 29.93 49.08
N LYS B 892 -3.75 30.02 47.78
CA LYS B 892 -3.46 31.30 47.16
C LYS B 892 -4.70 31.97 46.57
N LEU B 893 -5.85 31.32 46.63
CA LEU B 893 -7.07 31.89 46.08
C LEU B 893 -7.68 32.88 47.07
N ASP B 894 -8.35 33.89 46.53
CA ASP B 894 -9.05 34.88 47.34
C ASP B 894 -10.45 34.35 47.67
N GLU B 895 -11.29 35.23 48.23
CA GLU B 895 -12.63 34.82 48.62
C GLU B 895 -13.49 34.50 47.40
N ASP B 896 -13.25 35.18 46.28
CA ASP B 896 -14.05 34.99 45.07
C ASP B 896 -13.50 33.89 44.17
N GLY B 897 -12.50 33.14 44.62
CA GLY B 897 -11.97 32.06 43.81
C GLY B 897 -11.00 32.47 42.74
N LEU B 898 -10.47 33.68 42.80
CA LEU B 898 -9.49 34.18 41.83
C LEU B 898 -8.24 34.62 42.56
N ILE B 899 -7.08 34.26 42.02
CA ILE B 899 -5.83 34.70 42.61
C ILE B 899 -5.63 36.19 42.37
N ALA B 900 -4.81 36.81 43.22
CA ALA B 900 -4.62 38.24 43.07
C ALA B 900 -3.27 38.55 42.42
N PRO B 901 -3.18 39.63 41.66
CA PRO B 901 -1.91 39.98 41.02
C PRO B 901 -0.81 40.27 42.04
N GLY B 902 0.42 39.97 41.66
CA GLY B 902 1.55 40.12 42.54
C GLY B 902 1.91 38.90 43.34
N VAL B 903 1.17 37.80 43.21
CA VAL B 903 1.41 36.59 43.97
C VAL B 903 2.26 35.65 43.13
N ARG B 904 3.35 35.16 43.71
CA ARG B 904 4.19 34.19 43.03
C ARG B 904 3.51 32.82 43.01
N VAL B 905 3.48 32.20 41.83
CA VAL B 905 2.83 30.91 41.64
C VAL B 905 3.85 29.91 41.11
N SER B 906 3.61 28.64 41.39
CA SER B 906 4.45 27.55 40.93
C SER B 906 3.59 26.57 40.13
N GLY B 907 4.23 25.53 39.62
CA GLY B 907 3.49 24.54 38.86
C GLY B 907 2.45 23.85 39.70
N ASP B 908 1.32 23.53 39.07
CA ASP B 908 0.18 22.80 39.63
C ASP B 908 -0.59 23.60 40.67
N ASP B 909 -0.20 24.84 40.95
CA ASP B 909 -1.01 25.67 41.83
C ASP B 909 -2.33 26.03 41.17
N ILE B 910 -3.34 26.29 41.98
CA ILE B 910 -4.66 26.61 41.48
C ILE B 910 -4.79 28.12 41.39
N ILE B 911 -5.01 28.62 40.18
CA ILE B 911 -5.16 30.05 39.97
C ILE B 911 -6.62 30.46 39.78
N ILE B 912 -7.49 29.53 39.40
CA ILE B 912 -8.92 29.80 39.27
C ILE B 912 -9.66 28.69 40.00
N GLY B 913 -10.52 29.07 40.95
CA GLY B 913 -11.31 28.11 41.69
C GLY B 913 -12.74 28.09 41.20
N LYS B 914 -13.14 26.93 40.68
CA LYS B 914 -14.47 26.76 40.12
C LYS B 914 -15.04 25.44 40.55
N THR B 915 -16.34 25.41 40.85
CA THR B 915 -17.04 24.22 41.26
C THR B 915 -18.32 24.07 40.45
N THR B 916 -18.69 22.83 40.17
CA THR B 916 -19.93 22.53 39.49
C THR B 916 -20.85 21.71 40.38
N PRO B 917 -22.14 22.03 40.42
CA PRO B 917 -23.05 21.33 41.32
C PRO B 917 -23.23 19.87 40.95
N ILE B 918 -23.49 19.05 41.96
CA ILE B 918 -23.71 17.62 41.80
C ILE B 918 -24.91 17.23 42.65
N PRO B 919 -25.82 16.39 42.16
CA PRO B 919 -26.94 15.93 42.98
C PRO B 919 -26.45 15.22 44.23
N PRO B 920 -26.93 15.64 45.40
CA PRO B 920 -26.40 15.08 46.65
C PRO B 920 -26.77 13.61 46.81
N ASP B 921 -25.94 12.89 47.55
CA ASP B 921 -26.13 11.48 47.81
C ASP B 921 -26.97 11.30 49.07
N THR B 922 -27.03 10.07 49.58
CA THR B 922 -27.73 9.78 50.83
C THR B 922 -26.91 10.14 52.06
N GLU B 923 -25.83 10.92 51.88
CA GLU B 923 -24.98 11.30 53.00
C GLU B 923 -25.72 12.15 54.02
N GLU B 924 -26.88 12.70 53.65
CA GLU B 924 -27.70 13.48 54.58
C GLU B 924 -28.22 12.61 55.72
N LEU B 925 -27.92 11.32 55.67
CA LEU B 925 -28.26 10.39 56.75
C LEU B 925 -27.77 10.91 58.10
N GLY B 926 -26.45 11.08 58.23
CA GLY B 926 -25.88 11.48 59.50
C GLY B 926 -24.71 12.45 59.39
N GLN B 927 -24.51 13.01 58.21
CA GLN B 927 -23.47 14.01 58.03
C GLN B 927 -23.97 15.36 58.53
N ARG B 928 -23.14 16.04 59.33
CA ARG B 928 -23.49 17.35 59.87
C ARG B 928 -23.15 18.43 58.84
N THR B 929 -23.94 18.44 57.75
CA THR B 929 -23.85 19.40 56.66
C THR B 929 -22.57 19.19 55.86
N LYS B 930 -21.71 18.28 56.32
CA LYS B 930 -20.43 18.02 55.66
C LYS B 930 -20.56 16.91 54.62
N TYR B 931 -21.43 17.13 53.65
CA TYR B 931 -21.65 16.18 52.55
C TYR B 931 -21.37 16.87 51.22
N HIS B 932 -20.78 16.12 50.29
CA HIS B 932 -20.31 16.69 49.04
C HIS B 932 -21.47 16.97 48.10
N THR B 933 -21.68 18.25 47.79
CA THR B 933 -22.72 18.66 46.83
C THR B 933 -22.16 19.22 45.54
N LYS B 934 -20.86 19.55 45.50
CA LYS B 934 -20.25 20.18 44.35
C LYS B 934 -19.01 19.40 43.94
N ARG B 935 -18.67 19.48 42.67
CA ARG B 935 -17.46 18.85 42.14
C ARG B 935 -16.49 19.91 41.65
N ASP B 936 -15.21 19.69 41.90
CA ASP B 936 -14.19 20.67 41.55
C ASP B 936 -13.93 20.69 40.06
N ALA B 937 -13.82 21.90 39.51
CA ALA B 937 -13.44 22.12 38.12
C ALA B 937 -12.39 23.22 38.02
N SER B 938 -11.45 23.24 38.95
CA SER B 938 -10.50 24.33 39.06
C SER B 938 -9.46 24.25 37.94
N THR B 939 -8.83 25.40 37.67
CA THR B 939 -7.80 25.51 36.65
C THR B 939 -6.44 25.59 37.31
N PRO B 940 -5.58 24.59 37.17
CA PRO B 940 -4.23 24.67 37.73
C PRO B 940 -3.25 25.30 36.77
N LEU B 941 -2.21 25.89 37.35
CA LEU B 941 -1.11 26.38 36.53
C LEU B 941 -0.39 25.20 35.88
N ARG B 942 0.20 25.45 34.72
CA ARG B 942 0.89 24.38 34.00
C ARG B 942 2.04 23.85 34.83
N SER B 943 2.28 22.54 34.72
CA SER B 943 3.18 21.87 35.64
C SER B 943 4.61 22.38 35.51
N THR B 944 5.03 22.71 34.29
CA THR B 944 6.41 23.09 34.04
C THR B 944 6.66 24.59 34.12
N GLU B 945 5.64 25.38 34.43
CA GLU B 945 5.73 26.83 34.40
C GLU B 945 5.54 27.42 35.78
N ASN B 946 6.17 28.57 36.01
CA ASN B 946 5.98 29.31 37.24
C ASN B 946 6.32 30.77 36.98
N GLY B 947 5.80 31.64 37.84
CA GLY B 947 6.02 33.06 37.65
C GLY B 947 5.23 33.88 38.64
N ILE B 948 4.95 35.12 38.27
CA ILE B 948 4.21 36.07 39.09
C ILE B 948 2.88 36.34 38.41
N VAL B 949 1.81 36.36 39.18
CA VAL B 949 0.51 36.75 38.62
C VAL B 949 0.56 38.22 38.29
N ASP B 950 0.37 38.55 37.02
CA ASP B 950 0.59 39.91 36.54
C ASP B 950 -0.67 40.74 36.53
N GLN B 951 -1.79 40.16 36.10
CA GLN B 951 -3.01 40.92 35.93
C GLN B 951 -4.18 39.97 35.84
N VAL B 952 -5.23 40.24 36.59
CA VAL B 952 -6.43 39.41 36.63
C VAL B 952 -7.60 40.23 36.10
N LEU B 953 -8.32 39.69 35.14
CA LEU B 953 -9.42 40.37 34.47
C LEU B 953 -10.71 39.63 34.76
N LEU B 954 -11.73 40.37 35.18
CA LEU B 954 -13.02 39.78 35.51
C LEU B 954 -14.10 40.55 34.77
N THR B 955 -14.93 39.85 34.03
CA THR B 955 -15.98 40.48 33.22
C THR B 955 -17.07 39.45 32.93
N THR B 956 -18.02 39.83 32.08
CA THR B 956 -19.13 38.97 31.71
C THR B 956 -19.06 38.66 30.23
N ASN B 957 -19.37 37.42 29.87
CA ASN B 957 -19.34 36.98 28.48
C ASN B 957 -20.59 37.50 27.77
N GLN B 958 -20.79 37.05 26.54
CA GLN B 958 -21.98 37.46 25.78
C GLN B 958 -23.25 36.98 26.44
N GLU B 959 -23.20 35.87 27.15
CA GLU B 959 -24.38 35.26 27.75
C GLU B 959 -24.71 35.81 29.13
N GLY B 960 -23.91 36.74 29.65
CA GLY B 960 -24.16 37.31 30.96
C GLY B 960 -23.58 36.54 32.12
N LEU B 961 -22.77 35.52 31.87
CA LEU B 961 -22.13 34.77 32.94
C LEU B 961 -20.74 35.35 33.21
N LYS B 962 -20.19 35.00 34.36
CA LYS B 962 -18.87 35.48 34.74
C LYS B 962 -17.81 34.90 33.82
N PHE B 963 -16.69 35.60 33.70
CA PHE B 963 -15.67 35.29 32.72
C PHE B 963 -14.38 35.93 33.17
N VAL B 964 -13.33 35.14 33.39
CA VAL B 964 -12.09 35.65 33.96
C VAL B 964 -10.93 35.32 33.03
N LYS B 965 -9.89 36.16 33.10
CA LYS B 965 -8.63 35.93 32.41
C LYS B 965 -7.51 36.27 33.37
N VAL B 966 -6.55 35.37 33.50
CA VAL B 966 -5.42 35.55 34.40
C VAL B 966 -4.14 35.52 33.57
N ARG B 967 -3.32 36.56 33.70
CA ARG B 967 -2.06 36.66 32.98
C ARG B 967 -0.90 36.47 33.94
N MET B 968 0.02 35.58 33.59
CA MET B 968 1.18 35.27 34.39
C MET B 968 2.43 35.78 33.70
N ARG B 969 3.38 36.30 34.47
CA ARG B 969 4.60 36.89 33.93
C ARG B 969 5.82 36.25 34.54
N THR B 970 6.84 36.01 33.71
CA THR B 970 8.12 35.51 34.18
C THR B 970 9.22 36.04 33.25
N THR B 971 10.45 35.98 33.73
CA THR B 971 11.61 36.43 32.97
C THR B 971 12.47 35.23 32.61
N LYS B 972 12.88 35.17 31.35
CA LYS B 972 13.68 34.07 30.82
C LYS B 972 15.06 34.59 30.48
N VAL B 973 16.07 34.08 31.18
CA VAL B 973 17.46 34.51 31.01
C VAL B 973 18.15 33.49 30.09
N PRO B 974 19.00 33.92 29.17
CA PRO B 974 19.67 32.96 28.29
C PRO B 974 20.51 31.97 29.08
N GLN B 975 20.54 30.74 28.58
CA GLN B 975 21.29 29.67 29.24
C GLN B 975 21.69 28.65 28.19
N ILE B 976 22.43 27.64 28.62
CA ILE B 976 22.91 26.61 27.71
C ILE B 976 21.72 25.92 27.05
N GLY B 977 21.69 25.95 25.73
CA GLY B 977 20.66 25.31 24.96
C GLY B 977 19.71 26.26 24.25
N ASP B 978 19.73 27.54 24.60
CA ASP B 978 18.85 28.49 23.94
C ASP B 978 19.34 28.78 22.52
N LYS B 979 18.40 28.97 21.62
CA LYS B 979 18.68 29.09 20.19
C LYS B 979 18.80 30.55 19.80
N PHE B 980 19.87 30.89 19.08
CA PHE B 980 20.12 32.23 18.58
C PHE B 980 20.43 32.14 17.10
N ALA B 981 20.32 33.27 16.41
CA ALA B 981 20.55 33.28 14.98
C ALA B 981 20.90 34.68 14.53
N SER B 982 21.73 34.77 13.50
CA SER B 982 21.99 36.04 12.84
C SER B 982 21.02 36.19 11.67
N ARG B 983 21.15 37.27 10.91
CA ARG B 983 20.23 37.53 9.81
C ARG B 983 20.66 36.84 8.52
N HIS B 984 21.45 35.77 8.62
CA HIS B 984 21.95 35.08 7.43
C HIS B 984 21.84 33.57 7.57
N GLY B 985 20.83 33.09 8.30
CA GLY B 985 20.64 31.67 8.42
C GLY B 985 21.66 30.94 9.27
N GLN B 986 22.34 31.66 10.16
CA GLN B 986 23.38 31.06 11.00
C GLN B 986 22.84 30.79 12.39
N LYS B 987 21.96 29.82 12.48
CA LYS B 987 21.35 29.48 13.76
C LYS B 987 22.28 28.61 14.58
N GLY B 988 22.11 28.66 15.89
CA GLY B 988 22.92 27.87 16.80
C GLY B 988 22.39 27.98 18.20
N THR B 989 22.96 27.17 19.09
CA THR B 989 22.58 27.14 20.49
C THR B 989 23.79 27.41 21.36
N ILE B 990 23.55 27.91 22.56
CA ILE B 990 24.64 28.21 23.49
C ILE B 990 25.25 26.91 23.99
N GLY B 991 26.57 26.82 23.91
CA GLY B 991 27.26 25.61 24.33
C GLY B 991 27.79 25.71 25.74
N VAL B 992 28.28 26.88 26.11
CA VAL B 992 28.78 27.11 27.47
C VAL B 992 28.86 28.62 27.64
N THR B 993 28.90 29.07 28.89
CA THR B 993 29.04 30.48 29.22
C THR B 993 30.31 30.69 30.03
N TYR B 994 31.16 31.60 29.57
CA TYR B 994 32.36 31.99 30.26
C TYR B 994 32.17 33.37 30.88
N ARG B 995 32.86 33.60 31.99
CA ARG B 995 32.75 34.89 32.66
C ARG B 995 33.61 35.92 31.94
N HIS B 996 33.61 37.14 32.47
CA HIS B 996 34.32 38.23 31.80
C HIS B 996 35.82 37.96 31.74
N GLU B 997 36.39 37.39 32.79
CA GLU B 997 37.84 37.24 32.86
C GLU B 997 38.34 35.99 32.14
N ASP B 998 37.46 35.12 31.67
CA ASP B 998 37.88 33.94 30.94
C ASP B 998 37.82 34.11 29.43
N MET B 999 37.18 35.17 28.95
CA MET B 999 37.07 35.39 27.53
C MET B 999 38.37 35.97 26.99
N PRO B 1000 38.68 35.74 25.71
CA PRO B 1000 39.80 36.46 25.09
C PRO B 1000 39.47 37.93 24.98
N PHE B 1001 40.51 38.75 25.05
CA PHE B 1001 40.34 40.19 25.06
C PHE B 1001 41.33 40.83 24.10
N SER B 1002 40.99 42.00 23.59
CA SER B 1002 41.88 42.72 22.71
C SER B 1002 42.77 43.63 23.54
N ALA B 1003 43.66 44.37 22.87
CA ALA B 1003 44.61 45.21 23.60
C ALA B 1003 43.90 46.31 24.38
N GLU B 1004 42.72 46.72 23.94
CA GLU B 1004 41.97 47.78 24.60
C GLU B 1004 40.87 47.26 25.50
N GLY B 1005 40.89 45.97 25.85
CA GLY B 1005 40.04 45.45 26.89
C GLY B 1005 38.67 44.99 26.47
N ILE B 1006 38.39 44.92 25.18
CA ILE B 1006 37.08 44.53 24.71
C ILE B 1006 36.98 43.01 24.68
N VAL B 1007 35.99 42.45 25.37
CA VAL B 1007 35.73 41.02 25.33
C VAL B 1007 34.49 40.79 24.48
N PRO B 1008 34.41 39.70 23.74
CA PRO B 1008 33.21 39.45 22.93
C PRO B 1008 32.04 39.04 23.80
N ASP B 1009 30.83 39.32 23.31
CA ASP B 1009 29.64 38.77 23.94
C ASP B 1009 29.35 37.36 23.46
N LEU B 1010 30.01 36.91 22.41
CA LEU B 1010 29.58 35.72 21.70
C LEU B 1010 30.66 35.25 20.75
N ILE B 1011 31.02 33.97 20.80
CA ILE B 1011 32.06 33.41 19.95
C ILE B 1011 31.46 32.31 19.10
N ILE B 1012 31.65 32.39 17.78
CA ILE B 1012 31.14 31.39 16.86
C ILE B 1012 32.31 30.74 16.14
N ASN B 1013 32.12 29.50 15.73
CA ASN B 1013 33.17 28.72 15.10
C ASN B 1013 33.45 29.22 13.68
N PRO B 1014 34.71 29.23 13.25
CA PRO B 1014 35.00 29.55 11.85
C PRO B 1014 34.40 28.57 10.86
N HIS B 1015 34.13 27.33 11.28
CA HIS B 1015 33.65 26.33 10.35
C HIS B 1015 32.24 26.59 9.86
N ALA B 1016 31.54 27.53 10.47
CA ALA B 1016 30.20 27.86 10.00
C ALA B 1016 30.22 28.56 8.65
N ILE B 1017 31.32 29.22 8.31
CA ILE B 1017 31.36 30.10 7.13
C ILE B 1017 31.65 29.35 5.83
N PRO B 1018 32.76 28.61 5.70
CA PRO B 1018 33.18 28.18 4.35
C PRO B 1018 32.18 27.28 3.64
N SER B 1019 31.54 26.35 4.33
CA SER B 1019 30.64 25.43 3.65
C SER B 1019 29.33 26.12 3.26
N ARG B 1020 28.88 27.08 4.06
CA ARG B 1020 27.61 27.74 3.81
C ARG B 1020 27.77 29.04 3.02
N MET B 1021 28.98 29.58 2.93
CA MET B 1021 29.28 30.72 2.06
C MET B 1021 28.38 31.92 2.36
N THR B 1022 28.29 32.25 3.64
CA THR B 1022 27.56 33.45 4.07
C THR B 1022 28.54 34.61 4.22
N VAL B 1023 29.02 35.10 3.07
CA VAL B 1023 29.94 36.22 3.06
C VAL B 1023 29.26 37.48 3.59
N ALA B 1024 27.93 37.56 3.44
CA ALA B 1024 27.21 38.73 3.92
C ALA B 1024 27.37 38.88 5.43
N HIS B 1025 27.54 37.78 6.14
CA HIS B 1025 27.82 37.85 7.58
C HIS B 1025 29.07 38.66 7.85
N LEU B 1026 30.16 38.32 7.16
CA LEU B 1026 31.43 38.99 7.36
C LEU B 1026 31.36 40.46 6.92
N ILE B 1027 30.70 40.71 5.78
CA ILE B 1027 30.58 42.09 5.31
C ILE B 1027 29.76 42.93 6.29
N GLU B 1028 28.69 42.36 6.82
CA GLU B 1028 27.88 43.08 7.81
C GLU B 1028 28.68 43.37 9.06
N CYS B 1029 29.48 42.40 9.52
CA CYS B 1029 30.30 42.63 10.70
C CYS B 1029 31.28 43.78 10.47
N LEU B 1030 31.93 43.80 9.31
CA LEU B 1030 32.88 44.87 9.00
C LEU B 1030 32.18 46.23 8.93
N LEU B 1031 31.05 46.29 8.22
CA LEU B 1031 30.34 47.55 8.06
C LEU B 1031 29.82 48.05 9.41
N SER B 1032 29.33 47.14 10.24
CA SER B 1032 28.86 47.54 11.57
C SER B 1032 30.00 48.05 12.43
N LYS B 1033 31.17 47.43 12.33
CA LYS B 1033 32.32 47.93 13.06
C LYS B 1033 32.63 49.37 12.67
N VAL B 1034 32.67 49.63 11.36
CA VAL B 1034 32.96 50.99 10.90
C VAL B 1034 31.88 51.96 11.36
N GLY B 1035 30.62 51.56 11.26
CA GLY B 1035 29.54 52.45 11.64
C GLY B 1035 29.54 52.79 13.11
N SER B 1036 29.79 51.79 13.97
CA SER B 1036 29.81 52.07 15.41
C SER B 1036 31.04 52.90 15.78
N ILE B 1037 32.15 52.72 15.06
CA ILE B 1037 33.31 53.56 15.32
C ILE B 1037 33.02 55.01 14.96
N ARG B 1038 32.40 55.24 13.80
CA ARG B 1038 32.18 56.60 13.31
C ARG B 1038 30.84 57.19 13.72
N GLY B 1039 29.97 56.43 14.36
CA GLY B 1039 28.67 56.96 14.74
C GLY B 1039 27.66 57.09 13.62
N TYR B 1040 27.72 56.21 12.63
CA TYR B 1040 26.77 56.19 11.53
C TYR B 1040 26.02 54.85 11.52
N GLU B 1041 25.06 54.75 10.61
CA GLU B 1041 24.36 53.49 10.36
C GLU B 1041 24.68 53.05 8.93
N GLY B 1042 25.22 51.84 8.80
CA GLY B 1042 25.57 51.34 7.49
C GLY B 1042 24.34 51.11 6.62
N ASP B 1043 24.53 51.27 5.32
CA ASP B 1043 23.47 51.08 4.35
C ASP B 1043 23.75 49.78 3.61
N ALA B 1044 23.06 48.71 4.02
CA ALA B 1044 23.25 47.38 3.46
C ALA B 1044 22.19 47.02 2.44
N THR B 1045 21.67 47.99 1.72
CA THR B 1045 20.70 47.71 0.67
C THR B 1045 21.36 46.90 -0.42
N PRO B 1046 20.71 45.85 -0.93
CA PRO B 1046 21.30 45.08 -2.02
C PRO B 1046 21.34 45.86 -3.33
N PHE B 1047 22.20 45.39 -4.23
CA PHE B 1047 22.31 45.93 -5.58
C PHE B 1047 22.69 47.40 -5.57
N THR B 1048 23.59 47.79 -4.67
CA THR B 1048 24.15 49.12 -4.61
C THR B 1048 25.60 49.08 -5.04
N ASP B 1049 26.26 50.23 -4.96
CA ASP B 1049 27.65 50.37 -5.37
C ASP B 1049 28.63 50.17 -4.24
N LEU B 1050 28.16 49.78 -3.05
CA LEU B 1050 29.06 49.53 -1.94
C LEU B 1050 30.00 48.38 -2.27
N THR B 1051 31.28 48.57 -1.98
CA THR B 1051 32.29 47.55 -2.17
C THR B 1051 33.03 47.34 -0.86
N VAL B 1052 33.64 46.15 -0.73
CA VAL B 1052 34.37 45.84 0.49
C VAL B 1052 35.58 46.74 0.64
N ASP B 1053 36.17 47.19 -0.47
CA ASP B 1053 37.39 47.99 -0.39
C ASP B 1053 37.11 49.37 0.19
N ALA B 1054 35.95 49.94 -0.10
CA ALA B 1054 35.61 51.23 0.50
C ALA B 1054 35.46 51.12 2.01
N VAL B 1055 34.77 50.07 2.46
CA VAL B 1055 34.62 49.85 3.90
C VAL B 1055 35.99 49.60 4.54
N SER B 1056 36.86 48.89 3.83
CA SER B 1056 38.18 48.61 4.38
C SER B 1056 39.02 49.88 4.49
N ASN B 1057 38.93 50.76 3.49
CA ASN B 1057 39.64 52.03 3.58
C ASN B 1057 39.13 52.85 4.76
N LEU B 1058 37.81 52.90 4.93
CA LEU B 1058 37.26 53.63 6.07
C LEU B 1058 37.74 53.04 7.39
N LEU B 1059 37.77 51.71 7.49
CA LEU B 1059 38.21 51.08 8.73
C LEU B 1059 39.69 51.35 8.99
N ARG B 1060 40.51 51.35 7.93
CA ARG B 1060 41.93 51.61 8.11
C ARG B 1060 42.17 53.05 8.56
N ASP B 1061 41.38 53.99 8.04
CA ASP B 1061 41.56 55.38 8.41
C ASP B 1061 41.28 55.64 9.89
N ASN B 1062 40.56 54.74 10.56
CA ASN B 1062 40.23 54.91 11.96
C ASN B 1062 41.20 54.21 12.90
N GLY B 1063 42.29 53.64 12.39
CA GLY B 1063 43.30 53.03 13.22
C GLY B 1063 43.13 51.56 13.47
N TYR B 1064 42.29 50.87 12.72
CA TYR B 1064 42.10 49.44 12.85
C TYR B 1064 42.61 48.73 11.61
N GLN B 1065 42.82 47.43 11.73
CA GLN B 1065 43.21 46.65 10.57
C GLN B 1065 42.08 46.66 9.55
N SER B 1066 42.44 46.86 8.29
CA SER B 1066 41.43 47.15 7.27
C SER B 1066 40.51 45.97 7.02
N ARG B 1067 40.94 44.74 7.33
CA ARG B 1067 40.13 43.56 7.10
C ARG B 1067 39.36 43.13 8.34
N GLY B 1068 39.49 43.84 9.44
CA GLY B 1068 38.75 43.54 10.64
C GLY B 1068 39.43 42.66 11.65
N PHE B 1069 40.64 42.17 11.37
CA PHE B 1069 41.34 41.32 12.33
C PHE B 1069 41.83 42.15 13.50
N GLU B 1070 42.07 41.47 14.63
CA GLU B 1070 42.54 42.11 15.84
C GLU B 1070 43.47 41.18 16.59
N VAL B 1071 44.57 41.71 17.11
CA VAL B 1071 45.44 40.92 17.96
C VAL B 1071 44.75 40.71 19.30
N MET B 1072 44.59 39.45 19.68
CA MET B 1072 43.76 39.11 20.82
C MET B 1072 44.54 38.24 21.78
N TYR B 1073 44.31 38.44 23.07
CA TYR B 1073 45.04 37.75 24.12
C TYR B 1073 44.20 36.64 24.72
N ASN B 1074 44.88 35.66 25.31
CA ASN B 1074 44.19 34.52 25.91
C ASN B 1074 43.73 34.87 27.32
N GLY B 1075 42.49 34.52 27.64
CA GLY B 1075 41.95 34.85 28.95
C GLY B 1075 42.61 34.10 30.08
N HIS B 1076 42.92 32.82 29.85
CA HIS B 1076 43.42 31.97 30.94
C HIS B 1076 44.82 32.37 31.36
N THR B 1077 45.72 32.54 30.40
CA THR B 1077 47.13 32.77 30.69
C THR B 1077 47.62 34.17 30.36
N GLY B 1078 46.88 34.93 29.55
CA GLY B 1078 47.29 36.26 29.18
C GLY B 1078 48.21 36.34 27.98
N LYS B 1079 48.67 35.21 27.49
CA LYS B 1079 49.57 35.20 26.34
C LYS B 1079 48.81 35.55 25.07
N LYS B 1080 49.52 36.16 24.13
CA LYS B 1080 48.92 36.47 22.83
C LYS B 1080 48.51 35.20 22.12
N LEU B 1081 47.40 35.28 21.38
CA LEU B 1081 47.04 34.21 20.47
C LEU B 1081 47.87 34.31 19.21
N MET B 1082 48.33 33.16 18.71
CA MET B 1082 49.16 33.17 17.51
C MET B 1082 48.39 33.61 16.28
N ALA B 1083 47.07 33.40 16.27
CA ALA B 1083 46.22 33.78 15.14
C ALA B 1083 45.37 34.96 15.55
N GLN B 1084 45.32 35.97 14.68
CA GLN B 1084 44.46 37.11 14.92
C GLN B 1084 43.01 36.73 14.68
N VAL B 1085 42.11 37.47 15.32
CA VAL B 1085 40.71 37.08 15.45
C VAL B 1085 39.85 38.12 14.74
N PHE B 1086 38.97 37.64 13.86
CA PHE B 1086 37.95 38.51 13.28
C PHE B 1086 36.98 38.94 14.37
N PHE B 1087 36.69 40.24 14.42
CA PHE B 1087 36.13 40.83 15.63
C PHE B 1087 35.30 42.04 15.26
N GLY B 1088 34.06 42.07 15.72
CA GLY B 1088 33.19 43.20 15.47
C GLY B 1088 31.76 42.93 15.87
N PRO B 1089 30.92 43.97 15.84
CA PRO B 1089 29.51 43.79 16.23
C PRO B 1089 28.65 43.28 15.09
N THR B 1090 27.70 42.42 15.46
CA THR B 1090 26.77 41.84 14.51
C THR B 1090 25.40 41.74 15.17
N TYR B 1091 24.35 41.86 14.37
CA TYR B 1091 22.99 41.87 14.87
C TYR B 1091 22.50 40.44 15.02
N TYR B 1092 22.24 40.02 16.26
CA TYR B 1092 21.73 38.70 16.56
C TYR B 1092 20.32 38.80 17.11
N GLN B 1093 19.55 37.73 16.93
CA GLN B 1093 18.18 37.70 17.40
C GLN B 1093 17.92 36.40 18.14
N ARG B 1094 17.13 36.49 19.20
CA ARG B 1094 16.84 35.34 20.06
C ARG B 1094 15.57 34.66 19.58
N LEU B 1095 15.65 33.37 19.29
CA LEU B 1095 14.52 32.64 18.76
C LEU B 1095 13.68 32.04 19.88
N ARG B 1096 12.44 31.69 19.54
CA ARG B 1096 11.47 31.26 20.53
C ARG B 1096 11.79 29.90 21.13
N HIS B 1097 12.68 29.13 20.54
CA HIS B 1097 12.93 27.76 20.96
C HIS B 1097 13.95 27.74 22.07
N MET B 1098 13.51 27.53 23.30
CA MET B 1098 14.37 27.47 24.46
C MET B 1098 14.32 26.07 25.05
N VAL B 1099 15.44 25.65 25.64
CA VAL B 1099 15.55 24.26 26.07
C VAL B 1099 14.56 23.96 27.19
N ASP B 1100 14.29 24.92 28.05
CA ASP B 1100 13.39 24.67 29.17
C ASP B 1100 11.95 24.48 28.74
N ASP B 1101 11.62 24.81 27.50
CA ASP B 1101 10.32 24.52 26.93
C ASP B 1101 10.31 23.22 26.14
N LYS B 1102 11.44 22.51 26.09
CA LYS B 1102 11.53 21.26 25.35
C LYS B 1102 11.97 20.08 26.20
N ILE B 1103 12.62 20.30 27.34
CA ILE B 1103 13.08 19.19 28.17
C ILE B 1103 11.88 18.45 28.73
N HIS B 1104 11.93 17.12 28.70
CA HIS B 1104 10.81 16.30 29.15
C HIS B 1104 11.34 14.93 29.54
N ALA B 1105 10.82 14.40 30.64
CA ALA B 1105 11.15 13.05 31.08
C ALA B 1105 9.91 12.41 31.67
N ARG B 1106 9.87 11.09 31.63
CA ARG B 1106 8.71 10.36 32.14
C ARG B 1106 9.14 9.00 32.66
N ALA B 1107 8.78 8.70 33.90
CA ALA B 1107 8.94 7.37 34.46
C ALA B 1107 7.65 6.57 34.36
N ARG B 1108 6.58 7.09 34.96
CA ARG B 1108 5.25 6.51 34.82
C ARG B 1108 4.24 7.63 34.97
N GLY B 1109 3.04 7.42 34.43
CA GLY B 1109 2.04 8.45 34.46
C GLY B 1109 0.75 8.06 33.78
N PRO B 1110 -0.01 9.04 33.32
CA PRO B 1110 -1.31 8.75 32.71
C PRO B 1110 -1.17 7.93 31.44
N VAL B 1111 -2.18 7.11 31.19
CA VAL B 1111 -2.24 6.27 30.00
C VAL B 1111 -3.60 6.46 29.34
N GLN B 1112 -3.65 6.15 28.05
CA GLN B 1112 -4.90 6.26 27.31
C GLN B 1112 -5.90 5.22 27.80
N VAL B 1113 -7.18 5.56 27.70
CA VAL B 1113 -8.21 4.65 28.19
C VAL B 1113 -8.40 3.48 27.23
N LEU B 1114 -8.32 3.73 25.92
CA LEU B 1114 -8.58 2.67 24.96
C LEU B 1114 -7.45 1.66 24.91
N THR B 1115 -6.20 2.13 24.84
CA THR B 1115 -5.07 1.25 24.60
C THR B 1115 -4.19 1.04 25.82
N ARG B 1116 -4.36 1.83 26.88
CA ARG B 1116 -3.56 1.71 28.09
C ARG B 1116 -2.07 1.88 27.82
N GLN B 1117 -1.73 2.74 26.89
CA GLN B 1117 -0.37 3.14 26.59
C GLN B 1117 -0.17 4.59 27.00
N PRO B 1118 1.08 5.02 27.20
CA PRO B 1118 1.32 6.39 27.65
C PRO B 1118 0.70 7.41 26.70
N VAL B 1119 0.18 8.49 27.28
CA VAL B 1119 -0.48 9.53 26.50
C VAL B 1119 0.55 10.26 25.66
N GLU B 1120 0.08 11.10 24.75
CA GLU B 1120 0.95 11.84 23.85
C GLU B 1120 1.04 13.30 24.29
N GLY B 1121 2.25 13.83 24.38
CA GLY B 1121 2.43 15.22 24.68
C GLY B 1121 3.32 15.49 25.88
N ARG B 1122 4.16 16.51 25.77
CA ARG B 1122 4.98 16.91 26.91
C ARG B 1122 4.12 17.61 27.96
N SER B 1123 3.10 18.34 27.52
CA SER B 1123 2.24 19.06 28.46
C SER B 1123 1.39 18.11 29.28
N ARG B 1124 1.11 16.93 28.76
CA ARG B 1124 0.27 15.94 29.44
C ARG B 1124 1.08 14.87 30.14
N ASP B 1125 2.38 15.08 30.33
CA ASP B 1125 3.28 14.08 30.89
C ASP B 1125 3.26 12.79 30.09
N GLY B 1126 3.30 12.93 28.76
CA GLY B 1126 3.20 11.77 27.90
C GLY B 1126 4.51 11.05 27.74
N GLY B 1127 4.47 9.98 26.96
CA GLY B 1127 5.63 9.17 26.69
C GLY B 1127 6.17 9.42 25.28
N LEU B 1128 7.33 8.82 25.03
CA LEU B 1128 8.00 8.95 23.74
C LEU B 1128 7.74 7.71 22.90
N ARG B 1129 7.67 7.91 21.59
CA ARG B 1129 7.28 6.85 20.68
C ARG B 1129 8.49 6.02 20.27
N PHE B 1130 8.41 4.70 20.49
CA PHE B 1130 9.43 3.76 20.05
C PHE B 1130 8.95 3.14 18.74
N GLY B 1131 9.10 3.90 17.67
CA GLY B 1131 8.48 3.58 16.41
C GLY B 1131 9.07 2.34 15.75
N GLU B 1132 8.71 2.17 14.48
CA GLU B 1132 9.10 0.97 13.76
C GLU B 1132 10.58 0.99 13.39
N MET B 1133 11.11 2.16 13.04
CA MET B 1133 12.51 2.24 12.67
C MET B 1133 13.42 1.95 13.85
N GLU B 1134 13.05 2.42 15.04
CA GLU B 1134 13.79 2.06 16.24
C GLU B 1134 13.72 0.57 16.51
N ARG B 1135 12.55 -0.03 16.24
CA ARG B 1135 12.42 -1.47 16.40
C ARG B 1135 13.35 -2.21 15.44
N ASP B 1136 13.47 -1.71 14.21
CA ASP B 1136 14.39 -2.32 13.25
C ASP B 1136 15.84 -2.16 13.67
N CYS B 1137 16.19 -1.00 14.23
CA CYS B 1137 17.55 -0.82 14.74
C CYS B 1137 17.84 -1.78 15.88
N MET B 1138 16.87 -1.97 16.78
CA MET B 1138 17.06 -2.90 17.88
C MET B 1138 17.16 -4.34 17.38
N ILE B 1139 16.44 -4.67 16.32
CA ILE B 1139 16.59 -5.99 15.71
C ILE B 1139 17.99 -6.15 15.12
N ALA B 1140 18.49 -5.11 14.46
CA ALA B 1140 19.82 -5.17 13.87
C ALA B 1140 20.89 -5.35 14.94
N HIS B 1141 20.72 -4.69 16.08
CA HIS B 1141 21.67 -4.90 17.18
C HIS B 1141 21.59 -6.31 17.73
N GLY B 1142 20.45 -6.97 17.59
CA GLY B 1142 20.28 -8.32 18.10
C GLY B 1142 19.81 -8.41 19.54
N ALA B 1143 19.42 -7.29 20.14
CA ALA B 1143 18.99 -7.25 21.53
C ALA B 1143 17.50 -7.56 21.60
N ALA B 1144 17.18 -8.83 21.79
CA ALA B 1144 15.78 -9.24 21.88
C ALA B 1144 15.18 -8.92 23.23
N GLY B 1145 15.98 -9.04 24.29
CA GLY B 1145 15.48 -8.76 25.63
C GLY B 1145 15.10 -7.30 25.82
N PHE B 1146 15.94 -6.39 25.33
CA PHE B 1146 15.62 -4.97 25.42
C PHE B 1146 14.37 -4.64 24.65
N LEU B 1147 14.20 -5.23 23.46
CA LEU B 1147 13.01 -4.97 22.67
C LEU B 1147 11.76 -5.46 23.37
N LYS B 1148 11.81 -6.67 23.93
CA LYS B 1148 10.66 -7.20 24.65
C LYS B 1148 10.34 -6.34 25.87
N GLU B 1149 11.36 -5.90 26.60
CA GLU B 1149 11.12 -5.06 27.76
C GLU B 1149 10.54 -3.70 27.37
N ARG B 1150 11.04 -3.09 26.31
CA ARG B 1150 10.50 -1.82 25.87
C ARG B 1150 9.04 -1.96 25.49
N LEU B 1151 8.70 -3.01 24.75
CA LEU B 1151 7.34 -3.10 24.23
C LEU B 1151 6.36 -3.75 25.20
N MET B 1152 6.83 -4.33 26.31
CA MET B 1152 5.91 -4.90 27.29
C MET B 1152 5.99 -4.24 28.65
N GLU B 1153 7.15 -4.24 29.30
CA GLU B 1153 7.22 -3.76 30.68
C GLU B 1153 7.14 -2.24 30.73
N ALA B 1154 7.81 -1.55 29.82
CA ALA B 1154 7.78 -0.10 29.75
C ALA B 1154 6.57 0.42 28.99
N SER B 1155 5.55 -0.40 28.83
CA SER B 1155 4.38 -0.04 28.04
C SER B 1155 3.22 -0.93 28.50
N ASP B 1156 2.22 -1.09 27.64
CA ASP B 1156 0.98 -1.78 27.98
C ASP B 1156 1.22 -3.29 28.10
N ALA B 1157 1.55 -3.72 29.31
CA ALA B 1157 1.59 -5.15 29.58
C ALA B 1157 0.27 -5.59 30.22
N PHE B 1158 -0.16 -6.80 29.89
CA PHE B 1158 -1.44 -7.29 30.34
C PHE B 1158 -1.40 -8.80 30.48
N ARG B 1159 -2.29 -9.32 31.31
CA ARG B 1159 -2.38 -10.76 31.58
C ARG B 1159 -3.78 -11.23 31.22
N VAL B 1160 -3.85 -12.28 30.41
CA VAL B 1160 -5.13 -12.86 30.01
C VAL B 1160 -5.06 -14.37 30.24
N HIS B 1161 -6.24 -14.99 30.23
CA HIS B 1161 -6.37 -16.44 30.35
C HIS B 1161 -6.99 -16.98 29.08
N VAL B 1162 -6.44 -18.07 28.57
CA VAL B 1162 -6.92 -18.70 27.35
C VAL B 1162 -7.31 -20.13 27.65
N CYS B 1163 -8.40 -20.59 27.04
CA CYS B 1163 -8.79 -21.99 27.17
C CYS B 1163 -7.81 -22.88 26.42
N GLY B 1164 -7.46 -24.00 27.03
CA GLY B 1164 -6.55 -24.91 26.38
C GLY B 1164 -7.14 -25.72 25.24
N ILE B 1165 -8.45 -25.60 25.04
CA ILE B 1165 -9.15 -26.34 23.99
C ILE B 1165 -9.61 -25.40 22.87
N CYS B 1166 -10.49 -24.46 23.18
CA CYS B 1166 -11.00 -23.56 22.15
C CYS B 1166 -9.94 -22.55 21.73
N GLY B 1167 -8.99 -22.26 22.60
CA GLY B 1167 -7.93 -21.32 22.27
C GLY B 1167 -8.35 -19.87 22.28
N LEU B 1168 -9.55 -19.56 22.73
CA LEU B 1168 -10.05 -18.19 22.76
C LEU B 1168 -9.86 -17.60 24.15
N MET B 1169 -9.92 -16.27 24.21
CA MET B 1169 -9.80 -15.56 25.48
C MET B 1169 -11.17 -15.39 26.14
N SER B 1170 -11.89 -16.50 26.26
CA SER B 1170 -13.24 -16.49 26.82
C SER B 1170 -13.29 -17.07 28.22
N VAL B 1171 -12.13 -17.31 28.84
CA VAL B 1171 -12.13 -17.86 30.19
C VAL B 1171 -12.64 -16.80 31.16
N ILE B 1172 -13.61 -17.17 31.98
CA ILE B 1172 -14.16 -16.29 33.00
C ILE B 1172 -13.37 -16.60 34.28
N ALA B 1173 -12.30 -15.84 34.51
CA ALA B 1173 -11.37 -16.10 35.58
C ALA B 1173 -11.73 -15.22 36.77
N ASN B 1174 -11.83 -15.83 37.95
CA ASN B 1174 -12.06 -15.11 39.20
C ASN B 1174 -10.91 -15.45 40.13
N LEU B 1175 -9.95 -14.52 40.24
CA LEU B 1175 -8.71 -14.83 40.93
C LEU B 1175 -8.92 -15.00 42.42
N LYS B 1176 -9.77 -14.18 43.03
CA LYS B 1176 -9.95 -14.24 44.47
C LYS B 1176 -10.61 -15.56 44.89
N LYS B 1177 -11.60 -16.04 44.13
CA LYS B 1177 -12.23 -17.32 44.43
C LYS B 1177 -11.44 -18.50 43.92
N ASN B 1178 -10.42 -18.27 43.08
CA ASN B 1178 -9.58 -19.33 42.54
C ASN B 1178 -10.39 -20.35 41.76
N GLN B 1179 -11.16 -19.86 40.78
CA GLN B 1179 -11.89 -20.74 39.88
C GLN B 1179 -11.88 -20.16 38.48
N PHE B 1180 -11.52 -20.99 37.51
CA PHE B 1180 -11.49 -20.62 36.10
C PHE B 1180 -12.43 -21.55 35.34
N GLU B 1181 -13.06 -21.01 34.29
CA GLU B 1181 -14.11 -21.76 33.63
C GLU B 1181 -14.37 -21.19 32.25
N CYS B 1182 -14.32 -22.06 31.23
CA CYS B 1182 -14.67 -21.70 29.86
C CYS B 1182 -16.02 -22.34 29.55
N ARG B 1183 -17.04 -21.49 29.38
CA ARG B 1183 -18.39 -22.00 29.23
C ARG B 1183 -18.57 -22.76 27.92
N SER B 1184 -17.96 -22.26 26.84
CA SER B 1184 -18.16 -22.89 25.53
C SER B 1184 -17.64 -24.33 25.52
N CYS B 1185 -16.46 -24.55 26.10
CA CYS B 1185 -15.88 -25.88 26.13
C CYS B 1185 -16.22 -26.66 27.38
N LYS B 1186 -16.81 -26.02 28.39
CA LYS B 1186 -17.23 -26.67 29.62
C LYS B 1186 -16.06 -27.37 30.32
N ASN B 1187 -14.94 -26.67 30.45
CA ASN B 1187 -13.78 -27.21 31.14
C ASN B 1187 -13.33 -26.26 32.23
N LYS B 1188 -12.68 -26.82 33.23
CA LYS B 1188 -12.19 -26.07 34.38
C LYS B 1188 -10.70 -26.23 34.62
N THR B 1189 -10.02 -27.07 33.85
CA THR B 1189 -8.64 -27.46 34.13
C THR B 1189 -7.66 -26.95 33.07
N ASN B 1190 -7.90 -27.27 31.81
CA ASN B 1190 -6.96 -26.97 30.73
C ASN B 1190 -7.03 -25.48 30.42
N ILE B 1191 -6.45 -24.68 31.29
CA ILE B 1191 -6.50 -23.23 31.17
C ILE B 1191 -5.12 -22.67 31.49
N TYR B 1192 -4.63 -21.77 30.64
CA TYR B 1192 -3.33 -21.14 30.80
C TYR B 1192 -3.49 -19.62 30.83
N GLN B 1193 -2.46 -18.96 31.32
CA GLN B 1193 -2.41 -17.51 31.33
C GLN B 1193 -1.24 -17.02 30.48
N LEU B 1194 -1.41 -15.86 29.87
CA LEU B 1194 -0.41 -15.29 28.98
C LEU B 1194 -0.12 -13.86 29.39
N HIS B 1195 1.05 -13.37 29.00
CA HIS B 1195 1.40 -11.96 29.13
C HIS B 1195 1.52 -11.39 27.72
N ILE B 1196 0.54 -10.58 27.33
CA ILE B 1196 0.52 -10.00 25.99
C ILE B 1196 0.27 -8.50 26.12
N PRO B 1197 0.70 -7.72 25.13
CA PRO B 1197 0.39 -6.29 25.15
C PRO B 1197 -1.11 -6.08 25.14
N TYR B 1198 -1.55 -5.03 25.84
CA TYR B 1198 -2.98 -4.73 25.86
C TYR B 1198 -3.49 -4.42 24.46
N ALA B 1199 -2.65 -3.84 23.61
CA ALA B 1199 -3.08 -3.57 22.24
C ALA B 1199 -3.33 -4.86 21.48
N ALA B 1200 -2.58 -5.92 21.78
CA ALA B 1200 -2.84 -7.21 21.15
C ALA B 1200 -4.17 -7.78 21.59
N LYS B 1201 -4.49 -7.68 22.88
CA LYS B 1201 -5.80 -8.11 23.36
C LYS B 1201 -6.91 -7.33 22.67
N LEU B 1202 -6.73 -6.01 22.55
CA LEU B 1202 -7.72 -5.19 21.88
C LEU B 1202 -7.88 -5.58 20.41
N LEU B 1203 -6.77 -5.87 19.74
CA LEU B 1203 -6.83 -6.29 18.34
C LEU B 1203 -7.57 -7.60 18.19
N PHE B 1204 -7.30 -8.56 19.06
CA PHE B 1204 -7.99 -9.85 18.96
C PHE B 1204 -9.48 -9.69 19.25
N GLN B 1205 -9.83 -8.84 20.22
CA GLN B 1205 -11.25 -8.61 20.50
C GLN B 1205 -11.94 -7.92 19.32
N GLU B 1206 -11.27 -6.96 18.69
CA GLU B 1206 -11.86 -6.32 17.51
C GLU B 1206 -11.99 -7.29 16.36
N LEU B 1207 -11.05 -8.23 16.23
CA LEU B 1207 -11.19 -9.27 15.22
C LEU B 1207 -12.39 -10.16 15.52
N MET B 1208 -12.57 -10.53 16.79
CA MET B 1208 -13.74 -11.32 17.15
C MET B 1208 -15.04 -10.57 16.90
N ALA B 1209 -15.00 -9.24 17.03
CA ALA B 1209 -16.18 -8.43 16.73
C ALA B 1209 -16.56 -8.53 15.26
N MET B 1210 -15.63 -8.92 14.40
CA MET B 1210 -15.88 -9.05 12.97
C MET B 1210 -15.95 -10.51 12.54
N ASN B 1211 -16.36 -11.41 13.43
CA ASN B 1211 -16.59 -12.82 13.15
C ASN B 1211 -15.32 -13.58 12.79
N ILE B 1212 -14.16 -12.99 13.02
CA ILE B 1212 -12.88 -13.68 12.81
C ILE B 1212 -12.41 -14.19 14.16
N ALA B 1213 -11.98 -15.45 14.21
CA ALA B 1213 -11.61 -16.07 15.47
C ALA B 1213 -10.12 -16.36 15.49
N PRO B 1214 -9.29 -15.52 16.12
CA PRO B 1214 -7.88 -15.85 16.28
C PRO B 1214 -7.69 -16.68 17.55
N ARG B 1215 -7.25 -17.92 17.37
CA ARG B 1215 -7.08 -18.85 18.47
C ARG B 1215 -5.60 -18.99 18.83
N LEU B 1216 -5.28 -18.74 20.09
CA LEU B 1216 -3.91 -18.77 20.56
C LEU B 1216 -3.65 -20.09 21.26
N TYR B 1217 -2.65 -20.83 20.80
CA TYR B 1217 -2.30 -22.13 21.35
C TYR B 1217 -0.87 -22.10 21.84
N THR B 1218 -0.63 -22.74 22.98
CA THR B 1218 0.68 -22.74 23.60
C THR B 1218 1.52 -23.95 23.24
N GLU B 1219 1.05 -24.80 22.34
CA GLU B 1219 1.83 -25.94 21.87
C GLU B 1219 1.70 -26.04 20.36
N ARG B 1220 2.76 -26.50 19.72
CA ARG B 1220 2.74 -26.72 18.29
C ARG B 1220 2.15 -28.09 17.96
N SER B 1221 1.71 -28.25 16.72
CA SER B 1221 1.11 -29.50 16.26
C SER B 1221 1.76 -30.08 15.02
N GLY B 1222 2.40 -29.26 14.19
CA GLY B 1222 3.02 -29.76 12.97
C GLY B 1222 2.14 -29.60 11.75
N GLU C 4 62.61 43.68 43.35
CA GLU C 4 62.83 43.35 41.94
C GLU C 4 61.68 43.84 41.03
N PRO C 5 60.42 43.59 41.38
CA PRO C 5 59.32 44.15 40.58
C PRO C 5 59.33 45.67 40.64
N LYS C 6 58.88 46.29 39.54
CA LYS C 6 58.81 47.75 39.44
C LYS C 6 57.46 48.17 38.90
N VAL C 7 57.00 49.34 39.33
CA VAL C 7 55.77 49.95 38.84
C VAL C 7 56.06 51.37 38.40
N ASN C 8 55.52 51.75 37.25
CA ASN C 8 55.66 53.09 36.71
C ASN C 8 54.31 53.57 36.21
N ILE C 9 53.82 54.66 36.77
CA ILE C 9 52.49 55.17 36.46
C ILE C 9 52.60 56.19 35.34
N ILE C 10 51.75 56.04 34.33
CA ILE C 10 51.75 56.95 33.19
C ILE C 10 50.72 58.06 33.39
N ASN C 11 49.45 57.69 33.57
CA ASN C 11 48.39 58.63 33.85
C ASN C 11 47.65 58.16 35.11
N ALA C 12 47.19 59.13 35.90
CA ALA C 12 46.46 58.83 37.12
C ALA C 12 45.20 59.67 37.16
N GLN C 13 44.09 59.04 37.53
CA GLN C 13 42.82 59.73 37.73
C GLN C 13 42.06 59.02 38.84
N ASP C 14 40.93 59.62 39.24
CA ASP C 14 40.10 58.97 40.24
C ASP C 14 39.46 57.70 39.70
N ASP C 15 39.18 57.66 38.40
CA ASP C 15 38.46 56.55 37.80
C ASP C 15 39.31 55.61 36.96
N GLU C 16 40.48 56.05 36.48
CA GLU C 16 41.34 55.17 35.72
C GLU C 16 42.79 55.52 35.94
N VAL C 17 43.64 54.48 36.00
CA VAL C 17 45.08 54.63 36.13
C VAL C 17 45.72 53.81 35.02
N GLU C 18 46.70 54.39 34.35
CA GLU C 18 47.44 53.73 33.29
C GLU C 18 48.88 53.56 33.75
N LEU C 19 49.29 52.31 33.94
CA LEU C 19 50.57 52.01 34.57
C LEU C 19 51.30 50.95 33.79
N MET C 20 52.60 50.84 34.04
CA MET C 20 53.45 49.86 33.39
C MET C 20 54.14 49.01 34.46
N LEU C 21 53.91 47.70 34.39
CA LEU C 21 54.57 46.75 35.27
C LEU C 21 55.80 46.19 34.57
N SER C 22 56.84 45.91 35.35
CA SER C 22 58.05 45.35 34.78
C SER C 22 58.71 44.43 35.79
N ASP C 23 59.55 43.53 35.29
CA ASP C 23 60.28 42.57 36.11
C ASP C 23 59.34 41.65 36.86
N VAL C 24 58.20 41.33 36.25
CA VAL C 24 57.27 40.34 36.77
C VAL C 24 56.95 39.36 35.66
N ASN C 25 56.53 38.16 36.05
CA ASN C 25 56.12 37.17 35.07
C ASN C 25 54.78 37.56 34.43
N LEU C 26 54.55 37.05 33.23
CA LEU C 26 53.27 37.30 32.57
C LEU C 26 52.12 36.71 33.37
N SER C 27 52.35 35.57 34.02
CA SER C 27 51.31 34.94 34.81
C SER C 27 50.88 35.82 35.97
N LEU C 28 51.83 36.48 36.63
CA LEU C 28 51.47 37.33 37.75
C LEU C 28 50.62 38.51 37.30
N ALA C 29 51.00 39.14 36.18
CA ALA C 29 50.21 40.25 35.67
C ALA C 29 48.82 39.80 35.27
N ASN C 30 48.72 38.65 34.61
CA ASN C 30 47.40 38.16 34.22
C ASN C 30 46.54 37.80 35.42
N SER C 31 47.14 37.18 36.44
CA SER C 31 46.39 36.87 37.64
C SER C 31 45.92 38.13 38.33
N LEU C 32 46.75 39.17 38.33
CA LEU C 32 46.34 40.44 38.90
C LEU C 32 45.16 41.03 38.12
N ARG C 33 45.21 40.96 36.79
CA ARG C 33 44.11 41.45 35.97
C ARG C 33 42.83 40.68 36.26
N ARG C 34 42.92 39.36 36.33
CA ARG C 34 41.74 38.54 36.61
C ARG C 34 41.18 38.84 38.00
N THR C 35 42.05 39.02 38.98
CA THR C 35 41.60 39.31 40.33
C THR C 35 40.88 40.66 40.39
N MET C 36 41.45 41.68 39.74
CA MET C 36 40.76 42.96 39.70
C MET C 36 39.43 42.87 38.98
N LEU C 37 39.34 42.02 37.96
CA LEU C 37 38.08 41.92 37.21
C LEU C 37 37.01 41.22 38.02
N ALA C 38 37.35 40.14 38.74
CA ALA C 38 36.27 39.30 39.25
C ALA C 38 36.44 38.83 40.69
N GLU C 39 37.32 39.43 41.49
CA GLU C 39 37.48 38.93 42.85
C GLU C 39 37.68 40.03 43.90
N VAL C 40 37.48 41.29 43.57
CA VAL C 40 37.58 42.38 44.52
C VAL C 40 36.18 42.65 45.05
N PRO C 41 35.94 42.59 46.36
CA PRO C 41 34.58 42.75 46.86
C PRO C 41 34.11 44.19 46.77
N THR C 42 32.85 44.36 46.39
CA THR C 42 32.20 45.66 46.37
C THR C 42 30.83 45.51 47.01
N LEU C 43 30.03 46.58 46.94
CA LEU C 43 28.72 46.63 47.55
C LEU C 43 27.69 46.91 46.46
N ALA C 44 26.63 46.10 46.41
CA ALA C 44 25.60 46.28 45.40
C ALA C 44 24.27 45.83 45.95
N ILE C 45 23.20 46.39 45.38
CA ILE C 45 21.85 46.05 45.83
C ILE C 45 21.55 44.60 45.46
N ASP C 46 21.08 43.83 46.45
CA ASP C 46 20.85 42.41 46.25
C ASP C 46 19.44 41.96 46.57
N LEU C 47 18.65 42.74 47.29
CA LEU C 47 17.25 42.42 47.54
C LEU C 47 16.42 43.68 47.35
N VAL C 48 15.29 43.54 46.66
CA VAL C 48 14.37 44.63 46.44
C VAL C 48 13.01 44.21 46.97
N GLU C 49 12.46 44.99 47.89
CA GLU C 49 11.12 44.78 48.40
C GLU C 49 10.23 45.87 47.83
N ILE C 50 9.30 45.49 46.96
CA ILE C 50 8.52 46.44 46.18
C ILE C 50 7.19 46.64 46.90
N LYS C 51 7.06 47.79 47.56
CA LYS C 51 5.83 48.10 48.29
C LYS C 51 4.76 48.64 47.37
N MET C 52 5.14 49.34 46.29
CA MET C 52 4.20 49.76 45.27
C MET C 52 4.95 50.09 44.00
N ASN C 53 4.44 49.62 42.87
CA ASN C 53 5.05 49.88 41.57
C ASN C 53 3.92 49.93 40.54
N THR C 54 3.49 51.14 40.21
CA THR C 54 2.46 51.33 39.19
C THR C 54 3.05 51.88 37.90
N SER C 55 4.36 51.82 37.73
CA SER C 55 4.98 52.27 36.50
C SER C 55 4.80 51.23 35.41
N VAL C 56 5.14 51.62 34.18
CA VAL C 56 4.97 50.72 33.04
C VAL C 56 6.02 49.63 32.97
N LEU C 57 7.05 49.71 33.80
CA LEU C 57 8.10 48.70 33.82
C LEU C 57 7.73 47.57 34.78
N ALA C 58 8.15 46.36 34.43
CA ALA C 58 7.90 45.22 35.29
C ALA C 58 8.69 45.35 36.58
N ASP C 59 8.22 44.67 37.62
CA ASP C 59 8.87 44.75 38.92
C ASP C 59 10.29 44.20 38.86
N GLU C 60 10.47 43.06 38.20
CA GLU C 60 11.79 42.45 38.10
C GLU C 60 12.67 43.18 37.10
N PHE C 61 12.08 43.87 36.13
CA PHE C 61 12.84 44.79 35.29
C PHE C 61 13.51 45.87 36.13
N ILE C 62 12.74 46.53 37.00
CA ILE C 62 13.30 47.57 37.84
C ILE C 62 14.27 46.98 38.85
N SER C 63 14.00 45.77 39.34
CA SER C 63 14.93 45.15 40.28
C SER C 63 16.27 44.89 39.62
N HIS C 64 16.27 44.36 38.40
CA HIS C 64 17.51 44.15 37.67
C HIS C 64 18.24 45.46 37.44
N ARG C 65 17.49 46.52 37.07
CA ARG C 65 18.12 47.81 36.88
C ARG C 65 18.76 48.32 38.17
N LEU C 66 18.08 48.16 39.29
CA LEU C 66 18.61 48.62 40.57
C LEU C 66 19.88 47.88 40.95
N GLY C 67 19.90 46.57 40.74
CA GLY C 67 21.08 45.80 41.11
C GLY C 67 22.34 46.28 40.42
N LEU C 68 22.21 46.87 39.24
CA LEU C 68 23.35 47.30 38.46
C LEU C 68 23.86 48.68 38.83
N ILE C 69 23.18 49.38 39.73
CA ILE C 69 23.61 50.74 40.10
C ILE C 69 24.82 50.65 41.02
N PRO C 70 25.94 51.30 40.69
CA PRO C 70 27.12 51.22 41.56
C PRO C 70 26.94 52.04 42.83
N LEU C 71 27.37 51.46 43.95
CA LEU C 71 27.32 52.11 45.25
C LEU C 71 28.73 52.25 45.79
N VAL C 72 28.95 53.32 46.56
CA VAL C 72 30.28 53.57 47.13
C VAL C 72 30.65 52.41 48.05
N SER C 73 31.82 51.82 47.81
CA SER C 73 32.26 50.63 48.53
C SER C 73 33.65 50.85 49.10
N GLU C 74 33.91 52.03 49.64
CA GLU C 74 35.25 52.35 50.13
C GLU C 74 35.63 51.50 51.34
N ASP C 75 34.74 51.43 52.32
CA ASP C 75 35.02 50.73 53.57
C ASP C 75 34.38 49.35 53.62
N VAL C 76 34.32 48.66 52.48
CA VAL C 76 33.65 47.37 52.45
C VAL C 76 34.47 46.29 53.14
N GLU C 77 35.76 46.55 53.42
CA GLU C 77 36.56 45.56 54.12
C GLU C 77 36.04 45.32 55.54
N GLU C 78 35.66 46.40 56.23
CA GLU C 78 35.13 46.27 57.58
C GLU C 78 33.81 45.50 57.58
N MET C 79 33.07 45.56 56.49
CA MET C 79 31.78 44.90 56.39
C MET C 79 31.96 43.39 56.28
N LYS C 80 30.93 42.65 56.69
CA LYS C 80 30.97 41.20 56.70
C LYS C 80 30.07 40.64 55.61
N TYR C 81 30.34 39.41 55.22
CA TYR C 81 29.49 38.72 54.26
C TYR C 81 28.19 38.32 54.92
N SER C 82 27.11 38.30 54.12
CA SER C 82 25.79 38.02 54.66
C SER C 82 25.72 36.61 55.23
N ARG C 83 26.33 35.63 54.55
CA ARG C 83 26.28 34.26 55.02
C ARG C 83 27.18 34.01 56.22
N ASP C 84 28.11 34.92 56.52
CA ASP C 84 29.02 34.76 57.64
C ASP C 84 28.61 35.57 58.85
N CYS C 85 27.45 36.21 58.83
CA CYS C 85 26.96 36.99 59.95
C CYS C 85 25.97 36.16 60.75
N THR C 86 26.26 35.97 62.04
CA THR C 86 25.43 35.14 62.89
C THR C 86 24.10 35.78 63.26
N CYS C 87 23.91 37.07 62.95
CA CYS C 87 22.69 37.76 63.31
C CYS C 87 21.49 37.16 62.60
N GLU C 88 20.38 37.04 63.33
CA GLU C 88 19.12 36.68 62.69
C GLU C 88 18.66 37.82 61.80
N ASP C 89 18.16 37.47 60.62
CA ASP C 89 17.79 38.45 59.60
C ASP C 89 19.06 39.26 59.27
N TYR C 90 18.91 40.50 58.82
CA TYR C 90 20.03 41.36 58.48
C TYR C 90 20.22 42.44 59.53
N CYS C 91 21.46 42.65 59.95
CA CYS C 91 21.80 43.70 60.90
C CYS C 91 22.43 44.86 60.14
N ASP C 92 22.93 45.83 60.90
CA ASP C 92 23.63 46.97 60.32
C ASP C 92 25.06 46.65 59.92
N GLU C 93 25.59 45.50 60.33
CA GLU C 93 26.98 45.15 60.09
C GLU C 93 27.16 44.25 58.87
N CYS C 94 26.08 43.85 58.20
CA CYS C 94 26.18 43.00 57.03
C CYS C 94 25.26 43.42 55.91
N SER C 95 24.61 44.58 56.01
CA SER C 95 23.71 45.05 54.97
C SER C 95 23.54 46.55 55.08
N VAL C 96 23.19 47.18 53.97
CA VAL C 96 22.88 48.60 53.91
C VAL C 96 21.51 48.73 53.29
N VAL C 97 20.63 49.50 53.95
CA VAL C 97 19.26 49.64 53.51
C VAL C 97 19.10 50.99 52.82
N LEU C 98 18.68 50.97 51.57
CA LEU C 98 18.34 52.18 50.83
C LEU C 98 16.86 52.16 50.50
N GLU C 99 16.28 53.35 50.39
CA GLU C 99 14.86 53.47 50.11
C GLU C 99 14.64 54.48 48.99
N LEU C 100 13.71 54.17 48.10
CA LEU C 100 13.38 55.03 46.97
C LEU C 100 11.88 55.28 46.98
N SER C 101 11.49 56.52 46.74
CA SER C 101 10.08 56.90 46.69
C SER C 101 9.93 57.98 45.63
N ALA C 102 9.22 57.67 44.56
CA ALA C 102 9.06 58.59 43.44
C ALA C 102 7.60 58.70 43.08
N ARG C 103 7.18 59.89 42.68
CA ARG C 103 5.79 60.14 42.36
C ARG C 103 5.72 61.35 41.44
N HIS C 104 4.71 61.37 40.58
CA HIS C 104 4.49 62.48 39.66
C HIS C 104 3.23 63.21 40.07
N GLU C 105 3.35 64.53 40.22
CA GLU C 105 2.23 65.37 40.63
C GLU C 105 1.79 66.23 39.45
N GLY C 106 0.49 66.48 39.36
CA GLY C 106 -0.05 67.15 38.20
C GLY C 106 -0.51 66.17 37.14
N GLU C 107 -1.36 66.66 36.25
CA GLU C 107 -1.95 65.82 35.22
C GLU C 107 -1.25 65.96 33.87
N GLU C 108 -0.08 66.59 33.83
CA GLU C 108 0.67 66.71 32.59
C GLU C 108 2.15 66.58 32.89
N GLY C 109 2.91 66.16 31.88
CA GLY C 109 4.34 66.01 32.00
C GLY C 109 4.76 64.61 32.40
N THR C 110 6.07 64.39 32.36
CA THR C 110 6.68 63.11 32.69
C THR C 110 7.79 63.36 33.71
N THR C 111 7.84 62.51 34.74
CA THR C 111 8.85 62.62 35.79
C THR C 111 9.90 61.53 35.60
N ASP C 112 11.17 61.92 35.67
CA ASP C 112 12.27 60.97 35.57
C ASP C 112 12.73 60.59 36.96
N VAL C 113 12.93 59.29 37.19
CA VAL C 113 13.40 58.76 38.46
C VAL C 113 14.88 58.45 38.30
N TYR C 114 15.73 59.16 39.03
CA TYR C 114 17.17 59.00 38.93
C TYR C 114 17.70 58.29 40.18
N SER C 115 18.95 57.84 40.09
CA SER C 115 19.57 57.14 41.21
C SER C 115 19.91 58.09 42.35
N SER C 116 19.86 59.41 42.12
CA SER C 116 20.03 60.35 43.22
C SER C 116 18.90 60.26 44.23
N SER C 117 17.73 59.74 43.84
CA SER C 117 16.60 59.60 44.74
C SER C 117 16.77 58.46 45.72
N LEU C 118 17.77 57.61 45.55
CA LEU C 118 18.03 56.54 46.50
C LEU C 118 18.62 57.11 47.77
N ILE C 119 17.93 56.94 48.89
CA ILE C 119 18.29 57.55 50.15
C ILE C 119 18.75 56.46 51.10
N LYS C 120 19.94 56.62 51.66
CA LYS C 120 20.46 55.65 52.60
C LYS C 120 19.76 55.79 53.95
N VAL C 121 19.15 54.72 54.41
CA VAL C 121 18.37 54.72 55.65
C VAL C 121 19.16 54.16 56.81
N SER C 122 19.80 53.00 56.63
CA SER C 122 20.56 52.40 57.70
C SER C 122 21.79 51.71 57.11
N GLY C 123 22.81 51.55 57.95
CA GLY C 123 24.04 50.93 57.54
C GLY C 123 25.02 50.87 58.68
N PRO C 124 26.23 50.35 58.42
CA PRO C 124 27.24 50.27 59.47
C PRO C 124 27.62 51.65 59.97
N GLY C 125 27.91 51.74 61.27
CA GLY C 125 28.24 53.01 61.89
C GLY C 125 29.56 53.60 61.42
N ASN C 126 29.48 54.83 60.90
CA ASN C 126 30.64 55.63 60.51
C ASN C 126 31.44 55.03 59.35
N LEU C 127 30.91 54.01 58.69
CA LEU C 127 31.55 53.45 57.51
C LEU C 127 31.05 54.17 56.26
N ASN C 128 31.99 54.57 55.41
CA ASN C 128 31.64 55.28 54.17
C ASN C 128 31.28 54.26 53.08
N VAL C 129 30.10 53.68 53.24
CA VAL C 129 29.57 52.72 52.27
C VAL C 129 28.09 53.01 52.06
N GLY C 130 27.58 52.56 50.91
CA GLY C 130 26.16 52.51 50.64
C GLY C 130 25.63 53.61 49.75
N GLU C 131 26.20 54.79 49.81
CA GLU C 131 25.69 55.91 49.01
C GLU C 131 25.92 55.62 47.53
N PRO C 132 24.90 55.81 46.68
CA PRO C 132 25.10 55.64 45.24
C PRO C 132 26.14 56.62 44.73
N VAL C 133 26.94 56.14 43.77
CA VAL C 133 28.06 56.93 43.26
C VAL C 133 27.52 58.08 42.42
N ARG C 134 28.04 59.28 42.65
CA ARG C 134 27.68 60.44 41.85
C ARG C 134 28.95 61.06 41.28
N ARG C 135 28.89 61.42 39.99
CA ARG C 135 30.03 62.04 39.35
C ARG C 135 30.37 63.38 39.99
N ASP C 136 29.36 64.22 40.19
CA ASP C 136 29.53 65.51 40.86
C ASP C 136 28.45 65.71 41.91
N ASP C 137 28.39 66.91 42.48
CA ASP C 137 27.30 67.22 43.40
C ASP C 137 25.99 67.53 42.66
N TYR C 138 26.06 67.88 41.39
CA TYR C 138 24.88 68.19 40.59
C TYR C 138 24.59 67.14 39.54
N ASP C 139 25.24 65.98 39.61
CA ASP C 139 24.97 64.89 38.70
C ASP C 139 23.73 64.14 39.17
N GLN C 140 22.73 64.04 38.30
CA GLN C 140 21.49 63.37 38.69
C GLN C 140 21.66 61.87 38.80
N GLY C 141 22.57 61.29 38.02
CA GLY C 141 22.88 59.89 38.12
C GLY C 141 22.23 59.04 37.05
N ILE C 142 22.11 57.75 37.35
CA ILE C 142 21.57 56.80 36.40
C ILE C 142 20.06 56.92 36.31
N LEU C 143 19.53 56.96 35.10
CA LEU C 143 18.09 57.00 34.90
C LEU C 143 17.49 55.64 35.23
N LEU C 144 16.57 55.61 36.17
CA LEU C 144 15.98 54.36 36.64
C LEU C 144 14.63 54.06 36.02
N CYS C 145 13.78 55.07 35.86
CA CYS C 145 12.42 54.85 35.39
C CYS C 145 11.85 56.19 34.94
N LYS C 146 10.64 56.14 34.39
CA LYS C 146 9.88 57.33 34.06
C LYS C 146 8.44 57.15 34.53
N LEU C 147 7.83 58.26 34.93
CA LEU C 147 6.49 58.22 35.48
C LEU C 147 5.65 59.31 34.86
N ARG C 148 4.35 59.03 34.74
CA ARG C 148 3.37 60.03 34.37
C ARG C 148 2.38 60.16 35.54
N ASN C 149 1.31 60.92 35.31
CA ASN C 149 0.40 61.25 36.39
C ASN C 149 -0.17 59.99 37.04
N HIS C 150 -0.22 60.00 38.38
CA HIS C 150 -0.82 58.96 39.20
C HIS C 150 -0.05 57.64 39.14
N GLN C 151 1.22 57.68 38.73
CA GLN C 151 2.08 56.51 38.78
C GLN C 151 3.13 56.73 39.85
N GLU C 152 3.29 55.75 40.74
CA GLU C 152 4.17 55.88 41.88
C GLU C 152 5.05 54.66 42.00
N LEU C 153 6.28 54.88 42.47
CA LEU C 153 7.26 53.83 42.70
C LEU C 153 7.76 53.96 44.13
N ASN C 154 7.58 52.92 44.93
CA ASN C 154 7.94 52.95 46.35
C ASN C 154 8.55 51.60 46.71
N ILE C 155 9.87 51.59 46.91
CA ILE C 155 10.64 50.37 47.08
C ILE C 155 11.62 50.54 48.21
N ARG C 156 12.08 49.42 48.75
CA ARG C 156 13.11 49.40 49.79
C ARG C 156 14.15 48.36 49.40
N CYS C 157 15.38 48.80 49.22
CA CYS C 157 16.46 47.96 48.68
C CYS C 157 17.51 47.70 49.75
N ILE C 158 18.09 46.51 49.70
CA ILE C 158 19.10 46.08 50.65
C ILE C 158 20.37 45.73 49.88
N ALA C 159 21.49 46.32 50.28
CA ALA C 159 22.76 46.14 49.60
C ALA C 159 23.66 45.22 50.41
N LYS C 160 24.31 44.28 49.74
CA LYS C 160 25.17 43.31 50.39
C LYS C 160 26.53 43.31 49.73
N LYS C 161 27.48 42.66 50.37
CA LYS C 161 28.85 42.58 49.88
C LYS C 161 29.06 41.29 49.11
N GLY C 162 29.71 41.38 47.95
CA GLY C 162 29.94 40.21 47.13
C GLY C 162 31.02 40.47 46.11
N ILE C 163 31.29 39.45 45.30
CA ILE C 163 32.33 39.52 44.27
C ILE C 163 31.69 39.27 42.91
N ALA C 164 32.44 39.63 41.87
CA ALA C 164 31.91 39.54 40.51
C ALA C 164 31.82 38.12 40.00
N LYS C 165 32.41 37.15 40.71
CA LYS C 165 32.19 35.76 40.34
C LYS C 165 30.74 35.37 40.48
N GLU C 166 30.09 35.85 41.54
CA GLU C 166 28.69 35.50 41.78
C GLU C 166 27.76 36.20 40.81
N HIS C 167 27.99 37.48 40.54
CA HIS C 167 27.18 38.24 39.61
C HIS C 167 27.98 39.44 39.16
N ALA C 168 27.79 39.83 37.91
CA ALA C 168 28.60 40.89 37.31
C ALA C 168 28.32 42.26 37.92
N LYS C 169 27.27 42.40 38.73
CA LYS C 169 26.96 43.69 39.31
C LYS C 169 27.93 44.08 40.41
N TRP C 170 28.71 43.14 40.94
CA TRP C 170 29.69 43.44 41.97
C TRP C 170 31.08 43.69 41.42
N SER C 171 31.22 43.82 40.12
CA SER C 171 32.54 44.06 39.52
C SER C 171 32.91 45.52 39.66
N PRO C 172 34.05 45.86 40.22
CA PRO C 172 34.43 47.26 40.37
C PRO C 172 34.98 47.86 39.08
N CYS C 173 35.62 47.02 38.25
CA CYS C 173 36.23 47.46 37.01
C CYS C 173 35.26 47.34 35.85
N SER C 174 35.46 48.17 34.84
CA SER C 174 34.71 48.03 33.61
C SER C 174 35.49 47.21 32.58
N ALA C 175 36.63 47.72 32.13
CA ALA C 175 37.44 47.00 31.16
C ALA C 175 38.91 47.29 31.45
N ILE C 176 39.69 46.24 31.57
CA ILE C 176 41.11 46.35 31.88
C ILE C 176 41.87 46.10 30.59
N ALA C 177 42.35 47.17 29.97
CA ALA C 177 43.24 47.04 28.82
C ALA C 177 44.55 46.43 29.28
N PHE C 178 45.05 45.47 28.51
CA PHE C 178 46.25 44.73 28.88
C PHE C 178 47.05 44.50 27.61
N GLU C 179 48.36 44.68 27.69
CA GLU C 179 49.17 44.69 26.48
C GLU C 179 50.63 44.51 26.85
N TYR C 180 51.36 43.81 25.99
CA TYR C 180 52.80 43.68 26.16
C TYR C 180 53.43 43.44 24.80
N ASP C 181 54.73 43.73 24.71
CA ASP C 181 55.54 43.50 23.52
C ASP C 181 54.92 44.16 22.29
N PRO C 182 54.89 45.48 22.21
CA PRO C 182 54.26 46.14 21.06
C PRO C 182 54.88 45.80 19.72
N HIS C 183 56.20 45.55 19.68
CA HIS C 183 56.90 45.37 18.42
C HIS C 183 57.08 43.91 18.03
N ASN C 184 56.53 42.98 18.81
CA ASN C 184 56.53 41.56 18.47
C ASN C 184 57.94 41.01 18.32
N LYS C 185 58.82 41.36 19.27
CA LYS C 185 60.16 40.80 19.24
C LYS C 185 60.17 39.35 19.71
N LEU C 186 59.21 38.97 20.53
CA LEU C 186 59.14 37.59 21.02
C LEU C 186 58.49 36.66 20.03
N LYS C 187 57.91 37.19 18.95
CA LYS C 187 57.20 36.39 17.96
C LYS C 187 56.11 35.54 18.60
N HIS C 188 55.36 36.16 19.53
CA HIS C 188 54.25 35.46 20.15
C HIS C 188 53.01 35.44 19.28
N THR C 189 52.97 36.28 18.25
CA THR C 189 51.87 36.27 17.29
C THR C 189 52.44 36.31 15.88
N ASP C 190 51.71 35.72 14.95
CA ASP C 190 52.08 35.67 13.55
C ASP C 190 51.06 36.47 12.75
N PHE C 191 51.55 37.45 11.98
CA PHE C 191 50.68 38.49 11.46
C PHE C 191 50.12 38.10 10.10
N TRP C 192 48.81 37.97 10.02
CA TRP C 192 48.12 37.76 8.76
C TRP C 192 48.30 38.98 7.86
N PHE C 193 48.47 38.73 6.57
CA PHE C 193 48.71 39.82 5.63
C PHE C 193 48.32 39.39 4.23
N GLU C 194 48.19 40.38 3.36
CA GLU C 194 47.94 40.17 1.93
C GLU C 194 49.15 40.47 1.08
N VAL C 195 49.82 41.61 1.32
CA VAL C 195 50.98 42.00 0.55
C VAL C 195 52.18 42.13 1.47
N ASP C 196 52.10 43.04 2.44
CA ASP C 196 53.17 43.25 3.41
C ASP C 196 52.56 43.37 4.79
N ALA C 197 53.10 42.60 5.74
CA ALA C 197 52.52 42.58 7.08
C ALA C 197 52.89 43.81 7.89
N LYS C 198 53.96 44.51 7.51
CA LYS C 198 54.40 45.65 8.30
C LYS C 198 53.50 46.86 8.11
N LYS C 199 53.10 47.15 6.88
CA LYS C 199 52.32 48.33 6.59
C LYS C 199 50.82 48.10 6.60
N GLU C 200 50.38 46.86 6.82
CA GLU C 200 48.96 46.54 6.87
C GLU C 200 48.42 46.49 8.29
N TRP C 201 49.28 46.59 9.29
CA TRP C 201 48.86 46.47 10.68
C TRP C 201 49.12 47.77 11.42
N PRO C 202 48.13 48.33 12.11
CA PRO C 202 48.35 49.58 12.82
C PRO C 202 49.35 49.42 13.95
N ASP C 203 50.10 50.48 14.22
CA ASP C 203 51.05 50.46 15.31
C ASP C 203 50.32 50.48 16.65
N SER C 204 50.90 49.80 17.63
CA SER C 204 50.35 49.83 18.96
C SER C 204 50.52 51.21 19.59
N LYS C 205 49.64 51.54 20.53
CA LYS C 205 49.70 52.84 21.16
C LYS C 205 50.91 53.01 22.05
N TYR C 206 51.61 51.93 22.39
CA TYR C 206 52.85 51.99 23.17
C TYR C 206 54.06 51.67 22.32
N ALA C 207 53.95 51.78 20.99
CA ALA C 207 55.06 51.41 20.13
C ALA C 207 56.26 52.32 20.32
N THR C 208 56.04 53.56 20.73
CA THR C 208 57.14 54.48 20.95
C THR C 208 57.86 54.24 22.27
N TRP C 209 57.31 53.40 23.15
CA TRP C 209 57.94 53.14 24.43
C TRP C 209 59.03 52.07 24.35
N GLU C 210 59.18 51.40 23.21
CA GLU C 210 60.17 50.36 23.03
C GLU C 210 60.88 50.56 21.70
N GLU C 211 62.18 50.29 21.69
CA GLU C 211 62.96 50.49 20.47
C GLU C 211 62.60 49.42 19.44
N PRO C 212 62.28 49.80 18.21
CA PRO C 212 61.97 48.81 17.20
C PRO C 212 63.19 47.96 16.89
N PRO C 213 62.99 46.70 16.51
CA PRO C 213 64.13 45.82 16.24
C PRO C 213 64.95 46.30 15.06
N LYS C 214 66.26 46.09 15.16
CA LYS C 214 67.16 46.51 14.09
C LYS C 214 66.98 45.60 12.87
N PRO C 215 67.20 46.15 11.67
CA PRO C 215 67.04 45.31 10.46
C PRO C 215 67.93 44.09 10.43
N GLY C 216 69.16 44.20 10.92
CA GLY C 216 70.08 43.08 10.94
C GLY C 216 70.02 42.22 12.19
N GLU C 217 69.09 42.52 13.10
CA GLU C 217 69.00 41.77 14.35
C GLU C 217 68.52 40.35 14.10
N VAL C 218 69.09 39.40 14.82
CA VAL C 218 68.64 38.01 14.79
C VAL C 218 67.59 37.80 15.86
N PHE C 219 66.84 36.71 15.74
CA PHE C 219 65.84 36.37 16.74
C PHE C 219 66.52 35.99 18.05
N ASP C 220 65.95 36.46 19.16
CA ASP C 220 66.47 36.18 20.49
C ASP C 220 65.56 35.15 21.14
N TYR C 221 66.05 33.92 21.27
CA TYR C 221 65.27 32.86 21.87
C TYR C 221 65.33 32.83 23.38
N LYS C 222 66.18 33.66 23.99
CA LYS C 222 66.32 33.70 25.44
C LYS C 222 65.44 34.75 26.09
N ALA C 223 64.66 35.50 25.31
CA ALA C 223 63.88 36.60 25.85
C ALA C 223 62.52 36.13 26.34
N LYS C 224 62.00 36.84 27.34
CA LYS C 224 60.69 36.62 27.91
C LYS C 224 59.96 37.94 28.02
N PRO C 225 58.63 37.95 28.01
CA PRO C 225 57.90 39.20 28.21
C PRO C 225 58.22 39.80 29.57
N ASN C 226 58.56 41.09 29.57
CA ASN C 226 59.12 41.70 30.78
C ASN C 226 58.37 42.96 31.19
N ARG C 227 57.82 43.69 30.24
CA ARG C 227 57.11 44.93 30.51
C ARG C 227 55.67 44.80 30.07
N PHE C 228 54.74 45.12 30.96
CA PHE C 228 53.32 45.00 30.68
C PHE C 228 52.65 46.36 30.89
N TYR C 229 51.82 46.75 29.93
CA TYR C 229 51.09 48.00 29.98
C TYR C 229 49.63 47.69 30.21
N MET C 230 49.06 48.21 31.29
CA MET C 230 47.67 47.91 31.60
C MET C 230 46.96 49.14 32.14
N THR C 231 45.72 49.32 31.73
CA THR C 231 44.87 50.43 32.14
C THR C 231 43.67 49.88 32.90
N VAL C 232 43.45 50.39 34.10
CA VAL C 232 42.37 49.93 34.97
C VAL C 232 41.31 51.01 35.03
N GLU C 233 40.13 50.71 34.51
CA GLU C 233 38.98 51.61 34.56
C GLU C 233 37.98 51.08 35.57
N THR C 234 37.42 51.97 36.38
CA THR C 234 36.47 51.59 37.42
C THR C 234 35.12 52.24 37.14
N THR C 235 34.10 51.72 37.81
CA THR C 235 32.74 52.23 37.68
C THR C 235 32.43 53.36 38.63
N GLY C 236 33.38 53.74 39.48
CA GLY C 236 33.18 54.79 40.45
C GLY C 236 32.95 54.31 41.87
N SER C 237 32.58 53.05 42.04
CA SER C 237 32.42 52.51 43.39
C SER C 237 33.74 52.52 44.13
N LEU C 238 34.83 52.20 43.44
CA LEU C 238 36.17 52.22 44.01
C LEU C 238 37.08 53.04 43.13
N LYS C 239 38.01 53.75 43.75
CA LYS C 239 39.03 54.47 42.99
C LYS C 239 40.00 53.48 42.35
N ALA C 240 40.73 53.96 41.35
CA ALA C 240 41.63 53.08 40.62
C ALA C 240 42.73 52.52 41.52
N ASN C 241 43.34 53.37 42.34
CA ASN C 241 44.39 52.91 43.24
C ASN C 241 43.82 51.92 44.24
N GLN C 242 42.61 52.17 44.74
CA GLN C 242 41.98 51.23 45.66
C GLN C 242 41.75 49.89 44.98
N VAL C 243 41.32 49.90 43.71
CA VAL C 243 41.10 48.64 43.00
C VAL C 243 42.41 47.87 42.87
N PHE C 244 43.48 48.56 42.47
CA PHE C 244 44.76 47.89 42.30
C PHE C 244 45.26 47.31 43.62
N SER C 245 45.25 48.12 44.67
CA SER C 245 45.76 47.67 45.97
C SER C 245 44.92 46.52 46.52
N ARG C 246 43.60 46.59 46.37
CA ARG C 246 42.75 45.54 46.90
C ARG C 246 42.85 44.27 46.08
N GLY C 247 43.10 44.36 44.77
CA GLY C 247 43.39 43.18 44.00
C GLY C 247 44.66 42.50 44.47
N ILE C 248 45.70 43.28 44.72
CA ILE C 248 46.94 42.71 45.25
C ILE C 248 46.69 42.05 46.59
N LYS C 249 45.92 42.71 47.47
CA LYS C 249 45.65 42.15 48.78
C LYS C 249 44.83 40.87 48.70
N THR C 250 43.86 40.83 47.79
CA THR C 250 43.06 39.62 47.62
C THR C 250 43.91 38.46 47.13
N LEU C 251 44.82 38.72 46.18
CA LEU C 251 45.71 37.67 45.72
C LEU C 251 46.59 37.17 46.86
N GLN C 252 47.11 38.09 47.68
CA GLN C 252 47.92 37.70 48.82
C GLN C 252 47.12 36.84 49.80
N GLU C 253 45.87 37.22 50.06
CA GLU C 253 45.04 36.45 50.99
C GLU C 253 44.79 35.05 50.45
N LYS C 254 44.53 34.93 49.15
CA LYS C 254 44.32 33.61 48.56
C LYS C 254 45.56 32.73 48.72
N LEU C 255 46.74 33.28 48.41
CA LEU C 255 47.96 32.49 48.55
C LEU C 255 48.23 32.14 50.01
N ALA C 256 47.96 33.07 50.92
CA ALA C 256 48.16 32.79 52.34
C ALA C 256 47.22 31.69 52.82
N ASN C 257 45.98 31.67 52.32
CA ASN C 257 45.05 30.60 52.66
C ASN C 257 45.57 29.26 52.16
N VAL C 258 46.11 29.22 50.94
CA VAL C 258 46.67 27.97 50.43
C VAL C 258 47.83 27.52 51.31
N LEU C 259 48.69 28.46 51.70
CA LEU C 259 49.84 28.12 52.54
C LEU C 259 49.41 27.59 53.89
N PHE C 260 48.39 28.21 54.49
CA PHE C 260 47.87 27.72 55.76
C PHE C 260 47.28 26.34 55.63
N GLU C 261 46.55 26.07 54.54
CA GLU C 261 46.02 24.73 54.33
C GLU C 261 47.14 23.71 54.23
N LEU C 262 48.20 24.03 53.49
CA LEU C 262 49.33 23.11 53.37
C LEU C 262 49.96 22.84 54.73
N GLU C 263 50.19 23.90 55.51
CA GLU C 263 50.88 23.74 56.79
C GLU C 263 50.02 23.01 57.80
N ASN C 264 48.71 23.17 57.75
CA ASN C 264 47.80 22.47 58.65
C ASN C 264 47.48 21.06 58.17
N SER C 265 47.77 20.73 56.92
CA SER C 265 47.46 19.39 56.41
C SER C 265 48.23 18.31 57.17
N ARG C 266 49.51 18.55 57.43
CA ARG C 266 50.34 17.58 58.13
C ARG C 266 49.85 17.34 59.55
N VAL D 3 -3.47 -29.27 38.10
CA VAL D 3 -2.05 -29.02 38.32
C VAL D 3 -1.22 -29.98 37.50
N SER D 4 -1.20 -31.25 37.92
CA SER D 4 -0.49 -32.28 37.19
C SER D 4 -1.16 -32.54 35.84
N THR D 5 -0.35 -32.73 34.82
CA THR D 5 -0.83 -32.90 33.45
C THR D 5 -0.58 -34.33 32.99
N SER D 6 -1.58 -34.92 32.35
CA SER D 6 -1.45 -36.28 31.82
C SER D 6 -0.58 -36.29 30.56
N THR D 7 -0.10 -37.49 30.22
CA THR D 7 0.68 -37.65 29.01
C THR D 7 -0.13 -37.44 27.74
N VAL D 8 -1.46 -37.42 27.84
CA VAL D 8 -2.32 -37.19 26.70
C VAL D 8 -2.56 -35.69 26.55
N GLY D 9 -2.29 -35.16 25.37
CA GLY D 9 -2.42 -33.73 25.14
C GLY D 9 -3.37 -33.40 24.01
N ALA D 10 -3.07 -32.29 23.30
CA ALA D 10 -3.86 -31.83 22.18
C ALA D 10 -5.33 -31.66 22.55
N ARG D 11 -6.21 -32.43 21.91
CA ARG D 11 -7.65 -32.37 22.13
C ARG D 11 -8.18 -30.95 21.87
N ARG D 12 -8.06 -30.53 20.62
CA ARG D 12 -8.49 -29.20 20.23
C ARG D 12 -9.96 -29.21 19.82
N ARG D 13 -10.44 -28.07 19.33
CA ARG D 13 -11.85 -27.90 19.06
C ARG D 13 -12.27 -28.69 17.82
N ARG D 14 -13.50 -29.21 17.86
CA ARG D 14 -14.12 -29.87 16.73
C ARG D 14 -15.59 -29.49 16.70
N ALA D 15 -16.37 -30.16 15.86
CA ALA D 15 -17.81 -29.92 15.75
C ALA D 15 -18.66 -31.10 16.17
N LYS D 16 -18.19 -32.33 15.95
CA LYS D 16 -18.95 -33.50 16.35
C LYS D 16 -18.96 -33.66 17.86
N GLN D 17 -20.08 -34.15 18.39
CA GLN D 17 -20.22 -34.49 19.79
C GLN D 17 -20.58 -35.96 19.92
N GLN D 18 -19.94 -36.65 20.86
CA GLN D 18 -20.10 -38.09 21.03
C GLN D 18 -20.75 -38.40 22.36
N VAL D 19 -21.39 -39.56 22.43
CA VAL D 19 -22.04 -39.98 23.67
C VAL D 19 -21.08 -40.76 24.58
N ASP D 20 -19.97 -41.25 24.05
CA ASP D 20 -18.95 -41.93 24.86
C ASP D 20 -17.95 -40.93 25.43
N ASP D 21 -18.45 -39.91 26.12
CA ASP D 21 -17.61 -38.90 26.73
C ASP D 21 -17.90 -38.81 28.22
N GLU D 22 -19.13 -39.14 28.61
CA GLU D 22 -19.53 -39.05 30.00
C GLU D 22 -19.06 -40.27 30.78
N GLU D 23 -18.61 -40.01 32.02
CA GLU D 23 -18.15 -41.09 32.89
C GLU D 23 -19.31 -42.00 33.26
N ASN D 24 -19.08 -43.31 33.15
CA ASN D 24 -20.11 -44.29 33.54
C ASN D 24 -19.42 -45.64 33.76
N ALA D 25 -19.46 -46.13 35.00
CA ALA D 25 -18.83 -47.41 35.30
C ALA D 25 -19.58 -48.56 34.65
N THR D 26 -20.91 -48.50 34.62
CA THR D 26 -21.71 -49.57 34.05
C THR D 26 -21.43 -49.73 32.56
N LEU D 27 -21.33 -48.62 31.84
CA LEU D 27 -21.08 -48.65 30.41
C LEU D 27 -19.59 -48.81 30.08
N LEU D 28 -18.72 -48.86 31.09
CA LEU D 28 -17.28 -48.95 30.90
C LEU D 28 -16.75 -47.82 30.03
N ARG D 29 -17.26 -46.61 30.28
CA ARG D 29 -16.79 -45.39 29.62
C ARG D 29 -16.08 -44.56 30.68
N LEU D 30 -14.75 -44.67 30.71
CA LEU D 30 -13.94 -44.04 31.75
C LEU D 30 -13.31 -42.73 31.30
N GLY D 31 -13.64 -42.24 30.12
CA GLY D 31 -13.12 -40.99 29.64
C GLY D 31 -11.77 -41.14 28.96
N PRO D 32 -11.27 -40.05 28.37
CA PRO D 32 -10.02 -40.13 27.61
C PRO D 32 -8.80 -40.41 28.48
N GLU D 33 -8.71 -39.76 29.65
CA GLU D 33 -7.56 -39.93 30.51
C GLU D 33 -7.49 -41.33 31.13
N PHE D 34 -8.58 -42.09 31.10
CA PHE D 34 -8.60 -43.45 31.61
C PHE D 34 -8.97 -44.44 30.50
N ALA D 35 -8.55 -44.13 29.27
CA ALA D 35 -8.87 -45.00 28.15
C ALA D 35 -8.09 -46.30 28.24
N LEU D 36 -8.51 -47.29 27.45
CA LEU D 36 -7.89 -48.60 27.50
C LEU D 36 -6.45 -48.57 27.00
N LYS D 37 -6.13 -47.62 26.12
CA LYS D 37 -4.78 -47.50 25.57
C LYS D 37 -4.12 -46.24 26.12
N GLN D 38 -2.93 -46.40 26.69
CA GLN D 38 -2.16 -45.31 27.26
C GLN D 38 -0.77 -45.31 26.66
N TYR D 39 -0.02 -44.24 26.94
CA TYR D 39 1.35 -44.10 26.48
C TYR D 39 2.25 -43.75 27.64
N ASP D 40 3.43 -44.38 27.68
CA ASP D 40 4.39 -44.13 28.75
C ASP D 40 5.24 -42.92 28.40
N HIS D 41 6.32 -42.70 29.17
CA HIS D 41 7.22 -41.60 28.90
C HIS D 41 7.95 -41.76 27.57
N ASP D 42 8.08 -42.98 27.07
CA ASP D 42 8.70 -43.23 25.78
C ASP D 42 7.70 -43.23 24.63
N GLY D 43 6.41 -43.04 24.91
CA GLY D 43 5.40 -43.02 23.89
C GLY D 43 4.96 -44.38 23.39
N ASN D 44 5.47 -45.46 23.96
CA ASN D 44 5.11 -46.79 23.51
C ASN D 44 3.70 -47.16 24.00
N GLU D 45 3.14 -48.20 23.40
CA GLU D 45 1.80 -48.65 23.76
C GLU D 45 1.77 -49.11 25.21
N HIS D 46 0.66 -48.82 25.89
CA HIS D 46 0.50 -49.15 27.29
C HIS D 46 -0.97 -49.38 27.58
N ASP D 47 -1.26 -50.35 28.44
CA ASP D 47 -2.63 -50.67 28.81
C ASP D 47 -3.01 -49.97 30.11
N LEU D 48 -4.30 -49.69 30.26
CA LEU D 48 -4.80 -49.09 31.49
C LEU D 48 -4.53 -50.03 32.66
N ILE D 49 -3.97 -49.48 33.73
CA ILE D 49 -3.53 -50.29 34.87
C ILE D 49 -4.52 -50.03 36.00
N ALA D 50 -5.47 -50.94 36.16
CA ALA D 50 -6.34 -50.93 37.33
C ALA D 50 -5.65 -51.62 38.50
N LEU D 51 -6.15 -51.37 39.70
CA LEU D 51 -5.58 -51.95 40.91
C LEU D 51 -6.69 -52.36 41.86
N SER D 52 -6.71 -53.64 42.24
CA SER D 52 -7.59 -54.10 43.29
C SER D 52 -7.04 -53.66 44.65
N LEU D 53 -7.90 -53.74 45.67
CA LEU D 53 -7.50 -53.30 47.01
C LEU D 53 -6.30 -54.08 47.51
N SER D 54 -6.20 -55.36 47.16
CA SER D 54 -5.02 -56.14 47.54
C SER D 54 -3.77 -55.60 46.87
N GLU D 55 -3.82 -55.42 45.55
CA GLU D 55 -2.66 -54.90 44.82
C GLU D 55 -2.33 -53.48 45.28
N SER D 56 -3.35 -52.64 45.46
CA SER D 56 -3.11 -51.28 45.91
C SER D 56 -2.46 -51.26 47.29
N ARG D 57 -2.96 -52.10 48.20
CA ARG D 57 -2.39 -52.16 49.54
C ARG D 57 -0.95 -52.63 49.49
N LEU D 58 -0.66 -53.66 48.69
CA LEU D 58 0.71 -54.15 48.57
C LEU D 58 1.63 -53.07 48.05
N LEU D 59 1.21 -52.37 46.99
CA LEU D 59 2.05 -51.34 46.39
C LEU D 59 2.29 -50.18 47.36
N ILE D 60 1.22 -49.71 48.02
CA ILE D 60 1.38 -48.57 48.92
C ILE D 60 2.26 -48.95 50.11
N ARG D 61 2.07 -50.15 50.66
CA ARG D 61 2.91 -50.57 51.79
C ARG D 61 4.36 -50.68 51.36
N GLU D 62 4.62 -51.29 50.20
CA GLU D 62 5.99 -51.44 49.72
C GLU D 62 6.64 -50.08 49.52
N ALA D 63 5.96 -49.17 48.82
CA ALA D 63 6.55 -47.85 48.55
C ALA D 63 6.77 -47.07 49.84
N LEU D 64 5.80 -47.09 50.76
CA LEU D 64 5.94 -46.35 51.99
C LEU D 64 7.08 -46.89 52.85
N LYS D 65 7.20 -48.22 52.96
CA LYS D 65 8.28 -48.79 53.75
C LYS D 65 9.63 -48.56 53.08
N ALA D 66 9.68 -48.57 51.75
CA ALA D 66 10.93 -48.24 51.06
C ALA D 66 11.34 -46.81 51.34
N ARG D 67 10.40 -45.87 51.30
CA ARG D 67 10.72 -44.48 51.58
C ARG D 67 11.16 -44.30 53.04
N SER D 68 10.48 -44.99 53.96
CA SER D 68 10.86 -44.90 55.36
C SER D 68 12.26 -45.45 55.60
N ARG D 69 12.59 -46.57 54.95
CA ARG D 69 13.93 -47.12 55.07
C ARG D 69 14.97 -46.19 54.48
N ALA D 70 14.66 -45.58 53.33
CA ALA D 70 15.60 -44.68 52.69
C ALA D 70 15.85 -43.43 53.53
N ARG D 71 14.79 -42.87 54.13
CA ARG D 71 14.94 -41.66 54.93
C ARG D 71 15.72 -41.90 56.21
N ASN D 72 15.85 -43.16 56.65
CA ASN D 72 16.60 -43.48 57.84
C ASN D 72 17.99 -44.03 57.52
N GLY D 73 18.44 -43.89 56.28
CA GLY D 73 19.75 -44.37 55.89
C GLY D 73 19.83 -45.86 55.64
N GLY D 74 18.73 -46.48 55.23
CA GLY D 74 18.74 -47.90 54.94
C GLY D 74 18.99 -48.79 56.13
N VAL D 75 18.43 -48.44 57.29
CA VAL D 75 18.62 -49.25 58.49
C VAL D 75 17.84 -50.56 58.38
N ILE D 84 6.66 -51.03 59.86
CA ILE D 84 5.65 -52.09 59.80
C ILE D 84 4.30 -51.56 60.29
N ASP D 85 4.35 -50.74 61.34
CA ASP D 85 3.14 -50.16 61.90
C ASP D 85 2.53 -49.17 60.91
N ASP D 86 1.23 -49.29 60.69
CA ASP D 86 0.55 -48.42 59.73
C ASP D 86 0.55 -46.97 60.22
N ASP D 87 0.37 -46.76 61.53
CA ASP D 87 0.37 -45.40 62.05
C ASP D 87 1.74 -44.74 61.87
N GLU D 88 2.81 -45.45 62.21
CA GLU D 88 4.16 -44.92 62.00
C GLU D 88 4.43 -44.70 60.52
N LEU D 89 4.01 -45.65 59.69
CA LEU D 89 4.23 -45.55 58.26
C LEU D 89 3.54 -44.32 57.68
N ALA D 90 2.31 -44.04 58.13
CA ALA D 90 1.62 -42.82 57.72
C ALA D 90 2.34 -41.59 58.24
N LYS D 91 2.82 -41.64 59.49
CA LYS D 91 3.55 -40.51 60.05
C LYS D 91 4.86 -40.24 59.33
N VAL D 92 5.37 -41.22 58.57
CA VAL D 92 6.61 -41.01 57.82
C VAL D 92 6.43 -39.89 56.79
N THR D 93 5.29 -39.86 56.10
CA THR D 93 5.06 -38.87 55.07
C THR D 93 4.98 -37.46 55.65
N SER D 94 5.17 -36.48 54.77
CA SER D 94 5.17 -35.07 55.16
C SER D 94 3.87 -34.43 54.70
N GLY D 95 3.38 -33.48 55.50
CA GLY D 95 2.14 -32.80 55.20
C GLY D 95 0.99 -33.31 56.04
N ALA D 96 0.41 -32.44 56.86
CA ALA D 96 -0.67 -32.85 57.75
C ALA D 96 -1.87 -33.37 56.96
N VAL D 97 -2.25 -32.65 55.91
CA VAL D 97 -3.36 -33.12 55.06
C VAL D 97 -2.97 -34.40 54.34
N ALA D 98 -1.73 -34.47 53.85
CA ALA D 98 -1.25 -35.70 53.23
C ALA D 98 -1.21 -36.85 54.24
N ASN D 99 -0.79 -36.55 55.48
CA ASN D 99 -0.80 -37.58 56.51
C ASN D 99 -2.21 -38.09 56.76
N GLY D 100 -3.18 -37.18 56.85
CA GLY D 100 -4.56 -37.62 57.06
C GLY D 100 -5.09 -38.43 55.90
N VAL D 101 -4.78 -38.02 54.67
CA VAL D 101 -5.28 -38.73 53.49
C VAL D 101 -4.70 -40.13 53.44
N VAL D 102 -3.39 -40.26 53.67
CA VAL D 102 -2.78 -41.59 53.64
C VAL D 102 -3.28 -42.43 54.81
N LYS D 103 -3.56 -41.81 55.96
CA LYS D 103 -4.14 -42.54 57.07
C LYS D 103 -5.50 -43.11 56.70
N LYS D 104 -6.35 -42.29 56.07
CA LYS D 104 -7.68 -42.75 55.68
C LYS D 104 -7.59 -43.87 54.64
N THR D 105 -6.71 -43.72 53.65
CA THR D 105 -6.56 -44.76 52.65
C THR D 105 -6.04 -46.06 53.27
N LEU D 106 -5.08 -45.96 54.18
CA LEU D 106 -4.57 -47.15 54.85
C LEU D 106 -5.64 -47.82 55.70
N ASP D 107 -6.45 -47.02 56.40
CA ASP D 107 -7.54 -47.59 57.19
C ASP D 107 -8.54 -48.31 56.31
N TYR D 108 -8.92 -47.69 55.19
CA TYR D 108 -9.85 -48.33 54.26
C TYR D 108 -9.27 -49.65 53.75
N LEU D 109 -8.02 -49.63 53.30
CA LEU D 109 -7.41 -50.83 52.74
C LEU D 109 -7.30 -51.92 53.80
N ASN D 110 -6.90 -51.56 55.02
CA ASN D 110 -6.75 -52.57 56.07
C ASN D 110 -8.09 -53.15 56.47
N THR D 111 -9.12 -52.32 56.63
CA THR D 111 -10.43 -52.80 57.05
C THR D 111 -11.21 -53.46 55.93
N PHE D 112 -10.71 -53.41 54.69
CA PHE D 112 -11.37 -54.17 53.63
C PHE D 112 -10.37 -55.00 52.82
N ALA D 113 -9.24 -55.38 53.39
CA ALA D 113 -8.24 -56.14 52.66
C ALA D 113 -8.69 -57.59 52.50
N ARG D 114 -9.06 -57.96 51.28
CA ARG D 114 -9.41 -59.35 51.01
C ARG D 114 -8.19 -60.25 51.02
N PHE D 115 -7.03 -59.73 50.62
CA PHE D 115 -5.80 -60.52 50.53
C PHE D 115 -4.65 -59.70 51.08
N LYS D 116 -4.20 -60.06 52.28
CA LYS D 116 -3.09 -59.36 52.92
C LYS D 116 -1.75 -60.04 52.67
N ASP D 117 -1.71 -61.09 51.87
CA ASP D 117 -0.48 -61.82 51.58
C ASP D 117 -0.08 -61.62 50.13
N GLU D 118 1.23 -61.49 49.92
CA GLU D 118 1.75 -61.26 48.56
C GLU D 118 1.45 -62.44 47.66
N GLU D 119 1.63 -63.67 48.14
CA GLU D 119 1.44 -64.85 47.30
C GLU D 119 -0.03 -65.07 46.96
N THR D 120 -0.93 -64.80 47.91
CA THR D 120 -2.36 -64.91 47.60
C THR D 120 -2.76 -63.94 46.50
N CYS D 121 -2.30 -62.69 46.61
CA CYS D 121 -2.59 -61.70 45.57
C CYS D 121 -1.96 -62.09 44.24
N THR D 122 -0.74 -62.65 44.28
CA THR D 122 -0.10 -63.10 43.05
C THR D 122 -0.89 -64.20 42.37
N ALA D 123 -1.36 -65.17 43.15
CA ALA D 123 -2.17 -66.25 42.59
C ALA D 123 -3.49 -65.71 42.05
N VAL D 124 -4.11 -64.78 42.76
CA VAL D 124 -5.38 -64.20 42.30
C VAL D 124 -5.17 -63.47 40.98
N ASP D 125 -4.09 -62.68 40.88
CA ASP D 125 -3.81 -61.97 39.64
C ASP D 125 -3.52 -62.92 38.50
N GLN D 126 -2.76 -64.00 38.78
CA GLN D 126 -2.49 -64.99 37.75
C GLN D 126 -3.77 -65.65 37.27
N LEU D 127 -4.67 -65.97 38.19
CA LEU D 127 -5.95 -66.58 37.80
C LEU D 127 -6.78 -65.62 36.97
N LEU D 128 -6.83 -64.35 37.37
CA LEU D 128 -7.66 -63.36 36.69
C LEU D 128 -7.04 -62.84 35.40
N HIS D 129 -5.76 -63.12 35.15
CA HIS D 129 -5.11 -62.65 33.93
C HIS D 129 -4.87 -63.77 32.92
N ASN D 130 -4.25 -64.88 33.34
CA ASN D 130 -3.88 -65.95 32.44
C ASN D 130 -5.07 -66.81 32.00
N SER D 131 -6.24 -66.63 32.60
CA SER D 131 -7.40 -67.43 32.22
C SER D 131 -7.83 -67.09 30.80
N SER D 132 -8.23 -68.14 30.06
CA SER D 132 -8.69 -67.94 28.69
C SER D 132 -9.95 -67.09 28.65
N ASP D 133 -10.89 -67.32 29.58
CA ASP D 133 -12.08 -66.48 29.65
C ASP D 133 -11.74 -65.05 30.04
N CYS D 134 -10.77 -64.87 30.93
CA CYS D 134 -10.40 -63.54 31.41
C CYS D 134 -9.50 -62.78 30.45
N SER D 135 -9.06 -63.42 29.35
CA SER D 135 -8.25 -62.71 28.37
C SER D 135 -9.01 -61.58 27.68
N VAL D 136 -10.34 -61.59 27.76
CA VAL D 136 -11.15 -60.51 27.23
C VAL D 136 -11.66 -59.57 28.33
N LEU D 137 -11.66 -60.02 29.58
CA LEU D 137 -12.20 -59.21 30.67
C LEU D 137 -11.46 -57.88 30.78
N HIS D 138 -12.23 -56.81 30.94
CA HIS D 138 -11.65 -55.48 31.12
C HIS D 138 -10.92 -55.42 32.46
N PRO D 139 -9.79 -54.71 32.53
CA PRO D 139 -9.09 -54.60 33.82
C PRO D 139 -9.93 -53.99 34.93
N PHE D 140 -10.84 -53.07 34.59
CA PHE D 140 -11.76 -52.55 35.59
C PHE D 140 -12.67 -53.64 36.13
N GLU D 141 -13.16 -54.51 35.25
CA GLU D 141 -13.98 -55.63 35.70
C GLU D 141 -13.19 -56.55 36.61
N ILE D 142 -11.92 -56.81 36.26
CA ILE D 142 -11.07 -57.67 37.09
C ILE D 142 -10.87 -57.06 38.47
N ALA D 143 -10.58 -55.76 38.51
CA ALA D 143 -10.39 -55.08 39.78
C ALA D 143 -11.66 -55.12 40.62
N GLN D 144 -12.82 -54.88 39.99
CA GLN D 144 -14.08 -54.93 40.72
C GLN D 144 -14.34 -56.33 41.28
N LEU D 145 -14.08 -57.36 40.47
CA LEU D 145 -14.28 -58.73 40.94
C LEU D 145 -13.38 -59.05 42.12
N SER D 146 -12.09 -58.67 42.04
CA SER D 146 -11.17 -58.96 43.13
C SER D 146 -11.42 -58.08 44.35
N SER D 147 -12.13 -56.96 44.19
CA SER D 147 -12.32 -56.01 45.28
C SER D 147 -13.61 -56.25 46.03
N LEU D 148 -14.74 -56.28 45.33
CA LEU D 148 -16.04 -56.39 46.00
C LEU D 148 -16.24 -57.71 46.71
N GLY D 149 -15.50 -58.75 46.31
CA GLY D 149 -15.62 -60.05 46.95
C GLY D 149 -17.00 -60.66 46.82
N CYS D 150 -17.57 -60.57 45.62
CA CYS D 150 -18.90 -61.13 45.38
C CYS D 150 -18.87 -62.65 45.51
N GLU D 151 -20.04 -63.21 45.80
CA GLU D 151 -20.18 -64.65 46.03
C GLU D 151 -21.03 -65.37 44.99
N ASP D 152 -21.88 -64.65 44.26
CA ASP D 152 -22.85 -65.28 43.38
C ASP D 152 -22.75 -64.68 41.98
N VAL D 153 -23.10 -65.49 40.97
CA VAL D 153 -23.12 -65.01 39.60
C VAL D 153 -24.16 -63.92 39.44
N ASP D 154 -25.36 -64.14 39.98
CA ASP D 154 -26.40 -63.13 39.91
C ASP D 154 -26.00 -61.88 40.68
N GLU D 155 -25.41 -62.04 41.87
CA GLU D 155 -24.96 -60.88 42.63
C GLU D 155 -23.88 -60.11 41.90
N ALA D 156 -22.91 -60.83 41.30
CA ALA D 156 -21.85 -60.17 40.56
C ALA D 156 -22.39 -59.43 39.34
N ILE D 157 -23.34 -60.05 38.62
CA ILE D 157 -23.93 -59.41 37.46
C ILE D 157 -24.70 -58.16 37.86
N THR D 158 -25.46 -58.23 38.96
CA THR D 158 -26.18 -57.06 39.44
C THR D 158 -25.23 -55.95 39.84
N LEU D 159 -24.16 -56.29 40.56
CA LEU D 159 -23.19 -55.28 40.97
C LEU D 159 -22.36 -54.79 39.80
N ILE D 160 -22.04 -55.69 38.86
CA ILE D 160 -21.23 -55.34 37.70
C ILE D 160 -22.04 -55.60 36.44
N PRO D 161 -22.75 -54.59 35.92
CA PRO D 161 -23.57 -54.81 34.71
C PRO D 161 -22.77 -55.21 33.49
N SER D 162 -21.47 -54.89 33.44
CA SER D 162 -20.67 -55.22 32.27
C SER D 162 -20.52 -56.73 32.09
N LEU D 163 -20.39 -57.47 33.18
CA LEU D 163 -20.23 -58.93 33.10
C LEU D 163 -21.49 -59.63 32.59
N ALA D 164 -22.64 -58.95 32.57
CA ALA D 164 -23.85 -59.56 32.04
C ALA D 164 -23.73 -59.86 30.56
N ALA D 165 -23.11 -58.96 29.80
CA ALA D 165 -22.93 -59.18 28.37
C ALA D 165 -21.80 -60.15 28.05
N LYS D 166 -20.95 -60.46 29.04
CA LYS D 166 -19.87 -61.43 28.86
C LYS D 166 -20.30 -62.74 29.51
N LYS D 167 -21.05 -63.54 28.76
CA LYS D 167 -21.53 -64.82 29.23
C LYS D 167 -20.58 -65.97 28.89
N GLU D 168 -19.44 -65.68 28.28
CA GLU D 168 -18.42 -66.68 27.99
C GLU D 168 -17.41 -66.82 29.11
N VAL D 169 -17.80 -66.49 30.34
CA VAL D 169 -16.91 -66.47 31.50
C VAL D 169 -17.38 -67.52 32.49
N ASN D 170 -16.43 -68.32 32.98
CA ASN D 170 -16.71 -69.31 34.02
C ASN D 170 -16.86 -68.61 35.38
N LEU D 171 -17.93 -67.79 35.46
CA LEU D 171 -18.06 -66.85 36.57
C LEU D 171 -18.18 -67.55 37.91
N GLN D 172 -19.00 -68.61 37.99
CA GLN D 172 -19.28 -69.23 39.29
C GLN D 172 -18.04 -69.94 39.84
N ARG D 173 -17.35 -70.72 39.00
CA ARG D 173 -16.17 -71.42 39.49
C ARG D 173 -15.03 -70.45 39.79
N ILE D 174 -14.92 -69.35 39.03
CA ILE D 174 -13.92 -68.34 39.36
C ILE D 174 -14.24 -67.69 40.70
N LEU D 175 -15.53 -67.42 40.96
CA LEU D 175 -15.93 -66.88 42.25
C LEU D 175 -15.60 -67.84 43.38
N ASP D 176 -15.84 -69.14 43.17
CA ASP D 176 -15.51 -70.13 44.19
C ASP D 176 -14.00 -70.21 44.40
N GLU D 177 -13.22 -70.10 43.32
CA GLU D 177 -11.77 -70.08 43.46
C GLU D 177 -11.31 -68.88 44.27
N LEU D 178 -11.91 -67.72 44.02
CA LEU D 178 -11.57 -66.52 44.80
C LEU D 178 -11.95 -66.70 46.26
N ASN D 179 -13.11 -67.28 46.53
CA ASN D 179 -13.53 -67.52 47.90
C ASN D 179 -12.58 -68.49 48.61
N ARG D 180 -12.13 -69.52 47.89
CA ARG D 180 -11.12 -70.43 48.44
C ARG D 180 -9.83 -69.67 48.75
N LEU D 181 -9.35 -68.87 47.80
CA LEU D 181 -8.12 -68.11 48.02
C LEU D 181 -8.29 -67.08 49.12
N GLU D 182 -9.50 -66.55 49.28
CA GLU D 182 -9.79 -65.64 50.37
C GLU D 182 -9.54 -66.32 51.71
N ASP D 183 -8.76 -65.68 52.57
CA ASP D 183 -8.44 -66.26 53.87
C ASP D 183 -9.64 -66.12 54.79
N PRO D 184 -10.18 -67.22 55.33
CA PRO D 184 -11.35 -67.19 56.21
C PRO D 184 -11.02 -66.69 57.61
N GLU E 2 23.01 -15.22 -50.43
CA GLU E 2 21.75 -14.50 -50.30
C GLU E 2 20.99 -14.98 -49.08
N ASP E 3 19.66 -14.77 -49.09
CA ASP E 3 18.84 -15.21 -47.97
C ASP E 3 18.89 -16.73 -47.79
N ASN E 4 19.10 -17.47 -48.87
CA ASN E 4 19.29 -18.91 -48.75
C ASN E 4 20.53 -19.22 -47.92
N ASN E 5 21.61 -18.47 -48.14
CA ASN E 5 22.83 -18.69 -47.37
C ASN E 5 22.61 -18.42 -45.89
N ARG E 6 21.90 -17.34 -45.55
CA ARG E 6 21.67 -17.03 -44.14
C ARG E 6 20.73 -18.05 -43.50
N ILE E 7 19.73 -18.52 -44.24
CA ILE E 7 18.85 -19.56 -43.72
C ILE E 7 19.64 -20.83 -43.42
N ILE E 8 20.50 -21.22 -44.36
CA ILE E 8 21.33 -22.41 -44.15
C ILE E 8 22.25 -22.22 -42.96
N SER E 9 22.83 -21.04 -42.82
CA SER E 9 23.73 -20.79 -41.70
C SER E 9 23.00 -20.88 -40.37
N ARG E 10 21.81 -20.29 -40.28
CA ARG E 10 21.05 -20.37 -39.05
C ARG E 10 20.64 -21.82 -38.74
N LEU E 11 20.27 -22.57 -39.77
CA LEU E 11 19.92 -23.98 -39.56
C LEU E 11 21.13 -24.77 -39.07
N TRP E 12 22.30 -24.49 -39.63
CA TRP E 12 23.52 -25.17 -39.19
C TRP E 12 23.83 -24.83 -37.74
N ARG E 13 23.67 -23.56 -37.35
CA ARG E 13 23.91 -23.18 -35.97
C ARG E 13 22.95 -23.87 -35.02
N SER E 14 21.68 -23.97 -35.42
CA SER E 14 20.72 -24.69 -34.58
C SER E 14 21.07 -26.16 -34.46
N PHE E 15 21.52 -26.78 -35.56
CA PHE E 15 21.94 -28.17 -35.49
C PHE E 15 23.11 -28.34 -34.54
N ARG E 16 24.10 -27.45 -34.61
CA ARG E 16 25.23 -27.52 -33.70
C ARG E 16 24.80 -27.37 -32.26
N THR E 17 23.89 -26.43 -32.00
CA THR E 17 23.39 -26.23 -30.64
C THR E 17 22.67 -27.47 -30.13
N VAL E 18 21.85 -28.09 -30.98
CA VAL E 18 21.14 -29.30 -30.56
C VAL E 18 22.13 -30.41 -30.24
N LYS E 19 23.17 -30.57 -31.06
CA LYS E 19 24.16 -31.59 -30.77
C LYS E 19 24.89 -31.33 -29.47
N GLU E 20 25.24 -30.06 -29.21
CA GLU E 20 25.87 -29.72 -27.94
C GLU E 20 24.95 -30.00 -26.76
N MET E 21 23.66 -29.67 -26.90
CA MET E 21 22.70 -29.94 -25.84
C MET E 21 22.59 -31.43 -25.56
N ALA E 22 22.54 -32.24 -26.63
CA ALA E 22 22.48 -33.69 -26.44
C ALA E 22 23.73 -34.21 -25.75
N ALA E 23 24.89 -33.64 -26.11
CA ALA E 23 26.13 -34.05 -25.43
C ALA E 23 26.10 -33.68 -23.96
N ASP E 24 25.58 -32.51 -23.62
CA ASP E 24 25.56 -32.07 -22.23
C ASP E 24 24.65 -32.94 -21.38
N ARG E 25 23.52 -33.37 -21.94
CA ARG E 25 22.55 -34.16 -21.19
C ARG E 25 23.01 -35.58 -20.92
N GLY E 26 24.16 -35.99 -21.47
CA GLY E 26 24.74 -37.29 -21.17
C GLY E 26 24.88 -38.22 -22.35
N TYR E 27 24.23 -37.93 -23.48
CA TYR E 27 24.31 -38.82 -24.62
C TYR E 27 25.65 -38.67 -25.33
N PHE E 28 25.97 -39.64 -26.16
CA PHE E 28 27.26 -39.68 -26.85
C PHE E 28 27.10 -39.15 -28.26
N ILE E 29 27.90 -38.13 -28.59
CA ILE E 29 27.96 -37.57 -29.93
C ILE E 29 29.40 -37.65 -30.40
N SER E 30 29.60 -38.22 -31.59
CA SER E 30 30.95 -38.43 -32.10
C SER E 30 31.66 -37.11 -32.29
N GLN E 31 32.97 -37.10 -32.02
CA GLN E 31 33.74 -35.87 -32.09
C GLN E 31 33.76 -35.30 -33.51
N GLU E 32 33.81 -36.17 -34.52
CA GLU E 32 33.76 -35.70 -35.89
C GLU E 32 32.41 -35.06 -36.19
N GLU E 33 31.33 -35.60 -35.64
CA GLU E 33 30.01 -35.01 -35.85
C GLU E 33 29.88 -33.69 -35.10
N MET E 34 30.58 -33.54 -33.97
CA MET E 34 30.51 -32.30 -33.22
C MET E 34 31.09 -31.13 -34.02
N ASP E 35 32.23 -31.35 -34.68
CA ASP E 35 32.89 -30.32 -35.47
C ASP E 35 32.45 -30.32 -36.92
N GLN E 36 31.27 -30.86 -37.21
CA GLN E 36 30.77 -30.96 -38.57
C GLN E 36 30.51 -29.57 -39.13
N SER E 37 31.36 -29.12 -40.05
CA SER E 37 31.42 -27.71 -40.43
C SER E 37 30.25 -27.33 -41.33
N LEU E 38 30.22 -26.04 -41.72
CA LEU E 38 29.09 -25.51 -42.47
C LEU E 38 29.09 -26.00 -43.91
N GLU E 39 30.26 -26.05 -44.55
CA GLU E 39 30.32 -26.52 -45.92
C GLU E 39 29.88 -27.97 -46.03
N GLU E 40 30.28 -28.80 -45.07
CA GLU E 40 29.82 -30.18 -45.04
C GLU E 40 28.30 -30.23 -44.86
N PHE E 41 27.76 -29.33 -44.04
CA PHE E 41 26.32 -29.28 -43.82
C PHE E 41 25.59 -28.96 -45.13
N ARG E 42 26.10 -27.97 -45.87
CA ARG E 42 25.50 -27.64 -47.14
C ARG E 42 25.61 -28.79 -48.12
N SER E 43 26.74 -29.49 -48.11
CA SER E 43 26.91 -30.63 -49.00
C SER E 43 25.92 -31.72 -48.69
N LYS E 44 25.67 -31.99 -47.41
CA LYS E 44 24.84 -33.14 -47.02
C LYS E 44 23.35 -32.83 -47.06
N ILE E 45 22.95 -31.59 -46.82
CA ILE E 45 21.54 -31.24 -46.67
C ILE E 45 21.01 -30.52 -47.90
N CYS E 46 21.71 -29.51 -48.39
CA CYS E 46 21.23 -28.71 -49.50
C CYS E 46 21.15 -29.54 -50.78
N ASP E 47 20.11 -29.28 -51.56
CA ASP E 47 19.91 -29.97 -52.83
C ASP E 47 20.60 -29.22 -53.95
N SER E 48 20.27 -29.57 -55.19
CA SER E 48 20.84 -28.87 -56.35
C SER E 48 20.47 -27.40 -56.34
N MET E 49 19.25 -27.07 -55.92
CA MET E 49 18.85 -25.67 -55.78
C MET E 49 19.24 -25.10 -54.42
N GLY E 50 19.86 -25.88 -53.55
CA GLY E 50 20.30 -25.42 -52.25
C GLY E 50 19.27 -25.51 -51.15
N ASN E 51 18.04 -25.93 -51.44
CA ASN E 51 17.03 -26.05 -50.42
C ASN E 51 17.40 -27.19 -49.46
N PRO E 52 17.16 -27.02 -48.17
CA PRO E 52 17.48 -28.07 -47.19
C PRO E 52 16.30 -28.98 -46.91
N GLN E 53 16.63 -30.20 -46.50
CA GLN E 53 15.64 -31.16 -45.99
C GLN E 53 15.86 -31.35 -44.50
N ARG E 54 14.86 -30.98 -43.70
CA ARG E 54 14.94 -31.22 -42.28
C ARG E 54 14.88 -32.71 -41.95
N LYS E 55 14.33 -33.52 -42.84
CA LYS E 55 14.20 -34.95 -42.55
C LYS E 55 15.54 -35.66 -42.57
N LEU E 56 16.55 -35.08 -43.21
CA LEU E 56 17.87 -35.71 -43.25
C LEU E 56 18.72 -35.38 -42.04
N MET E 57 18.25 -34.51 -41.14
CA MET E 57 19.03 -34.11 -39.98
C MET E 57 18.71 -34.90 -38.72
N SER E 58 17.63 -35.67 -38.72
CA SER E 58 17.28 -36.46 -37.55
C SER E 58 18.39 -37.46 -37.24
N PHE E 59 18.67 -37.64 -35.95
CA PHE E 59 19.73 -38.55 -35.53
C PHE E 59 19.30 -39.28 -34.27
N LEU E 60 20.14 -40.21 -33.83
CA LEU E 60 19.91 -40.99 -32.63
C LEU E 60 21.16 -40.97 -31.78
N ALA E 61 20.99 -41.13 -30.48
CA ALA E 61 22.12 -41.15 -29.57
C ALA E 61 21.83 -42.06 -28.40
N ASN E 62 22.89 -42.62 -27.82
CA ASN E 62 22.79 -43.47 -26.66
C ASN E 62 23.66 -42.91 -25.54
N PRO E 63 23.26 -43.10 -24.28
CA PRO E 63 24.05 -42.55 -23.18
C PRO E 63 25.44 -43.16 -23.13
N THR E 64 26.40 -42.34 -22.75
CA THR E 64 27.74 -42.82 -22.49
C THR E 64 27.73 -43.69 -21.23
N PRO E 65 28.72 -44.57 -21.10
CA PRO E 65 28.77 -45.40 -19.87
C PRO E 65 28.81 -44.59 -18.60
N GLU E 66 29.50 -43.44 -18.61
CA GLU E 66 29.54 -42.59 -17.42
C GLU E 66 28.17 -42.03 -17.09
N ALA E 67 27.48 -41.47 -18.09
CA ALA E 67 26.15 -40.93 -17.85
C ALA E 67 25.16 -42.03 -17.47
N LEU E 68 25.27 -43.20 -18.10
CA LEU E 68 24.39 -44.32 -17.76
C LEU E 68 24.61 -44.77 -16.33
N GLU E 69 25.87 -44.85 -15.91
CA GLU E 69 26.17 -45.23 -14.53
C GLU E 69 25.66 -44.19 -13.54
N LYS E 70 25.89 -42.91 -13.82
CA LYS E 70 25.47 -41.86 -12.90
C LYS E 70 23.96 -41.72 -12.86
N TYR E 71 23.33 -41.65 -14.01
CA TYR E 71 21.88 -41.53 -14.12
C TYR E 71 21.32 -42.82 -14.70
N SER E 72 20.57 -43.57 -13.88
CA SER E 72 20.06 -44.85 -14.31
C SER E 72 18.81 -44.75 -15.16
N ASP E 73 18.23 -43.57 -15.30
CA ASP E 73 17.00 -43.37 -16.05
C ASP E 73 17.24 -42.89 -17.48
N LEU E 74 18.48 -42.93 -17.95
CA LEU E 74 18.85 -42.35 -19.23
C LEU E 74 18.72 -43.42 -20.30
N GLY E 75 17.78 -43.23 -21.22
CA GLY E 75 17.53 -44.14 -22.31
C GLY E 75 18.10 -43.64 -23.62
N THR E 76 17.42 -43.99 -24.72
CA THR E 76 17.82 -43.54 -26.04
C THR E 76 17.09 -42.26 -26.39
N LEU E 77 17.76 -41.40 -27.16
CA LEU E 77 17.24 -40.09 -27.52
C LEU E 77 17.02 -40.00 -29.01
N TRP E 78 15.87 -39.49 -29.41
CA TRP E 78 15.54 -39.29 -30.82
C TRP E 78 15.27 -37.82 -31.07
N VAL E 79 16.02 -37.21 -31.98
CA VAL E 79 15.89 -35.80 -32.30
C VAL E 79 15.46 -35.69 -33.75
N GLU E 80 14.35 -34.98 -33.99
CA GLU E 80 13.79 -34.85 -35.32
C GLU E 80 13.44 -33.40 -35.60
N PHE E 81 13.81 -32.91 -36.77
CA PHE E 81 13.40 -31.60 -37.23
C PHE E 81 12.18 -31.75 -38.13
N CYS E 82 11.25 -30.80 -38.02
CA CYS E 82 9.98 -30.88 -38.73
C CYS E 82 10.01 -29.99 -39.96
N ASP E 83 9.63 -30.57 -41.11
CA ASP E 83 9.56 -29.80 -42.35
C ASP E 83 8.41 -28.79 -42.31
N GLU E 84 7.30 -29.15 -41.69
CA GLU E 84 6.12 -28.30 -41.69
C GLU E 84 6.40 -27.03 -40.89
N PRO E 85 6.22 -25.84 -41.49
CA PRO E 85 6.43 -24.61 -40.72
C PRO E 85 5.52 -24.49 -39.52
N SER E 86 4.28 -24.95 -39.63
CA SER E 86 3.34 -24.97 -38.51
C SER E 86 2.95 -26.42 -38.23
N VAL E 87 3.00 -26.81 -36.97
CA VAL E 87 2.72 -28.17 -36.55
C VAL E 87 1.35 -28.21 -35.88
N GLY E 88 0.57 -29.23 -36.22
CA GLY E 88 -0.76 -29.39 -35.67
C GLY E 88 -0.95 -30.69 -34.92
N ILE E 89 -2.20 -31.07 -34.65
CA ILE E 89 -2.47 -32.31 -33.94
C ILE E 89 -2.02 -33.54 -34.75
N LYS E 90 -2.17 -33.55 -36.09
CA LYS E 90 -1.79 -34.70 -36.90
C LYS E 90 -0.29 -34.99 -36.79
N THR E 91 0.53 -33.95 -36.96
CA THR E 91 1.97 -34.15 -36.94
C THR E 91 2.45 -34.60 -35.57
N MET E 92 1.91 -34.01 -34.50
CA MET E 92 2.31 -34.42 -33.17
C MET E 92 1.85 -35.86 -32.89
N ARG E 93 0.67 -36.23 -33.39
CA ARG E 93 0.19 -37.60 -33.21
C ARG E 93 1.10 -38.59 -33.92
N ASN E 94 1.52 -38.30 -35.15
CA ASN E 94 2.38 -39.24 -35.85
C ASN E 94 3.78 -39.28 -35.24
N PHE E 95 4.27 -38.16 -34.72
CA PHE E 95 5.54 -38.18 -33.99
C PHE E 95 5.43 -39.04 -32.74
N CYS E 96 4.32 -38.93 -32.01
CA CYS E 96 4.10 -39.78 -30.85
C CYS E 96 4.05 -41.25 -31.25
N LEU E 97 3.39 -41.56 -32.37
CA LEU E 97 3.35 -42.93 -32.87
C LEU E 97 4.74 -43.44 -33.19
N ARG E 98 5.56 -42.60 -33.85
CA ARG E 98 6.92 -43.00 -34.18
C ARG E 98 7.74 -43.27 -32.92
N ILE E 99 7.59 -42.42 -31.90
CA ILE E 99 8.31 -42.63 -30.65
C ILE E 99 7.86 -43.92 -29.98
N GLN E 100 6.54 -44.16 -29.91
CA GLN E 100 6.04 -45.33 -29.23
C GLN E 100 6.45 -46.62 -29.94
N GLU E 101 6.40 -46.64 -31.28
CA GLU E 101 6.72 -47.86 -32.01
C GLU E 101 8.19 -48.21 -31.90
N LYS E 102 9.06 -47.22 -31.70
CA LYS E 102 10.50 -47.44 -31.60
C LYS E 102 11.02 -47.25 -30.18
N ASN E 103 10.12 -47.30 -29.20
CA ASN E 103 10.41 -47.31 -27.76
C ASN E 103 11.61 -46.45 -27.37
N PHE E 104 11.60 -45.20 -27.85
CA PHE E 104 12.59 -44.22 -27.44
C PHE E 104 12.22 -43.64 -26.09
N SER E 105 13.22 -43.46 -25.23
CA SER E 105 12.97 -42.91 -23.91
C SER E 105 12.62 -41.43 -23.99
N THR E 106 13.35 -40.67 -24.80
CA THR E 106 13.17 -39.23 -24.90
C THR E 106 13.16 -38.81 -26.36
N GLY E 107 12.22 -37.94 -26.72
CA GLY E 107 12.16 -37.42 -28.06
C GLY E 107 12.12 -35.90 -28.09
N ILE E 108 13.01 -35.30 -28.87
CA ILE E 108 13.08 -33.85 -29.01
C ILE E 108 12.56 -33.49 -30.40
N PHE E 109 11.57 -32.60 -30.45
CA PHE E 109 10.89 -32.24 -31.69
C PHE E 109 11.05 -30.75 -31.91
N ILE E 110 11.87 -30.36 -32.89
CA ILE E 110 12.16 -28.97 -33.18
C ILE E 110 11.29 -28.52 -34.35
N TYR E 111 10.43 -27.54 -34.11
CA TYR E 111 9.58 -26.97 -35.14
C TYR E 111 10.12 -25.61 -35.57
N GLN E 112 9.44 -25.01 -36.54
CA GLN E 112 9.97 -23.80 -37.18
C GLN E 112 9.30 -22.53 -36.65
N ASN E 113 7.98 -22.42 -36.78
CA ASN E 113 7.29 -21.17 -36.50
C ASN E 113 6.53 -21.21 -35.18
N ASN E 114 5.59 -22.15 -35.04
CA ASN E 114 4.74 -22.18 -33.85
C ASN E 114 4.09 -23.55 -33.75
N ILE E 115 3.51 -23.83 -32.58
CA ILE E 115 2.84 -25.09 -32.31
C ILE E 115 1.42 -24.78 -31.84
N THR E 116 0.44 -25.45 -32.43
CA THR E 116 -0.94 -25.21 -32.07
C THR E 116 -1.22 -25.69 -30.65
N PRO E 117 -2.18 -25.05 -29.94
CA PRO E 117 -2.55 -25.43 -28.57
C PRO E 117 -3.00 -26.88 -28.47
N SER E 118 -3.67 -27.41 -29.50
CA SER E 118 -4.10 -28.79 -29.50
C SER E 118 -2.91 -29.75 -29.50
N ALA E 119 -1.87 -29.43 -30.27
CA ALA E 119 -0.65 -30.22 -30.23
C ALA E 119 0.03 -30.14 -28.87
N ASN E 120 -0.03 -28.97 -28.21
CA ASN E 120 0.50 -28.85 -26.87
C ASN E 120 -0.26 -29.72 -25.88
N LYS E 121 -1.56 -29.91 -26.08
CA LYS E 121 -2.40 -30.68 -25.14
C LYS E 121 -2.09 -32.18 -25.13
N MET E 122 -1.47 -32.75 -26.17
CA MET E 122 -1.16 -34.17 -26.19
C MET E 122 0.29 -34.47 -25.80
N ILE E 123 1.08 -33.45 -25.48
CA ILE E 123 2.45 -33.70 -25.00
C ILE E 123 2.47 -34.44 -23.66
N PRO E 124 1.70 -34.04 -22.64
CA PRO E 124 1.79 -34.75 -21.34
C PRO E 124 1.27 -36.18 -21.37
N THR E 125 0.51 -36.58 -22.38
CA THR E 125 -0.06 -37.92 -22.43
C THR E 125 0.75 -38.88 -23.29
N VAL E 126 2.04 -38.63 -23.46
CA VAL E 126 2.90 -39.48 -24.26
C VAL E 126 3.70 -40.45 -23.38
N SER E 127 3.25 -40.66 -22.15
CA SER E 127 3.98 -41.50 -21.21
C SER E 127 4.12 -42.93 -21.76
N PRO E 128 5.20 -43.64 -21.41
CA PRO E 128 6.26 -43.21 -20.49
C PRO E 128 7.37 -42.41 -21.18
N ALA E 129 7.36 -42.36 -22.50
CA ALA E 129 8.33 -41.57 -23.22
C ALA E 129 8.09 -40.07 -22.98
N ILE E 130 9.16 -39.29 -23.11
CA ILE E 130 9.12 -37.86 -22.86
C ILE E 130 9.31 -37.13 -24.18
N ILE E 131 8.44 -36.17 -24.47
CA ILE E 131 8.50 -35.39 -25.69
C ILE E 131 8.74 -33.93 -25.30
N GLU E 132 9.84 -33.37 -25.78
CA GLU E 132 10.18 -31.97 -25.55
C GLU E 132 10.26 -31.26 -26.89
N THR E 133 9.68 -30.06 -26.95
CA THR E 133 9.63 -29.30 -28.19
C THR E 133 10.43 -28.02 -28.04
N PHE E 134 11.22 -27.71 -29.06
CA PHE E 134 12.00 -26.49 -29.12
C PHE E 134 11.69 -25.76 -30.43
N GLN E 135 11.73 -24.44 -30.38
CA GLN E 135 11.62 -23.64 -31.59
C GLN E 135 12.98 -23.50 -32.25
N GLU E 136 12.97 -23.29 -33.55
CA GLU E 136 14.24 -23.11 -34.26
C GLU E 136 14.90 -21.78 -33.92
N SER E 137 14.11 -20.75 -33.66
CA SER E 137 14.67 -19.41 -33.48
C SER E 137 15.51 -19.33 -32.22
N ASP E 138 15.07 -19.95 -31.13
CA ASP E 138 15.77 -19.80 -29.85
C ASP E 138 16.96 -20.74 -29.70
N LEU E 139 17.19 -21.64 -30.65
CA LEU E 139 18.32 -22.54 -30.61
C LEU E 139 19.51 -22.06 -31.42
N VAL E 140 19.42 -20.88 -32.04
CA VAL E 140 20.52 -20.39 -32.85
C VAL E 140 21.75 -20.12 -31.99
N VAL E 141 21.54 -19.59 -30.80
CA VAL E 141 22.62 -19.29 -29.85
C VAL E 141 22.51 -20.24 -28.68
N ASN E 142 23.64 -20.82 -28.29
CA ASN E 142 23.68 -21.69 -27.13
C ASN E 142 23.82 -20.83 -25.88
N ILE E 143 22.75 -20.73 -25.10
CA ILE E 143 22.76 -19.82 -23.97
C ILE E 143 23.74 -20.27 -22.90
N THR E 144 23.99 -21.57 -22.78
CA THR E 144 24.90 -22.04 -21.74
C THR E 144 26.34 -21.63 -22.00
N HIS E 145 26.64 -21.11 -23.18
CA HIS E 145 27.96 -20.54 -23.45
C HIS E 145 28.04 -19.05 -23.15
N HIS E 146 26.97 -18.46 -22.62
CA HIS E 146 26.99 -17.06 -22.26
C HIS E 146 27.88 -16.84 -21.03
N GLU E 147 28.40 -15.62 -20.91
CA GLU E 147 29.21 -15.29 -19.75
C GLU E 147 28.39 -15.32 -18.46
N LEU E 148 27.17 -14.79 -18.50
CA LEU E 148 26.36 -14.68 -17.29
C LEU E 148 25.77 -16.00 -16.83
N VAL E 149 25.83 -17.05 -17.65
CA VAL E 149 25.19 -18.33 -17.34
C VAL E 149 26.26 -19.26 -16.77
N PRO E 150 26.24 -19.58 -15.48
CA PRO E 150 27.21 -20.53 -14.94
C PRO E 150 26.90 -21.95 -15.38
N LYS E 151 27.69 -22.92 -14.92
CA LYS E 151 27.53 -24.30 -15.32
C LYS E 151 26.52 -25.00 -14.41
N HIS E 152 25.49 -25.57 -15.01
CA HIS E 152 24.46 -26.32 -14.29
C HIS E 152 24.70 -27.81 -14.50
N ILE E 153 24.71 -28.57 -13.40
CA ILE E 153 24.91 -30.00 -13.43
C ILE E 153 23.77 -30.67 -12.68
N ARG E 154 23.05 -31.57 -13.36
CA ARG E 154 21.93 -32.24 -12.74
C ARG E 154 22.43 -33.27 -11.73
N LEU E 155 21.87 -33.23 -10.53
CA LEU E 155 22.28 -34.15 -9.47
C LEU E 155 21.54 -35.47 -9.60
N SER E 156 22.27 -36.56 -9.34
CA SER E 156 21.67 -37.87 -9.28
C SER E 156 20.84 -38.01 -8.00
N ASP E 157 20.05 -39.07 -7.93
CA ASP E 157 19.15 -39.26 -6.80
C ASP E 157 19.93 -39.42 -5.50
N GLY E 158 21.01 -40.20 -5.53
CA GLY E 158 21.81 -40.37 -4.34
C GLY E 158 22.43 -39.07 -3.86
N GLU E 159 22.92 -38.25 -4.79
CA GLU E 159 23.48 -36.96 -4.42
C GLU E 159 22.42 -36.03 -3.84
N LYS E 160 21.21 -36.06 -4.40
CA LYS E 160 20.13 -35.25 -3.85
C LYS E 160 19.79 -35.68 -2.43
N SER E 161 19.73 -36.99 -2.20
CA SER E 161 19.48 -37.49 -0.85
C SER E 161 20.57 -37.06 0.11
N GLN E 162 21.82 -37.15 -0.33
CA GLN E 162 22.94 -36.74 0.54
C GLN E 162 22.86 -35.26 0.85
N LEU E 163 22.49 -34.44 -0.13
CA LEU E 163 22.33 -33.01 0.09
C LEU E 163 21.25 -32.73 1.14
N LEU E 164 20.07 -33.32 0.95
CA LEU E 164 18.98 -33.07 1.88
C LEU E 164 19.31 -33.55 3.28
N GLN E 165 20.07 -34.65 3.39
CA GLN E 165 20.49 -35.12 4.70
C GLN E 165 21.52 -34.19 5.33
N ARG E 166 22.44 -33.67 4.52
CA ARG E 166 23.48 -32.79 5.06
C ARG E 166 22.88 -31.50 5.60
N TYR E 167 21.94 -30.90 4.87
CA TYR E 167 21.36 -29.66 5.33
C TYR E 167 20.13 -29.86 6.21
N LYS E 168 19.69 -31.10 6.38
CA LYS E 168 18.47 -31.41 7.13
C LYS E 168 17.29 -30.59 6.61
N LEU E 169 17.02 -30.78 5.32
CA LEU E 169 16.08 -29.96 4.58
C LEU E 169 14.85 -30.75 4.19
N LYS E 170 13.86 -30.02 3.70
CA LYS E 170 12.74 -30.54 2.95
C LYS E 170 12.81 -29.96 1.54
N GLU E 171 12.28 -30.70 0.57
CA GLU E 171 12.42 -30.29 -0.83
C GLU E 171 11.85 -28.90 -1.08
N SER E 172 10.86 -28.48 -0.30
CA SER E 172 10.28 -27.16 -0.48
C SER E 172 11.13 -26.04 0.07
N GLN E 173 12.22 -26.37 0.77
CA GLN E 173 13.07 -25.37 1.40
C GLN E 173 14.31 -25.04 0.58
N LEU E 174 14.50 -25.66 -0.57
CA LEU E 174 15.59 -25.30 -1.45
C LEU E 174 15.19 -24.15 -2.35
N PRO E 175 16.15 -23.37 -2.84
CA PRO E 175 15.84 -22.39 -3.88
C PRO E 175 15.31 -23.11 -5.12
N ARG E 176 14.38 -22.46 -5.82
CA ARG E 176 13.65 -23.09 -6.90
C ARG E 176 14.12 -22.58 -8.26
N ILE E 177 13.94 -23.41 -9.27
CA ILE E 177 14.14 -23.04 -10.66
C ILE E 177 12.92 -23.50 -11.44
N GLN E 178 12.39 -22.63 -12.30
CA GLN E 178 11.16 -22.95 -12.99
C GLN E 178 11.38 -24.05 -14.02
N ARG E 179 10.30 -24.76 -14.34
CA ARG E 179 10.41 -25.83 -15.35
C ARG E 179 10.56 -25.27 -16.75
N GLU E 180 10.02 -24.08 -17.00
CA GLU E 180 10.15 -23.42 -18.30
C GLU E 180 11.37 -22.52 -18.36
N ASP E 181 12.22 -22.55 -17.35
CA ASP E 181 13.45 -21.77 -17.37
C ASP E 181 14.32 -22.25 -18.54
N PRO E 182 14.94 -21.33 -19.30
CA PRO E 182 15.66 -21.75 -20.50
C PRO E 182 16.74 -22.79 -20.24
N VAL E 183 17.49 -22.64 -19.14
CA VAL E 183 18.52 -23.64 -18.83
C VAL E 183 17.87 -24.94 -18.37
N ALA E 184 16.72 -24.85 -17.68
CA ALA E 184 16.02 -26.06 -17.29
C ALA E 184 15.54 -26.85 -18.49
N ARG E 185 15.00 -26.17 -19.50
CA ARG E 185 14.61 -26.86 -20.72
C ARG E 185 15.83 -27.34 -21.51
N TYR E 186 16.94 -26.61 -21.44
CA TYR E 186 18.16 -27.08 -22.07
C TYR E 186 18.62 -28.40 -21.46
N LEU E 187 18.55 -28.52 -20.14
CA LEU E 187 18.98 -29.74 -19.48
C LEU E 187 17.90 -30.81 -19.41
N GLY E 188 16.68 -30.50 -19.85
CA GLY E 188 15.60 -31.47 -19.74
C GLY E 188 15.28 -31.81 -18.31
N LEU E 189 15.17 -30.79 -17.46
CA LEU E 189 14.87 -31.02 -16.06
C LEU E 189 13.42 -31.43 -15.88
N LYS E 190 13.20 -32.46 -15.06
CA LYS E 190 11.88 -32.89 -14.67
C LYS E 190 11.61 -32.48 -13.23
N ARG E 191 10.34 -32.30 -12.90
CA ARG E 191 9.97 -31.78 -11.60
C ARG E 191 10.53 -32.65 -10.48
N GLY E 192 11.15 -32.00 -9.50
CA GLY E 192 11.75 -32.70 -8.38
C GLY E 192 13.22 -32.98 -8.51
N GLN E 193 13.86 -32.53 -9.59
CA GLN E 193 15.27 -32.77 -9.80
C GLN E 193 16.08 -31.53 -9.42
N VAL E 194 17.29 -31.76 -8.93
CA VAL E 194 18.13 -30.72 -8.38
C VAL E 194 19.35 -30.53 -9.27
N VAL E 195 19.66 -29.26 -9.58
CA VAL E 195 20.85 -28.91 -10.33
C VAL E 195 21.83 -28.23 -9.38
N LYS E 196 23.10 -28.57 -9.51
CA LYS E 196 24.16 -27.92 -8.75
C LYS E 196 24.84 -26.89 -9.63
N ILE E 197 24.91 -25.65 -9.16
CA ILE E 197 25.46 -24.55 -9.92
C ILE E 197 26.71 -24.05 -9.23
N ILE E 198 27.85 -24.23 -9.88
CA ILE E 198 29.12 -23.73 -9.38
C ILE E 198 29.38 -22.37 -10.00
N ARG E 199 29.58 -21.37 -9.17
CA ARG E 199 29.46 -19.99 -9.58
C ARG E 199 30.68 -19.19 -9.14
N ARG E 200 31.05 -18.20 -9.95
CA ARG E 200 32.10 -17.27 -9.58
C ARG E 200 31.65 -16.39 -8.42
N SER E 201 32.55 -16.20 -7.45
CA SER E 201 32.26 -15.35 -6.30
C SER E 201 33.46 -14.46 -6.03
N GLU E 202 33.20 -13.18 -5.81
CA GLU E 202 34.28 -12.23 -5.57
C GLU E 202 34.69 -12.16 -4.11
N THR E 203 34.03 -12.90 -3.23
CA THR E 203 34.42 -12.98 -1.83
C THR E 203 35.12 -14.27 -1.47
N SER E 204 34.87 -15.35 -2.20
CA SER E 204 35.50 -16.63 -1.92
C SER E 204 36.04 -17.34 -3.14
N GLY E 205 35.91 -16.75 -4.33
CA GLY E 205 36.41 -17.39 -5.53
C GLY E 205 35.39 -18.29 -6.18
N ARG E 206 34.96 -19.32 -5.47
CA ARG E 206 34.06 -20.33 -5.99
C ARG E 206 32.95 -20.58 -4.98
N TYR E 207 31.71 -20.64 -5.46
CA TYR E 207 30.55 -20.84 -4.60
C TYR E 207 29.57 -21.77 -5.29
N ALA E 208 29.18 -22.84 -4.62
CA ALA E 208 28.30 -23.85 -5.18
C ALA E 208 26.89 -23.67 -4.62
N SER E 209 25.94 -23.46 -5.51
CA SER E 209 24.54 -23.27 -5.15
C SER E 209 23.71 -24.40 -5.74
N TYR E 210 22.54 -24.63 -5.14
CA TYR E 210 21.65 -25.69 -5.57
C TYR E 210 20.26 -25.13 -5.79
N ARG E 211 19.56 -25.65 -6.79
CA ARG E 211 18.20 -25.27 -7.08
C ARG E 211 17.40 -26.51 -7.42
N ILE E 212 16.10 -26.46 -7.14
CA ILE E 212 15.20 -27.59 -7.37
C ILE E 212 14.17 -27.18 -8.41
N CYS E 213 13.84 -28.10 -9.31
CA CYS E 213 12.89 -27.80 -10.36
C CYS E 213 11.47 -27.85 -9.82
N LEU E 214 10.53 -27.34 -10.62
CA LEU E 214 9.14 -27.27 -10.22
C LEU E 214 8.23 -27.92 -11.25
N GLU F 71 16.11 -38.22 20.84
CA GLU F 71 15.61 -38.04 19.48
C GLU F 71 16.08 -36.71 18.90
N LEU F 72 15.56 -35.61 19.44
CA LEU F 72 15.94 -34.29 18.96
C LEU F 72 17.33 -33.89 19.43
N ALA F 73 17.74 -34.35 20.62
CA ALA F 73 19.05 -34.03 21.14
C ALA F 73 20.14 -34.63 20.26
N ILE F 74 21.24 -33.91 20.13
CA ILE F 74 22.38 -34.33 19.32
C ILE F 74 23.50 -34.77 20.26
N LEU F 75 24.07 -35.93 19.98
CA LEU F 75 25.09 -36.50 20.86
C LEU F 75 26.33 -35.60 20.91
N LYS F 76 27.05 -35.67 22.03
CA LYS F 76 28.23 -34.84 22.21
C LYS F 76 29.30 -35.13 21.18
N GLU F 77 29.37 -36.36 20.67
CA GLU F 77 30.41 -36.72 19.73
C GLU F 77 30.16 -36.12 18.35
N GLU F 78 28.90 -35.89 18.00
CA GLU F 78 28.53 -35.42 16.68
C GLU F 78 28.12 -33.95 16.66
N ARG F 79 28.59 -33.16 17.61
CA ARG F 79 28.26 -31.74 17.65
C ARG F 79 29.09 -31.00 16.61
N THR F 80 28.41 -30.27 15.72
CA THR F 80 29.06 -29.63 14.59
C THR F 80 28.96 -28.11 14.61
N THR F 81 28.39 -27.51 15.64
CA THR F 81 28.35 -26.07 15.71
C THR F 81 29.70 -25.52 16.13
N THR F 82 29.83 -24.20 16.10
CA THR F 82 31.10 -23.58 16.43
C THR F 82 31.44 -23.82 17.90
N PRO F 83 32.71 -24.05 18.22
CA PRO F 83 33.12 -24.24 19.62
C PRO F 83 33.38 -22.95 20.39
N TYR F 84 32.95 -21.81 19.89
CA TYR F 84 33.21 -20.52 20.51
C TYR F 84 31.91 -19.90 21.01
N LEU F 85 32.03 -19.05 22.02
CA LEU F 85 30.88 -18.36 22.57
C LEU F 85 30.59 -17.14 21.71
N THR F 86 29.46 -17.14 21.01
CA THR F 86 29.11 -16.00 20.20
C THR F 86 28.76 -14.81 21.08
N LYS F 87 28.76 -13.62 20.49
CA LYS F 87 28.56 -12.41 21.29
C LYS F 87 27.16 -12.36 21.87
N TYR F 88 26.17 -12.86 21.13
CA TYR F 88 24.81 -12.93 21.66
C TYR F 88 24.72 -13.89 22.83
N GLU F 89 25.35 -15.06 22.72
CA GLU F 89 25.37 -16.00 23.83
C GLU F 89 26.10 -15.43 25.02
N ARG F 90 27.20 -14.72 24.78
CA ARG F 90 27.94 -14.11 25.88
C ARG F 90 27.09 -13.07 26.59
N ALA F 91 26.42 -12.20 25.83
CA ALA F 91 25.59 -11.18 26.44
C ALA F 91 24.43 -11.78 27.23
N ARG F 92 23.76 -12.77 26.66
CA ARG F 92 22.64 -13.40 27.35
C ARG F 92 23.10 -14.13 28.61
N ILE F 93 24.24 -14.82 28.53
CA ILE F 93 24.75 -15.54 29.70
C ILE F 93 25.12 -14.56 30.80
N LEU F 94 25.79 -13.47 30.45
CA LEU F 94 26.16 -12.48 31.46
C LEU F 94 24.92 -11.86 32.09
N GLY F 95 23.91 -11.54 31.29
CA GLY F 95 22.70 -10.97 31.84
C GLY F 95 21.98 -11.92 32.78
N THR F 96 21.83 -13.18 32.36
CA THR F 96 21.15 -14.16 33.20
C THR F 96 21.91 -14.40 34.50
N ARG F 97 23.23 -14.53 34.40
CA ARG F 97 24.02 -14.75 35.61
C ARG F 97 23.98 -13.56 36.54
N ALA F 98 24.02 -12.34 36.00
CA ALA F 98 23.93 -11.15 36.83
C ALA F 98 22.59 -11.09 37.53
N LEU F 99 21.51 -11.41 36.82
CA LEU F 99 20.19 -11.41 37.44
C LEU F 99 20.11 -12.45 38.55
N GLN F 100 20.64 -13.65 38.30
CA GLN F 100 20.59 -14.70 39.30
C GLN F 100 21.39 -14.32 40.54
N ILE F 101 22.57 -13.72 40.35
CA ILE F 101 23.36 -13.27 41.49
C ILE F 101 22.62 -12.20 42.26
N SER F 102 21.99 -11.26 41.55
CA SER F 102 21.19 -10.25 42.21
C SER F 102 20.00 -10.85 42.95
N MET F 103 19.58 -12.06 42.59
CA MET F 103 18.55 -12.77 43.33
C MET F 103 19.14 -13.78 44.30
N ASN F 104 20.34 -13.50 44.83
CA ASN F 104 20.93 -14.26 45.93
C ASN F 104 21.24 -15.70 45.54
N ALA F 105 21.76 -15.89 44.34
CA ALA F 105 22.27 -17.21 44.01
C ALA F 105 23.68 -17.37 44.54
N PRO F 106 24.11 -18.61 44.83
CA PRO F 106 25.48 -18.82 45.28
C PRO F 106 26.48 -18.41 44.20
N VAL F 107 27.59 -17.83 44.64
CA VAL F 107 28.66 -17.39 43.75
C VAL F 107 29.77 -18.42 43.78
N LEU F 108 30.22 -18.85 42.61
CA LEU F 108 31.17 -19.95 42.49
C LEU F 108 32.62 -19.50 42.43
N VAL F 109 32.88 -18.19 42.54
CA VAL F 109 34.23 -17.67 42.54
C VAL F 109 34.40 -16.76 43.76
N ASP F 110 35.64 -16.61 44.19
CA ASP F 110 35.93 -15.73 45.32
C ASP F 110 35.87 -14.28 44.85
N ILE F 111 35.19 -13.46 45.65
CA ILE F 111 35.02 -12.03 45.34
C ILE F 111 35.98 -11.26 46.23
N GLU F 112 36.88 -10.50 45.60
CA GLU F 112 37.82 -9.71 46.37
C GLU F 112 37.13 -8.50 46.98
N GLY F 113 36.71 -7.54 46.15
CA GLY F 113 36.04 -6.36 46.64
C GLY F 113 34.91 -5.94 45.72
N GLU F 114 34.56 -6.82 44.80
CA GLU F 114 33.54 -6.49 43.81
C GLU F 114 32.15 -6.55 44.44
N THR F 115 31.28 -5.67 43.94
CA THR F 115 29.90 -5.60 44.41
C THR F 115 28.87 -5.59 43.29
N ASP F 116 29.24 -5.27 42.07
CA ASP F 116 28.28 -5.20 40.98
C ASP F 116 27.98 -6.61 40.47
N PRO F 117 26.71 -7.01 40.39
CA PRO F 117 26.40 -8.35 39.88
C PRO F 117 26.96 -8.62 38.50
N LEU F 118 26.95 -7.63 37.61
CA LEU F 118 27.50 -7.83 36.27
C LEU F 118 29.00 -8.10 36.33
N GLN F 119 29.71 -7.39 37.20
CA GLN F 119 31.15 -7.61 37.31
C GLN F 119 31.45 -8.99 37.88
N ILE F 120 30.66 -9.43 38.86
CA ILE F 120 30.83 -10.78 39.40
C ILE F 120 30.56 -11.81 38.31
N ALA F 121 29.54 -11.58 37.49
CA ALA F 121 29.25 -12.50 36.40
C ALA F 121 30.38 -12.56 35.40
N MET F 122 30.97 -11.41 35.06
CA MET F 122 32.10 -11.41 34.14
C MET F 122 33.29 -12.14 34.73
N LYS F 123 33.53 -11.94 36.04
CA LYS F 123 34.62 -12.66 36.70
C LYS F 123 34.37 -14.16 36.68
N GLU F 124 33.14 -14.58 36.90
CA GLU F 124 32.80 -16.01 36.81
C GLU F 124 33.03 -16.54 35.41
N LEU F 125 32.62 -15.77 34.39
CA LEU F 125 32.76 -16.22 33.02
C LEU F 125 34.22 -16.37 32.63
N SER F 126 35.06 -15.43 33.05
CA SER F 126 36.47 -15.48 32.69
C SER F 126 37.14 -16.75 33.24
N GLN F 127 36.68 -17.24 34.38
CA GLN F 127 37.25 -18.43 35.01
C GLN F 127 36.52 -19.71 34.63
N ARG F 128 35.55 -19.65 33.72
CA ARG F 128 34.80 -20.81 33.28
C ARG F 128 34.09 -21.49 34.45
N LYS F 129 33.37 -20.69 35.24
CA LYS F 129 32.69 -21.19 36.43
C LYS F 129 31.19 -20.94 36.39
N ILE F 130 30.64 -20.50 35.27
CA ILE F 130 29.21 -20.23 35.18
C ILE F 130 28.46 -21.54 35.01
N PRO F 131 27.51 -21.85 35.88
CA PRO F 131 26.81 -23.14 35.83
C PRO F 131 25.57 -23.11 34.93
N LEU F 132 25.75 -22.71 33.68
CA LEU F 132 24.66 -22.63 32.73
C LEU F 132 25.02 -23.41 31.47
N VAL F 133 23.98 -23.81 30.75
CA VAL F 133 24.12 -24.61 29.54
C VAL F 133 23.44 -23.87 28.40
N ILE F 134 24.13 -23.75 27.28
CA ILE F 134 23.56 -23.17 26.08
C ILE F 134 22.95 -24.28 25.24
N ARG F 135 21.72 -24.08 24.80
CA ARG F 135 21.03 -25.03 23.93
C ARG F 135 20.81 -24.35 22.58
N ARG F 136 21.57 -24.78 21.58
CA ARG F 136 21.57 -24.13 20.28
C ARG F 136 20.58 -24.85 19.37
N TYR F 137 19.58 -24.12 18.88
CA TYR F 137 18.50 -24.71 18.11
C TYR F 137 18.84 -24.69 16.62
N LEU F 138 18.92 -25.87 16.03
CA LEU F 138 19.10 -26.00 14.60
C LEU F 138 17.78 -25.74 13.89
N PRO F 139 17.83 -25.38 12.60
CA PRO F 139 16.59 -25.00 11.92
C PRO F 139 15.53 -26.10 11.87
N ASP F 140 15.92 -27.36 11.85
CA ASP F 140 14.95 -28.44 11.76
C ASP F 140 14.29 -28.77 13.10
N GLY F 141 14.76 -28.17 14.19
CA GLY F 141 14.20 -28.42 15.51
C GLY F 141 15.14 -29.16 16.45
N SER F 142 16.12 -29.88 15.91
CA SER F 142 17.11 -30.52 16.76
C SER F 142 17.99 -29.47 17.41
N TYR F 143 18.69 -29.87 18.47
CA TYR F 143 19.47 -28.91 19.25
C TYR F 143 20.73 -29.56 19.76
N GLU F 144 21.71 -28.72 20.11
CA GLU F 144 22.94 -29.13 20.75
C GLU F 144 23.07 -28.42 22.09
N ASP F 145 23.44 -29.18 23.12
CA ASP F 145 23.63 -28.63 24.45
C ASP F 145 25.12 -28.45 24.70
N TRP F 146 25.54 -27.20 24.88
CA TRP F 146 26.92 -26.87 25.17
C TRP F 146 27.01 -26.26 26.56
N GLY F 147 27.93 -26.77 27.37
CA GLY F 147 28.18 -26.15 28.66
C GLY F 147 29.03 -24.90 28.49
N CYS F 148 28.74 -23.89 29.30
CA CYS F 148 29.52 -22.66 29.25
C CYS F 148 30.95 -22.88 29.71
N ASP F 149 31.25 -23.99 30.36
CA ASP F 149 32.61 -24.31 30.76
C ASP F 149 33.42 -24.96 29.65
N GLU F 150 32.78 -25.37 28.55
CA GLU F 150 33.47 -25.99 27.44
C GLU F 150 33.43 -25.16 26.17
N LEU F 151 32.79 -23.99 26.22
CA LEU F 151 32.80 -23.07 25.09
C LEU F 151 33.94 -22.07 25.26
N ILE F 152 34.70 -21.87 24.19
CA ILE F 152 35.85 -20.98 24.25
C ILE F 152 35.36 -19.54 24.20
N VAL F 153 35.87 -18.71 25.11
CA VAL F 153 35.49 -17.30 25.20
C VAL F 153 36.72 -16.45 24.94
N ASP F 154 36.54 -15.40 24.15
CA ASP F 154 37.64 -14.49 23.82
C ASP F 154 37.84 -13.47 24.93
N MET G 1 -11.90 -46.23 42.47
CA MET G 1 -11.06 -47.33 42.01
C MET G 1 -9.62 -46.86 41.84
N PHE G 2 -8.67 -47.69 42.28
CA PHE G 2 -7.26 -47.34 42.24
C PHE G 2 -6.67 -47.64 40.88
N PHE G 3 -5.68 -46.83 40.49
CA PHE G 3 -5.04 -46.97 39.20
C PHE G 3 -3.57 -46.56 39.31
N LEU G 4 -2.81 -46.96 38.30
CA LEU G 4 -1.46 -46.46 38.09
C LEU G 4 -1.46 -45.54 36.87
N LYS G 5 -0.95 -44.33 37.06
CA LYS G 5 -0.93 -43.33 36.00
C LYS G 5 0.45 -42.70 35.92
N ASP G 6 0.84 -42.33 34.71
CA ASP G 6 2.08 -41.59 34.48
C ASP G 6 1.73 -40.11 34.39
N LEU G 7 2.08 -39.36 35.42
CA LEU G 7 1.76 -37.93 35.51
C LEU G 7 3.02 -37.10 35.37
N SER G 8 2.82 -35.81 35.06
CA SER G 8 3.92 -34.86 34.91
C SER G 8 3.58 -33.59 35.68
N LEU G 9 4.63 -32.96 36.21
CA LEU G 9 4.48 -31.74 36.99
C LEU G 9 5.50 -30.70 36.54
N ILE G 10 5.08 -29.44 36.52
CA ILE G 10 5.96 -28.33 36.22
C ILE G 10 6.38 -27.70 37.54
N LEU G 11 7.69 -27.69 37.80
CA LEU G 11 8.24 -27.21 39.05
C LEU G 11 9.15 -26.03 38.78
N THR G 12 8.92 -24.92 39.48
CA THR G 12 9.72 -23.71 39.33
C THR G 12 10.58 -23.54 40.57
N LEU G 13 11.87 -23.30 40.37
CA LEU G 13 12.84 -23.22 41.45
C LEU G 13 13.45 -21.83 41.50
N HIS G 14 13.52 -21.25 42.69
CA HIS G 14 14.13 -19.94 42.85
C HIS G 14 15.65 -20.06 42.78
N PRO G 15 16.33 -19.03 42.25
CA PRO G 15 17.79 -19.12 42.11
C PRO G 15 18.53 -19.30 43.42
N SER G 16 17.93 -18.97 44.56
CA SER G 16 18.61 -19.12 45.83
C SER G 16 18.87 -20.58 46.18
N TYR G 17 18.23 -21.52 45.48
CA TYR G 17 18.40 -22.94 45.74
C TYR G 17 19.30 -23.61 44.70
N PHE G 18 20.02 -22.83 43.89
CA PHE G 18 20.89 -23.39 42.86
C PHE G 18 22.17 -23.91 43.51
N GLY G 19 22.04 -25.06 44.16
CA GLY G 19 23.16 -25.68 44.83
C GLY G 19 23.33 -27.13 44.42
N PRO G 20 24.32 -27.80 45.00
CA PRO G 20 24.51 -29.23 44.71
C PRO G 20 23.33 -30.10 45.10
N GLN G 21 22.59 -29.74 46.14
CA GLN G 21 21.42 -30.49 46.58
C GLN G 21 20.15 -30.12 45.85
N MET G 22 20.26 -29.58 44.64
CA MET G 22 19.09 -29.13 43.89
C MET G 22 18.14 -30.29 43.59
N ASN G 23 18.67 -31.43 43.15
CA ASN G 23 17.82 -32.52 42.70
C ASN G 23 17.02 -33.12 43.85
N GLN G 24 17.69 -33.38 44.98
CA GLN G 24 16.97 -33.97 46.11
C GLN G 24 15.90 -33.00 46.62
N TYR G 25 16.23 -31.70 46.66
CA TYR G 25 15.27 -30.71 47.10
C TYR G 25 14.05 -30.68 46.19
N LEU G 26 14.27 -30.77 44.88
CA LEU G 26 13.15 -30.88 43.95
C LEU G 26 12.32 -32.11 44.24
N ARG G 27 12.98 -33.22 44.58
CA ARG G 27 12.24 -34.45 44.87
C ARG G 27 11.33 -34.26 46.08
N GLU G 28 11.86 -33.72 47.19
CA GLU G 28 10.98 -33.53 48.35
C GLU G 28 9.91 -32.49 48.09
N LYS G 29 10.21 -31.46 47.30
CA LYS G 29 9.18 -30.48 46.96
C LYS G 29 8.05 -31.14 46.19
N LEU G 30 8.40 -31.99 45.22
CA LEU G 30 7.38 -32.72 44.46
C LEU G 30 6.55 -33.60 45.38
N LEU G 31 7.20 -34.31 46.29
CA LEU G 31 6.48 -35.21 47.19
C LEU G 31 5.52 -34.42 48.07
N THR G 32 5.98 -33.30 48.63
CA THR G 32 5.11 -32.50 49.48
C THR G 32 3.95 -31.88 48.70
N ASP G 33 4.17 -31.54 47.43
CA ASP G 33 3.14 -30.86 46.67
C ASP G 33 2.21 -31.80 45.90
N VAL G 34 2.49 -33.09 45.87
CA VAL G 34 1.65 -34.04 45.14
C VAL G 34 0.97 -35.05 46.07
N GLU G 35 1.72 -35.57 47.05
CA GLU G 35 1.16 -36.53 47.98
C GLU G 35 -0.03 -35.95 48.72
N GLY G 36 -1.19 -36.60 48.58
CA GLY G 36 -2.38 -36.23 49.31
C GLY G 36 -3.25 -35.18 48.65
N THR G 37 -2.82 -34.60 47.54
CA THR G 37 -3.63 -33.60 46.87
C THR G 37 -4.83 -34.24 46.18
N CYS G 38 -5.79 -33.40 45.82
CA CYS G 38 -7.04 -33.87 45.20
C CYS G 38 -7.32 -33.02 43.97
N THR G 39 -7.23 -33.64 42.79
CA THR G 39 -7.53 -32.98 41.52
C THR G 39 -8.78 -33.60 40.93
N GLY G 40 -9.73 -32.76 40.51
CA GLY G 40 -10.97 -33.27 39.97
C GLY G 40 -10.78 -34.11 38.72
N GLN G 41 -9.79 -33.77 37.89
CA GLN G 41 -9.55 -34.53 36.68
C GLN G 41 -9.11 -35.96 36.98
N PHE G 42 -8.24 -36.13 37.97
CA PHE G 42 -7.69 -37.43 38.29
C PHE G 42 -8.25 -38.06 39.55
N GLY G 43 -8.67 -37.27 40.52
CA GLY G 43 -9.14 -37.81 41.78
C GLY G 43 -8.22 -37.48 42.92
N TYR G 44 -7.71 -38.51 43.59
CA TYR G 44 -6.80 -38.35 44.72
C TYR G 44 -5.50 -39.08 44.41
N ILE G 45 -4.38 -38.38 44.56
CA ILE G 45 -3.07 -38.98 44.45
C ILE G 45 -2.63 -39.38 45.84
N VAL G 46 -2.42 -40.67 46.06
CA VAL G 46 -2.14 -41.20 47.39
C VAL G 46 -0.65 -41.40 47.61
N THR G 47 0.05 -41.98 46.65
CA THR G 47 1.49 -42.20 46.77
C THR G 47 2.15 -42.06 45.42
N VAL G 48 3.45 -41.80 45.45
CA VAL G 48 4.29 -41.72 44.25
C VAL G 48 5.28 -42.86 44.32
N LEU G 49 5.28 -43.71 43.30
CA LEU G 49 6.19 -44.84 43.27
C LEU G 49 7.59 -44.39 42.90
N ASP G 50 8.59 -45.04 43.50
CA ASP G 50 10.00 -44.75 43.26
C ASP G 50 10.29 -43.28 43.55
N GLY G 51 9.85 -42.81 44.71
CA GLY G 51 9.89 -41.38 45.03
C GLY G 51 11.28 -40.81 45.17
N MET G 52 12.30 -41.65 45.35
CA MET G 52 13.67 -41.17 45.52
C MET G 52 14.52 -41.33 44.26
N ASN G 53 13.95 -41.82 43.18
CA ASN G 53 14.68 -42.01 41.92
C ASN G 53 13.88 -41.47 40.76
N ILE G 54 13.31 -40.28 40.91
CA ILE G 54 12.54 -39.65 39.86
C ILE G 54 13.45 -38.78 39.02
N ASP G 55 13.39 -38.95 37.70
CA ASP G 55 14.16 -38.10 36.81
C ASP G 55 13.53 -36.71 36.71
N VAL G 56 14.38 -35.69 36.78
CA VAL G 56 13.92 -34.31 36.68
C VAL G 56 14.40 -33.61 35.41
N GLY G 57 15.40 -34.15 34.73
CA GLY G 57 15.84 -33.53 33.50
C GLY G 57 16.62 -32.25 33.77
N LYS G 58 16.69 -31.41 32.74
CA LYS G 58 17.40 -30.14 32.80
C LYS G 58 16.38 -29.01 32.87
N GLY G 59 16.56 -28.13 33.85
CA GLY G 59 15.66 -27.01 34.01
C GLY G 59 16.00 -25.87 33.07
N ARG G 60 14.97 -25.20 32.60
CA ARG G 60 15.10 -24.09 31.67
C ARG G 60 14.96 -22.77 32.39
N ILE G 61 15.88 -21.85 32.15
CA ILE G 61 15.85 -20.56 32.81
C ILE G 61 14.79 -19.70 32.16
N ILE G 62 13.85 -19.22 32.97
CA ILE G 62 12.79 -18.35 32.43
C ILE G 62 13.38 -17.00 32.08
N PRO G 63 13.28 -16.55 30.83
CA PRO G 63 13.86 -15.25 30.47
C PRO G 63 13.18 -14.12 31.21
N GLY G 64 13.99 -13.28 31.84
CA GLY G 64 13.48 -12.12 32.55
C GLY G 64 13.12 -12.35 34.00
N SER G 65 13.16 -13.58 34.50
CA SER G 65 12.86 -13.84 35.90
C SER G 65 13.86 -14.74 36.59
N GLY G 66 14.81 -15.34 35.89
CA GLY G 66 15.90 -16.03 36.55
C GLY G 66 15.58 -17.41 37.04
N SER G 67 14.34 -17.63 37.49
CA SER G 67 13.95 -18.92 38.04
C SER G 67 13.99 -19.99 36.96
N ALA G 68 14.38 -21.19 37.36
CA ALA G 68 14.43 -22.34 36.47
C ALA G 68 13.13 -23.13 36.53
N GLU G 69 12.71 -23.64 35.38
CA GLU G 69 11.48 -24.41 35.27
C GLU G 69 11.83 -25.86 34.94
N PHE G 70 11.35 -26.79 35.76
CA PHE G 70 11.65 -28.21 35.63
C PHE G 70 10.40 -28.97 35.25
N GLU G 71 10.55 -29.95 34.36
CA GLU G 71 9.47 -30.84 33.96
C GLU G 71 9.72 -32.21 34.57
N VAL G 72 8.89 -32.59 35.54
CA VAL G 72 9.09 -33.81 36.32
C VAL G 72 8.01 -34.80 35.92
N LYS G 73 8.43 -35.98 35.46
CA LYS G 73 7.53 -37.06 35.09
C LYS G 73 7.66 -38.18 36.11
N TYR G 74 6.52 -38.69 36.56
CA TYR G 74 6.51 -39.68 37.63
C TYR G 74 5.28 -40.57 37.50
N ARG G 75 5.35 -41.73 38.16
CA ARG G 75 4.26 -42.69 38.22
C ARG G 75 3.68 -42.69 39.63
N ALA G 76 2.36 -42.56 39.73
CA ALA G 76 1.71 -42.45 41.02
C ALA G 76 0.44 -43.29 41.05
N VAL G 77 0.04 -43.65 42.26
CA VAL G 77 -1.20 -44.38 42.50
C VAL G 77 -2.33 -43.37 42.68
N VAL G 78 -3.39 -43.51 41.89
CA VAL G 78 -4.49 -42.57 41.92
C VAL G 78 -5.79 -43.31 42.11
N TRP G 79 -6.66 -42.74 42.96
CA TRP G 79 -7.99 -43.28 43.22
C TRP G 79 -9.03 -42.29 42.76
N LYS G 80 -10.01 -42.77 42.00
CA LYS G 80 -11.09 -41.91 41.54
C LYS G 80 -12.40 -42.69 41.46
N PRO G 81 -13.46 -42.20 42.10
CA PRO G 81 -14.77 -42.85 41.96
C PRO G 81 -15.38 -42.58 40.59
N PHE G 82 -16.26 -43.49 40.18
CA PHE G 82 -16.94 -43.37 38.89
C PHE G 82 -18.45 -43.47 39.11
N LYS G 83 -19.20 -42.82 38.23
CA LYS G 83 -20.65 -42.88 38.29
C LYS G 83 -21.13 -44.31 38.07
N GLY G 84 -22.06 -44.75 38.91
CA GLY G 84 -22.61 -46.08 38.79
C GLY G 84 -21.72 -47.19 39.28
N GLU G 85 -20.88 -46.92 40.28
CA GLU G 85 -19.98 -47.92 40.82
C GLU G 85 -20.35 -48.25 42.26
N VAL G 86 -20.29 -49.54 42.60
CA VAL G 86 -20.66 -50.04 43.92
C VAL G 86 -19.37 -50.34 44.68
N VAL G 87 -19.20 -49.70 45.84
CA VAL G 87 -17.99 -49.86 46.65
C VAL G 87 -18.37 -49.99 48.11
N ASP G 88 -17.41 -50.49 48.89
CA ASP G 88 -17.58 -50.61 50.33
C ASP G 88 -17.36 -49.26 51.00
N ALA G 89 -17.87 -49.12 52.22
CA ALA G 89 -17.79 -47.85 52.94
C ALA G 89 -17.93 -48.10 54.43
N ILE G 90 -17.64 -47.07 55.20
CA ILE G 90 -17.84 -47.06 56.65
C ILE G 90 -18.58 -45.79 57.01
N VAL G 91 -19.71 -45.93 57.72
CA VAL G 91 -20.53 -44.77 58.06
C VAL G 91 -19.79 -43.91 59.08
N SER G 92 -19.73 -42.61 58.80
CA SER G 92 -19.04 -41.67 59.68
C SER G 92 -19.98 -40.81 60.50
N ASN G 93 -21.22 -40.60 60.04
CA ASN G 93 -22.16 -39.76 60.77
C ASN G 93 -23.58 -40.15 60.39
N VAL G 94 -24.51 -39.96 61.32
CA VAL G 94 -25.92 -40.21 61.11
C VAL G 94 -26.69 -38.93 61.39
N SER G 95 -27.57 -38.56 60.47
CA SER G 95 -28.31 -37.31 60.57
C SER G 95 -29.69 -37.51 59.96
N PRO G 96 -30.67 -36.71 60.38
CA PRO G 96 -32.03 -36.87 59.81
C PRO G 96 -32.08 -36.68 58.29
N ILE G 97 -31.26 -35.78 57.74
CA ILE G 97 -31.25 -35.60 56.29
C ILE G 97 -30.57 -36.73 55.55
N GLY G 98 -29.84 -37.59 56.26
CA GLY G 98 -29.13 -38.70 55.67
C GLY G 98 -27.88 -39.01 56.47
N PHE G 99 -27.08 -39.94 55.97
CA PHE G 99 -25.88 -40.39 56.66
C PHE G 99 -24.68 -40.19 55.75
N PHE G 100 -23.53 -39.93 56.39
CA PHE G 100 -22.28 -39.69 55.69
C PHE G 100 -21.35 -40.88 55.89
N ALA G 101 -20.85 -41.42 54.79
CA ALA G 101 -19.91 -42.53 54.81
C ALA G 101 -18.56 -42.08 54.26
N ASP G 102 -17.55 -42.92 54.46
CA ASP G 102 -16.20 -42.62 54.01
C ASP G 102 -15.69 -43.77 53.15
N VAL G 103 -15.25 -43.44 51.94
CA VAL G 103 -14.64 -44.40 51.03
C VAL G 103 -13.22 -43.92 50.80
N GLY G 104 -12.28 -44.40 51.61
CA GLY G 104 -10.94 -43.88 51.61
C GLY G 104 -10.93 -42.41 52.00
N PRO G 105 -10.26 -41.59 51.19
CA PRO G 105 -10.26 -40.14 51.46
C PRO G 105 -11.56 -39.46 51.11
N LEU G 106 -12.40 -40.08 50.28
CA LEU G 106 -13.65 -39.48 49.86
C LEU G 106 -14.74 -39.67 50.90
N ASN G 107 -15.48 -38.61 51.18
CA ASN G 107 -16.63 -38.66 52.08
C ASN G 107 -17.90 -38.55 51.25
N VAL G 108 -18.78 -39.54 51.39
CA VAL G 108 -19.97 -39.68 50.57
C VAL G 108 -21.20 -39.42 51.42
N PHE G 109 -22.10 -38.59 50.92
CA PHE G 109 -23.36 -38.27 51.59
C PHE G 109 -24.51 -38.95 50.87
N VAL G 110 -25.33 -39.68 51.61
CA VAL G 110 -26.49 -40.38 51.08
C VAL G 110 -27.73 -39.77 51.72
N SER G 111 -28.62 -39.25 50.88
CA SER G 111 -29.85 -38.64 51.37
C SER G 111 -30.91 -39.71 51.67
N THR G 112 -31.91 -39.31 52.45
CA THR G 112 -32.98 -40.23 52.82
C THR G 112 -33.76 -40.69 51.59
N ARG G 113 -33.85 -39.82 50.57
CA ARG G 113 -34.57 -40.16 49.34
C ARG G 113 -33.87 -41.25 48.54
N LEU G 114 -32.62 -41.59 48.88
CA LEU G 114 -31.89 -42.69 48.26
C LEU G 114 -31.71 -43.86 49.22
N ILE G 115 -32.47 -43.89 50.30
CA ILE G 115 -32.38 -44.96 51.31
C ILE G 115 -33.69 -45.73 51.29
N PRO G 116 -33.66 -47.05 51.43
CA PRO G 116 -34.92 -47.80 51.51
C PRO G 116 -35.79 -47.33 52.67
N ASP G 117 -37.11 -47.36 52.44
CA ASP G 117 -38.05 -46.75 53.38
C ASP G 117 -38.10 -47.49 54.71
N ASN G 118 -37.91 -48.81 54.70
CA ASN G 118 -37.97 -49.59 55.93
C ASN G 118 -36.87 -49.21 56.92
N LEU G 119 -35.78 -48.60 56.44
CA LEU G 119 -34.69 -48.16 57.31
C LEU G 119 -35.02 -46.78 57.87
N VAL G 120 -36.02 -46.76 58.74
CA VAL G 120 -36.46 -45.51 59.35
C VAL G 120 -35.40 -45.01 60.31
N TYR G 121 -35.11 -43.71 60.22
CA TYR G 121 -34.11 -43.10 61.10
C TYR G 121 -34.62 -43.12 62.54
N ASN G 122 -33.80 -43.66 63.44
CA ASN G 122 -34.15 -43.73 64.86
C ASN G 122 -33.26 -42.77 65.64
N PRO G 123 -33.76 -41.60 66.04
CA PRO G 123 -32.93 -40.70 66.85
C PRO G 123 -32.84 -41.09 68.31
N SER G 124 -33.77 -41.90 68.81
CA SER G 124 -33.72 -42.32 70.20
C SER G 124 -32.63 -43.36 70.44
N ASN G 125 -32.28 -44.13 69.41
CA ASN G 125 -31.26 -45.16 69.56
C ASN G 125 -29.91 -44.53 69.90
N SER G 126 -29.08 -45.30 70.61
CA SER G 126 -27.77 -44.84 71.06
C SER G 126 -26.69 -45.71 70.45
N PRO G 127 -25.96 -45.24 69.42
CA PRO G 127 -26.14 -43.92 68.81
C PRO G 127 -27.28 -43.91 67.78
N PRO G 128 -27.79 -42.73 67.43
CA PRO G 128 -28.89 -42.66 66.47
C PRO G 128 -28.51 -43.30 65.14
N ALA G 129 -29.48 -43.98 64.52
CA ALA G 129 -29.19 -44.80 63.36
C ALA G 129 -30.41 -44.85 62.46
N TYR G 130 -30.20 -45.35 61.24
CA TYR G 130 -31.27 -45.66 60.29
C TYR G 130 -31.45 -47.16 60.35
N MET G 131 -32.52 -47.61 61.00
CA MET G 131 -32.67 -49.02 61.31
C MET G 131 -33.97 -49.57 60.74
N SER G 132 -33.96 -50.87 60.46
CA SER G 132 -35.15 -51.61 60.06
C SER G 132 -35.31 -52.79 61.00
N ASN G 133 -36.21 -53.71 60.68
CA ASN G 133 -36.42 -54.88 61.53
C ASN G 133 -35.16 -55.74 61.61
N ASP G 134 -34.56 -56.02 60.46
CA ASP G 134 -33.37 -56.86 60.40
C ASP G 134 -32.09 -56.09 60.07
N GLU G 135 -32.19 -54.78 59.85
CA GLU G 135 -31.02 -53.98 59.50
C GLU G 135 -30.90 -52.80 60.47
N LEU G 136 -29.65 -52.48 60.81
CA LEU G 136 -29.35 -51.36 61.70
C LEU G 136 -28.01 -50.79 61.25
N ILE G 137 -28.03 -49.59 60.68
CA ILE G 137 -26.84 -48.93 60.16
C ILE G 137 -26.58 -47.69 61.00
N THR G 138 -25.44 -47.66 61.69
CA THR G 138 -25.09 -46.56 62.56
C THR G 138 -23.64 -46.17 62.29
N LYS G 139 -23.10 -45.29 63.12
CA LYS G 139 -21.71 -44.88 62.99
C LYS G 139 -20.79 -46.09 63.13
N GLY G 140 -19.83 -46.21 62.21
CA GLY G 140 -18.89 -47.30 62.22
C GLY G 140 -19.39 -48.59 61.59
N SER G 141 -20.59 -48.59 61.02
CA SER G 141 -21.14 -49.80 60.42
C SER G 141 -20.73 -49.92 58.97
N LYS G 142 -20.33 -51.13 58.56
CA LYS G 142 -19.99 -51.38 57.16
C LYS G 142 -21.24 -51.29 56.30
N VAL G 143 -21.13 -50.55 55.20
CA VAL G 143 -22.23 -50.39 54.25
C VAL G 143 -21.69 -50.55 52.84
N ARG G 144 -22.49 -51.18 51.98
CA ARG G 144 -22.17 -51.31 50.56
C ARG G 144 -23.11 -50.40 49.79
N LEU G 145 -22.54 -49.38 49.13
CA LEU G 145 -23.33 -48.37 48.45
C LEU G 145 -22.83 -48.19 47.02
N LYS G 146 -23.71 -47.67 46.17
CA LYS G 146 -23.40 -47.40 44.78
C LYS G 146 -23.34 -45.89 44.56
N VAL G 147 -22.22 -45.42 44.04
CA VAL G 147 -22.03 -43.99 43.78
C VAL G 147 -22.84 -43.60 42.56
N VAL G 148 -23.71 -42.61 42.71
CA VAL G 148 -24.57 -42.14 41.64
C VAL G 148 -24.02 -40.90 40.97
N GLY G 149 -23.63 -39.89 41.75
CA GLY G 149 -23.13 -38.65 41.20
C GLY G 149 -21.90 -38.19 41.93
N THR G 150 -21.03 -37.49 41.20
CA THR G 150 -19.82 -36.93 41.73
C THR G 150 -19.78 -35.43 41.41
N ARG G 151 -19.46 -34.63 42.41
CA ARG G 151 -19.39 -33.18 42.27
C ARG G 151 -17.94 -32.74 42.32
N THR G 152 -17.53 -31.93 41.35
CA THR G 152 -16.16 -31.46 41.25
C THR G 152 -16.03 -30.07 41.88
N ASP G 153 -15.06 -29.93 42.77
CA ASP G 153 -14.76 -28.67 43.44
C ASP G 153 -13.35 -28.23 43.04
N VAL G 154 -12.88 -27.15 43.69
CA VAL G 154 -11.55 -26.62 43.39
C VAL G 154 -10.49 -27.68 43.62
N ASN G 155 -10.38 -28.16 44.86
CA ASN G 155 -9.47 -29.26 45.19
C ASN G 155 -10.17 -30.31 46.03
N GLU G 156 -11.45 -30.55 45.77
CA GLU G 156 -12.24 -31.51 46.54
C GLU G 156 -13.22 -32.19 45.60
N ILE G 157 -13.65 -33.39 46.00
CA ILE G 157 -14.63 -34.16 45.24
C ILE G 157 -15.75 -34.56 46.18
N TYR G 158 -16.99 -34.31 45.78
CA TYR G 158 -18.17 -34.66 46.55
C TYR G 158 -18.96 -35.71 45.77
N ALA G 159 -19.19 -36.85 46.41
CA ALA G 159 -19.91 -37.96 45.79
C ALA G 159 -21.22 -38.22 46.54
N ILE G 160 -22.20 -38.75 45.82
CA ILE G 160 -23.50 -39.11 46.36
C ILE G 160 -23.71 -40.60 46.16
N GLY G 161 -24.04 -41.31 47.23
CA GLY G 161 -24.26 -42.74 47.19
C GLY G 161 -25.74 -43.08 47.36
N SER G 162 -26.03 -44.37 47.15
CA SER G 162 -27.38 -44.88 47.30
C SER G 162 -27.32 -46.34 47.71
N ILE G 163 -28.34 -46.76 48.46
CA ILE G 163 -28.43 -48.13 48.96
C ILE G 163 -29.81 -48.68 48.65
N LYS G 164 -30.53 -48.01 47.76
CA LYS G 164 -31.92 -48.36 47.48
C LYS G 164 -32.07 -49.59 46.57
N GLU G 165 -31.00 -50.09 45.95
CA GLU G 165 -31.09 -51.25 45.08
C GLU G 165 -30.62 -52.50 45.84
N ASP G 166 -30.67 -53.63 45.16
CA ASP G 166 -30.37 -54.90 45.79
C ASP G 166 -28.88 -55.04 46.06
N PHE G 167 -28.56 -55.93 47.01
CA PHE G 167 -27.18 -56.21 47.42
C PHE G 167 -26.49 -54.96 47.97
N LEU G 168 -27.28 -54.02 48.47
CA LEU G 168 -26.77 -52.78 49.04
C LEU G 168 -27.16 -52.70 50.52
N GLY G 169 -26.92 -51.55 51.13
CA GLY G 169 -27.25 -51.37 52.53
C GLY G 169 -26.19 -51.95 53.45
N ALA G 170 -26.64 -52.45 54.60
CA ALA G 170 -25.72 -52.99 55.58
C ALA G 170 -25.01 -54.24 55.05
N ILE G 171 -23.74 -54.37 55.42
CA ILE G 171 -22.96 -55.57 55.09
C ILE G 171 -22.14 -55.98 56.30
N SER H 3 82.46 6.78 21.42
CA SER H 3 81.57 7.85 21.82
C SER H 3 80.77 8.38 20.62
N ALA H 4 81.49 8.95 19.65
CA ALA H 4 80.89 9.48 18.44
C ALA H 4 80.92 8.43 17.34
N LEU H 5 79.81 8.28 16.64
CA LEU H 5 79.67 7.22 15.64
C LEU H 5 79.98 7.70 14.23
N PHE H 6 80.03 9.01 14.01
CA PHE H 6 80.31 9.55 12.69
C PHE H 6 80.77 10.98 12.87
N ASP H 7 81.71 11.42 12.03
CA ASP H 7 82.23 12.77 12.11
C ASP H 7 82.73 13.18 10.74
N ASP H 8 82.44 14.41 10.36
CA ASP H 8 82.83 14.93 9.05
C ASP H 8 82.58 16.44 9.04
N ILE H 9 82.99 17.09 7.96
CA ILE H 9 82.78 18.50 7.75
C ILE H 9 82.10 18.69 6.40
N PHE H 10 81.01 19.44 6.39
CA PHE H 10 80.18 19.57 5.20
C PHE H 10 80.14 21.03 4.76
N THR H 11 80.03 21.23 3.46
CA THR H 11 79.83 22.55 2.87
C THR H 11 78.44 22.62 2.28
N VAL H 12 77.67 23.62 2.68
CA VAL H 12 76.28 23.72 2.29
C VAL H 12 76.19 24.17 0.84
N GLN H 13 75.55 23.35 0.01
CA GLN H 13 75.35 23.70 -1.39
C GLN H 13 74.09 24.53 -1.59
N THR H 14 72.96 24.05 -1.09
CA THR H 14 71.67 24.69 -1.29
C THR H 14 70.96 24.81 0.04
N VAL H 15 70.24 25.92 0.20
CA VAL H 15 69.36 26.14 1.35
C VAL H 15 67.98 26.45 0.81
N ASP H 16 67.00 25.62 1.15
CA ASP H 16 65.64 25.76 0.63
C ASP H 16 64.70 26.04 1.79
N ASN H 17 64.13 27.24 1.79
CA ASN H 17 63.09 27.56 2.76
C ASN H 17 61.74 27.01 2.33
N GLY H 18 61.33 27.34 1.11
CA GLY H 18 60.11 26.79 0.54
C GLY H 18 58.85 27.16 1.27
N ARG H 19 58.03 26.17 1.61
CA ARG H 19 56.72 26.44 2.19
C ARG H 19 56.84 27.07 3.57
N TYR H 20 57.81 26.64 4.36
CA TYR H 20 57.86 26.94 5.78
C TYR H 20 58.64 28.23 6.05
N ASN H 21 58.53 28.71 7.28
CA ASN H 21 59.25 29.89 7.74
C ASN H 21 60.36 29.57 8.72
N LYS H 22 60.17 28.56 9.57
CA LYS H 22 61.13 28.23 10.61
C LYS H 22 61.97 27.00 10.28
N VAL H 23 61.82 26.43 9.10
CA VAL H 23 62.49 25.18 8.76
C VAL H 23 63.15 25.34 7.40
N SER H 24 64.40 24.90 7.29
CA SER H 24 65.16 24.98 6.04
C SER H 24 65.75 23.61 5.72
N ARG H 25 65.71 23.25 4.45
CA ARG H 25 66.43 22.10 3.92
C ARG H 25 67.81 22.54 3.47
N ILE H 26 68.85 21.89 3.98
CA ILE H 26 70.22 22.16 3.54
C ILE H 26 70.80 20.87 2.96
N ILE H 27 71.57 21.02 1.89
CA ILE H 27 72.25 19.91 1.24
C ILE H 27 73.74 20.17 1.29
N GLY H 28 74.49 19.18 1.75
CA GLY H 28 75.92 19.33 1.90
C GLY H 28 76.66 18.09 1.47
N ILE H 29 77.89 18.29 1.01
CA ILE H 29 78.79 17.21 0.63
C ILE H 29 80.05 17.33 1.46
N SER H 30 80.57 16.19 1.88
CA SER H 30 81.75 16.18 2.72
C SER H 30 82.96 16.70 1.97
N THR H 31 83.78 17.51 2.64
CA THR H 31 84.97 18.06 2.01
C THR H 31 86.05 16.99 1.87
N THR H 32 86.23 16.16 2.89
CA THR H 32 87.27 15.14 2.85
C THR H 32 86.93 13.97 1.95
N ASN H 33 85.66 13.80 1.60
CA ASN H 33 85.22 12.62 0.86
C ASN H 33 83.94 12.96 0.11
N SER H 34 84.01 13.03 -1.21
CA SER H 34 82.79 13.20 -1.99
C SER H 34 81.96 11.93 -1.91
N ALA H 35 80.83 11.93 -2.61
CA ALA H 35 79.85 10.84 -2.59
C ALA H 35 79.24 10.63 -1.22
N ILE H 36 79.48 11.54 -0.27
CA ILE H 36 78.78 11.57 1.00
C ILE H 36 77.89 12.80 0.99
N LYS H 37 76.58 12.59 1.04
CA LYS H 37 75.61 13.67 0.98
C LYS H 37 74.88 13.77 2.31
N LEU H 38 74.39 14.97 2.63
CA LEU H 38 73.60 15.20 3.82
C LEU H 38 72.44 16.12 3.46
N THR H 39 71.22 15.59 3.52
CA THR H 39 70.01 16.39 3.44
C THR H 39 69.43 16.48 4.84
N LEU H 40 69.10 17.69 5.27
CA LEU H 40 68.74 17.90 6.67
C LEU H 40 67.71 19.01 6.82
N ASP H 41 66.80 18.84 7.77
CA ASP H 41 65.94 19.91 8.23
C ASP H 41 66.54 20.55 9.48
N ILE H 42 66.57 21.88 9.51
CA ILE H 42 67.05 22.63 10.66
C ILE H 42 66.06 23.73 11.00
N ASN H 43 66.17 24.22 12.22
CA ASN H 43 65.36 25.33 12.68
C ASN H 43 66.08 26.64 12.36
N ASN H 44 65.48 27.48 11.52
CA ASN H 44 66.16 28.70 11.09
C ASN H 44 66.41 29.64 12.25
N GLU H 45 65.42 29.80 13.13
CA GLU H 45 65.50 30.82 14.17
C GLU H 45 66.56 30.51 15.21
N MET H 46 66.94 29.25 15.37
CA MET H 46 67.93 28.87 16.38
C MET H 46 69.31 28.65 15.79
N PHE H 47 69.41 28.02 14.63
CA PHE H 47 70.68 27.78 13.96
C PHE H 47 70.57 28.22 12.50
N PRO H 48 70.57 29.52 12.25
CA PRO H 48 70.49 29.99 10.87
C PRO H 48 71.78 29.67 10.12
N VAL H 49 71.64 29.26 8.86
CA VAL H 49 72.77 28.92 8.01
C VAL H 49 72.62 29.65 6.69
N SER H 50 73.75 29.79 6.00
CA SER H 50 73.81 30.42 4.70
C SER H 50 74.52 29.49 3.73
N GLN H 51 74.39 29.80 2.44
CA GLN H 51 75.02 28.99 1.41
C GLN H 51 76.55 29.04 1.55
N ASP H 52 77.18 27.92 1.19
CA ASP H 52 78.64 27.78 1.22
C ASP H 52 79.22 27.85 2.62
N ASP H 53 78.40 27.64 3.65
CA ASP H 53 78.91 27.55 5.01
C ASP H 53 79.59 26.22 5.23
N SER H 54 80.44 26.16 6.25
CA SER H 54 81.12 24.94 6.65
C SER H 54 80.57 24.50 7.99
N LEU H 55 80.06 23.27 8.04
CA LEU H 55 79.43 22.73 9.23
C LEU H 55 80.17 21.48 9.67
N THR H 56 80.44 21.37 10.97
CA THR H 56 81.00 20.16 11.54
C THR H 56 79.87 19.31 12.08
N VAL H 57 79.59 18.19 11.43
CA VAL H 57 78.46 17.33 11.78
C VAL H 57 79.01 16.09 12.47
N THR H 58 78.42 15.76 13.62
CA THR H 58 78.80 14.59 14.38
C THR H 58 77.54 13.82 14.76
N LEU H 59 77.60 12.51 14.66
CA LEU H 59 76.48 11.65 15.04
C LEU H 59 76.91 10.75 16.18
N ALA H 60 76.14 10.74 17.26
CA ALA H 60 76.46 9.95 18.42
C ALA H 60 75.23 9.19 18.86
N ASN H 61 75.45 8.06 19.53
CA ASN H 61 74.36 7.28 20.11
C ASN H 61 74.10 7.64 21.56
N SER H 62 74.91 8.50 22.15
CA SER H 62 74.71 8.95 23.52
C SER H 62 75.52 10.21 23.75
N LEU H 63 75.03 11.08 24.64
CA LEU H 63 75.71 12.32 24.94
C LEU H 63 76.61 12.22 26.16
N SER H 64 76.69 11.06 26.79
CA SER H 64 77.49 10.91 28.00
C SER H 64 78.99 10.95 27.65
N LEU H 65 79.79 11.16 28.69
CA LEU H 65 81.24 11.22 28.53
C LEU H 65 81.94 10.15 29.36
N LYS H 76 64.40 7.52 32.73
CA LYS H 76 64.28 7.77 31.30
C LYS H 76 63.59 9.10 31.03
N SER H 77 62.86 9.59 32.02
CA SER H 77 62.16 10.86 31.86
C SER H 77 63.15 12.00 31.69
N TRP H 78 62.92 12.83 30.68
CA TRP H 78 63.79 13.97 30.44
C TRP H 78 63.64 15.00 31.55
N ARG H 79 64.75 15.65 31.89
CA ARG H 79 64.77 16.71 32.88
C ARG H 79 65.59 17.86 32.35
N PRO H 80 65.27 19.09 32.73
CA PRO H 80 66.12 20.21 32.36
C PRO H 80 67.54 20.00 32.86
N PRO H 81 68.54 20.26 32.03
CA PRO H 81 69.92 19.94 32.43
C PRO H 81 70.40 20.87 33.53
N LYS H 82 70.98 20.28 34.57
CA LYS H 82 71.60 21.08 35.61
C LYS H 82 72.83 21.80 35.06
N PRO H 83 73.09 23.04 35.50
CA PRO H 83 74.30 23.73 35.03
C PRO H 83 75.59 23.04 35.45
N THR H 84 75.56 22.23 36.50
CA THR H 84 76.78 21.62 37.00
C THR H 84 77.24 20.45 36.14
N ASP H 85 76.32 19.67 35.57
CA ASP H 85 76.72 18.51 34.81
C ASP H 85 77.25 18.91 33.43
N LYS H 86 78.11 18.07 32.88
CA LYS H 86 78.70 18.30 31.57
C LYS H 86 78.45 17.09 30.68
N SER H 87 78.19 17.36 29.41
CA SER H 87 77.88 16.31 28.45
C SER H 87 78.55 16.65 27.13
N LEU H 88 78.41 15.74 26.16
CA LEU H 88 79.04 15.93 24.86
C LEU H 88 78.50 17.17 24.14
N ALA H 89 77.27 17.57 24.46
CA ALA H 89 76.65 18.69 23.77
C ALA H 89 77.26 20.04 24.11
N ASP H 90 78.15 20.10 25.09
CA ASP H 90 78.75 21.37 25.49
C ASP H 90 79.67 21.95 24.44
N ASP H 91 80.06 21.17 23.43
CA ASP H 91 81.03 21.61 22.44
C ASP H 91 80.38 22.05 21.13
N TYR H 92 79.06 21.99 21.02
CA TYR H 92 78.38 22.19 19.76
C TYR H 92 77.30 23.25 19.91
N ASP H 93 76.81 23.74 18.77
CA ASP H 93 75.86 24.83 18.73
C ASP H 93 74.43 24.40 18.47
N TYR H 94 74.21 23.14 18.09
CA TYR H 94 72.89 22.70 17.68
C TYR H 94 72.83 21.19 17.81
N VAL H 95 72.03 20.69 18.75
CA VAL H 95 71.93 19.27 19.02
C VAL H 95 70.47 18.85 18.83
N MET H 96 70.27 17.75 18.11
CA MET H 96 68.95 17.18 17.89
C MET H 96 68.99 15.71 18.23
N PHE H 97 67.82 15.15 18.52
CA PHE H 97 67.68 13.75 18.86
C PHE H 97 66.56 13.15 18.04
N GLY H 98 66.83 12.03 17.37
CA GLY H 98 65.85 11.44 16.49
C GLY H 98 65.96 9.93 16.44
N THR H 99 65.04 9.32 15.71
CA THR H 99 64.97 7.88 15.55
C THR H 99 65.29 7.49 14.12
N VAL H 100 66.07 6.43 13.96
CA VAL H 100 66.41 5.93 12.64
C VAL H 100 65.29 5.01 12.16
N TYR H 101 64.62 5.40 11.08
CA TYR H 101 63.48 4.64 10.59
C TYR H 101 63.75 3.92 9.27
N LYS H 102 64.98 3.96 8.76
CA LYS H 102 65.30 3.25 7.54
C LYS H 102 66.82 3.19 7.40
N PHE H 103 67.34 1.99 7.14
CA PHE H 103 68.76 1.76 6.91
C PHE H 103 68.87 0.98 5.61
N GLU H 104 68.95 1.71 4.49
CA GLU H 104 68.90 1.08 3.17
C GLU H 104 70.27 0.50 2.84
N GLU H 105 70.40 -0.82 3.00
CA GLU H 105 71.57 -1.54 2.53
C GLU H 105 71.44 -1.71 1.02
N GLY H 106 71.84 -0.65 0.31
CA GLY H 106 71.59 -0.55 -1.11
C GLY H 106 72.59 -1.29 -1.96
N ASP H 107 73.19 -0.58 -2.92
CA ASP H 107 74.09 -1.19 -3.89
C ASP H 107 75.43 -1.50 -3.22
N GLU H 108 76.45 -1.76 -4.03
CA GLU H 108 77.75 -2.24 -3.55
C GLU H 108 78.28 -1.39 -2.40
N ASP H 109 78.26 -0.07 -2.58
CA ASP H 109 78.72 0.81 -1.50
C ASP H 109 77.81 2.03 -1.33
N LYS H 110 76.54 1.92 -1.66
CA LYS H 110 75.59 3.02 -1.51
C LYS H 110 74.67 2.69 -0.34
N ILE H 111 74.87 3.39 0.77
CA ILE H 111 74.09 3.19 1.99
C ILE H 111 73.37 4.48 2.32
N LYS H 112 72.07 4.40 2.56
CA LYS H 112 71.26 5.54 2.94
C LYS H 112 70.70 5.32 4.34
N VAL H 113 70.82 6.33 5.19
CA VAL H 113 70.28 6.30 6.54
C VAL H 113 69.27 7.43 6.66
N TYR H 114 68.02 7.07 6.99
CA TYR H 114 66.97 8.05 7.18
C TYR H 114 66.71 8.21 8.67
N VAL H 115 66.76 9.44 9.15
CA VAL H 115 66.56 9.75 10.56
C VAL H 115 65.53 10.87 10.66
N SER H 116 64.60 10.74 11.60
CA SER H 116 63.53 11.72 11.79
C SER H 116 63.66 12.31 13.18
N PHE H 117 63.96 13.60 13.27
CA PHE H 117 64.05 14.30 14.55
C PHE H 117 62.71 14.94 14.85
N GLY H 118 61.76 14.10 15.24
CA GLY H 118 60.42 14.58 15.54
C GLY H 118 59.71 15.21 14.37
N GLY H 119 59.88 14.66 13.18
CA GLY H 119 59.29 15.22 11.98
C GLY H 119 60.25 15.99 11.10
N LEU H 120 61.41 16.35 11.61
CA LEU H 120 62.44 17.02 10.82
C LEU H 120 63.40 15.95 10.31
N LEU H 121 63.44 15.80 8.99
CA LEU H 121 64.02 14.62 8.37
C LEU H 121 65.46 14.83 7.95
N MET H 122 66.24 13.76 8.02
CA MET H 122 67.63 13.76 7.58
C MET H 122 67.90 12.50 6.79
N CYS H 123 68.63 12.63 5.68
CA CYS H 123 69.08 11.50 4.89
C CYS H 123 70.58 11.60 4.69
N LEU H 124 71.30 10.52 4.94
CA LEU H 124 72.75 10.50 4.86
C LEU H 124 73.19 9.41 3.89
N GLU H 125 73.70 9.83 2.75
CA GLU H 125 74.23 8.91 1.73
C GLU H 125 75.74 8.78 1.91
N GLY H 126 76.24 7.56 1.79
CA GLY H 126 77.66 7.36 1.92
C GLY H 126 78.03 5.90 1.72
N GLY H 127 79.32 5.63 1.81
CA GLY H 127 79.80 4.28 1.67
C GLY H 127 79.53 3.44 2.90
N TYR H 128 79.63 2.12 2.73
CA TYR H 128 79.33 1.21 3.83
C TYR H 128 80.31 1.37 4.97
N LYS H 129 81.59 1.58 4.67
CA LYS H 129 82.60 1.63 5.71
C LYS H 129 82.36 2.82 6.65
N SER H 130 81.95 3.96 6.10
CA SER H 130 81.73 5.14 6.93
C SER H 130 80.49 4.99 7.79
N LEU H 131 79.40 4.47 7.22
CA LEU H 131 78.11 4.45 7.89
C LEU H 131 77.75 3.09 8.45
N ALA H 132 78.72 2.19 8.61
CA ALA H 132 78.41 0.86 9.15
C ALA H 132 77.90 0.96 10.59
N SER H 133 78.52 1.82 11.40
CA SER H 133 78.17 1.91 12.81
C SER H 133 76.85 2.64 13.07
N LEU H 134 76.24 3.23 12.04
CA LEU H 134 75.02 4.01 12.21
C LEU H 134 73.77 3.17 12.22
N LYS H 135 73.88 1.87 12.53
CA LYS H 135 72.72 0.99 12.59
C LYS H 135 72.21 0.94 14.04
N GLN H 136 71.68 2.08 14.49
CA GLN H 136 71.17 2.22 15.84
C GLN H 136 69.70 2.63 15.78
N ASP H 137 69.01 2.43 16.90
CA ASP H 137 67.61 2.85 16.98
C ASP H 137 67.49 4.37 17.01
N ASN H 138 68.27 5.04 17.85
CA ASN H 138 68.19 6.48 18.01
C ASN H 138 69.58 7.10 17.88
N LEU H 139 69.62 8.31 17.33
CA LEU H 139 70.88 9.00 17.08
C LEU H 139 70.75 10.46 17.49
N TYR H 140 71.82 11.00 18.06
CA TYR H 140 71.99 12.43 18.24
C TYR H 140 72.79 12.98 17.08
N ILE H 141 72.41 14.14 16.58
CA ILE H 141 73.20 14.86 15.59
C ILE H 141 73.68 16.15 16.22
N LEU H 142 74.98 16.41 16.14
CA LEU H 142 75.59 17.55 16.78
C LEU H 142 76.25 18.40 15.70
N ILE H 143 75.82 19.65 15.57
CA ILE H 143 76.26 20.54 14.51
C ILE H 143 76.99 21.72 15.12
N ARG H 144 78.17 22.02 14.59
CA ARG H 144 78.99 23.11 15.08
C ARG H 144 79.33 24.04 13.92
N ARG H 145 79.29 25.34 14.19
CA ARG H 145 79.72 26.34 13.23
C ARG H 145 80.14 27.62 13.92
N SER I 3 -5.60 23.48 -50.88
CA SER I 3 -6.82 24.23 -51.17
C SER I 3 -7.79 23.37 -51.98
N PHE I 4 -8.96 23.13 -51.41
CA PHE I 4 -10.01 22.34 -52.06
C PHE I 4 -11.24 23.22 -52.29
N ARG I 5 -11.98 22.88 -53.34
CA ARG I 5 -13.14 23.66 -53.75
C ARG I 5 -14.43 23.11 -53.15
N PHE I 6 -15.49 23.89 -53.27
CA PHE I 6 -16.80 23.55 -52.77
C PHE I 6 -17.85 23.78 -53.86
N CYS I 7 -19.02 23.19 -53.66
CA CYS I 7 -20.12 23.35 -54.61
C CYS I 7 -20.52 24.82 -54.70
N LEU I 8 -20.76 25.29 -55.92
CA LEU I 8 -21.09 26.70 -56.13
C LEU I 8 -22.53 27.03 -55.81
N GLU I 9 -23.39 26.01 -55.66
CA GLU I 9 -24.79 26.23 -55.31
C GLU I 9 -25.21 25.57 -54.01
N CYS I 10 -24.47 24.59 -53.51
CA CYS I 10 -24.78 23.95 -52.24
C CYS I 10 -23.77 24.28 -51.15
N ASN I 11 -22.61 24.84 -51.51
CA ASN I 11 -21.51 25.23 -50.63
C ASN I 11 -20.88 24.03 -49.91
N ASN I 12 -21.37 22.82 -50.13
CA ASN I 12 -20.78 21.66 -49.50
C ASN I 12 -19.50 21.26 -50.23
N MET I 13 -18.74 20.38 -49.59
CA MET I 13 -17.45 19.97 -50.14
C MET I 13 -17.63 19.05 -51.34
N LEU I 14 -16.86 19.29 -52.38
CA LEU I 14 -16.90 18.47 -53.58
C LEU I 14 -15.87 17.35 -53.45
N TYR I 15 -16.33 16.12 -53.68
CA TYR I 15 -15.46 14.96 -53.56
C TYR I 15 -15.04 14.46 -54.95
N PRO I 16 -13.80 13.99 -55.09
CA PRO I 16 -13.36 13.49 -56.39
C PRO I 16 -14.13 12.25 -56.81
N LYS I 17 -14.33 12.11 -58.11
CA LYS I 17 -15.04 10.97 -58.67
C LYS I 17 -14.48 10.68 -60.05
N GLU I 18 -14.64 9.44 -60.49
CA GLU I 18 -14.17 8.98 -61.78
C GLU I 18 -15.34 8.48 -62.61
N ASP I 19 -15.42 8.92 -63.86
CA ASP I 19 -16.45 8.47 -64.79
C ASP I 19 -15.93 7.23 -65.50
N LYS I 20 -16.61 6.10 -65.32
CA LYS I 20 -16.17 4.85 -65.94
C LYS I 20 -16.24 4.94 -67.46
N GLU I 21 -17.31 5.51 -68.00
CA GLU I 21 -17.47 5.56 -69.44
C GLU I 21 -16.54 6.60 -70.08
N ASN I 22 -16.23 7.68 -69.36
CA ASN I 22 -15.42 8.75 -69.92
C ASN I 22 -13.97 8.70 -69.51
N GLN I 23 -13.63 7.95 -68.46
CA GLN I 23 -12.26 7.87 -67.95
C GLN I 23 -11.70 9.26 -67.63
N ARG I 24 -12.50 10.04 -66.91
CA ARG I 24 -12.12 11.38 -66.52
C ARG I 24 -12.38 11.58 -65.03
N LEU I 25 -11.58 12.46 -64.42
CA LEU I 25 -11.72 12.78 -63.01
C LEU I 25 -12.65 13.96 -62.83
N LEU I 26 -13.60 13.81 -61.90
CA LEU I 26 -14.60 14.84 -61.65
C LEU I 26 -14.74 15.04 -60.16
N TYR I 27 -15.19 16.24 -59.79
CA TYR I 27 -15.50 16.58 -58.41
C TYR I 27 -17.01 16.72 -58.28
N SER I 28 -17.62 15.86 -57.47
CA SER I 28 -19.07 15.81 -57.36
C SER I 28 -19.49 16.01 -55.92
N CYS I 29 -20.49 16.88 -55.72
CA CYS I 29 -21.12 17.03 -54.43
C CYS I 29 -21.94 15.79 -54.10
N ARG I 30 -22.22 15.61 -52.82
CA ARG I 30 -23.00 14.46 -52.37
C ARG I 30 -24.44 14.77 -52.04
N ASN I 31 -24.74 16.01 -51.67
CA ASN I 31 -26.11 16.44 -51.41
C ASN I 31 -26.78 17.04 -52.65
N CYS I 32 -26.08 17.07 -53.78
CA CYS I 32 -26.59 17.68 -54.98
C CYS I 32 -25.93 17.01 -56.19
N ASP I 33 -26.56 17.21 -57.35
CA ASP I 33 -26.09 16.58 -58.58
C ASP I 33 -25.00 17.39 -59.27
N TYR I 34 -24.57 18.51 -58.68
CA TYR I 34 -23.54 19.34 -59.29
C TYR I 34 -22.25 18.55 -59.44
N THR I 35 -21.61 18.70 -60.60
CA THR I 35 -20.34 18.04 -60.89
C THR I 35 -19.52 18.96 -61.79
N GLU I 36 -18.24 19.08 -61.48
CA GLU I 36 -17.34 19.95 -62.22
C GLU I 36 -16.08 19.18 -62.60
N LEU I 37 -15.52 19.51 -63.76
CA LEU I 37 -14.35 18.80 -64.26
C LEU I 37 -13.12 19.12 -63.42
N ALA I 38 -12.30 18.09 -63.20
CA ALA I 38 -11.08 18.26 -62.44
C ALA I 38 -9.95 18.69 -63.37
N GLU I 39 -9.19 19.70 -62.94
CA GLU I 39 -8.09 20.20 -63.75
C GLU I 39 -6.78 19.48 -63.45
N ASP I 40 -6.49 19.21 -62.18
CA ASP I 40 -5.22 18.61 -61.81
C ASP I 40 -5.40 17.14 -61.41
N PRO I 41 -4.41 16.29 -61.71
CA PRO I 41 -4.52 14.88 -61.32
C PRO I 41 -4.12 14.60 -59.87
N LYS I 42 -3.53 15.57 -59.17
CA LYS I 42 -3.07 15.36 -57.80
C LYS I 42 -4.28 15.35 -56.88
N VAL I 43 -4.86 14.15 -56.71
CA VAL I 43 -6.04 14.02 -55.86
C VAL I 43 -5.70 14.26 -54.40
N TYR I 44 -4.59 13.69 -53.94
CA TYR I 44 -4.23 13.74 -52.53
C TYR I 44 -2.72 13.79 -52.40
N ARG I 45 -2.23 14.57 -51.43
CA ARG I 45 -0.81 14.68 -51.17
C ARG I 45 -0.58 14.74 -49.66
N HIS I 46 0.39 13.96 -49.19
CA HIS I 46 0.76 13.93 -47.78
C HIS I 46 2.27 14.09 -47.68
N GLU I 47 2.72 15.05 -46.87
CA GLU I 47 4.14 15.34 -46.71
C GLU I 47 4.63 14.71 -45.41
N LEU I 48 5.58 13.78 -45.53
CA LEU I 48 6.17 13.18 -44.34
C LEU I 48 7.08 14.16 -43.62
N ILE I 49 7.87 14.92 -44.37
CA ILE I 49 8.73 15.97 -43.83
C ILE I 49 8.31 17.28 -44.48
N THR I 50 7.96 18.27 -43.66
CA THR I 50 7.41 19.52 -44.14
C THR I 50 8.21 20.70 -43.62
N ASN I 51 8.15 21.81 -44.36
CA ASN I 51 8.85 23.03 -44.01
C ASN I 51 7.94 24.23 -43.85
N ILE I 52 6.64 24.07 -44.10
CA ILE I 52 5.71 25.18 -43.95
C ILE I 52 5.58 25.54 -42.48
N GLY I 53 5.31 26.83 -42.21
CA GLY I 53 5.30 27.35 -40.86
C GLY I 53 6.65 27.82 -40.38
N GLU I 54 7.70 27.74 -41.21
CA GLU I 54 9.03 28.19 -40.82
C GLU I 54 9.21 29.67 -41.12
N THR I 55 8.95 30.08 -42.36
CA THR I 55 9.06 31.48 -42.75
C THR I 55 7.70 32.14 -42.99
N ALA I 56 6.61 31.38 -42.95
CA ALA I 56 5.29 31.95 -43.17
C ALA I 56 4.86 32.87 -42.03
N GLY I 57 5.46 32.72 -40.86
CA GLY I 57 5.10 33.55 -39.72
C GLY I 57 5.65 34.96 -39.84
N ILE I 58 5.12 35.74 -40.77
CA ILE I 58 5.56 37.10 -41.02
C ILE I 58 4.36 38.03 -40.95
N VAL I 59 4.55 39.18 -40.31
CA VAL I 59 3.54 40.24 -40.26
C VAL I 59 4.21 41.55 -40.67
N ASP I 60 3.40 42.47 -41.18
CA ASP I 60 3.94 43.72 -41.68
C ASP I 60 4.45 44.62 -40.56
N ASP I 61 3.84 44.55 -39.38
CA ASP I 61 4.18 45.42 -38.26
C ASP I 61 5.08 44.72 -37.23
N ILE I 62 5.89 43.76 -37.67
CA ILE I 62 6.83 43.12 -36.76
C ILE I 62 7.95 44.06 -36.35
N GLY I 63 8.13 45.17 -37.07
CA GLY I 63 9.15 46.14 -36.69
C GLY I 63 8.77 47.06 -35.57
N GLN I 64 7.54 46.94 -35.05
CA GLN I 64 7.06 47.74 -33.95
C GLN I 64 7.24 47.06 -32.60
N ASP I 65 7.78 45.84 -32.58
CA ASP I 65 8.00 45.13 -31.34
C ASP I 65 9.28 45.64 -30.68
N PRO I 66 9.23 46.18 -29.46
CA PRO I 66 10.45 46.67 -28.81
C PRO I 66 11.31 45.57 -28.22
N THR I 67 10.76 44.38 -27.99
CA THR I 67 11.50 43.30 -27.36
C THR I 67 12.38 42.53 -28.34
N LEU I 68 12.31 42.83 -29.63
CA LEU I 68 13.05 42.13 -30.66
C LEU I 68 14.42 42.78 -30.86
N PRO I 69 15.47 41.98 -30.96
CA PRO I 69 16.81 42.55 -31.18
C PRO I 69 16.94 43.21 -32.54
N ARG I 70 17.75 44.26 -32.59
CA ARG I 70 17.98 45.03 -33.80
C ARG I 70 19.43 44.86 -34.25
N SER I 71 19.62 44.49 -35.51
CA SER I 71 20.94 44.23 -36.07
C SER I 71 21.23 45.21 -37.19
N ASP I 72 22.40 45.05 -37.82
CA ASP I 72 22.84 45.91 -38.91
C ASP I 72 23.13 45.13 -40.19
N LYS I 73 22.48 43.99 -40.38
CA LYS I 73 22.65 43.24 -41.62
C LYS I 73 22.08 44.01 -42.80
N GLU I 74 22.71 43.83 -43.96
CA GLU I 74 22.34 44.58 -45.15
C GLU I 74 21.14 43.94 -45.84
N CYS I 75 20.13 44.74 -46.11
CA CYS I 75 18.93 44.26 -46.77
C CYS I 75 19.19 44.10 -48.28
N PRO I 76 18.90 42.94 -48.86
CA PRO I 76 19.06 42.78 -50.32
C PRO I 76 18.19 43.74 -51.12
N GLU I 77 17.00 44.09 -50.62
CA GLU I 77 16.09 44.93 -51.38
C GLU I 77 16.30 46.42 -51.10
N CYS I 78 16.18 46.83 -49.84
CA CYS I 78 16.26 48.24 -49.48
C CYS I 78 17.68 48.70 -49.16
N HIS I 79 18.57 47.78 -48.78
CA HIS I 79 19.93 48.12 -48.36
C HIS I 79 19.93 49.10 -47.19
N SER I 80 18.99 48.89 -46.26
CA SER I 80 18.92 49.73 -45.07
C SER I 80 19.96 49.30 -44.05
N ARG I 81 20.29 50.22 -43.15
CA ARG I 81 21.26 49.96 -42.09
C ARG I 81 20.63 49.36 -40.84
N ASP I 82 19.31 49.34 -40.75
CA ASP I 82 18.60 48.86 -39.58
C ASP I 82 17.74 47.66 -39.96
N CYS I 83 17.83 46.60 -39.18
CA CYS I 83 17.05 45.40 -39.44
C CYS I 83 16.74 44.70 -38.14
N VAL I 84 15.71 43.87 -38.17
CA VAL I 84 15.25 43.10 -37.02
C VAL I 84 15.28 41.62 -37.40
N PHE I 85 15.87 40.80 -36.55
CA PHE I 85 16.04 39.38 -36.84
C PHE I 85 15.41 38.53 -35.75
N PHE I 86 14.99 37.32 -36.13
CA PHE I 86 14.42 36.35 -35.21
C PHE I 86 14.65 34.96 -35.76
N GLN I 87 14.56 33.97 -34.87
CA GLN I 87 14.73 32.59 -35.29
C GLN I 87 13.40 32.03 -35.77
N SER I 88 13.40 30.75 -36.16
CA SER I 88 12.23 30.14 -36.78
C SER I 88 11.04 30.12 -35.83
N GLN I 89 9.87 30.49 -36.36
CA GLN I 89 8.65 30.44 -35.56
C GLN I 89 8.21 29.01 -35.30
N GLN I 90 8.41 28.12 -36.28
CA GLN I 90 8.17 26.71 -36.05
C GLN I 90 9.08 26.21 -34.95
N ARG I 91 8.50 25.52 -33.97
CA ARG I 91 9.21 25.15 -32.75
C ARG I 91 9.08 23.66 -32.47
N ARG I 92 9.35 22.85 -33.49
CA ARG I 92 9.53 21.42 -33.27
C ARG I 92 10.85 21.17 -32.54
N LYS I 93 10.95 19.98 -31.96
CA LYS I 93 12.13 19.64 -31.16
C LYS I 93 13.41 19.58 -32.00
N ASP I 94 13.30 19.33 -33.30
CA ASP I 94 14.45 19.23 -34.19
C ASP I 94 14.58 20.44 -35.11
N THR I 95 14.06 21.59 -34.67
CA THR I 95 14.08 22.79 -35.50
C THR I 95 15.49 23.38 -35.56
N ASN I 96 15.87 23.85 -36.75
CA ASN I 96 17.13 24.55 -36.91
C ASN I 96 17.06 25.92 -36.24
N MET I 97 18.23 26.48 -35.94
CA MET I 97 18.35 27.75 -35.25
C MET I 97 18.66 28.90 -36.19
N THR I 98 18.39 28.75 -37.48
CA THR I 98 18.71 29.80 -38.45
C THR I 98 17.87 31.04 -38.19
N LEU I 99 18.47 32.20 -38.47
CA LEU I 99 17.84 33.49 -38.23
C LEU I 99 17.16 34.01 -39.50
N PHE I 100 16.06 34.72 -39.30
CA PHE I 100 15.34 35.39 -40.38
C PHE I 100 15.37 36.88 -40.14
N TYR I 101 15.91 37.63 -41.10
CA TYR I 101 16.12 39.06 -40.97
C TYR I 101 15.06 39.82 -41.75
N VAL I 102 14.45 40.80 -41.09
CA VAL I 102 13.37 41.59 -41.67
C VAL I 102 13.78 43.06 -41.63
N CYS I 103 13.75 43.70 -42.78
CA CYS I 103 14.03 45.13 -42.87
C CYS I 103 12.77 45.93 -42.54
N LEU I 104 12.97 47.22 -42.25
CA LEU I 104 11.87 48.08 -41.85
C LEU I 104 11.14 48.72 -43.02
N ASN I 105 11.67 48.62 -44.24
CA ASN I 105 11.02 49.19 -45.42
C ASN I 105 10.33 48.12 -46.26
N CYS I 106 11.09 47.13 -46.72
CA CYS I 106 10.56 46.11 -47.61
C CYS I 106 10.07 44.86 -46.88
N LYS I 107 10.55 44.63 -45.65
CA LYS I 107 10.09 43.53 -44.82
C LYS I 107 10.39 42.16 -45.44
N LYS I 108 11.37 42.10 -46.34
CA LYS I 108 11.73 40.83 -46.96
C LYS I 108 12.46 39.94 -45.96
N THR I 109 12.07 38.68 -45.92
CA THR I 109 12.69 37.69 -45.04
C THR I 109 13.82 36.99 -45.77
N PHE I 110 15.01 37.00 -45.17
CA PHE I 110 16.19 36.38 -45.77
C PHE I 110 17.06 35.83 -44.66
N ARG I 111 18.10 35.11 -45.05
CA ARG I 111 19.02 34.48 -44.11
C ARG I 111 20.45 34.86 -44.44
N ASP I 112 21.36 34.53 -43.53
CA ASP I 112 22.79 34.77 -43.70
C ASP I 112 23.50 33.59 -44.35
N GLU I 113 22.78 32.53 -44.68
CA GLU I 113 23.39 31.35 -45.28
C GLU I 113 23.98 31.65 -46.65
N MET J 1 13.97 49.49 25.50
CA MET J 1 12.85 49.99 26.26
C MET J 1 13.26 51.25 27.01
N ILE J 2 14.41 51.16 27.68
CA ILE J 2 15.01 52.28 28.38
C ILE J 2 16.50 52.03 28.44
N ILE J 3 17.28 53.10 28.49
CA ILE J 3 18.73 52.98 28.26
C ILE J 3 19.33 52.04 29.30
N PRO J 4 20.11 51.04 28.90
CA PRO J 4 20.68 50.10 29.87
C PRO J 4 21.65 50.78 30.81
N VAL J 5 21.72 50.26 32.03
CA VAL J 5 22.58 50.86 33.04
C VAL J 5 24.04 50.67 32.68
N ARG J 6 24.42 49.45 32.33
CA ARG J 6 25.80 49.11 32.03
C ARG J 6 25.93 48.64 30.59
N CYS J 7 27.08 48.93 29.99
CA CYS J 7 27.41 48.36 28.69
C CYS J 7 27.51 46.85 28.81
N PHE J 8 26.91 46.14 27.86
CA PHE J 8 26.85 44.68 27.94
C PHE J 8 28.25 44.07 27.90
N SER J 9 29.11 44.57 27.02
CA SER J 9 30.38 43.90 26.77
C SER J 9 31.36 44.09 27.92
N CYS J 10 31.69 45.33 28.24
CA CYS J 10 32.70 45.63 29.24
C CYS J 10 32.12 45.92 30.61
N GLY J 11 31.07 46.73 30.68
CA GLY J 11 30.45 47.06 31.94
C GLY J 11 30.51 48.51 32.33
N LYS J 12 30.95 49.39 31.42
CA LYS J 12 30.93 50.81 31.71
C LYS J 12 29.50 51.28 31.92
N VAL J 13 29.32 52.23 32.82
CA VAL J 13 27.99 52.76 33.12
C VAL J 13 27.64 53.77 32.03
N VAL J 14 26.67 53.44 31.20
CA VAL J 14 26.18 54.34 30.16
C VAL J 14 24.78 54.83 30.42
N GLY J 15 24.16 54.42 31.54
CA GLY J 15 22.79 54.80 31.80
C GLY J 15 22.59 56.24 32.21
N ASP J 16 23.65 56.95 32.55
CA ASP J 16 23.55 58.34 32.97
C ASP J 16 23.91 59.31 31.86
N LYS J 17 24.07 58.83 30.63
CA LYS J 17 24.50 59.66 29.52
C LYS J 17 23.44 59.81 28.43
N TRP J 18 22.24 59.28 28.64
CA TRP J 18 21.21 59.39 27.62
C TRP J 18 20.73 60.82 27.47
N ASP J 19 20.44 61.49 28.59
CA ASP J 19 19.97 62.87 28.52
C ASP J 19 21.03 63.80 27.96
N ALA J 20 22.29 63.62 28.37
CA ALA J 20 23.36 64.44 27.84
C ALA J 20 23.54 64.19 26.34
N TYR J 21 23.41 62.93 25.92
CA TYR J 21 23.51 62.62 24.50
C TYR J 21 22.42 63.30 23.70
N LEU J 22 21.18 63.28 24.20
CA LEU J 22 20.09 63.95 23.49
C LEU J 22 20.31 65.47 23.47
N ARG J 23 20.79 66.03 24.57
CA ARG J 23 21.08 67.47 24.58
C ARG J 23 22.14 67.83 23.56
N LEU J 24 23.19 67.02 23.46
CA LEU J 24 24.24 67.29 22.49
C LEU J 24 23.72 67.19 21.06
N LEU J 25 22.92 66.15 20.78
CA LEU J 25 22.35 66.03 19.44
C LEU J 25 21.42 67.18 19.13
N GLU J 26 20.76 67.74 20.15
CA GLU J 26 19.86 68.87 19.92
C GLU J 26 20.63 70.09 19.41
N GLU J 27 21.83 70.31 19.92
CA GLU J 27 22.65 71.45 19.52
C GLU J 27 23.28 71.30 18.15
N GLY J 28 23.00 70.25 17.39
CA GLY J 28 23.56 70.12 16.05
C GLY J 28 24.83 69.31 15.94
N LYS J 29 25.38 68.83 17.05
CA LYS J 29 26.56 67.98 16.99
C LYS J 29 26.25 66.68 16.29
N GLN J 30 27.24 66.16 15.56
CA GLN J 30 27.08 64.87 14.92
C GLN J 30 27.13 63.75 15.95
N GLU J 31 26.61 62.57 15.58
CA GLU J 31 26.53 61.47 16.52
C GLU J 31 27.90 61.02 16.98
N GLY J 32 28.87 60.93 16.06
CA GLY J 32 30.21 60.57 16.46
C GLY J 32 30.82 61.57 17.40
N ASP J 33 30.66 62.87 17.10
CA ASP J 33 31.19 63.89 17.98
C ASP J 33 30.50 63.90 19.33
N ALA J 34 29.18 63.67 19.35
CA ALA J 34 28.46 63.59 20.61
C ALA J 34 28.97 62.42 21.46
N LEU J 35 29.18 61.26 20.83
CA LEU J 35 29.68 60.12 21.58
C LEU J 35 31.11 60.35 22.06
N ASP J 36 31.92 61.05 21.27
CA ASP J 36 33.28 61.36 21.69
C ASP J 36 33.28 62.34 22.86
N GLU J 37 32.35 63.29 22.86
CA GLU J 37 32.32 64.29 23.92
C GLU J 37 31.92 63.67 25.25
N LEU J 38 31.19 62.57 25.23
CA LEU J 38 30.81 61.86 26.45
C LEU J 38 31.88 60.90 26.92
N LYS J 39 33.02 60.84 26.24
CA LYS J 39 34.14 59.97 26.60
C LYS J 39 33.73 58.50 26.51
N LEU J 40 33.15 58.13 25.36
CA LEU J 40 32.86 56.75 25.01
C LEU J 40 33.85 56.35 23.91
N LYS J 41 34.95 55.72 24.30
CA LYS J 41 36.02 55.39 23.36
C LYS J 41 35.77 54.06 22.67
N ARG J 42 35.60 53.00 23.46
CA ARG J 42 35.42 51.66 22.90
C ARG J 42 34.11 51.59 22.12
N TYR J 43 34.14 50.93 20.96
CA TYR J 43 32.94 50.86 20.16
C TYR J 43 31.89 49.96 20.77
N CYS J 44 32.28 49.08 21.68
CA CYS J 44 31.29 48.29 22.42
C CYS J 44 30.38 49.19 23.23
N CYS J 45 30.92 50.26 23.82
CA CYS J 45 30.09 51.23 24.52
C CYS J 45 29.33 52.11 23.55
N ARG J 46 29.95 52.47 22.42
CA ARG J 46 29.30 53.38 21.48
C ARG J 46 28.06 52.76 20.88
N ARG J 47 28.07 51.45 20.64
CA ARG J 47 26.88 50.82 20.09
C ARG J 47 25.71 50.83 21.06
N MET J 48 25.98 50.92 22.37
CA MET J 48 24.89 50.92 23.34
C MET J 48 24.06 52.18 23.24
N VAL J 49 24.71 53.34 23.11
CA VAL J 49 23.98 54.59 23.01
C VAL J 49 23.54 54.84 21.57
N LEU J 50 24.33 54.38 20.61
CA LEU J 50 24.03 54.68 19.21
C LEU J 50 22.81 53.91 18.72
N THR J 51 22.65 52.67 19.14
CA THR J 51 21.60 51.80 18.63
C THR J 51 20.44 51.61 19.60
N HIS J 52 20.37 52.41 20.65
CA HIS J 52 19.27 52.28 21.59
C HIS J 52 18.01 52.90 21.02
N VAL J 53 16.90 52.18 21.12
CA VAL J 53 15.58 52.68 20.75
C VAL J 53 14.76 52.87 22.02
N ASP J 54 14.19 54.06 22.16
CA ASP J 54 13.53 54.47 23.40
C ASP J 54 12.04 54.18 23.27
N LEU J 55 11.62 53.03 23.78
CA LEU J 55 10.24 52.61 23.66
C LEU J 55 9.38 53.04 24.83
N ILE J 56 9.97 53.42 25.95
CA ILE J 56 9.17 53.81 27.11
C ILE J 56 8.36 55.06 26.81
N GLU J 57 8.83 55.91 25.90
CA GLU J 57 8.05 57.08 25.50
C GLU J 57 6.78 56.68 24.80
N LYS J 58 6.70 55.47 24.26
CA LYS J 58 5.48 54.96 23.66
C LYS J 58 4.60 54.25 24.67
N PHE J 59 5.19 53.57 25.66
CA PHE J 59 4.39 52.94 26.70
C PHE J 59 3.76 53.96 27.62
N LEU J 60 4.40 55.10 27.82
CA LEU J 60 3.88 56.11 28.72
C LEU J 60 2.66 56.83 28.14
N ARG J 61 2.43 56.72 26.83
CA ARG J 61 1.30 57.41 26.25
C ARG J 61 -0.03 56.74 26.55
N TYR J 62 -0.02 55.54 27.13
CA TYR J 62 -1.24 54.87 27.51
C TYR J 62 -1.69 55.32 28.89
N ASN J 63 -2.99 55.50 29.04
CA ASN J 63 -3.56 56.02 30.27
C ASN J 63 -3.25 55.08 31.42
N PRO J 64 -2.74 55.56 32.55
CA PRO J 64 -2.41 54.67 33.66
C PRO J 64 -3.62 53.91 34.16
N LEU J 65 -3.37 52.67 34.57
CA LEU J 65 -4.43 51.75 34.95
C LEU J 65 -5.01 52.02 36.33
N GLU J 66 -4.38 52.88 37.13
CA GLU J 66 -4.84 53.21 38.46
C GLU J 66 -4.78 54.70 38.69
N LYS J 67 -5.41 55.16 39.76
CA LYS J 67 -5.36 56.56 40.15
C LYS J 67 -5.75 56.72 41.61
N MET K 1 16.48 26.21 35.66
CA MET K 1 15.89 25.01 36.23
C MET K 1 16.96 24.09 36.79
N ASN K 2 17.94 23.73 35.97
CA ASN K 2 19.08 22.91 36.40
C ASN K 2 20.33 23.74 36.61
N ALA K 3 20.23 25.06 36.53
CA ALA K 3 21.40 25.91 36.69
C ALA K 3 21.87 25.89 38.14
N PRO K 4 23.15 25.64 38.40
CA PRO K 4 23.63 25.62 39.77
C PRO K 4 23.74 27.03 40.35
N ASP K 5 23.81 27.10 41.67
CA ASP K 5 23.96 28.38 42.33
C ASP K 5 25.33 28.97 42.06
N ARG K 6 25.37 30.29 41.87
CA ARG K 6 26.62 30.94 41.49
C ARG K 6 27.64 30.94 42.62
N PHE K 7 27.18 30.92 43.87
CA PHE K 7 28.12 30.94 44.98
C PHE K 7 28.88 29.63 45.11
N GLU K 8 28.45 28.58 44.41
CA GLU K 8 29.18 27.32 44.46
C GLU K 8 30.51 27.40 43.74
N LEU K 9 30.79 28.48 43.03
CA LEU K 9 32.08 28.65 42.39
C LEU K 9 33.19 28.90 43.40
N PHE K 10 32.87 29.55 44.51
CA PHE K 10 33.88 29.94 45.49
C PHE K 10 33.58 29.57 46.92
N ILE K 11 32.34 29.18 47.25
CA ILE K 11 31.99 28.83 48.63
C ILE K 11 32.23 27.34 48.81
N LEU K 12 33.05 26.99 49.77
CA LEU K 12 33.51 25.62 49.99
C LEU K 12 32.57 24.90 50.96
N PRO K 13 32.05 23.73 50.57
CA PRO K 13 31.25 22.95 51.52
C PRO K 13 32.11 22.46 52.68
N ASP K 14 31.45 22.21 53.82
CA ASP K 14 32.17 21.83 55.02
C ASP K 14 32.87 20.48 54.86
N ASP K 15 32.22 19.52 54.22
CA ASP K 15 32.77 18.18 54.09
C ASP K 15 33.83 18.07 53.00
N VAL K 16 33.99 19.08 52.16
CA VAL K 16 34.94 19.05 51.04
C VAL K 16 36.21 19.75 51.49
N PRO K 17 37.36 19.08 51.50
CA PRO K 17 38.61 19.75 51.86
C PRO K 17 39.06 20.69 50.76
N LYS K 18 39.65 21.81 51.16
CA LYS K 18 40.15 22.78 50.21
C LYS K 18 41.31 22.24 49.38
N LEU K 19 42.03 21.26 49.90
CA LEU K 19 43.32 20.90 49.31
C LEU K 19 43.62 19.46 49.65
N LYS K 20 43.55 18.58 48.67
CA LYS K 20 43.78 17.14 48.86
C LYS K 20 45.02 16.73 48.09
N ILE K 21 45.95 16.07 48.77
CA ILE K 21 47.23 15.69 48.20
C ILE K 21 47.34 14.17 48.20
N THR K 22 47.65 13.61 47.03
CA THR K 22 47.86 12.18 46.89
C THR K 22 49.14 11.93 46.10
N PRO K 23 49.97 11.00 46.55
CA PRO K 23 51.23 10.74 45.83
C PRO K 23 50.99 10.10 44.48
N ASP K 24 51.92 10.34 43.57
CA ASP K 24 51.93 9.73 42.24
C ASP K 24 53.11 8.76 42.21
N SER K 25 52.80 7.46 42.29
CA SER K 25 53.84 6.45 42.47
C SER K 25 54.50 6.04 41.15
N ARG K 26 53.97 6.46 40.01
CA ARG K 26 54.56 6.07 38.73
C ARG K 26 55.96 6.62 38.58
N VAL K 27 56.24 7.80 39.13
CA VAL K 27 57.56 8.40 39.06
C VAL K 27 57.98 8.80 40.47
N PRO K 28 59.28 8.86 40.76
CA PRO K 28 59.71 9.11 42.14
C PRO K 28 59.50 10.56 42.54
N ASN K 29 59.08 10.75 43.79
CA ASN K 29 59.02 12.07 44.42
C ASN K 29 58.06 13.00 43.68
N CYS K 30 56.86 12.50 43.46
CA CYS K 30 55.82 13.23 42.73
C CYS K 30 54.52 13.17 43.51
N ILE K 31 53.77 14.26 43.49
CA ILE K 31 52.48 14.34 44.18
C ILE K 31 51.46 14.97 43.25
N ILE K 32 50.19 14.65 43.50
CA ILE K 32 49.07 15.19 42.77
C ILE K 32 48.21 15.97 43.74
N ILE K 33 47.98 17.25 43.45
CA ILE K 33 47.28 18.14 44.37
C ILE K 33 45.97 18.55 43.72
N LYS K 34 44.88 18.43 44.47
CA LYS K 34 43.54 18.76 43.99
C LYS K 34 43.04 19.98 44.73
N PHE K 35 42.93 21.11 44.03
CA PHE K 35 42.43 22.35 44.60
C PHE K 35 40.94 22.47 44.34
N GLU K 36 40.17 22.78 45.38
CA GLU K 36 38.73 22.93 45.28
C GLU K 36 38.35 24.40 45.32
N ARG K 37 37.36 24.77 44.51
CA ARG K 37 36.88 26.15 44.41
C ARG K 37 38.01 27.11 44.02
N GLU K 38 38.79 26.70 43.01
CA GLU K 38 39.84 27.54 42.46
C GLU K 38 39.84 27.39 40.94
N ASP K 39 40.57 28.26 40.27
CA ASP K 39 40.56 28.30 38.81
C ASP K 39 41.94 28.76 38.34
N HIS K 40 42.00 29.22 37.09
CA HIS K 40 43.27 29.58 36.47
C HIS K 40 44.00 30.68 37.22
N THR K 41 43.29 31.51 37.99
CA THR K 41 43.93 32.65 38.65
C THR K 41 45.04 32.19 39.59
N LEU K 42 44.75 31.23 40.45
CA LEU K 42 45.78 30.72 41.35
C LEU K 42 46.66 29.70 40.67
N ALA K 43 46.09 28.90 39.79
CA ALA K 43 46.82 27.79 39.19
C ALA K 43 47.95 28.28 38.30
N ASN K 44 47.66 29.22 37.40
CA ASN K 44 48.69 29.70 36.49
C ASN K 44 49.80 30.42 37.25
N LEU K 45 49.43 31.20 38.25
CA LEU K 45 50.40 31.88 39.09
C LEU K 45 51.35 30.87 39.73
N LEU K 46 50.80 29.86 40.39
CA LEU K 46 51.64 28.85 41.04
C LEU K 46 52.50 28.10 40.03
N ARG K 47 51.92 27.73 38.88
CA ARG K 47 52.65 26.94 37.91
C ARG K 47 53.85 27.71 37.36
N GLU K 48 53.63 28.97 36.97
CA GLU K 48 54.73 29.73 36.39
C GLU K 48 55.74 30.14 37.44
N GLU K 49 55.34 30.24 38.71
CA GLU K 49 56.34 30.47 39.74
C GLU K 49 57.20 29.23 39.96
N LEU K 50 56.57 28.05 40.03
CA LEU K 50 57.30 26.83 40.32
C LEU K 50 58.18 26.41 39.15
N ALA K 51 57.79 26.77 37.92
CA ALA K 51 58.57 26.34 36.76
C ALA K 51 59.98 26.90 36.75
N LEU K 52 60.24 27.96 37.50
CA LEU K 52 61.55 28.59 37.51
C LEU K 52 62.49 28.03 38.58
N TYR K 53 62.00 27.17 39.45
CA TYR K 53 62.84 26.65 40.52
C TYR K 53 63.74 25.54 39.97
N PRO K 54 65.04 25.59 40.22
CA PRO K 54 65.94 24.56 39.68
C PRO K 54 65.67 23.16 40.22
N ASP K 55 65.03 23.03 41.37
CA ASP K 55 64.78 21.73 41.96
C ASP K 55 63.43 21.15 41.60
N VAL K 56 62.65 21.83 40.76
CA VAL K 56 61.35 21.33 40.32
C VAL K 56 61.51 20.87 38.87
N THR K 57 61.31 19.58 38.63
CA THR K 57 61.53 19.01 37.32
C THR K 57 60.27 18.84 36.49
N PHE K 58 59.10 18.87 37.12
CA PHE K 58 57.85 18.79 36.37
C PHE K 58 56.76 19.48 37.17
N VAL K 59 56.07 20.41 36.55
CA VAL K 59 54.90 21.06 37.14
C VAL K 59 53.89 21.32 36.04
N ALA K 60 52.63 20.98 36.32
CA ALA K 60 51.56 21.17 35.34
C ALA K 60 50.24 21.22 36.09
N TYR K 61 49.21 21.70 35.39
CA TYR K 61 47.88 21.73 35.96
C TYR K 61 46.86 21.64 34.84
N LYS K 62 45.64 21.27 35.22
CA LYS K 62 44.57 21.22 34.24
C LYS K 62 43.25 21.43 34.95
N VAL K 63 42.33 22.08 34.25
CA VAL K 63 40.95 22.21 34.70
C VAL K 63 40.12 21.20 33.91
N GLU K 64 39.62 20.19 34.61
CA GLU K 64 38.95 19.07 33.93
C GLU K 64 37.76 19.53 33.13
N HIS K 65 36.93 20.41 33.70
CA HIS K 65 35.71 20.83 33.09
C HIS K 65 35.42 22.27 33.50
N PRO K 66 35.07 23.15 32.55
CA PRO K 66 34.76 24.53 32.92
C PRO K 66 33.55 24.66 33.83
N LEU K 67 32.64 23.69 33.84
CA LEU K 67 31.42 23.80 34.64
C LEU K 67 31.64 23.40 36.10
N PHE K 68 32.83 22.93 36.46
CA PHE K 68 33.17 22.60 37.84
C PHE K 68 34.37 23.43 38.25
N ALA K 69 34.28 24.05 39.43
CA ALA K 69 35.31 24.99 39.88
C ALA K 69 36.33 24.24 40.73
N ASN K 70 37.30 23.64 40.05
CA ASN K 70 38.44 22.99 40.71
C ASN K 70 39.49 22.73 39.64
N PHE K 71 40.71 22.49 40.10
CA PHE K 71 41.79 22.12 39.20
C PHE K 71 42.72 21.17 39.93
N VAL K 72 43.49 20.42 39.15
CA VAL K 72 44.40 19.42 39.69
C VAL K 72 45.79 19.70 39.16
N MET K 73 46.77 19.66 40.05
CA MET K 73 48.15 20.05 39.75
C MET K 73 49.08 18.89 40.02
N ARG K 74 50.03 18.68 39.11
CA ARG K 74 51.04 17.64 39.24
C ARG K 74 52.40 18.30 39.46
N LEU K 75 53.09 17.90 40.51
CA LEU K 75 54.37 18.47 40.88
C LEU K 75 55.36 17.36 41.16
N GLN K 76 56.61 17.56 40.77
CA GLN K 76 57.61 16.49 40.85
C GLN K 76 58.98 17.14 40.92
N THR K 77 59.65 16.98 42.05
CA THR K 77 60.89 17.67 42.34
C THR K 77 62.07 16.71 42.29
N GLU K 78 63.26 17.24 42.60
CA GLU K 78 64.46 16.44 42.64
C GLU K 78 64.44 15.51 43.86
N GLU K 79 65.51 14.73 44.01
CA GLU K 79 65.56 13.75 45.09
C GLU K 79 65.69 14.43 46.45
N GLY K 80 66.47 15.52 46.53
CA GLY K 80 66.68 16.16 47.80
C GLY K 80 65.45 16.83 48.37
N THR K 81 64.61 17.39 47.50
CA THR K 81 63.53 18.28 47.91
C THR K 81 62.20 17.54 47.93
N ARG K 82 61.47 17.67 49.04
CA ARG K 82 60.10 17.21 49.09
C ARG K 82 59.20 18.19 48.35
N PRO K 83 58.26 17.71 47.52
CA PRO K 83 57.47 18.64 46.69
C PRO K 83 56.66 19.65 47.50
N LYS K 84 56.14 19.26 48.67
CA LYS K 84 55.30 20.17 49.43
C LYS K 84 56.10 21.38 49.92
N GLN K 85 57.38 21.16 50.25
CA GLN K 85 58.23 22.29 50.61
C GLN K 85 58.40 23.24 49.43
N ALA K 86 58.54 22.70 48.22
CA ALA K 86 58.64 23.54 47.04
C ALA K 86 57.37 24.36 46.83
N LEU K 87 56.21 23.73 47.05
CA LEU K 87 54.95 24.47 46.93
C LEU K 87 54.87 25.59 47.95
N GLU K 88 55.29 25.33 49.18
CA GLU K 88 55.27 26.38 50.21
C GLU K 88 56.23 27.51 49.85
N ARG K 89 57.41 27.17 49.34
CA ARG K 89 58.37 28.21 48.92
C ARG K 89 57.78 29.05 47.80
N ALA K 90 57.10 28.43 46.84
CA ALA K 90 56.47 29.19 45.77
C ALA K 90 55.43 30.16 46.32
N CYS K 91 54.58 29.68 47.23
CA CYS K 91 53.54 30.55 47.79
C CYS K 91 54.17 31.74 48.50
N ALA K 92 55.18 31.49 49.34
CA ALA K 92 55.82 32.57 50.08
C ALA K 92 56.51 33.55 49.14
N SER K 93 57.17 33.05 48.10
CA SER K 93 57.87 33.93 47.17
C SER K 93 56.89 34.83 46.43
N ILE K 94 55.76 34.27 45.97
CA ILE K 94 54.79 35.11 45.29
C ILE K 94 54.21 36.14 46.25
N ILE K 95 54.02 35.77 47.51
CA ILE K 95 53.49 36.72 48.48
C ILE K 95 54.46 37.89 48.64
N ASN K 96 55.77 37.61 48.75
CA ASN K 96 56.74 38.69 48.87
C ASN K 96 56.76 39.56 47.62
N LYS K 97 56.67 38.95 46.44
CA LYS K 97 56.62 39.74 45.21
C LYS K 97 55.42 40.68 45.20
N LEU K 98 54.25 40.18 45.60
CA LEU K 98 53.07 41.02 45.63
C LEU K 98 53.22 42.12 46.66
N LYS K 99 53.84 41.83 47.80
CA LYS K 99 54.02 42.84 48.83
C LYS K 99 54.90 43.98 48.34
N THR K 100 56.03 43.66 47.74
CA THR K 100 56.89 44.73 47.23
C THR K 100 56.23 45.48 46.08
N LEU K 101 55.43 44.78 45.26
CA LEU K 101 54.70 45.47 44.20
C LEU K 101 53.73 46.48 44.76
N ASP K 102 53.00 46.10 45.82
CA ASP K 102 52.05 47.01 46.45
C ASP K 102 52.78 48.22 47.03
N HIS K 103 53.91 47.99 47.70
CA HIS K 103 54.65 49.09 48.28
C HIS K 103 55.10 50.07 47.21
N LYS K 104 55.64 49.55 46.11
CA LYS K 104 56.13 50.43 45.05
C LYS K 104 54.98 51.19 44.39
N PHE K 105 53.83 50.54 44.19
CA PHE K 105 52.70 51.24 43.60
C PHE K 105 52.23 52.36 44.52
N ASN K 106 52.19 52.11 45.83
CA ASN K 106 51.78 53.17 46.75
C ASN K 106 52.73 54.34 46.70
N GLU K 107 54.04 54.07 46.66
CA GLU K 107 55.02 55.16 46.55
C GLU K 107 54.79 55.96 45.29
N GLU K 108 54.64 55.29 44.16
CA GLU K 108 54.47 55.99 42.88
C GLU K 108 53.19 56.80 42.87
N TRP K 109 52.10 56.24 43.40
CA TRP K 109 50.83 56.95 43.44
C TRP K 109 50.92 58.20 44.30
N ASN K 110 51.59 58.10 45.44
CA ASN K 110 51.76 59.28 46.28
C ASN K 110 52.61 60.33 45.58
N ILE K 111 53.64 59.90 44.86
CA ILE K 111 54.48 60.86 44.14
C ILE K 111 53.68 61.58 43.07
N LYS K 112 52.87 60.83 42.31
CA LYS K 112 52.13 61.39 41.19
C LYS K 112 50.75 61.89 41.57
N ASN K 113 50.41 61.90 42.85
CA ASN K 113 49.09 62.35 43.29
C ASN K 113 48.97 63.86 43.15
N GLY L 28 -15.67 42.71 49.71
CA GLY L 28 -14.61 42.09 50.50
C GLY L 28 -13.25 42.18 49.82
N VAL L 29 -13.25 42.18 48.50
CA VAL L 29 -12.03 42.28 47.70
C VAL L 29 -12.18 43.46 46.75
N LYS L 30 -11.12 44.25 46.65
CA LYS L 30 -11.16 45.46 45.84
C LYS L 30 -11.14 45.13 44.35
N TYR L 31 -11.58 46.10 43.55
CA TYR L 31 -11.53 45.99 42.10
C TYR L 31 -11.28 47.37 41.52
N THR L 32 -10.84 47.39 40.27
CA THR L 32 -10.52 48.63 39.57
C THR L 32 -11.18 48.60 38.20
N CYS L 33 -11.82 49.70 37.85
CA CYS L 33 -12.46 49.78 36.54
C CYS L 33 -11.41 49.86 35.44
N GLY L 34 -11.79 49.38 34.25
CA GLY L 34 -10.88 49.36 33.12
C GLY L 34 -10.81 50.65 32.32
N ALA L 35 -11.70 51.61 32.58
CA ALA L 35 -11.69 52.87 31.84
C ALA L 35 -11.41 54.07 32.73
N CYS L 36 -12.16 54.24 33.81
CA CYS L 36 -11.99 55.40 34.68
C CYS L 36 -11.09 55.13 35.88
N ALA L 37 -10.62 53.89 36.04
CA ALA L 37 -9.71 53.53 37.13
C ALA L 37 -10.28 53.90 38.50
N HIS L 38 -11.53 53.54 38.73
CA HIS L 38 -12.22 53.81 39.98
C HIS L 38 -12.23 52.56 40.85
N ASN L 39 -11.73 52.69 42.08
CA ASN L 39 -11.70 51.58 43.02
C ASN L 39 -13.08 51.35 43.64
N PHE L 40 -13.44 50.09 43.83
CA PHE L 40 -14.66 49.73 44.52
C PHE L 40 -14.52 48.30 45.03
N SER L 41 -15.64 47.72 45.44
CA SER L 41 -15.64 46.36 45.96
C SER L 41 -16.94 45.68 45.56
N LEU L 42 -16.92 44.35 45.57
CA LEU L 42 -18.07 43.54 45.21
C LEU L 42 -18.28 42.47 46.27
N ASN L 43 -19.52 41.97 46.33
CA ASN L 43 -19.93 41.02 47.35
C ASN L 43 -20.34 39.68 46.77
N LYS L 44 -19.75 39.30 45.63
CA LYS L 44 -20.02 38.05 44.93
C LYS L 44 -21.46 37.90 44.49
N SER L 45 -22.25 38.97 44.55
CA SER L 45 -23.63 38.95 44.07
C SER L 45 -24.00 40.14 43.22
N ASP L 46 -23.24 41.24 43.26
CA ASP L 46 -23.50 42.37 42.40
C ASP L 46 -23.16 42.02 40.95
N PRO L 47 -23.80 42.67 39.98
CA PRO L 47 -23.38 42.50 38.59
C PRO L 47 -21.98 43.03 38.39
N VAL L 48 -21.24 42.39 37.49
CA VAL L 48 -19.86 42.78 37.20
C VAL L 48 -19.93 44.07 36.40
N ARG L 49 -19.72 45.20 37.06
CA ARG L 49 -19.90 46.50 36.44
C ARG L 49 -19.25 47.56 37.31
N CYS L 50 -18.69 48.57 36.66
CA CYS L 50 -18.20 49.73 37.40
C CYS L 50 -19.39 50.56 37.87
N LYS L 51 -19.34 51.00 39.13
CA LYS L 51 -20.48 51.69 39.72
C LYS L 51 -20.74 53.06 39.09
N GLU L 52 -19.72 53.71 38.55
CA GLU L 52 -19.85 55.11 38.14
C GLU L 52 -19.84 55.33 36.64
N CYS L 53 -19.19 54.47 35.86
CA CYS L 53 -19.22 54.62 34.41
C CYS L 53 -19.83 53.41 33.69
N GLY L 54 -20.19 52.35 34.42
CA GLY L 54 -20.87 51.23 33.81
C GLY L 54 -20.03 50.42 32.85
N HIS L 55 -18.72 50.41 33.02
CA HIS L 55 -17.87 49.57 32.19
C HIS L 55 -18.03 48.11 32.58
N ARG L 56 -17.91 47.23 31.59
CA ARG L 56 -18.12 45.80 31.79
C ARG L 56 -16.83 45.04 32.12
N VAL L 57 -15.69 45.71 32.13
CA VAL L 57 -14.40 45.06 32.37
C VAL L 57 -13.76 45.69 33.59
N ILE L 58 -13.47 44.86 34.60
CA ILE L 58 -12.84 45.32 35.83
C ILE L 58 -11.65 44.41 36.13
N TYR L 59 -10.73 44.93 36.92
CA TYR L 59 -9.50 44.24 37.27
C TYR L 59 -9.37 44.13 38.78
N LYS L 60 -8.78 43.03 39.25
CA LYS L 60 -8.48 42.89 40.66
C LYS L 60 -7.32 43.80 41.04
N ALA L 61 -7.27 44.12 42.33
CA ALA L 61 -6.19 44.95 42.86
C ALA L 61 -5.03 44.07 43.33
N ARG L 62 -3.87 44.70 43.45
CA ARG L 62 -2.66 43.97 43.84
C ARG L 62 -2.78 43.42 45.26
N THR L 63 -2.12 42.30 45.49
CA THR L 63 -2.13 41.67 46.80
C THR L 63 -1.40 42.55 47.81
N LYS L 64 -1.74 42.36 49.08
CA LYS L 64 -1.11 43.07 50.18
C LYS L 64 0.11 42.35 50.73
N ARG L 65 0.43 41.16 50.23
CA ARG L 65 1.59 40.45 50.71
C ARG L 65 2.88 41.18 50.33
N MET L 66 3.98 40.73 50.92
CA MET L 66 5.28 41.29 50.58
C MET L 66 5.81 40.65 49.31
N ILE L 67 6.34 41.49 48.42
CA ILE L 67 6.93 41.04 47.16
C ILE L 67 8.41 41.39 47.19
N GLN L 68 9.25 40.38 47.03
CA GLN L 68 10.68 40.54 47.12
C GLN L 68 11.35 39.94 45.89
N PHE L 69 12.37 40.63 45.39
CA PHE L 69 13.08 40.21 44.20
C PHE L 69 14.57 40.17 44.48
N ASP L 70 15.29 39.32 43.73
CA ASP L 70 16.70 39.09 44.00
C ASP L 70 17.62 40.11 43.34
N ALA L 71 17.09 41.01 42.53
CA ALA L 71 17.89 42.05 41.89
C ALA L 71 19.05 41.45 41.09
N ARG L 72 18.74 40.40 40.33
CA ARG L 72 19.75 39.76 39.50
C ARG L 72 19.22 39.53 38.09
N ILE M 18 -23.21 -6.51 -37.83
CA ILE M 18 -23.39 -7.28 -36.60
C ILE M 18 -24.57 -6.75 -35.81
N LYS M 19 -25.58 -7.59 -35.62
CA LYS M 19 -26.72 -7.22 -34.80
C LYS M 19 -26.29 -7.08 -33.34
N GLN M 20 -26.79 -6.04 -32.68
CA GLN M 20 -26.49 -5.77 -31.28
C GLN M 20 -27.77 -5.73 -30.47
N LYS M 21 -27.86 -6.57 -29.45
CA LYS M 21 -29.04 -6.71 -28.61
C LYS M 21 -28.73 -6.10 -27.25
N LEU M 22 -29.53 -5.11 -26.84
CA LEU M 22 -29.32 -4.39 -25.61
C LEU M 22 -30.63 -4.25 -24.84
N GLU M 23 -30.56 -4.45 -23.52
CA GLU M 23 -31.71 -4.24 -22.67
C GLU M 23 -31.82 -2.77 -22.27
N THR M 24 -32.97 -2.17 -22.52
CA THR M 24 -33.19 -0.76 -22.24
C THR M 24 -34.32 -0.58 -21.23
N GLN M 25 -34.29 0.56 -20.55
CA GLN M 25 -35.25 0.86 -19.49
C GLN M 25 -36.41 1.72 -19.99
N PHE M 26 -36.75 1.63 -21.26
CA PHE M 26 -37.86 2.40 -21.82
C PHE M 26 -39.20 1.76 -21.45
N THR M 27 -40.27 2.53 -21.67
CA THR M 27 -41.61 2.12 -21.29
C THR M 27 -42.44 1.85 -22.53
N CYS M 28 -43.06 0.67 -22.58
CA CYS M 28 -43.96 0.34 -23.68
C CYS M 28 -45.25 1.13 -23.54
N LEU M 29 -45.73 1.67 -24.66
CA LEU M 29 -46.93 2.50 -24.67
C LEU M 29 -48.20 1.70 -24.90
N PHE M 30 -48.10 0.39 -25.10
CA PHE M 30 -49.27 -0.47 -25.26
C PHE M 30 -49.55 -1.32 -24.03
N CYS M 31 -48.51 -1.87 -23.39
CA CYS M 31 -48.68 -2.69 -22.19
C CYS M 31 -48.43 -1.93 -20.91
N ASN M 32 -47.74 -0.79 -20.96
CA ASN M 32 -47.38 0.08 -19.84
C ASN M 32 -46.40 -0.56 -18.87
N HIS M 33 -45.94 -1.79 -19.12
CA HIS M 33 -44.88 -2.36 -18.30
C HIS M 33 -43.56 -1.66 -18.60
N ASP M 34 -42.82 -1.36 -17.54
CA ASP M 34 -41.54 -0.69 -17.67
C ASP M 34 -40.41 -1.71 -17.54
N ASN M 35 -39.24 -1.34 -18.08
CA ASN M 35 -38.04 -2.18 -18.08
C ASN M 35 -38.30 -3.50 -18.80
N SER M 36 -39.12 -3.45 -19.85
CA SER M 36 -39.42 -4.62 -20.68
C SER M 36 -39.21 -4.30 -22.14
N VAL M 37 -38.21 -3.47 -22.44
CA VAL M 37 -37.92 -3.03 -23.81
C VAL M 37 -36.48 -3.43 -24.12
N VAL M 38 -36.29 -4.08 -25.26
CA VAL M 38 -34.96 -4.49 -25.73
C VAL M 38 -34.76 -3.92 -27.12
N CYS M 39 -33.61 -3.27 -27.34
CA CYS M 39 -33.29 -2.62 -28.60
C CYS M 39 -32.33 -3.50 -29.40
N THR M 40 -32.71 -3.83 -30.62
CA THR M 40 -31.89 -4.63 -31.53
C THR M 40 -31.58 -3.80 -32.76
N LEU M 41 -30.32 -3.39 -32.91
CA LEU M 41 -29.87 -2.61 -34.05
C LEU M 41 -28.85 -3.42 -34.84
N ASP M 42 -29.01 -3.42 -36.17
CA ASP M 42 -28.10 -4.12 -37.07
C ASP M 42 -27.41 -3.07 -37.94
N LYS M 43 -26.13 -2.81 -37.64
CA LYS M 43 -25.39 -1.80 -38.37
C LYS M 43 -25.10 -2.25 -39.81
N LYS M 44 -25.00 -3.56 -40.05
CA LYS M 44 -24.71 -4.04 -41.40
C LYS M 44 -25.82 -3.68 -42.36
N ASN M 45 -27.07 -3.88 -41.96
CA ASN M 45 -28.22 -3.55 -42.79
C ASN M 45 -28.85 -2.21 -42.45
N SER M 46 -28.28 -1.49 -41.47
CA SER M 46 -28.74 -0.16 -41.08
C SER M 46 -30.21 -0.18 -40.65
N ILE M 47 -30.50 -1.01 -39.65
CA ILE M 47 -31.85 -1.14 -39.11
C ILE M 47 -31.77 -1.29 -37.60
N GLY M 48 -32.84 -0.89 -36.94
CA GLY M 48 -32.95 -1.02 -35.50
C GLY M 48 -34.33 -1.46 -35.07
N LEU M 49 -34.40 -2.51 -34.24
CA LEU M 49 -35.67 -3.11 -33.86
C LEU M 49 -35.89 -2.93 -32.36
N LEU M 50 -37.04 -2.37 -31.99
CA LEU M 50 -37.48 -2.28 -30.61
C LEU M 50 -38.57 -3.32 -30.39
N GLU M 51 -38.34 -4.23 -29.45
CA GLU M 51 -39.29 -5.29 -29.15
C GLU M 51 -39.65 -5.25 -27.68
N CYS M 52 -40.94 -5.42 -27.39
CA CYS M 52 -41.44 -5.45 -26.03
C CYS M 52 -41.42 -6.90 -25.54
N LYS M 53 -40.70 -7.14 -24.45
CA LYS M 53 -40.55 -8.50 -23.94
C LYS M 53 -41.88 -9.09 -23.49
N LYS M 54 -42.89 -8.26 -23.23
CA LYS M 54 -44.21 -8.72 -22.82
C LYS M 54 -45.24 -8.59 -23.94
N CYS M 55 -45.29 -7.43 -24.61
CA CYS M 55 -46.26 -7.21 -25.67
C CYS M 55 -45.90 -7.92 -26.97
N ASN M 56 -44.63 -8.28 -27.14
CA ASN M 56 -44.12 -8.90 -28.37
C ASN M 56 -44.27 -8.01 -29.60
N LEU M 57 -44.53 -6.72 -29.40
CA LEU M 57 -44.61 -5.78 -30.52
C LEU M 57 -43.22 -5.44 -31.02
N SER M 58 -43.12 -5.21 -32.33
CA SER M 58 -41.84 -4.92 -32.97
C SER M 58 -41.92 -3.60 -33.71
N PHE M 59 -40.96 -2.72 -33.46
CA PHE M 59 -40.85 -1.44 -34.14
C PHE M 59 -39.55 -1.40 -34.93
N GLN M 60 -39.64 -1.08 -36.21
CA GLN M 60 -38.48 -1.01 -37.09
C GLN M 60 -38.28 0.42 -37.58
N ALA M 61 -37.03 0.87 -37.59
CA ALA M 61 -36.69 2.21 -38.06
C ALA M 61 -35.29 2.19 -38.63
N PRO M 62 -35.01 2.99 -39.66
CA PRO M 62 -33.65 3.10 -40.17
C PRO M 62 -32.72 3.76 -39.17
N ILE M 63 -31.45 3.39 -39.25
CA ILE M 63 -30.42 3.95 -38.38
C ILE M 63 -29.25 4.45 -39.23
N ASN M 64 -28.49 5.38 -38.66
CA ASN M 64 -27.31 5.92 -39.31
C ASN M 64 -26.06 5.41 -38.58
N SER M 65 -24.90 5.93 -38.99
CA SER M 65 -23.64 5.51 -38.38
C SER M 65 -23.50 5.95 -36.93
N LEU M 66 -24.13 7.08 -36.56
CA LEU M 66 -24.05 7.60 -35.20
C LEU M 66 -25.28 7.25 -34.37
N SER M 67 -26.14 6.36 -34.86
CA SER M 67 -27.38 6.05 -34.17
C SER M 67 -27.10 5.37 -32.84
N GLN M 68 -27.96 5.64 -31.87
CA GLN M 68 -27.91 5.07 -30.54
C GLN M 68 -29.32 4.66 -30.13
N PRO M 69 -29.45 3.77 -29.14
CA PRO M 69 -30.80 3.34 -28.73
C PRO M 69 -31.74 4.49 -28.41
N ILE M 70 -31.21 5.62 -27.95
CA ILE M 70 -32.05 6.79 -27.71
C ILE M 70 -32.64 7.31 -29.02
N ASP M 71 -31.88 7.21 -30.12
CA ASP M 71 -32.39 7.63 -31.42
C ASP M 71 -33.59 6.79 -31.84
N ILE M 72 -33.47 5.46 -31.74
CA ILE M 72 -34.56 4.58 -32.12
C ILE M 72 -35.74 4.76 -31.17
N TYR M 73 -35.46 4.99 -29.89
CA TYR M 73 -36.54 5.23 -28.93
C TYR M 73 -37.31 6.51 -29.28
N SER M 74 -36.59 7.57 -29.64
CA SER M 74 -37.25 8.81 -30.04
C SER M 74 -38.03 8.63 -31.33
N ASP M 75 -37.50 7.85 -32.27
CA ASP M 75 -38.23 7.58 -33.50
C ASP M 75 -39.51 6.81 -33.21
N TRP M 76 -39.45 5.84 -32.29
CA TRP M 76 -40.65 5.11 -31.89
C TRP M 76 -41.65 6.03 -31.22
N ILE M 77 -41.17 6.95 -30.38
CA ILE M 77 -42.07 7.89 -29.72
C ILE M 77 -42.77 8.77 -30.74
N ASP M 78 -42.02 9.27 -31.72
CA ASP M 78 -42.62 10.11 -32.76
C ASP M 78 -43.62 9.32 -33.59
N ALA M 79 -43.28 8.08 -33.94
CA ALA M 79 -44.21 7.24 -34.71
C ALA M 79 -45.49 6.98 -33.91
N CYS M 80 -45.36 6.78 -32.61
CA CYS M 80 -46.53 6.53 -31.77
C CYS M 80 -47.48 7.72 -31.73
N GLU M 81 -46.97 8.92 -31.96
CA GLU M 81 -47.80 10.12 -31.92
C GLU M 81 -47.67 10.92 -33.22
N ARG Q 2 -61.39 16.93 16.05
CA ARG Q 2 -62.14 15.79 16.59
C ARG Q 2 -62.92 15.09 15.48
N GLU Q 3 -62.61 13.82 15.25
CA GLU Q 3 -63.30 13.03 14.23
C GLU Q 3 -63.58 11.64 14.77
N ARG Q 4 -64.71 11.08 14.37
CA ARG Q 4 -65.13 9.75 14.78
C ARG Q 4 -65.51 8.92 13.56
N ALA Q 5 -65.38 7.61 13.70
CA ALA Q 5 -65.66 6.67 12.61
C ALA Q 5 -66.95 5.93 12.89
N CYS Q 6 -67.93 6.09 12.01
CA CYS Q 6 -69.20 5.39 12.16
C CYS Q 6 -68.97 3.89 12.02
N MET Q 7 -69.35 3.13 13.05
CA MET Q 7 -69.00 1.71 13.10
C MET Q 7 -69.64 0.93 11.96
N LEU Q 8 -70.90 1.22 11.63
CA LEU Q 8 -71.63 0.40 10.68
C LEU Q 8 -71.10 0.57 9.26
N CYS Q 9 -71.18 1.79 8.72
CA CYS Q 9 -70.75 2.01 7.35
C CYS Q 9 -69.24 2.20 7.23
N GLY Q 10 -68.56 2.59 8.30
CA GLY Q 10 -67.14 2.83 8.26
C GLY Q 10 -66.72 4.25 7.94
N ILE Q 11 -67.68 5.16 7.70
CA ILE Q 11 -67.32 6.53 7.37
C ILE Q 11 -66.74 7.22 8.61
N VAL Q 12 -65.90 8.22 8.37
CA VAL Q 12 -65.28 9.00 9.43
C VAL Q 12 -65.68 10.46 9.27
N LEU Q 13 -66.31 11.01 10.30
CA LEU Q 13 -66.71 12.41 10.31
C LEU Q 13 -66.58 12.93 11.73
N PRO Q 14 -66.50 14.24 11.90
CA PRO Q 14 -66.42 14.79 13.27
C PRO Q 14 -67.61 14.35 14.11
N GLY Q 15 -67.33 14.10 15.39
CA GLY Q 15 -68.37 13.61 16.28
C GLY Q 15 -69.52 14.59 16.42
N ARG Q 16 -69.22 15.89 16.45
CA ARG Q 16 -70.29 16.88 16.49
C ARG Q 16 -71.10 16.86 15.20
N VAL Q 17 -70.45 16.55 14.07
CA VAL Q 17 -71.20 16.40 12.82
C VAL Q 17 -72.14 15.21 12.91
N PHE Q 18 -71.66 14.09 13.47
CA PHE Q 18 -72.52 12.93 13.64
C PHE Q 18 -73.70 13.24 14.55
N MET Q 19 -73.46 14.00 15.63
CA MET Q 19 -74.54 14.34 16.54
C MET Q 19 -75.56 15.28 15.89
N GLN Q 20 -75.09 16.28 15.16
CA GLN Q 20 -75.98 17.30 14.62
C GLN Q 20 -76.75 16.81 13.40
N ASN Q 21 -76.08 16.07 12.50
CA ASN Q 21 -76.69 15.66 11.24
C ASN Q 21 -76.85 14.15 11.07
N GLY Q 22 -76.09 13.34 11.79
CA GLY Q 22 -76.18 11.90 11.64
C GLY Q 22 -75.39 11.38 10.46
N CYS Q 23 -75.34 10.07 10.37
CA CYS Q 23 -74.62 9.41 9.29
C CYS Q 23 -75.41 9.51 7.99
N PRO Q 24 -74.85 10.07 6.91
CA PRO Q 24 -75.62 10.19 5.67
C PRO Q 24 -75.97 8.85 5.03
N ASN Q 25 -75.26 7.78 5.38
CA ASN Q 25 -75.53 6.46 4.81
C ASN Q 25 -76.31 5.56 5.74
N CYS Q 26 -75.95 5.54 7.03
CA CYS Q 26 -76.55 4.63 7.99
C CYS Q 26 -77.83 5.16 8.60
N ASP Q 27 -78.27 6.37 8.23
CA ASP Q 27 -79.48 6.93 8.83
C ASP Q 27 -80.73 6.14 8.48
N SER Q 28 -80.67 5.30 7.43
CA SER Q 28 -81.81 4.46 7.09
C SER Q 28 -81.98 3.29 8.04
N VAL Q 29 -80.94 2.92 8.78
CA VAL Q 29 -81.04 1.83 9.75
C VAL Q 29 -80.54 2.21 11.14
N LEU Q 30 -79.74 3.26 11.31
CA LEU Q 30 -79.19 3.63 12.60
C LEU Q 30 -79.90 4.80 13.26
N ASN Q 31 -80.38 5.77 12.46
CA ASN Q 31 -80.97 7.00 12.97
C ASN Q 31 -80.02 7.70 13.93
N LEU Q 32 -78.77 7.87 13.49
CA LEU Q 32 -77.73 8.40 14.35
C LEU Q 32 -78.04 9.83 14.79
N ARG Q 33 -78.56 10.65 13.87
CA ARG Q 33 -78.98 11.99 14.24
C ARG Q 33 -80.11 11.95 15.28
N ASP Q 34 -81.05 11.02 15.11
CA ASP Q 34 -82.13 10.82 16.06
C ASP Q 34 -81.72 9.98 17.26
N SER Q 35 -80.42 9.81 17.49
CA SER Q 35 -79.90 9.01 18.59
C SER Q 35 -79.08 9.88 19.53
N ASP Q 36 -79.08 9.49 20.80
CA ASP Q 36 -78.38 10.23 21.83
C ASP Q 36 -76.87 10.00 21.74
N GLN Q 37 -76.12 10.71 22.59
CA GLN Q 37 -74.67 10.64 22.52
C GLN Q 37 -74.16 9.23 22.79
N ALA Q 38 -74.82 8.49 23.67
CA ALA Q 38 -74.43 7.11 23.94
C ALA Q 38 -74.55 6.25 22.69
N THR Q 39 -75.66 6.38 21.97
CA THR Q 39 -75.85 5.61 20.75
C THR Q 39 -74.89 6.08 19.65
N VAL Q 40 -74.61 7.39 19.60
CA VAL Q 40 -73.65 7.89 18.63
C VAL Q 40 -72.27 7.27 18.88
N ASN Q 41 -71.85 7.23 20.15
CA ASN Q 41 -70.58 6.59 20.48
C ASN Q 41 -70.61 5.10 20.16
N GLU Q 42 -71.73 4.44 20.46
CA GLU Q 42 -71.85 3.02 20.19
C GLU Q 42 -71.89 2.69 18.70
N CYS Q 43 -72.18 3.68 17.86
CA CYS Q 43 -72.14 3.49 16.40
C CYS Q 43 -71.08 4.32 15.70
N THR Q 44 -70.53 5.34 16.34
CA THR Q 44 -69.41 6.10 15.81
C THR Q 44 -68.32 6.14 16.86
N SER Q 45 -67.12 5.70 16.49
CA SER Q 45 -65.99 5.63 17.41
C SER Q 45 -64.87 6.55 16.93
N SER Q 46 -64.35 7.35 17.86
CA SER Q 46 -63.23 8.23 17.56
C SER Q 46 -61.90 7.50 17.53
N SER Q 47 -61.84 6.28 18.06
CA SER Q 47 -60.64 5.47 18.03
C SER Q 47 -60.71 4.52 16.84
N PHE Q 48 -59.83 4.73 15.86
CA PHE Q 48 -59.85 3.95 14.64
C PHE Q 48 -58.44 3.97 14.04
N GLU Q 49 -58.31 3.42 12.83
CA GLU Q 49 -57.03 3.33 12.16
C GLU Q 49 -57.26 3.16 10.67
N GLY Q 50 -56.31 3.66 9.88
CA GLY Q 50 -56.38 3.47 8.44
C GLY Q 50 -57.35 4.39 7.73
N LEU Q 51 -57.07 5.69 7.73
CA LEU Q 51 -57.89 6.63 6.99
C LEU Q 51 -57.93 6.25 5.50
N VAL Q 52 -59.13 6.22 4.95
CA VAL Q 52 -59.35 5.83 3.56
C VAL Q 52 -60.19 6.89 2.87
N ALA Q 53 -59.72 7.37 1.72
CA ALA Q 53 -60.46 8.29 0.88
C ALA Q 53 -60.87 7.57 -0.39
N VAL Q 54 -62.17 7.56 -0.67
CA VAL Q 54 -62.74 6.86 -1.82
C VAL Q 54 -63.35 7.89 -2.75
N GLY Q 55 -63.01 7.81 -4.03
CA GLY Q 55 -63.54 8.73 -5.02
C GLY Q 55 -64.71 8.17 -5.80
N ASP Q 56 -64.59 6.92 -6.25
CA ASP Q 56 -65.63 6.28 -7.08
C ASP Q 56 -65.95 4.93 -6.45
N ASN Q 57 -67.08 4.86 -5.73
CA ASN Q 57 -67.45 3.63 -5.05
C ASN Q 57 -67.69 2.50 -6.04
N GLU Q 58 -68.29 2.80 -7.19
CA GLU Q 58 -68.74 1.77 -8.11
C GLU Q 58 -67.57 0.94 -8.65
N HIS Q 59 -66.48 1.59 -9.02
CA HIS Q 59 -65.37 0.92 -9.69
C HIS Q 59 -64.16 0.68 -8.81
N SER Q 60 -64.14 1.22 -7.60
CA SER Q 60 -62.99 1.01 -6.71
C SER Q 60 -63.07 -0.40 -6.11
N TRP Q 61 -62.06 -1.22 -6.42
CA TRP Q 61 -61.99 -2.55 -5.82
C TRP Q 61 -61.83 -2.45 -4.31
N VAL Q 62 -61.16 -1.41 -3.82
CA VAL Q 62 -61.00 -1.25 -2.38
C VAL Q 62 -62.35 -1.09 -1.70
N ALA Q 63 -63.24 -0.29 -2.30
CA ALA Q 63 -64.56 -0.08 -1.72
C ALA Q 63 -65.34 -1.38 -1.63
N LYS Q 64 -65.28 -2.21 -2.68
CA LYS Q 64 -65.89 -3.53 -2.62
C LYS Q 64 -65.24 -4.39 -1.55
N TRP Q 65 -63.91 -4.32 -1.43
CA TRP Q 65 -63.22 -5.10 -0.41
C TRP Q 65 -63.57 -4.63 1.00
N LEU Q 66 -63.84 -3.34 1.16
CA LEU Q 66 -64.26 -2.79 2.44
C LEU Q 66 -65.77 -2.69 2.56
N ARG Q 67 -66.51 -3.15 1.55
CA ARG Q 67 -67.97 -3.13 1.56
C ARG Q 67 -68.52 -1.73 1.78
N VAL Q 68 -67.92 -0.75 1.10
CA VAL Q 68 -68.37 0.64 1.21
C VAL Q 68 -68.67 1.18 -0.19
N ASP Q 69 -68.80 0.28 -1.16
CA ASP Q 69 -69.11 0.69 -2.53
C ASP Q 69 -70.57 1.14 -2.69
N ARG Q 70 -71.41 0.93 -1.68
CA ARG Q 70 -72.79 1.40 -1.71
C ARG Q 70 -73.02 2.60 -0.81
N PHE Q 71 -71.96 3.31 -0.42
CA PHE Q 71 -72.05 4.41 0.53
C PHE Q 71 -71.51 5.69 -0.09
N GLN Q 72 -71.64 6.77 0.68
CA GLN Q 72 -71.16 8.08 0.23
C GLN Q 72 -69.64 8.11 0.23
N PRO Q 73 -69.00 8.60 -0.84
CA PRO Q 73 -67.55 8.75 -0.82
C PRO Q 73 -67.12 9.75 0.25
N GLY Q 74 -65.96 9.49 0.84
CA GLY Q 74 -65.45 10.35 1.89
C GLY Q 74 -64.40 9.63 2.71
N LEU Q 75 -64.25 10.09 3.95
CA LEU Q 75 -63.26 9.54 4.86
C LEU Q 75 -63.77 8.25 5.50
N TYR Q 76 -62.98 7.18 5.37
CA TYR Q 76 -63.32 5.88 5.93
C TYR Q 76 -62.11 5.30 6.64
N ALA Q 77 -62.37 4.39 7.58
CA ALA Q 77 -61.34 3.80 8.42
C ALA Q 77 -61.24 2.31 8.14
N VAL Q 78 -60.01 1.82 7.99
CA VAL Q 78 -59.81 0.38 7.78
C VAL Q 78 -60.27 -0.41 8.99
N ARG Q 79 -59.86 0.03 10.18
CA ARG Q 79 -60.20 -0.65 11.42
C ARG Q 79 -60.78 0.35 12.40
N VAL Q 80 -61.86 -0.05 13.08
CA VAL Q 80 -62.56 0.80 14.04
C VAL Q 80 -62.58 0.07 15.38
N ASP Q 81 -62.15 0.75 16.43
CA ASP Q 81 -62.17 0.18 17.77
C ASP Q 81 -63.60 0.20 18.32
N GLY Q 82 -64.03 -0.93 18.85
CA GLY Q 82 -65.36 -1.06 19.41
C GLY Q 82 -66.32 -1.70 18.42
N ARG Q 83 -67.32 -2.38 18.96
CA ARG Q 83 -68.33 -3.07 18.18
C ARG Q 83 -69.71 -2.55 18.54
N LEU Q 84 -70.69 -2.89 17.69
CA LEU Q 84 -72.07 -2.50 17.94
C LEU Q 84 -72.61 -3.26 19.16
N PRO Q 85 -73.47 -2.61 19.94
CA PRO Q 85 -74.02 -3.27 21.14
C PRO Q 85 -75.01 -4.37 20.75
N SER Q 86 -75.25 -5.26 21.72
CA SER Q 86 -76.12 -6.40 21.48
C SER Q 86 -77.55 -5.95 21.13
N ASP Q 87 -78.06 -4.93 21.83
CA ASP Q 87 -79.39 -4.44 21.53
C ASP Q 87 -79.47 -3.82 20.14
N ILE Q 88 -78.45 -3.06 19.75
CA ILE Q 88 -78.42 -2.48 18.40
C ILE Q 88 -78.24 -3.58 17.37
N VAL Q 89 -77.46 -4.61 17.69
CA VAL Q 89 -77.31 -5.75 16.78
C VAL Q 89 -78.65 -6.43 16.55
N ALA Q 90 -79.41 -6.65 17.63
CA ALA Q 90 -80.72 -7.26 17.49
C ALA Q 90 -81.68 -6.35 16.70
N ALA Q 91 -81.60 -5.04 16.94
CA ALA Q 91 -82.45 -4.11 16.19
C ALA Q 91 -82.14 -4.15 14.70
N LEU Q 92 -80.86 -4.20 14.34
CA LEU Q 92 -80.49 -4.30 12.93
C LEU Q 92 -80.92 -5.64 12.34
N GLU Q 93 -80.77 -6.72 13.11
CA GLU Q 93 -81.21 -8.03 12.64
C GLU Q 93 -82.72 -8.06 12.43
N GLN Q 94 -83.46 -7.25 13.19
CA GLN Q 94 -84.90 -7.11 12.96
C GLN Q 94 -85.17 -6.54 11.57
N TYR Q 95 -84.37 -5.57 11.15
CA TYR Q 95 -84.52 -4.95 9.84
C TYR Q 95 -84.08 -5.86 8.70
N GLY Q 96 -83.48 -7.01 9.01
CA GLY Q 96 -83.00 -7.92 7.98
C GLY Q 96 -81.60 -7.66 7.49
N VAL Q 97 -80.90 -6.68 8.06
CA VAL Q 97 -79.56 -6.32 7.63
C VAL Q 97 -78.55 -7.03 8.53
N TYR Q 98 -77.59 -7.71 7.91
CA TYR Q 98 -76.53 -8.40 8.64
C TYR Q 98 -75.36 -7.45 8.87
N TYR Q 99 -74.85 -7.44 10.10
CA TYR Q 99 -73.77 -6.55 10.49
C TYR Q 99 -72.47 -7.34 10.53
N ARG Q 100 -71.49 -6.90 9.73
CA ARG Q 100 -70.16 -7.48 9.74
C ARG Q 100 -69.21 -6.51 10.42
N PRO Q 101 -68.62 -6.87 11.56
CA PRO Q 101 -67.75 -5.94 12.27
C PRO Q 101 -66.53 -5.56 11.44
N ARG Q 102 -66.14 -4.28 11.55
CA ARG Q 102 -64.92 -3.79 10.94
C ARG Q 102 -63.77 -3.69 11.93
N ASP Q 103 -63.94 -4.25 13.13
CA ASP Q 103 -62.91 -4.20 14.17
C ASP Q 103 -61.69 -5.05 13.84
N GLY Q 104 -61.76 -5.89 12.81
CA GLY Q 104 -60.65 -6.76 12.45
C GLY Q 104 -60.55 -8.04 13.26
N SER Q 105 -61.05 -8.05 14.50
CA SER Q 105 -61.05 -9.27 15.29
C SER Q 105 -61.97 -10.33 14.71
N VAL Q 106 -62.92 -9.94 13.87
CA VAL Q 106 -63.81 -10.88 13.20
C VAL Q 106 -63.47 -10.86 11.72
N ILE Q 107 -63.16 -12.02 11.16
CA ILE Q 107 -62.81 -12.13 9.75
C ILE Q 107 -63.12 -13.53 9.23
N PRO R 216 -70.04 -11.64 0.48
CA PRO R 216 -68.93 -12.53 0.82
C PRO R 216 -67.62 -11.78 1.04
N GLN R 217 -66.56 -12.51 1.38
CA GLN R 217 -65.24 -11.94 1.60
C GLN R 217 -64.17 -12.55 0.72
N ARG R 218 -64.26 -13.85 0.45
CA ARG R 218 -63.25 -14.53 -0.37
C ARG R 218 -63.36 -14.12 -1.83
N LEU R 219 -64.57 -13.91 -2.33
CA LEU R 219 -64.75 -13.65 -3.76
C LEU R 219 -64.21 -12.28 -4.17
N LEU R 220 -64.06 -11.37 -3.21
CA LEU R 220 -63.66 -10.00 -3.50
C LEU R 220 -62.16 -9.83 -3.72
N ILE R 221 -61.40 -10.91 -3.75
CA ILE R 221 -59.95 -10.83 -3.95
C ILE R 221 -59.67 -10.29 -5.36
N PRO R 222 -58.59 -9.54 -5.55
CA PRO R 222 -58.43 -8.80 -6.81
C PRO R 222 -58.13 -9.70 -7.98
N THR R 223 -58.42 -9.18 -9.17
CA THR R 223 -58.16 -9.82 -10.44
C THR R 223 -57.19 -8.97 -11.26
N VAL R 224 -56.85 -9.47 -12.45
CA VAL R 224 -55.90 -8.76 -13.31
C VAL R 224 -56.52 -7.47 -13.83
N ASP R 225 -57.82 -7.47 -14.13
CA ASP R 225 -58.48 -6.30 -14.69
C ASP R 225 -58.89 -5.29 -13.63
N ASP R 226 -58.69 -5.59 -12.35
CA ASP R 226 -59.03 -4.64 -11.31
C ASP R 226 -58.07 -3.45 -11.35
N PRO R 227 -58.50 -2.28 -10.85
CA PRO R 227 -57.64 -1.10 -10.89
C PRO R 227 -56.34 -1.31 -10.11
N GLY R 228 -55.26 -0.76 -10.66
CA GLY R 228 -53.97 -0.88 -10.02
C GLY R 228 -53.84 -0.02 -8.78
N ILE R 229 -52.80 -0.30 -8.00
CA ILE R 229 -52.53 0.43 -6.76
C ILE R 229 -51.08 0.92 -6.81
N TRP R 230 -50.89 2.20 -6.57
CA TRP R 230 -49.55 2.80 -6.52
C TRP R 230 -49.27 3.33 -5.12
N GLY R 231 -48.01 3.21 -4.72
CA GLY R 231 -47.53 3.76 -3.46
C GLY R 231 -46.51 4.85 -3.72
N VAL R 232 -46.61 5.94 -2.97
CA VAL R 232 -45.76 7.11 -3.14
C VAL R 232 -45.19 7.51 -1.80
N LYS R 233 -43.88 7.73 -1.75
CA LYS R 233 -43.24 8.25 -0.55
C LYS R 233 -43.60 9.70 -0.34
N VAL R 234 -43.90 10.07 0.90
CA VAL R 234 -44.21 11.44 1.28
C VAL R 234 -43.45 11.76 2.56
N ARG R 235 -43.50 13.04 2.95
CA ARG R 235 -42.87 13.45 4.19
C ARG R 235 -43.59 12.83 5.39
N LEU R 236 -42.81 12.53 6.43
CA LEU R 236 -43.35 11.85 7.58
C LEU R 236 -44.35 12.73 8.32
N GLY R 237 -45.46 12.12 8.75
CA GLY R 237 -46.48 12.80 9.49
C GLY R 237 -47.51 13.55 8.67
N LYS R 238 -47.36 13.60 7.35
CA LYS R 238 -48.28 14.32 6.48
C LYS R 238 -49.16 13.39 5.67
N GLU R 239 -49.15 12.09 5.97
CA GLU R 239 -49.87 11.12 5.14
C GLU R 239 -51.37 11.38 5.15
N LYS R 240 -51.94 11.52 6.34
CA LYS R 240 -53.37 11.82 6.44
C LYS R 240 -53.69 13.16 5.80
N ASP R 241 -52.79 14.13 5.93
CA ASP R 241 -52.99 15.43 5.28
C ASP R 241 -53.05 15.28 3.77
N VAL R 242 -52.16 14.47 3.20
CA VAL R 242 -52.19 14.22 1.76
C VAL R 242 -53.47 13.51 1.37
N VAL R 243 -53.93 12.57 2.19
CA VAL R 243 -55.18 11.86 1.90
C VAL R 243 -56.34 12.84 1.85
N ARG R 244 -56.42 13.72 2.85
CA ARG R 244 -57.52 14.70 2.89
C ARG R 244 -57.43 15.67 1.72
N GLN R 245 -56.22 16.10 1.36
CA GLN R 245 -56.05 16.98 0.21
C GLN R 245 -56.49 16.29 -1.07
N ILE R 246 -56.14 15.02 -1.23
CA ILE R 246 -56.53 14.28 -2.43
C ILE R 246 -58.05 14.16 -2.50
N LEU R 247 -58.69 13.84 -1.37
CA LEU R 247 -60.15 13.73 -1.36
C LEU R 247 -60.80 15.07 -1.71
N LYS R 248 -60.29 16.16 -1.13
CA LYS R 248 -60.86 17.47 -1.42
C LYS R 248 -60.68 17.83 -2.90
N LYS R 249 -59.51 17.55 -3.47
CA LYS R 249 -59.29 17.83 -4.89
C LYS R 249 -60.23 17.01 -5.76
N LYS R 250 -60.41 15.73 -5.41
CA LYS R 250 -61.33 14.88 -6.18
C LYS R 250 -62.76 15.41 -6.12
N LEU R 251 -63.19 15.82 -4.92
CA LEU R 251 -64.55 16.36 -4.80
C LEU R 251 -64.70 17.67 -5.56
N ALA R 252 -63.70 18.55 -5.49
CA ALA R 252 -63.78 19.83 -6.17
C ALA R 252 -63.80 19.65 -7.69
N ARG R 253 -62.96 18.76 -8.21
CA ARG R 253 -62.92 18.54 -9.65
C ARG R 253 -63.97 17.54 -10.12
N GLU R 254 -64.73 16.92 -9.20
CA GLU R 254 -65.82 16.06 -9.61
C GLU R 254 -66.92 16.89 -10.26
N GLY R 255 -67.47 16.36 -11.37
CA GLY R 255 -68.46 17.09 -12.13
C GLY R 255 -67.91 18.14 -13.06
N THR R 256 -66.60 18.17 -13.28
CA THR R 256 -65.97 19.15 -14.14
C THR R 256 -65.54 18.50 -15.46
N LYS R 257 -64.94 19.31 -16.33
CA LYS R 257 -64.48 18.82 -17.62
C LYS R 257 -63.31 17.85 -17.46
N ASN R 258 -62.47 18.05 -16.45
CA ASN R 258 -61.29 17.22 -16.21
C ASN R 258 -61.29 16.74 -14.77
N PRO R 259 -62.17 15.81 -14.43
CA PRO R 259 -62.19 15.28 -13.06
C PRO R 259 -60.97 14.42 -12.78
N LEU R 260 -60.64 14.32 -11.50
CA LEU R 260 -59.51 13.50 -11.06
C LEU R 260 -59.86 12.03 -11.28
N GLU R 261 -59.27 11.42 -12.31
CA GLU R 261 -59.63 10.07 -12.69
C GLU R 261 -58.95 9.03 -11.80
N ILE R 262 -59.30 9.02 -10.51
CA ILE R 262 -58.82 8.00 -9.58
C ILE R 262 -60.03 7.32 -8.96
N TYR R 263 -59.80 6.34 -8.09
CA TYR R 263 -60.88 5.60 -7.46
C TYR R 263 -60.85 5.66 -5.94
N SER R 264 -59.68 5.51 -5.33
CA SER R 264 -59.55 5.57 -3.88
C SER R 264 -58.10 5.84 -3.52
N ALA R 265 -57.90 6.33 -2.31
CA ALA R 265 -56.57 6.58 -1.77
C ALA R 265 -56.64 6.45 -0.25
N PHE R 266 -55.54 5.97 0.33
CA PHE R 266 -55.54 5.66 1.76
C PHE R 266 -54.09 5.57 2.23
N GLN R 267 -53.93 5.23 3.51
CA GLN R 267 -52.63 5.02 4.10
C GLN R 267 -52.81 4.17 5.35
N ARG R 268 -51.70 3.59 5.82
CA ARG R 268 -51.70 2.78 7.03
C ARG R 268 -50.67 3.33 8.00
N ASP R 269 -51.02 3.29 9.29
CA ASP R 269 -50.14 3.85 10.31
C ASP R 269 -48.81 3.12 10.37
N SER R 270 -48.84 1.79 10.28
CA SER R 270 -47.61 1.01 10.37
C SER R 270 -46.67 1.34 9.21
N PHE R 271 -47.22 1.46 8.00
CA PHE R 271 -46.40 1.72 6.80
C PHE R 271 -46.14 3.21 6.69
N LYS R 272 -45.21 3.67 7.52
CA LYS R 272 -44.92 5.09 7.63
C LYS R 272 -44.37 5.64 6.32
N GLY R 273 -44.75 6.88 6.00
CA GLY R 273 -44.23 7.57 4.85
C GLY R 273 -44.79 7.10 3.52
N HIS R 274 -45.81 6.26 3.51
CA HIS R 274 -46.38 5.73 2.28
C HIS R 274 -47.87 6.07 2.21
N VAL R 275 -48.30 6.50 1.02
CA VAL R 275 -49.71 6.74 0.74
C VAL R 275 -50.07 5.94 -0.51
N TYR R 276 -51.13 5.14 -0.41
CA TYR R 276 -51.50 4.21 -1.46
C TYR R 276 -52.77 4.70 -2.15
N ILE R 277 -52.70 4.80 -3.48
CA ILE R 277 -53.80 5.29 -4.30
C ILE R 277 -54.21 4.20 -5.27
N GLU R 278 -55.50 3.93 -5.35
CA GLU R 278 -56.04 2.98 -6.31
C GLU R 278 -56.52 3.74 -7.54
N ALA R 279 -55.90 3.48 -8.68
CA ALA R 279 -56.24 4.17 -9.92
C ALA R 279 -55.95 3.21 -11.07
N ARG R 280 -55.87 3.75 -12.29
CA ARG R 280 -55.57 2.95 -13.47
C ARG R 280 -54.46 3.52 -14.33
N LYS R 281 -54.06 4.78 -14.13
CA LYS R 281 -53.09 5.43 -14.99
C LYS R 281 -52.08 6.21 -14.15
N ALA R 282 -50.84 6.23 -14.61
CA ALA R 282 -49.81 7.02 -13.94
C ALA R 282 -50.09 8.51 -14.07
N GLU R 283 -50.66 8.95 -15.19
CA GLU R 283 -51.04 10.34 -15.33
C GLU R 283 -52.07 10.76 -14.31
N ALA R 284 -52.98 9.85 -13.95
CA ALA R 284 -53.95 10.15 -12.89
C ALA R 284 -53.24 10.37 -11.56
N ILE R 285 -52.23 9.55 -11.26
CA ILE R 285 -51.45 9.73 -10.04
C ILE R 285 -50.74 11.08 -10.06
N ASN R 286 -50.12 11.42 -11.19
CA ASN R 286 -49.43 12.70 -11.29
C ASN R 286 -50.40 13.86 -11.09
N ASP R 287 -51.58 13.77 -11.70
CA ASP R 287 -52.59 14.82 -11.54
C ASP R 287 -53.05 14.95 -10.10
N ALA R 288 -53.24 13.81 -9.42
CA ALA R 288 -53.63 13.85 -8.01
C ALA R 288 -52.54 14.47 -7.16
N LEU R 289 -51.28 14.13 -7.44
CA LEU R 289 -50.16 14.66 -6.66
C LEU R 289 -49.76 16.07 -7.08
N LYS R 290 -50.20 16.54 -8.25
CA LYS R 290 -49.87 17.88 -8.69
C LYS R 290 -50.49 18.91 -7.75
N GLY R 291 -49.69 19.91 -7.40
CA GLY R 291 -50.14 20.95 -6.49
C GLY R 291 -50.01 20.64 -5.03
N ASN R 292 -49.29 19.59 -4.65
CA ASN R 292 -49.06 19.23 -3.27
C ASN R 292 -47.60 19.44 -2.90
N VAL R 293 -47.36 19.86 -1.65
CA VAL R 293 -46.01 20.15 -1.20
C VAL R 293 -45.39 19.01 -0.39
N ASN R 294 -46.20 18.10 0.16
CA ASN R 294 -45.66 16.99 0.92
C ASN R 294 -45.00 15.92 0.05
N VAL R 295 -45.33 15.89 -1.24
CA VAL R 295 -44.71 14.95 -2.16
C VAL R 295 -43.27 15.38 -2.40
N PHE R 296 -42.35 14.43 -2.32
CA PHE R 296 -40.94 14.74 -2.52
C PHE R 296 -40.68 15.09 -3.99
N SER R 297 -39.51 15.68 -4.23
CA SER R 297 -39.19 16.18 -5.57
C SER R 297 -39.20 15.05 -6.60
N ASN R 298 -38.59 13.92 -6.27
CA ASN R 298 -38.56 12.79 -7.19
C ASN R 298 -39.88 12.03 -7.15
N ASN R 299 -40.27 11.49 -8.31
CA ASN R 299 -41.50 10.70 -8.43
C ASN R 299 -41.26 9.30 -7.89
N SER R 300 -41.27 9.21 -6.56
CA SER R 300 -41.06 7.94 -5.86
C SER R 300 -42.33 7.11 -5.84
N LYS R 301 -42.79 6.68 -7.02
CA LYS R 301 -44.00 5.86 -7.13
C LYS R 301 -43.61 4.47 -7.61
N PHE R 302 -44.33 3.46 -7.10
CA PHE R 302 -44.10 2.08 -7.47
C PHE R 302 -45.43 1.37 -7.66
N LEU R 303 -45.42 0.34 -8.48
CA LEU R 303 -46.61 -0.46 -8.75
C LEU R 303 -46.72 -1.56 -7.69
N VAL R 304 -47.81 -1.54 -6.93
CA VAL R 304 -48.02 -2.56 -5.91
C VAL R 304 -48.40 -3.88 -6.57
N GLY R 305 -47.74 -4.96 -6.15
CA GLY R 305 -48.07 -6.28 -6.66
C GLY R 305 -49.49 -6.67 -6.25
N ILE R 306 -50.15 -7.40 -7.15
CA ILE R 306 -51.56 -7.73 -6.94
C ILE R 306 -51.75 -8.57 -5.68
N VAL R 307 -50.77 -9.44 -5.38
CA VAL R 307 -50.85 -10.25 -4.17
C VAL R 307 -50.83 -9.36 -2.93
N GLU R 308 -50.09 -8.25 -2.98
CA GLU R 308 -50.01 -7.34 -1.85
C GLU R 308 -51.32 -6.59 -1.61
N TYR R 309 -52.27 -6.67 -2.54
CA TYR R 309 -53.51 -5.89 -2.41
C TYR R 309 -54.27 -6.29 -1.15
N LYS R 310 -54.36 -7.60 -0.88
CA LYS R 310 -55.03 -8.06 0.33
C LYS R 310 -54.25 -7.67 1.57
N ASP R 311 -52.92 -7.73 1.52
CA ASP R 311 -52.12 -7.46 2.70
C ASP R 311 -52.13 -5.98 3.08
N LEU R 312 -52.23 -5.09 2.09
CA LEU R 312 -52.23 -3.66 2.39
C LEU R 312 -53.43 -3.24 3.22
N LEU R 313 -54.53 -3.99 3.13
CA LEU R 313 -55.76 -3.64 3.83
C LEU R 313 -56.16 -4.68 4.88
N ARG R 314 -55.32 -5.69 5.12
CA ARG R 314 -55.63 -6.64 6.18
C ARG R 314 -55.57 -5.94 7.54
N PRO R 315 -56.42 -6.35 8.48
CA PRO R 315 -56.45 -5.68 9.78
C PRO R 315 -55.25 -6.06 10.63
N VAL R 316 -55.11 -5.32 11.75
CA VAL R 316 -54.00 -5.51 12.67
C VAL R 316 -54.55 -5.59 14.09
N LYS R 317 -53.66 -5.94 15.02
CA LYS R 317 -53.98 -6.03 16.45
C LYS R 317 -55.14 -6.98 16.73
N SER R 318 -55.23 -8.08 15.97
CA SER R 318 -56.28 -9.07 16.17
C SER R 318 -55.85 -10.19 17.11
N SER R 319 -54.79 -10.00 17.91
CA SER R 319 -54.33 -11.06 18.79
C SER R 319 -55.37 -11.41 19.85
N ASP R 320 -56.03 -10.42 20.44
CA ASP R 320 -57.03 -10.64 21.48
C ASP R 320 -58.32 -9.95 21.08
N VAL R 321 -59.45 -10.59 21.41
CA VAL R 321 -60.75 -10.04 21.05
C VAL R 321 -61.01 -8.74 21.80
N LYS R 322 -60.82 -8.76 23.12
CA LYS R 322 -61.11 -7.60 23.96
C LYS R 322 -60.51 -7.83 25.34
N LEU R 323 -60.48 -6.75 26.12
CA LEU R 323 -60.15 -6.86 27.54
C LEU R 323 -61.35 -7.42 28.29
N THR R 324 -61.12 -8.48 29.07
CA THR R 324 -62.18 -9.21 29.74
C THR R 324 -62.35 -8.69 31.16
N ARG R 325 -63.59 -8.36 31.52
CA ARG R 325 -63.88 -7.93 32.88
C ARG R 325 -63.64 -9.06 33.87
N GLY R 326 -63.02 -8.73 34.99
CA GLY R 326 -62.64 -9.72 35.99
C GLY R 326 -61.24 -10.25 35.84
N SER R 327 -60.59 -9.99 34.70
CA SER R 327 -59.22 -10.43 34.52
C SER R 327 -58.26 -9.61 35.38
N TYR R 328 -57.12 -10.22 35.69
CA TYR R 328 -56.08 -9.57 36.47
C TYR R 328 -54.99 -9.05 35.55
N VAL R 329 -54.67 -7.75 35.68
CA VAL R 329 -53.72 -7.09 34.80
C VAL R 329 -52.74 -6.28 35.64
N ARG R 330 -51.65 -5.88 34.99
CA ARG R 330 -50.63 -5.04 35.60
C ARG R 330 -50.74 -3.62 35.06
N VAL R 331 -50.35 -2.65 35.88
CA VAL R 331 -50.51 -1.24 35.57
C VAL R 331 -49.19 -0.68 35.05
N LYS R 332 -49.24 0.03 33.92
CA LYS R 332 -48.02 0.53 33.29
C LYS R 332 -47.40 1.69 34.06
N ASN R 333 -48.21 2.64 34.52
CA ASN R 333 -47.68 3.82 35.19
C ASN R 333 -48.69 4.28 36.23
N GLY R 334 -48.44 5.46 36.80
CA GLY R 334 -49.29 5.97 37.87
C GLY R 334 -48.77 5.61 39.24
N LYS R 335 -49.55 5.99 40.25
CA LYS R 335 -49.17 5.73 41.64
C LYS R 335 -49.11 4.24 41.95
N PHE R 336 -49.87 3.42 41.22
CA PHE R 336 -49.87 1.97 41.38
C PHE R 336 -49.11 1.30 40.23
N LYS R 337 -48.03 1.94 39.78
CA LYS R 337 -47.20 1.41 38.70
C LYS R 337 -46.68 0.02 39.03
N GLY R 338 -47.17 -0.99 38.31
CA GLY R 338 -46.76 -2.36 38.50
C GLY R 338 -47.64 -3.18 39.40
N ASP R 339 -48.57 -2.55 40.13
CA ASP R 339 -49.46 -3.30 41.00
C ASP R 339 -50.46 -4.11 40.17
N LEU R 340 -50.70 -5.34 40.59
CA LEU R 340 -51.71 -6.17 39.93
C LEU R 340 -53.10 -5.63 40.22
N ALA R 341 -53.92 -5.55 39.18
CA ALA R 341 -55.25 -4.97 39.30
C ALA R 341 -56.25 -5.83 38.56
N GLN R 342 -57.43 -5.98 39.16
CA GLN R 342 -58.52 -6.72 38.54
C GLN R 342 -59.37 -5.76 37.70
N VAL R 343 -59.77 -6.21 36.52
CA VAL R 343 -60.57 -5.39 35.62
C VAL R 343 -62.04 -5.54 35.99
N ASP R 344 -62.50 -4.72 36.93
CA ASP R 344 -63.91 -4.76 37.31
C ASP R 344 -64.81 -4.31 36.16
N GLU R 345 -64.41 -3.25 35.45
CA GLU R 345 -65.22 -2.69 34.38
C GLU R 345 -64.35 -2.37 33.19
N VAL R 346 -64.87 -2.64 31.99
CA VAL R 346 -64.24 -2.25 30.73
C VAL R 346 -65.14 -1.21 30.08
N LEU R 347 -64.59 -0.01 29.90
CA LEU R 347 -65.35 1.05 29.23
C LEU R 347 -65.54 0.70 27.76
N GLU R 348 -66.74 0.98 27.25
CA GLU R 348 -67.05 0.66 25.86
C GLU R 348 -66.18 1.43 24.88
N ASN R 349 -65.63 2.58 25.29
CA ASN R 349 -64.73 3.33 24.42
C ASN R 349 -63.45 2.56 24.15
N GLY R 350 -62.99 1.77 25.13
CA GLY R 350 -61.79 0.98 24.97
C GLY R 350 -60.49 1.70 25.27
N LEU R 351 -60.53 3.01 25.48
CA LEU R 351 -59.34 3.76 25.83
C LEU R 351 -59.06 3.76 27.34
N GLU R 352 -60.10 3.56 28.15
CA GLU R 352 -59.98 3.52 29.60
C GLU R 352 -60.78 2.34 30.13
N ALA R 353 -60.62 2.06 31.43
CA ALA R 353 -61.33 0.97 32.08
C ALA R 353 -61.23 1.13 33.58
N ARG R 354 -62.34 0.87 34.28
CA ARG R 354 -62.38 0.94 35.72
C ARG R 354 -61.77 -0.33 36.30
N LEU R 355 -60.87 -0.18 37.27
CA LEU R 355 -60.10 -1.29 37.78
C LEU R 355 -60.19 -1.37 39.30
N LYS R 356 -60.00 -2.58 39.83
CA LYS R 356 -60.00 -2.83 41.26
C LYS R 356 -58.56 -2.95 41.74
N LEU R 357 -58.17 -2.06 42.65
CA LEU R 357 -56.77 -1.97 43.08
C LEU R 357 -56.70 -1.97 44.59
N VAL R 358 -55.48 -2.16 45.10
CA VAL R 358 -55.19 -2.04 46.52
C VAL R 358 -54.73 -0.62 46.81
N PRO R 359 -55.39 0.10 47.71
CA PRO R 359 -55.05 1.53 47.91
C PRO R 359 -53.62 1.71 48.42
N ARG R 360 -53.05 2.85 48.07
CA ARG R 360 -51.73 3.28 48.54
C ARG R 360 -51.89 4.65 49.17
N LEU R 361 -52.14 4.68 50.47
CA LEU R 361 -52.42 5.92 51.17
C LEU R 361 -51.61 6.01 52.45
N ASP R 362 -51.36 7.24 52.89
CA ASP R 362 -50.79 7.51 54.21
C ASP R 362 -51.79 8.18 55.15
N TYR R 363 -52.93 8.63 54.64
CA TYR R 363 -53.98 9.30 55.40
C TYR R 363 -53.53 10.62 56.02
N GLY R 364 -52.35 11.11 55.65
CA GLY R 364 -51.83 12.35 56.20
C GLY R 364 -51.18 12.18 57.56
N PHE R 390 -41.51 7.67 45.57
CA PHE R 390 -41.90 7.75 46.98
C PHE R 390 -43.42 7.62 47.12
N ARG R 391 -43.88 6.41 47.42
CA ARG R 391 -45.31 6.15 47.59
C ARG R 391 -45.50 5.18 48.74
N PRO R 392 -46.61 5.28 49.47
CA PRO R 392 -46.86 4.32 50.54
C PRO R 392 -47.13 2.93 49.99
N ALA R 393 -46.83 1.92 50.80
CA ALA R 393 -47.06 0.54 50.42
C ALA R 393 -48.56 0.28 50.25
N GLN R 394 -48.89 -0.61 49.33
CA GLN R 394 -50.29 -0.92 49.08
C GLN R 394 -50.93 -1.57 50.29
N ARG R 395 -52.15 -1.16 50.60
CA ARG R 395 -52.86 -1.63 51.78
C ARG R 395 -54.34 -1.35 51.61
N LEU R 396 -55.18 -2.27 52.07
CA LEU R 396 -56.61 -2.09 52.00
C LEU R 396 -57.02 -0.82 52.74
N PHE R 397 -57.91 -0.05 52.14
CA PHE R 397 -58.32 1.22 52.71
C PHE R 397 -59.05 0.98 54.03
N SER R 398 -58.47 1.48 55.11
CA SER R 398 -58.99 1.26 56.46
C SER R 398 -59.79 2.50 56.88
N GLU R 399 -61.10 2.32 57.05
CA GLU R 399 -61.98 3.46 57.29
C GLU R 399 -61.72 4.09 58.65
N ALA R 400 -61.43 3.27 59.67
CA ALA R 400 -61.20 3.81 61.02
C ALA R 400 -59.93 4.66 61.06
N GLU R 401 -58.83 4.14 60.53
CA GLU R 401 -57.59 4.91 60.49
C GLU R 401 -57.76 6.16 59.64
N ALA R 402 -58.48 6.04 58.51
CA ALA R 402 -58.72 7.19 57.66
C ALA R 402 -59.50 8.28 58.39
N ARG R 403 -60.53 7.90 59.16
CA ARG R 403 -61.28 8.90 59.92
C ARG R 403 -60.42 9.51 61.01
N VAL R 404 -59.61 8.70 61.69
CA VAL R 404 -58.78 9.22 62.77
C VAL R 404 -57.77 10.23 62.22
N HIS R 405 -57.12 9.90 61.11
CA HIS R 405 -56.18 10.82 60.48
C HIS R 405 -56.86 11.86 59.60
N GLU R 406 -58.12 11.64 59.22
CA GLU R 406 -58.82 12.59 58.36
C GLU R 406 -60.34 12.38 58.50
N PRO R 407 -61.01 13.17 59.36
CA PRO R 407 -62.43 12.94 59.62
C PRO R 407 -63.38 13.42 58.52
N THR R 408 -62.86 13.74 57.33
CA THR R 408 -63.68 14.25 56.23
C THR R 408 -64.10 13.16 55.25
N ILE R 409 -64.28 11.92 55.72
CA ILE R 409 -64.68 10.84 54.84
C ILE R 409 -66.12 11.04 54.38
N ARG R 410 -66.41 10.69 53.13
CA ARG R 410 -67.75 10.72 52.60
C ARG R 410 -68.33 9.31 52.50
N ARG R 411 -69.66 9.23 52.48
CA ARG R 411 -70.38 7.98 52.34
C ARG R 411 -71.46 8.17 51.29
N ASP R 412 -71.61 7.18 50.40
CA ASP R 412 -72.62 7.21 49.36
C ASP R 412 -73.54 6.00 49.36
N ARG R 413 -73.05 4.83 49.79
CA ARG R 413 -73.84 3.61 49.83
C ARG R 413 -73.37 2.78 51.03
N ASP R 414 -73.75 1.51 51.03
CA ASP R 414 -73.27 0.55 52.03
C ASP R 414 -72.15 -0.26 51.40
N GLY R 415 -70.96 -0.18 52.01
CA GLY R 415 -69.79 -0.83 51.49
C GLY R 415 -69.02 -0.04 50.45
N PHE R 416 -69.61 1.03 49.91
CA PHE R 416 -68.96 1.91 48.96
C PHE R 416 -68.65 3.23 49.64
N VAL R 417 -67.35 3.49 49.84
CA VAL R 417 -66.90 4.66 50.58
C VAL R 417 -66.01 5.51 49.70
N THR R 418 -66.20 6.83 49.77
CA THR R 418 -65.39 7.79 49.04
C THR R 418 -64.59 8.60 50.03
N TYR R 419 -63.26 8.46 49.99
CA TYR R 419 -62.37 9.17 50.89
C TYR R 419 -61.36 9.95 50.08
N GLY R 420 -61.28 11.25 50.33
CA GLY R 420 -60.34 12.11 49.61
C GLY R 420 -60.56 12.14 48.12
N GLY R 421 -61.81 12.03 47.68
CA GLY R 421 -62.12 12.00 46.27
C GLY R 421 -61.89 10.67 45.60
N GLU R 422 -61.47 9.64 46.34
CA GLU R 422 -61.20 8.32 45.80
C GLU R 422 -62.24 7.33 46.32
N GLU R 423 -62.80 6.55 45.41
CA GLU R 423 -63.91 5.64 45.73
C GLU R 423 -63.34 4.28 46.09
N TYR R 424 -63.53 3.86 47.34
CA TYR R 424 -63.09 2.56 47.83
C TYR R 424 -64.32 1.71 48.12
N TYR R 425 -64.37 0.53 47.53
CA TYR R 425 -65.51 -0.38 47.65
C TYR R 425 -65.08 -1.59 48.47
N GLU R 426 -65.59 -1.68 49.70
CA GLU R 426 -65.31 -2.80 50.61
C GLU R 426 -63.82 -2.99 50.82
N GLY R 427 -63.10 -1.88 50.97
CA GLY R 427 -61.68 -1.91 51.22
C GLY R 427 -60.78 -1.94 50.00
N PHE R 428 -61.35 -2.01 48.81
CA PHE R 428 -60.57 -2.03 47.57
C PHE R 428 -60.87 -0.76 46.76
N LEU R 429 -59.82 -0.13 46.27
CA LEU R 429 -59.99 1.05 45.43
C LEU R 429 -60.56 0.66 44.06
N TYR R 430 -61.50 1.46 43.58
CA TYR R 430 -62.07 1.31 42.24
C TYR R 430 -61.80 2.62 41.50
N LYS R 431 -60.88 2.58 40.54
CA LYS R 431 -60.47 3.76 39.80
C LYS R 431 -60.30 3.42 38.33
N THR R 432 -60.81 4.29 37.46
CA THR R 432 -60.65 4.11 36.03
C THR R 432 -59.21 4.42 35.61
N PHE R 433 -58.67 3.59 34.74
CA PHE R 433 -57.32 3.78 34.22
C PHE R 433 -57.34 3.62 32.71
N ARG R 434 -56.49 4.39 32.03
CA ARG R 434 -56.44 4.36 30.59
C ARG R 434 -55.83 3.06 30.08
N LEU R 435 -56.17 2.72 28.83
CA LEU R 435 -55.62 1.52 28.21
C LEU R 435 -54.09 1.60 28.11
N GLN R 436 -53.56 2.80 27.91
CA GLN R 436 -52.12 3.04 27.87
C GLN R 436 -51.47 2.93 29.23
N ASN R 437 -52.22 2.55 30.26
CA ASN R 437 -51.69 2.36 31.61
C ASN R 437 -51.70 0.90 32.05
N LEU R 438 -51.92 -0.03 31.14
CA LEU R 438 -52.11 -1.43 31.50
C LEU R 438 -51.29 -2.35 30.61
N ILE R 439 -50.85 -3.46 31.19
CA ILE R 439 -50.24 -4.56 30.47
C ILE R 439 -51.20 -5.74 30.55
N VAL R 440 -51.72 -6.16 29.40
CA VAL R 440 -52.71 -7.24 29.35
C VAL R 440 -52.10 -8.56 28.92
N ASN R 441 -50.78 -8.65 28.80
CA ASN R 441 -50.11 -9.88 28.40
C ASN R 441 -48.82 -10.02 29.18
N SER R 442 -48.33 -11.25 29.26
CA SER R 442 -47.12 -11.58 30.02
C SER R 442 -47.24 -11.11 31.47
N ILE R 443 -48.41 -11.32 32.05
CA ILE R 443 -48.71 -10.86 33.41
C ILE R 443 -48.15 -11.86 34.41
N ASN R 444 -47.37 -11.37 35.37
CA ASN R 444 -46.72 -12.22 36.34
C ASN R 444 -47.41 -12.08 37.69
N PRO R 445 -48.20 -13.06 38.13
CA PRO R 445 -48.89 -12.95 39.42
C PRO R 445 -48.09 -13.49 40.58
N THR R 446 -48.37 -12.93 41.76
CA THR R 446 -47.77 -13.37 43.01
C THR R 446 -48.86 -13.88 43.93
N LEU R 447 -48.55 -14.94 44.68
CA LEU R 447 -49.54 -15.53 45.58
C LEU R 447 -49.93 -14.58 46.70
N ASN R 448 -49.02 -13.67 47.09
CA ASN R 448 -49.36 -12.70 48.13
C ASN R 448 -50.48 -11.77 47.65
N GLU R 449 -50.30 -11.17 46.47
CA GLU R 449 -51.33 -10.30 45.92
C GLU R 449 -52.60 -11.09 45.58
N LEU R 450 -52.43 -12.33 45.09
CA LEU R 450 -53.59 -13.16 44.80
C LEU R 450 -54.42 -13.42 46.05
N SER R 451 -53.76 -13.74 47.17
CA SER R 451 -54.47 -13.95 48.42
C SER R 451 -55.11 -12.66 48.90
N LEU R 452 -54.39 -11.54 48.81
CA LEU R 452 -54.94 -10.26 49.27
C LEU R 452 -56.17 -9.86 48.44
N PHE R 453 -56.21 -10.25 47.17
CA PHE R 453 -57.36 -9.95 46.31
C PHE R 453 -58.51 -10.93 46.51
N GLN R 454 -58.22 -12.21 46.73
CA GLN R 454 -59.25 -13.23 46.79
C GLN R 454 -59.74 -13.52 48.21
N SER R 455 -59.16 -12.88 49.23
CA SER R 455 -59.62 -13.12 50.59
C SER R 455 -61.06 -12.67 50.77
N ASN R 456 -61.44 -11.56 50.15
CA ASN R 456 -62.80 -11.06 50.25
C ASN R 456 -63.81 -11.93 49.51
N GLU R 457 -63.34 -12.87 48.69
CA GLU R 457 -64.21 -13.79 47.95
C GLU R 457 -64.54 -15.05 48.74
N GLU R 458 -64.25 -15.07 50.04
CA GLU R 458 -64.52 -16.18 50.95
C GLU R 458 -63.80 -17.46 50.55
N SER R 459 -62.79 -17.37 49.68
CA SER R 459 -62.03 -18.54 49.27
C SER R 459 -60.70 -18.08 48.69
N THR R 460 -59.63 -18.80 49.02
CA THR R 460 -58.29 -18.43 48.59
C THR R 460 -58.08 -18.85 47.14
N THR R 461 -58.00 -17.86 46.25
CA THR R 461 -57.72 -18.07 44.83
C THR R 461 -58.69 -19.07 44.20
N ILE R 462 -59.98 -18.74 44.28
CA ILE R 462 -61.00 -19.58 43.67
C ILE R 462 -60.90 -19.52 42.15
N ASP R 463 -60.61 -18.34 41.59
CA ASP R 463 -60.49 -18.17 40.15
C ASP R 463 -59.07 -18.55 39.72
N LEU R 464 -58.95 -19.53 38.82
CA LEU R 464 -57.65 -20.01 38.40
C LEU R 464 -57.56 -20.29 36.91
N SER R 465 -58.48 -19.78 36.09
CA SER R 465 -58.41 -20.03 34.65
C SER R 465 -57.37 -19.12 34.00
N THR R 466 -57.49 -17.81 34.21
CA THR R 466 -56.47 -16.88 33.71
C THR R 466 -55.11 -17.18 34.34
N ILE R 467 -55.10 -17.58 35.61
CA ILE R 467 -53.85 -17.97 36.24
C ILE R 467 -53.24 -19.19 35.55
N ALA R 468 -54.08 -20.17 35.21
CA ALA R 468 -53.59 -21.35 34.50
C ALA R 468 -53.03 -20.97 33.12
N ASP R 469 -53.70 -20.05 32.42
CA ASP R 469 -53.19 -19.59 31.13
C ASP R 469 -51.84 -18.90 31.30
N SER R 470 -51.71 -18.07 32.34
CA SER R 470 -50.43 -17.43 32.61
C SER R 470 -49.36 -18.46 32.93
N LEU R 471 -49.71 -19.51 33.67
CA LEU R 471 -48.77 -20.59 33.95
C LEU R 471 -48.30 -21.26 32.67
N LYS R 472 -49.23 -21.53 31.76
CA LYS R 472 -48.87 -22.12 30.47
C LYS R 472 -47.93 -21.21 29.70
N GLU R 473 -48.22 -19.91 29.69
CA GLU R 473 -47.35 -18.96 28.99
C GLU R 473 -45.95 -18.94 29.60
N THR R 474 -45.88 -18.92 30.93
CA THR R 474 -44.58 -18.89 31.60
C THR R 474 -43.79 -20.16 31.32
N ALA R 475 -44.47 -21.32 31.33
CA ALA R 475 -43.80 -22.57 31.04
C ALA R 475 -43.30 -22.61 29.61
N LYS R 476 -44.09 -22.11 28.65
CA LYS R 476 -43.71 -22.19 27.25
C LYS R 476 -42.57 -21.23 26.93
N ASN R 477 -42.65 -19.99 27.41
CA ASN R 477 -41.65 -19.00 27.05
C ASN R 477 -40.31 -19.22 27.75
N LEU R 478 -40.32 -19.78 28.95
CA LEU R 478 -39.08 -19.93 29.71
C LEU R 478 -38.17 -21.03 29.18
N VAL R 479 -38.66 -21.88 28.29
CA VAL R 479 -37.83 -22.98 27.79
C VAL R 479 -36.82 -22.45 26.78
N SER R 480 -35.54 -22.73 27.04
CA SER R 480 -34.45 -22.40 26.12
C SER R 480 -33.57 -23.62 25.98
N PHE R 481 -33.16 -23.92 24.74
CA PHE R 481 -32.43 -25.14 24.44
C PHE R 481 -31.00 -24.83 24.04
N GLN R 482 -30.14 -25.83 24.21
CA GLN R 482 -28.73 -25.76 23.84
C GLN R 482 -28.35 -27.08 23.20
N PRO R 483 -27.30 -27.09 22.38
CA PRO R 483 -26.86 -28.36 21.79
C PRO R 483 -26.48 -29.38 22.86
N GLY R 484 -26.80 -30.65 22.60
CA GLY R 484 -26.51 -31.72 23.53
C GLY R 484 -27.57 -32.00 24.56
N ASP R 485 -28.64 -31.21 24.60
CA ASP R 485 -29.71 -31.46 25.58
C ASP R 485 -30.51 -32.69 25.20
N ASN R 486 -30.78 -33.53 26.20
CA ASN R 486 -31.63 -34.70 26.02
C ASN R 486 -33.09 -34.26 26.14
N VAL R 487 -33.85 -34.48 25.06
CA VAL R 487 -35.22 -33.99 24.97
C VAL R 487 -36.14 -35.13 24.57
N GLU R 488 -37.43 -34.94 24.85
CA GLU R 488 -38.46 -35.88 24.47
C GLU R 488 -39.56 -35.16 23.71
N ILE R 489 -40.21 -35.88 22.80
CA ILE R 489 -41.17 -35.30 21.86
C ILE R 489 -42.57 -35.58 22.37
N ILE R 490 -43.42 -34.55 22.38
CA ILE R 490 -44.75 -34.64 22.94
C ILE R 490 -45.80 -34.92 21.89
N ASN R 491 -45.65 -34.35 20.70
CA ASN R 491 -46.66 -34.46 19.65
C ASN R 491 -46.03 -35.05 18.38
N GLY R 492 -46.79 -35.03 17.30
CA GLY R 492 -46.30 -35.47 16.01
C GLY R 492 -46.24 -36.99 15.89
N GLU R 493 -45.87 -37.44 14.70
CA GLU R 493 -45.71 -38.87 14.47
C GLU R 493 -44.55 -39.44 15.28
N LEU R 494 -43.57 -38.60 15.62
CA LEU R 494 -42.41 -39.01 16.40
C LEU R 494 -42.62 -38.80 17.90
N ASN R 495 -43.86 -38.83 18.36
CA ASN R 495 -44.16 -38.61 19.76
C ASN R 495 -43.56 -39.71 20.62
N HIS R 496 -43.16 -39.33 21.84
CA HIS R 496 -42.53 -40.25 22.80
C HIS R 496 -41.24 -40.84 22.23
N LEU R 497 -40.39 -39.97 21.71
CA LEU R 497 -39.07 -40.35 21.23
C LEU R 497 -38.02 -39.48 21.90
N THR R 498 -36.87 -40.07 22.19
CA THR R 498 -35.77 -39.37 22.83
C THR R 498 -34.72 -39.00 21.79
N GLY R 499 -34.02 -37.90 22.07
CA GLY R 499 -33.01 -37.42 21.15
C GLY R 499 -32.17 -36.35 21.80
N THR R 500 -31.03 -36.06 21.16
CA THR R 500 -30.08 -35.07 21.64
C THR R 500 -30.02 -33.91 20.66
N VAL R 501 -30.08 -32.69 21.19
CA VAL R 501 -30.04 -31.50 20.34
C VAL R 501 -28.66 -31.39 19.70
N SER R 502 -28.62 -31.38 18.37
CA SER R 502 -27.36 -31.26 17.66
C SER R 502 -26.99 -29.81 17.39
N SER R 503 -27.89 -29.04 16.77
CA SER R 503 -27.64 -27.64 16.48
C SER R 503 -28.94 -26.87 16.68
N VAL R 504 -28.79 -25.57 16.93
CA VAL R 504 -29.90 -24.66 17.17
C VAL R 504 -29.89 -23.59 16.10
N ASN R 505 -31.03 -23.41 15.43
CA ASN R 505 -31.20 -22.39 14.42
C ASN R 505 -32.39 -21.52 14.81
N GLN R 506 -32.19 -20.20 14.83
CA GLN R 506 -33.18 -19.22 15.30
C GLN R 506 -33.59 -19.65 16.72
N SER R 507 -34.89 -19.66 17.04
CA SER R 507 -35.37 -20.10 18.34
C SER R 507 -36.56 -21.04 18.23
N THR R 508 -36.91 -21.47 17.02
CA THR R 508 -38.07 -22.34 16.81
C THR R 508 -37.76 -23.61 16.04
N ILE R 509 -36.59 -23.74 15.42
CA ILE R 509 -36.20 -24.93 14.69
C ILE R 509 -34.95 -25.49 15.35
N VAL R 510 -35.01 -26.75 15.78
CA VAL R 510 -33.92 -27.40 16.47
C VAL R 510 -33.61 -28.72 15.77
N SER R 511 -32.37 -28.88 15.32
CA SER R 511 -31.95 -30.13 14.71
C SER R 511 -31.61 -31.14 15.81
N VAL R 512 -32.25 -32.30 15.75
CA VAL R 512 -32.13 -33.32 16.78
C VAL R 512 -31.73 -34.64 16.13
N ARG R 513 -30.76 -35.32 16.75
CA ARG R 513 -30.40 -36.69 16.37
C ARG R 513 -31.08 -37.63 17.36
N LEU R 514 -31.92 -38.53 16.84
CA LEU R 514 -32.70 -39.41 17.69
C LEU R 514 -31.88 -40.63 18.11
N HIS R 515 -32.25 -41.20 19.25
CA HIS R 515 -31.62 -42.38 19.80
C HIS R 515 -32.64 -43.52 19.83
N SER R 516 -32.27 -44.67 19.30
CA SER R 516 -33.14 -45.83 19.26
C SER R 516 -32.28 -47.08 19.13
N ASP R 517 -32.92 -48.24 19.34
CA ASP R 517 -32.21 -49.51 19.26
C ASP R 517 -31.70 -49.80 17.84
N ASP R 518 -32.28 -49.15 16.83
CA ASP R 518 -31.83 -49.35 15.45
C ASP R 518 -30.69 -48.39 15.13
N ASP R 519 -29.58 -48.94 14.65
CA ASP R 519 -28.40 -48.11 14.37
C ASP R 519 -28.65 -47.16 13.21
N THR R 520 -29.37 -47.62 12.17
CA THR R 520 -29.62 -46.77 11.01
C THR R 520 -30.48 -45.57 11.35
N ILE R 521 -31.32 -45.66 12.38
CA ILE R 521 -32.12 -44.52 12.80
C ILE R 521 -31.31 -43.52 13.61
N ASN R 522 -30.35 -44.00 14.41
CA ASN R 522 -29.54 -43.13 15.25
C ASN R 522 -28.59 -42.26 14.45
N SER R 523 -28.40 -42.52 13.16
CA SER R 523 -27.51 -41.74 12.31
C SER R 523 -28.24 -40.69 11.50
N GLU R 524 -29.47 -40.34 11.89
CA GLU R 524 -30.27 -39.37 11.17
C GLU R 524 -30.51 -38.15 12.06
N THR R 525 -30.48 -36.97 11.46
CA THR R 525 -30.75 -35.72 12.16
C THR R 525 -32.08 -35.15 11.68
N VAL R 526 -32.94 -34.80 12.63
CA VAL R 526 -34.29 -34.31 12.35
C VAL R 526 -34.43 -32.93 12.96
N GLU R 527 -34.96 -31.99 12.17
CA GLU R 527 -35.27 -30.65 12.65
C GLU R 527 -36.69 -30.63 13.20
N ILE R 528 -36.83 -30.27 14.46
CA ILE R 528 -38.12 -30.40 15.14
C ILE R 528 -38.47 -29.06 15.80
N PRO R 529 -39.73 -28.61 15.70
CA PRO R 529 -40.12 -27.38 16.39
C PRO R 529 -39.97 -27.51 17.89
N THR R 530 -39.58 -26.41 18.53
CA THR R 530 -39.34 -26.40 19.98
C THR R 530 -40.62 -26.53 20.79
N SER R 531 -41.78 -26.23 20.20
CA SER R 531 -43.03 -26.30 20.95
C SER R 531 -43.44 -27.73 21.31
N ASP R 532 -42.78 -28.74 20.73
CA ASP R 532 -43.08 -30.14 20.99
C ASP R 532 -41.87 -30.87 21.52
N LEU R 533 -41.09 -30.21 22.38
CA LEU R 533 -39.91 -30.80 23.00
C LEU R 533 -39.98 -30.61 24.51
N ARG R 534 -39.63 -31.66 25.25
CA ARG R 534 -39.56 -31.60 26.71
C ARG R 534 -38.19 -32.12 27.15
N LYS R 535 -37.53 -31.37 28.03
CA LYS R 535 -36.20 -31.75 28.47
C LYS R 535 -36.24 -33.05 29.28
N ILE R 536 -35.21 -33.86 29.12
CA ILE R 536 -35.06 -35.12 29.83
C ILE R 536 -33.95 -34.95 30.85
N PHE R 537 -34.29 -35.14 32.13
CA PHE R 537 -33.35 -34.95 33.24
C PHE R 537 -33.09 -36.29 33.90
N ASN R 538 -31.86 -36.76 33.80
CA ASN R 538 -31.47 -38.03 34.40
C ASN R 538 -30.90 -37.82 35.81
N VAL R 539 -31.04 -38.84 36.64
CA VAL R 539 -30.63 -38.73 38.04
C VAL R 539 -29.12 -38.68 38.13
N GLY R 540 -28.60 -37.71 38.89
CA GLY R 540 -27.17 -37.60 39.09
C GLY R 540 -26.48 -36.67 38.11
N ASP R 541 -27.14 -35.58 37.76
CA ASP R 541 -26.61 -34.60 36.81
C ASP R 541 -26.59 -33.23 37.45
N HIS R 542 -25.52 -32.47 37.20
CA HIS R 542 -25.44 -31.09 37.68
C HIS R 542 -26.44 -30.23 36.93
N VAL R 543 -27.35 -29.58 37.67
CA VAL R 543 -28.39 -28.76 37.08
C VAL R 543 -28.46 -27.43 37.83
N ARG R 544 -28.64 -26.35 37.09
CA ARG R 544 -28.72 -25.01 37.65
C ARG R 544 -30.11 -24.44 37.44
N VAL R 545 -30.67 -23.83 38.49
CA VAL R 545 -32.00 -23.27 38.41
C VAL R 545 -31.98 -22.03 37.53
N ILE R 546 -32.91 -21.97 36.57
CA ILE R 546 -32.97 -20.84 35.66
C ILE R 546 -33.64 -19.65 36.32
N HIS R 547 -34.85 -19.84 36.85
CA HIS R 547 -35.65 -18.74 37.34
C HIS R 547 -36.49 -19.21 38.51
N GLY R 548 -36.78 -18.28 39.42
CA GLY R 548 -37.58 -18.54 40.60
C GLY R 548 -36.90 -17.98 41.84
N LYS R 549 -37.42 -18.38 43.00
CA LYS R 549 -36.80 -17.98 44.25
C LYS R 549 -35.41 -18.58 44.41
N HIS R 550 -35.20 -19.79 43.88
CA HIS R 550 -33.91 -20.46 43.95
C HIS R 550 -33.03 -20.18 42.74
N THR R 551 -33.16 -19.00 42.13
CA THR R 551 -32.37 -18.66 40.96
C THR R 551 -30.87 -18.76 41.27
N ASP R 552 -30.11 -19.28 40.31
CA ASP R 552 -28.67 -19.49 40.39
C ASP R 552 -28.27 -20.55 41.40
N ASP R 553 -29.21 -21.40 41.83
CA ASP R 553 -28.89 -22.53 42.68
C ASP R 553 -28.62 -23.77 41.82
N THR R 554 -27.58 -24.51 42.19
CA THR R 554 -27.18 -25.70 41.44
C THR R 554 -27.24 -26.92 42.36
N GLY R 555 -27.11 -28.08 41.74
CA GLY R 555 -27.13 -29.32 42.51
C GLY R 555 -27.14 -30.53 41.61
N LEU R 556 -27.35 -31.68 42.22
CA LEU R 556 -27.38 -32.97 41.52
C LEU R 556 -28.79 -33.55 41.60
N ILE R 557 -29.30 -34.01 40.46
CA ILE R 557 -30.65 -34.56 40.41
C ILE R 557 -30.72 -35.82 41.26
N VAL R 558 -31.77 -35.92 42.08
CA VAL R 558 -31.97 -37.06 42.97
C VAL R 558 -33.25 -37.81 42.64
N GLU R 559 -34.36 -37.11 42.50
CA GLU R 559 -35.66 -37.72 42.22
C GLU R 559 -36.33 -36.97 41.08
N VAL R 560 -36.90 -37.71 40.13
CA VAL R 560 -37.54 -37.15 38.95
C VAL R 560 -39.01 -37.54 39.02
N ASN R 561 -39.84 -36.65 39.56
CA ASN R 561 -41.29 -36.88 39.64
C ASN R 561 -42.02 -36.24 38.47
N GLY R 562 -41.65 -36.63 37.25
CA GLY R 562 -42.29 -36.11 36.07
C GLY R 562 -42.04 -34.64 35.82
N ASP R 563 -43.09 -33.82 35.96
CA ASP R 563 -42.94 -32.38 35.76
C ASP R 563 -42.03 -31.75 36.80
N LYS R 564 -42.15 -32.19 38.04
CA LYS R 564 -41.37 -31.64 39.15
C LYS R 564 -40.16 -32.53 39.41
N VAL R 565 -38.99 -31.93 39.49
CA VAL R 565 -37.73 -32.64 39.68
C VAL R 565 -37.11 -32.20 41.00
N GLU R 566 -36.56 -33.17 41.73
CA GLU R 566 -35.93 -32.92 43.01
C GLU R 566 -34.42 -33.07 42.90
N PHE R 567 -33.69 -32.18 43.55
CA PHE R 567 -32.24 -32.18 43.49
C PHE R 567 -31.65 -31.67 44.79
N ILE R 568 -30.53 -32.24 45.21
CA ILE R 568 -29.83 -31.80 46.40
C ILE R 568 -29.02 -30.56 46.07
N SER R 569 -29.23 -29.48 46.83
CA SER R 569 -28.55 -28.23 46.56
C SER R 569 -27.08 -28.32 46.92
N ASN R 570 -26.30 -27.40 46.37
CA ASN R 570 -24.87 -27.30 46.62
C ASN R 570 -24.54 -26.31 47.72
N GLN R 571 -25.16 -25.13 47.70
CA GLN R 571 -24.89 -24.11 48.71
C GLN R 571 -25.59 -24.44 50.02
N THR R 572 -26.92 -24.59 50.00
CA THR R 572 -27.66 -24.92 51.20
C THR R 572 -27.49 -26.39 51.58
N LYS R 573 -27.04 -27.24 50.65
CA LYS R 573 -26.84 -28.66 50.90
C LYS R 573 -28.12 -29.34 51.38
N ARG R 574 -29.26 -28.93 50.83
CA ARG R 574 -30.54 -29.50 51.18
C ARG R 574 -31.35 -29.73 49.92
N THR R 575 -32.27 -30.68 49.99
CA THR R 575 -33.10 -31.01 48.84
C THR R 575 -34.08 -29.89 48.54
N VAL R 576 -34.20 -29.55 47.26
CA VAL R 576 -35.14 -28.53 46.78
C VAL R 576 -35.94 -29.11 45.62
N ILE R 577 -37.24 -28.91 45.65
CA ILE R 577 -38.15 -29.42 44.62
C ILE R 577 -38.59 -28.24 43.77
N VAL R 578 -38.17 -28.23 42.50
CA VAL R 578 -38.53 -27.20 41.55
C VAL R 578 -38.95 -27.89 40.25
N PHE R 579 -39.83 -27.23 39.51
CA PHE R 579 -40.31 -27.78 38.25
C PHE R 579 -39.15 -27.96 37.26
N SER R 580 -39.28 -28.97 36.41
CA SER R 580 -38.27 -29.24 35.39
C SER R 580 -38.13 -28.09 34.40
N ASN R 581 -39.14 -27.21 34.32
CA ASN R 581 -39.07 -26.06 33.44
C ASN R 581 -38.06 -25.03 33.90
N TYR R 582 -37.61 -25.08 35.16
CA TYR R 582 -36.72 -24.08 35.72
C TYR R 582 -35.30 -24.61 35.91
N LEU R 583 -34.95 -25.71 35.23
CA LEU R 583 -33.66 -26.34 35.41
C LEU R 583 -32.93 -26.47 34.07
N ILE R 584 -31.62 -26.22 34.10
CA ILE R 584 -30.76 -26.41 32.95
C ILE R 584 -29.59 -27.28 33.37
N LYS R 585 -29.27 -28.28 32.55
CA LYS R 585 -28.14 -29.16 32.85
C LYS R 585 -26.84 -28.40 32.66
N SER R 586 -26.31 -27.84 33.74
CA SER R 586 -25.06 -27.09 33.72
C SER R 586 -24.05 -27.85 34.57
N THR R 587 -23.07 -28.46 33.91
CA THR R 587 -22.11 -29.32 34.60
C THR R 587 -21.21 -28.55 35.56
N ASP R 588 -21.13 -27.23 35.42
CA ASP R 588 -20.29 -26.41 36.29
C ASP R 588 -21.11 -25.25 36.84
N SER R 589 -20.95 -24.98 38.13
CA SER R 589 -21.70 -23.89 38.77
C SER R 589 -21.03 -22.55 38.54
N THR R 590 -19.83 -22.38 39.10
CA THR R 590 -19.07 -21.12 39.04
C THR R 590 -19.97 -19.92 39.32
N VAL R 591 -20.63 -19.96 40.47
CA VAL R 591 -21.59 -18.94 40.84
C VAL R 591 -20.85 -17.72 41.38
N SER R 592 -21.20 -16.54 40.87
CA SER R 592 -20.67 -15.28 41.35
C SER R 592 -21.67 -14.66 42.31
N ILE R 593 -21.18 -14.24 43.49
CA ILE R 593 -22.03 -13.73 44.55
C ILE R 593 -22.05 -12.20 44.58
N ASN R 594 -21.38 -11.55 43.63
CA ASN R 594 -21.35 -10.09 43.60
C ASN R 594 -22.76 -9.53 43.40
N GLU R 595 -22.94 -8.29 43.86
CA GLU R 595 -24.24 -7.61 43.82
C GLU R 595 -25.29 -8.41 44.58
N SER R 596 -25.00 -8.71 45.84
CA SER R 596 -25.91 -9.47 46.68
C SER R 596 -25.50 -9.28 48.13
N GLY R 597 -26.45 -8.88 48.97
CA GLY R 597 -26.17 -8.68 50.38
C GLY R 597 -25.33 -7.44 50.64
N ARG R 598 -24.64 -7.47 51.79
CA ARG R 598 -23.81 -6.35 52.21
C ARG R 598 -22.33 -6.68 52.29
N PHE R 599 -21.97 -7.95 52.41
CA PHE R 599 -20.59 -8.35 52.66
C PHE R 599 -20.03 -9.14 51.48
N GLU R 600 -18.74 -8.97 51.25
CA GLU R 600 -18.00 -9.70 50.24
C GLU R 600 -17.07 -10.70 50.94
N LEU R 601 -16.25 -11.36 50.13
CA LEU R 601 -15.28 -12.31 50.65
C LEU R 601 -14.23 -11.59 51.50
N HIS R 602 -13.70 -12.31 52.50
CA HIS R 602 -12.65 -11.81 53.37
C HIS R 602 -13.08 -10.55 54.11
N ASP R 603 -14.32 -10.54 54.60
CA ASP R 603 -14.87 -9.43 55.36
C ASP R 603 -14.94 -9.82 56.84
N LEU R 604 -14.32 -9.01 57.69
CA LEU R 604 -14.35 -9.24 59.13
C LEU R 604 -15.64 -8.67 59.69
N VAL R 605 -16.59 -9.54 60.01
CA VAL R 605 -17.91 -9.14 60.46
C VAL R 605 -18.14 -9.67 61.87
N GLN R 606 -19.13 -9.09 62.54
CA GLN R 606 -19.48 -9.42 63.91
C GLN R 606 -20.71 -10.33 63.89
N VAL R 607 -20.53 -11.59 64.31
CA VAL R 607 -21.63 -12.55 64.28
C VAL R 607 -22.74 -12.13 65.22
N ASN R 608 -22.38 -11.83 66.47
CA ASN R 608 -23.36 -11.45 67.47
C ASN R 608 -22.67 -10.50 68.46
N SER R 609 -23.27 -10.37 69.65
CA SER R 609 -22.68 -9.53 70.69
C SER R 609 -21.37 -10.06 71.23
N ASP R 610 -21.00 -11.30 70.92
CA ASP R 610 -19.82 -11.92 71.51
C ASP R 610 -18.87 -12.47 70.46
N LEU R 611 -19.41 -12.98 69.36
CA LEU R 611 -18.61 -13.70 68.37
C LEU R 611 -18.33 -12.81 67.16
N VAL R 612 -17.07 -12.79 66.74
CA VAL R 612 -16.62 -12.01 65.59
C VAL R 612 -15.88 -12.95 64.64
N GLY R 613 -16.23 -12.88 63.36
CA GLY R 613 -15.61 -13.77 62.38
C GLY R 613 -15.29 -13.14 61.06
N ILE R 614 -14.83 -13.96 60.11
CA ILE R 614 -14.47 -13.50 58.77
C ILE R 614 -15.14 -14.41 57.76
N VAL R 615 -15.39 -13.85 56.58
CA VAL R 615 -16.13 -14.57 55.53
C VAL R 615 -15.17 -15.44 54.74
N ILE R 616 -15.52 -16.71 54.59
CA ILE R 616 -14.71 -17.66 53.83
C ILE R 616 -15.35 -17.98 52.48
N ARG R 617 -16.67 -18.09 52.45
CA ARG R 617 -17.39 -18.39 51.21
C ARG R 617 -18.77 -17.76 51.28
N ALA R 618 -19.17 -17.10 50.19
CA ALA R 618 -20.44 -16.42 50.11
C ALA R 618 -21.42 -17.23 49.27
N GLN R 619 -22.70 -17.13 49.63
CA GLN R 619 -23.77 -17.84 48.92
C GLN R 619 -24.83 -16.84 48.51
N LYS R 620 -25.69 -17.26 47.57
CA LYS R 620 -26.81 -16.42 47.18
C LYS R 620 -27.81 -16.25 48.31
N ASP R 621 -27.84 -17.18 49.26
CA ASP R 621 -28.81 -17.15 50.35
C ASP R 621 -28.19 -16.93 51.71
N SER R 622 -26.90 -17.20 51.90
CA SER R 622 -26.27 -17.08 53.21
C SER R 622 -24.77 -16.84 53.01
N PHE R 623 -24.04 -16.87 54.12
CA PHE R 623 -22.59 -16.71 54.11
C PHE R 623 -21.96 -17.75 55.03
N ASP R 624 -20.71 -18.08 54.74
CA ASP R 624 -19.91 -18.98 55.56
C ASP R 624 -18.84 -18.17 56.27
N VAL R 625 -18.79 -18.27 57.59
CA VAL R 625 -17.94 -17.42 58.41
C VAL R 625 -17.04 -18.30 59.27
N LEU R 626 -15.73 -18.04 59.21
CA LEU R 626 -14.78 -18.59 60.16
C LEU R 626 -14.58 -17.60 61.30
N CYS R 627 -14.83 -18.03 62.52
CA CYS R 627 -14.75 -17.16 63.69
C CYS R 627 -13.35 -17.22 64.30
N SER R 628 -13.16 -16.38 65.32
CA SER R 628 -11.86 -16.34 65.99
C SER R 628 -11.56 -17.64 66.72
N ASP R 629 -12.60 -18.40 67.07
CA ASP R 629 -12.40 -19.67 67.77
C ASP R 629 -11.78 -20.74 66.87
N GLY R 630 -12.05 -20.69 65.57
CA GLY R 630 -11.60 -21.71 64.65
C GLY R 630 -12.69 -22.60 64.08
N LYS R 631 -13.95 -22.27 64.30
CA LYS R 631 -15.08 -23.04 63.81
C LYS R 631 -15.74 -22.33 62.63
N LEU R 632 -16.63 -23.06 61.95
CA LEU R 632 -17.34 -22.55 60.80
C LEU R 632 -18.83 -22.46 61.10
N LEU R 633 -19.46 -21.40 60.63
CA LEU R 633 -20.89 -21.16 60.84
C LEU R 633 -21.53 -20.74 59.53
N SER R 634 -22.84 -20.99 59.44
CA SER R 634 -23.66 -20.55 58.31
C SER R 634 -24.81 -19.73 58.83
N LEU R 635 -24.92 -18.48 58.35
CA LEU R 635 -25.94 -17.56 58.82
C LEU R 635 -26.48 -16.76 57.63
N PRO R 636 -27.74 -16.33 57.71
CA PRO R 636 -28.28 -15.45 56.68
C PRO R 636 -27.62 -14.08 56.74
N PRO R 637 -27.59 -13.35 55.62
CA PRO R 637 -27.00 -12.00 55.64
C PRO R 637 -27.67 -11.06 56.62
N VAL R 638 -28.96 -11.22 56.87
CA VAL R 638 -29.67 -10.33 57.78
C VAL R 638 -29.16 -10.52 59.22
N SER R 639 -28.91 -11.77 59.62
CA SER R 639 -28.56 -12.05 61.01
C SER R 639 -27.25 -11.40 61.42
N ILE R 640 -26.33 -11.20 60.47
CA ILE R 640 -25.03 -10.62 60.79
C ILE R 640 -25.22 -9.18 61.25
N TYR R 641 -24.50 -8.79 62.30
CA TYR R 641 -24.64 -7.46 62.87
C TYR R 641 -24.22 -6.39 61.87
N SER R 642 -22.94 -6.32 61.54
CA SER R 642 -22.40 -5.34 60.59
C SER R 642 -20.92 -5.61 60.41
N LYS R 643 -20.36 -5.04 59.35
CA LYS R 643 -18.93 -5.11 59.12
C LYS R 643 -18.18 -4.29 60.15
N LEU R 644 -17.05 -4.82 60.62
CA LEU R 644 -16.23 -4.15 61.63
C LEU R 644 -15.22 -3.27 60.93
N ASN R 645 -15.67 -2.08 60.53
CA ASN R 645 -14.79 -1.11 59.89
C ASN R 645 -13.78 -0.59 60.90
N LEU R 646 -12.50 -0.91 60.68
CA LEU R 646 -11.44 -0.53 61.60
C LEU R 646 -10.37 0.26 60.85
N ASN R 647 -10.01 1.42 61.39
CA ASN R 647 -8.95 2.21 60.81
C ASN R 647 -7.59 1.59 61.13
N PRO R 648 -6.54 1.98 60.40
CA PRO R 648 -5.20 1.48 60.76
C PRO R 648 -4.79 1.84 62.17
N ASN R 649 -5.34 2.91 62.74
CA ASN R 649 -5.13 3.23 64.15
C ASN R 649 -5.82 2.25 65.08
N GLN R 650 -6.72 1.41 64.57
CA GLN R 650 -7.39 0.38 65.37
C GLN R 650 -6.89 -1.02 65.06
N GLN R 651 -6.63 -1.32 63.79
CA GLN R 651 -6.17 -2.65 63.37
C GLN R 651 -4.64 -2.69 63.45
N ILE R 652 -4.15 -3.02 64.65
CA ILE R 652 -2.73 -3.02 64.94
C ILE R 652 -2.33 -4.39 65.47
N ALA R 653 -1.20 -4.91 64.99
CA ALA R 653 -0.69 -6.21 65.40
C ALA R 653 0.74 -6.07 65.90
N ILE R 654 1.05 -6.75 67.00
CA ILE R 654 2.39 -6.79 67.57
C ILE R 654 2.82 -8.25 67.67
N ASP R 655 4.02 -8.55 67.17
CA ASP R 655 4.51 -9.91 67.15
C ASP R 655 5.04 -10.30 68.54
N SER R 656 5.66 -11.48 68.62
CA SER R 656 6.18 -11.95 69.91
C SER R 656 7.32 -11.06 70.40
N ASN R 657 8.20 -10.63 69.50
CA ASN R 657 9.34 -9.80 69.88
C ASN R 657 8.96 -8.35 70.15
N GLY R 658 7.73 -7.94 69.86
CA GLY R 658 7.30 -6.58 70.08
C GLY R 658 7.38 -5.67 68.89
N VAL R 659 7.89 -6.16 67.76
CA VAL R 659 7.95 -5.35 66.54
C VAL R 659 6.55 -5.26 65.94
N GLU R 660 6.14 -4.04 65.57
CA GLU R 660 4.83 -3.85 64.97
C GLU R 660 4.77 -4.54 63.60
N VAL R 661 3.65 -5.20 63.34
CA VAL R 661 3.39 -5.86 62.07
C VAL R 661 2.06 -5.35 61.55
N LYS R 662 2.03 -4.90 60.30
CA LYS R 662 0.86 -4.26 59.72
C LYS R 662 0.12 -5.25 58.81
N VAL R 663 -0.92 -4.73 58.16
CA VAL R 663 -1.78 -5.57 57.32
C VAL R 663 -1.03 -5.97 56.06
N GLY R 664 -1.17 -7.24 55.67
CA GLY R 664 -0.57 -7.76 54.47
C GLY R 664 0.85 -8.27 54.64
N ASP R 665 1.45 -8.11 55.82
CA ASP R 665 2.80 -8.59 56.03
C ASP R 665 2.80 -10.11 56.18
N THR R 666 3.96 -10.71 55.93
CA THR R 666 4.14 -12.15 56.04
C THR R 666 4.86 -12.47 57.35
N VAL R 667 4.24 -13.33 58.15
CA VAL R 667 4.81 -13.79 59.42
C VAL R 667 4.75 -15.31 59.45
N ARG R 668 5.62 -15.91 60.26
CA ARG R 668 5.68 -17.35 60.40
C ARG R 668 5.40 -17.74 61.84
N GLU R 669 4.59 -18.79 62.02
CA GLU R 669 4.27 -19.26 63.35
C GLU R 669 5.54 -19.68 64.09
N PHE R 670 5.67 -19.24 65.34
CA PHE R 670 6.88 -19.53 66.10
C PHE R 670 6.96 -21.00 66.48
N THR R 671 5.83 -21.62 66.80
CA THR R 671 5.78 -23.02 67.20
C THR R 671 4.62 -23.70 66.47
N GLY R 672 4.31 -24.92 66.89
CA GLY R 672 3.23 -25.65 66.25
C GLY R 672 3.61 -26.09 64.85
N GLU R 673 2.70 -25.90 63.91
CA GLU R 673 2.97 -26.24 62.52
C GLU R 673 3.99 -25.32 61.90
N ARG R 674 4.28 -24.18 62.54
CA ARG R 674 5.27 -23.22 62.04
C ARG R 674 4.92 -22.72 60.64
N ARG R 675 3.62 -22.58 60.37
CA ARG R 675 3.19 -22.13 59.06
C ARG R 675 3.47 -20.63 58.89
N GLN R 676 3.25 -20.14 57.68
CA GLN R 676 3.43 -18.73 57.37
C GLN R 676 2.34 -18.31 56.38
N GLY R 677 2.10 -17.00 56.35
CA GLY R 677 1.12 -16.46 55.42
C GLY R 677 1.04 -14.97 55.57
N THR R 678 0.20 -14.37 54.72
CA THR R 678 -0.02 -12.93 54.72
C THR R 678 -1.20 -12.60 55.62
N ILE R 679 -1.05 -11.52 56.40
CA ILE R 679 -2.10 -11.12 57.32
C ILE R 679 -3.27 -10.53 56.54
N LEU R 680 -4.47 -11.04 56.80
CA LEU R 680 -5.68 -10.52 56.19
C LEU R 680 -6.40 -9.51 57.07
N HIS R 681 -6.60 -9.84 58.35
CA HIS R 681 -7.22 -8.91 59.29
C HIS R 681 -6.68 -9.18 60.68
N VAL R 682 -6.63 -8.13 61.49
CA VAL R 682 -6.12 -8.19 62.85
C VAL R 682 -7.25 -7.81 63.80
N TYR R 683 -7.48 -8.64 64.81
CA TYR R 683 -8.54 -8.39 65.78
C TYR R 683 -8.07 -8.89 67.14
N ARG R 684 -7.97 -7.98 68.10
CA ARG R 684 -7.49 -8.29 69.46
C ARG R 684 -6.10 -8.92 69.30
N ASN R 685 -5.86 -10.10 69.84
CA ASN R 685 -4.60 -10.81 69.66
C ASN R 685 -4.69 -11.85 68.54
N PHE R 686 -5.78 -11.85 67.78
CA PHE R 686 -6.00 -12.83 66.72
C PHE R 686 -5.57 -12.25 65.38
N LEU R 687 -4.85 -13.05 64.60
CA LEU R 687 -4.45 -12.68 63.25
C LEU R 687 -5.03 -13.68 62.25
N PHE R 688 -5.48 -13.18 61.11
CA PHE R 688 -6.09 -14.03 60.08
C PHE R 688 -5.07 -14.18 58.96
N LEU R 689 -4.31 -15.27 59.02
CA LEU R 689 -3.29 -15.57 58.02
C LEU R 689 -3.91 -16.35 56.87
N ARG R 690 -3.55 -15.99 55.65
CA ARG R 690 -3.93 -16.74 54.46
C ARG R 690 -2.68 -17.13 53.69
N SER R 691 -2.63 -18.40 53.27
CA SER R 691 -1.51 -18.90 52.49
C SER R 691 -2.05 -19.69 51.31
N ARG R 692 -1.37 -19.57 50.17
CA ARG R 692 -1.79 -20.27 48.97
C ARG R 692 -1.52 -21.76 49.05
N GLU R 693 -0.52 -22.17 49.84
CA GLU R 693 -0.24 -23.59 50.01
C GLU R 693 -1.38 -24.31 50.70
N ILE R 694 -1.96 -23.68 51.73
CA ILE R 694 -3.04 -24.30 52.50
C ILE R 694 -4.31 -24.30 51.66
N VAL R 695 -5.00 -25.44 51.62
CA VAL R 695 -6.21 -25.58 50.81
C VAL R 695 -7.44 -25.43 51.70
N GLU R 696 -7.31 -25.81 52.97
CA GLU R 696 -8.45 -25.77 53.88
C GLU R 696 -8.93 -24.35 54.10
N ASN R 697 -10.23 -24.13 53.91
CA ASN R 697 -10.85 -22.82 54.04
C ASN R 697 -10.14 -21.78 53.17
N GLN R 698 -9.74 -22.22 51.97
CA GLN R 698 -9.03 -21.36 51.00
C GLN R 698 -7.78 -20.73 51.63
N GLY R 699 -7.09 -21.51 52.47
CA GLY R 699 -5.85 -21.07 53.07
C GLY R 699 -5.99 -20.17 54.29
N VAL R 700 -7.21 -19.85 54.69
CA VAL R 700 -7.44 -18.97 55.82
C VAL R 700 -7.39 -19.77 57.11
N PHE R 701 -6.57 -19.31 58.06
CA PHE R 701 -6.48 -19.93 59.37
C PHE R 701 -6.15 -18.86 60.39
N VAL R 702 -6.74 -18.98 61.58
CA VAL R 702 -6.58 -18.00 62.63
C VAL R 702 -5.45 -18.43 63.55
N THR R 703 -4.53 -17.50 63.84
CA THR R 703 -3.39 -17.78 64.70
C THR R 703 -3.12 -16.55 65.56
N SER R 704 -2.86 -16.78 66.84
CA SER R 704 -2.64 -15.69 67.78
C SER R 704 -1.36 -14.94 67.45
N SER R 705 -1.36 -13.63 67.69
CA SER R 705 -0.21 -12.80 67.39
C SER R 705 1.01 -13.15 68.24
N ASN R 706 0.80 -13.75 69.41
CA ASN R 706 1.89 -14.10 70.30
C ASN R 706 2.67 -15.33 69.85
N ARG R 707 2.18 -16.05 68.84
CA ARG R 707 2.81 -17.29 68.40
C ARG R 707 3.45 -17.18 67.02
N VAL R 708 3.65 -15.96 66.52
CA VAL R 708 4.23 -15.75 65.20
C VAL R 708 5.37 -14.78 65.29
N LYS R 709 6.30 -14.87 64.34
CA LYS R 709 7.44 -13.97 64.24
C LYS R 709 7.49 -13.34 62.85
N THR R 710 8.00 -12.11 62.81
CA THR R 710 8.11 -11.38 61.56
C THR R 710 9.12 -12.03 60.63
N ILE R 711 8.75 -12.14 59.35
CA ILE R 711 9.65 -12.67 58.34
C ILE R 711 10.38 -11.53 57.63
N ARG R 751 -0.99 19.10 62.76
CA ARG R 751 -1.01 18.74 61.35
C ARG R 751 -0.19 19.74 60.55
N ASP R 752 1.07 19.92 60.97
CA ASP R 752 2.02 20.82 60.33
C ASP R 752 1.43 22.22 60.21
N PRO R 753 1.31 22.96 61.31
CA PRO R 753 0.63 24.27 61.26
C PRO R 753 1.35 25.30 60.42
N THR R 754 2.63 25.11 60.12
CA THR R 754 3.40 26.08 59.35
C THR R 754 3.30 25.86 57.84
N LEU R 755 2.53 24.87 57.40
CA LEU R 755 2.34 24.66 55.97
C LEU R 755 1.58 25.82 55.35
N ASN R 756 1.98 26.18 54.12
CA ASN R 756 1.32 27.25 53.37
C ASN R 756 1.36 28.58 54.12
N LYS R 757 2.47 28.85 54.80
CA LYS R 757 2.65 30.08 55.54
C LYS R 757 3.92 30.78 55.06
N THR R 758 3.84 32.11 54.97
CA THR R 758 5.00 32.89 54.56
C THR R 758 6.10 32.79 55.61
N VAL R 759 7.33 32.57 55.15
CA VAL R 759 8.47 32.37 56.03
C VAL R 759 9.65 33.18 55.50
N LYS R 760 10.58 33.48 56.40
CA LYS R 760 11.80 34.20 56.07
C LYS R 760 12.99 33.40 56.59
N ILE R 761 14.06 33.40 55.80
CA ILE R 761 15.28 32.64 56.11
C ILE R 761 16.26 33.57 56.81
N ARG R 762 16.82 33.09 57.92
CA ARG R 762 17.68 33.91 58.76
C ARG R 762 19.14 33.50 58.73
N GLN R 763 19.48 32.32 58.19
CA GLN R 763 20.86 31.86 58.16
C GLN R 763 21.12 31.16 56.84
N GLY R 764 22.40 30.87 56.59
CA GLY R 764 22.79 30.19 55.38
C GLY R 764 22.98 31.13 54.20
N GLY R 765 22.97 30.53 53.01
CA GLY R 765 23.18 31.26 51.79
C GLY R 765 21.97 31.98 51.25
N TYR R 766 20.84 31.90 51.93
CA TYR R 766 19.60 32.55 51.50
C TYR R 766 19.06 33.47 52.59
N LYS R 767 19.93 34.14 53.33
CA LYS R 767 19.49 34.97 54.44
C LYS R 767 18.58 36.09 53.96
N GLY R 768 17.44 36.25 54.63
CA GLY R 768 16.54 37.36 54.33
C GLY R 768 15.70 37.22 53.10
N LYS R 769 15.43 36.00 52.64
CA LYS R 769 14.59 35.76 51.47
C LYS R 769 13.23 35.23 51.89
N ILE R 770 12.18 35.81 51.33
CA ILE R 770 10.81 35.45 51.67
C ILE R 770 10.41 34.22 50.85
N GLY R 771 9.73 33.28 51.49
CA GLY R 771 9.26 32.09 50.82
C GLY R 771 7.97 31.58 51.43
N ILE R 772 7.49 30.47 50.88
CA ILE R 772 6.29 29.80 51.37
C ILE R 772 6.62 28.33 51.56
N VAL R 773 6.26 27.79 52.72
CA VAL R 773 6.55 26.39 53.04
C VAL R 773 5.62 25.48 52.25
N LYS R 774 6.18 24.49 51.58
CA LYS R 774 5.42 23.57 50.74
C LYS R 774 5.36 22.16 51.30
N GLU R 775 6.47 21.64 51.81
CA GLU R 775 6.53 20.30 52.38
C GLU R 775 7.03 20.38 53.82
N ALA R 776 6.37 19.64 54.70
CA ALA R 776 6.66 19.70 56.13
C ALA R 776 6.72 18.29 56.71
N ASN R 777 7.49 17.41 56.06
CA ASN R 777 7.67 16.06 56.59
C ASN R 777 8.27 16.11 57.99
N GLY R 778 9.51 16.58 58.10
CA GLY R 778 10.09 16.83 59.41
C GLY R 778 11.56 17.20 59.36
N ASP R 779 11.92 18.26 60.09
CA ASP R 779 13.28 18.74 60.24
C ASP R 779 13.92 19.14 58.92
N ARG R 780 13.17 19.03 57.82
CA ARG R 780 13.65 19.43 56.50
C ARG R 780 12.45 19.99 55.74
N PHE R 781 12.33 21.32 55.72
CA PHE R 781 11.20 22.00 55.13
C PHE R 781 11.51 22.41 53.71
N ARG R 782 10.58 22.14 52.80
CA ARG R 782 10.72 22.59 51.41
C ARG R 782 10.04 23.94 51.25
N VAL R 783 10.83 24.96 50.93
CA VAL R 783 10.35 26.33 50.83
C VAL R 783 10.59 26.83 49.41
N GLU R 784 9.53 27.25 48.73
CA GLU R 784 9.69 27.89 47.43
C GLU R 784 10.06 29.35 47.65
N LEU R 785 10.99 29.83 46.85
CA LEU R 785 11.47 31.19 46.97
C LEU R 785 10.71 32.11 46.03
N HIS R 786 10.36 33.30 46.54
CA HIS R 786 9.72 34.30 45.69
C HIS R 786 10.73 34.97 44.76
N ASN R 787 12.02 34.97 45.15
CA ASN R 787 13.00 35.77 44.40
C ASN R 787 13.38 35.10 43.08
N PRO R 788 14.00 33.89 43.07
CA PRO R 788 14.05 33.12 41.82
C PRO R 788 12.88 32.17 41.72
N ASN R 789 12.78 31.42 40.62
CA ASN R 789 11.71 30.44 40.46
C ASN R 789 12.28 29.06 40.77
N LYS R 790 12.39 28.76 42.05
CA LYS R 790 12.93 27.48 42.50
C LYS R 790 12.45 27.20 43.92
N THR R 791 12.57 25.94 44.31
CA THR R 791 12.20 25.47 45.64
C THR R 791 13.40 24.77 46.25
N ILE R 792 13.67 25.05 47.52
CA ILE R 792 14.88 24.54 48.18
C ILE R 792 14.53 23.87 49.49
N PRO R 793 15.26 22.84 49.91
CA PRO R 793 15.13 22.33 51.27
C PRO R 793 15.84 23.24 52.27
N ILE R 794 15.36 23.18 53.50
CA ILE R 794 15.95 24.00 54.56
C ILE R 794 15.58 23.42 55.92
N PRO R 795 16.51 23.37 56.87
CA PRO R 795 16.17 22.91 58.22
C PRO R 795 15.21 23.87 58.92
N CYS R 796 14.48 23.32 59.90
CA CYS R 796 13.50 24.10 60.63
C CYS R 796 14.16 25.24 61.41
N SER R 797 15.38 25.02 61.90
CA SER R 797 16.06 26.02 62.71
C SER R 797 16.38 27.28 61.92
N PHE R 798 16.34 27.23 60.60
CA PHE R 798 16.75 28.33 59.74
C PHE R 798 15.59 29.22 59.31
N LEU R 799 14.41 29.04 59.90
CA LEU R 799 13.20 29.68 59.41
C LEU R 799 12.67 30.67 60.44
N LEU R 800 11.96 31.69 59.92
CA LEU R 800 11.26 32.67 60.73
C LEU R 800 9.84 32.76 60.20
N ILE R 801 8.89 32.18 60.91
CA ILE R 801 7.51 32.08 60.45
C ILE R 801 6.79 33.39 60.75
N GLU R 802 6.15 33.96 59.74
CA GLU R 802 5.41 35.21 59.93
C GLU R 802 4.20 34.98 60.81
N SER R 803 3.88 35.96 61.64
CA SER R 803 2.72 35.94 62.51
C SER R 803 2.04 37.30 62.47
N THR R 804 1.05 37.48 63.35
CA THR R 804 0.33 38.75 63.41
C THR R 804 1.17 39.87 64.00
N HIS R 805 2.28 39.54 64.67
CA HIS R 805 3.15 40.53 65.30
C HIS R 805 4.59 40.25 64.88
N GLY R 806 4.98 40.77 63.72
CA GLY R 806 6.36 40.64 63.28
C GLY R 806 6.74 39.20 62.96
N TRP R 807 8.05 38.95 63.01
CA TRP R 807 8.61 37.64 62.70
C TRP R 807 8.87 36.86 63.98
N VAL R 808 8.53 35.58 63.96
CA VAL R 808 8.68 34.70 65.11
C VAL R 808 9.56 33.53 64.71
N PRO R 809 10.52 33.11 65.54
CA PRO R 809 11.33 31.93 65.22
C PRO R 809 10.50 30.65 65.25
N TYR R 810 11.15 29.50 65.12
CA TYR R 810 10.42 28.25 65.01
C TYR R 810 9.81 27.85 66.35
N GLU R 811 8.85 28.66 66.81
CA GLU R 811 8.00 28.30 67.94
C GLU R 811 6.53 28.51 67.62
N ASP R 812 6.18 28.71 66.35
CA ASP R 812 4.81 28.93 65.94
C ASP R 812 3.94 27.70 66.21
N LEU S 232 -68.49 -14.44 -8.11
CA LEU S 232 -67.98 -15.05 -9.32
C LEU S 232 -69.09 -15.72 -10.10
N GLN S 233 -68.73 -16.73 -10.89
CA GLN S 233 -69.69 -17.47 -11.69
C GLN S 233 -69.85 -18.87 -11.10
N GLY S 234 -71.08 -19.40 -11.23
CA GLY S 234 -71.45 -20.58 -10.45
C GLY S 234 -70.66 -21.83 -10.79
N GLU S 235 -70.43 -22.08 -12.08
CA GLU S 235 -69.80 -23.34 -12.47
C GLU S 235 -68.34 -23.38 -12.02
N GLN S 236 -67.60 -22.28 -12.24
CA GLN S 236 -66.24 -22.20 -11.74
C GLN S 236 -66.20 -22.07 -10.21
N TYR S 237 -67.28 -21.56 -9.61
CA TYR S 237 -67.37 -21.65 -8.15
C TYR S 237 -67.44 -23.11 -7.70
N GLN S 238 -68.20 -23.93 -8.42
CA GLN S 238 -68.21 -25.37 -8.17
C GLN S 238 -66.85 -26.00 -8.43
N GLU S 239 -66.16 -25.56 -9.47
CA GLU S 239 -64.81 -26.06 -9.75
C GLU S 239 -63.84 -25.71 -8.63
N ILE S 240 -63.96 -24.48 -8.10
CA ILE S 240 -63.12 -24.06 -6.97
C ILE S 240 -63.42 -24.90 -5.74
N ILE S 241 -64.70 -25.20 -5.51
CA ILE S 241 -65.07 -26.09 -4.41
C ILE S 241 -64.46 -27.46 -4.61
N GLU S 242 -64.51 -27.99 -5.84
CA GLU S 242 -63.94 -29.29 -6.12
C GLU S 242 -62.44 -29.31 -5.87
N ILE S 243 -61.73 -28.26 -6.30
CA ILE S 243 -60.28 -28.21 -6.14
C ILE S 243 -59.90 -28.05 -4.67
N PHE S 244 -60.55 -27.11 -3.97
CA PHE S 244 -60.15 -26.74 -2.62
C PHE S 244 -61.01 -27.36 -1.53
N GLY S 245 -62.17 -27.92 -1.87
CA GLY S 245 -63.02 -28.53 -0.86
C GLY S 245 -63.73 -27.52 0.02
N ASP S 246 -64.80 -27.95 0.68
CA ASP S 246 -65.48 -27.13 1.66
C ASP S 246 -64.81 -27.17 3.02
N GLY S 247 -63.79 -28.01 3.19
CA GLY S 247 -63.11 -28.19 4.45
C GLY S 247 -63.59 -29.37 5.26
N THR S 248 -64.76 -29.92 4.93
CA THR S 248 -65.31 -31.04 5.69
C THR S 248 -64.44 -32.28 5.62
N ASP S 249 -63.60 -32.40 4.59
CA ASP S 249 -62.65 -33.50 4.55
C ASP S 249 -61.66 -33.42 5.70
N TYR S 250 -61.47 -32.23 6.26
CA TYR S 250 -60.60 -32.05 7.42
C TYR S 250 -61.22 -31.13 8.48
N GLN S 251 -62.51 -30.83 8.36
CA GLN S 251 -63.19 -30.07 9.42
C GLN S 251 -63.18 -30.85 10.73
N TRP S 252 -63.37 -32.17 10.67
CA TRP S 252 -63.31 -32.97 11.88
C TRP S 252 -61.89 -32.99 12.46
N THR S 253 -60.88 -32.99 11.60
CA THR S 253 -59.50 -32.87 12.09
C THR S 253 -59.28 -31.55 12.79
N LEU S 254 -59.79 -30.46 12.21
CA LEU S 254 -59.69 -29.15 12.85
C LEU S 254 -60.41 -29.13 14.19
N ASP S 255 -61.60 -29.73 14.24
CA ASP S 255 -62.35 -29.79 15.49
C ASP S 255 -61.59 -30.57 16.55
N ALA S 256 -60.97 -31.69 16.18
CA ALA S 256 -60.17 -32.45 17.13
C ALA S 256 -58.96 -31.66 17.59
N GLU S 257 -58.32 -30.93 16.68
CA GLU S 257 -57.18 -30.10 17.04
C GLU S 257 -57.58 -29.02 18.05
N GLU S 258 -58.72 -28.36 17.81
CA GLU S 258 -59.17 -27.33 18.73
C GLU S 258 -59.61 -27.93 20.06
N GLU S 259 -60.17 -29.14 20.04
CA GLU S 259 -60.53 -29.83 21.27
C GLU S 259 -59.29 -30.13 22.10
N MET S 260 -58.22 -30.63 21.45
CA MET S 260 -57.00 -30.94 22.16
C MET S 260 -56.24 -29.69 22.59
N GLU S 261 -56.45 -28.56 21.91
CA GLU S 261 -55.80 -27.32 22.30
C GLU S 261 -56.29 -26.86 23.67
N GLN S 262 -57.58 -26.97 23.93
CA GLN S 262 -58.12 -26.61 25.23
C GLN S 262 -57.78 -27.69 26.26
N PRO S 263 -57.58 -27.31 27.53
CA PRO S 263 -57.28 -28.25 28.62
C PRO S 263 -58.35 -29.35 28.77
N THR S 281 -55.35 -25.56 38.15
CA THR S 281 -56.17 -25.46 39.36
C THR S 281 -55.39 -25.98 40.57
N SER S 282 -54.63 -27.06 40.36
CA SER S 282 -53.79 -27.63 41.40
C SER S 282 -52.71 -26.62 41.78
N LEU S 283 -52.73 -26.15 43.03
CA LEU S 283 -51.79 -25.13 43.46
C LEU S 283 -50.35 -25.61 43.42
N ALA S 284 -50.12 -26.93 43.38
CA ALA S 284 -48.77 -27.45 43.26
C ALA S 284 -48.12 -27.03 41.95
N ASP S 285 -48.87 -27.08 40.85
CA ASP S 285 -48.34 -26.65 39.56
C ASP S 285 -48.25 -25.13 39.44
N VAL S 286 -49.08 -24.40 40.19
CA VAL S 286 -49.13 -22.94 40.03
C VAL S 286 -47.84 -22.30 40.51
N PHE S 287 -47.37 -22.68 41.70
CA PHE S 287 -46.19 -22.07 42.29
C PHE S 287 -45.26 -23.15 42.83
N GLU S 288 -44.01 -22.77 43.06
CA GLU S 288 -43.00 -23.71 43.50
C GLU S 288 -43.38 -24.27 44.87
N PRO S 289 -43.13 -25.56 45.11
CA PRO S 289 -43.50 -26.15 46.41
C PRO S 289 -42.85 -25.46 47.60
N SER S 290 -41.62 -24.95 47.44
CA SER S 290 -40.99 -24.20 48.52
C SER S 290 -41.79 -22.95 48.86
N GLU S 291 -42.22 -22.21 47.84
CA GLU S 291 -43.04 -21.02 48.08
C GLU S 291 -44.38 -21.38 48.70
N LEU S 292 -44.99 -22.48 48.26
CA LEU S 292 -46.26 -22.91 48.83
C LEU S 292 -46.10 -23.27 50.31
N LYS S 293 -45.02 -23.98 50.65
CA LYS S 293 -44.77 -24.32 52.04
C LYS S 293 -44.47 -23.08 52.87
N GLU S 294 -43.78 -22.10 52.28
CA GLU S 294 -43.53 -20.84 52.97
C GLU S 294 -44.83 -20.09 53.24
N LYS S 295 -45.76 -20.09 52.28
CA LYS S 295 -47.02 -19.38 52.41
C LYS S 295 -48.09 -20.22 53.10
N MET S 296 -47.77 -21.46 53.49
CA MET S 296 -48.70 -22.33 54.20
C MET S 296 -49.95 -22.64 53.38
N LEU S 297 -49.75 -23.33 52.25
CA LEU S 297 -50.84 -23.72 51.36
C LEU S 297 -50.70 -25.17 50.91
N THR S 298 -50.40 -26.08 51.83
CA THR S 298 -50.19 -27.49 51.51
C THR S 298 -51.16 -28.37 52.28
N ASP S 299 -51.09 -29.68 52.02
CA ASP S 299 -51.99 -30.62 52.67
C ASP S 299 -51.69 -30.79 54.15
N GLU S 300 -50.40 -30.78 54.51
CA GLU S 300 -50.04 -30.77 55.93
C GLU S 300 -50.65 -29.56 56.64
N ASP S 301 -50.73 -28.43 55.95
CA ASP S 301 -51.28 -27.22 56.55
C ASP S 301 -52.77 -27.39 56.88
N ASN S 302 -53.53 -27.91 55.92
CA ASN S 302 -54.96 -28.15 56.14
C ASN S 302 -55.18 -29.19 57.22
N VAL S 303 -54.36 -30.24 57.24
CA VAL S 303 -54.50 -31.26 58.28
C VAL S 303 -54.24 -30.65 59.66
N ILE S 304 -53.19 -29.82 59.78
CA ILE S 304 -52.89 -29.19 61.06
C ILE S 304 -54.01 -28.26 61.48
N ARG S 305 -54.52 -27.45 60.55
CA ARG S 305 -55.59 -26.51 60.90
C ARG S 305 -56.87 -27.24 61.31
N VAL S 306 -57.20 -28.33 60.63
CA VAL S 306 -58.39 -29.10 60.96
C VAL S 306 -58.20 -29.85 62.28
N THR S 307 -57.01 -30.37 62.51
CA THR S 307 -56.76 -31.22 63.68
C THR S 307 -57.02 -30.46 64.97
N ASP S 308 -57.67 -31.14 65.92
CA ASP S 308 -57.98 -30.57 67.23
C ASP S 308 -56.88 -30.93 68.22
N LEU S 309 -55.73 -30.27 68.04
CA LEU S 309 -54.57 -30.48 68.89
C LEU S 309 -53.68 -29.26 68.80
N PRO S 310 -52.98 -28.92 69.89
CA PRO S 310 -51.96 -27.85 69.79
C PRO S 310 -50.89 -28.21 68.77
N GLU S 311 -50.44 -27.20 68.02
CA GLU S 311 -49.47 -27.46 66.96
C GLU S 311 -48.14 -27.94 67.52
N ARG S 312 -47.77 -27.51 68.73
CA ARG S 312 -46.55 -27.99 69.36
C ARG S 312 -46.63 -29.49 69.63
N PHE S 313 -47.77 -29.94 70.17
CA PHE S 313 -47.94 -31.38 70.43
C PHE S 313 -47.95 -32.16 69.12
N GLN S 314 -48.56 -31.62 68.08
CA GLN S 314 -48.56 -32.27 66.78
C GLN S 314 -47.14 -32.41 66.24
N ALA S 315 -46.34 -31.35 66.38
CA ALA S 315 -44.95 -31.42 65.94
C ALA S 315 -44.16 -32.45 66.73
N TYR S 316 -44.40 -32.51 68.05
CA TYR S 316 -43.72 -33.51 68.87
C TYR S 316 -44.11 -34.92 68.46
N ARG S 317 -45.38 -35.14 68.14
CA ARG S 317 -45.92 -36.46 67.85
C ARG S 317 -45.90 -36.81 66.37
N LYS S 318 -45.32 -35.96 65.51
CA LYS S 318 -45.30 -36.25 64.09
C LYS S 318 -44.55 -37.54 63.79
N SER S 319 -43.41 -37.75 64.44
CA SER S 319 -42.65 -38.98 64.23
C SER S 319 -43.29 -40.17 64.92
N ILE S 320 -44.13 -39.94 65.93
CA ILE S 320 -44.76 -41.01 66.70
C ILE S 320 -45.95 -41.53 65.90
N LYS S 321 -45.80 -42.72 65.30
CA LYS S 321 -46.90 -43.30 64.52
C LYS S 321 -48.01 -43.80 65.44
N ASN S 322 -47.66 -44.51 66.51
CA ASN S 322 -48.63 -45.06 67.45
C ASN S 322 -48.49 -44.31 68.77
N TYR S 323 -49.53 -43.57 69.13
CA TYR S 323 -49.51 -42.74 70.33
C TYR S 323 -50.43 -43.23 71.43
N LYS S 324 -51.68 -43.57 71.11
CA LYS S 324 -52.64 -43.98 72.12
C LYS S 324 -52.25 -45.34 72.67
N LEU S 325 -51.62 -45.35 73.84
CA LEU S 325 -51.20 -46.59 74.47
C LEU S 325 -52.38 -47.24 75.19
N SER S 326 -52.19 -48.50 75.57
CA SER S 326 -53.19 -49.20 76.36
C SER S 326 -53.10 -48.76 77.82
N ASP S 327 -54.08 -49.17 78.62
CA ASP S 327 -54.10 -48.78 80.03
C ASP S 327 -52.91 -49.37 80.78
N VAL S 328 -52.55 -50.62 80.49
CA VAL S 328 -51.36 -51.20 81.10
C VAL S 328 -50.12 -50.44 80.66
N ASP S 329 -50.01 -50.16 79.36
CA ASP S 329 -48.88 -49.36 78.87
C ASP S 329 -48.92 -47.95 79.44
N TYR S 330 -50.11 -47.40 79.64
CA TYR S 330 -50.24 -46.07 80.23
C TYR S 330 -49.69 -46.05 81.66
N SER S 331 -50.08 -47.04 82.46
CA SER S 331 -49.59 -47.11 83.83
C SER S 331 -48.08 -47.34 83.86
N ASN S 332 -47.58 -48.18 82.95
CA ASN S 332 -46.14 -48.41 82.87
C ASN S 332 -45.41 -47.12 82.51
N GLU S 333 -45.98 -46.34 81.60
CA GLU S 333 -45.40 -45.05 81.25
C GLU S 333 -45.37 -44.11 82.45
N ARG S 334 -46.46 -44.07 83.21
CA ARG S 334 -46.49 -43.22 84.40
C ARG S 334 -45.43 -43.65 85.40
N ASP S 335 -45.30 -44.95 85.64
CA ASP S 335 -44.29 -45.44 86.57
C ASP S 335 -42.88 -45.12 86.10
N TRP S 336 -42.61 -45.30 84.81
CA TRP S 336 -41.29 -45.01 84.27
C TRP S 336 -40.98 -43.52 84.36
N ILE S 337 -41.97 -42.67 84.10
CA ILE S 337 -41.78 -41.24 84.20
C ILE S 337 -41.48 -40.83 85.64
N VAL S 338 -42.23 -41.40 86.59
CA VAL S 338 -41.99 -41.12 88.00
C VAL S 338 -40.57 -41.53 88.40
N GLU S 339 -40.16 -42.73 87.97
CA GLU S 339 -38.82 -43.21 88.31
C GLU S 339 -37.75 -42.33 87.68
N GLN S 340 -37.96 -41.90 86.43
CA GLN S 340 -37.00 -41.03 85.77
C GLN S 340 -36.86 -39.70 86.50
N LEU S 341 -37.99 -39.11 86.91
CA LEU S 341 -37.92 -37.86 87.66
C LEU S 341 -37.24 -38.06 89.01
N LYS S 342 -37.54 -39.16 89.69
CA LYS S 342 -36.91 -39.43 90.97
C LYS S 342 -35.40 -39.58 90.83
N LEU S 343 -34.96 -40.23 89.75
CA LEU S 343 -33.52 -40.31 89.47
C LEU S 343 -32.94 -38.93 89.18
N GLU S 344 -33.62 -38.12 88.37
CA GLU S 344 -33.10 -36.83 87.98
C GLU S 344 -33.19 -35.81 89.11
N LYS S 345 -34.35 -35.73 89.75
CA LYS S 345 -34.58 -34.75 90.82
C LYS S 345 -34.28 -35.33 92.20
N ARG S 346 -33.34 -36.27 92.28
CA ARG S 346 -33.00 -36.88 93.57
C ARG S 346 -32.50 -35.84 94.57
N ASP S 347 -31.70 -34.88 94.11
CA ASP S 347 -31.21 -33.84 95.00
C ASP S 347 -32.36 -32.96 95.52
N PHE S 348 -33.27 -32.59 94.62
CA PHE S 348 -34.42 -31.77 95.04
C PHE S 348 -35.31 -32.51 96.02
N LEU S 349 -35.60 -33.78 95.72
CA LEU S 349 -36.42 -34.57 96.63
C LEU S 349 -35.74 -34.76 97.97
N GLN S 350 -34.43 -34.98 97.96
CA GLN S 350 -33.69 -35.15 99.22
C GLN S 350 -33.71 -33.87 100.04
N HIS S 351 -33.50 -32.71 99.41
CA HIS S 351 -33.55 -31.46 100.14
C HIS S 351 -34.94 -31.19 100.69
N LEU S 352 -35.97 -31.47 99.89
CA LEU S 352 -37.35 -31.27 100.36
C LEU S 352 -37.65 -32.17 101.55
N THR S 353 -37.25 -33.44 101.49
CA THR S 353 -37.49 -34.37 102.58
C THR S 353 -36.73 -33.96 103.83
N GLN S 354 -35.47 -33.54 103.68
CA GLN S 354 -34.68 -33.16 104.84
C GLN S 354 -35.23 -31.90 105.50
N ALA S 355 -35.51 -30.87 104.71
CA ALA S 355 -36.04 -29.62 105.28
C ALA S 355 -37.43 -29.83 105.85
N HIS S 356 -38.33 -30.40 105.07
CA HIS S 356 -39.70 -30.69 105.50
C HIS S 356 -39.83 -32.15 105.92
N SER S 357 -39.10 -32.51 106.99
CA SER S 357 -39.14 -33.87 107.50
C SER S 357 -40.42 -34.17 108.28
N SER S 358 -41.11 -33.12 108.76
CA SER S 358 -42.31 -33.34 109.56
C SER S 358 -43.42 -34.00 108.75
N VAL S 359 -43.58 -33.59 107.49
CA VAL S 359 -44.66 -34.11 106.66
C VAL S 359 -44.29 -35.50 106.17
N ALA S 360 -45.19 -36.46 106.34
CA ALA S 360 -44.97 -37.83 105.91
C ALA S 360 -45.41 -38.00 104.47
N HIS S 361 -44.59 -38.74 103.70
CA HIS S 361 -44.91 -39.11 102.32
C HIS S 361 -45.12 -37.88 101.43
N LEU S 362 -44.22 -36.90 101.55
CA LEU S 362 -44.21 -35.80 100.59
C LEU S 362 -43.89 -36.30 99.19
N GLU S 363 -42.97 -37.26 99.08
CA GLU S 363 -42.62 -37.82 97.78
C GLU S 363 -43.76 -38.66 97.21
N GLU S 364 -44.60 -39.25 98.06
CA GLU S 364 -45.78 -39.95 97.56
C GLU S 364 -46.75 -38.97 96.91
N LYS S 365 -46.97 -37.82 97.54
CA LYS S 365 -47.79 -36.78 96.93
C LYS S 365 -47.13 -36.26 95.65
N PHE S 366 -45.79 -36.20 95.64
CA PHE S 366 -45.08 -35.82 94.42
C PHE S 366 -45.36 -36.81 93.29
N GLU S 367 -45.33 -38.10 93.60
CA GLU S 367 -45.62 -39.12 92.59
C GLU S 367 -47.06 -39.00 92.11
N ALA S 368 -48.00 -38.75 93.04
CA ALA S 368 -49.39 -38.55 92.65
C ALA S 368 -49.54 -37.34 91.73
N SER S 369 -48.86 -36.24 92.06
CA SER S 369 -48.94 -35.05 91.23
C SER S 369 -48.34 -35.29 89.85
N VAL S 370 -47.22 -36.02 89.79
CA VAL S 370 -46.60 -36.35 88.51
C VAL S 370 -47.53 -37.20 87.67
N LYS S 371 -48.17 -38.19 88.30
CA LYS S 371 -49.13 -39.03 87.60
C LYS S 371 -50.29 -38.20 87.07
N LYS S 372 -50.79 -37.26 87.89
CA LYS S 372 -51.89 -36.41 87.46
C LYS S 372 -51.48 -35.52 86.29
N ILE S 373 -50.27 -34.97 86.33
CA ILE S 373 -49.79 -34.11 85.25
C ILE S 373 -49.64 -34.91 83.96
N VAL S 374 -49.11 -36.13 84.06
CA VAL S 374 -49.00 -36.98 82.88
C VAL S 374 -50.38 -37.30 82.33
N ASP S 375 -51.34 -37.58 83.23
CA ASP S 375 -52.72 -37.81 82.79
C ASP S 375 -53.25 -36.62 82.01
N PHE S 376 -53.08 -35.41 82.58
CA PHE S 376 -53.53 -34.20 81.90
C PHE S 376 -52.93 -34.10 80.51
N ILE S 377 -51.60 -34.16 80.44
CA ILE S 377 -50.88 -33.91 79.19
C ILE S 377 -51.27 -34.94 78.13
N ALA S 378 -51.34 -36.21 78.52
CA ALA S 378 -51.60 -37.27 77.55
C ALA S 378 -53.09 -37.32 77.17
N ILE S 379 -53.95 -37.58 78.15
CA ILE S 379 -55.36 -37.79 77.84
C ILE S 379 -56.02 -36.48 77.41
N GLU S 380 -55.87 -35.43 78.21
CA GLU S 380 -56.62 -34.20 77.97
C GLU S 380 -55.89 -33.21 77.09
N SER S 381 -54.65 -33.49 76.72
CA SER S 381 -53.87 -32.69 75.77
C SER S 381 -53.84 -31.22 76.19
N PHE S 382 -53.28 -30.99 77.38
CA PHE S 382 -53.19 -29.66 77.96
C PHE S 382 -51.76 -29.15 77.83
N GLU S 383 -51.61 -27.96 77.28
CA GLU S 383 -50.31 -27.35 77.14
C GLU S 383 -49.80 -26.88 78.50
N VAL S 384 -48.47 -26.75 78.61
CA VAL S 384 -47.86 -26.48 79.90
C VAL S 384 -48.34 -25.17 80.54
N PRO S 385 -48.36 -24.02 79.84
CA PRO S 385 -48.82 -22.80 80.50
C PRO S 385 -50.25 -22.86 81.01
N PHE S 386 -51.15 -23.55 80.29
CA PHE S 386 -52.51 -23.71 80.79
C PHE S 386 -52.54 -24.47 82.11
N ILE S 387 -51.75 -25.55 82.19
CA ILE S 387 -51.68 -26.32 83.44
C ILE S 387 -51.10 -25.45 84.55
N TRP S 388 -50.07 -24.67 84.24
CA TRP S 388 -49.42 -23.88 85.29
C TRP S 388 -50.31 -22.74 85.77
N ASN S 389 -51.16 -22.20 84.90
CA ASN S 389 -52.03 -21.09 85.27
C ASN S 389 -53.37 -21.52 85.81
N HIS S 390 -53.80 -22.76 85.57
CA HIS S 390 -55.11 -23.19 86.02
C HIS S 390 -55.13 -24.54 86.72
N ARG S 391 -53.99 -25.24 86.80
CA ARG S 391 -53.95 -26.52 87.49
C ARG S 391 -52.74 -26.62 88.43
N ARG S 392 -52.16 -25.49 88.83
CA ARG S 392 -51.01 -25.50 89.72
C ARG S 392 -51.37 -25.92 91.14
N ASP S 393 -52.66 -26.02 91.47
CA ASP S 393 -53.05 -26.58 92.76
C ASP S 393 -52.55 -28.00 92.92
N TYR S 394 -52.58 -28.79 91.84
CA TYR S 394 -52.03 -30.14 91.89
C TYR S 394 -50.53 -30.13 92.07
N ALA S 395 -49.85 -29.13 91.50
CA ALA S 395 -48.39 -29.06 91.50
C ALA S 395 -47.82 -28.58 92.82
N LEU S 396 -48.65 -28.13 93.76
CA LEU S 396 -48.17 -27.67 95.05
C LEU S 396 -49.04 -28.25 96.15
N HIS S 397 -48.40 -28.68 97.24
CA HIS S 397 -49.07 -29.34 98.35
C HIS S 397 -49.08 -28.40 99.54
N THR S 398 -50.27 -27.96 99.95
CA THR S 398 -50.43 -27.02 101.06
C THR S 398 -50.59 -27.80 102.35
N TYR S 399 -49.51 -27.87 103.14
CA TYR S 399 -49.55 -28.50 104.45
C TYR S 399 -49.52 -27.45 105.55
N ASN S 400 -50.03 -27.82 106.71
CA ASN S 400 -50.03 -26.96 107.89
C ASN S 400 -49.02 -27.48 108.90
N ASP S 401 -48.25 -26.57 109.49
CA ASP S 401 -47.23 -26.93 110.45
C ASP S 401 -47.86 -27.15 111.83
N ASP S 402 -47.01 -27.27 112.85
CA ASP S 402 -47.52 -27.45 114.21
C ASP S 402 -48.34 -26.24 114.67
N SER S 403 -48.11 -25.08 114.09
CA SER S 403 -48.90 -23.89 114.38
C SER S 403 -50.12 -23.76 113.48
N ASN S 404 -50.37 -24.73 112.61
CA ASN S 404 -51.48 -24.73 111.66
C ASN S 404 -51.38 -23.60 110.64
N ASN S 405 -50.18 -23.05 110.44
CA ASN S 405 -49.98 -22.07 109.40
C ASN S 405 -49.93 -22.74 108.04
N THR S 406 -50.68 -22.22 107.08
CA THR S 406 -50.73 -22.80 105.74
C THR S 406 -49.41 -22.56 105.03
N ILE S 407 -48.68 -23.64 104.75
CA ILE S 407 -47.38 -23.58 104.10
C ILE S 407 -47.52 -24.20 102.72
N ILE S 408 -47.15 -23.45 101.69
CA ILE S 408 -47.16 -23.94 100.32
C ILE S 408 -45.83 -24.65 100.05
N VAL S 409 -45.90 -25.74 99.30
CA VAL S 409 -44.73 -26.52 98.93
C VAL S 409 -44.74 -26.66 97.42
N LYS S 410 -43.88 -25.91 96.74
CA LYS S 410 -43.80 -25.98 95.28
C LYS S 410 -43.14 -27.29 94.86
N LEU S 411 -43.96 -28.31 94.59
CA LEU S 411 -43.43 -29.61 94.23
C LEU S 411 -42.80 -29.61 92.84
N LEU S 412 -43.31 -28.79 91.92
CA LEU S 412 -42.83 -28.79 90.55
C LEU S 412 -42.78 -27.37 90.03
N ASN S 413 -42.06 -27.19 88.92
CA ASN S 413 -42.02 -25.93 88.20
C ASN S 413 -42.28 -26.19 86.72
N GLU S 414 -42.35 -25.12 85.93
CA GLU S 414 -42.65 -25.26 84.51
C GLU S 414 -41.58 -26.08 83.80
N ASP S 415 -40.31 -25.92 84.20
CA ASP S 415 -39.25 -26.74 83.61
C ASP S 415 -39.50 -28.22 83.86
N ASP S 416 -40.08 -28.56 85.02
CA ASP S 416 -40.44 -29.95 85.27
C ASP S 416 -41.56 -30.41 84.35
N LEU S 417 -42.47 -29.52 83.98
CA LEU S 417 -43.51 -29.90 83.02
C LEU S 417 -42.92 -30.14 81.64
N TRP S 418 -41.95 -29.32 81.23
CA TRP S 418 -41.24 -29.60 79.98
C TRP S 418 -40.52 -30.94 80.06
N ARG S 419 -39.93 -31.23 81.22
CA ARG S 419 -39.30 -32.53 81.43
C ARG S 419 -40.32 -33.66 81.33
N ILE S 420 -41.53 -33.42 81.83
CA ILE S 420 -42.61 -34.40 81.70
C ILE S 420 -42.91 -34.67 80.23
N VAL S 421 -43.01 -33.61 79.43
CA VAL S 421 -43.29 -33.78 78.00
C VAL S 421 -42.18 -34.58 77.33
N GLN S 422 -40.93 -34.21 77.62
CA GLN S 422 -39.80 -34.93 77.02
C GLN S 422 -39.78 -36.39 77.43
N LEU S 423 -40.06 -36.67 78.71
CA LEU S 423 -40.02 -38.03 79.20
C LEU S 423 -41.16 -38.86 78.62
N ASP S 424 -42.34 -38.26 78.45
CA ASP S 424 -43.43 -39.01 77.85
C ASP S 424 -43.13 -39.32 76.38
N LEU S 425 -42.52 -38.38 75.67
CA LEU S 425 -42.08 -38.67 74.31
C LEU S 425 -41.06 -39.81 74.30
N ASP S 426 -40.11 -39.78 75.23
CA ASP S 426 -39.09 -40.83 75.29
C ASP S 426 -39.71 -42.20 75.54
N TYR S 427 -40.67 -42.27 76.48
CA TYR S 427 -41.28 -43.56 76.76
C TYR S 427 -42.17 -44.01 75.61
N HIS S 428 -42.85 -43.08 74.94
CA HIS S 428 -43.61 -43.46 73.75
C HIS S 428 -42.69 -44.03 72.68
N SER S 429 -41.47 -43.50 72.58
CA SER S 429 -40.50 -44.07 71.64
C SER S 429 -40.09 -45.47 72.06
N ILE S 430 -39.71 -45.65 73.33
CA ILE S 430 -39.20 -46.95 73.77
C ILE S 430 -40.29 -48.00 73.88
N HIS S 431 -41.56 -47.59 73.91
CA HIS S 431 -42.66 -48.55 73.98
C HIS S 431 -42.71 -49.42 72.73
N ASP S 432 -42.47 -48.83 71.56
CA ASP S 432 -42.44 -49.61 70.34
C ASP S 432 -41.30 -50.63 70.37
N LYS S 433 -40.14 -50.24 70.89
CA LYS S 433 -39.02 -51.18 70.99
C LYS S 433 -39.34 -52.32 71.95
N LYS S 434 -39.93 -52.00 73.10
CA LYS S 434 -40.26 -53.07 74.04
C LYS S 434 -41.34 -54.00 73.47
N ALA S 435 -42.30 -53.45 72.71
CA ALA S 435 -43.28 -54.30 72.04
C ALA S 435 -42.61 -55.19 71.00
N ALA S 436 -41.63 -54.65 70.27
CA ALA S 436 -40.92 -55.46 69.29
C ALA S 436 -40.17 -56.60 69.95
N LEU S 437 -39.50 -56.33 71.08
CA LEU S 437 -38.83 -57.41 71.80
C LEU S 437 -39.82 -58.45 72.32
N SER S 438 -40.98 -58.00 72.82
CA SER S 438 -42.00 -58.95 73.27
C SER S 438 -42.48 -59.83 72.12
N SER S 439 -42.73 -59.22 70.95
CA SER S 439 -43.17 -60.00 69.79
C SER S 439 -42.09 -60.98 69.35
N ILE S 440 -40.83 -60.56 69.37
CA ILE S 440 -39.74 -61.47 69.00
C ILE S 440 -39.69 -62.65 69.96
N TYR S 441 -39.78 -62.38 71.26
CA TYR S 441 -39.78 -63.47 72.25
C TYR S 441 -40.95 -64.40 72.04
N LYS S 442 -42.14 -63.85 71.75
CA LYS S 442 -43.31 -64.69 71.51
C LYS S 442 -43.11 -65.56 70.27
N GLN S 443 -42.47 -65.02 69.23
CA GLN S 443 -42.17 -65.82 68.05
C GLN S 443 -41.16 -66.92 68.36
N LEU S 444 -40.21 -66.66 69.27
CA LEU S 444 -39.31 -67.73 69.70
C LEU S 444 -40.09 -68.90 70.30
N ASP S 445 -41.09 -68.60 71.13
CA ASP S 445 -41.99 -69.60 71.70
C ASP S 445 -41.20 -70.71 72.41
N LEU S 446 -40.47 -70.30 73.43
CA LEU S 446 -39.64 -71.23 74.18
C LEU S 446 -40.50 -72.24 74.94
N ASP S 447 -40.06 -73.50 74.94
CA ASP S 447 -40.77 -74.53 75.68
C ASP S 447 -40.78 -74.23 77.18
N VAL S 448 -39.64 -73.78 77.70
CA VAL S 448 -39.52 -73.33 79.09
C VAL S 448 -39.18 -71.85 79.07
N VAL S 449 -39.96 -71.05 79.81
CA VAL S 449 -39.72 -69.62 79.85
C VAL S 449 -38.37 -69.36 80.50
N ASP S 450 -37.53 -68.60 79.81
CA ASP S 450 -36.19 -68.33 80.31
C ASP S 450 -36.26 -67.42 81.53
N PRO S 451 -35.77 -67.86 82.70
CA PRO S 451 -35.84 -67.00 83.89
C PRO S 451 -35.08 -65.69 83.74
N THR S 452 -33.92 -65.73 83.06
CA THR S 452 -33.16 -64.50 82.84
C THR S 452 -33.95 -63.51 81.99
N TYR S 453 -34.62 -64.01 80.96
CA TYR S 453 -35.44 -63.14 80.12
C TYR S 453 -36.50 -62.42 80.93
N GLU S 454 -37.26 -63.15 81.74
CA GLU S 454 -38.30 -62.55 82.55
C GLU S 454 -37.71 -61.57 83.57
N GLU S 455 -36.64 -61.98 84.24
CA GLU S 455 -36.06 -61.16 85.31
C GLU S 455 -35.55 -59.82 84.75
N PHE S 456 -34.91 -59.85 83.59
CA PHE S 456 -34.37 -58.62 83.03
C PHE S 456 -35.39 -57.83 82.22
N PHE S 457 -36.44 -58.48 81.72
CA PHE S 457 -37.50 -57.75 81.03
C PHE S 457 -38.40 -57.02 82.02
N GLY S 458 -38.66 -57.61 83.18
CA GLY S 458 -39.46 -56.94 84.19
C GLY S 458 -38.80 -55.67 84.70
N SER S 459 -37.47 -55.67 84.80
CA SER S 459 -36.71 -54.54 85.29
C SER S 459 -36.12 -53.71 84.17
N ALA S 460 -36.55 -53.94 82.93
CA ALA S 460 -36.02 -53.20 81.79
C ALA S 460 -36.61 -51.80 81.76
N ARG S 461 -35.73 -50.79 81.84
CA ARG S 461 -36.14 -49.40 81.80
C ARG S 461 -35.52 -48.62 80.65
N THR S 462 -34.25 -48.86 80.34
CA THR S 462 -33.56 -48.14 79.27
C THR S 462 -33.52 -48.99 78.01
N LEU S 463 -33.39 -48.31 76.87
CA LEU S 463 -33.25 -49.01 75.60
C LEU S 463 -31.94 -49.79 75.52
N SER S 464 -30.93 -49.41 76.31
CA SER S 464 -29.70 -50.19 76.37
C SER S 464 -29.97 -51.58 76.94
N GLU S 465 -30.81 -51.66 77.98
CA GLU S 465 -31.16 -52.96 78.54
C GLU S 465 -31.99 -53.77 77.56
N LEU S 466 -32.87 -53.12 76.79
CA LEU S 466 -33.61 -53.82 75.75
C LEU S 466 -32.67 -54.37 74.68
N GLN S 467 -31.65 -53.59 74.31
CA GLN S 467 -30.66 -54.07 73.35
C GLN S 467 -29.87 -55.25 73.93
N ASP S 468 -29.56 -55.20 75.22
CA ASP S 468 -28.90 -56.31 75.88
C ASP S 468 -29.77 -57.57 75.84
N ILE S 469 -31.07 -57.40 76.10
CA ILE S 469 -32.00 -58.52 76.00
C ILE S 469 -32.01 -59.09 74.59
N ASP S 470 -32.05 -58.22 73.59
CA ASP S 470 -32.04 -58.67 72.20
C ASP S 470 -30.76 -59.44 71.88
N ASP S 471 -29.62 -58.93 72.32
CA ASP S 471 -28.36 -59.61 72.06
C ASP S 471 -28.31 -60.98 72.74
N TYR S 472 -28.76 -61.05 73.98
CA TYR S 472 -28.78 -62.32 74.70
C TYR S 472 -29.68 -63.34 74.01
N LEU S 473 -30.89 -62.90 73.62
CA LEU S 473 -31.84 -63.79 72.96
C LEU S 473 -31.31 -64.27 71.61
N THR S 474 -30.73 -63.36 70.82
CA THR S 474 -30.19 -63.76 69.52
C THR S 474 -29.00 -64.68 69.67
N PHE S 475 -28.13 -64.45 70.65
CA PHE S 475 -26.95 -65.28 70.81
C PHE S 475 -27.34 -66.69 71.27
N ASN S 476 -28.18 -66.80 72.30
CA ASN S 476 -28.51 -68.11 72.83
C ASN S 476 -29.56 -68.85 72.02
N TYR S 477 -30.17 -68.20 71.03
CA TYR S 477 -31.10 -68.85 70.12
C TYR S 477 -30.79 -68.45 68.68
N SER S 478 -29.51 -68.50 68.31
CA SER S 478 -29.10 -68.06 66.98
C SER S 478 -29.74 -68.94 65.91
N SER S 479 -29.73 -70.24 66.10
CA SER S 479 -30.39 -71.13 65.15
C SER S 479 -31.88 -70.86 65.10
N GLN S 480 -32.52 -70.71 66.26
CA GLN S 480 -33.96 -70.45 66.30
C GLN S 480 -34.31 -69.11 65.68
N VAL S 481 -33.51 -68.07 65.96
CA VAL S 481 -33.76 -66.76 65.39
C VAL S 481 -33.56 -66.80 63.87
N LYS S 482 -32.53 -67.49 63.40
CA LYS S 482 -32.31 -67.61 61.96
C LYS S 482 -33.47 -68.35 61.29
N ASN S 483 -33.95 -69.42 61.93
CA ASN S 483 -35.10 -70.14 61.38
C ASN S 483 -36.34 -69.25 61.34
N LEU S 484 -36.59 -68.50 62.41
CA LEU S 484 -37.75 -67.61 62.43
C LEU S 484 -37.64 -66.55 61.35
N THR S 485 -36.44 -66.04 61.10
CA THR S 485 -36.23 -65.16 59.95
C THR S 485 -36.57 -65.89 58.65
N ALA S 486 -36.15 -67.16 58.54
CA ALA S 486 -36.50 -67.94 57.37
C ALA S 486 -37.98 -68.29 57.33
N VAL S 487 -38.60 -68.54 58.48
CA VAL S 487 -40.02 -68.84 58.54
C VAL S 487 -40.84 -67.62 58.12
N MET S 514 -32.52 -65.02 48.36
CA MET S 514 -32.23 -64.58 49.71
C MET S 514 -30.84 -63.94 49.79
N LYS S 515 -30.79 -62.70 50.25
CA LYS S 515 -29.54 -61.95 50.37
C LYS S 515 -28.57 -62.68 51.28
N ARG S 516 -27.44 -63.13 50.71
CA ARG S 516 -26.48 -63.96 51.42
C ARG S 516 -25.65 -63.13 52.40
N LYS S 517 -26.35 -62.53 53.35
CA LYS S 517 -25.68 -61.90 54.48
C LYS S 517 -25.08 -62.97 55.38
N TYR S 518 -23.82 -62.79 55.76
CA TYR S 518 -23.14 -63.78 56.59
C TYR S 518 -23.54 -63.60 58.05
N SER S 519 -24.14 -64.63 58.63
CA SER S 519 -24.50 -64.60 60.04
C SER S 519 -23.22 -64.60 60.87
N LYS S 520 -23.06 -63.58 61.72
CA LYS S 520 -21.88 -63.51 62.59
C LYS S 520 -21.86 -64.64 63.60
N TYR S 521 -22.99 -65.30 63.82
CA TYR S 521 -23.08 -66.42 64.75
C TYR S 521 -22.99 -67.77 64.06
N ALA S 522 -22.62 -67.81 62.78
CA ALA S 522 -22.54 -69.07 62.06
C ALA S 522 -21.48 -69.99 62.66
N ILE S 523 -20.34 -69.42 63.06
CA ILE S 523 -19.28 -70.21 63.67
C ILE S 523 -19.78 -70.83 64.97
N TYR S 524 -20.50 -70.04 65.77
CA TYR S 524 -21.02 -70.54 67.04
C TYR S 524 -22.10 -71.59 66.81
N ASP S 525 -22.90 -71.43 65.76
CA ASP S 525 -23.86 -72.46 65.40
C ASP S 525 -23.16 -73.76 65.01
N ARG S 526 -22.06 -73.65 64.25
CA ARG S 526 -21.28 -74.83 63.91
C ARG S 526 -20.71 -75.50 65.16
N ILE S 527 -20.25 -74.69 66.12
CA ILE S 527 -19.78 -75.23 67.39
C ILE S 527 -20.90 -75.97 68.11
N ARG S 528 -22.10 -75.39 68.09
CA ARG S 528 -23.26 -76.06 68.69
C ARG S 528 -23.53 -77.39 68.01
N GLN S 529 -23.43 -77.43 66.69
CA GLN S 529 -23.63 -78.67 65.94
C GLN S 529 -22.47 -79.65 66.08
N ASP S 530 -21.27 -79.16 66.35
CA ASP S 530 -20.09 -80.02 66.42
C ASP S 530 -20.07 -80.81 67.72
N ALA S 531 -19.23 -81.85 67.74
CA ALA S 531 -19.12 -82.73 68.89
C ALA S 531 -18.40 -82.09 70.07
N ILE S 532 -17.81 -80.90 69.90
CA ILE S 532 -17.09 -80.26 70.99
C ILE S 532 -18.04 -79.46 71.89
N TYR S 533 -19.26 -79.21 71.46
CA TYR S 533 -20.24 -78.51 72.27
C TYR S 533 -20.50 -79.18 73.63
N PRO S 534 -20.56 -80.52 73.73
CA PRO S 534 -20.62 -81.14 75.07
C PRO S 534 -19.48 -80.74 75.99
N VAL S 535 -18.27 -80.54 75.47
CA VAL S 535 -17.18 -80.07 76.31
C VAL S 535 -17.48 -78.67 76.84
N VAL S 536 -18.01 -77.81 75.97
CA VAL S 536 -18.39 -76.46 76.39
C VAL S 536 -19.44 -76.52 77.50
N GLN S 537 -20.38 -77.46 77.39
CA GLN S 537 -21.32 -77.67 78.49
C GLN S 537 -20.59 -78.10 79.75
N SER S 538 -19.65 -79.03 79.62
CA SER S 538 -18.96 -79.61 80.77
C SER S 538 -18.05 -78.61 81.46
N ILE S 539 -17.70 -77.51 80.80
CA ILE S 539 -16.91 -76.47 81.47
C ILE S 539 -17.67 -75.93 82.67
N ALA S 540 -18.94 -75.56 82.47
CA ALA S 540 -19.80 -75.04 83.52
C ALA S 540 -21.23 -75.03 83.01
N ASN S 541 -22.16 -75.30 83.91
CA ASN S 541 -23.58 -75.34 83.57
C ASN S 541 -24.11 -73.92 83.42
N ILE S 542 -24.79 -73.66 82.30
CA ILE S 542 -25.28 -72.31 82.01
C ILE S 542 -26.30 -71.86 83.05
N SER S 543 -27.24 -72.73 83.38
CA SER S 543 -28.26 -72.39 84.38
C SER S 543 -27.62 -72.19 85.75
N GLN S 544 -26.68 -73.07 86.11
CA GLN S 544 -25.98 -72.91 87.39
C GLN S 544 -25.16 -71.63 87.41
N MET S 545 -24.50 -71.31 86.29
CA MET S 545 -23.74 -70.06 86.22
C MET S 545 -24.66 -68.85 86.40
N ARG S 546 -25.82 -68.86 85.74
CA ARG S 546 -26.75 -67.75 85.86
C ARG S 546 -27.27 -67.63 87.29
N GLU S 547 -27.60 -68.76 87.92
CA GLU S 547 -28.08 -68.72 89.30
C GLU S 547 -27.02 -68.17 90.24
N ASN S 548 -25.77 -68.64 90.08
CA ASN S 548 -24.69 -68.16 90.93
C ASN S 548 -24.44 -66.68 90.74
N LEU S 549 -24.47 -66.22 89.49
CA LEU S 549 -24.22 -64.80 89.22
C LEU S 549 -25.33 -63.92 89.76
N ALA S 550 -26.59 -64.34 89.56
CA ALA S 550 -27.72 -63.56 90.06
C ALA S 550 -27.72 -63.51 91.58
N GLN S 551 -27.41 -64.64 92.24
CA GLN S 551 -27.36 -64.65 93.70
C GLN S 551 -26.17 -63.88 94.24
N SER S 552 -25.14 -63.67 93.42
CA SER S 552 -23.88 -63.02 93.80
C SER S 552 -23.07 -63.83 94.81
N LYS S 553 -23.53 -65.03 95.15
CA LYS S 553 -22.80 -65.92 96.03
C LYS S 553 -22.94 -67.34 95.51
N ARG S 554 -22.08 -68.22 96.01
CA ARG S 554 -22.03 -69.59 95.51
C ARG S 554 -23.26 -70.37 95.95
N LEU S 555 -24.09 -70.76 95.00
CA LEU S 555 -25.18 -71.71 95.22
C LEU S 555 -24.82 -73.12 94.79
N HIS S 556 -24.00 -73.25 93.75
CA HIS S 556 -23.47 -74.52 93.31
C HIS S 556 -21.97 -74.38 93.05
N GLN S 557 -21.25 -75.49 93.16
CA GLN S 557 -19.83 -75.51 92.90
C GLN S 557 -19.58 -75.96 91.46
N VAL S 558 -18.76 -75.20 90.74
CA VAL S 558 -18.43 -75.56 89.36
C VAL S 558 -17.61 -76.85 89.40
N GLU S 559 -18.22 -77.95 88.95
CA GLU S 559 -17.56 -79.25 88.97
C GLU S 559 -16.55 -79.33 87.84
N ASP S 560 -15.31 -79.66 88.18
CA ASP S 560 -14.26 -79.80 87.19
C ASP S 560 -14.35 -81.17 86.54
N PRO S 561 -14.40 -81.26 85.21
CA PRO S 561 -14.46 -82.56 84.54
C PRO S 561 -13.24 -83.41 84.87
N ILE S 562 -13.45 -84.72 84.85
CA ILE S 562 -12.43 -85.68 85.27
C ILE S 562 -11.19 -85.64 84.39
N GLU S 563 -11.28 -85.12 83.17
CA GLU S 563 -10.15 -85.03 82.27
C GLU S 563 -9.90 -83.59 81.87
N SER S 564 -8.64 -83.30 81.52
CA SER S 564 -8.24 -81.95 81.19
C SER S 564 -8.90 -81.50 79.89
N PRO S 565 -9.02 -80.18 79.70
CA PRO S 565 -9.62 -79.69 78.44
C PRO S 565 -8.91 -80.21 77.20
N MET S 566 -7.58 -80.22 77.21
CA MET S 566 -6.84 -80.77 76.07
C MET S 566 -7.09 -82.27 75.93
N ASP S 567 -7.13 -83.00 77.05
CA ASP S 567 -7.39 -84.43 76.99
C ASP S 567 -8.74 -84.72 76.34
N MET S 568 -9.80 -84.08 76.83
CA MET S 568 -11.14 -84.32 76.29
C MET S 568 -11.23 -83.88 74.83
N ILE S 569 -10.66 -82.71 74.51
CA ILE S 569 -10.72 -82.21 73.14
C ILE S 569 -10.04 -83.19 72.19
N ALA S 570 -8.82 -83.63 72.52
CA ALA S 570 -8.10 -84.55 71.67
C ALA S 570 -8.81 -85.89 71.56
N ASP S 571 -9.34 -86.39 72.67
CA ASP S 571 -10.03 -87.68 72.66
C ASP S 571 -11.26 -87.63 71.76
N ILE S 572 -12.05 -86.56 71.87
CA ILE S 572 -13.25 -86.45 71.05
C ILE S 572 -12.88 -86.24 69.58
N MET S 573 -11.81 -85.48 69.33
CA MET S 573 -11.35 -85.29 67.96
C MET S 573 -10.92 -86.59 67.33
N SER S 574 -10.19 -87.43 68.09
CA SER S 574 -9.74 -88.70 67.57
C SER S 574 -10.91 -89.67 67.38
N THR S 575 -11.86 -89.69 68.30
CA THR S 575 -13.00 -90.60 68.21
C THR S 575 -14.09 -90.09 67.29
N GLU S 576 -14.05 -88.83 66.87
CA GLU S 576 -15.05 -88.24 65.99
C GLU S 576 -14.37 -87.44 64.89
N LYS S 577 -13.34 -88.03 64.26
CA LYS S 577 -12.67 -87.37 63.15
C LYS S 577 -13.64 -87.06 62.02
N ASP S 578 -14.71 -87.85 61.90
CA ASP S 578 -15.68 -87.65 60.83
C ASP S 578 -16.45 -86.35 61.02
N LYS S 579 -16.80 -86.01 62.27
CA LYS S 579 -17.64 -84.86 62.54
C LYS S 579 -16.87 -83.65 63.07
N THR S 580 -15.73 -83.86 63.71
CA THR S 580 -14.96 -82.74 64.26
C THR S 580 -14.41 -81.90 63.11
N THR S 581 -15.01 -80.74 62.87
CA THR S 581 -14.59 -79.86 61.79
C THR S 581 -13.25 -79.19 62.05
N PHE S 582 -12.74 -79.26 63.27
CA PHE S 582 -11.45 -78.66 63.59
C PHE S 582 -10.32 -79.47 62.98
N ILE S 583 -9.19 -78.80 62.74
CA ILE S 583 -8.02 -79.45 62.15
C ILE S 583 -7.11 -79.95 63.27
N SER S 584 -6.72 -79.07 64.18
CA SER S 584 -5.84 -79.41 65.28
C SER S 584 -6.58 -79.24 66.61
N SER S 585 -6.08 -79.93 67.63
CA SER S 585 -6.68 -79.81 68.96
C SER S 585 -6.54 -78.40 69.51
N GLU S 586 -5.46 -77.72 69.17
CA GLU S 586 -5.29 -76.33 69.62
C GLU S 586 -6.35 -75.42 69.01
N LYS S 587 -6.71 -75.66 67.74
CA LYS S 587 -7.76 -74.88 67.11
C LYS S 587 -9.10 -75.10 67.81
N ALA S 588 -9.42 -76.34 68.14
CA ALA S 588 -10.65 -76.62 68.89
C ALA S 588 -10.61 -75.97 70.27
N TYR S 589 -9.44 -75.99 70.91
CA TYR S 589 -9.30 -75.34 72.22
C TYR S 589 -9.57 -73.84 72.11
N GLN S 590 -9.03 -73.20 71.08
CA GLN S 590 -9.25 -71.77 70.89
C GLN S 590 -10.72 -71.48 70.59
N ALA S 591 -11.35 -72.33 69.77
CA ALA S 591 -12.77 -72.15 69.46
C ALA S 591 -13.63 -72.29 70.71
N VAL S 592 -13.31 -73.28 71.56
CA VAL S 592 -14.05 -73.44 72.82
C VAL S 592 -13.85 -72.22 73.71
N LYS S 593 -12.62 -71.72 73.80
CA LYS S 593 -12.37 -70.55 74.62
C LYS S 593 -13.13 -69.33 74.12
N GLN S 594 -13.14 -69.12 72.80
CA GLN S 594 -13.84 -67.96 72.25
C GLN S 594 -15.36 -68.12 72.40
N PHE S 595 -15.87 -69.35 72.29
CA PHE S 595 -17.29 -69.57 72.51
C PHE S 595 -17.68 -69.29 73.96
N PHE S 596 -16.84 -69.72 74.90
CA PHE S 596 -17.10 -69.42 76.31
C PHE S 596 -17.03 -67.92 76.57
N SER S 597 -16.07 -67.23 75.93
CA SER S 597 -15.98 -65.78 76.05
C SER S 597 -17.23 -65.10 75.51
N GLU S 598 -17.74 -65.58 74.37
CA GLU S 598 -18.97 -65.01 73.82
C GLU S 598 -20.15 -65.27 74.73
N GLN S 599 -20.22 -66.47 75.32
CA GLN S 599 -21.30 -66.77 76.25
C GLN S 599 -21.26 -65.84 77.47
N LEU S 600 -20.07 -65.63 78.03
CA LEU S 600 -19.94 -64.73 79.16
C LEU S 600 -20.26 -63.29 78.78
N SER S 601 -19.84 -62.86 77.59
CA SER S 601 -20.07 -61.49 77.16
C SER S 601 -21.54 -61.19 76.97
N TYR S 602 -22.30 -62.13 76.41
CA TYR S 602 -23.71 -61.93 76.14
C TYR S 602 -24.60 -62.10 77.36
N GLU S 603 -24.02 -62.34 78.53
CA GLU S 603 -24.81 -62.46 79.75
C GLU S 603 -25.32 -61.07 80.16
N PRO S 604 -26.64 -60.86 80.25
CA PRO S 604 -27.13 -59.52 80.61
C PRO S 604 -26.67 -59.04 81.98
N PHE S 605 -26.49 -59.95 82.94
CA PHE S 605 -26.16 -59.52 84.30
C PHE S 605 -24.78 -58.90 84.38
N ILE S 606 -23.80 -59.48 83.69
CA ILE S 606 -22.45 -58.91 83.69
C ILE S 606 -22.47 -57.51 83.10
N ARG S 607 -23.16 -57.34 81.97
CA ARG S 607 -23.25 -56.04 81.33
C ARG S 607 -23.94 -55.03 82.25
N LYS S 608 -25.03 -55.44 82.90
CA LYS S 608 -25.76 -54.54 83.79
C LYS S 608 -24.90 -54.13 84.98
N THR S 609 -24.17 -55.08 85.57
CA THR S 609 -23.31 -54.77 86.71
C THR S 609 -22.18 -53.82 86.30
N ILE S 610 -21.56 -54.09 85.15
CA ILE S 610 -20.48 -53.22 84.68
C ILE S 610 -21.00 -51.82 84.39
N ARG S 611 -22.19 -51.73 83.78
CA ARG S 611 -22.77 -50.43 83.47
C ARG S 611 -23.10 -49.66 84.74
N THR S 612 -23.68 -50.33 85.74
CA THR S 612 -23.96 -49.67 87.01
C THR S 612 -22.69 -49.19 87.68
N ALA S 613 -21.65 -50.04 87.70
CA ALA S 613 -20.39 -49.67 88.33
C ALA S 613 -19.76 -48.46 87.63
N PHE S 614 -19.77 -48.46 86.30
CA PHE S 614 -19.19 -47.33 85.57
C PHE S 614 -20.01 -46.05 85.80
N GLN S 615 -21.33 -46.18 85.79
CA GLN S 615 -22.18 -45.00 86.00
C GLN S 615 -22.05 -44.46 87.40
N SER S 616 -21.70 -45.31 88.37
CA SER S 616 -21.61 -44.86 89.76
C SER S 616 -20.23 -44.33 90.13
N PHE S 617 -19.18 -45.10 89.83
CA PHE S 617 -17.84 -44.80 90.34
C PHE S 617 -16.81 -44.58 89.25
N GLY S 618 -17.21 -44.49 87.99
CA GLY S 618 -16.24 -44.27 86.93
C GLY S 618 -15.67 -42.86 86.94
N VAL S 619 -14.53 -42.71 86.27
CA VAL S 619 -13.87 -41.43 86.13
C VAL S 619 -13.66 -41.14 84.65
N ILE S 620 -13.26 -39.91 84.35
CA ILE S 620 -13.05 -39.44 82.98
C ILE S 620 -11.58 -39.11 82.79
N ASN S 621 -10.98 -39.71 81.77
CA ASN S 621 -9.60 -39.44 81.38
C ASN S 621 -9.57 -39.05 79.91
N ILE S 622 -8.65 -38.15 79.58
CA ILE S 622 -8.55 -37.61 78.23
C ILE S 622 -7.14 -37.89 77.69
N GLU S 623 -7.08 -38.48 76.50
CA GLU S 623 -5.82 -38.68 75.79
C GLU S 623 -5.73 -37.70 74.63
N LEU S 624 -4.49 -37.42 74.22
CA LEU S 624 -4.21 -36.46 73.16
C LEU S 624 -3.58 -37.16 71.96
N THR S 625 -4.16 -36.93 70.78
CA THR S 625 -3.51 -37.33 69.54
C THR S 625 -2.42 -36.33 69.16
N GLU S 626 -1.69 -36.65 68.09
CA GLU S 626 -0.68 -35.71 67.58
C GLU S 626 -1.33 -34.40 67.18
N ARG S 627 -2.51 -34.47 66.54
CA ARG S 627 -3.29 -33.26 66.30
C ARG S 627 -3.62 -32.56 67.60
N GLY S 628 -4.01 -33.33 68.62
CA GLY S 628 -4.21 -32.74 69.93
C GLY S 628 -2.93 -32.25 70.56
N LYS S 629 -1.83 -32.98 70.32
CA LYS S 629 -0.54 -32.56 70.87
C LYS S 629 -0.07 -31.23 70.30
N LEU S 630 -0.48 -30.89 69.08
CA LEU S 630 0.00 -29.68 68.42
C LEU S 630 -1.02 -28.54 68.42
N GLN S 631 -2.32 -28.84 68.40
CA GLN S 631 -3.33 -27.82 68.17
C GLN S 631 -3.91 -27.22 69.44
N ILE S 632 -3.76 -27.89 70.59
CA ILE S 632 -4.32 -27.37 71.84
C ILE S 632 -3.33 -26.35 72.38
N GLU S 633 -3.60 -25.08 72.12
CA GLU S 633 -2.75 -23.96 72.50
C GLU S 633 -3.23 -23.34 73.80
N PRO S 634 -2.36 -22.61 74.50
CA PRO S 634 -2.78 -22.00 75.78
C PRO S 634 -3.94 -21.04 75.66
N GLU S 635 -4.21 -20.49 74.46
CA GLU S 635 -5.34 -19.60 74.28
C GLU S 635 -6.59 -20.30 73.76
N SER S 636 -6.46 -21.51 73.21
CA SER S 636 -7.61 -22.23 72.69
C SER S 636 -8.53 -22.64 73.84
N PRO S 637 -9.84 -22.66 73.62
CA PRO S 637 -10.76 -23.09 74.69
C PRO S 637 -10.57 -24.54 75.11
N TYR S 638 -9.94 -25.36 74.27
CA TYR S 638 -9.70 -26.76 74.60
C TYR S 638 -8.54 -26.94 75.58
N PHE S 639 -7.81 -25.87 75.90
CA PHE S 639 -6.68 -25.97 76.80
C PHE S 639 -7.10 -26.27 78.24
N ASP S 640 -8.38 -26.09 78.57
CA ASP S 640 -8.84 -26.32 79.94
C ASP S 640 -8.74 -27.78 80.34
N PHE S 641 -8.78 -28.71 79.38
CA PHE S 641 -8.73 -30.13 79.68
C PHE S 641 -7.66 -30.83 78.85
N LYS S 642 -6.54 -30.15 78.60
CA LYS S 642 -5.47 -30.76 77.81
C LYS S 642 -4.87 -31.96 78.51
N TYR S 643 -4.89 -31.97 79.85
CA TYR S 643 -4.27 -33.04 80.61
C TYR S 643 -5.12 -33.44 81.82
N ALA S 644 -6.44 -33.35 81.69
CA ALA S 644 -7.33 -33.73 82.77
C ALA S 644 -7.24 -35.24 83.01
N LYS S 645 -7.52 -35.64 84.26
CA LYS S 645 -7.35 -37.03 84.65
C LYS S 645 -8.23 -37.34 85.85
N ASN S 646 -8.88 -38.50 85.81
CA ASN S 646 -9.69 -39.01 86.93
C ASN S 646 -10.77 -38.00 87.35
N ARG S 647 -11.38 -37.38 86.35
CA ARG S 647 -12.47 -36.44 86.64
C ARG S 647 -13.73 -37.21 87.00
N PRO S 648 -14.35 -36.92 88.15
CA PRO S 648 -15.55 -37.64 88.55
C PRO S 648 -16.70 -37.41 87.58
N ILE S 649 -17.45 -38.49 87.31
CA ILE S 649 -18.59 -38.39 86.41
C ILE S 649 -19.73 -37.61 87.06
N SER S 650 -19.97 -37.86 88.36
CA SER S 650 -21.12 -37.25 89.02
C SER S 650 -21.04 -35.73 89.02
N ALA S 651 -19.82 -35.19 89.06
CA ALA S 651 -19.64 -33.74 89.04
C ALA S 651 -19.78 -33.15 87.64
N LEU S 652 -19.78 -33.99 86.59
CA LEU S 652 -19.86 -33.46 85.23
C LEU S 652 -21.21 -32.79 84.96
N THR S 653 -22.28 -33.35 85.48
CA THR S 653 -23.61 -32.81 85.21
C THR S 653 -23.77 -31.37 85.71
N ALA S 654 -23.01 -30.99 86.75
CA ALA S 654 -23.06 -29.62 87.23
C ALA S 654 -22.32 -28.65 86.30
N THR S 655 -21.43 -29.18 85.45
CA THR S 655 -20.65 -28.37 84.52
C THR S 655 -20.78 -28.99 83.14
N PRO S 656 -21.95 -28.88 82.50
CA PRO S 656 -22.14 -29.56 81.21
C PRO S 656 -21.24 -29.05 80.11
N ASP S 657 -20.89 -27.77 80.13
CA ASP S 657 -20.11 -27.20 79.03
C ASP S 657 -18.74 -27.83 78.92
N LEU S 658 -18.13 -28.21 80.04
CA LEU S 658 -16.82 -28.86 80.00
C LEU S 658 -16.89 -30.18 79.23
N TYR S 659 -17.89 -31.01 79.54
CA TYR S 659 -18.04 -32.27 78.84
C TYR S 659 -18.40 -32.06 77.38
N LEU S 660 -19.27 -31.08 77.09
CA LEU S 660 -19.61 -30.78 75.71
C LEU S 660 -18.38 -30.36 74.92
N ARG S 661 -17.52 -29.52 75.52
CA ARG S 661 -16.32 -29.08 74.84
C ARG S 661 -15.32 -30.23 74.66
N MET S 662 -15.24 -31.13 75.64
CA MET S 662 -14.41 -32.32 75.46
C MET S 662 -14.89 -33.16 74.29
N ILE S 663 -16.22 -33.34 74.19
CA ILE S 663 -16.77 -34.11 73.08
C ILE S 663 -16.49 -33.42 71.75
N GLN S 664 -16.65 -32.08 71.72
CA GLN S 664 -16.37 -31.33 70.51
C GLN S 664 -14.92 -31.47 70.09
N ALA S 665 -13.99 -31.41 71.04
CA ALA S 665 -12.58 -31.60 70.73
C ALA S 665 -12.32 -33.02 70.24
N GLU S 666 -12.99 -34.01 70.83
CA GLU S 666 -12.86 -35.38 70.37
C GLU S 666 -13.33 -35.53 68.93
N ASN S 667 -14.44 -34.89 68.58
CA ASN S 667 -14.96 -34.98 67.22
C ASN S 667 -14.05 -34.32 66.21
N ASP S 668 -13.16 -33.42 66.66
CA ASP S 668 -12.21 -32.76 65.78
C ASP S 668 -10.97 -33.60 65.52
N GLY S 669 -10.88 -34.80 66.09
CA GLY S 669 -9.71 -35.63 65.91
C GLY S 669 -8.51 -35.18 66.71
N LEU S 670 -8.72 -34.41 67.78
CA LEU S 670 -7.63 -33.92 68.62
C LEU S 670 -7.42 -34.76 69.87
N VAL S 671 -8.49 -35.09 70.59
CA VAL S 671 -8.38 -35.73 71.89
C VAL S 671 -9.19 -37.02 71.88
N ASN S 672 -8.93 -37.86 72.88
CA ASN S 672 -9.65 -39.11 73.07
C ASN S 672 -10.11 -39.20 74.51
N ILE S 673 -11.42 -39.39 74.72
CA ILE S 673 -12.00 -39.46 76.06
C ILE S 673 -12.06 -40.92 76.48
N LYS S 674 -11.53 -41.21 77.67
CA LYS S 674 -11.49 -42.57 78.20
C LYS S 674 -12.17 -42.60 79.56
N VAL S 675 -13.02 -43.62 79.75
CA VAL S 675 -13.71 -43.83 81.02
C VAL S 675 -13.16 -45.11 81.64
N GLU S 676 -12.67 -45.00 82.88
CA GLU S 676 -12.06 -46.15 83.56
C GLU S 676 -12.51 -46.17 85.01
N LEU S 677 -12.49 -47.37 85.58
CA LEU S 677 -12.90 -47.60 86.96
C LEU S 677 -11.68 -47.94 87.81
N PRO S 678 -11.47 -47.26 88.94
CA PRO S 678 -10.35 -47.64 89.82
C PRO S 678 -10.43 -49.08 90.32
N MET S 679 -11.64 -49.59 90.55
CA MET S 679 -11.82 -50.94 91.10
C MET S 679 -12.30 -51.92 90.03
N LEU S 680 -11.83 -51.77 88.78
CA LEU S 680 -12.16 -52.74 87.75
C LEU S 680 -11.61 -54.12 88.08
N SER S 681 -10.39 -54.17 88.58
CA SER S 681 -9.81 -55.45 88.99
C SER S 681 -10.63 -56.11 90.08
N THR S 682 -11.24 -55.32 90.97
CA THR S 682 -12.08 -55.89 92.02
C THR S 682 -13.28 -56.62 91.42
N VAL S 683 -13.96 -56.00 90.46
CA VAL S 683 -15.11 -56.62 89.82
C VAL S 683 -14.67 -57.86 89.04
N VAL S 684 -13.55 -57.78 88.33
CA VAL S 684 -13.05 -58.91 87.56
C VAL S 684 -12.77 -60.09 88.50
N ASP S 685 -12.08 -59.83 89.61
CA ASP S 685 -11.76 -60.88 90.56
C ASP S 685 -13.01 -61.46 91.20
N HIS S 686 -13.99 -60.61 91.54
CA HIS S 686 -15.21 -61.11 92.17
C HIS S 686 -15.98 -62.01 91.21
N PHE S 687 -16.12 -61.59 89.95
CA PHE S 687 -16.83 -62.42 88.99
C PHE S 687 -16.07 -63.69 88.68
N TYR S 688 -14.73 -63.63 88.68
CA TYR S 688 -13.94 -64.86 88.52
C TYR S 688 -14.17 -65.81 89.69
N ASN S 689 -14.15 -65.28 90.92
CA ASN S 689 -14.37 -66.12 92.09
C ASN S 689 -15.75 -66.77 92.05
N ILE S 690 -16.76 -66.04 91.57
CA ILE S 690 -18.07 -66.63 91.36
C ILE S 690 -17.98 -67.74 90.31
N LEU S 691 -17.27 -67.47 89.21
CA LEU S 691 -17.21 -68.39 88.09
C LEU S 691 -16.21 -69.52 88.29
N LYS S 692 -15.08 -69.25 88.94
CA LYS S 692 -14.01 -70.23 89.03
C LYS S 692 -14.45 -71.46 89.81
N SER S 693 -13.83 -72.60 89.48
CA SER S 693 -14.05 -73.83 90.21
C SER S 693 -13.12 -73.91 91.41
N ASP S 694 -13.48 -74.77 92.36
CA ASP S 694 -12.73 -74.94 93.59
C ASP S 694 -11.76 -76.10 93.55
N GLY S 695 -11.64 -76.77 92.41
CA GLY S 695 -10.72 -77.88 92.30
C GLY S 695 -9.27 -77.44 92.35
N THR S 696 -8.42 -78.35 92.84
CA THR S 696 -6.99 -78.08 92.99
C THR S 696 -6.11 -78.96 92.10
N SER S 697 -6.67 -79.97 91.45
CA SER S 697 -5.87 -80.82 90.59
C SER S 697 -5.43 -80.05 89.34
N GLU S 698 -4.36 -80.55 88.71
CA GLU S 698 -3.84 -79.90 87.51
C GLU S 698 -4.90 -79.82 86.41
N ILE S 699 -5.78 -80.83 86.33
CA ILE S 699 -6.92 -80.75 85.42
C ILE S 699 -7.83 -79.60 85.81
N SER S 700 -8.12 -79.46 87.10
CA SER S 700 -8.90 -78.33 87.58
C SER S 700 -8.17 -77.01 87.34
N GLU S 701 -6.84 -77.02 87.47
CA GLU S 701 -6.07 -75.82 87.17
C GLU S 701 -6.21 -75.42 85.70
N LYS S 702 -6.16 -76.39 84.79
CA LYS S 702 -6.35 -76.10 83.38
C LYS S 702 -7.75 -75.59 83.09
N TRP S 703 -8.77 -76.19 83.73
CA TRP S 703 -10.13 -75.73 83.56
C TRP S 703 -10.29 -74.30 84.05
N ASN S 704 -9.72 -73.98 85.21
CA ASN S 704 -9.79 -72.62 85.75
C ASN S 704 -9.06 -71.64 84.85
N ALA S 705 -7.91 -72.06 84.30
CA ALA S 705 -7.18 -71.19 83.38
C ALA S 705 -7.99 -70.89 82.13
N LEU S 706 -8.63 -71.92 81.56
CA LEU S 706 -9.47 -71.72 80.39
C LEU S 706 -10.64 -70.78 80.70
N ARG S 707 -11.27 -70.99 81.86
CA ARG S 707 -12.39 -70.14 82.25
C ARG S 707 -11.94 -68.69 82.44
N ASN S 708 -10.79 -68.49 83.09
CA ASN S 708 -10.30 -67.14 83.32
C ASN S 708 -9.91 -66.45 82.02
N ASP S 709 -9.29 -67.17 81.09
CA ASP S 709 -8.91 -66.57 79.81
C ASP S 709 -10.14 -66.19 79.01
N ALA S 710 -11.15 -67.08 78.97
CA ALA S 710 -12.40 -66.73 78.28
C ALA S 710 -13.07 -65.54 78.95
N TRP S 711 -13.01 -65.47 80.28
CA TRP S 711 -13.61 -64.34 81.00
C TRP S 711 -12.89 -63.03 80.67
N LYS S 712 -11.56 -63.08 80.56
CA LYS S 712 -10.81 -61.89 80.17
C LYS S 712 -11.16 -61.46 78.74
N GLN S 713 -11.30 -62.43 77.83
CA GLN S 713 -11.72 -62.07 76.47
C GLN S 713 -13.11 -61.45 76.46
N SER S 714 -14.02 -62.00 77.26
CA SER S 714 -15.36 -61.44 77.37
C SER S 714 -15.33 -60.01 77.90
N LEU S 715 -14.49 -59.77 78.92
CA LEU S 715 -14.32 -58.39 79.42
C LEU S 715 -13.78 -57.47 78.34
N ASP S 716 -12.79 -57.95 77.57
CA ASP S 716 -12.24 -57.13 76.49
C ASP S 716 -13.31 -56.75 75.49
N LYS S 717 -14.17 -57.70 75.13
CA LYS S 717 -15.26 -57.38 74.21
C LYS S 717 -16.28 -56.46 74.83
N LEU S 718 -16.57 -56.63 76.13
CA LEU S 718 -17.69 -55.92 76.76
C LEU S 718 -17.34 -54.47 77.08
N ILE S 719 -16.08 -54.17 77.40
CA ILE S 719 -15.73 -52.84 77.90
C ILE S 719 -16.13 -51.71 76.93
N PRO S 720 -15.81 -51.77 75.63
CA PRO S 720 -16.15 -50.62 74.76
C PRO S 720 -17.63 -50.29 74.70
N LEU S 721 -18.50 -51.31 74.69
CA LEU S 721 -19.93 -51.06 74.62
C LEU S 721 -20.43 -50.33 75.86
N VAL S 722 -19.97 -50.76 77.04
CA VAL S 722 -20.36 -50.10 78.28
C VAL S 722 -19.82 -48.68 78.33
N GLN S 723 -18.58 -48.49 77.87
CA GLN S 723 -18.02 -47.14 77.81
C GLN S 723 -18.87 -46.24 76.92
N LEU S 724 -19.27 -46.74 75.75
CA LEU S 724 -20.09 -45.95 74.84
C LEU S 724 -21.45 -45.64 75.44
N ASN S 725 -22.06 -46.62 76.12
CA ASN S 725 -23.36 -46.37 76.74
C ASN S 725 -23.26 -45.30 77.82
N VAL S 726 -22.22 -45.38 78.66
CA VAL S 726 -22.04 -44.38 79.71
C VAL S 726 -21.77 -43.01 79.10
N LYS S 727 -20.96 -42.97 78.04
CA LYS S 727 -20.68 -41.71 77.37
C LYS S 727 -21.95 -41.08 76.82
N GLU S 728 -22.80 -41.89 76.18
CA GLU S 728 -24.05 -41.37 75.65
C GLU S 728 -24.97 -40.87 76.76
N SER S 729 -25.02 -41.60 77.88
CA SER S 729 -25.86 -41.17 78.99
C SER S 729 -25.40 -39.82 79.54
N ILE S 730 -24.08 -39.66 79.75
CA ILE S 730 -23.57 -38.39 80.26
C ILE S 730 -23.79 -37.28 79.25
N ARG S 731 -23.64 -37.60 77.95
CA ARG S 731 -23.88 -36.61 76.92
C ARG S 731 -25.32 -36.11 76.96
N ARG S 732 -26.27 -37.03 77.08
CA ARG S 732 -27.67 -36.64 77.15
C ARG S 732 -27.95 -35.80 78.39
N ASP S 733 -27.38 -36.19 79.53
CA ASP S 733 -27.60 -35.45 80.76
C ASP S 733 -27.06 -34.03 80.64
N CYS S 734 -25.83 -33.89 80.16
CA CYS S 734 -25.23 -32.57 80.03
C CYS S 734 -25.98 -31.72 79.01
N GLU S 735 -26.42 -32.33 77.90
CA GLU S 735 -27.18 -31.60 76.90
C GLU S 735 -28.49 -31.09 77.48
N ARG S 736 -29.19 -31.92 78.25
CA ARG S 736 -30.44 -31.48 78.87
C ARG S 736 -30.20 -30.36 79.88
N VAL S 737 -29.12 -30.46 80.66
CA VAL S 737 -28.80 -29.41 81.64
C VAL S 737 -28.54 -28.10 80.91
N LEU S 738 -27.74 -28.14 79.85
CA LEU S 738 -27.42 -26.92 79.12
C LEU S 738 -28.65 -26.37 78.40
N TYR S 739 -29.54 -27.25 77.93
CA TYR S 739 -30.79 -26.81 77.32
C TYR S 739 -31.64 -26.04 78.32
N PHE S 740 -31.77 -26.57 79.54
CA PHE S 740 -32.53 -25.86 80.58
C PHE S 740 -31.86 -24.54 80.94
N GLN S 741 -30.53 -24.54 80.99
CA GLN S 741 -29.80 -23.31 81.32
C GLN S 741 -30.03 -22.23 80.25
N VAL S 742 -29.98 -22.63 78.97
CA VAL S 742 -30.22 -21.69 77.89
C VAL S 742 -31.67 -21.19 77.92
N LYS S 743 -32.61 -22.09 78.24
CA LYS S 743 -34.00 -21.69 78.37
C LYS S 743 -34.16 -20.61 79.45
N ASN S 744 -33.53 -20.83 80.62
CA ASN S 744 -33.63 -19.86 81.69
C ASN S 744 -32.97 -18.54 81.30
N SER S 745 -31.82 -18.60 80.63
CA SER S 745 -31.14 -17.38 80.21
C SER S 745 -32.00 -16.58 79.23
N PHE S 746 -32.61 -17.26 78.25
CA PHE S 746 -33.47 -16.57 77.31
C PHE S 746 -34.69 -15.97 77.99
N THR S 747 -35.29 -16.72 78.93
CA THR S 747 -36.45 -16.20 79.66
C THR S 747 -36.08 -14.95 80.44
N LYS S 748 -34.91 -14.98 81.10
CA LYS S 748 -34.44 -13.79 81.81
C LYS S 748 -34.20 -12.64 80.85
N LYS S 749 -33.69 -12.93 79.66
CA LYS S 749 -33.42 -11.90 78.67
C LYS S 749 -34.71 -11.21 78.22
N ILE S 750 -35.78 -11.98 78.00
CA ILE S 750 -36.99 -11.44 77.39
C ILE S 750 -38.06 -11.09 78.43
N ASP S 751 -37.73 -11.16 79.72
CA ASP S 751 -38.70 -10.88 80.77
C ASP S 751 -38.44 -9.47 81.29
N GLN S 752 -39.14 -8.50 80.70
CA GLN S 752 -39.05 -7.12 81.16
C GLN S 752 -40.27 -6.36 80.65
N ALA S 753 -41.03 -5.79 81.58
CA ALA S 753 -42.17 -4.97 81.20
C ALA S 753 -41.69 -3.63 80.65
N PRO S 754 -42.53 -2.95 79.86
CA PRO S 754 -42.15 -1.64 79.34
C PRO S 754 -41.86 -0.66 80.48
N TYR S 755 -41.03 0.34 80.17
CA TYR S 755 -40.67 1.34 81.16
C TYR S 755 -41.90 2.05 81.68
N GLN S 756 -41.99 2.18 83.01
CA GLN S 756 -43.15 2.79 83.63
C GLN S 756 -42.85 4.24 83.97
N PRO S 757 -43.49 5.21 83.31
CA PRO S 757 -43.29 6.60 83.70
C PRO S 757 -43.88 6.87 85.07
N PRO S 758 -43.34 7.83 85.81
CA PRO S 758 -43.86 8.11 87.15
C PRO S 758 -45.28 8.65 87.09
N THR S 759 -46.00 8.46 88.20
CA THR S 759 -47.41 8.83 88.33
C THR S 759 -48.28 8.10 87.31
N TYR S 760 -47.91 6.85 86.98
CA TYR S 760 -48.71 6.03 86.10
C TYR S 760 -48.62 4.58 86.56
N ALA S 761 -49.66 3.81 86.26
CA ALA S 761 -49.69 2.40 86.63
C ALA S 761 -48.77 1.60 85.72
N LYS S 762 -48.34 0.44 86.23
CA LYS S 762 -47.48 -0.44 85.46
C LYS S 762 -48.21 -0.96 84.22
N GLY S 763 -47.46 -1.09 83.12
CA GLY S 763 -48.01 -1.54 81.87
C GLY S 763 -48.43 -0.44 80.92
N THR S 764 -48.37 0.82 81.36
CA THR S 764 -48.71 1.94 80.49
C THR S 764 -47.59 2.21 79.49
N ILE S 765 -47.95 2.36 78.23
CA ILE S 765 -46.98 2.61 77.17
C ILE S 765 -46.57 4.07 77.21
N PRO S 766 -45.28 4.38 77.39
CA PRO S 766 -44.85 5.77 77.45
C PRO S 766 -44.43 6.33 76.09
N ARG S 767 -44.61 7.63 75.95
CA ARG S 767 -44.11 8.35 74.78
C ARG S 767 -42.60 8.50 74.91
N VAL S 768 -41.88 8.15 73.84
CA VAL S 768 -40.43 8.02 73.89
C VAL S 768 -39.78 8.84 72.80
N LEU S 769 -38.57 9.31 73.07
CA LEU S 769 -37.76 10.05 72.12
C LEU S 769 -36.37 9.46 72.09
N THR S 770 -35.88 9.13 70.90
CA THR S 770 -34.57 8.52 70.73
C THR S 770 -33.65 9.47 69.99
N LEU S 771 -32.44 9.67 70.52
CA LEU S 771 -31.41 10.51 69.91
C LEU S 771 -30.15 9.68 69.74
N SER S 772 -29.59 9.73 68.53
CA SER S 772 -28.41 8.93 68.22
C SER S 772 -27.66 9.57 67.08
N PHE S 773 -26.35 9.31 67.04
CA PHE S 773 -25.50 9.76 65.94
C PHE S 773 -24.61 8.65 65.40
N GLY S 774 -24.59 7.50 66.05
CA GLY S 774 -23.85 6.34 65.57
C GLY S 774 -22.40 6.25 66.02
N GLU S 775 -21.54 7.09 65.46
CA GLU S 775 -20.10 6.89 65.64
C GLU S 775 -19.38 8.07 66.28
N GLY S 776 -19.69 9.30 65.87
CA GLY S 776 -19.04 10.46 66.45
C GLY S 776 -17.81 10.96 65.75
N ASN S 777 -17.49 10.45 64.57
CA ASN S 777 -16.41 11.00 63.79
C ASN S 777 -16.76 12.41 63.32
N ARG S 778 -15.74 13.15 62.90
CA ARG S 778 -15.98 14.48 62.36
C ARG S 778 -16.86 14.38 61.12
N GLY S 779 -18.12 14.81 61.26
CA GLY S 779 -19.09 14.65 60.21
C GLY S 779 -20.21 13.71 60.61
N ASP S 780 -20.50 13.63 61.90
CA ASP S 780 -21.53 12.74 62.43
C ASP S 780 -22.62 13.57 63.08
N ALA S 781 -23.68 13.85 62.33
CA ALA S 781 -24.82 14.58 62.86
C ALA S 781 -25.66 13.68 63.78
N VAL S 782 -26.39 14.32 64.68
CA VAL S 782 -27.22 13.62 65.65
C VAL S 782 -28.64 13.57 65.12
N LEU S 783 -29.20 12.36 65.06
CA LEU S 783 -30.55 12.15 64.57
C LEU S 783 -31.51 11.97 65.74
N GLY S 784 -32.70 12.54 65.61
CA GLY S 784 -33.72 12.41 66.63
C GLY S 784 -35.02 11.89 66.06
N VAL S 785 -35.58 10.89 66.72
CA VAL S 785 -36.84 10.27 66.32
C VAL S 785 -37.73 10.18 67.54
N PHE S 786 -38.96 10.68 67.41
CA PHE S 786 -39.94 10.67 68.49
C PHE S 786 -41.10 9.79 68.11
N MET S 787 -41.54 8.95 69.04
CA MET S 787 -42.71 8.11 68.86
C MET S 787 -43.63 8.27 70.06
N ASP S 788 -44.93 8.31 69.80
CA ASP S 788 -45.93 8.48 70.85
C ASP S 788 -46.26 7.14 71.47
N ASP S 789 -47.24 7.12 72.38
CA ASP S 789 -47.68 5.87 72.99
C ASP S 789 -48.39 4.99 71.98
N SER S 790 -48.91 5.57 70.89
CA SER S 790 -49.59 4.79 69.88
C SER S 790 -48.65 3.89 69.08
N GLY S 791 -47.33 4.12 69.18
CA GLY S 791 -46.39 3.34 68.43
C GLY S 791 -46.19 3.77 66.99
N ASP S 792 -46.68 4.95 66.63
CA ASP S 792 -46.52 5.49 65.28
C ASP S 792 -45.58 6.69 65.32
N VAL S 793 -44.69 6.76 64.32
CA VAL S 793 -43.72 7.85 64.27
C VAL S 793 -44.44 9.17 64.09
N LYS S 794 -44.06 10.16 64.90
CA LYS S 794 -44.69 11.47 64.87
C LYS S 794 -43.84 12.52 64.16
N SER S 795 -42.54 12.56 64.42
CA SER S 795 -41.68 13.56 63.79
C SER S 795 -40.22 13.13 63.94
N GLN S 796 -39.43 13.36 62.90
CA GLN S 796 -37.99 13.11 62.92
C GLN S 796 -37.26 14.40 62.60
N ILE S 797 -36.17 14.66 63.33
CA ILE S 797 -35.45 15.93 63.21
C ILE S 797 -33.96 15.63 63.06
N LYS S 798 -33.27 16.53 62.36
CA LYS S 798 -31.83 16.47 62.20
C LYS S 798 -31.17 17.63 62.93
N PHE S 799 -30.09 17.32 63.66
CA PHE S 799 -29.25 18.33 64.28
C PHE S 799 -27.92 18.34 63.53
N ASP S 800 -27.72 19.36 62.69
CA ASP S 800 -26.55 19.42 61.83
C ASP S 800 -25.41 20.24 62.40
N GLU S 801 -25.57 20.82 63.59
CA GLU S 801 -24.47 21.52 64.25
C GLU S 801 -23.73 20.56 65.18
N ASP S 802 -22.58 21.03 65.66
CA ASP S 802 -21.80 20.24 66.61
C ASP S 802 -22.55 20.08 67.92
N PHE S 803 -22.50 18.86 68.48
CA PHE S 803 -23.24 18.55 69.68
C PHE S 803 -22.69 19.25 70.92
N GLN S 804 -21.49 19.80 70.86
CA GLN S 804 -20.92 20.55 71.96
C GLN S 804 -21.19 22.04 71.89
N SER S 805 -21.81 22.52 70.80
CA SER S 805 -22.10 23.93 70.63
C SER S 805 -23.36 24.32 71.41
N ARG S 806 -23.45 25.62 71.70
CA ARG S 806 -24.67 26.15 72.32
C ARG S 806 -25.86 26.01 71.38
N ASP S 807 -25.61 26.05 70.07
CA ASP S 807 -26.69 25.95 69.09
C ASP S 807 -27.39 24.60 69.18
N PHE S 808 -26.61 23.52 69.38
CA PHE S 808 -27.19 22.19 69.52
C PHE S 808 -28.13 22.13 70.72
N SER S 809 -27.67 22.63 71.86
CA SER S 809 -28.49 22.59 73.06
C SER S 809 -29.75 23.44 72.90
N ASP S 810 -29.61 24.63 72.30
CA ASP S 810 -30.77 25.50 72.10
C ASP S 810 -31.78 24.86 71.16
N SER S 811 -31.31 24.26 70.07
CA SER S 811 -32.21 23.61 69.12
C SER S 811 -32.91 22.41 69.78
N LEU S 812 -32.17 21.63 70.57
CA LEU S 812 -32.79 20.49 71.24
C LEU S 812 -33.84 20.96 72.25
N THR S 813 -33.54 22.03 72.99
CA THR S 813 -34.52 22.56 73.93
C THR S 813 -35.77 23.06 73.21
N ARG S 814 -35.59 23.76 72.08
CA ARG S 814 -36.72 24.23 71.31
C ARG S 814 -37.57 23.07 70.81
N TYR S 815 -36.91 22.02 70.29
CA TYR S 815 -37.63 20.85 69.81
C TYR S 815 -38.40 20.18 70.95
N ILE S 816 -37.78 20.09 72.13
CA ILE S 816 -38.41 19.42 73.26
C ILE S 816 -39.63 20.20 73.74
N LYS S 817 -39.49 21.52 73.88
CA LYS S 817 -40.53 22.31 74.53
C LYS S 817 -41.58 22.84 73.56
N SER S 818 -41.14 23.58 72.53
CA SER S 818 -42.07 24.35 71.72
C SER S 818 -43.08 23.47 71.00
N ASN S 819 -42.62 22.35 70.46
CA ASN S 819 -43.47 21.50 69.63
C ASN S 819 -44.42 20.62 70.43
N ASN S 820 -44.52 20.82 71.75
CA ASN S 820 -45.41 20.07 72.62
C ASN S 820 -45.16 18.57 72.54
N ILE S 821 -43.94 18.16 72.21
CA ILE S 821 -43.63 16.74 72.07
C ILE S 821 -43.77 16.04 73.43
N ASN S 822 -43.12 16.57 74.45
CA ASN S 822 -43.20 16.06 75.81
C ASN S 822 -42.96 14.55 75.90
N PRO S 823 -41.77 14.07 75.53
CA PRO S 823 -41.50 12.63 75.64
C PRO S 823 -41.32 12.22 77.09
N ASP S 824 -41.81 11.02 77.41
CA ASP S 824 -41.75 10.54 78.79
C ASP S 824 -40.37 10.05 79.18
N ILE S 825 -39.62 9.48 78.24
CA ILE S 825 -38.26 9.03 78.49
C ILE S 825 -37.44 9.20 77.23
N ILE S 826 -36.16 9.52 77.40
CA ILE S 826 -35.25 9.77 76.29
C ILE S 826 -34.19 8.68 76.30
N GLY S 827 -34.01 8.02 75.15
CA GLY S 827 -33.05 6.94 75.01
C GLY S 827 -31.88 7.37 74.16
N ILE S 828 -30.68 6.98 74.59
CA ILE S 828 -29.44 7.30 73.90
C ILE S 828 -28.63 6.03 73.72
N SER S 829 -28.15 5.80 72.50
CA SER S 829 -27.35 4.63 72.20
C SER S 829 -26.44 4.93 71.02
N GLY S 830 -25.42 4.09 70.85
CA GLY S 830 -24.45 4.28 69.80
C GLY S 830 -23.63 3.03 69.59
N PHE S 831 -22.54 3.19 68.83
CA PHE S 831 -21.67 2.07 68.51
C PHE S 831 -20.33 2.12 69.23
N ASN S 832 -19.97 3.25 69.85
CA ASN S 832 -18.68 3.39 70.49
C ASN S 832 -18.81 4.29 71.71
N ILE S 833 -17.66 4.62 72.30
CA ILE S 833 -17.63 5.41 73.53
C ILE S 833 -17.96 6.88 73.29
N HIS S 834 -17.96 7.33 72.03
CA HIS S 834 -18.31 8.71 71.75
C HIS S 834 -19.73 9.03 72.18
N THR S 835 -20.59 8.02 72.23
CA THR S 835 -21.97 8.21 72.65
C THR S 835 -22.06 8.61 74.12
N LYS S 836 -21.04 8.24 74.91
CA LYS S 836 -21.05 8.58 76.32
C LYS S 836 -21.03 10.09 76.54
N LYS S 837 -20.24 10.80 75.73
CA LYS S 837 -20.20 12.25 75.83
C LYS S 837 -21.54 12.87 75.49
N LEU S 838 -22.21 12.33 74.46
CA LEU S 838 -23.55 12.81 74.13
C LEU S 838 -24.50 12.57 75.28
N PHE S 839 -24.42 11.39 75.90
CA PHE S 839 -25.29 11.08 77.03
C PHE S 839 -25.06 12.06 78.19
N ASP S 840 -23.79 12.34 78.49
CA ASP S 840 -23.47 13.29 79.55
C ASP S 840 -23.98 14.68 79.22
N LYS S 841 -23.80 15.11 77.97
CA LYS S 841 -24.25 16.44 77.55
C LYS S 841 -25.77 16.55 77.65
N VAL S 842 -26.48 15.49 77.24
CA VAL S 842 -27.93 15.48 77.31
C VAL S 842 -28.39 15.52 78.75
N ASN S 843 -27.73 14.75 79.62
CA ASN S 843 -28.10 14.74 81.04
C ASN S 843 -27.87 16.11 81.66
N GLU S 844 -26.76 16.76 81.31
CA GLU S 844 -26.51 18.11 81.80
C GLU S 844 -27.57 19.09 81.30
N LEU S 845 -27.96 18.95 80.03
CA LEU S 845 -29.00 19.83 79.49
C LEU S 845 -30.32 19.64 80.22
N VAL S 846 -30.68 18.39 80.50
CA VAL S 846 -31.91 18.10 81.22
C VAL S 846 -31.86 18.67 82.63
N ASN S 847 -30.72 18.49 83.31
CA ASN S 847 -30.56 19.04 84.65
C ASN S 847 -30.55 20.56 84.66
N GLU S 848 -30.16 21.19 83.55
CA GLU S 848 -30.07 22.64 83.49
C GLU S 848 -31.40 23.30 83.15
N GLU S 849 -32.12 22.78 82.16
CA GLU S 849 -33.35 23.40 81.69
C GLU S 849 -34.60 22.91 82.42
N ARG S 850 -34.45 21.98 83.37
CA ARG S 850 -35.57 21.50 84.18
C ARG S 850 -36.72 21.02 83.32
N LEU S 851 -36.40 20.23 82.29
CA LEU S 851 -37.38 19.76 81.32
C LEU S 851 -38.23 18.66 81.97
N THR S 852 -39.18 19.11 82.80
CA THR S 852 -40.07 18.18 83.47
C THR S 852 -41.13 17.65 82.52
N ILE S 853 -41.59 16.42 82.79
CA ILE S 853 -42.60 15.79 81.95
C ILE S 853 -43.94 16.48 82.13
N GLU S 854 -44.66 16.67 81.03
CA GLU S 854 -46.01 17.21 81.09
C GLU S 854 -46.97 16.15 81.61
N TYR S 855 -47.73 16.49 82.64
CA TYR S 855 -48.69 15.58 83.25
C TYR S 855 -50.09 16.11 83.04
N ASP S 856 -50.96 15.28 82.45
CA ASP S 856 -52.32 15.70 82.13
C ASP S 856 -53.11 15.94 83.40
N ASN S 857 -53.91 17.01 83.41
CA ASN S 857 -54.71 17.36 84.58
C ASN S 857 -56.05 16.65 84.57
N SER S 869 -47.07 20.13 93.81
CA SER S 869 -46.90 19.49 92.51
C SER S 869 -45.43 19.47 92.10
N ASP S 870 -44.72 18.45 92.58
CA ASP S 870 -43.30 18.27 92.25
C ASP S 870 -43.21 17.54 90.91
N LYS S 871 -43.12 18.32 89.83
CA LYS S 871 -42.99 17.74 88.51
C LYS S 871 -41.66 17.02 88.37
N HIS S 872 -41.69 15.82 87.81
CA HIS S 872 -40.50 14.98 87.69
C HIS S 872 -39.80 15.19 86.36
N LEU S 873 -38.48 15.05 86.38
CA LEU S 873 -37.68 15.26 85.18
C LEU S 873 -37.81 14.07 84.23
N ILE S 874 -37.57 14.34 82.95
CA ILE S 874 -37.63 13.28 81.93
C ILE S 874 -36.35 12.46 81.99
N ARG S 875 -36.49 11.15 82.14
CA ARG S 875 -35.34 10.27 82.35
C ARG S 875 -34.57 10.07 81.06
N VAL S 876 -33.25 9.97 81.20
CA VAL S 876 -32.33 9.72 80.08
C VAL S 876 -31.47 8.52 80.45
N ILE S 877 -31.56 7.45 79.67
CA ILE S 877 -30.86 6.21 79.94
C ILE S 877 -30.28 5.65 78.64
N TYR S 878 -29.34 4.71 78.80
CA TYR S 878 -28.86 3.93 77.68
C TYR S 878 -29.88 2.84 77.33
N VAL S 879 -29.81 2.37 76.09
CA VAL S 879 -30.76 1.39 75.57
C VAL S 879 -29.99 0.25 74.92
N ASN S 880 -30.34 -0.98 75.27
CA ASN S 880 -29.78 -2.14 74.58
C ASN S 880 -30.31 -2.18 73.15
N ASP S 881 -29.43 -2.55 72.21
CA ASP S 881 -29.74 -2.29 70.81
C ASP S 881 -29.41 -3.46 69.88
N GLU S 882 -29.47 -4.70 70.37
CA GLU S 882 -29.35 -5.83 69.46
C GLU S 882 -30.51 -5.84 68.46
N THR S 883 -31.73 -5.71 68.98
CA THR S 883 -32.89 -5.67 68.10
C THR S 883 -32.86 -4.46 67.19
N ALA S 884 -32.39 -3.31 67.69
CA ALA S 884 -32.28 -2.12 66.86
C ALA S 884 -31.26 -2.33 65.74
N ARG S 885 -30.10 -2.92 66.06
CA ARG S 885 -29.08 -3.19 65.06
C ARG S 885 -29.62 -4.13 63.99
N LEU S 886 -30.34 -5.16 64.41
CA LEU S 886 -30.91 -6.09 63.42
C LEU S 886 -32.04 -5.46 62.63
N TYR S 887 -32.77 -4.51 63.23
CA TYR S 887 -33.88 -3.88 62.56
C TYR S 887 -33.42 -2.87 61.52
N GLN S 888 -32.28 -2.22 61.77
CA GLN S 888 -31.76 -1.26 60.81
C GLN S 888 -31.31 -1.92 59.51
N HIS S 889 -31.10 -3.24 59.54
CA HIS S 889 -30.72 -3.99 58.35
C HIS S 889 -31.86 -4.82 57.77
N SER S 890 -32.95 -4.99 58.50
CA SER S 890 -34.06 -5.81 58.01
C SER S 890 -34.84 -5.08 56.92
N SER S 891 -35.25 -5.83 55.90
CA SER S 891 -36.06 -5.25 54.83
C SER S 891 -37.46 -4.89 55.29
N LYS S 892 -37.89 -5.40 56.45
CA LYS S 892 -39.18 -5.01 57.01
C LYS S 892 -39.23 -3.52 57.27
N SER S 893 -38.16 -2.96 57.84
CA SER S 893 -38.09 -1.52 58.04
C SER S 893 -38.10 -0.78 56.71
N SER S 894 -37.37 -1.30 55.72
CA SER S 894 -37.33 -0.64 54.41
C SER S 894 -38.71 -0.58 53.78
N ALA S 895 -39.46 -1.68 53.84
CA ALA S 895 -40.84 -1.66 53.35
C ALA S 895 -41.70 -0.71 54.18
N GLU S 896 -41.52 -0.73 55.50
CA GLU S 896 -42.28 0.16 56.37
C GLU S 896 -41.90 1.62 56.15
N TYR S 897 -40.60 1.90 56.00
CA TYR S 897 -40.09 3.26 55.84
C TYR S 897 -39.19 3.30 54.61
N PRO S 898 -39.77 3.52 53.42
CA PRO S 898 -38.94 3.51 52.20
C PRO S 898 -38.13 4.77 51.98
N ASN S 899 -38.46 5.87 52.64
CA ASN S 899 -37.80 7.15 52.44
C ASN S 899 -37.14 7.65 53.74
N ARG S 900 -36.49 6.75 54.47
CA ARG S 900 -35.87 7.11 55.72
C ARG S 900 -34.44 6.58 55.79
N PRO S 901 -33.57 7.30 56.48
CA PRO S 901 -32.17 6.83 56.62
C PRO S 901 -32.08 5.63 57.54
N GLN S 902 -30.91 4.98 57.48
CA GLN S 902 -30.67 3.81 58.34
C GLN S 902 -30.64 4.19 59.81
N LEU S 903 -30.05 5.35 60.12
CA LEU S 903 -30.03 5.79 61.51
C LEU S 903 -31.44 6.08 62.03
N ALA S 904 -32.33 6.58 61.17
CA ALA S 904 -33.72 6.73 61.56
C ALA S 904 -34.36 5.39 61.89
N LYS S 905 -34.06 4.36 61.09
CA LYS S 905 -34.56 3.02 61.39
C LYS S 905 -34.00 2.51 62.70
N TYR S 906 -32.73 2.77 62.97
CA TYR S 906 -32.12 2.36 64.23
C TYR S 906 -32.79 3.04 65.42
N CYS S 907 -33.05 4.33 65.31
CA CYS S 907 -33.73 5.05 66.39
C CYS S 907 -35.16 4.55 66.57
N ILE S 908 -35.84 4.25 65.47
CA ILE S 908 -37.19 3.70 65.55
C ILE S 908 -37.17 2.35 66.25
N GLY S 909 -36.17 1.52 65.93
CA GLY S 909 -36.04 0.24 66.61
C GLY S 909 -35.80 0.40 68.10
N LEU S 910 -34.94 1.36 68.47
CA LEU S 910 -34.71 1.62 69.89
C LEU S 910 -35.99 2.06 70.59
N ALA S 911 -36.74 2.96 69.96
CA ALA S 911 -37.98 3.44 70.55
C ALA S 911 -39.00 2.32 70.71
N LYS S 912 -39.12 1.46 69.69
CA LYS S 912 -40.05 0.34 69.77
C LYS S 912 -39.62 -0.66 70.83
N TYR S 913 -38.30 -0.87 70.99
CA TYR S 913 -37.82 -1.74 72.04
C TYR S 913 -38.17 -1.19 73.42
N ILE S 914 -38.02 0.13 73.59
CA ILE S 914 -38.41 0.73 74.87
C ILE S 914 -39.91 0.58 75.10
N GLN S 915 -40.70 0.81 74.05
CA GLN S 915 -42.15 0.69 74.18
C GLN S 915 -42.57 -0.74 74.50
N SER S 916 -41.97 -1.71 73.82
CA SER S 916 -42.35 -3.11 74.00
C SER S 916 -41.21 -4.03 73.62
N PRO S 917 -40.39 -4.45 74.58
CA PRO S 917 -39.28 -5.36 74.23
C PRO S 917 -39.73 -6.69 73.66
N LEU S 918 -40.87 -7.21 74.13
CA LEU S 918 -41.32 -8.53 73.68
C LEU S 918 -41.63 -8.54 72.19
N LEU S 919 -42.35 -7.52 71.72
CA LEU S 919 -42.70 -7.48 70.30
C LEU S 919 -41.48 -7.31 69.42
N GLU S 920 -40.51 -6.51 69.89
CA GLU S 920 -39.27 -6.36 69.13
C GLU S 920 -38.50 -7.68 69.06
N TYR S 921 -38.43 -8.40 70.18
CA TYR S 921 -37.78 -9.70 70.16
C TYR S 921 -38.52 -10.67 69.25
N LEU S 922 -39.84 -10.54 69.16
CA LEU S 922 -40.61 -11.35 68.23
C LEU S 922 -40.29 -10.99 66.78
N ALA S 923 -40.07 -9.69 66.51
CA ALA S 923 -39.83 -9.24 65.15
C ALA S 923 -38.56 -9.82 64.55
N LEU S 924 -37.65 -10.33 65.39
CA LEU S 924 -36.42 -10.92 64.88
C LEU S 924 -36.67 -12.16 64.03
N ASP S 925 -37.80 -12.85 64.25
CA ASP S 925 -38.15 -14.05 63.51
C ASP S 925 -37.06 -15.10 63.62
N GLU S 926 -36.23 -15.22 62.58
CA GLU S 926 -35.15 -16.19 62.57
C GLU S 926 -33.85 -15.65 63.15
N SER S 927 -33.61 -14.34 63.03
CA SER S 927 -32.36 -13.77 63.53
C SER S 927 -32.30 -13.74 65.06
N MET S 928 -33.41 -14.01 65.74
CA MET S 928 -33.37 -14.08 67.20
C MET S 928 -32.49 -15.21 67.68
N TYR S 929 -32.36 -16.28 66.88
CA TYR S 929 -31.53 -17.41 67.25
C TYR S 929 -30.04 -17.08 67.21
N SER S 930 -29.65 -16.00 66.55
CA SER S 930 -28.26 -15.58 66.47
C SER S 930 -27.88 -14.62 67.59
N LEU S 931 -28.83 -14.24 68.44
CA LEU S 931 -28.50 -13.39 69.57
C LEU S 931 -27.62 -14.13 70.57
N HIS S 932 -26.77 -13.38 71.26
CA HIS S 932 -25.93 -13.96 72.30
C HIS S 932 -26.79 -14.21 73.53
N ILE S 933 -27.29 -15.43 73.67
CA ILE S 933 -28.18 -15.80 74.76
C ILE S 933 -27.40 -16.40 75.92
N HIS S 934 -26.56 -17.39 75.64
CA HIS S 934 -25.77 -18.06 76.66
C HIS S 934 -24.33 -18.18 76.18
N LYS S 935 -23.42 -18.31 77.15
CA LYS S 935 -22.00 -18.38 76.82
C LYS S 935 -21.70 -19.58 75.93
N HIS S 936 -22.30 -20.73 76.22
CA HIS S 936 -22.13 -21.95 75.45
C HIS S 936 -23.37 -22.28 74.64
N GLN S 937 -24.04 -21.23 74.12
CA GLN S 937 -25.25 -21.45 73.35
C GLN S 937 -24.99 -22.25 72.08
N ASN S 938 -23.79 -22.17 71.52
CA ASN S 938 -23.46 -22.88 70.30
C ASN S 938 -23.13 -24.35 70.53
N LEU S 939 -22.91 -24.76 71.79
CA LEU S 939 -22.63 -26.16 72.06
C LEU S 939 -23.86 -27.04 71.84
N LEU S 940 -25.04 -26.52 72.14
CA LEU S 940 -26.27 -27.27 71.90
C LEU S 940 -26.54 -27.40 70.41
N PRO S 941 -27.20 -28.49 70.00
CA PRO S 941 -27.63 -28.60 68.60
C PRO S 941 -28.65 -27.53 68.27
N ARG S 942 -28.73 -27.19 66.98
CA ARG S 942 -29.61 -26.11 66.55
C ARG S 942 -31.07 -26.41 66.89
N GLU S 943 -31.49 -27.67 66.71
CA GLU S 943 -32.87 -28.02 67.03
C GLU S 943 -33.17 -27.83 68.51
N LYS S 944 -32.24 -28.22 69.39
CA LYS S 944 -32.47 -28.07 70.82
C LYS S 944 -32.52 -26.59 71.22
N LEU S 945 -31.61 -25.77 70.69
CA LEU S 945 -31.64 -24.34 70.99
C LEU S 945 -32.93 -23.70 70.49
N ILE S 946 -33.36 -24.08 69.28
CA ILE S 946 -34.60 -23.54 68.73
C ILE S 946 -35.79 -23.94 69.60
N ASP S 947 -35.81 -25.20 70.05
CA ASP S 947 -36.90 -25.65 70.91
C ASP S 947 -36.89 -24.90 72.24
N ALA S 948 -35.71 -24.67 72.81
CA ALA S 948 -35.62 -23.92 74.06
C ALA S 948 -36.14 -22.50 73.88
N VAL S 949 -35.76 -21.85 72.79
CA VAL S 949 -36.24 -20.49 72.51
C VAL S 949 -37.76 -20.49 72.35
N GLN S 950 -38.28 -21.48 71.63
CA GLN S 950 -39.73 -21.57 71.43
C GLN S 950 -40.46 -21.74 72.76
N THR S 951 -39.94 -22.63 73.61
CA THR S 951 -40.57 -22.85 74.91
C THR S 951 -40.53 -21.58 75.77
N SER S 952 -39.39 -20.90 75.81
CA SER S 952 -39.28 -19.68 76.60
C SER S 952 -40.26 -18.62 76.12
N ILE S 953 -40.32 -18.41 74.80
CA ILE S 953 -41.15 -17.34 74.26
C ILE S 953 -42.63 -17.69 74.43
N VAL S 954 -42.99 -18.97 74.28
CA VAL S 954 -44.37 -19.37 74.51
C VAL S 954 -44.76 -19.13 75.97
N ASP S 955 -43.88 -19.52 76.90
CA ASP S 955 -44.14 -19.29 78.31
C ASP S 955 -44.35 -17.81 78.60
N ILE S 956 -43.47 -16.96 78.08
CA ILE S 956 -43.54 -15.54 78.38
C ILE S 956 -44.81 -14.92 77.77
N VAL S 957 -45.09 -15.24 76.51
CA VAL S 957 -46.25 -14.65 75.86
C VAL S 957 -47.55 -15.13 76.49
N ASN S 958 -47.59 -16.38 76.97
CA ASN S 958 -48.77 -16.85 77.67
C ASN S 958 -48.91 -16.21 79.04
N LEU S 959 -47.78 -15.93 79.70
CA LEU S 959 -47.84 -15.16 80.93
C LEU S 959 -48.32 -13.75 80.68
N VAL S 960 -48.09 -13.21 79.49
CA VAL S 960 -48.48 -11.85 79.17
C VAL S 960 -49.94 -11.78 78.75
N GLY S 961 -50.28 -12.48 77.67
CA GLY S 961 -51.62 -12.42 77.11
C GLY S 961 -51.66 -11.54 75.87
N VAL S 962 -52.52 -11.93 74.93
CA VAL S 962 -52.59 -11.29 73.62
C VAL S 962 -54.02 -10.84 73.35
N ASP S 963 -54.17 -9.59 72.90
CA ASP S 963 -55.47 -9.06 72.52
C ASP S 963 -55.79 -9.47 71.07
N ILE S 964 -56.90 -10.18 70.89
CA ILE S 964 -57.25 -10.65 69.55
C ILE S 964 -57.64 -9.49 68.65
N ASN S 965 -58.40 -8.52 69.18
CA ASN S 965 -58.86 -7.41 68.36
C ASN S 965 -57.69 -6.57 67.86
N GLU S 966 -56.75 -6.25 68.75
CA GLU S 966 -55.58 -5.48 68.34
C GLU S 966 -54.71 -6.28 67.38
N ALA S 967 -54.60 -7.59 67.61
CA ALA S 967 -53.84 -8.44 66.70
C ALA S 967 -54.43 -8.40 65.29
N VAL S 968 -55.76 -8.46 65.19
CA VAL S 968 -56.40 -8.33 63.88
C VAL S 968 -56.16 -6.94 63.32
N ARG S 969 -56.25 -5.90 64.16
CA ARG S 969 -56.07 -4.53 63.69
C ARG S 969 -54.68 -4.29 63.16
N ALA S 970 -53.66 -4.83 63.83
CA ALA S 970 -52.27 -4.60 63.44
C ALA S 970 -51.50 -5.91 63.46
N PRO S 971 -50.85 -6.28 62.35
CA PRO S 971 -50.03 -7.49 62.35
C PRO S 971 -48.88 -7.45 63.33
N TYR S 972 -48.34 -6.26 63.61
CA TYR S 972 -47.24 -6.13 64.56
C TYR S 972 -47.61 -6.70 65.91
N HIS S 973 -48.81 -6.38 66.39
CA HIS S 973 -49.31 -7.00 67.62
C HIS S 973 -49.75 -8.43 67.38
N ALA S 974 -49.96 -8.83 66.12
CA ALA S 974 -50.34 -10.20 65.80
C ALA S 974 -49.16 -11.15 65.72
N LEU S 975 -47.92 -10.64 65.77
CA LEU S 975 -46.75 -11.52 65.83
C LEU S 975 -46.84 -12.48 67.01
N ALA S 976 -47.48 -12.07 68.11
CA ALA S 976 -47.54 -12.90 69.31
C ALA S 976 -48.62 -13.96 69.24
N LEU S 977 -49.50 -13.92 68.25
CA LEU S 977 -50.59 -14.89 68.17
C LEU S 977 -50.12 -16.33 68.03
N PRO S 978 -49.17 -16.67 67.14
CA PRO S 978 -48.79 -18.09 67.00
C PRO S 978 -48.18 -18.71 68.25
N TYR S 979 -47.62 -17.92 69.16
CA TYR S 979 -46.92 -18.48 70.31
C TYR S 979 -47.84 -18.77 71.49
N VAL S 980 -49.14 -18.49 71.37
CA VAL S 980 -50.08 -18.83 72.43
C VAL S 980 -50.23 -20.35 72.48
N CYS S 981 -50.49 -20.87 73.68
CA CYS S 981 -50.66 -22.30 73.86
C CYS S 981 -51.88 -22.79 73.08
N GLY S 982 -51.77 -24.00 72.55
CA GLY S 982 -52.84 -24.55 71.74
C GLY S 982 -52.79 -24.05 70.30
N LEU S 983 -52.42 -22.79 70.14
CA LEU S 983 -52.33 -22.18 68.81
C LEU S 983 -51.02 -22.56 68.14
N GLY S 984 -50.74 -21.91 67.02
CA GLY S 984 -49.53 -22.12 66.26
C GLY S 984 -49.55 -21.25 65.02
N PRO S 985 -48.44 -21.19 64.28
CA PRO S 985 -48.38 -20.32 63.10
C PRO S 985 -49.52 -20.55 62.12
N ARG S 986 -49.68 -21.80 61.69
CA ARG S 986 -50.78 -22.12 60.79
C ARG S 986 -52.12 -21.87 61.47
N LYS S 987 -52.26 -22.31 62.72
CA LYS S 987 -53.51 -22.15 63.43
C LYS S 987 -53.82 -20.68 63.67
N ALA S 988 -52.81 -19.90 64.07
CA ALA S 988 -53.04 -18.47 64.29
C ALA S 988 -53.42 -17.77 63.00
N ALA S 989 -52.77 -18.12 61.88
CA ALA S 989 -53.11 -17.52 60.61
C ALA S 989 -54.54 -17.83 60.21
N GLY S 990 -54.96 -19.09 60.34
CA GLY S 990 -56.33 -19.45 60.03
C GLY S 990 -57.32 -18.76 60.94
N LEU S 991 -57.00 -18.66 62.24
CA LEU S 991 -57.89 -18.01 63.18
C LEU S 991 -58.05 -16.52 62.85
N ILE S 992 -56.95 -15.82 62.56
CA ILE S 992 -57.05 -14.41 62.24
C ILE S 992 -57.77 -14.19 60.92
N GLN S 993 -57.57 -15.10 59.95
CA GLN S 993 -58.28 -14.98 58.68
C GLN S 993 -59.78 -15.18 58.89
N SER S 994 -60.17 -16.16 59.70
CA SER S 994 -61.59 -16.38 59.99
C SER S 994 -62.20 -15.20 60.73
N ILE S 995 -61.47 -14.62 61.69
CA ILE S 995 -61.97 -13.47 62.42
C ILE S 995 -62.16 -12.29 61.47
N GLN S 996 -61.19 -12.06 60.59
CA GLN S 996 -61.30 -10.96 59.63
C GLN S 996 -62.49 -11.16 58.69
N ARG S 997 -62.69 -12.40 58.23
CA ARG S 997 -63.83 -12.67 57.34
C ARG S 997 -65.15 -12.45 58.07
N ILE S 998 -65.23 -12.87 59.33
CA ILE S 998 -66.49 -12.72 60.08
C ILE S 998 -66.80 -11.26 60.32
N GLY S 999 -65.81 -10.48 60.73
CA GLY S 999 -66.05 -9.08 61.02
C GLY S 999 -64.79 -8.38 61.47
N SER S 1000 -64.99 -7.16 61.99
CA SER S 1000 -63.86 -6.35 62.43
C SER S 1000 -63.30 -6.80 63.79
N ASN S 1001 -64.11 -7.41 64.63
CA ASN S 1001 -63.66 -7.80 65.96
C ASN S 1001 -64.50 -8.96 66.47
N LEU S 1002 -63.99 -9.62 67.52
CA LEU S 1002 -64.71 -10.69 68.19
C LEU S 1002 -65.56 -10.12 69.32
N VAL S 1003 -66.77 -10.64 69.47
CA VAL S 1003 -67.68 -10.12 70.47
C VAL S 1003 -67.33 -10.66 71.85
N ASN S 1004 -67.24 -11.98 72.00
CA ASN S 1004 -66.93 -12.58 73.29
C ASN S 1004 -66.27 -13.93 73.06
N ARG S 1005 -65.72 -14.48 74.15
CA ARG S 1005 -64.94 -15.71 74.07
C ARG S 1005 -65.80 -16.88 73.60
N ALA S 1006 -67.08 -16.90 74.00
CA ALA S 1006 -67.96 -17.99 73.60
C ALA S 1006 -68.11 -18.06 72.09
N HIS S 1007 -68.00 -16.93 71.40
CA HIS S 1007 -68.11 -16.92 69.95
C HIS S 1007 -66.98 -17.67 69.28
N LEU S 1008 -65.85 -17.86 69.97
CA LEU S 1008 -64.79 -18.71 69.42
C LEU S 1008 -65.27 -20.13 69.22
N ILE S 1009 -66.27 -20.55 69.99
CA ILE S 1009 -66.87 -21.87 69.80
C ILE S 1009 -68.12 -21.79 68.95
N THR S 1010 -69.01 -20.81 69.22
CA THR S 1010 -70.27 -20.73 68.48
C THR S 1010 -70.04 -20.44 67.00
N GLU S 1011 -69.12 -19.55 66.67
CA GLU S 1011 -68.86 -19.19 65.28
C GLU S 1011 -67.98 -20.20 64.56
N GLN S 1012 -67.78 -21.39 65.13
CA GLN S 1012 -66.98 -22.45 64.51
C GLN S 1012 -65.55 -21.98 64.24
N LEU S 1013 -65.04 -21.10 65.11
CA LEU S 1013 -63.72 -20.54 64.91
C LEU S 1013 -62.61 -21.50 65.32
N THR S 1014 -62.92 -22.50 66.15
CA THR S 1014 -61.91 -23.44 66.62
C THR S 1014 -62.60 -24.71 67.11
N SER S 1015 -61.79 -25.64 67.58
CA SER S 1015 -62.28 -26.88 68.17
C SER S 1015 -62.39 -26.71 69.69
N LYS S 1016 -62.59 -27.82 70.41
CA LYS S 1016 -62.89 -27.72 71.84
C LYS S 1016 -61.61 -27.66 72.68
N THR S 1017 -60.69 -28.60 72.48
CA THR S 1017 -59.48 -28.63 73.30
C THR S 1017 -58.61 -27.40 73.06
N VAL S 1018 -58.49 -26.97 71.80
CA VAL S 1018 -57.72 -25.78 71.48
C VAL S 1018 -58.32 -24.56 72.18
N PHE S 1019 -59.65 -24.43 72.12
CA PHE S 1019 -60.32 -23.32 72.81
C PHE S 1019 -60.08 -23.39 74.31
N LEU S 1020 -60.19 -24.57 74.91
CA LEU S 1020 -59.98 -24.71 76.35
C LEU S 1020 -58.56 -24.31 76.75
N ASN S 1021 -57.58 -24.69 75.92
CA ASN S 1021 -56.20 -24.32 76.22
C ASN S 1021 -55.98 -22.82 76.07
N MET S 1022 -56.48 -22.23 75.00
CA MET S 1022 -56.21 -20.82 74.68
C MET S 1022 -57.24 -19.86 75.26
N ALA S 1023 -58.20 -20.35 76.03
CA ALA S 1023 -59.34 -19.52 76.44
C ALA S 1023 -58.90 -18.34 77.29
N SER S 1024 -58.15 -18.60 78.36
CA SER S 1024 -57.82 -17.54 79.31
C SER S 1024 -56.71 -16.63 78.82
N PHE S 1025 -55.91 -17.06 77.84
CA PHE S 1025 -54.78 -16.30 77.36
C PHE S 1025 -55.14 -15.30 76.26
N VAL S 1026 -56.38 -15.30 75.78
CA VAL S 1026 -56.86 -14.36 74.79
C VAL S 1026 -58.04 -13.61 75.39
N TYR S 1027 -58.12 -12.31 75.12
CA TYR S 1027 -59.09 -11.46 75.81
C TYR S 1027 -59.62 -10.40 74.86
N ILE S 1028 -60.74 -9.79 75.27
CA ILE S 1028 -61.33 -8.64 74.60
C ILE S 1028 -61.44 -7.51 75.61
N VAL S 1029 -61.00 -6.32 75.22
CA VAL S 1029 -60.99 -5.18 76.15
C VAL S 1029 -62.43 -4.74 76.41
N PHE S 1030 -62.86 -4.85 77.66
CA PHE S 1030 -64.18 -4.39 78.05
C PHE S 1030 -64.21 -2.87 78.15
N ASP S 1031 -65.37 -2.29 77.87
CA ASP S 1031 -65.55 -0.84 77.92
C ASP S 1031 -66.84 -0.49 78.65
N PRO S 1032 -66.76 0.27 79.74
CA PRO S 1032 -68.00 0.66 80.45
C PRO S 1032 -68.94 1.50 79.61
N ASP S 1033 -68.45 2.16 78.56
CA ASP S 1033 -69.34 2.93 77.69
C ASP S 1033 -70.35 2.02 76.98
N VAL S 1034 -69.90 0.84 76.54
CA VAL S 1034 -70.79 -0.12 75.89
C VAL S 1034 -71.52 -0.97 76.92
N GLU S 1035 -71.15 -0.90 78.19
CA GLU S 1035 -71.77 -1.68 79.26
C GLU S 1035 -73.21 -1.28 79.54
N ARG S 1036 -73.68 -0.16 78.97
CA ARG S 1036 -74.96 0.42 79.36
C ARG S 1036 -76.11 -0.59 79.25
N ASN S 1037 -76.11 -1.40 78.20
CA ASN S 1037 -77.14 -2.41 78.04
C ASN S 1037 -76.78 -3.67 78.83
N PRO S 1038 -77.64 -4.14 79.73
CA PRO S 1038 -77.35 -5.41 80.41
C PRO S 1038 -77.20 -6.59 79.46
N GLN S 1039 -77.92 -6.58 78.33
CA GLN S 1039 -77.85 -7.67 77.37
C GLN S 1039 -76.51 -7.74 76.64
N GLY S 1040 -75.52 -6.95 77.03
CA GLY S 1040 -74.23 -6.95 76.37
C GLY S 1040 -73.57 -8.31 76.32
N GLU S 1041 -73.39 -8.83 75.10
CA GLU S 1041 -72.74 -10.13 74.93
C GLU S 1041 -71.28 -10.10 75.34
N MET S 1042 -70.64 -8.92 75.30
CA MET S 1042 -69.24 -8.81 75.68
C MET S 1042 -69.08 -8.94 77.19
N ASP S 1043 -68.79 -10.16 77.65
CA ASP S 1043 -68.68 -10.41 79.08
C ASP S 1043 -67.49 -9.67 79.66
N LEU S 1044 -67.67 -9.13 80.87
CA LEU S 1044 -66.58 -8.45 81.55
C LEU S 1044 -65.48 -9.42 81.94
N LEU S 1045 -65.84 -10.66 82.30
CA LEU S 1045 -64.85 -11.65 82.66
C LEU S 1045 -63.96 -12.05 81.48
N ASP S 1046 -64.34 -11.69 80.27
CA ASP S 1046 -63.51 -11.94 79.10
C ASP S 1046 -62.25 -11.09 79.07
N SER S 1047 -62.16 -10.07 79.93
CA SER S 1047 -60.98 -9.22 80.02
C SER S 1047 -60.16 -9.55 81.27
N THR S 1048 -60.19 -10.81 81.69
CA THR S 1048 -59.50 -11.27 82.88
C THR S 1048 -58.82 -12.60 82.58
N ARG S 1049 -57.89 -12.98 83.46
CA ARG S 1049 -57.24 -14.29 83.37
C ARG S 1049 -58.17 -15.43 83.79
N ILE S 1050 -59.35 -15.12 84.29
CA ILE S 1050 -60.28 -16.16 84.74
C ILE S 1050 -60.72 -16.99 83.55
N HIS S 1051 -60.61 -18.31 83.67
CA HIS S 1051 -61.00 -19.18 82.57
C HIS S 1051 -62.50 -19.13 82.37
N PRO S 1052 -62.98 -19.26 81.12
CA PRO S 1052 -64.43 -19.30 80.89
C PRO S 1052 -65.13 -20.41 81.65
N GLU S 1053 -64.44 -21.52 81.91
CA GLU S 1053 -65.01 -22.60 82.71
C GLU S 1053 -65.22 -22.20 84.16
N ASP S 1054 -64.64 -21.10 84.61
CA ASP S 1054 -64.79 -20.63 85.98
C ASP S 1054 -65.56 -19.33 86.08
N TYR S 1055 -66.29 -18.95 85.02
CA TYR S 1055 -67.09 -17.72 85.07
C TYR S 1055 -68.20 -17.83 86.10
N SER S 1056 -68.82 -19.00 86.21
CA SER S 1056 -69.84 -19.20 87.23
C SER S 1056 -69.25 -19.08 88.64
N LEU S 1057 -68.06 -19.63 88.85
CA LEU S 1057 -67.40 -19.52 90.15
C LEU S 1057 -67.06 -18.06 90.47
N ALA S 1058 -66.59 -17.31 89.47
CA ALA S 1058 -66.32 -15.90 89.67
C ALA S 1058 -67.58 -15.13 90.02
N ARG S 1059 -68.69 -15.45 89.34
CA ARG S 1059 -69.98 -14.83 89.66
C ARG S 1059 -70.40 -15.15 91.08
N LYS S 1060 -70.20 -16.40 91.50
CA LYS S 1060 -70.54 -16.80 92.86
C LYS S 1060 -69.71 -16.04 93.89
N MET S 1061 -68.42 -15.89 93.63
CA MET S 1061 -67.57 -15.12 94.52
C MET S 1061 -68.01 -13.66 94.59
N ALA S 1062 -68.36 -13.08 93.44
CA ALA S 1062 -68.84 -11.70 93.42
C ALA S 1062 -70.11 -11.55 94.24
N ALA S 1063 -71.03 -12.51 94.10
CA ALA S 1063 -72.25 -12.50 94.93
C ALA S 1063 -71.93 -12.66 96.40
N ASP S 1064 -70.91 -13.47 96.73
CA ASP S 1064 -70.50 -13.62 98.12
C ASP S 1064 -69.97 -12.32 98.70
N ALA S 1065 -69.20 -11.57 97.92
CA ALA S 1065 -68.65 -10.31 98.41
C ALA S 1065 -69.74 -9.25 98.60
N LEU S 1066 -70.75 -9.24 97.73
CA LEU S 1066 -71.85 -8.28 97.86
C LEU S 1066 -72.75 -8.58 99.06
N ASP S 1067 -72.67 -9.79 99.63
CA ASP S 1067 -73.46 -10.20 100.79
C ASP S 1067 -74.96 -10.12 100.53
N ILE S 1068 -75.38 -10.30 99.28
CA ILE S 1068 -76.79 -10.26 98.91
C ILE S 1068 -77.27 -11.70 98.81
N GLU S 1069 -78.08 -12.13 99.79
CA GLU S 1069 -78.57 -13.51 99.84
C GLU S 1069 -79.86 -13.71 99.05
N ASP S 1070 -80.45 -12.65 98.50
CA ASP S 1070 -81.66 -12.83 97.69
C ASP S 1070 -81.38 -13.65 96.44
N ILE S 1071 -80.23 -13.44 95.81
CA ILE S 1071 -79.87 -14.17 94.60
C ILE S 1071 -79.42 -15.59 94.98
N ASP S 1072 -80.00 -16.58 94.30
CA ASP S 1072 -79.60 -17.95 94.49
C ASP S 1072 -78.39 -18.27 93.61
N ASP S 1073 -78.02 -19.54 93.56
CA ASP S 1073 -76.82 -19.95 92.82
C ASP S 1073 -77.09 -20.22 91.34
N ASP S 1074 -78.32 -20.07 90.87
CA ASP S 1074 -78.66 -20.37 89.48
C ASP S 1074 -79.17 -19.17 88.69
N ASP S 1075 -79.32 -18.00 89.31
CA ASP S 1075 -79.81 -16.81 88.61
C ASP S 1075 -78.64 -16.09 87.97
N GLU S 1076 -78.26 -16.58 86.78
CA GLU S 1076 -77.06 -16.07 86.13
C GLU S 1076 -77.21 -14.62 85.68
N SER S 1077 -78.43 -14.19 85.34
CA SER S 1077 -78.64 -12.79 85.01
C SER S 1077 -78.40 -11.89 86.22
N ALA S 1078 -78.86 -12.33 87.39
CA ALA S 1078 -78.58 -11.60 88.62
C ALA S 1078 -77.09 -11.59 88.93
N MET S 1079 -76.38 -12.68 88.64
CA MET S 1079 -74.93 -12.69 88.82
C MET S 1079 -74.25 -11.69 87.88
N ARG S 1080 -74.70 -11.62 86.64
CA ARG S 1080 -74.15 -10.66 85.68
C ARG S 1080 -74.39 -9.23 86.16
N ASN S 1081 -75.59 -8.96 86.66
CA ASN S 1081 -75.88 -7.62 87.20
C ASN S 1081 -75.04 -7.34 88.45
N ALA S 1082 -74.80 -8.37 89.26
CA ALA S 1082 -73.97 -8.20 90.44
C ALA S 1082 -72.54 -7.84 90.06
N ILE S 1083 -71.99 -8.50 89.03
CA ILE S 1083 -70.66 -8.12 88.55
C ILE S 1083 -70.67 -6.71 87.98
N TYR S 1084 -71.72 -6.38 87.21
CA TYR S 1084 -71.88 -5.02 86.70
C TYR S 1084 -71.77 -4.00 87.82
N GLU S 1085 -72.50 -4.22 88.91
CA GLU S 1085 -72.46 -3.30 90.04
C GLU S 1085 -71.11 -3.32 90.74
N MET S 1086 -70.52 -4.50 90.90
CA MET S 1086 -69.28 -4.60 91.67
C MET S 1086 -68.13 -3.88 90.98
N VAL S 1087 -67.95 -4.12 89.68
CA VAL S 1087 -66.77 -3.58 88.99
C VAL S 1087 -67.04 -2.18 88.45
N PHE S 1088 -68.24 -1.95 87.92
CA PHE S 1088 -68.62 -0.64 87.37
C PHE S 1088 -69.94 -0.19 87.97
N PRO S 1089 -69.95 0.20 89.24
CA PRO S 1089 -71.21 0.65 89.86
C PRO S 1089 -71.72 1.92 89.19
N ARG S 1090 -73.05 2.00 89.06
CA ARG S 1090 -73.66 3.21 88.51
C ARG S 1090 -73.41 4.41 89.42
N SER S 1091 -73.56 4.22 90.73
CA SER S 1091 -73.22 5.24 91.71
C SER S 1091 -71.83 4.98 92.26
N PRO S 1092 -70.89 5.92 92.13
CA PRO S 1092 -69.57 5.70 92.69
C PRO S 1092 -69.64 5.54 94.20
N PRO S 1093 -68.79 4.68 94.77
CA PRO S 1093 -68.83 4.47 96.21
C PRO S 1093 -68.52 5.74 96.98
N LYS S 1094 -69.22 5.92 98.10
CA LYS S 1094 -69.01 7.11 98.92
C LYS S 1094 -67.58 7.15 99.47
N ASP S 1095 -67.09 6.02 99.95
CA ASP S 1095 -65.71 5.93 100.40
C ASP S 1095 -64.82 5.55 99.21
N GLU S 1096 -63.51 5.44 99.46
CA GLU S 1096 -62.56 5.13 98.41
C GLU S 1096 -62.34 3.63 98.23
N ASP S 1097 -63.06 2.80 98.98
CA ASP S 1097 -62.95 1.35 98.88
C ASP S 1097 -64.00 0.87 97.88
N ASP S 1098 -63.54 0.43 96.71
CA ASP S 1098 -64.43 -0.07 95.69
C ASP S 1098 -65.07 -1.39 96.12
N LEU S 1099 -66.15 -1.77 95.43
CA LEU S 1099 -66.82 -3.02 95.74
C LEU S 1099 -65.91 -4.22 95.49
N THR S 1100 -64.94 -4.08 94.59
CA THR S 1100 -63.97 -5.16 94.39
C THR S 1100 -63.07 -5.35 95.60
N PHE S 1101 -62.87 -4.29 96.40
CA PHE S 1101 -62.05 -4.42 97.60
C PHE S 1101 -62.70 -5.33 98.63
N LYS S 1102 -64.04 -5.37 98.67
CA LYS S 1102 -64.73 -6.18 99.65
C LYS S 1102 -64.49 -7.68 99.44
N LEU S 1103 -63.97 -8.07 98.29
CA LEU S 1103 -63.61 -9.47 98.07
C LEU S 1103 -62.54 -9.96 99.02
N ASP S 1104 -61.76 -9.04 99.61
CA ASP S 1104 -60.72 -9.45 100.56
C ASP S 1104 -61.33 -9.99 101.85
N GLU S 1105 -62.54 -9.57 102.20
CA GLU S 1105 -63.20 -10.08 103.39
C GLU S 1105 -63.65 -11.52 103.25
N LEU S 1106 -63.80 -12.02 102.02
CA LEU S 1106 -64.20 -13.40 101.81
C LEU S 1106 -63.05 -14.35 102.14
N ILE S 1107 -63.38 -15.47 102.78
CA ILE S 1107 -62.40 -16.47 103.16
C ILE S 1107 -62.30 -17.47 102.01
N LEU S 1108 -61.13 -17.49 101.36
CA LEU S 1108 -60.95 -18.38 100.22
C LEU S 1108 -60.85 -19.84 100.65
N ASP S 1109 -60.31 -20.11 101.84
CA ASP S 1109 -60.16 -21.48 102.29
C ASP S 1109 -61.50 -22.17 102.46
N ASP S 1110 -62.49 -21.47 103.02
CA ASP S 1110 -63.82 -22.04 103.18
C ASP S 1110 -64.44 -22.38 101.84
N TYR S 1111 -64.34 -21.48 100.87
CA TYR S 1111 -64.91 -21.73 99.55
C TYR S 1111 -64.18 -22.88 98.86
N ALA S 1112 -62.87 -22.96 99.01
CA ALA S 1112 -62.11 -24.07 98.43
C ALA S 1112 -62.53 -25.40 99.04
N THR S 1113 -62.69 -25.44 100.37
CA THR S 1113 -63.13 -26.67 101.01
C THR S 1113 -64.52 -27.06 100.57
N GLU S 1114 -65.43 -26.08 100.44
CA GLU S 1114 -66.78 -26.37 99.97
C GLU S 1114 -66.76 -26.91 98.54
N LEU S 1115 -65.95 -26.32 97.67
CA LEU S 1115 -65.87 -26.80 96.29
C LEU S 1115 -65.28 -28.21 96.24
N GLU S 1116 -64.26 -28.47 97.05
CA GLU S 1116 -63.65 -29.80 97.09
C GLU S 1116 -64.61 -30.85 97.63
N ARG S 1117 -65.49 -30.45 98.55
CA ARG S 1117 -66.49 -31.39 99.05
C ARG S 1117 -67.60 -31.62 98.02
N LYS S 1118 -68.05 -30.56 97.36
CA LYS S 1118 -69.18 -30.68 96.44
C LYS S 1118 -68.79 -31.41 95.16
N HIS S 1119 -67.66 -31.06 94.57
CA HIS S 1119 -67.30 -31.59 93.26
C HIS S 1119 -65.87 -32.10 93.16
N GLN S 1120 -65.14 -32.20 94.27
CA GLN S 1120 -63.78 -32.74 94.30
C GLN S 1120 -62.84 -31.95 93.38
N LEU S 1121 -62.73 -30.66 93.67
CA LEU S 1121 -61.90 -29.76 92.87
C LEU S 1121 -60.96 -28.99 93.79
N LYS S 1122 -59.66 -29.05 93.48
CA LYS S 1122 -58.65 -28.23 94.17
C LYS S 1122 -58.52 -26.93 93.39
N LYS S 1123 -59.19 -25.88 93.87
CA LYS S 1123 -59.26 -24.63 93.12
C LYS S 1123 -58.95 -23.41 93.99
N ARG S 1124 -58.28 -23.61 95.12
CA ARG S 1124 -57.96 -22.49 96.00
C ARG S 1124 -57.04 -21.48 95.31
N SER S 1125 -56.04 -21.97 94.57
CA SER S 1125 -55.19 -21.07 93.79
C SER S 1125 -56.00 -20.38 92.70
N THR S 1126 -56.95 -21.10 92.10
CA THR S 1126 -57.83 -20.50 91.11
C THR S 1126 -58.68 -19.40 91.73
N LEU S 1127 -59.20 -19.62 92.94
CA LEU S 1127 -59.97 -18.59 93.62
C LEU S 1127 -59.09 -17.37 93.93
N GLN S 1128 -57.86 -17.61 94.35
CA GLN S 1128 -56.93 -16.50 94.59
C GLN S 1128 -56.70 -15.70 93.31
N ILE S 1129 -56.50 -16.40 92.19
CA ILE S 1129 -56.27 -15.73 90.91
C ILE S 1129 -57.51 -14.94 90.52
N ILE S 1130 -58.70 -15.50 90.74
CA ILE S 1130 -59.92 -14.79 90.40
C ILE S 1130 -60.06 -13.52 91.23
N LYS S 1131 -59.78 -13.61 92.54
CA LYS S 1131 -59.84 -12.43 93.39
C LYS S 1131 -58.85 -11.37 92.92
N GLU S 1132 -57.64 -11.80 92.54
CA GLU S 1132 -56.64 -10.86 92.04
C GLU S 1132 -57.10 -10.19 90.75
N GLU S 1133 -57.69 -10.96 89.85
CA GLU S 1133 -58.16 -10.39 88.58
C GLU S 1133 -59.29 -9.39 88.81
N LEU S 1134 -60.21 -9.69 89.73
CA LEU S 1134 -61.23 -8.71 90.07
C LEU S 1134 -60.64 -7.46 90.69
N GLN S 1135 -59.60 -7.61 91.52
CA GLN S 1135 -58.99 -6.44 92.12
C GLN S 1135 -58.26 -5.58 91.10
N SER S 1136 -57.79 -6.17 90.01
CA SER S 1136 -57.13 -5.41 88.94
C SER S 1136 -57.13 -6.26 87.68
N ARG S 1137 -57.70 -5.74 86.60
CA ARG S 1137 -57.83 -6.50 85.35
C ARG S 1137 -56.51 -6.45 84.60
N TYR S 1138 -55.85 -7.60 84.49
CA TYR S 1138 -54.57 -7.74 83.80
C TYR S 1138 -53.50 -6.83 84.39
N ARG S 1139 -53.18 -7.09 85.65
CA ARG S 1139 -51.99 -6.50 86.25
C ARG S 1139 -50.74 -7.07 85.59
N GLU S 1140 -49.77 -6.20 85.32
CA GLU S 1140 -48.58 -6.61 84.59
C GLU S 1140 -47.73 -7.55 85.43
N ILE S 1141 -47.31 -8.67 84.84
CA ILE S 1141 -46.60 -9.71 85.55
C ILE S 1141 -45.09 -9.56 85.35
N ARG S 1142 -44.69 -9.06 84.18
CA ARG S 1142 -43.27 -8.96 83.86
C ARG S 1142 -42.59 -7.97 84.80
N ARG S 1143 -41.29 -8.20 85.01
CA ARG S 1143 -40.50 -7.28 85.80
C ARG S 1143 -40.35 -5.95 85.08
N ASP S 1144 -40.11 -4.90 85.86
CA ASP S 1144 -39.97 -3.56 85.29
C ASP S 1144 -38.79 -3.50 84.33
N PHE S 1145 -38.71 -2.37 83.61
CA PHE S 1145 -37.64 -2.19 82.63
C PHE S 1145 -36.28 -2.30 83.30
N HIS S 1146 -35.36 -3.00 82.64
CA HIS S 1146 -34.04 -3.27 83.19
C HIS S 1146 -33.08 -2.16 82.78
N ILE S 1147 -32.50 -1.49 83.77
CA ILE S 1147 -31.57 -0.39 83.53
C ILE S 1147 -30.15 -0.93 83.54
N LEU S 1148 -29.39 -0.59 82.50
CA LEU S 1148 -28.01 -1.06 82.41
C LEU S 1148 -27.14 -0.43 83.50
N ASN S 1149 -26.22 -1.24 84.04
CA ASN S 1149 -25.29 -0.78 85.05
C ASN S 1149 -23.94 -0.50 84.41
N GLU S 1150 -22.94 -0.20 85.26
CA GLU S 1150 -21.64 0.21 84.75
C GLU S 1150 -21.01 -0.88 83.90
N ALA S 1151 -21.05 -2.13 84.37
CA ALA S 1151 -20.48 -3.24 83.61
C ALA S 1151 -21.23 -3.44 82.29
N GLU S 1152 -22.56 -3.38 82.34
CA GLU S 1152 -23.34 -3.56 81.12
C GLU S 1152 -23.11 -2.44 80.13
N ILE S 1153 -23.02 -1.20 80.62
CA ILE S 1153 -22.76 -0.06 79.72
C ILE S 1153 -21.38 -0.20 79.10
N PHE S 1154 -20.38 -0.58 79.91
CA PHE S 1154 -19.03 -0.76 79.38
C PHE S 1154 -19.01 -1.85 78.31
N GLN S 1155 -19.66 -2.97 78.56
CA GLN S 1155 -19.69 -4.05 77.57
C GLN S 1155 -20.42 -3.63 76.32
N LEU S 1156 -21.52 -2.87 76.47
CA LEU S 1156 -22.27 -2.42 75.31
C LEU S 1156 -21.45 -1.46 74.45
N LEU S 1157 -20.72 -0.54 75.08
CA LEU S 1157 -20.03 0.49 74.33
C LEU S 1157 -18.73 -0.04 73.73
N THR S 1158 -17.86 -0.61 74.57
CA THR S 1158 -16.55 -1.04 74.08
C THR S 1158 -16.58 -2.40 73.41
N ARG S 1159 -17.68 -3.14 73.51
CA ARG S 1159 -17.80 -4.49 72.99
C ARG S 1159 -16.74 -5.42 73.59
N GLU S 1160 -16.21 -5.05 74.75
CA GLU S 1160 -15.20 -5.83 75.46
C GLU S 1160 -15.74 -6.24 76.82
N THR S 1161 -15.68 -7.52 77.12
CA THR S 1161 -16.20 -8.01 78.39
C THR S 1161 -15.28 -7.58 79.53
N VAL S 1162 -15.86 -7.54 80.74
CA VAL S 1162 -15.08 -7.19 81.92
C VAL S 1162 -14.02 -8.25 82.20
N ASP S 1163 -14.30 -9.51 81.87
CA ASP S 1163 -13.32 -10.57 82.08
C ASP S 1163 -12.13 -10.42 81.15
N SER S 1164 -12.38 -10.07 79.88
CA SER S 1164 -11.31 -9.96 78.91
C SER S 1164 -10.53 -8.65 79.02
N PHE S 1165 -10.97 -7.72 79.87
CA PHE S 1165 -10.29 -6.44 80.06
C PHE S 1165 -10.30 -6.14 81.56
N ARG S 1166 -9.21 -6.51 82.24
CA ARG S 1166 -9.12 -6.33 83.67
C ARG S 1166 -7.64 -6.29 84.07
N LYS S 1167 -7.37 -6.33 85.36
CA LYS S 1167 -6.01 -6.30 85.87
C LYS S 1167 -5.24 -7.53 85.41
N GLY S 1168 -3.95 -7.34 85.15
CA GLY S 1168 -3.09 -8.43 84.73
C GLY S 1168 -3.36 -8.93 83.33
N MET S 1169 -3.55 -8.01 82.37
CA MET S 1169 -3.72 -8.36 80.97
C MET S 1169 -2.81 -7.50 80.12
N VAL S 1170 -2.33 -8.07 79.02
CA VAL S 1170 -1.39 -7.40 78.12
C VAL S 1170 -2.10 -7.11 76.81
N ILE S 1171 -2.09 -5.84 76.40
CA ILE S 1171 -2.75 -5.43 75.17
C ILE S 1171 -1.83 -4.53 74.38
N PRO S 1172 -1.90 -4.61 73.04
CA PRO S 1172 -1.10 -3.74 72.17
C PRO S 1172 -1.72 -2.35 71.96
N VAL S 1173 -1.51 -1.48 72.93
CA VAL S 1173 -2.07 -0.13 72.85
C VAL S 1173 -1.28 0.71 71.87
N TYR S 1174 -1.89 1.81 71.44
CA TYR S 1174 -1.32 2.69 70.41
C TYR S 1174 -0.96 4.02 71.06
N VAL S 1175 0.30 4.44 70.89
CA VAL S 1175 0.75 5.70 71.47
C VAL S 1175 0.14 6.86 70.70
N ARG S 1176 -0.47 7.80 71.43
CA ARG S 1176 -1.13 8.94 70.82
C ARG S 1176 -0.50 10.27 71.18
N LYS S 1177 0.16 10.37 72.33
CA LYS S 1177 0.82 11.60 72.75
C LYS S 1177 1.92 11.25 73.74
N VAL S 1178 3.11 11.81 73.53
CA VAL S 1178 4.28 11.54 74.36
C VAL S 1178 4.64 12.81 75.12
N GLU S 1179 4.76 12.70 76.44
CA GLU S 1179 5.17 13.81 77.28
C GLU S 1179 6.25 13.34 78.24
N SER S 1180 6.97 14.32 78.82
CA SER S 1180 8.08 13.99 79.69
C SER S 1180 7.62 13.26 80.95
N SER S 1181 6.48 13.67 81.51
CA SER S 1181 6.00 13.11 82.77
C SER S 1181 4.96 12.03 82.59
N TYR S 1182 4.41 11.85 81.39
CA TYR S 1182 3.43 10.80 81.14
C TYR S 1182 3.35 10.55 79.64
N MET S 1183 2.74 9.43 79.27
CA MET S 1183 2.44 9.13 77.88
C MET S 1183 0.97 8.79 77.77
N SER S 1184 0.29 9.40 76.80
CA SER S 1184 -1.12 9.14 76.53
C SER S 1184 -1.23 8.18 75.36
N VAL S 1185 -1.90 7.05 75.58
CA VAL S 1185 -2.02 6.00 74.59
C VAL S 1185 -3.49 5.64 74.42
N SER S 1186 -3.79 5.02 73.29
CA SER S 1186 -5.14 4.57 72.97
C SER S 1186 -5.13 3.07 72.70
N THR S 1187 -6.12 2.38 73.24
CA THR S 1187 -6.26 0.95 73.04
C THR S 1187 -6.94 0.68 71.70
N GLN S 1188 -7.18 -0.60 71.41
CA GLN S 1188 -7.89 -0.95 70.19
C GLN S 1188 -9.35 -0.50 70.24
N SER S 1189 -9.95 -0.54 71.43
CA SER S 1189 -11.37 -0.23 71.61
C SER S 1189 -11.61 1.21 72.02
N LEU S 1190 -10.77 2.14 71.56
CA LEU S 1190 -10.90 3.58 71.78
C LEU S 1190 -10.77 3.98 73.23
N ILE S 1191 -10.38 3.07 74.12
CA ILE S 1191 -10.22 3.39 75.53
C ILE S 1191 -8.93 4.18 75.71
N ALA S 1192 -9.06 5.44 76.11
CA ALA S 1192 -7.90 6.29 76.33
C ALA S 1192 -7.17 5.86 77.60
N GLY S 1193 -5.85 5.79 77.52
CA GLY S 1193 -5.05 5.37 78.65
C GLY S 1193 -3.88 6.32 78.88
N ASN S 1194 -3.33 6.24 80.08
CA ASN S 1194 -2.18 7.05 80.46
C ASN S 1194 -1.26 6.24 81.35
N ILE S 1195 0.03 6.56 81.28
CA ILE S 1195 1.05 5.94 82.14
C ILE S 1195 1.88 7.05 82.76
N GLN S 1196 2.04 7.00 84.08
CA GLN S 1196 2.92 7.94 84.75
C GLN S 1196 4.37 7.60 84.43
N ARG S 1197 5.24 8.62 84.56
CA ARG S 1197 6.60 8.52 84.05
C ARG S 1197 7.38 7.37 84.68
N GLN S 1198 6.96 6.87 85.83
CA GLN S 1198 7.68 5.80 86.51
C GLN S 1198 7.67 4.49 85.73
N ASP S 1199 6.82 4.34 84.70
CA ASP S 1199 6.65 3.05 84.05
C ASP S 1199 6.89 3.04 82.54
N ILE S 1200 6.93 4.20 81.86
CA ILE S 1200 7.25 4.18 80.43
C ILE S 1200 8.64 3.64 80.19
N LEU S 1201 9.60 4.09 80.99
CA LEU S 1201 10.98 3.67 80.87
C LEU S 1201 11.35 2.79 82.07
N GLU S 1202 12.38 1.97 81.86
CA GLU S 1202 12.82 1.06 82.92
C GLU S 1202 13.38 1.86 84.09
N PRO S 1203 13.22 1.38 85.32
CA PRO S 1203 13.74 2.14 86.48
C PRO S 1203 15.25 2.35 86.44
N ASN S 1204 16.00 1.44 85.80
CA ASN S 1204 17.45 1.62 85.72
C ASN S 1204 17.83 2.65 84.68
N ASP S 1205 17.11 2.70 83.56
CA ASP S 1205 17.44 3.64 82.49
C ASP S 1205 17.15 5.07 82.92
N ARG S 1206 17.97 5.99 82.42
CA ARG S 1206 17.82 7.41 82.71
C ARG S 1206 17.53 8.24 81.45
N ARG S 1207 17.10 7.60 80.37
CA ARG S 1207 16.79 8.32 79.14
C ARG S 1207 15.49 9.12 79.30
N ASP S 1208 15.10 9.80 78.23
CA ASP S 1208 13.89 10.60 78.13
C ASP S 1208 12.78 9.80 77.45
N PRO S 1209 11.53 9.96 77.90
CA PRO S 1209 10.43 9.23 77.25
C PRO S 1209 10.28 9.54 75.77
N ARG S 1210 10.52 10.79 75.36
CA ARG S 1210 10.36 11.15 73.96
C ARG S 1210 11.40 10.50 73.06
N GLU S 1211 12.65 10.37 73.54
CA GLU S 1211 13.69 9.78 72.71
C GLU S 1211 13.41 8.32 72.42
N VAL S 1212 12.93 7.57 73.41
CA VAL S 1212 12.74 6.14 73.24
C VAL S 1212 11.45 5.84 72.48
N TYR S 1213 10.35 6.50 72.86
CA TYR S 1213 9.05 6.27 72.24
C TYR S 1213 8.54 7.54 71.60
N SER S 1214 7.90 7.39 70.44
CA SER S 1214 7.39 8.52 69.68
C SER S 1214 5.94 8.24 69.28
N VAL S 1215 5.29 9.27 68.73
CA VAL S 1215 3.91 9.14 68.31
C VAL S 1215 3.82 8.14 67.15
N GLY S 1216 2.79 7.29 67.20
CA GLY S 1216 2.60 6.28 66.19
C GLY S 1216 3.34 4.99 66.43
N GLN S 1217 4.15 4.91 67.49
CA GLN S 1217 4.91 3.71 67.82
C GLN S 1217 4.13 2.96 68.89
N THR S 1218 3.30 2.01 68.46
CA THR S 1218 2.53 1.22 69.40
C THR S 1218 3.44 0.25 70.14
N VAL S 1219 3.14 0.03 71.42
CA VAL S 1219 3.89 -0.89 72.27
C VAL S 1219 2.92 -1.70 73.11
N ARG S 1220 3.41 -2.84 73.60
CA ARG S 1220 2.64 -3.66 74.53
C ARG S 1220 2.55 -2.97 75.89
N ALA S 1221 1.39 -3.11 76.54
CA ALA S 1221 1.19 -2.54 77.86
C ALA S 1221 0.35 -3.50 78.69
N CYS S 1222 0.50 -3.39 80.01
CA CYS S 1222 -0.23 -4.22 80.96
C CYS S 1222 -1.20 -3.36 81.75
N ILE S 1223 -2.44 -3.84 81.87
CA ILE S 1223 -3.47 -3.06 82.55
C ILE S 1223 -3.22 -3.09 84.06
N LEU S 1224 -3.22 -1.92 84.67
CA LEU S 1224 -3.07 -1.77 86.11
C LEU S 1224 -4.39 -1.44 86.79
N ASP S 1225 -5.12 -0.45 86.28
CA ASP S 1225 -6.40 -0.05 86.84
C ASP S 1225 -7.36 0.25 85.71
N VAL S 1226 -8.65 0.05 85.97
CA VAL S 1226 -9.69 0.30 84.98
C VAL S 1226 -10.77 1.17 85.62
N ASP S 1227 -11.09 2.29 84.98
CA ASP S 1227 -12.20 3.14 85.39
C ASP S 1227 -13.36 2.81 84.43
N TYR S 1228 -14.16 1.82 84.83
CA TYR S 1228 -15.21 1.33 83.96
C TYR S 1228 -16.25 2.41 83.67
N TYR S 1229 -16.59 3.22 84.68
CA TYR S 1229 -17.58 4.28 84.48
C TYR S 1229 -17.08 5.32 83.50
N ASN S 1230 -15.80 5.68 83.57
CA ASN S 1230 -15.24 6.76 82.76
C ASN S 1230 -14.39 6.22 81.60
N PHE S 1231 -14.32 4.91 81.41
CA PHE S 1231 -13.58 4.30 80.31
C PHE S 1231 -12.13 4.78 80.28
N LYS S 1232 -11.52 4.86 81.46
CA LYS S 1232 -10.13 5.26 81.62
C LYS S 1232 -9.35 4.12 82.26
N CYS S 1233 -8.13 3.91 81.78
CA CYS S 1233 -7.28 2.85 82.30
C CYS S 1233 -5.85 3.33 82.42
N GLN S 1234 -5.12 2.75 83.37
CA GLN S 1234 -3.70 3.02 83.56
C GLN S 1234 -2.91 1.76 83.23
N LEU S 1235 -1.75 1.96 82.61
CA LEU S 1235 -0.98 0.87 82.04
C LEU S 1235 0.44 0.92 82.58
N SER S 1236 1.16 -0.19 82.38
CA SER S 1236 2.56 -0.29 82.78
C SER S 1236 3.35 -0.93 81.65
N LEU S 1237 4.52 -0.35 81.37
CA LEU S 1237 5.42 -0.88 80.36
C LEU S 1237 6.57 -1.68 80.96
N LEU S 1238 6.53 -1.94 82.27
CA LEU S 1238 7.59 -2.71 82.91
C LEU S 1238 7.56 -4.15 82.44
N ARG S 1239 8.74 -4.70 82.12
CA ARG S 1239 8.82 -6.04 81.59
C ARG S 1239 8.41 -7.12 82.60
N GLN S 1240 8.32 -6.78 83.89
CA GLN S 1240 7.84 -7.75 84.86
C GLN S 1240 6.39 -8.12 84.63
N PHE S 1241 5.63 -7.26 83.95
CA PHE S 1241 4.26 -7.55 83.57
C PHE S 1241 4.12 -7.96 82.10
N THR S 1242 4.73 -7.20 81.20
CA THR S 1242 4.56 -7.45 79.77
C THR S 1242 5.20 -8.75 79.31
N GLU S 1243 6.13 -9.30 80.09
CA GLU S 1243 6.84 -10.51 79.69
C GLU S 1243 6.61 -11.69 80.61
N ASN S 1244 6.65 -11.48 81.92
CA ASN S 1244 6.54 -12.60 82.85
C ASN S 1244 5.13 -13.19 82.87
N GLN S 1245 4.11 -12.38 82.60
CA GLN S 1245 2.74 -12.86 82.57
C GLN S 1245 2.56 -13.73 81.32
N VAL S 1246 2.66 -15.05 81.51
CA VAL S 1246 2.54 -16.02 80.42
C VAL S 1246 1.39 -16.99 80.68
N ALA S 1247 1.40 -17.66 81.82
CA ALA S 1247 0.32 -18.56 82.21
C ALA S 1247 -0.77 -17.75 82.92
N GLY S 1248 -1.42 -16.89 82.15
CA GLY S 1248 -2.47 -16.04 82.70
C GLY S 1248 -3.77 -16.74 83.00
N LEU S 1249 -3.93 -17.97 82.52
CA LEU S 1249 -5.12 -18.74 82.81
C LEU S 1249 -5.11 -19.22 84.25
N ASN S 1250 -6.29 -19.34 84.85
CA ASN S 1250 -6.44 -19.81 86.22
C ASN S 1250 -6.88 -21.26 86.28
N VAL S 1251 -6.41 -22.08 85.33
CA VAL S 1251 -6.80 -23.49 85.28
C VAL S 1251 -6.16 -24.22 86.46
N ASN S 1252 -6.98 -24.97 87.19
CA ASN S 1252 -6.50 -25.69 88.37
C ASN S 1252 -5.57 -26.81 87.92
N ARG S 1253 -4.31 -26.74 88.34
CA ARG S 1253 -3.28 -27.71 87.96
C ARG S 1253 -3.02 -28.72 89.05
N ASN S 1254 -4.06 -29.13 89.77
CA ASN S 1254 -3.91 -30.11 90.84
C ASN S 1254 -3.43 -31.44 90.25
N PRO S 1255 -2.35 -32.02 90.77
CA PRO S 1255 -1.85 -33.29 90.20
C PRO S 1255 -2.86 -34.41 90.22
N LYS S 1256 -3.82 -34.39 91.16
CA LYS S 1256 -4.83 -35.45 91.19
C LYS S 1256 -5.69 -35.44 89.93
N PHE S 1257 -6.02 -34.25 89.43
CA PHE S 1257 -6.86 -34.14 88.23
C PHE S 1257 -6.14 -33.52 87.05
N TRP S 1258 -4.90 -33.06 87.20
CA TRP S 1258 -4.12 -32.50 86.11
C TRP S 1258 -2.81 -33.28 85.97
N ASP S 1259 -2.50 -33.67 84.73
CA ASP S 1259 -1.25 -34.39 84.46
C ASP S 1259 -0.15 -33.37 84.22
N ILE S 1260 0.46 -32.92 85.31
CA ILE S 1260 1.53 -31.94 85.21
C ILE S 1260 2.74 -32.54 84.52
N GLU S 1261 3.01 -33.83 84.76
CA GLU S 1261 4.20 -34.46 84.17
C GLU S 1261 4.12 -34.49 82.65
N SER S 1262 2.94 -34.79 82.10
CA SER S 1262 2.79 -34.84 80.65
C SER S 1262 3.00 -33.48 80.02
N GLU S 1263 2.43 -32.44 80.63
CA GLU S 1263 2.59 -31.08 80.10
C GLU S 1263 4.05 -30.62 80.20
N ASN S 1264 4.73 -30.97 81.28
CA ASN S 1264 6.15 -30.65 81.41
C ASN S 1264 6.96 -31.37 80.35
N ARG S 1265 6.71 -32.67 80.15
CA ARG S 1265 7.45 -33.45 79.17
C ARG S 1265 7.25 -32.88 77.77
N ASP S 1266 6.01 -32.56 77.42
CA ASP S 1266 5.75 -31.89 76.15
C ASP S 1266 6.46 -30.56 76.06
N ARG S 1267 6.59 -29.87 77.20
CA ARG S 1267 7.28 -28.59 77.20
C ARG S 1267 8.77 -28.73 76.87
N GLN S 1268 9.47 -29.67 77.52
CA GLN S 1268 10.86 -29.88 77.07
C GLN S 1268 10.93 -30.43 75.64
N GLU S 1269 9.94 -31.22 75.20
CA GLU S 1269 9.94 -31.65 73.81
C GLU S 1269 9.92 -30.47 72.86
N GLU S 1270 9.00 -29.53 73.07
CA GLU S 1270 8.90 -28.37 72.19
C GLU S 1270 10.10 -27.44 72.36
N ILE S 1271 10.67 -27.35 73.56
CA ILE S 1271 11.85 -26.51 73.75
C ILE S 1271 13.05 -27.09 73.01
N ASP S 1272 13.22 -28.42 73.08
CA ASP S 1272 14.28 -29.06 72.30
C ASP S 1272 14.04 -28.90 70.81
N LYS S 1273 12.78 -28.95 70.38
CA LYS S 1273 12.47 -28.67 68.98
C LYS S 1273 12.91 -27.25 68.61
N GLN S 1274 12.68 -26.28 69.51
CA GLN S 1274 13.13 -24.93 69.27
C GLN S 1274 14.65 -24.85 69.19
N ARG S 1275 15.35 -25.60 70.04
CA ARG S 1275 16.81 -25.61 70.00
C ARG S 1275 17.32 -26.18 68.68
N GLU S 1276 16.55 -27.05 68.04
CA GLU S 1276 16.99 -27.67 66.79
C GLU S 1276 17.12 -26.63 65.69
N GLU S 1277 18.23 -26.71 64.94
CA GLU S 1277 18.51 -25.79 63.86
C GLU S 1277 19.06 -26.57 62.68
N SER S 1278 19.58 -25.84 61.68
CA SER S 1278 20.13 -26.45 60.47
C SER S 1278 21.52 -25.89 60.20
N ARG S 1279 22.35 -26.71 59.58
CA ARG S 1279 23.70 -26.33 59.20
C ARG S 1279 24.02 -26.86 57.81
N GLU S 1280 24.92 -26.16 57.13
CA GLU S 1280 25.31 -26.52 55.76
C GLU S 1280 26.82 -26.43 55.62
N SER S 1281 27.32 -26.91 54.49
CA SER S 1281 28.74 -26.98 54.22
C SER S 1281 29.29 -25.61 53.80
N ARG S 1282 30.61 -25.48 53.84
CA ARG S 1282 31.30 -24.26 53.47
C ARG S 1282 32.08 -24.49 52.19
N VAL S 1283 32.04 -23.50 51.29
CA VAL S 1283 32.73 -23.56 50.00
C VAL S 1283 33.75 -22.43 49.96
N ILE S 1284 35.01 -22.78 49.71
CA ILE S 1284 36.11 -21.83 49.64
C ILE S 1284 36.86 -22.05 48.34
N LYS S 1285 37.27 -20.95 47.70
CA LYS S 1285 38.01 -21.00 46.45
C LYS S 1285 39.48 -20.72 46.75
N HIS S 1286 40.31 -21.77 46.70
CA HIS S 1286 41.74 -21.63 46.92
C HIS S 1286 42.44 -22.81 46.27
N PRO S 1287 43.61 -22.63 45.66
CA PRO S 1287 44.27 -23.75 44.98
C PRO S 1287 44.58 -24.93 45.88
N PHE S 1288 44.92 -24.68 47.15
CA PHE S 1288 45.28 -25.74 48.08
C PHE S 1288 44.15 -26.07 49.06
N PHE S 1289 42.93 -25.64 48.76
CA PHE S 1289 41.77 -25.94 49.60
C PHE S 1289 41.02 -27.12 49.01
N HIS S 1290 40.71 -28.10 49.85
CA HIS S 1290 40.00 -29.29 49.42
C HIS S 1290 39.01 -29.69 50.51
N ASN S 1291 37.77 -29.95 50.11
CA ASN S 1291 36.70 -30.31 51.04
C ASN S 1291 36.84 -31.79 51.37
N MET S 1292 37.70 -32.09 52.33
CA MET S 1292 37.98 -33.45 52.74
C MET S 1292 37.90 -33.57 54.26
N LYS S 1293 37.70 -34.81 54.73
CA LYS S 1293 37.75 -35.09 56.15
C LYS S 1293 39.19 -35.10 56.63
N SER S 1294 39.39 -35.28 57.93
CA SER S 1294 40.73 -35.42 58.47
C SER S 1294 41.43 -36.65 57.89
N LYS S 1295 40.77 -37.81 57.95
CA LYS S 1295 41.34 -39.02 57.35
C LYS S 1295 41.43 -38.87 55.83
N GLU S 1296 40.42 -38.24 55.22
CA GLU S 1296 40.48 -38.02 53.78
C GLU S 1296 41.67 -37.14 53.39
N ALA S 1297 41.89 -36.07 54.15
CA ALA S 1297 43.04 -35.20 53.88
C ALA S 1297 44.35 -35.95 54.08
N GLU S 1298 44.43 -36.77 55.13
CA GLU S 1298 45.66 -37.54 55.37
C GLU S 1298 45.92 -38.52 54.24
N ASP S 1299 44.87 -39.20 53.75
CA ASP S 1299 45.03 -40.13 52.65
C ASP S 1299 45.40 -39.40 51.36
N TYR S 1300 44.81 -38.23 51.13
CA TYR S 1300 45.17 -37.44 49.95
C TYR S 1300 46.63 -37.01 49.99
N LEU S 1301 47.11 -36.62 51.17
CA LEU S 1301 48.52 -36.25 51.32
C LEU S 1301 49.44 -37.46 51.35
N ALA S 1302 48.88 -38.67 51.55
CA ALA S 1302 49.71 -39.87 51.57
C ALA S 1302 50.38 -40.11 50.22
N ALA S 1303 49.63 -39.92 49.13
CA ALA S 1303 50.19 -40.11 47.80
C ALA S 1303 51.17 -39.01 47.40
N ARG S 1304 51.24 -37.93 48.19
CA ARG S 1304 52.10 -36.79 47.92
C ARG S 1304 53.36 -36.84 48.78
N PRO S 1305 54.46 -36.25 48.32
CA PRO S 1305 55.69 -36.25 49.14
C PRO S 1305 55.58 -35.38 50.38
N VAL S 1306 56.64 -35.37 51.19
CA VAL S 1306 56.60 -34.65 52.46
C VAL S 1306 56.59 -33.15 52.20
N GLY S 1307 55.73 -32.44 52.92
CA GLY S 1307 55.66 -30.99 52.87
C GLY S 1307 54.46 -30.44 52.11
N ASP S 1308 53.76 -31.24 51.34
CA ASP S 1308 52.58 -30.76 50.63
C ASP S 1308 51.47 -30.42 51.61
N VAL S 1309 50.66 -29.43 51.25
CA VAL S 1309 49.72 -28.81 52.18
C VAL S 1309 48.32 -28.85 51.58
N VAL S 1310 47.35 -29.21 52.40
CA VAL S 1310 45.94 -29.21 52.01
C VAL S 1310 45.16 -28.40 53.05
N ILE S 1311 44.05 -27.81 52.62
CA ILE S 1311 43.22 -26.96 53.47
C ILE S 1311 41.79 -27.50 53.43
N ARG S 1312 41.19 -27.68 54.60
CA ARG S 1312 39.85 -28.24 54.74
C ARG S 1312 39.11 -27.47 55.82
N PRO S 1313 37.78 -27.50 55.80
CA PRO S 1313 37.01 -26.83 56.86
C PRO S 1313 37.28 -27.47 58.22
N SER S 1314 37.23 -26.64 59.27
CA SER S 1314 37.49 -27.09 60.62
C SER S 1314 36.18 -27.48 61.32
N SER S 1315 36.31 -28.36 62.31
CA SER S 1315 35.16 -28.81 63.08
C SER S 1315 34.77 -27.83 64.18
N LYS S 1316 35.59 -26.82 64.46
CA LYS S 1316 35.29 -25.85 65.51
C LYS S 1316 34.38 -24.73 65.04
N GLY S 1317 34.01 -24.69 63.76
CA GLY S 1317 33.12 -23.67 63.25
C GLY S 1317 33.58 -23.09 61.94
N SER S 1318 32.69 -22.33 61.28
CA SER S 1318 33.05 -21.69 60.01
C SER S 1318 34.12 -20.62 60.18
N ASN S 1319 34.30 -20.10 61.40
CA ASN S 1319 35.34 -19.14 61.70
C ASN S 1319 36.69 -19.80 61.93
N HIS S 1320 36.78 -21.12 61.77
CA HIS S 1320 38.02 -21.85 61.97
C HIS S 1320 38.35 -22.65 60.72
N ILE S 1321 39.63 -22.82 60.47
CA ILE S 1321 40.13 -23.54 59.30
C ILE S 1321 41.19 -24.53 59.75
N THR S 1322 41.10 -25.76 59.26
CA THR S 1322 42.08 -26.80 59.57
C THR S 1322 43.02 -26.95 58.38
N ILE S 1323 44.32 -26.85 58.63
CA ILE S 1323 45.35 -27.00 57.62
C ILE S 1323 46.12 -28.28 57.94
N SER S 1324 46.18 -29.18 56.96
CA SER S 1324 46.87 -30.46 57.11
C SER S 1324 48.08 -30.50 56.19
N TRP S 1325 49.25 -30.77 56.78
CA TRP S 1325 50.50 -30.88 56.03
C TRP S 1325 51.25 -32.13 56.47
N LYS S 1326 51.96 -32.73 55.52
CA LYS S 1326 52.61 -34.02 55.75
C LYS S 1326 53.92 -33.79 56.50
N VAL S 1327 53.92 -34.16 57.79
CA VAL S 1327 55.14 -34.07 58.59
C VAL S 1327 56.14 -35.13 58.14
N ALA S 1328 55.66 -36.35 57.92
CA ALA S 1328 56.53 -37.48 57.59
C ALA S 1328 55.67 -38.53 56.90
N PRO S 1329 56.29 -39.54 56.27
CA PRO S 1329 55.50 -40.64 55.70
C PRO S 1329 54.55 -41.26 56.72
N GLN S 1330 53.25 -41.23 56.39
CA GLN S 1330 52.19 -41.64 57.31
C GLN S 1330 52.24 -40.85 58.62
N LEU S 1331 52.51 -39.55 58.52
CA LEU S 1331 52.51 -38.64 59.67
C LEU S 1331 52.06 -37.27 59.18
N TYR S 1332 50.94 -36.79 59.71
CA TYR S 1332 50.33 -35.54 59.27
C TYR S 1332 49.93 -34.70 60.47
N GLN S 1333 49.99 -33.38 60.31
CA GLN S 1333 49.62 -32.44 61.36
C GLN S 1333 48.45 -31.58 60.90
N HIS S 1334 47.40 -31.54 61.71
CA HIS S 1334 46.25 -30.68 61.47
C HIS S 1334 46.36 -29.47 62.39
N ILE S 1335 46.36 -28.27 61.81
CA ILE S 1335 46.53 -27.02 62.55
C ILE S 1335 45.28 -26.19 62.36
N ASP S 1336 44.68 -25.76 63.46
CA ASP S 1336 43.48 -24.94 63.42
C ASP S 1336 43.85 -23.46 63.32
N VAL S 1337 43.17 -22.75 62.43
CA VAL S 1337 43.40 -21.33 62.20
C VAL S 1337 42.11 -20.59 62.51
N LEU S 1338 42.19 -19.61 63.40
CA LEU S 1338 41.04 -18.81 63.77
C LEU S 1338 40.93 -17.60 62.85
N GLU S 1339 39.74 -17.39 62.29
CA GLU S 1339 39.48 -16.31 61.35
C GLU S 1339 38.88 -15.12 62.08
N GLU S 1340 39.33 -13.92 61.72
CA GLU S 1340 38.82 -12.69 62.29
C GLU S 1340 38.38 -11.76 61.17
N ASN S 1341 37.40 -10.91 61.48
CA ASN S 1341 36.87 -9.93 60.53
C ASN S 1341 36.37 -10.60 59.26
N LYS S 1342 35.56 -11.64 59.44
CA LYS S 1342 35.05 -12.40 58.31
C LYS S 1342 33.95 -11.62 57.60
N ASP S 1343 34.06 -11.53 56.26
CA ASP S 1343 33.03 -10.87 55.47
C ASP S 1343 31.81 -11.78 55.29
N ASP S 1344 32.00 -13.08 55.23
CA ASP S 1344 30.91 -14.02 55.06
C ASP S 1344 31.37 -15.38 55.56
N ALA S 1345 30.39 -16.28 55.78
CA ALA S 1345 30.72 -17.62 56.24
C ALA S 1345 31.60 -18.36 55.24
N ASN S 1346 31.26 -18.26 53.95
CA ASN S 1346 32.06 -18.90 52.92
C ASN S 1346 33.29 -18.08 52.57
N ALA S 1347 33.32 -16.80 52.94
CA ALA S 1347 34.45 -15.95 52.63
C ALA S 1347 35.62 -16.22 53.57
N ILE S 1348 36.79 -15.73 53.18
CA ILE S 1348 38.01 -15.90 53.96
C ILE S 1348 38.18 -14.69 54.88
N GLY S 1349 38.45 -14.95 56.15
CA GLY S 1349 38.59 -13.87 57.10
C GLY S 1349 39.80 -13.01 56.79
N ARG S 1350 39.69 -11.71 57.10
CA ARG S 1350 40.75 -10.76 56.80
C ARG S 1350 41.96 -10.96 57.71
N VAL S 1351 41.78 -11.51 58.90
CA VAL S 1351 42.87 -11.74 59.84
C VAL S 1351 42.87 -13.21 60.24
N LEU S 1352 44.04 -13.83 60.17
CA LEU S 1352 44.21 -15.23 60.52
C LEU S 1352 45.17 -15.34 61.69
N LEU S 1353 44.81 -16.17 62.67
CA LEU S 1353 45.61 -16.36 63.87
C LEU S 1353 45.99 -17.84 64.01
N VAL S 1354 47.27 -18.09 64.23
CA VAL S 1354 47.78 -19.42 64.53
C VAL S 1354 48.53 -19.30 65.85
N GLY S 1355 47.85 -19.56 66.95
CA GLY S 1355 48.42 -19.25 68.25
C GLY S 1355 48.66 -17.76 68.37
N LYS S 1356 49.87 -17.39 68.81
CA LYS S 1356 50.22 -15.98 68.91
C LYS S 1356 50.50 -15.36 67.54
N TYR S 1357 50.79 -16.17 66.54
CA TYR S 1357 51.10 -15.66 65.21
C TYR S 1357 49.85 -15.08 64.56
N ARG S 1358 50.02 -13.96 63.88
CA ARG S 1358 48.93 -13.26 63.20
C ARG S 1358 49.30 -13.05 61.74
N TYR S 1359 48.36 -13.38 60.85
CA TYR S 1359 48.56 -13.24 59.41
C TYR S 1359 47.34 -12.56 58.79
N HIS S 1360 47.49 -12.14 57.53
CA HIS S 1360 46.45 -11.40 56.84
C HIS S 1360 45.84 -12.13 55.67
N ASP S 1361 46.47 -13.19 55.16
CA ASP S 1361 45.94 -13.92 54.02
C ASP S 1361 46.46 -15.36 54.06
N LEU S 1362 45.82 -16.21 53.26
CA LEU S 1362 46.21 -17.62 53.24
C LEU S 1362 47.64 -17.81 52.74
N ASP S 1363 48.04 -17.08 51.69
CA ASP S 1363 49.38 -17.23 51.16
C ASP S 1363 50.43 -16.74 52.16
N GLU S 1364 50.17 -15.61 52.82
CA GLU S 1364 51.11 -15.12 53.83
C GLU S 1364 51.27 -16.12 54.96
N LEU S 1365 50.15 -16.63 55.48
CA LEU S 1365 50.19 -17.64 56.53
C LEU S 1365 50.99 -18.85 56.07
N LEU S 1366 50.68 -19.37 54.87
CA LEU S 1366 51.37 -20.54 54.36
C LEU S 1366 52.87 -20.31 54.30
N VAL S 1367 53.30 -19.27 53.57
CA VAL S 1367 54.72 -19.06 53.34
C VAL S 1367 55.45 -18.81 54.66
N GLU S 1368 54.89 -17.98 55.53
CA GLU S 1368 55.62 -17.61 56.74
C GLU S 1368 55.63 -18.71 57.79
N TYR S 1369 54.57 -19.52 57.88
CA TYR S 1369 54.48 -20.53 58.94
C TYR S 1369 54.85 -21.93 58.45
N VAL S 1370 54.13 -22.42 57.44
CA VAL S 1370 54.25 -23.83 57.07
C VAL S 1370 55.61 -24.10 56.43
N ASN S 1371 56.08 -23.21 55.55
CA ASN S 1371 57.36 -23.42 54.90
C ASN S 1371 58.49 -23.39 55.91
N ASN S 1372 58.45 -22.45 56.86
CA ASN S 1372 59.48 -22.37 57.89
C ASN S 1372 59.45 -23.59 58.80
N VAL S 1373 58.26 -24.06 59.16
CA VAL S 1373 58.15 -25.26 59.99
C VAL S 1373 58.72 -26.46 59.24
N ALA S 1374 58.41 -26.59 57.95
CA ALA S 1374 58.94 -27.71 57.16
C ALA S 1374 60.46 -27.63 57.04
N ASN S 1375 61.00 -26.43 56.85
CA ASN S 1375 62.45 -26.27 56.79
C ASN S 1375 63.10 -26.67 58.10
N LYS S 1376 62.52 -26.25 59.23
CA LYS S 1376 63.08 -26.64 60.52
C LYS S 1376 62.97 -28.15 60.74
N VAL S 1377 61.88 -28.76 60.29
CA VAL S 1377 61.72 -30.20 60.41
C VAL S 1377 62.78 -30.92 59.57
N GLU S 1378 63.04 -30.43 58.36
CA GLU S 1378 64.10 -31.02 57.53
C GLU S 1378 65.45 -30.86 58.18
N LEU S 1379 65.72 -29.68 58.78
CA LEU S 1379 66.99 -29.47 59.46
C LEU S 1379 67.14 -30.42 60.64
N MET S 1380 66.06 -30.67 61.38
CA MET S 1380 66.09 -31.64 62.46
C MET S 1380 66.37 -33.04 61.92
N VAL S 1381 65.72 -33.41 60.81
CA VAL S 1381 65.93 -34.72 60.22
C VAL S 1381 67.35 -34.85 59.69
N SER S 1382 67.84 -33.82 58.99
CA SER S 1382 69.20 -33.85 58.46
C SER S 1382 70.26 -33.73 59.54
N HIS S 1383 69.86 -33.40 60.78
CA HIS S 1383 70.82 -33.29 61.87
C HIS S 1383 71.41 -34.67 62.20
N ASP S 1384 72.64 -34.66 62.70
CA ASP S 1384 73.36 -35.90 62.95
C ASP S 1384 72.75 -36.69 64.10
N LYS S 1385 72.04 -36.02 65.01
CA LYS S 1385 71.48 -36.65 66.20
C LYS S 1385 69.98 -36.95 66.05
N PHE S 1386 69.55 -37.36 64.86
CA PHE S 1386 68.14 -37.61 64.59
C PHE S 1386 67.91 -39.09 64.27
N MET S 1387 66.73 -39.58 64.65
CA MET S 1387 66.31 -40.95 64.35
C MET S 1387 64.80 -40.95 64.22
N SER S 1388 64.31 -41.30 63.03
CA SER S 1388 62.88 -41.26 62.75
C SER S 1388 62.15 -42.56 63.11
N ASP S 1389 62.86 -43.56 63.63
CA ASP S 1389 62.24 -44.85 63.92
C ASP S 1389 61.33 -44.74 65.14
N SER S 1390 60.77 -45.87 65.53
CA SER S 1390 59.80 -45.92 66.63
C SER S 1390 60.46 -45.55 67.96
N LEU S 1391 59.64 -45.09 68.89
CA LEU S 1391 60.16 -44.61 70.17
C LEU S 1391 60.83 -45.74 70.95
N ASP S 1392 60.25 -46.94 70.93
CA ASP S 1392 60.86 -48.06 71.64
C ASP S 1392 62.22 -48.42 71.04
N TYR S 1393 62.32 -48.42 69.72
CA TYR S 1393 63.60 -48.69 69.07
C TYR S 1393 64.62 -47.59 69.39
N VAL S 1394 64.16 -46.34 69.46
CA VAL S 1394 65.05 -45.25 69.84
C VAL S 1394 65.56 -45.45 71.26
N LYS S 1395 64.68 -45.85 72.18
CA LYS S 1395 65.09 -46.10 73.55
C LYS S 1395 66.10 -47.24 73.62
N GLU S 1396 65.85 -48.32 72.87
CA GLU S 1396 66.78 -49.44 72.88
C GLU S 1396 68.14 -49.04 72.32
N TRP S 1397 68.16 -48.29 71.22
CA TRP S 1397 69.42 -47.84 70.65
C TRP S 1397 70.17 -46.92 71.61
N LEU S 1398 69.45 -46.02 72.28
CA LEU S 1398 70.07 -45.13 73.25
C LEU S 1398 70.66 -45.91 74.42
N GLU S 1399 69.92 -46.91 74.91
CA GLU S 1399 70.43 -47.75 75.99
C GLU S 1399 71.71 -48.48 75.57
N ARG S 1400 71.70 -49.07 74.36
CA ARG S 1400 72.87 -49.79 73.89
C ARG S 1400 74.07 -48.85 73.72
N TYR S 1401 73.85 -47.67 73.13
CA TYR S 1401 74.94 -46.74 72.90
C TYR S 1401 75.50 -46.19 74.21
N SER S 1402 74.62 -45.93 75.18
CA SER S 1402 75.09 -45.48 76.48
C SER S 1402 75.88 -46.56 77.20
N LYS S 1403 75.42 -47.81 77.13
CA LYS S 1403 76.16 -48.91 77.74
C LYS S 1403 77.52 -49.09 77.10
N ALA S 1404 77.59 -48.97 75.76
CA ALA S 1404 78.88 -49.10 75.08
C ALA S 1404 79.79 -47.90 75.34
N ASN S 1405 79.22 -46.71 75.50
CA ASN S 1405 80.00 -45.49 75.64
C ASN S 1405 79.70 -44.78 76.95
N GLY S 1406 79.70 -45.53 78.06
CA GLY S 1406 79.34 -44.99 79.36
C GLY S 1406 80.16 -43.82 79.87
N ASN S 1407 81.16 -43.39 79.11
CA ASN S 1407 81.99 -42.26 79.50
C ASN S 1407 81.41 -40.91 79.09
N ARG S 1408 80.31 -40.90 78.33
CA ARG S 1408 79.70 -39.66 77.86
C ARG S 1408 78.20 -39.77 77.94
N SER S 1409 77.54 -38.62 77.94
CA SER S 1409 76.08 -38.54 77.90
C SER S 1409 75.62 -38.39 76.45
N HIS S 1410 74.62 -39.18 76.07
CA HIS S 1410 74.16 -39.25 74.69
C HIS S 1410 72.71 -38.78 74.61
N TYR S 1411 72.43 -37.93 73.62
CA TYR S 1411 71.09 -37.42 73.38
C TYR S 1411 70.74 -37.58 71.92
N ILE S 1412 69.49 -37.96 71.64
CA ILE S 1412 69.01 -38.15 70.28
C ILE S 1412 67.60 -37.58 70.17
N PHE S 1413 67.19 -37.28 68.93
CA PHE S 1413 65.89 -36.72 68.63
C PHE S 1413 65.08 -37.72 67.82
N THR S 1414 63.76 -37.69 68.03
CA THR S 1414 62.87 -38.60 67.31
C THR S 1414 61.52 -37.92 67.10
N PHE S 1415 60.73 -38.51 66.20
CA PHE S 1415 59.41 -37.98 65.90
C PHE S 1415 58.46 -38.16 67.09
N ASN S 1416 57.59 -37.18 67.28
CA ASN S 1416 56.51 -37.26 68.27
C ASN S 1416 55.27 -37.74 67.51
N ARG S 1417 55.10 -39.05 67.45
CA ARG S 1417 54.01 -39.62 66.67
C ARG S 1417 52.65 -39.32 67.28
N LYS S 1418 52.58 -39.19 68.60
CA LYS S 1418 51.31 -38.86 69.25
C LYS S 1418 50.94 -37.40 69.05
N ALA S 1419 51.92 -36.48 69.09
CA ALA S 1419 51.67 -35.05 68.93
C ALA S 1419 52.39 -34.57 67.67
N PRO S 1420 51.67 -34.45 66.55
CA PRO S 1420 52.31 -34.00 65.31
C PRO S 1420 52.87 -32.59 65.45
N GLY S 1421 53.97 -32.34 64.74
CA GLY S 1421 54.66 -31.07 64.83
C GLY S 1421 55.59 -30.92 66.00
N TRP S 1422 55.81 -31.98 66.76
CA TRP S 1422 56.69 -31.97 67.92
C TRP S 1422 57.81 -32.99 67.73
N PHE S 1423 58.76 -32.97 68.66
CA PHE S 1423 59.86 -33.93 68.67
C PHE S 1423 60.17 -34.32 70.10
N PHE S 1424 60.60 -35.57 70.27
CA PHE S 1424 61.01 -36.09 71.57
C PHE S 1424 62.53 -36.10 71.65
N LEU S 1425 63.07 -35.41 72.64
CA LEU S 1425 64.51 -35.36 72.90
C LEU S 1425 64.81 -36.34 74.04
N LEU S 1426 65.38 -37.49 73.70
CA LEU S 1426 65.75 -38.49 74.68
C LEU S 1426 67.24 -38.42 74.95
N PHE S 1427 67.61 -38.21 76.21
CA PHE S 1427 68.99 -38.13 76.62
C PHE S 1427 69.23 -39.04 77.82
N LYS S 1428 70.39 -39.70 77.85
CA LYS S 1428 70.76 -40.60 78.93
C LYS S 1428 72.15 -40.19 79.40
N LEU S 1429 72.24 -39.72 80.65
CA LEU S 1429 73.51 -39.22 81.17
C LEU S 1429 74.55 -40.33 81.26
N ASN S 1430 74.14 -41.51 81.73
CA ASN S 1430 75.05 -42.64 81.89
C ASN S 1430 74.20 -43.91 81.87
N PRO S 1431 74.82 -45.08 81.73
CA PRO S 1431 74.04 -46.33 81.75
C PRO S 1431 73.17 -46.48 82.99
N THR S 1432 73.60 -45.95 84.13
CA THR S 1432 72.81 -46.04 85.36
C THR S 1432 71.72 -44.97 85.45
N SER S 1433 71.75 -43.96 84.59
CA SER S 1433 70.74 -42.91 84.60
C SER S 1433 69.57 -43.26 83.71
N GLU S 1434 68.36 -42.96 84.18
CA GLU S 1434 67.16 -43.25 83.41
C GLU S 1434 67.08 -42.34 82.18
N ILE S 1435 66.48 -42.86 81.12
CA ILE S 1435 66.28 -42.09 79.89
C ILE S 1435 65.20 -41.04 80.14
N LYS S 1436 65.55 -39.77 79.97
CA LYS S 1436 64.63 -38.66 80.17
C LYS S 1436 64.25 -38.08 78.81
N ILE S 1437 62.95 -37.88 78.60
CA ILE S 1437 62.42 -37.42 77.31
C ILE S 1437 61.88 -36.01 77.48
N TRP S 1438 62.31 -35.11 76.60
CA TRP S 1438 61.87 -33.73 76.61
C TRP S 1438 61.13 -33.40 75.32
N ASN S 1439 60.20 -32.45 75.42
CA ASN S 1439 59.31 -32.11 74.31
C ASN S 1439 59.87 -30.89 73.57
N VAL S 1440 59.96 -30.99 72.25
CA VAL S 1440 60.45 -29.92 71.39
C VAL S 1440 59.40 -29.65 70.32
N LYS S 1441 59.02 -28.39 70.17
CA LYS S 1441 58.00 -27.98 69.21
C LYS S 1441 58.66 -27.33 67.99
N ALA S 1442 58.21 -27.71 66.80
CA ALA S 1442 58.74 -27.18 65.55
C ALA S 1442 58.01 -25.87 65.24
N LEU S 1443 58.67 -24.76 65.53
CA LEU S 1443 58.14 -23.43 65.30
C LEU S 1443 58.77 -22.81 64.06
N PRO S 1444 58.13 -21.82 63.44
CA PRO S 1444 58.73 -21.16 62.27
C PRO S 1444 60.08 -20.53 62.56
N ASP S 1445 60.27 -19.97 63.75
CA ASP S 1445 61.53 -19.34 64.10
C ASP S 1445 62.56 -20.31 64.68
N GLY S 1446 62.19 -21.57 64.86
CA GLY S 1446 63.13 -22.55 65.37
C GLY S 1446 62.49 -23.68 66.15
N TYR S 1447 63.11 -24.07 67.26
CA TYR S 1447 62.67 -25.19 68.08
C TYR S 1447 62.47 -24.71 69.50
N LEU S 1448 61.32 -25.03 70.08
CA LEU S 1448 60.99 -24.60 71.44
C LEU S 1448 61.25 -25.75 72.40
N LEU S 1449 62.28 -25.60 73.23
CA LEU S 1449 62.61 -26.58 74.26
C LEU S 1449 62.80 -25.86 75.57
N ALA S 1450 62.10 -26.32 76.62
CA ALA S 1450 62.16 -25.70 77.95
C ALA S 1450 61.82 -24.21 77.88
N ASN S 1451 60.79 -23.89 77.10
CA ASN S 1451 60.31 -22.52 76.89
C ASN S 1451 61.40 -21.62 76.30
N ASN S 1452 62.34 -22.19 75.56
CA ASN S 1452 63.41 -21.43 74.92
C ASN S 1452 63.42 -21.72 73.43
N VAL S 1453 63.57 -20.68 72.62
CA VAL S 1453 63.54 -20.79 71.18
C VAL S 1453 64.97 -20.83 70.66
N TYR S 1454 65.31 -21.90 69.94
CA TYR S 1454 66.64 -22.07 69.39
C TYR S 1454 66.57 -22.00 67.87
N PRO S 1455 67.30 -21.08 67.23
CA PRO S 1455 67.15 -20.89 65.79
C PRO S 1455 67.50 -22.11 64.95
N ASP S 1456 68.48 -22.92 65.38
CA ASP S 1456 68.95 -24.04 64.58
C ASP S 1456 69.16 -25.25 65.49
N THR S 1457 69.38 -26.40 64.85
CA THR S 1457 69.57 -27.64 65.58
C THR S 1457 70.83 -27.61 66.43
N ASN S 1458 71.92 -27.05 65.89
CA ASN S 1458 73.15 -26.94 66.67
C ASN S 1458 72.98 -26.01 67.86
N SER S 1459 72.27 -24.90 67.66
CA SER S 1459 71.96 -24.02 68.79
C SER S 1459 71.09 -24.73 69.82
N LEU S 1460 70.15 -25.54 69.35
CA LEU S 1460 69.32 -26.32 70.27
C LEU S 1460 70.16 -27.30 71.07
N CYS S 1461 71.12 -27.96 70.43
CA CYS S 1461 72.00 -28.90 71.14
C CYS S 1461 72.86 -28.17 72.16
N ASN S 1462 73.41 -27.02 71.79
CA ASN S 1462 74.21 -26.25 72.74
C ASN S 1462 73.37 -25.78 73.92
N GLY S 1463 72.14 -25.34 73.66
CA GLY S 1463 71.26 -24.93 74.74
C GLY S 1463 70.90 -26.09 75.65
N PHE S 1464 70.66 -27.27 75.07
CA PHE S 1464 70.36 -28.45 75.88
C PHE S 1464 71.55 -28.81 76.77
N LYS S 1465 72.76 -28.77 76.21
CA LYS S 1465 73.95 -29.06 77.02
C LYS S 1465 74.13 -28.03 78.13
N THR S 1466 73.90 -26.75 77.82
CA THR S 1466 74.03 -25.71 78.84
C THR S 1466 72.97 -25.88 79.93
N LEU S 1467 71.75 -26.24 79.54
CA LEU S 1467 70.69 -26.49 80.53
C LEU S 1467 71.06 -27.67 81.43
N MET S 1468 71.60 -28.74 80.84
CA MET S 1468 72.01 -29.88 81.64
C MET S 1468 73.13 -29.51 82.60
N SER S 1469 74.10 -28.71 82.14
CA SER S 1469 75.19 -28.28 83.00
C SER S 1469 74.69 -27.40 84.14
N SER S 1470 73.78 -26.47 83.85
CA SER S 1470 73.25 -25.59 84.88
C SER S 1470 72.41 -26.35 85.90
N ARG S 1471 71.59 -27.30 85.43
CA ARG S 1471 70.75 -28.06 86.34
C ARG S 1471 71.57 -29.07 87.14
N ARG S 1472 72.74 -29.45 86.64
CA ARG S 1472 73.61 -30.37 87.34
C ARG S 1472 74.31 -29.68 88.52
N LEU T 155 -36.84 -43.15 -22.62
CA LEU T 155 -36.35 -41.96 -21.95
C LEU T 155 -37.40 -41.39 -21.01
N GLU T 156 -38.40 -40.70 -21.57
CA GLU T 156 -39.48 -40.18 -20.74
C GLU T 156 -40.31 -41.31 -20.15
N GLN T 157 -40.47 -42.41 -20.89
CA GLN T 157 -41.21 -43.55 -20.37
C GLN T 157 -40.45 -44.22 -19.23
N MET T 158 -39.12 -44.27 -19.31
CA MET T 158 -38.33 -44.79 -18.20
C MET T 158 -38.51 -43.93 -16.96
N GLN T 159 -38.52 -42.60 -17.13
CA GLN T 159 -38.77 -41.70 -16.00
C GLN T 159 -40.16 -41.91 -15.43
N ASP T 160 -41.16 -42.13 -16.29
CA ASP T 160 -42.51 -42.41 -15.81
C ASP T 160 -42.56 -43.70 -15.01
N GLU T 161 -41.85 -44.74 -15.48
CA GLU T 161 -41.81 -46.00 -14.75
C GLU T 161 -41.15 -45.82 -13.38
N LEU T 162 -40.03 -45.09 -13.35
CA LEU T 162 -39.35 -44.85 -12.08
C LEU T 162 -40.22 -44.05 -11.13
N ILE T 163 -40.95 -43.07 -11.65
CA ILE T 163 -41.82 -42.25 -10.81
C ILE T 163 -42.99 -43.08 -10.29
N GLN T 164 -43.51 -43.99 -11.11
CA GLN T 164 -44.56 -44.89 -10.64
C GLN T 164 -44.04 -45.81 -9.53
N GLN T 165 -42.81 -46.31 -9.68
CA GLN T 165 -42.22 -47.11 -8.62
C GLN T 165 -42.06 -46.29 -7.35
N LEU T 166 -41.64 -45.04 -7.48
CA LEU T 166 -41.56 -44.14 -6.32
C LEU T 166 -42.93 -43.94 -5.69
N LYS T 167 -43.97 -43.81 -6.52
CA LYS T 167 -45.33 -43.66 -6.01
C LYS T 167 -45.74 -44.87 -5.18
N LEU T 168 -45.47 -46.07 -5.71
CA LEU T 168 -45.79 -47.29 -4.98
C LEU T 168 -45.01 -47.37 -3.67
N GLN T 169 -43.72 -47.03 -3.70
CA GLN T 169 -42.93 -47.03 -2.49
C GLN T 169 -43.46 -46.03 -1.46
N MET T 170 -43.86 -44.84 -1.91
CA MET T 170 -44.39 -43.84 -1.00
C MET T 170 -45.70 -44.29 -0.37
N GLU T 171 -46.59 -44.87 -1.17
CA GLU T 171 -47.85 -45.37 -0.62
C GLU T 171 -47.60 -46.50 0.39
N GLU T 172 -46.69 -47.42 0.05
CA GLU T 172 -46.37 -48.50 0.97
C GLU T 172 -45.77 -47.99 2.27
N SER T 173 -44.88 -47.00 2.17
CA SER T 173 -44.26 -46.42 3.36
C SER T 173 -45.30 -45.72 4.22
N ALA T 174 -46.22 -45.00 3.59
CA ALA T 174 -47.29 -44.34 4.35
C ALA T 174 -48.16 -45.36 5.07
N ILE T 175 -48.50 -46.45 4.39
CA ILE T 175 -49.31 -47.49 5.02
C ILE T 175 -48.56 -48.13 6.19
N ARG T 176 -47.27 -48.41 5.99
CA ARG T 176 -46.46 -49.01 7.05
C ARG T 176 -46.35 -48.09 8.25
N ASP T 177 -46.14 -46.79 8.02
CA ASP T 177 -46.02 -45.84 9.12
C ASP T 177 -47.35 -45.69 9.85
N ALA T 178 -48.47 -45.67 9.11
CA ALA T 178 -49.77 -45.63 9.76
C ALA T 178 -50.00 -46.85 10.64
N ASN T 179 -49.65 -48.03 10.13
CA ASN T 179 -49.79 -49.24 10.93
C ASN T 179 -48.89 -49.19 12.17
N ASN T 180 -47.65 -48.73 12.00
CA ASN T 180 -46.72 -48.67 13.12
C ASN T 180 -47.24 -47.72 14.20
N ILE T 181 -47.79 -46.58 13.79
CA ILE T 181 -48.40 -45.68 14.76
C ILE T 181 -49.60 -46.36 15.43
N GLU T 182 -50.40 -47.08 14.65
CA GLU T 182 -51.49 -47.86 15.24
C GLU T 182 -50.97 -49.00 16.09
N GLN T 183 -49.74 -49.46 15.86
CA GLN T 183 -49.12 -50.49 16.68
C GLN T 183 -48.26 -49.93 17.80
N GLY T 184 -48.33 -48.63 18.06
CA GLY T 184 -47.55 -48.03 19.13
C GLY T 184 -46.10 -47.78 18.79
N LYS T 185 -45.78 -47.57 17.52
CA LYS T 185 -44.42 -47.32 17.10
C LYS T 185 -44.34 -46.04 16.29
N PRO T 186 -43.24 -45.30 16.36
CA PRO T 186 -43.13 -44.03 15.63
C PRO T 186 -43.07 -44.26 14.12
N ALA T 187 -43.46 -43.23 13.38
CA ALA T 187 -43.41 -43.25 11.92
C ALA T 187 -41.98 -42.98 11.47
N ILE T 188 -41.34 -43.98 10.89
CA ILE T 188 -39.92 -43.90 10.55
C ILE T 188 -39.74 -44.10 9.05
N PHE T 189 -40.66 -44.86 8.44
CA PHE T 189 -40.52 -45.20 7.02
C PHE T 189 -40.60 -43.95 6.14
N LYS T 190 -41.48 -43.02 6.48
CA LYS T 190 -41.54 -41.76 5.73
C LYS T 190 -40.22 -41.00 5.81
N LEU T 191 -39.62 -40.96 7.01
CA LEU T 191 -38.33 -40.30 7.15
C LEU T 191 -37.26 -41.03 6.35
N LYS T 192 -37.31 -42.36 6.32
CA LYS T 192 -36.34 -43.13 5.54
C LYS T 192 -36.46 -42.82 4.06
N LEU T 193 -37.69 -42.72 3.55
CA LEU T 193 -37.89 -42.46 2.13
C LEU T 193 -37.73 -40.99 1.77
N LEU T 194 -37.75 -40.10 2.75
CA LEU T 194 -37.65 -38.67 2.47
C LEU T 194 -36.45 -38.26 1.62
N PRO T 195 -35.22 -38.75 1.85
CA PRO T 195 -34.10 -38.29 1.01
C PRO T 195 -34.28 -38.59 -0.47
N LYS T 196 -34.73 -39.79 -0.82
CA LYS T 196 -34.90 -40.13 -2.24
C LYS T 196 -36.01 -39.29 -2.87
N VAL T 197 -37.11 -39.10 -2.15
CA VAL T 197 -38.21 -38.27 -2.66
C VAL T 197 -37.74 -36.84 -2.86
N LYS T 198 -36.95 -36.31 -1.92
CA LYS T 198 -36.40 -34.97 -2.05
C LYS T 198 -35.50 -34.87 -3.27
N ASP T 199 -34.62 -35.85 -3.46
CA ASP T 199 -33.72 -35.82 -4.61
C ASP T 199 -34.48 -35.88 -5.93
N ILE T 200 -35.52 -36.72 -5.98
CA ILE T 200 -36.33 -36.81 -7.20
C ILE T 200 -37.06 -35.51 -7.46
N LEU T 201 -37.67 -34.93 -6.42
CA LEU T 201 -38.48 -33.73 -6.60
C LEU T 201 -37.62 -32.53 -6.97
N LEU T 202 -36.42 -32.43 -6.41
CA LEU T 202 -35.54 -31.31 -6.72
C LEU T 202 -35.10 -31.29 -8.18
N ARG T 203 -35.17 -32.43 -8.87
CA ARG T 203 -34.79 -32.49 -10.27
C ARG T 203 -35.90 -31.88 -11.11
N ALA T 204 -35.61 -30.77 -11.79
CA ALA T 204 -36.63 -30.00 -12.47
C ALA T 204 -37.16 -30.71 -13.70
N ASN T 205 -36.28 -31.35 -14.49
CA ASN T 205 -36.70 -31.93 -15.75
C ASN T 205 -37.66 -33.09 -15.57
N LEU T 206 -37.76 -33.65 -14.36
CA LEU T 206 -38.69 -34.74 -14.09
C LEU T 206 -40.07 -34.25 -13.70
N ALA T 207 -40.28 -32.93 -13.65
CA ALA T 207 -41.58 -32.40 -13.23
C ALA T 207 -42.69 -32.81 -14.20
N ASP T 208 -42.38 -32.80 -15.50
CA ASP T 208 -43.37 -33.19 -16.50
C ASP T 208 -43.80 -34.64 -16.31
N SER T 209 -42.84 -35.52 -16.05
CA SER T 209 -43.17 -36.93 -15.80
C SER T 209 -43.94 -37.10 -14.50
N ILE T 210 -43.58 -36.31 -13.48
CA ILE T 210 -44.32 -36.34 -12.22
C ILE T 210 -45.78 -35.98 -12.45
N LEU T 211 -46.02 -34.91 -13.22
CA LEU T 211 -47.38 -34.51 -13.53
C LEU T 211 -48.08 -35.52 -14.43
N ASP T 212 -47.33 -36.22 -15.27
CA ASP T 212 -47.92 -37.30 -16.07
C ASP T 212 -48.40 -38.44 -15.17
N ASN T 213 -47.62 -38.78 -14.14
CA ASN T 213 -47.95 -39.88 -13.26
C ASN T 213 -48.79 -39.47 -12.06
N ASN T 214 -49.08 -38.17 -11.91
CA ASN T 214 -49.93 -37.66 -10.84
C ASN T 214 -49.39 -38.08 -9.46
N LEU T 215 -48.09 -37.85 -9.25
CA LEU T 215 -47.48 -38.14 -7.96
C LEU T 215 -48.03 -37.25 -6.86
N LEU T 216 -48.68 -36.14 -7.23
CA LEU T 216 -49.26 -35.24 -6.25
C LEU T 216 -50.34 -35.95 -5.42
N ALA T 217 -50.94 -37.02 -5.96
CA ALA T 217 -51.88 -37.81 -5.16
C ALA T 217 -51.19 -38.42 -3.95
N SER T 218 -50.01 -39.03 -4.16
CA SER T 218 -49.26 -39.57 -3.05
C SER T 218 -48.70 -38.46 -2.16
N VAL T 219 -48.36 -37.31 -2.75
CA VAL T 219 -47.92 -36.16 -1.94
C VAL T 219 -49.02 -35.76 -0.97
N ARG T 220 -50.25 -35.66 -1.47
CA ARG T 220 -51.39 -35.34 -0.61
C ARG T 220 -51.65 -36.43 0.41
N LEU T 221 -51.49 -37.70 0.01
CA LEU T 221 -51.65 -38.80 0.96
C LEU T 221 -50.67 -38.68 2.12
N TRP T 222 -49.41 -38.36 1.82
CA TRP T 222 -48.45 -38.11 2.89
C TRP T 222 -48.84 -36.89 3.73
N LEU T 223 -49.31 -35.82 3.07
CA LEU T 223 -49.70 -34.61 3.79
C LEU T 223 -50.98 -34.79 4.58
N GLU T 224 -51.80 -35.79 4.22
CA GLU T 224 -53.05 -35.99 4.94
C GLU T 224 -52.75 -36.43 6.37
N PRO T 225 -53.27 -35.73 7.38
CA PRO T 225 -53.03 -36.14 8.77
C PRO T 225 -53.60 -37.52 9.05
N LEU T 226 -52.89 -38.29 9.85
CA LEU T 226 -53.31 -39.64 10.19
C LEU T 226 -54.52 -39.60 11.13
N PRO T 227 -55.28 -40.69 11.20
CA PRO T 227 -56.51 -40.67 12.00
C PRO T 227 -56.30 -40.38 13.48
N ASP T 228 -55.08 -40.52 14.00
CA ASP T 228 -54.80 -40.21 15.40
C ASP T 228 -54.71 -38.71 15.66
N ALA T 229 -55.09 -37.88 14.68
CA ALA T 229 -54.96 -36.42 14.79
C ALA T 229 -53.54 -35.98 15.07
N SER T 230 -52.57 -36.64 14.43
CA SER T 230 -51.16 -36.30 14.56
C SER T 230 -50.65 -35.81 13.21
N LEU T 231 -50.03 -34.64 13.20
CA LEU T 231 -49.52 -34.07 11.97
C LEU T 231 -48.24 -34.77 11.53
N PRO T 232 -47.94 -34.75 10.24
CA PRO T 232 -46.70 -35.37 9.76
C PRO T 232 -45.47 -34.62 10.27
N ALA T 233 -44.32 -35.26 10.09
CA ALA T 233 -43.07 -34.69 10.56
C ALA T 233 -42.78 -33.39 9.84
N TYR T 234 -42.20 -32.43 10.58
CA TYR T 234 -41.96 -31.10 10.02
C TYR T 234 -41.05 -31.15 8.80
N GLN T 235 -40.10 -32.08 8.76
CA GLN T 235 -39.23 -32.22 7.60
C GLN T 235 -40.04 -32.58 6.36
N ILE T 236 -40.99 -33.51 6.51
CA ILE T 236 -41.82 -33.92 5.37
C ILE T 236 -42.64 -32.75 4.87
N GLN T 237 -43.27 -32.01 5.79
CA GLN T 237 -44.08 -30.86 5.39
C GLN T 237 -43.24 -29.80 4.68
N LYS T 238 -42.06 -29.50 5.23
CA LYS T 238 -41.20 -28.50 4.62
C LYS T 238 -40.74 -28.93 3.23
N VAL T 239 -40.30 -30.18 3.09
CA VAL T 239 -39.83 -30.67 1.80
C VAL T 239 -40.95 -30.67 0.77
N LEU T 240 -42.15 -31.11 1.17
CA LEU T 240 -43.26 -31.14 0.24
C LEU T 240 -43.70 -29.74 -0.16
N PHE T 241 -43.69 -28.79 0.78
CA PHE T 241 -44.02 -27.41 0.44
C PHE T 241 -43.00 -26.84 -0.54
N ASP T 242 -41.71 -27.11 -0.30
CA ASP T 242 -40.68 -26.61 -1.21
C ASP T 242 -40.85 -27.22 -2.60
N ALA T 243 -41.15 -28.52 -2.67
CA ALA T 243 -41.37 -29.17 -3.96
C ALA T 243 -42.58 -28.60 -4.67
N ILE T 244 -43.67 -28.33 -3.93
CA ILE T 244 -44.86 -27.74 -4.51
C ILE T 244 -44.55 -26.36 -5.09
N LYS T 245 -43.78 -25.57 -4.35
CA LYS T 245 -43.35 -24.28 -4.88
C LYS T 245 -42.50 -24.45 -6.13
N SER T 246 -41.61 -25.45 -6.14
CA SER T 246 -40.65 -25.63 -7.22
C SER T 246 -41.28 -26.18 -8.50
N LEU T 247 -42.53 -26.62 -8.46
CA LEU T 247 -43.11 -27.18 -9.67
C LEU T 247 -44.26 -26.32 -10.19
N PRO T 248 -44.45 -26.24 -11.51
CA PRO T 248 -45.57 -25.46 -12.09
C PRO T 248 -46.90 -26.20 -12.03
N ILE T 249 -47.56 -26.09 -10.87
CA ILE T 249 -48.84 -26.76 -10.66
C ILE T 249 -49.94 -25.98 -11.36
N LYS T 250 -50.74 -26.68 -12.15
CA LYS T 250 -51.86 -26.09 -12.87
C LYS T 250 -53.18 -26.56 -12.27
N THR T 251 -54.27 -26.02 -12.82
CA THR T 251 -55.60 -26.39 -12.35
C THR T 251 -55.91 -27.85 -12.63
N SER T 252 -55.46 -28.35 -13.78
CA SER T 252 -55.68 -29.76 -14.11
C SER T 252 -55.00 -30.68 -13.12
N HIS T 253 -53.76 -30.35 -12.74
CA HIS T 253 -53.04 -31.17 -11.77
C HIS T 253 -53.73 -31.15 -10.41
N LEU T 254 -54.21 -29.98 -9.99
CA LEU T 254 -54.95 -29.90 -8.73
C LEU T 254 -56.24 -30.72 -8.79
N ARG T 255 -56.94 -30.68 -9.93
CA ARG T 255 -58.13 -31.49 -10.10
C ARG T 255 -57.80 -32.97 -10.01
N GLU T 256 -56.71 -33.39 -10.63
CA GLU T 256 -56.31 -34.79 -10.56
C GLU T 256 -55.96 -35.20 -9.12
N SER T 257 -55.26 -34.33 -8.40
CA SER T 257 -54.78 -34.68 -7.07
C SER T 257 -55.72 -34.26 -5.96
N GLY T 258 -56.43 -33.15 -6.10
CA GLY T 258 -57.26 -32.64 -5.02
C GLY T 258 -56.46 -32.17 -3.82
N LEU T 259 -55.31 -31.55 -4.06
CA LEU T 259 -54.46 -31.07 -2.97
C LEU T 259 -55.00 -29.80 -2.33
N GLY T 260 -55.96 -29.13 -2.97
CA GLY T 260 -56.49 -27.89 -2.42
C GLY T 260 -57.15 -28.09 -1.07
N LYS T 261 -57.79 -29.25 -0.87
CA LYS T 261 -58.43 -29.52 0.42
C LYS T 261 -57.40 -29.57 1.54
N VAL T 262 -56.30 -30.29 1.32
CA VAL T 262 -55.25 -30.38 2.33
C VAL T 262 -54.57 -29.02 2.52
N MET T 263 -54.42 -28.26 1.44
CA MET T 263 -53.83 -26.93 1.56
C MET T 263 -54.71 -26.02 2.42
N VAL T 264 -56.02 -26.08 2.21
CA VAL T 264 -56.94 -25.28 3.03
C VAL T 264 -56.91 -25.74 4.47
N PHE T 265 -56.83 -27.05 4.70
CA PHE T 265 -56.71 -27.56 6.07
C PHE T 265 -55.44 -27.04 6.75
N TYR T 266 -54.32 -27.06 6.02
CA TYR T 266 -53.08 -26.53 6.56
C TYR T 266 -53.20 -25.04 6.87
N GLN T 267 -53.85 -24.30 5.97
CA GLN T 267 -54.04 -22.86 6.18
C GLN T 267 -54.87 -22.58 7.42
N LYS T 268 -55.95 -23.35 7.61
CA LYS T 268 -56.84 -23.11 8.74
C LYS T 268 -56.27 -23.61 10.05
N SER T 269 -55.43 -24.65 10.01
CA SER T 269 -54.92 -25.24 11.24
C SER T 269 -53.95 -24.29 11.95
N LYS T 270 -53.80 -24.50 13.26
CA LYS T 270 -52.95 -23.65 14.07
C LYS T 270 -51.68 -24.34 14.58
N ARG T 271 -51.69 -25.68 14.69
CA ARG T 271 -50.46 -26.40 15.00
C ARG T 271 -49.45 -26.29 13.88
N VAL T 272 -49.90 -25.96 12.65
CA VAL T 272 -48.99 -25.77 11.53
C VAL T 272 -48.11 -24.55 11.79
N GLU T 273 -46.88 -24.62 11.30
CA GLU T 273 -45.94 -23.53 11.49
C GLU T 273 -46.47 -22.27 10.79
N PRO T 274 -46.34 -21.09 11.40
CA PRO T 274 -46.86 -19.87 10.76
C PRO T 274 -46.24 -19.59 9.41
N ASN T 275 -44.96 -19.93 9.21
CA ASN T 275 -44.36 -19.78 7.90
C ASN T 275 -45.05 -20.68 6.87
N LEU T 276 -45.33 -21.92 7.27
CA LEU T 276 -46.08 -22.81 6.40
C LEU T 276 -47.49 -22.29 6.16
N LYS T 277 -48.08 -21.63 7.17
CA LYS T 277 -49.38 -21.02 7.00
C LYS T 277 -49.35 -19.93 5.93
N ARG T 278 -48.35 -19.05 5.98
CA ARG T 278 -48.22 -18.01 4.98
C ARG T 278 -47.97 -18.59 3.59
N THR T 279 -47.12 -19.61 3.50
CA THR T 279 -46.85 -20.23 2.21
C THR T 279 -48.10 -20.89 1.65
N ALA T 280 -48.91 -21.51 2.52
CA ALA T 280 -50.16 -22.12 2.07
C ALA T 280 -51.13 -21.06 1.56
N GLU T 281 -51.23 -19.94 2.26
CA GLU T 281 -52.08 -18.84 1.78
C GLU T 281 -51.61 -18.36 0.42
N LYS T 282 -50.29 -18.17 0.27
CA LYS T 282 -49.74 -17.70 -1.00
C LYS T 282 -50.03 -18.68 -2.13
N LEU T 283 -49.83 -19.98 -1.88
CA LEU T 283 -50.05 -20.98 -2.91
C LEU T 283 -51.53 -21.10 -3.28
N ILE T 284 -52.42 -21.01 -2.28
CA ILE T 284 -53.85 -21.05 -2.57
C ILE T 284 -54.26 -19.86 -3.40
N SER T 285 -53.75 -18.67 -3.08
CA SER T 285 -54.06 -17.49 -3.89
C SER T 285 -53.53 -17.64 -5.31
N ASP T 286 -52.30 -18.15 -5.46
CA ASP T 286 -51.74 -18.35 -6.78
C ASP T 286 -52.56 -19.34 -7.59
N TRP T 287 -53.08 -20.38 -6.94
CA TRP T 287 -53.87 -21.39 -7.66
C TRP T 287 -55.27 -20.88 -7.98
N THR T 288 -55.81 -19.98 -7.15
CA THR T 288 -57.09 -19.36 -7.50
C THR T 288 -56.93 -18.29 -8.58
N ARG T 289 -55.73 -17.77 -8.77
CA ARG T 289 -55.50 -16.74 -9.79
C ARG T 289 -55.97 -17.15 -11.19
N PRO T 290 -55.59 -18.32 -11.73
CA PRO T 290 -56.00 -18.61 -13.11
C PRO T 290 -57.50 -18.83 -13.28
N ILE T 291 -58.19 -19.31 -12.24
CA ILE T 291 -59.61 -19.59 -12.37
C ILE T 291 -60.40 -18.30 -12.63
N MET T 292 -60.07 -17.24 -11.90
CA MET T 292 -60.78 -15.98 -12.02
C MET T 292 -60.19 -15.05 -13.08
N GLY T 293 -59.17 -15.49 -13.81
CA GLY T 293 -58.57 -14.67 -14.84
C GLY T 293 -57.09 -14.94 -15.05
N MET U 41 39.55 82.41 -9.64
CA MET U 41 38.89 82.07 -8.39
C MET U 41 38.63 83.31 -7.55
N SER U 42 38.01 83.11 -6.38
CA SER U 42 37.77 84.22 -5.47
C SER U 42 39.07 84.67 -4.81
N LEU U 43 39.29 85.98 -4.80
CA LEU U 43 40.54 86.51 -4.25
C LEU U 43 40.60 86.29 -2.75
N LEU U 44 41.76 85.82 -2.28
CA LEU U 44 41.99 85.58 -0.86
C LEU U 44 42.61 86.83 -0.26
N ASP U 45 41.78 87.63 0.41
CA ASP U 45 42.22 88.86 1.05
C ASP U 45 41.29 89.15 2.22
N GLN U 46 41.52 90.30 2.86
CA GLN U 46 40.61 90.76 3.90
C GLN U 46 39.22 91.04 3.33
N ASP U 47 39.16 91.59 2.10
CA ASP U 47 37.87 91.89 1.49
C ASP U 47 37.04 90.64 1.26
N TYR U 48 37.69 89.48 1.11
CA TYR U 48 36.92 88.24 0.93
C TYR U 48 36.03 87.96 2.13
N TYR U 49 36.62 87.97 3.33
CA TYR U 49 35.84 87.74 4.53
C TYR U 49 35.05 88.97 4.95
N LEU U 50 35.39 90.15 4.44
CA LEU U 50 34.50 91.30 4.58
C LEU U 50 33.19 91.06 3.84
N SER U 51 33.27 90.70 2.56
CA SER U 51 32.08 90.42 1.78
C SER U 51 31.36 89.18 2.28
N ALA U 52 32.09 88.22 2.86
CA ALA U 52 31.44 87.07 3.47
C ALA U 52 30.53 87.49 4.61
N LEU U 53 30.99 88.42 5.45
CA LEU U 53 30.19 88.96 6.53
C LEU U 53 29.17 89.95 5.99
N PRO U 54 28.05 90.14 6.70
CA PRO U 54 27.08 91.15 6.29
C PRO U 54 27.65 92.55 6.44
N GLU U 55 27.06 93.49 5.68
CA GLU U 55 27.55 94.86 5.66
C GLU U 55 27.47 95.53 7.03
N ASP U 56 26.66 94.99 7.94
CA ASP U 56 26.63 95.52 9.31
C ASP U 56 27.97 95.33 9.98
N LYS U 57 28.61 94.18 9.76
CA LYS U 57 29.92 93.90 10.36
C LYS U 57 31.08 94.41 9.52
N ARG U 58 30.82 94.92 8.32
CA ARG U 58 31.89 95.41 7.46
C ARG U 58 32.30 96.83 7.82
N ALA U 59 31.36 97.78 7.73
CA ALA U 59 31.67 99.19 7.88
C ALA U 59 31.59 99.66 9.33
N GLU U 60 30.55 99.24 10.06
CA GLU U 60 30.35 99.75 11.41
C GLU U 60 31.50 99.34 12.34
N LEU U 61 31.98 98.10 12.22
CA LEU U 61 33.01 97.62 13.13
C LEU U 61 34.34 98.33 12.92
N VAL U 62 34.54 98.99 11.80
CA VAL U 62 35.81 99.64 11.49
C VAL U 62 35.66 101.16 11.40
N THR U 63 34.56 101.71 11.93
CA THR U 63 34.35 103.15 11.87
C THR U 63 35.44 103.88 12.64
N LEU U 64 36.00 104.92 12.03
CA LEU U 64 36.97 105.79 12.67
C LEU U 64 36.33 107.07 13.19
N GLN U 65 35.01 107.19 13.08
CA GLN U 65 34.27 108.35 13.59
C GLN U 65 33.31 107.88 14.67
N LEU U 66 33.33 108.57 15.80
CA LEU U 66 32.50 108.23 16.96
C LEU U 66 31.43 109.30 17.14
N THR U 67 30.17 108.87 17.25
CA THR U 67 29.04 109.76 17.44
C THR U 67 28.70 109.81 18.92
N ILE U 68 28.69 111.03 19.49
CA ILE U 68 28.49 111.23 20.91
C ILE U 68 27.31 112.17 21.12
N PRO U 69 26.19 111.70 21.67
CA PRO U 69 25.09 112.62 21.98
C PRO U 69 25.48 113.63 23.04
N LEU U 70 24.90 114.81 22.94
CA LEU U 70 25.17 115.89 23.90
C LEU U 70 24.12 115.90 25.00
N LYS U 71 24.50 116.49 26.14
CA LYS U 71 23.57 116.60 27.26
C LYS U 71 22.43 117.57 26.98
N SER U 72 22.58 118.45 25.98
CA SER U 72 21.53 119.40 25.65
C SER U 72 20.29 118.74 25.07
N GLY U 73 20.39 117.48 24.65
CA GLY U 73 19.24 116.78 24.10
C GLY U 73 19.55 116.00 22.84
N ASP U 74 18.86 116.32 21.76
CA ASP U 74 19.05 115.62 20.49
C ASP U 74 20.38 115.96 19.82
N GLU U 75 21.10 116.97 20.29
CA GLU U 75 22.37 117.35 19.68
C GLU U 75 23.40 116.25 19.87
N VAL U 76 24.16 115.97 18.81
CA VAL U 76 25.23 114.99 18.84
C VAL U 76 26.47 115.60 18.21
N VAL U 77 27.62 115.00 18.53
CA VAL U 77 28.90 115.43 17.97
C VAL U 77 29.61 114.20 17.42
N THR U 78 30.16 114.33 16.22
CA THR U 78 30.91 113.27 15.56
C THR U 78 32.37 113.70 15.48
N ILE U 79 33.26 112.89 16.05
CA ILE U 79 34.69 113.15 16.06
C ILE U 79 35.38 112.00 15.34
N ASP U 80 36.13 112.33 14.30
CA ASP U 80 36.86 111.33 13.51
C ASP U 80 38.19 111.03 14.20
N PHE U 81 38.48 109.74 14.37
CA PHE U 81 39.74 109.34 14.98
C PHE U 81 40.92 109.44 14.02
N ASN U 82 40.67 109.70 12.73
CA ASN U 82 41.78 109.98 11.81
C ASN U 82 42.51 111.24 12.22
N GLU U 83 41.79 112.27 12.64
CA GLU U 83 42.41 113.48 13.14
C GLU U 83 43.04 113.24 14.51
N ASP U 84 43.89 114.16 14.92
CA ASP U 84 44.56 114.07 16.22
C ASP U 84 43.57 114.35 17.34
N VAL U 85 42.97 113.30 17.89
CA VAL U 85 41.98 113.44 18.96
C VAL U 85 42.71 113.59 20.29
N ASP U 86 42.43 114.68 21.00
CA ASP U 86 43.02 114.89 22.31
C ASP U 86 42.26 114.07 23.35
N VAL U 87 43.00 113.40 24.22
CA VAL U 87 42.37 112.55 25.25
C VAL U 87 41.64 113.42 26.27
N SER U 88 42.31 114.48 26.75
CA SER U 88 41.75 115.28 27.83
C SER U 88 40.48 116.01 27.39
N GLN U 89 40.54 116.66 26.22
CA GLN U 89 39.37 117.39 25.73
C GLN U 89 38.20 116.47 25.45
N LEU U 90 38.48 115.32 24.82
CA LEU U 90 37.41 114.36 24.53
C LEU U 90 36.79 113.82 25.81
N CYS U 91 37.62 113.51 26.81
CA CYS U 91 37.10 113.02 28.08
C CYS U 91 36.26 114.08 28.78
N VAL U 92 36.71 115.34 28.75
CA VAL U 92 35.95 116.42 29.37
C VAL U 92 34.60 116.59 28.68
N LEU U 93 34.59 116.56 27.35
CA LEU U 93 33.33 116.68 26.62
C LEU U 93 32.40 115.51 26.93
N LEU U 94 32.94 114.29 26.97
CA LEU U 94 32.12 113.13 27.28
C LEU U 94 31.53 113.23 28.68
N GLU U 95 32.34 113.67 29.64
CA GLU U 95 31.84 113.84 31.01
C GLU U 95 30.75 114.91 31.08
N SER U 96 30.94 116.01 30.35
CA SER U 96 29.93 117.06 30.33
C SER U 96 28.62 116.56 29.73
N GLU U 97 28.69 115.84 28.62
CA GLU U 97 27.49 115.33 27.99
C GLU U 97 26.98 114.04 28.62
N ASN U 98 27.79 113.38 29.44
CA ASN U 98 27.43 112.14 30.11
C ASN U 98 26.93 111.10 29.11
N ALA U 99 27.79 110.81 28.14
CA ALA U 99 27.45 109.86 27.09
C ALA U 99 27.48 108.43 27.64
N ARG U 100 26.95 107.50 26.84
CA ARG U 100 26.89 106.11 27.24
C ARG U 100 28.31 105.55 27.39
N PRO U 101 28.52 104.62 28.33
CA PRO U 101 29.86 104.05 28.53
C PRO U 101 30.42 103.35 27.30
N ASP U 102 29.55 102.89 26.39
CA ASP U 102 30.01 102.26 25.17
C ASP U 102 30.91 103.20 24.37
N LEU U 103 30.54 104.49 24.30
CA LEU U 103 31.36 105.46 23.59
C LEU U 103 32.72 105.66 24.26
N TRP U 104 32.73 105.73 25.59
CA TRP U 104 33.98 105.88 26.32
C TRP U 104 34.91 104.69 26.03
N LEU U 105 34.38 103.48 26.14
CA LEU U 105 35.21 102.30 25.94
C LEU U 105 35.62 102.12 24.47
N SER U 106 34.77 102.52 23.53
CA SER U 106 35.16 102.48 22.13
C SER U 106 36.28 103.47 21.83
N ALA U 107 36.20 104.68 22.41
CA ALA U 107 37.29 105.63 22.27
C ALA U 107 38.57 105.10 22.91
N ALA U 108 38.44 104.42 24.05
CA ALA U 108 39.60 103.80 24.67
C ALA U 108 40.21 102.74 23.76
N LYS U 109 39.38 101.91 23.14
CA LYS U 109 39.88 100.89 22.22
C LYS U 109 40.58 101.52 21.03
N VAL U 110 40.01 102.58 20.46
CA VAL U 110 40.64 103.24 19.32
C VAL U 110 41.99 103.84 19.72
N PHE U 111 42.05 104.49 20.88
CA PHE U 111 43.32 105.03 21.34
C PHE U 111 44.32 103.93 21.65
N VAL U 112 43.84 102.73 22.01
CA VAL U 112 44.73 101.57 22.10
C VAL U 112 45.28 101.24 20.73
N SER U 113 44.43 101.26 19.70
CA SER U 113 44.90 101.04 18.34
C SER U 113 45.91 102.10 17.93
N LYS U 114 45.73 103.33 18.41
CA LYS U 114 46.69 104.40 18.19
C LYS U 114 47.97 104.22 19.01
N GLY U 115 48.00 103.27 19.94
CA GLY U 115 49.13 103.08 20.81
C GLY U 115 49.13 103.93 22.06
N ASN U 116 48.11 104.77 22.25
CA ASN U 116 48.03 105.67 23.41
C ASN U 116 47.49 104.90 24.61
N ILE U 117 48.36 104.02 25.14
CA ILE U 117 47.99 103.24 26.32
C ILE U 117 47.75 104.15 27.51
N ALA U 118 48.61 105.16 27.69
CA ALA U 118 48.38 106.14 28.75
C ALA U 118 47.08 106.91 28.50
N GLY U 119 46.82 107.27 27.24
CA GLY U 119 45.56 107.94 26.93
C GLY U 119 44.36 107.09 27.21
N SER U 120 44.43 105.79 26.87
CA SER U 120 43.32 104.89 27.16
C SER U 120 43.12 104.72 28.66
N GLN U 121 44.21 104.64 29.43
CA GLN U 121 44.09 104.57 30.87
C GLN U 121 43.45 105.83 31.43
N GLU U 122 43.81 107.00 30.88
CA GLU U 122 43.18 108.24 31.30
C GLU U 122 41.69 108.22 30.97
N ILE U 123 41.33 107.71 29.79
CA ILE U 123 39.91 107.61 29.42
C ILE U 123 39.17 106.74 30.43
N ILE U 124 39.76 105.60 30.78
CA ILE U 124 39.11 104.68 31.73
C ILE U 124 38.94 105.34 33.09
N ARG U 125 40.00 106.02 33.57
CA ARG U 125 39.94 106.64 34.88
C ARG U 125 38.90 107.76 34.93
N LYS U 126 38.89 108.62 33.91
CA LYS U 126 37.92 109.71 33.89
C LYS U 126 36.50 109.20 33.66
N ALA U 127 36.35 108.07 32.97
CA ALA U 127 35.04 107.43 32.89
C ALA U 127 34.60 106.95 34.26
N LEU U 128 35.51 106.35 35.03
CA LEU U 128 35.19 106.00 36.41
C LEU U 128 34.85 107.25 37.22
N GLN U 129 35.41 108.40 36.86
CA GLN U 129 35.04 109.66 37.49
C GLN U 129 33.77 110.26 36.89
N SER U 130 33.28 109.73 35.77
CA SER U 130 32.09 110.28 35.14
C SER U 130 30.83 109.95 35.92
N ASN U 131 29.79 110.75 35.70
CA ASN U 131 28.52 110.55 36.39
C ASN U 131 27.80 109.29 35.91
N VAL U 132 27.98 108.92 34.64
CA VAL U 132 27.25 107.78 34.09
C VAL U 132 27.64 106.49 34.81
N ILE U 133 28.94 106.24 34.94
CA ILE U 133 29.40 105.00 35.57
C ILE U 133 29.06 105.00 37.06
N LEU U 134 29.18 106.16 37.72
CA LEU U 134 28.79 106.24 39.12
C LEU U 134 27.31 105.96 39.33
N ASP U 135 26.46 106.38 38.39
CA ASP U 135 25.03 106.13 38.47
C ASP U 135 24.62 104.82 37.82
N SER U 136 25.50 104.17 37.07
CA SER U 136 25.19 102.89 36.48
C SER U 136 25.38 101.77 37.51
N SER U 137 25.10 100.54 37.08
CA SER U 137 25.30 99.39 37.93
C SER U 137 26.79 99.09 38.08
N ALA U 138 27.10 98.15 38.97
CA ALA U 138 28.49 97.73 39.16
C ALA U 138 29.03 96.97 37.96
N SER U 139 28.15 96.52 37.06
CA SER U 139 28.61 95.80 35.88
C SER U 139 29.45 96.69 34.97
N VAL U 140 29.03 97.94 34.78
CA VAL U 140 29.79 98.85 33.93
C VAL U 140 31.15 99.15 34.55
N THR U 141 31.19 99.36 35.87
CA THR U 141 32.47 99.61 36.54
C THR U 141 33.38 98.39 36.44
N SER U 142 32.80 97.19 36.54
CA SER U 142 33.60 95.97 36.37
C SER U 142 34.14 95.85 34.96
N LEU U 143 33.32 96.19 33.96
CA LEU U 143 33.79 96.16 32.57
C LEU U 143 34.94 97.14 32.36
N PHE U 144 34.84 98.34 32.95
CA PHE U 144 35.93 99.30 32.81
C PHE U 144 37.17 98.86 33.59
N HIS U 145 36.98 98.19 34.73
CA HIS U 145 38.13 97.61 35.43
C HIS U 145 38.82 96.55 34.58
N ASN U 146 38.04 95.72 33.89
CA ASN U 146 38.63 94.74 32.98
C ASN U 146 39.31 95.40 31.80
N PHE U 147 38.77 96.52 31.33
CA PHE U 147 39.44 97.28 30.28
C PHE U 147 40.79 97.81 30.77
N SER U 148 40.85 98.31 32.01
CA SER U 148 42.12 98.73 32.58
C SER U 148 43.07 97.55 32.75
N PHE U 149 42.53 96.37 33.06
CA PHE U 149 43.32 95.15 33.11
C PHE U 149 43.96 94.87 31.75
N TRP U 150 43.17 94.97 30.68
CA TRP U 150 43.71 94.80 29.33
C TRP U 150 44.75 95.86 29.01
N LEU U 151 44.53 97.08 29.52
CA LEU U 151 45.49 98.16 29.31
C LEU U 151 46.83 97.83 29.96
N SER U 152 46.79 97.32 31.19
CA SER U 152 48.02 96.89 31.86
C SER U 152 48.70 95.76 31.09
N LEU U 153 47.90 94.82 30.59
CA LEU U 153 48.46 93.73 29.80
C LEU U 153 49.16 94.26 28.55
N MET U 154 48.53 95.20 27.85
CA MET U 154 49.13 95.76 26.65
C MET U 154 50.38 96.57 26.98
N GLU U 155 50.36 97.30 28.09
CA GLU U 155 51.53 98.07 28.51
C GLU U 155 52.70 97.14 28.80
N TYR U 156 52.46 96.01 29.45
CA TYR U 156 53.52 95.02 29.67
C TYR U 156 53.99 94.44 28.34
N VAL U 157 53.04 94.10 27.45
CA VAL U 157 53.38 93.43 26.20
C VAL U 157 54.21 94.35 25.31
N SER U 158 53.81 95.62 25.21
CA SER U 158 54.50 96.55 24.31
C SER U 158 55.91 96.87 24.77
N THR U 159 56.25 96.56 26.02
CA THR U 159 57.58 96.85 26.56
C THR U 159 58.35 95.60 26.97
N ASN U 160 57.67 94.53 27.35
CA ASN U 160 58.31 93.31 27.85
C ASN U 160 59.22 93.62 29.03
N SER U 161 58.74 94.49 29.91
CA SER U 161 59.50 94.91 31.08
C SER U 161 58.53 95.35 32.15
N ARG U 162 59.05 95.50 33.38
CA ARG U 162 58.23 95.88 34.54
C ARG U 162 57.07 94.90 34.71
N GLU U 163 57.35 93.61 34.54
CA GLU U 163 56.30 92.61 34.49
C GLU U 163 55.53 92.54 35.80
N ASP U 164 56.25 92.57 36.93
CA ASP U 164 55.59 92.43 38.23
C ASP U 164 54.64 93.60 38.51
N GLN U 165 55.07 94.82 38.21
CA GLN U 165 54.24 95.99 38.51
C GLN U 165 52.95 95.99 37.70
N PHE U 166 53.08 95.80 36.38
CA PHE U 166 51.90 95.77 35.53
C PHE U 166 51.01 94.57 35.84
N LEU U 167 51.62 93.43 36.19
CA LEU U 167 50.83 92.27 36.58
C LEU U 167 50.03 92.55 37.85
N GLU U 168 50.63 93.24 38.82
CA GLU U 168 49.90 93.60 40.03
C GLU U 168 48.78 94.59 39.73
N TYR U 169 49.04 95.59 38.88
CA TYR U 169 47.98 96.53 38.50
C TYR U 169 46.82 95.81 37.84
N ALA U 170 47.13 94.92 36.90
CA ALA U 170 46.09 94.16 36.21
C ALA U 170 45.34 93.25 37.17
N SER U 171 46.05 92.63 38.11
CA SER U 171 45.41 91.76 39.09
C SER U 171 44.45 92.54 39.98
N ASN U 172 44.87 93.73 40.43
CA ASN U 172 43.99 94.54 41.26
C ASN U 172 42.75 94.97 40.48
N SER U 173 42.93 95.41 39.23
CA SER U 173 41.78 95.80 38.42
C SER U 173 40.84 94.62 38.18
N LEU U 174 41.40 93.45 37.88
CA LEU U 174 40.57 92.27 37.64
C LEU U 174 39.85 91.82 38.90
N GLN U 175 40.50 91.89 40.05
CA GLN U 175 39.86 91.54 41.31
C GLN U 175 38.72 92.51 41.62
N ALA U 176 38.93 93.80 41.38
CA ALA U 176 37.85 94.76 41.57
C ALA U 176 36.69 94.47 40.63
N SER U 177 36.99 94.14 39.38
CA SER U 177 35.93 93.80 38.42
C SER U 177 35.15 92.57 38.86
N ASN U 178 35.86 91.53 39.31
CA ASN U 178 35.20 90.31 39.74
C ASN U 178 34.33 90.56 40.97
N SER U 179 34.81 91.37 41.91
CA SER U 179 34.00 91.72 43.08
C SER U 179 32.76 92.51 42.66
N LEU U 180 32.92 93.44 41.71
CA LEU U 180 31.78 94.24 41.27
C LEU U 180 30.82 93.43 40.41
N ASP U 181 31.33 92.56 39.55
CA ASP U 181 30.48 91.73 38.70
C ASP U 181 31.24 90.43 38.42
N SER U 182 30.91 89.38 39.16
CA SER U 182 31.58 88.09 39.02
C SER U 182 30.98 87.21 37.93
N GLY U 183 29.81 87.57 37.40
CA GLY U 183 29.17 86.76 36.37
C GLY U 183 29.70 86.95 34.97
N LEU U 184 30.63 87.89 34.78
CA LEU U 184 31.17 88.18 33.46
C LEU U 184 32.26 87.16 33.10
N ILE U 185 32.08 86.48 31.96
CA ILE U 185 33.07 85.50 31.52
C ILE U 185 34.39 86.17 31.14
N LEU U 186 34.37 87.46 30.84
CA LEU U 186 35.62 88.17 30.56
C LEU U 186 36.51 88.23 31.79
N ASN U 187 35.92 88.28 32.98
CA ASN U 187 36.71 88.20 34.21
C ASN U 187 37.41 86.84 34.30
N GLY U 188 36.70 85.77 33.94
CA GLY U 188 37.33 84.46 33.93
C GLY U 188 38.45 84.35 32.91
N ILE U 189 38.24 84.95 31.72
CA ILE U 189 39.30 84.97 30.72
C ILE U 189 40.52 85.74 31.22
N GLY U 190 40.28 86.87 31.86
CA GLY U 190 41.38 87.63 32.44
C GLY U 190 42.11 86.86 33.53
N ASN U 191 41.36 86.13 34.35
CA ASN U 191 41.98 85.28 35.37
C ASN U 191 42.86 84.21 34.73
N GLY U 192 42.35 83.57 33.68
CA GLY U 192 43.15 82.57 32.99
C GLY U 192 44.41 83.15 32.36
N VAL U 193 44.29 84.33 31.77
CA VAL U 193 45.46 84.98 31.17
C VAL U 193 46.46 85.35 32.26
N LEU U 194 45.98 85.82 33.42
CA LEU U 194 46.86 86.11 34.53
C LEU U 194 47.59 84.86 35.01
N TYR U 195 46.88 83.73 35.07
CA TYR U 195 47.52 82.46 35.43
C TYR U 195 48.57 82.08 34.41
N ALA U 196 48.27 82.26 33.12
CA ALA U 196 49.22 81.90 32.07
C ALA U 196 50.48 82.77 32.14
N LYS U 197 50.31 84.07 32.41
CA LYS U 197 51.46 84.95 32.51
C LYS U 197 52.34 84.59 33.70
N SER U 198 51.72 84.18 34.82
CA SER U 198 52.45 83.68 35.97
C SER U 198 52.74 82.19 35.88
N ARG U 199 52.50 81.58 34.72
CA ARG U 199 52.75 80.16 34.47
C ARG U 199 51.96 79.26 35.41
N ARG U 200 50.77 79.71 35.82
CA ARG U 200 49.82 78.87 36.54
C ARG U 200 48.89 78.17 35.56
N TYR U 201 49.47 77.30 34.75
CA TYR U 201 48.77 76.72 33.61
C TYR U 201 47.57 75.88 34.04
N ASP U 202 47.67 75.20 35.18
CA ASP U 202 46.56 74.34 35.62
C ASP U 202 45.30 75.16 35.90
N GLU U 203 45.45 76.28 36.60
CA GLU U 203 44.29 77.11 36.92
C GLU U 203 43.69 77.73 35.66
N ALA U 204 44.53 78.18 34.73
CA ALA U 204 44.02 78.72 33.47
C ALA U 204 43.30 77.65 32.67
N LEU U 205 43.83 76.43 32.67
CA LEU U 205 43.16 75.33 31.98
C LEU U 205 41.81 75.01 32.61
N LYS U 206 41.75 75.06 33.94
CA LYS U 206 40.46 74.87 34.63
C LYS U 206 39.48 75.98 34.27
N GLU U 207 39.96 77.23 34.19
CA GLU U 207 39.09 78.34 33.80
C GLU U 207 38.56 78.15 32.38
N PHE U 208 39.42 77.68 31.46
CA PHE U 208 38.96 77.44 30.10
C PHE U 208 38.03 76.23 30.02
N ASP U 209 38.21 75.24 30.89
CA ASP U 209 37.24 74.16 30.99
C ASP U 209 35.88 74.69 31.43
N ASN U 210 35.87 75.59 32.42
CA ASN U 210 34.62 76.20 32.85
C ASN U 210 33.98 77.00 31.71
N LEU U 211 34.80 77.74 30.95
CA LEU U 211 34.27 78.50 29.83
C LEU U 211 33.69 77.59 28.76
N LEU U 212 34.35 76.46 28.50
CA LEU U 212 33.81 75.48 27.57
C LEU U 212 32.50 74.89 28.08
N LYS U 213 32.39 74.70 29.39
CA LYS U 213 31.12 74.28 29.98
C LYS U 213 30.05 75.33 29.73
N LYS U 214 30.40 76.61 29.86
CA LYS U 214 29.44 77.68 29.61
C LYS U 214 28.99 77.69 28.15
N LYS U 215 29.96 77.68 27.22
CA LYS U 215 29.65 77.69 25.80
C LYS U 215 30.90 77.24 25.03
N SER U 216 30.68 76.50 23.95
CA SER U 216 31.78 76.01 23.12
C SER U 216 32.12 76.96 21.98
N THR U 217 31.39 78.06 21.82
CA THR U 217 31.62 79.00 20.74
C THR U 217 32.57 80.13 21.13
N ASN U 218 33.13 80.10 22.33
CA ASN U 218 34.02 81.15 22.79
C ASN U 218 35.36 81.05 22.07
N ILE U 219 35.63 81.99 21.17
CA ILE U 219 36.86 81.97 20.40
C ILE U 219 38.06 82.30 21.29
N LEU U 220 37.90 83.26 22.19
CA LEU U 220 39.01 83.64 23.07
C LEU U 220 39.42 82.49 23.98
N ALA U 221 38.44 81.72 24.46
CA ALA U 221 38.76 80.54 25.28
C ALA U 221 39.57 79.53 24.47
N ILE U 222 39.18 79.32 23.20
CA ILE U 222 39.93 78.41 22.33
C ILE U 222 41.35 78.91 22.14
N LEU U 223 41.52 80.20 21.88
CA LEU U 223 42.85 80.76 21.68
C LEU U 223 43.71 80.62 22.92
N GLY U 224 43.16 80.91 24.09
CA GLY U 224 43.92 80.77 25.32
C GLY U 224 44.30 79.32 25.60
N LYS U 225 43.36 78.40 25.39
CA LYS U 225 43.66 76.98 25.58
C LYS U 225 44.76 76.53 24.64
N ALA U 226 44.69 76.94 23.37
CA ALA U 226 45.71 76.55 22.40
C ALA U 226 47.06 77.16 22.77
N GLN U 227 47.07 78.41 23.24
CA GLN U 227 48.32 79.03 23.68
C GLN U 227 48.94 78.25 24.85
N ILE U 228 48.11 77.84 25.80
CA ILE U 228 48.63 77.07 26.93
C ILE U 228 49.17 75.72 26.46
N LEU U 229 48.43 75.05 25.57
CA LEU U 229 48.88 73.76 25.07
C LEU U 229 50.19 73.88 24.31
N TYR U 230 50.35 74.93 23.51
CA TYR U 230 51.62 75.18 22.85
C TYR U 230 52.72 75.46 23.86
N LYS U 231 52.42 76.22 24.91
CA LYS U 231 53.38 76.44 25.99
C LYS U 231 53.73 75.12 26.67
N ARG U 232 52.77 74.21 26.77
CA ARG U 232 53.02 72.86 27.28
C ARG U 232 53.48 71.91 26.19
N GLN U 233 53.86 72.42 25.03
CA GLN U 233 54.40 71.65 23.91
C GLN U 233 53.39 70.66 23.32
N LYS U 234 52.10 70.87 23.59
CA LYS U 234 51.05 70.05 22.97
C LYS U 234 50.69 70.66 21.61
N TYR U 235 51.58 70.44 20.65
CA TYR U 235 51.48 71.10 19.36
C TYR U 235 50.24 70.64 18.60
N SER U 236 49.97 69.34 18.59
CA SER U 236 48.79 68.84 17.87
C SER U 236 47.50 69.24 18.56
N GLN U 237 47.46 69.13 19.90
CA GLN U 237 46.28 69.50 20.65
C GLN U 237 45.96 70.98 20.48
N ALA U 238 46.99 71.82 20.51
CA ALA U 238 46.80 73.23 20.15
C ALA U 238 46.44 73.40 18.69
N LEU U 239 46.84 72.48 17.82
CA LEU U 239 46.56 72.61 16.39
C LEU U 239 45.08 72.40 16.10
N GLU U 240 44.43 71.45 16.78
CA GLU U 240 42.99 71.31 16.57
C GLU U 240 42.25 72.56 17.01
N LEU U 241 42.67 73.15 18.14
CA LEU U 241 42.06 74.40 18.58
C LEU U 241 42.32 75.53 17.60
N TYR U 242 43.53 75.58 17.04
CA TYR U 242 43.86 76.58 16.03
C TYR U 242 42.94 76.45 14.83
N GLN U 243 42.76 75.22 14.34
CA GLN U 243 41.88 75.00 13.19
C GLN U 243 40.44 75.36 13.51
N LYS U 244 39.97 74.99 14.71
CA LYS U 244 38.59 75.33 15.08
C LYS U 244 38.40 76.84 15.17
N ALA U 245 39.36 77.55 15.76
CA ALA U 245 39.26 79.00 15.85
C ALA U 245 39.30 79.65 14.48
N LEU U 246 40.16 79.15 13.59
CA LEU U 246 40.24 79.69 12.24
C LEU U 246 38.94 79.47 11.48
N THR U 247 38.34 78.29 11.63
CA THR U 247 37.06 78.03 10.97
C THR U 247 35.96 78.91 11.55
N ILE U 248 35.95 79.09 12.87
CA ILE U 248 34.93 79.94 13.49
C ILE U 248 35.12 81.40 13.07
N ASN U 249 36.36 81.89 13.12
CA ASN U 249 36.65 83.29 12.82
C ASN U 249 37.94 83.39 12.02
N PRO U 250 37.85 83.58 10.70
CA PRO U 250 39.06 83.84 9.91
C PRO U 250 39.63 85.23 10.07
N LEU U 251 38.91 86.14 10.73
CA LEU U 251 39.34 87.52 10.93
C LEU U 251 39.55 87.81 12.42
N ILE U 252 40.06 86.83 13.16
CA ILE U 252 40.25 86.97 14.60
C ILE U 252 41.70 87.32 14.88
N VAL U 253 41.91 88.25 15.80
CA VAL U 253 43.24 88.66 16.24
C VAL U 253 43.38 88.24 17.70
N PRO U 254 44.43 87.50 18.08
CA PRO U 254 45.60 87.12 17.27
C PRO U 254 45.31 86.09 16.18
N ASP U 255 46.22 85.99 15.22
CA ASP U 255 46.02 85.13 14.06
C ASP U 255 46.20 83.66 14.43
N PRO U 256 45.19 82.81 14.24
CA PRO U 256 45.41 81.37 14.43
C PRO U 256 46.39 80.79 13.44
N ARG U 257 46.50 81.36 12.24
CA ARG U 257 47.37 80.78 11.21
C ARG U 257 48.83 80.83 11.63
N LEU U 258 49.22 81.76 12.51
CA LEU U 258 50.58 81.73 13.06
C LEU U 258 50.82 80.44 13.83
N GLY U 259 49.89 80.08 14.72
CA GLY U 259 50.00 78.83 15.42
C GLY U 259 49.90 77.62 14.51
N ILE U 260 49.08 77.71 13.47
CA ILE U 260 48.97 76.60 12.51
C ILE U 260 50.29 76.41 11.78
N GLY U 261 50.95 77.51 11.40
CA GLY U 261 52.26 77.40 10.78
C GLY U 261 53.31 76.86 11.73
N LEU U 262 53.25 77.26 13.00
CA LEU U 262 54.15 76.69 14.00
C LEU U 262 53.95 75.18 14.12
N CYS U 263 52.69 74.73 14.15
CA CYS U 263 52.40 73.31 14.22
C CYS U 263 52.89 72.58 12.98
N PHE U 264 52.69 73.17 11.80
CA PHE U 264 53.19 72.56 10.57
C PHE U 264 54.71 72.45 10.60
N TRP U 265 55.38 73.46 11.15
CA TRP U 265 56.82 73.35 11.38
C TRP U 265 57.14 72.20 12.32
N HIS U 266 56.34 72.03 13.38
CA HIS U 266 56.53 70.90 14.28
C HIS U 266 56.17 69.58 13.61
N LEU U 267 55.29 69.60 12.61
CA LEU U 267 54.89 68.41 11.88
C LEU U 267 55.59 68.29 10.53
N ASN U 268 56.64 69.09 10.30
CA ASN U 268 57.50 69.05 9.12
C ASN U 268 56.80 69.54 7.84
N ASN U 269 55.52 69.87 7.89
CA ASN U 269 54.81 70.38 6.71
C ASN U 269 54.99 71.89 6.59
N LYS U 270 56.25 72.31 6.48
CA LYS U 270 56.56 73.73 6.47
C LYS U 270 56.06 74.44 5.22
N GLN U 271 55.82 73.71 4.12
CA GLN U 271 55.26 74.34 2.93
C GLN U 271 53.86 74.88 3.20
N LEU U 272 53.02 74.08 3.86
CA LEU U 272 51.70 74.56 4.26
C LEU U 272 51.81 75.69 5.29
N ALA U 273 52.83 75.64 6.14
CA ALA U 273 53.05 76.73 7.09
C ALA U 273 53.32 78.03 6.36
N GLU U 274 54.20 77.99 5.36
CA GLU U 274 54.49 79.20 4.58
C GLU U 274 53.26 79.67 3.82
N GLN U 275 52.48 78.75 3.25
CA GLN U 275 51.28 79.16 2.53
C GLN U 275 50.28 79.84 3.46
N ALA U 276 50.07 79.26 4.65
CA ALA U 276 49.15 79.87 5.61
C ALA U 276 49.67 81.22 6.09
N TRP U 277 51.00 81.35 6.23
CA TRP U 277 51.57 82.63 6.63
C TRP U 277 51.39 83.68 5.54
N HIS U 278 51.51 83.28 4.27
CA HIS U 278 51.22 84.19 3.17
C HIS U 278 49.77 84.63 3.19
N ASN U 279 48.85 83.69 3.43
CA ASN U 279 47.44 84.04 3.53
C ASN U 279 47.19 85.01 4.68
N SER U 280 47.84 84.78 5.82
CA SER U 280 47.71 85.69 6.96
C SER U 280 48.24 87.08 6.61
N LEU U 281 49.38 87.15 5.93
CA LEU U 281 49.92 88.44 5.52
C LEU U 281 48.96 89.15 4.57
N LYS U 282 48.32 88.41 3.67
CA LYS U 282 47.30 89.00 2.83
C LYS U 282 46.15 89.55 3.68
N VAL U 283 45.72 88.78 4.68
CA VAL U 283 44.67 89.24 5.59
C VAL U 283 45.18 90.35 6.50
N HIS U 284 46.42 90.22 6.99
CA HIS U 284 47.02 91.15 7.94
C HIS U 284 48.33 91.69 7.36
N PRO U 285 48.27 92.68 6.47
CA PRO U 285 49.49 93.24 5.89
C PRO U 285 50.21 94.24 6.79
N GLN U 286 49.65 94.57 7.95
CA GLN U 286 50.19 95.60 8.82
C GLN U 286 50.41 95.05 10.22
N ASN U 287 51.46 95.54 10.86
CA ASN U 287 51.79 95.21 12.26
C ASN U 287 52.01 93.72 12.46
N ASN U 288 52.46 93.01 11.43
CA ASN U 288 52.66 91.56 11.50
C ASN U 288 53.99 91.18 10.84
N LEU U 289 55.05 91.91 11.18
CA LEU U 289 56.37 91.62 10.62
C LEU U 289 56.91 90.27 11.08
N ASN U 290 56.38 89.74 12.18
CA ASN U 290 56.82 88.43 12.66
C ASN U 290 56.53 87.34 11.63
N THR U 291 55.40 87.45 10.92
CA THR U 291 55.09 86.51 9.87
C THR U 291 56.13 86.57 8.75
N LYS U 292 56.55 87.78 8.38
CA LYS U 292 57.60 87.92 7.37
C LYS U 292 58.92 87.33 7.86
N ILE U 293 59.22 87.50 9.15
CA ILE U 293 60.44 86.91 9.71
C ILE U 293 60.38 85.39 9.61
N LEU U 294 59.23 84.80 9.96
CA LEU U 294 59.07 83.35 9.86
C LEU U 294 59.20 82.89 8.42
N ILE U 295 58.64 83.66 7.48
CA ILE U 295 58.75 83.32 6.06
C ILE U 295 60.20 83.33 5.62
N CYS U 296 60.97 84.35 6.05
CA CYS U 296 62.38 84.41 5.71
C CYS U 296 63.15 83.24 6.30
N LEU U 297 62.84 82.87 7.55
CA LEU U 297 63.50 81.72 8.15
C LEU U 297 63.19 80.43 7.40
N ALA U 298 61.93 80.26 6.98
CA ALA U 298 61.55 79.08 6.21
C ALA U 298 62.27 79.06 4.86
N LYS U 299 62.38 80.21 4.20
CA LYS U 299 63.12 80.27 2.94
C LYS U 299 64.59 79.92 3.13
N PHE U 300 65.20 80.42 4.22
CA PHE U 300 66.59 80.09 4.50
C PHE U 300 66.76 78.60 4.75
N ASP U 301 65.84 78.00 5.51
CA ASP U 301 65.91 76.55 5.75
C ASP U 301 65.77 75.77 4.46
N TYR U 302 64.83 76.17 3.60
CA TYR U 302 64.66 75.50 2.32
C TYR U 302 65.91 75.62 1.45
N CYS U 303 66.52 76.80 1.44
CA CYS U 303 67.76 76.99 0.69
C CYS U 303 68.87 76.09 1.24
N PHE U 304 68.97 75.98 2.56
CA PHE U 304 70.01 75.16 3.16
C PHE U 304 69.81 73.68 2.83
N ASN U 305 68.57 73.19 2.90
CA ASN U 305 68.32 71.75 2.90
C ASN U 305 67.79 71.21 1.57
N GLU U 306 67.56 72.06 0.57
CA GLU U 306 66.94 71.61 -0.67
C GLU U 306 67.67 72.04 -1.94
N SER U 307 68.65 72.94 -1.86
CA SER U 307 69.31 73.45 -3.05
C SER U 307 70.07 72.34 -3.76
N LYS U 308 69.65 72.03 -5.00
CA LYS U 308 70.22 70.92 -5.75
C LYS U 308 71.58 71.25 -6.36
N ASP U 309 71.97 72.52 -6.38
CA ASP U 309 73.23 72.91 -7.00
C ASP U 309 73.72 74.20 -6.35
N ASP U 310 75.00 74.51 -6.59
CA ASP U 310 75.60 75.70 -6.00
C ASP U 310 74.95 76.98 -6.51
N ASP U 311 74.66 77.04 -7.80
CA ASP U 311 74.03 78.24 -8.36
C ASP U 311 72.63 78.45 -7.80
N GLU U 312 71.85 77.38 -7.68
CA GLU U 312 70.53 77.48 -7.07
C GLU U 312 70.65 77.90 -5.60
N PHE U 313 71.64 77.36 -4.89
CA PHE U 313 71.87 77.77 -3.51
C PHE U 313 72.16 79.27 -3.43
N THR U 314 73.02 79.77 -4.33
CA THR U 314 73.35 81.19 -4.32
C THR U 314 72.12 82.03 -4.63
N ALA U 315 71.33 81.63 -5.62
CA ALA U 315 70.13 82.40 -5.96
C ALA U 315 69.15 82.45 -4.80
N LEU U 316 68.87 81.29 -4.20
CA LEU U 316 67.93 81.25 -3.08
C LEU U 316 68.46 82.05 -1.88
N TYR U 317 69.75 81.91 -1.58
CA TYR U 317 70.33 82.61 -0.44
C TYR U 317 70.28 84.12 -0.65
N ARG U 318 70.58 84.59 -1.86
CA ARG U 318 70.54 86.02 -2.12
C ARG U 318 69.11 86.55 -2.11
N GLU U 319 68.15 85.74 -2.61
CA GLU U 319 66.75 86.16 -2.53
C GLU U 319 66.30 86.27 -1.09
N SER U 320 66.70 85.31 -0.24
CA SER U 320 66.35 85.38 1.17
C SER U 320 66.99 86.59 1.83
N LEU U 321 68.25 86.89 1.47
CA LEU U 321 68.90 88.08 2.02
C LEU U 321 68.18 89.35 1.60
N GLU U 322 67.76 89.43 0.33
CA GLU U 322 67.06 90.62 -0.14
C GLU U 322 65.71 90.78 0.57
N PHE U 323 64.98 89.67 0.75
CA PHE U 323 63.71 89.75 1.46
C PHE U 323 63.92 90.17 2.93
N LEU U 324 64.97 89.63 3.56
CA LEU U 324 65.27 90.01 4.94
C LEU U 324 65.64 91.48 5.03
N HIS U 325 66.41 91.99 4.05
CA HIS U 325 66.76 93.40 4.05
C HIS U 325 65.53 94.28 3.82
N SER U 326 64.63 93.85 2.91
CA SER U 326 63.40 94.60 2.69
C SER U 326 62.55 94.67 3.95
N CYS U 327 62.47 93.57 4.69
CA CYS U 327 61.82 93.62 5.99
C CYS U 327 62.59 94.50 6.98
N LEU U 328 63.92 94.56 6.83
CA LEU U 328 64.74 95.36 7.74
C LEU U 328 64.57 96.85 7.47
N LYS U 329 64.16 97.23 6.26
CA LYS U 329 63.94 98.64 5.96
C LYS U 329 62.77 99.21 6.75
N GLU U 330 61.93 98.34 7.33
CA GLU U 330 60.87 98.78 8.24
C GLU U 330 61.39 98.85 9.67
N ASP U 331 62.03 97.79 10.15
CA ASP U 331 62.63 97.73 11.47
C ASP U 331 64.09 97.34 11.33
N ALA U 332 64.99 98.21 11.78
CA ALA U 332 66.42 97.98 11.67
C ALA U 332 67.07 97.62 13.00
N LYS U 333 66.29 97.49 14.08
CA LYS U 333 66.82 97.18 15.40
C LYS U 333 66.23 95.91 15.99
N HIS U 334 65.59 95.09 15.17
CA HIS U 334 64.99 93.86 15.69
C HIS U 334 66.09 92.87 16.05
N PRO U 335 66.17 92.42 17.30
CA PRO U 335 67.31 91.59 17.72
C PRO U 335 67.44 90.28 16.96
N LEU U 336 66.31 89.64 16.62
CA LEU U 336 66.38 88.38 15.88
C LEU U 336 66.95 88.59 14.48
N LEU U 337 66.58 89.68 13.83
CA LEU U 337 67.14 89.97 12.51
C LEU U 337 68.64 90.20 12.58
N LEU U 338 69.10 90.91 13.60
CA LEU U 338 70.54 91.10 13.79
C LEU U 338 71.24 89.77 14.04
N MET U 339 70.63 88.91 14.86
CA MET U 339 71.21 87.59 15.12
C MET U 339 71.31 86.76 13.85
N VAL U 340 70.27 86.82 13.01
CA VAL U 340 70.29 86.07 11.75
C VAL U 340 71.37 86.62 10.81
N LEU U 341 71.46 87.95 10.72
CA LEU U 341 72.47 88.56 9.86
C LEU U 341 73.88 88.29 10.38
N ALA U 342 74.00 88.03 11.69
CA ALA U 342 75.30 87.71 12.25
C ALA U 342 75.88 86.44 11.64
N SER U 343 75.03 85.45 11.34
CA SER U 343 75.51 84.23 10.68
C SER U 343 76.11 84.54 9.31
N TYR U 344 75.40 85.35 8.52
CA TYR U 344 75.89 85.70 7.19
C TYR U 344 77.19 86.48 7.27
N TYR U 345 77.28 87.43 8.20
CA TYR U 345 78.49 88.24 8.28
C TYR U 345 79.65 87.49 8.89
N PHE U 346 79.38 86.50 9.75
CA PHE U 346 80.43 85.58 10.18
C PHE U 346 80.93 84.74 9.01
N SER U 347 80.01 84.27 8.17
CA SER U 347 80.42 83.58 6.95
C SER U 347 81.13 84.49 5.97
N LYS U 348 80.97 85.82 6.11
CA LYS U 348 81.62 86.81 5.28
C LYS U 348 82.91 87.33 5.92
N GLU U 349 83.39 86.67 6.98
CA GLU U 349 84.60 87.06 7.71
C GLU U 349 84.49 88.46 8.31
N ASP U 350 83.27 88.94 8.51
CA ASP U 350 83.04 90.24 9.15
C ASP U 350 82.80 90.06 10.65
N TYR U 351 83.83 89.52 11.32
CA TYR U 351 83.70 89.17 12.73
C TYR U 351 83.50 90.40 13.61
N GLU U 352 84.08 91.54 13.24
CA GLU U 352 83.94 92.74 14.05
C GLU U 352 82.49 93.20 14.11
N LYS U 353 81.81 93.25 12.96
CA LYS U 353 80.40 93.61 12.95
C LYS U 353 79.54 92.57 13.63
N VAL U 354 79.93 91.29 13.55
CA VAL U 354 79.23 90.26 14.28
C VAL U 354 79.30 90.53 15.78
N GLU U 355 80.49 90.90 16.27
CA GLU U 355 80.65 91.24 17.67
C GLU U 355 79.80 92.46 18.04
N LYS U 356 79.78 93.48 17.17
CA LYS U 356 78.98 94.67 17.44
C LYS U 356 77.51 94.31 17.59
N LEU U 357 76.98 93.54 16.63
CA LEU U 357 75.57 93.17 16.67
C LEU U 357 75.27 92.29 17.88
N CYS U 358 76.17 91.37 18.21
CA CYS U 358 75.96 90.50 19.37
C CYS U 358 75.93 91.30 20.66
N ASN U 359 76.85 92.25 20.81
CA ASN U 359 76.87 93.07 22.02
C ASN U 359 75.62 93.95 22.10
N LEU U 360 75.18 94.50 20.97
CA LEU U 360 73.98 95.32 20.97
C LEU U 360 72.77 94.50 21.38
N VAL U 361 72.63 93.29 20.82
CA VAL U 361 71.51 92.43 21.18
C VAL U 361 71.56 92.04 22.64
N LEU U 362 72.77 91.75 23.15
CA LEU U 362 72.91 91.44 24.57
C LEU U 362 72.47 92.60 25.45
N LYS U 363 72.82 93.82 25.04
CA LYS U 363 72.41 94.99 25.81
C LYS U 363 70.90 95.19 25.77
N GLU U 364 70.28 95.01 24.60
CA GLU U 364 68.84 95.22 24.49
C GLU U 364 68.05 94.09 25.12
N ASN U 365 68.29 92.86 24.68
CA ASN U 365 67.42 91.72 24.99
C ASN U 365 68.08 90.74 25.96
N SER U 366 68.75 91.27 26.98
CA SER U 366 69.32 90.41 28.02
C SER U 366 68.24 89.63 28.77
N ARG U 367 66.99 90.09 28.71
CA ARG U 367 65.89 89.33 29.32
C ARG U 367 65.71 87.97 28.64
N ASN U 368 65.78 87.95 27.32
CA ASN U 368 65.66 86.71 26.55
C ASN U 368 66.99 85.96 26.64
N ALA U 369 66.95 84.74 27.21
CA ALA U 369 68.17 83.97 27.37
C ALA U 369 68.63 83.35 26.06
N ALA U 370 67.71 83.09 25.13
CA ALA U 370 68.07 82.50 23.86
C ALA U 370 68.97 83.43 23.05
N PHE U 371 68.67 84.73 23.05
CA PHE U 371 69.52 85.69 22.36
C PHE U 371 70.90 85.77 23.02
N VAL U 372 70.96 85.69 24.35
CA VAL U 372 72.24 85.65 25.04
C VAL U 372 73.04 84.42 24.61
N SER U 373 72.37 83.27 24.53
CA SER U 373 73.05 82.05 24.09
C SER U 373 73.58 82.18 22.66
N ALA U 374 72.75 82.74 21.77
CA ALA U 374 73.18 82.89 20.38
C ALA U 374 74.35 83.85 20.27
N SER U 375 74.31 84.97 21.00
CA SER U 375 75.42 85.92 20.96
C SER U 375 76.69 85.30 21.53
N HIS U 376 76.57 84.55 22.62
CA HIS U 376 77.74 83.87 23.18
C HIS U 376 78.31 82.86 22.21
N PHE U 377 77.44 82.10 21.53
CA PHE U 377 77.88 81.15 20.54
C PHE U 377 78.62 81.83 19.40
N TRP U 378 78.11 82.97 18.93
CA TRP U 378 78.76 83.65 17.82
C TRP U 378 80.08 84.28 18.25
N LEU U 379 80.15 84.79 19.49
CA LEU U 379 81.41 85.30 20.01
C LEU U 379 82.44 84.18 20.12
N ALA U 380 82.02 82.99 20.58
CA ALA U 380 82.94 81.86 20.63
C ALA U 380 83.38 81.44 19.23
N ARG U 381 82.47 81.45 18.27
CA ARG U 381 82.83 81.12 16.89
C ARG U 381 83.85 82.11 16.34
N VAL U 382 83.66 83.40 16.63
CA VAL U 382 84.62 84.41 16.19
C VAL U 382 85.97 84.19 16.85
N ALA U 383 85.97 83.95 18.17
CA ALA U 383 87.22 83.73 18.89
C ALA U 383 87.91 82.44 18.47
N TYR U 384 87.17 81.51 17.86
CA TYR U 384 87.79 80.26 17.39
C TYR U 384 88.83 80.55 16.32
N HIS U 385 88.55 81.50 15.42
CA HIS U 385 89.58 81.94 14.48
C HIS U 385 90.78 82.52 15.22
N LYS U 386 90.53 83.32 16.26
CA LYS U 386 91.59 83.78 17.13
C LYS U 386 92.14 82.67 18.02
N GLU U 387 91.46 81.51 18.06
CA GLU U 387 91.90 80.35 18.83
C GLU U 387 92.00 80.65 20.32
N ASP U 388 91.14 81.54 20.83
CA ASP U 388 91.03 81.78 22.26
C ASP U 388 90.29 80.61 22.89
N TYR U 389 91.00 79.48 23.01
CA TYR U 389 90.36 78.23 23.40
C TYR U 389 89.71 78.34 24.77
N VAL U 390 90.41 78.94 25.73
CA VAL U 390 89.81 79.16 27.05
C VAL U 390 88.62 80.09 26.95
N GLN U 391 88.79 81.21 26.24
CA GLN U 391 87.71 82.18 26.11
C GLN U 391 86.55 81.62 25.31
N ALA U 392 86.85 80.90 24.22
CA ALA U 392 85.78 80.29 23.43
C ALA U 392 85.03 79.24 24.23
N GLN U 393 85.76 78.43 25.01
CA GLN U 393 85.10 77.43 25.84
C GLN U 393 84.22 78.07 26.89
N LYS U 394 84.70 79.16 27.51
CA LYS U 394 83.88 79.89 28.48
C LYS U 394 82.63 80.45 27.81
N GLN U 395 82.78 81.01 26.61
CA GLN U 395 81.63 81.55 25.90
C GLN U 395 80.62 80.45 25.55
N PHE U 396 81.12 79.28 25.13
CA PHE U 396 80.24 78.16 24.83
C PHE U 396 79.50 77.71 26.09
N LYS U 397 80.19 77.65 27.22
CA LYS U 397 79.53 77.28 28.47
C LYS U 397 78.47 78.29 28.86
N GLN U 398 78.77 79.58 28.69
CA GLN U 398 77.78 80.62 28.98
C GLN U 398 76.57 80.50 28.05
N ALA U 399 76.81 80.19 26.78
CA ALA U 399 75.71 79.99 25.84
C ALA U 399 74.85 78.81 26.26
N GLU U 400 75.48 77.71 26.68
CA GLU U 400 74.72 76.57 27.16
C GLU U 400 73.90 76.92 28.40
N ASP U 401 74.49 77.66 29.33
CA ASP U 401 73.78 78.02 30.55
C ASP U 401 72.62 78.96 30.27
N SER U 402 72.77 79.86 29.30
CA SER U 402 71.67 80.76 28.95
C SER U 402 70.49 79.98 28.38
N GLN U 403 70.74 79.15 27.38
CA GLN U 403 69.69 78.35 26.75
C GLN U 403 70.24 76.94 26.52
N ASN U 404 69.73 75.98 27.29
CA ASN U 404 70.20 74.60 27.21
C ASN U 404 69.82 73.90 25.91
N SER U 405 68.87 74.46 25.15
CA SER U 405 68.45 73.83 23.90
C SER U 405 69.46 74.05 22.78
N ASN U 406 70.47 74.89 23.00
CA ASN U 406 71.47 75.16 21.97
C ASN U 406 72.49 74.02 21.91
N THR U 407 72.20 73.01 21.09
CA THR U 407 73.13 71.89 20.95
C THR U 407 74.44 72.34 20.32
N LEU U 408 74.36 73.31 19.40
CA LEU U 408 75.56 73.78 18.71
C LEU U 408 76.56 74.37 19.70
N ALA U 409 76.07 75.06 20.73
CA ALA U 409 76.96 75.60 21.75
C ALA U 409 77.70 74.50 22.49
N LYS U 410 76.99 73.43 22.85
CA LYS U 410 77.63 72.30 23.53
C LYS U 410 78.64 71.61 22.63
N LEU U 411 78.32 71.47 21.34
CA LEU U 411 79.25 70.86 20.40
C LEU U 411 80.50 71.71 20.25
N GLY U 412 80.34 73.03 20.19
CA GLY U 412 81.50 73.91 20.19
C GLY U 412 82.30 73.83 21.47
N TYR U 413 81.62 73.64 22.59
CA TYR U 413 82.31 73.45 23.87
C TYR U 413 83.17 72.19 23.83
N ALA U 414 82.62 71.10 23.30
CA ALA U 414 83.39 69.87 23.17
C ALA U 414 84.55 70.05 22.20
N GLN U 415 84.33 70.78 21.10
CA GLN U 415 85.40 71.04 20.16
C GLN U 415 86.52 71.86 20.80
N CYS U 416 86.16 72.83 21.65
CA CYS U 416 87.15 73.62 22.37
C CYS U 416 87.91 72.75 23.38
N LEU U 417 87.21 71.81 24.03
CA LEU U 417 87.89 70.85 24.89
C LEU U 417 88.91 70.05 24.11
N ILE U 418 88.54 69.63 22.91
CA ILE U 418 89.48 68.93 22.03
C ILE U 418 90.66 69.85 21.69
N ALA U 419 90.38 71.13 21.47
CA ALA U 419 91.43 72.08 21.13
C ALA U 419 92.45 72.22 22.26
N ARG U 420 91.97 72.22 23.50
CA ARG U 420 92.85 72.29 24.66
C ARG U 420 93.44 70.95 25.04
N ASN U 421 93.40 69.97 24.13
CA ASN U 421 93.97 68.63 24.33
C ASN U 421 93.30 67.89 25.49
N GLU U 422 92.09 68.31 25.87
CA GLU U 422 91.35 67.67 26.97
C GLU U 422 90.57 66.48 26.42
N VAL U 423 91.32 65.42 26.09
CA VAL U 423 90.70 64.23 25.50
C VAL U 423 89.74 63.58 26.49
N GLY U 424 90.20 63.35 27.72
CA GLY U 424 89.33 62.74 28.72
C GLY U 424 88.17 63.63 29.11
N ASP U 425 88.42 64.93 29.28
CA ASP U 425 87.35 65.85 29.65
C ASP U 425 86.29 65.94 28.55
N ALA U 426 86.74 66.02 27.30
CA ALA U 426 85.79 66.04 26.17
C ALA U 426 85.01 64.73 26.11
N THR U 427 85.69 63.60 26.36
CA THR U 427 85.00 62.32 26.34
C THR U 427 83.93 62.25 27.43
N ILE U 428 84.24 62.73 28.63
CA ILE U 428 83.27 62.71 29.72
C ILE U 428 82.09 63.62 29.40
N TYR U 429 82.36 64.83 28.89
CA TYR U 429 81.28 65.73 28.52
C TYR U 429 80.40 65.12 27.44
N LEU U 430 81.01 64.51 26.44
CA LEU U 430 80.26 63.91 25.34
C LEU U 430 79.42 62.74 25.83
N GLU U 431 79.97 61.90 26.72
CA GLU U 431 79.19 60.81 27.27
C GLU U 431 78.01 61.32 28.09
N LYS U 432 78.23 62.37 28.88
CA LYS U 432 77.12 62.96 29.65
C LYS U 432 76.03 63.46 28.71
N PHE U 433 76.41 64.18 27.65
CA PHE U 433 75.42 64.73 26.73
C PHE U 433 74.69 63.62 25.99
N PHE U 434 75.41 62.59 25.55
CA PHE U 434 74.76 61.49 24.83
C PHE U 434 73.82 60.71 25.73
N LYS U 435 74.24 60.42 26.97
CA LYS U 435 73.38 59.67 27.87
C LYS U 435 72.16 60.48 28.29
N GLU U 436 72.29 61.80 28.38
CA GLU U 436 71.12 62.63 28.64
C GLU U 436 70.25 62.81 27.40
N ASN U 437 70.84 62.71 26.21
CA ASN U 437 70.15 62.99 24.94
C ASN U 437 70.35 61.86 23.96
N GLN U 438 70.10 60.63 24.40
CA GLN U 438 70.26 59.46 23.54
C GLN U 438 69.37 59.52 22.29
N ASP U 439 68.27 60.26 22.34
CA ASP U 439 67.37 60.39 21.20
C ASP U 439 67.74 61.54 20.27
N SER U 440 68.71 62.37 20.64
CA SER U 440 69.09 63.49 19.81
C SER U 440 69.83 63.01 18.57
N LYS U 441 69.49 63.58 17.42
CA LYS U 441 70.13 63.22 16.15
C LYS U 441 71.26 64.19 15.82
N SER U 442 72.30 64.14 16.67
CA SER U 442 73.52 64.90 16.45
C SER U 442 74.52 63.94 15.79
N SER U 443 74.49 63.91 14.45
CA SER U 443 75.32 62.97 13.72
C SER U 443 76.80 63.24 13.93
N GLU U 444 77.19 64.51 13.94
CA GLU U 444 78.61 64.86 14.13
C GLU U 444 79.07 64.50 15.54
N MET U 445 78.19 64.63 16.53
CA MET U 445 78.53 64.21 17.88
C MET U 445 78.83 62.72 17.93
N MET U 446 78.00 61.92 17.26
CA MET U 446 78.22 60.48 17.23
C MET U 446 79.49 60.12 16.46
N LEU U 447 79.77 60.84 15.37
CA LEU U 447 81.01 60.61 14.64
C LEU U 447 82.22 60.91 15.51
N LEU U 448 82.17 62.01 16.27
CA LEU U 448 83.26 62.36 17.17
C LEU U 448 83.41 61.32 18.28
N LEU U 449 82.29 60.82 18.80
CA LEU U 449 82.33 59.76 19.80
C LEU U 449 83.00 58.51 19.24
N GLY U 450 82.63 58.13 18.01
CA GLY U 450 83.25 56.97 17.40
C GLY U 450 84.75 57.15 17.20
N ILE U 451 85.15 58.34 16.75
CA ILE U 451 86.59 58.60 16.56
C ILE U 451 87.34 58.55 17.89
N ILE U 452 86.76 59.14 18.93
CA ILE U 452 87.39 59.13 20.25
C ILE U 452 87.52 57.71 20.77
N TYR U 453 86.46 56.91 20.61
CA TYR U 453 86.51 55.53 21.10
C TYR U 453 87.49 54.68 20.29
N SER U 454 87.59 54.93 18.98
CA SER U 454 88.59 54.24 18.17
C SER U 454 89.99 54.59 18.62
N GLN U 455 90.23 55.86 18.95
CA GLN U 455 91.52 56.24 19.50
C GLN U 455 91.76 55.55 20.84
N SER U 456 90.71 55.43 21.66
CA SER U 456 90.81 54.68 22.91
C SER U 456 91.07 53.21 22.65
N GLY U 457 90.39 52.64 21.66
CA GLY U 457 90.56 51.24 21.29
C GLY U 457 89.71 50.23 22.05
N LYS U 458 89.70 50.32 23.37
CA LYS U 458 88.93 49.38 24.17
C LYS U 458 87.43 49.55 24.00
N SER U 459 86.97 50.72 23.59
CA SER U 459 85.55 51.02 23.43
C SER U 459 85.11 50.90 21.98
N TYR U 460 85.64 49.90 21.27
CA TYR U 460 85.38 49.75 19.84
C TYR U 460 83.90 49.54 19.57
N TYR U 461 83.19 48.89 20.49
CA TYR U 461 81.78 48.59 20.26
C TYR U 461 80.93 49.86 20.24
N LYS U 462 81.17 50.79 21.17
CA LYS U 462 80.49 52.09 21.09
C LYS U 462 80.89 52.83 19.82
N ALA U 463 82.15 52.71 19.41
CA ALA U 463 82.60 53.36 18.18
C ALA U 463 81.82 52.82 16.98
N ILE U 464 81.64 51.50 16.92
CA ILE U 464 80.87 50.89 15.83
C ILE U 464 79.44 51.39 15.86
N ILE U 465 78.82 51.41 17.05
CA ILE U 465 77.43 51.84 17.16
C ILE U 465 77.28 53.28 16.69
N PHE U 466 78.17 54.16 17.16
CA PHE U 466 78.06 55.58 16.81
C PHE U 466 78.33 55.83 15.34
N LEU U 467 79.31 55.13 14.76
CA LEU U 467 79.59 55.30 13.34
C LEU U 467 78.44 54.79 12.48
N GLU U 468 77.84 53.66 12.86
CA GLU U 468 76.67 53.18 12.12
C GLU U 468 75.50 54.14 12.24
N LYS U 469 75.30 54.72 13.43
CA LYS U 469 74.23 55.71 13.59
C LYS U 469 74.50 56.94 12.72
N TYR U 470 75.75 57.40 12.67
CA TYR U 470 76.10 58.53 11.82
C TYR U 470 75.84 58.21 10.36
N VAL U 471 76.21 57.00 9.93
CA VAL U 471 75.99 56.58 8.54
C VAL U 471 74.50 56.58 8.23
N ALA U 472 73.69 56.02 9.14
CA ALA U 472 72.25 55.96 8.91
C ALA U 472 71.65 57.36 8.86
N VAL U 473 72.06 58.24 9.76
CA VAL U 473 71.52 59.60 9.78
C VAL U 473 71.88 60.34 8.50
N CYS U 474 73.14 60.19 8.05
CA CYS U 474 73.54 60.84 6.81
C CYS U 474 72.77 60.29 5.61
N GLN U 475 72.55 58.98 5.56
CA GLN U 475 71.78 58.39 4.47
C GLN U 475 70.35 58.91 4.48
N GLU U 476 69.75 59.02 5.66
CA GLU U 476 68.39 59.57 5.76
C GLU U 476 68.35 61.03 5.36
N GLU U 477 69.42 61.79 5.64
CA GLU U 477 69.48 63.21 5.32
C GLU U 477 70.00 63.49 3.92
N ASN U 478 70.44 62.46 3.19
CA ASN U 478 71.04 62.62 1.86
C ASN U 478 72.24 63.56 1.92
N TYR U 479 73.10 63.34 2.92
CA TYR U 479 74.33 64.10 3.09
C TYR U 479 75.53 63.22 2.82
N PRO U 480 76.63 63.78 2.31
CA PRO U 480 77.80 62.96 1.94
C PRO U 480 78.42 62.30 3.17
N ILE U 481 78.41 60.97 3.17
CA ILE U 481 78.99 60.21 4.27
C ILE U 481 80.50 60.38 4.23
N LEU U 482 81.08 60.74 5.36
CA LEU U 482 82.52 60.93 5.43
C LEU U 482 83.23 59.58 5.29
N PRO U 483 84.15 59.42 4.33
CA PRO U 483 84.88 58.15 4.22
C PRO U 483 85.78 57.86 5.41
N GLU U 484 86.11 58.87 6.22
CA GLU U 484 86.91 58.65 7.42
C GLU U 484 86.19 57.74 8.40
N ALA U 485 84.87 57.88 8.53
CA ALA U 485 84.10 56.96 9.35
C ALA U 485 84.22 55.53 8.83
N TYR U 486 84.20 55.37 7.50
CA TYR U 486 84.38 54.05 6.91
C TYR U 486 85.75 53.48 7.22
N LEU U 487 86.79 54.32 7.13
CA LEU U 487 88.14 53.84 7.46
C LEU U 487 88.24 53.44 8.93
N VAL U 488 87.64 54.22 9.81
CA VAL U 488 87.65 53.87 11.24
C VAL U 488 86.91 52.55 11.47
N LEU U 489 85.76 52.38 10.82
CA LEU U 489 85.01 51.13 10.96
C LEU U 489 85.81 49.94 10.44
N SER U 490 86.50 50.11 9.31
CA SER U 490 87.33 49.03 8.79
C SER U 490 88.48 48.71 9.74
N ARG U 491 89.10 49.76 10.31
CA ARG U 491 90.17 49.53 11.27
C ARG U 491 89.67 48.76 12.49
N VAL U 492 88.47 49.09 12.97
CA VAL U 492 87.91 48.38 14.11
C VAL U 492 87.59 46.94 13.73
N TYR U 493 86.98 46.72 12.57
CA TYR U 493 86.58 45.39 12.14
C TYR U 493 87.76 44.53 11.71
N GLU U 494 88.95 45.11 11.56
CA GLU U 494 90.14 44.31 11.27
C GLU U 494 90.30 43.17 12.27
N ASN U 495 90.03 43.44 13.55
CA ASN U 495 90.15 42.43 14.59
C ASN U 495 88.86 41.66 14.83
N LYS U 496 87.76 42.03 14.17
CA LYS U 496 86.49 41.34 14.32
C LYS U 496 86.05 40.64 13.04
N ASP U 497 85.92 41.38 11.94
CA ASP U 497 85.38 40.81 10.71
C ASP U 497 86.14 41.44 9.54
N LEU U 498 86.96 40.63 8.87
CA LEU U 498 87.66 41.12 7.68
C LEU U 498 86.69 41.43 6.55
N ASN U 499 85.58 40.70 6.48
CA ASN U 499 84.61 40.91 5.40
C ASN U 499 83.96 42.28 5.51
N VAL U 500 83.49 42.64 6.72
CA VAL U 500 82.84 43.93 6.90
C VAL U 500 83.84 45.06 6.73
N ALA U 501 85.06 44.88 7.22
CA ALA U 501 86.10 45.89 7.03
C ALA U 501 86.40 46.11 5.56
N LEU U 502 86.51 45.02 4.80
CA LEU U 502 86.76 45.14 3.36
C LEU U 502 85.60 45.81 2.65
N ASP U 503 84.37 45.48 3.04
CA ASP U 503 83.20 46.11 2.45
C ASP U 503 83.17 47.62 2.72
N TYR U 504 83.47 48.01 3.96
CA TYR U 504 83.52 49.43 4.30
C TYR U 504 84.65 50.14 3.56
N LEU U 505 85.79 49.48 3.40
CA LEU U 505 86.88 50.09 2.64
C LEU U 505 86.49 50.27 1.18
N MET U 506 85.77 49.30 0.61
CA MET U 506 85.29 49.44 -0.76
C MET U 506 84.30 50.59 -0.87
N LYS U 507 83.42 50.74 0.11
CA LYS U 507 82.47 51.86 0.10
C LYS U 507 83.20 53.20 0.18
N ALA U 508 84.22 53.28 1.04
CA ALA U 508 85.00 54.51 1.15
C ALA U 508 85.72 54.81 -0.15
N ASN U 509 86.28 53.78 -0.82
CA ASN U 509 86.95 54.00 -2.09
C ASN U 509 85.97 54.47 -3.15
N ASP U 510 84.75 53.91 -3.15
CA ASP U 510 83.74 54.34 -4.12
C ASP U 510 83.35 55.79 -3.88
N ILE U 511 83.24 56.19 -2.61
CA ILE U 511 82.95 57.60 -2.29
C ILE U 511 84.09 58.49 -2.78
N LEU U 512 85.33 58.07 -2.52
CA LEU U 512 86.48 58.89 -2.92
C LEU U 512 86.58 59.03 -4.43
N GLY U 513 86.34 57.94 -5.16
CA GLY U 513 86.52 57.96 -6.61
C GLY U 513 87.97 58.16 -6.99
N ASP U 514 88.28 59.32 -7.57
CA ASP U 514 89.67 59.63 -7.90
C ASP U 514 90.48 60.03 -6.67
N LYS U 515 89.82 60.26 -5.54
CA LYS U 515 90.50 60.63 -4.30
C LYS U 515 91.08 59.44 -3.56
N ALA U 516 91.16 58.27 -4.19
CA ALA U 516 91.74 57.10 -3.56
C ALA U 516 93.22 57.34 -3.25
N ASN U 517 93.64 56.91 -2.07
CA ASN U 517 95.02 57.10 -1.62
C ASN U 517 95.78 55.79 -1.65
N VAL U 518 97.09 55.88 -1.38
CA VAL U 518 97.96 54.71 -1.43
C VAL U 518 97.61 53.73 -0.30
N TYR U 519 97.29 54.26 0.88
CA TYR U 519 96.98 53.39 2.01
C TYR U 519 95.71 52.59 1.76
N VAL U 520 94.69 53.21 1.17
CA VAL U 520 93.43 52.52 0.91
C VAL U 520 93.66 51.37 -0.08
N LEU U 521 94.40 51.65 -1.15
CA LEU U 521 94.69 50.59 -2.13
C LEU U 521 95.53 49.48 -1.53
N ASN U 522 96.52 49.83 -0.71
CA ASN U 522 97.34 48.81 -0.07
C ASN U 522 96.51 47.93 0.85
N ASN U 523 95.62 48.54 1.64
CA ASN U 523 94.79 47.76 2.55
C ASN U 523 93.79 46.89 1.78
N LEU U 524 93.25 47.40 0.67
CA LEU U 524 92.38 46.57 -0.16
C LEU U 524 93.14 45.38 -0.73
N GLY U 525 94.36 45.61 -1.20
CA GLY U 525 95.18 44.51 -1.71
C GLY U 525 95.49 43.49 -0.64
N ILE U 526 95.80 43.95 0.57
CA ILE U 526 96.08 43.03 1.67
C ILE U 526 94.83 42.25 2.05
N TYR U 527 93.66 42.91 2.02
CA TYR U 527 92.41 42.22 2.30
C TYR U 527 92.16 41.11 1.29
N HIS U 528 92.36 41.41 0.00
CA HIS U 528 92.15 40.39 -1.02
C HIS U 528 93.20 39.29 -0.95
N PHE U 529 94.43 39.64 -0.53
CA PHE U 529 95.46 38.63 -0.33
C PHE U 529 95.08 37.68 0.81
N PHE U 530 94.55 38.22 1.90
CA PHE U 530 94.05 37.38 2.98
C PHE U 530 92.80 36.61 2.55
N ARG U 531 92.02 37.16 1.63
CA ARG U 531 90.90 36.46 1.03
C ARG U 531 91.32 35.53 -0.09
N ASN U 532 92.62 35.43 -0.37
CA ASN U 532 93.17 34.62 -1.46
C ASN U 532 92.68 35.07 -2.83
N ASN U 533 92.22 36.32 -2.93
CA ASN U 533 91.85 36.91 -4.22
C ASN U 533 93.12 37.43 -4.88
N VAL U 534 93.87 36.51 -5.49
CA VAL U 534 95.17 36.84 -6.04
C VAL U 534 95.06 37.89 -7.11
N SER U 535 94.08 37.74 -8.02
CA SER U 535 93.91 38.71 -9.10
C SER U 535 93.56 40.08 -8.56
N GLN U 536 92.56 40.17 -7.67
CA GLN U 536 92.14 41.46 -7.15
C GLN U 536 93.23 42.08 -6.28
N SER U 537 93.92 41.26 -5.48
CA SER U 537 95.01 41.79 -4.68
C SER U 537 96.12 42.35 -5.57
N SER U 538 96.46 41.64 -6.65
CA SER U 538 97.48 42.12 -7.56
C SER U 538 97.05 43.41 -8.24
N ASP U 539 95.78 43.50 -8.65
CA ASP U 539 95.29 44.73 -9.26
C ASP U 539 95.35 45.91 -8.28
N PHE U 540 94.96 45.68 -7.03
CA PHE U 540 95.01 46.75 -6.04
C PHE U 540 96.45 47.17 -5.76
N PHE U 541 97.38 46.21 -5.71
CA PHE U 541 98.78 46.55 -5.50
C PHE U 541 99.33 47.34 -6.69
N ALA U 542 98.93 46.96 -7.90
CA ALA U 542 99.34 47.71 -9.08
C ALA U 542 98.81 49.14 -9.05
N GLN U 543 97.54 49.30 -8.65
CA GLN U 543 96.98 50.65 -8.51
C GLN U 543 97.71 51.44 -7.45
N SER U 544 98.10 50.79 -6.34
CA SER U 544 98.86 51.47 -5.30
C SER U 544 100.22 51.92 -5.82
N LEU U 545 100.90 51.05 -6.59
CA LEU U 545 102.19 51.44 -7.16
C LEU U 545 102.03 52.57 -8.16
N GLU U 546 100.94 52.57 -8.93
CA GLU U 546 100.68 53.65 -9.87
C GLU U 546 100.44 54.97 -9.12
N ALA U 547 99.69 54.91 -8.02
CA ALA U 547 99.42 56.10 -7.23
C ALA U 547 100.64 56.54 -6.42
N LEU U 548 101.64 55.68 -6.27
CA LEU U 548 102.85 56.05 -5.56
C LEU U 548 103.54 57.26 -6.19
N ASN U 549 103.34 57.48 -7.49
CA ASN U 549 103.93 58.64 -8.15
C ASN U 549 103.40 59.95 -7.58
N ASN U 550 102.23 59.93 -6.96
CA ASN U 550 101.61 61.12 -6.40
C ASN U 550 101.93 61.32 -4.92
N VAL U 551 102.76 60.45 -4.33
CA VAL U 551 103.05 60.53 -2.92
C VAL U 551 103.99 61.70 -2.63
N SER U 552 103.83 62.31 -1.46
CA SER U 552 104.73 63.38 -1.05
C SER U 552 106.16 62.85 -0.94
N PRO U 553 107.16 63.66 -1.31
CA PRO U 553 108.54 63.15 -1.31
C PRO U 553 109.04 62.67 0.04
N GLN U 554 108.56 63.26 1.14
CA GLN U 554 109.05 62.91 2.47
C GLN U 554 108.75 61.44 2.79
N ASN U 555 107.50 61.03 2.59
CA ASN U 555 107.09 59.65 2.85
C ASN U 555 107.23 58.76 1.63
N LYS U 556 107.69 59.30 0.50
CA LYS U 556 107.74 58.54 -0.74
C LYS U 556 108.68 57.34 -0.62
N GLU U 557 109.85 57.53 -0.02
CA GLU U 557 110.81 56.43 0.11
C GLU U 557 110.24 55.32 0.98
N ALA U 558 109.67 55.67 2.13
CA ALA U 558 109.11 54.66 3.02
C ALA U 558 107.95 53.92 2.37
N LEU U 559 107.06 54.63 1.71
CA LEU U 559 105.92 53.97 1.09
C LEU U 559 106.36 53.13 -0.11
N SER U 560 107.38 53.57 -0.85
CA SER U 560 107.91 52.75 -1.93
C SER U 560 108.53 51.47 -1.40
N ILE U 561 109.26 51.56 -0.29
CA ILE U 561 109.84 50.37 0.31
C ILE U 561 108.73 49.41 0.75
N THR U 562 107.69 49.94 1.39
CA THR U 562 106.59 49.09 1.84
C THR U 562 105.87 48.43 0.66
N LEU U 563 105.60 49.20 -0.40
CA LEU U 563 104.89 48.64 -1.56
C LEU U 563 105.75 47.61 -2.27
N HIS U 564 107.06 47.86 -2.38
CA HIS U 564 107.95 46.87 -2.99
C HIS U 564 108.03 45.60 -2.17
N TYR U 565 108.03 45.73 -0.83
CA TYR U 565 107.99 44.56 0.03
C TYR U 565 106.70 43.77 -0.17
N ASN U 566 105.57 44.47 -0.27
CA ASN U 566 104.30 43.78 -0.50
C ASN U 566 104.29 43.08 -1.86
N LYS U 567 104.80 43.73 -2.89
CA LYS U 567 104.88 43.12 -4.21
C LYS U 567 105.80 41.91 -4.20
N ALA U 568 106.90 42.00 -3.45
CA ALA U 568 107.80 40.85 -3.32
C ALA U 568 107.12 39.71 -2.59
N ARG U 569 106.29 40.00 -1.59
CA ARG U 569 105.51 38.95 -0.94
C ARG U 569 104.56 38.28 -1.92
N VAL U 570 103.86 39.08 -2.74
CA VAL U 570 102.94 38.52 -3.72
C VAL U 570 103.70 37.67 -4.73
N GLU U 571 104.90 38.12 -5.13
CA GLU U 571 105.72 37.30 -6.02
C GLU U 571 106.14 36.00 -5.35
N GLU U 572 106.58 36.07 -4.09
CA GLU U 572 106.96 34.87 -3.35
C GLU U 572 105.81 33.87 -3.31
N VAL U 573 104.57 34.38 -3.24
CA VAL U 573 103.42 33.51 -3.42
C VAL U 573 103.37 32.96 -4.84
N SER U 574 103.61 33.82 -5.83
CA SER U 574 103.54 33.39 -7.22
C SER U 574 104.84 32.76 -7.71
N ASN U 575 105.93 33.52 -7.72
CA ASN U 575 107.21 33.07 -8.25
C ASN U 575 108.33 33.59 -7.35
N GLN U 576 109.13 32.67 -6.80
CA GLN U 576 110.14 33.06 -5.82
C GLN U 576 111.29 33.86 -6.43
N SER U 577 111.53 33.74 -7.75
CA SER U 577 112.67 34.41 -8.35
C SER U 577 112.52 35.93 -8.31
N GLU U 578 111.36 36.43 -8.75
CA GLU U 578 111.12 37.87 -8.68
C GLU U 578 111.07 38.36 -7.25
N ALA U 579 110.57 37.52 -6.34
CA ALA U 579 110.57 37.88 -4.92
C ALA U 579 111.99 38.08 -4.42
N GLU U 580 112.90 37.17 -4.78
CA GLU U 580 114.29 37.30 -4.35
C GLU U 580 114.95 38.51 -5.01
N LYS U 581 114.62 38.78 -6.27
CA LYS U 581 115.16 39.96 -6.95
C LYS U 581 114.74 41.24 -6.23
N LEU U 582 113.44 41.38 -5.94
CA LEU U 582 112.98 42.56 -5.22
C LEU U 582 113.52 42.60 -3.80
N TYR U 583 113.75 41.43 -3.19
CA TYR U 583 114.37 41.38 -1.88
C TYR U 583 115.77 41.97 -1.91
N SER U 584 116.56 41.60 -2.92
CA SER U 584 117.88 42.18 -3.08
C SER U 584 117.79 43.68 -3.36
N LYS U 585 116.82 44.09 -4.18
CA LYS U 585 116.65 45.51 -4.48
C LYS U 585 116.37 46.31 -3.22
N LEU U 586 115.47 45.82 -2.37
CA LEU U 586 115.13 46.54 -1.14
C LEU U 586 116.27 46.47 -0.12
N MET U 587 116.97 45.34 -0.07
CA MET U 587 118.10 45.22 0.86
C MET U 587 119.20 46.20 0.50
N GLU U 588 119.48 46.37 -0.79
CA GLU U 588 120.39 47.43 -1.20
C GLU U 588 119.79 48.80 -0.89
N LYS U 589 118.48 48.96 -1.09
CA LYS U 589 117.83 50.24 -0.78
C LYS U 589 117.83 50.51 0.73
N CYS U 590 117.55 49.49 1.54
CA CYS U 590 117.47 49.67 2.99
C CYS U 590 117.97 48.40 3.67
N PRO U 591 119.27 48.32 3.95
CA PRO U 591 119.81 47.11 4.62
C PRO U 591 119.28 46.93 6.03
N GLY U 592 118.79 47.98 6.69
CA GLY U 592 118.35 47.87 8.07
C GLY U 592 117.08 47.09 8.28
N TYR U 593 116.27 46.93 7.23
CA TYR U 593 115.02 46.21 7.37
C TYR U 593 115.27 44.74 7.65
N THR U 594 114.45 44.17 8.54
CA THR U 594 114.66 42.79 9.01
C THR U 594 113.79 41.78 8.27
N SER U 595 112.53 42.10 8.03
CA SER U 595 111.62 41.14 7.39
C SER U 595 112.11 40.78 5.99
N ASN U 596 112.61 41.77 5.25
CA ASN U 596 113.16 41.49 3.92
C ASN U 596 114.33 40.50 4.02
N LYS U 597 115.27 40.77 4.93
CA LYS U 597 116.41 39.87 5.09
C LYS U 597 115.96 38.50 5.58
N ILE U 598 115.00 38.46 6.50
CA ILE U 598 114.51 37.18 7.00
C ILE U 598 113.92 36.35 5.88
N ARG U 599 113.06 36.96 5.06
CA ARG U 599 112.43 36.22 3.96
C ARG U 599 113.46 35.81 2.92
N TYR U 600 114.42 36.68 2.61
CA TYR U 600 115.43 36.35 1.61
C TYR U 600 116.30 35.18 2.07
N ILE U 601 116.74 35.22 3.32
CA ILE U 601 117.56 34.13 3.85
C ILE U 601 116.74 32.85 3.97
N TYR U 602 115.46 32.97 4.29
CA TYR U 602 114.59 31.80 4.36
C TYR U 602 114.42 31.15 2.99
N LEU U 603 114.23 31.96 1.94
CA LEU U 603 114.16 31.41 0.59
C LEU U 603 115.46 30.78 0.17
N LEU U 604 116.60 31.41 0.53
CA LEU U 604 117.89 30.82 0.23
C LEU U 604 118.07 29.48 0.93
N ALA U 605 117.66 29.40 2.20
CA ALA U 605 117.76 28.15 2.94
C ALA U 605 116.88 27.07 2.33
N LEU U 606 115.68 27.45 1.86
CA LEU U 606 114.85 26.50 1.13
C LEU U 606 115.54 26.02 -0.14
N LYS U 607 116.19 26.94 -0.87
CA LYS U 607 116.87 26.55 -2.09
C LYS U 607 118.17 25.80 -1.80
N SER U 608 118.87 26.18 -0.74
CA SER U 608 120.16 25.58 -0.40
C SER U 608 120.04 24.46 0.63
N ASN U 609 118.83 24.07 1.03
CA ASN U 609 118.62 23.00 2.00
C ASN U 609 119.35 23.27 3.31
N GLY U 610 119.29 24.52 3.77
CA GLY U 610 119.92 24.91 5.02
C GLY U 610 121.43 24.82 5.00
N ASN U 611 122.04 25.26 3.90
CA ASN U 611 123.50 25.31 3.77
C ASN U 611 124.05 26.71 4.00
N ASN U 612 123.23 27.64 4.49
CA ASN U 612 123.63 29.02 4.76
C ASN U 612 123.50 29.33 6.25
N TYR U 613 123.95 28.40 7.10
CA TYR U 613 123.88 28.62 8.54
C TYR U 613 124.67 29.85 8.96
N ALA U 614 125.75 30.16 8.24
CA ALA U 614 126.52 31.36 8.54
C ALA U 614 125.68 32.61 8.36
N ASP U 615 124.86 32.65 7.29
CA ASP U 615 123.99 33.79 7.08
C ASP U 615 122.97 33.93 8.20
N VAL U 616 122.40 32.81 8.65
CA VAL U 616 121.43 32.86 9.74
C VAL U 616 122.08 33.36 11.03
N GLN U 617 123.29 32.87 11.32
CA GLN U 617 124.00 33.32 12.51
C GLN U 617 124.32 34.81 12.42
N GLN U 618 124.75 35.28 11.25
CA GLN U 618 125.04 36.70 11.07
C GLN U 618 123.78 37.54 11.26
N LEU U 619 122.66 37.08 10.71
CA LEU U 619 121.40 37.81 10.89
C LEU U 619 120.99 37.85 12.36
N LEU U 620 121.18 36.74 13.07
CA LEU U 620 120.90 36.73 14.50
C LEU U 620 121.78 37.73 15.24
N ASP U 621 123.05 37.81 14.86
CA ASP U 621 123.94 38.79 15.47
C ASP U 621 123.51 40.22 15.16
N ASP U 622 122.97 40.45 13.96
CA ASP U 622 122.56 41.80 13.58
C ASP U 622 121.44 42.32 14.47
N PHE U 623 120.45 41.47 14.76
CA PHE U 623 119.27 41.86 15.55
C PHE U 623 119.02 40.83 16.64
N PRO U 624 119.87 40.80 17.67
CA PRO U 624 119.62 39.88 18.79
C PRO U 624 118.35 40.17 19.55
N SER U 625 117.83 41.39 19.50
CA SER U 625 116.61 41.75 20.22
C SER U 625 115.35 41.56 19.37
N ASP U 626 115.49 41.28 18.08
CA ASP U 626 114.33 41.09 17.22
C ASP U 626 113.72 39.72 17.49
N LEU U 627 112.43 39.70 17.85
CA LEU U 627 111.74 38.44 18.09
C LEU U 627 111.61 37.63 16.82
N GLU U 628 111.36 38.30 15.69
CA GLU U 628 111.22 37.59 14.41
C GLU U 628 112.53 36.94 14.00
N VAL U 629 113.65 37.66 14.15
CA VAL U 629 114.95 37.12 13.78
C VAL U 629 115.28 35.92 14.66
N ARG U 630 115.05 36.05 15.97
CA ARG U 630 115.33 34.94 16.88
C ARG U 630 114.46 33.74 16.59
N SER U 631 113.18 33.97 16.29
CA SER U 631 112.27 32.86 15.98
C SER U 631 112.69 32.15 14.70
N PHE U 632 113.07 32.92 13.67
CA PHE U 632 113.54 32.31 12.43
C PHE U 632 114.83 31.52 12.65
N TYR U 633 115.74 32.07 13.45
CA TYR U 633 116.98 31.36 13.74
C TYR U 633 116.71 30.07 14.50
N GLY U 634 115.78 30.10 15.46
CA GLY U 634 115.41 28.90 16.18
C GLY U 634 114.73 27.87 15.30
N TRP U 635 113.91 28.33 14.36
CA TRP U 635 113.28 27.41 13.41
C TRP U 635 114.34 26.74 12.53
N PHE U 636 115.32 27.52 12.07
CA PHE U 636 116.41 26.95 11.27
C PHE U 636 117.23 25.96 12.09
N LEU U 637 117.45 26.26 13.37
CA LEU U 637 118.15 25.33 14.24
C LEU U 637 117.36 24.03 14.39
N LYS U 638 116.06 24.14 14.69
CA LYS U 638 115.23 22.95 14.83
C LYS U 638 115.23 22.14 13.54
N ARG U 639 115.33 22.81 12.40
CA ARG U 639 115.33 22.11 11.12
C ARG U 639 116.65 21.38 10.86
N TYR U 640 117.79 22.03 11.12
CA TYR U 640 119.06 21.47 10.65
C TYR U 640 120.14 21.42 11.73
N GLY U 641 119.76 21.21 12.99
CA GLY U 641 120.76 21.09 14.03
C GLY U 641 121.63 19.84 13.87
N ARG U 642 120.99 18.70 13.57
CA ARG U 642 121.75 17.47 13.36
C ARG U 642 122.57 17.54 12.08
N LYS U 643 122.05 18.22 11.05
CA LYS U 643 122.83 18.43 9.84
C LYS U 643 124.07 19.27 10.12
N ASN U 644 123.92 20.33 10.91
CA ASN U 644 125.02 21.21 11.24
C ASN U 644 125.84 20.73 12.43
N GLY U 645 125.39 19.67 13.10
CA GLY U 645 126.13 19.13 14.23
C GLY U 645 126.22 20.03 15.43
N LEU U 646 125.29 20.97 15.58
CA LEU U 646 125.32 21.89 16.69
C LEU U 646 124.84 21.21 17.97
N LYS U 647 125.03 21.92 19.09
CA LYS U 647 124.63 21.38 20.38
C LYS U 647 123.12 21.22 20.46
N GLN U 648 122.67 20.11 21.06
CA GLN U 648 121.24 19.87 21.22
C GLN U 648 120.60 20.93 22.10
N ASP U 649 121.29 21.34 23.18
CA ASP U 649 120.75 22.32 24.11
C ASP U 649 121.05 23.76 23.69
N LEU U 650 121.78 23.97 22.59
CA LEU U 650 122.14 25.32 22.19
C LEU U 650 120.90 26.16 21.89
N GLU U 651 119.95 25.58 21.14
CA GLU U 651 118.69 26.27 20.89
C GLU U 651 117.91 26.46 22.18
N SER U 652 118.01 25.50 23.10
CA SER U 652 117.35 25.64 24.39
C SER U 652 117.90 26.84 25.16
N GLN U 653 119.23 26.99 25.18
CA GLN U 653 119.83 28.15 25.84
C GLN U 653 119.44 29.45 25.14
N HIS U 654 119.39 29.43 23.81
CA HIS U 654 119.00 30.64 23.07
C HIS U 654 117.58 31.05 23.42
N HIS U 655 116.65 30.09 23.46
CA HIS U 655 115.27 30.41 23.80
C HIS U 655 115.14 30.81 25.26
N LYS U 656 115.93 30.20 26.15
CA LYS U 656 115.90 30.61 27.55
C LYS U 656 116.37 32.05 27.71
N ASP U 657 117.43 32.42 27.01
CA ASP U 657 117.90 33.81 27.05
C ASP U 657 116.85 34.75 26.47
N THR U 658 116.20 34.34 25.38
CA THR U 658 115.13 35.16 24.80
C THR U 658 114.00 35.38 25.80
N LEU U 659 113.61 34.32 26.52
CA LEU U 659 112.50 34.45 27.46
C LEU U 659 112.89 35.29 28.67
N ILE U 660 114.07 35.03 29.24
CA ILE U 660 114.47 35.71 30.47
C ILE U 660 114.77 37.19 30.21
N ASN U 661 115.52 37.48 29.15
CA ASN U 661 116.05 38.81 28.96
C ASN U 661 115.27 39.67 27.98
N TYR U 662 114.43 39.09 27.14
CA TYR U 662 113.70 39.86 26.14
C TYR U 662 112.19 39.81 26.33
N ASP U 663 111.59 38.62 26.40
CA ASP U 663 110.15 38.51 26.58
C ASP U 663 109.83 37.12 27.09
N LYS U 664 109.30 37.04 28.32
CA LYS U 664 108.91 35.77 28.91
C LYS U 664 107.50 35.34 28.51
N HIS U 665 106.80 36.14 27.71
CA HIS U 665 105.45 35.83 27.27
C HIS U 665 105.41 35.49 25.78
N ASP U 666 106.55 35.19 25.17
CA ASP U 666 106.60 34.80 23.77
C ASP U 666 106.27 33.32 23.64
N CYS U 667 105.15 33.02 22.98
CA CYS U 667 104.71 31.64 22.85
C CYS U 667 105.61 30.81 21.94
N TYR U 668 106.30 31.45 20.99
CA TYR U 668 107.15 30.71 20.06
C TYR U 668 108.30 30.01 20.79
N ALA U 669 109.04 30.76 21.59
CA ALA U 669 110.15 30.18 22.34
C ALA U 669 109.67 29.19 23.39
N LEU U 670 108.52 29.47 24.01
CA LEU U 670 107.97 28.54 24.99
C LEU U 670 107.62 27.21 24.34
N LEU U 671 106.99 27.26 23.15
CA LEU U 671 106.66 26.02 22.43
C LEU U 671 107.91 25.29 21.99
N SER U 672 108.93 26.03 21.53
CA SER U 672 110.18 25.37 21.14
C SER U 672 110.82 24.67 22.34
N LEU U 673 110.85 25.34 23.49
CA LEU U 673 111.41 24.74 24.69
C LEU U 673 110.60 23.52 25.13
N GLY U 674 109.27 23.61 25.04
CA GLY U 674 108.44 22.47 25.39
C GLY U 674 108.70 21.28 24.48
N ASN U 675 108.83 21.53 23.17
CA ASN U 675 109.14 20.45 22.24
C ASN U 675 110.51 19.84 22.54
N ILE U 676 111.50 20.68 22.85
CA ILE U 676 112.82 20.16 23.17
C ILE U 676 112.77 19.29 24.43
N TYR U 677 112.06 19.76 25.46
CA TYR U 677 111.98 19.00 26.71
C TYR U 677 111.22 17.69 26.49
N ALA U 678 110.15 17.72 25.69
CA ALA U 678 109.42 16.50 25.40
C ALA U 678 110.29 15.51 24.64
N THR U 679 111.09 16.00 23.68
CA THR U 679 112.00 15.12 22.97
C THR U 679 113.04 14.51 23.90
N ILE U 680 113.58 15.32 24.82
CA ILE U 680 114.56 14.82 25.77
C ILE U 680 113.94 13.74 26.66
N ALA U 681 112.72 13.99 27.13
CA ALA U 681 112.04 13.00 27.98
C ALA U 681 111.74 11.72 27.21
N ARG U 682 111.30 11.85 25.96
CA ARG U 682 110.98 10.67 25.16
C ARG U 682 112.22 9.84 24.88
N GLU U 683 113.34 10.49 24.55
CA GLU U 683 114.57 9.76 24.29
C GLU U 683 115.22 9.21 25.55
N MET U 684 114.79 9.68 26.73
CA MET U 684 115.38 9.20 27.98
C MET U 684 114.99 7.75 28.23
N LYS U 685 115.97 6.94 28.58
CA LYS U 685 115.73 5.53 28.87
C LYS U 685 115.04 5.38 30.22
N VAL U 686 114.10 4.44 30.29
CA VAL U 686 113.35 4.16 31.51
C VAL U 686 113.89 2.86 32.11
N THR U 687 114.34 2.93 33.36
CA THR U 687 114.92 1.77 34.02
C THR U 687 114.23 1.48 35.36
N ASP U 688 113.77 2.54 36.04
CA ASP U 688 113.16 2.39 37.36
C ASP U 688 112.19 3.54 37.56
N GLN U 689 111.70 3.68 38.80
CA GLN U 689 110.75 4.74 39.12
C GLN U 689 111.39 6.12 39.03
N LYS U 690 112.68 6.22 39.40
CA LYS U 690 113.34 7.52 39.39
C LYS U 690 113.45 8.08 37.99
N GLN U 691 113.84 7.25 37.02
CA GLN U 691 113.98 7.73 35.65
C GLN U 691 112.62 8.10 35.05
N ASN U 692 111.60 7.30 35.35
CA ASN U 692 110.26 7.65 34.89
C ASN U 692 109.77 8.95 35.52
N GLU U 693 110.12 9.18 36.79
CA GLU U 693 109.76 10.44 37.44
C GLU U 693 110.49 11.62 36.82
N ILE U 694 111.76 11.44 36.44
CA ILE U 694 112.50 12.50 35.76
C ILE U 694 111.89 12.80 34.40
N LYS U 695 111.51 11.74 33.67
CA LYS U 695 110.81 11.92 32.39
C LYS U 695 109.50 12.67 32.59
N ARG U 696 108.75 12.31 33.64
CA ARG U 696 107.51 13.00 33.94
C ARG U 696 107.75 14.45 34.33
N GLN U 697 108.87 14.73 35.00
CA GLN U 697 109.20 16.11 35.34
C GLN U 697 109.54 16.93 34.11
N GLN U 698 110.26 16.34 33.15
CA GLN U 698 110.52 17.04 31.90
C GLN U 698 109.22 17.29 31.14
N TYR U 699 108.34 16.28 31.10
CA TYR U 699 107.03 16.48 30.48
C TYR U 699 106.23 17.55 31.22
N LEU U 700 106.39 17.63 32.54
CA LEU U 700 105.72 18.66 33.32
C LEU U 700 106.25 20.05 32.99
N ARG U 701 107.56 20.15 32.76
CA ARG U 701 108.14 21.42 32.33
C ARG U 701 107.57 21.83 30.97
N ALA U 702 107.49 20.89 30.03
CA ALA U 702 106.90 21.18 28.74
C ALA U 702 105.43 21.58 28.87
N ALA U 703 104.71 20.88 29.74
CA ALA U 703 103.30 21.21 29.98
C ALA U 703 103.13 22.57 30.63
N GLN U 704 104.07 22.97 31.49
CA GLN U 704 104.02 24.32 32.05
C GLN U 704 104.30 25.37 31.00
N PHE U 705 105.22 25.08 30.07
CA PHE U 705 105.42 25.98 28.92
C PHE U 705 104.12 26.14 28.15
N TYR U 706 103.46 25.02 27.84
CA TYR U 706 102.22 25.06 27.08
C TYR U 706 101.11 25.77 27.87
N HIS U 707 101.07 25.58 29.18
CA HIS U 707 100.05 26.23 30.00
C HIS U 707 100.27 27.72 30.07
N LYS U 708 101.53 28.16 30.15
CA LYS U 708 101.81 29.59 30.07
C LYS U 708 101.42 30.15 28.71
N VAL U 709 101.66 29.38 27.63
CA VAL U 709 101.23 29.82 26.31
C VAL U 709 99.71 29.97 26.26
N LEU U 710 98.99 29.01 26.83
CA LEU U 710 97.52 29.08 26.85
C LEU U 710 97.03 30.25 27.70
N SER U 711 97.73 30.53 28.81
CA SER U 711 97.39 31.70 29.61
C SER U 711 97.59 32.98 28.80
N ILE U 712 98.66 33.03 28.01
CA ILE U 712 98.85 34.14 27.07
C ILE U 712 97.75 34.14 26.03
N ASP U 713 97.44 32.97 25.47
CA ASP U 713 96.41 32.85 24.45
C ASP U 713 95.78 31.47 24.48
N PRO U 714 94.52 31.36 24.92
CA PRO U 714 93.86 30.05 24.96
C PRO U 714 93.50 29.48 23.60
N LYS U 715 93.73 30.23 22.52
CA LYS U 715 93.41 29.79 21.17
C LYS U 715 94.63 29.22 20.44
N ASN U 716 95.55 28.61 21.17
CA ASN U 716 96.79 28.09 20.59
C ASN U 716 96.59 26.62 20.26
N ILE U 717 96.59 26.28 18.97
CA ILE U 717 96.42 24.89 18.56
C ILE U 717 97.66 24.08 18.90
N TYR U 718 98.85 24.66 18.76
CA TYR U 718 100.09 23.91 18.96
C TYR U 718 100.28 23.52 20.43
N ALA U 719 99.86 24.39 21.35
CA ALA U 719 99.94 24.03 22.76
C ALA U 719 99.05 22.83 23.07
N ALA U 720 97.84 22.81 22.53
CA ALA U 720 96.95 21.67 22.71
C ALA U 720 97.52 20.42 22.05
N GLN U 721 98.17 20.59 20.89
CA GLN U 721 98.77 19.45 20.20
C GLN U 721 99.91 18.85 21.03
N GLY U 722 100.74 19.70 21.63
CA GLY U 722 101.77 19.21 22.53
C GLY U 722 101.19 18.53 23.76
N ILE U 723 100.10 19.09 24.29
CA ILE U 723 99.41 18.46 25.42
C ILE U 723 98.92 17.07 25.03
N ALA U 724 98.34 16.95 23.84
CA ALA U 724 97.86 15.65 23.37
C ALA U 724 99.00 14.66 23.17
N ILE U 725 100.14 15.15 22.66
CA ILE U 725 101.30 14.28 22.49
C ILE U 725 101.79 13.77 23.84
N ILE U 726 101.84 14.67 24.84
CA ILE U 726 102.24 14.27 26.19
C ILE U 726 101.27 13.23 26.74
N PHE U 727 99.96 13.44 26.53
CA PHE U 727 98.97 12.47 26.97
C PHE U 727 99.16 11.13 26.27
N SER U 728 99.51 11.16 24.99
CA SER U 728 99.82 9.93 24.27
C SER U 728 101.00 9.21 24.90
N ASP U 729 102.03 9.97 25.29
CA ASP U 729 103.14 9.36 26.03
C ASP U 729 102.67 8.88 27.39
N LYS U 730 101.69 9.54 27.98
CA LYS U 730 101.12 9.15 29.27
C LYS U 730 99.91 8.23 29.12
N GLU U 731 99.58 7.82 27.89
CA GLU U 731 98.47 6.91 27.59
C GLU U 731 97.11 7.46 27.98
N ARG U 732 96.95 8.79 27.99
CA ARG U 732 95.64 9.42 28.14
C ARG U 732 95.04 9.59 26.75
N THR U 733 94.50 8.50 26.23
CA THR U 733 94.10 8.46 24.82
C THR U 733 92.86 9.30 24.55
N GLY U 734 91.91 9.32 25.48
CA GLY U 734 90.68 10.06 25.24
C GLY U 734 90.88 11.56 25.12
N LEU U 735 91.68 12.13 26.02
CA LEU U 735 91.95 13.56 25.97
C LEU U 735 92.70 13.92 24.68
N ALA U 736 93.68 13.10 24.30
CA ALA U 736 94.40 13.33 23.05
C ALA U 736 93.47 13.26 21.85
N LEU U 737 92.56 12.29 21.86
CA LEU U 737 91.60 12.15 20.76
C LEU U 737 90.70 13.38 20.66
N GLU U 738 90.18 13.84 21.80
CA GLU U 738 89.35 15.05 21.79
C GLU U 738 90.12 16.26 21.29
N ILE U 739 91.36 16.42 21.76
CA ILE U 739 92.17 17.56 21.34
C ILE U 739 92.46 17.50 19.84
N PHE U 740 92.79 16.30 19.34
CA PHE U 740 93.09 16.17 17.92
C PHE U 740 91.85 16.42 17.07
N LYS U 741 90.68 15.96 17.52
CA LYS U 741 89.45 16.25 16.78
C LYS U 741 89.18 17.75 16.74
N LYS U 742 89.36 18.44 17.87
CA LYS U 742 89.17 19.88 17.89
C LYS U 742 90.18 20.58 16.98
N VAL U 743 91.42 20.10 16.97
CA VAL U 743 92.45 20.70 16.12
C VAL U 743 92.10 20.52 14.65
N ARG U 744 91.65 19.32 14.28
CA ARG U 744 91.24 19.07 12.90
C ARG U 744 90.08 19.97 12.52
N ASP U 745 89.11 20.14 13.42
CA ASP U 745 88.04 21.08 13.18
C ASP U 745 88.58 22.49 12.99
N THR U 746 89.65 22.83 13.69
CA THR U 746 90.25 24.16 13.58
C THR U 746 91.08 24.30 12.31
N VAL U 747 92.12 23.47 12.18
CA VAL U 747 93.06 23.56 11.06
C VAL U 747 93.24 22.17 10.46
N GLN U 748 93.56 22.13 9.17
CA GLN U 748 93.72 20.87 8.43
C GLN U 748 95.10 20.87 7.77
N ASP U 749 96.04 20.15 8.38
CA ASP U 749 97.34 19.89 7.77
C ASP U 749 97.63 18.39 7.81
N LEU U 750 98.75 18.01 7.21
CA LEU U 750 99.12 16.60 7.17
C LEU U 750 99.37 16.06 8.57
N GLY U 751 100.01 16.85 9.43
CA GLY U 751 100.33 16.39 10.77
C GLY U 751 99.09 16.07 11.60
N THR U 752 98.05 16.89 11.46
CA THR U 752 96.82 16.64 12.21
C THR U 752 96.20 15.31 11.81
N PHE U 753 96.13 15.04 10.49
CA PHE U 753 95.57 13.78 10.04
C PHE U 753 96.41 12.60 10.49
N ILE U 754 97.74 12.73 10.43
CA ILE U 754 98.61 11.65 10.86
C ILE U 754 98.41 11.37 12.35
N ASN U 755 98.33 12.43 13.15
CA ASN U 755 98.12 12.25 14.58
C ASN U 755 96.76 11.65 14.88
N LEU U 756 95.73 12.04 14.11
CA LEU U 756 94.42 11.43 14.27
C LEU U 756 94.46 9.94 13.96
N GLY U 757 95.16 9.56 12.88
CA GLY U 757 95.31 8.15 12.58
C GLY U 757 96.04 7.40 13.67
N HIS U 758 97.11 8.00 14.19
CA HIS U 758 97.85 7.38 15.30
C HIS U 758 96.96 7.18 16.52
N CYS U 759 96.16 8.20 16.85
CA CYS U 759 95.28 8.09 18.01
C CYS U 759 94.21 7.03 17.79
N PHE U 760 93.66 6.95 16.58
CA PHE U 760 92.67 5.92 16.28
C PHE U 760 93.29 4.53 16.39
N MET U 761 94.55 4.39 15.94
CA MET U 761 95.25 3.13 16.13
C MET U 761 95.42 2.82 17.62
N GLU U 762 95.76 3.83 18.42
CA GLU U 762 95.80 3.66 19.87
C GLU U 762 94.42 3.47 20.46
N ALA U 763 93.38 4.00 19.83
CA ALA U 763 92.02 3.84 20.29
C ALA U 763 91.33 2.62 19.70
N LYS U 764 92.06 1.80 18.94
CA LYS U 764 91.57 0.57 18.34
C LYS U 764 90.47 0.80 17.31
N GLN U 765 90.25 2.05 16.89
CA GLN U 765 89.33 2.34 15.80
C GLN U 765 90.12 2.34 14.49
N PHE U 766 90.34 1.12 13.98
CA PHE U 766 91.24 0.94 12.85
C PHE U 766 90.63 1.47 11.55
N GLY U 767 89.31 1.37 11.40
CA GLY U 767 88.68 1.89 10.20
C GLY U 767 88.82 3.40 10.09
N LYS U 768 88.57 4.11 11.20
CA LYS U 768 88.75 5.56 11.20
C LYS U 768 90.21 5.93 11.00
N ALA U 769 91.13 5.12 11.53
CA ALA U 769 92.54 5.35 11.27
C ALA U 769 92.86 5.21 9.78
N ILE U 770 92.28 4.19 9.14
CA ILE U 770 92.48 4.02 7.70
C ILE U 770 91.95 5.23 6.94
N GLU U 771 90.76 5.70 7.31
CA GLU U 771 90.20 6.88 6.64
C GLU U 771 91.08 8.10 6.83
N SER U 772 91.56 8.32 8.05
CA SER U 772 92.40 9.49 8.33
C SER U 772 93.70 9.41 7.55
N TYR U 773 94.34 8.24 7.51
CA TYR U 773 95.58 8.08 6.76
C TYR U 773 95.34 8.26 5.26
N THR U 774 94.22 7.76 4.75
CA THR U 774 93.91 7.94 3.33
C THR U 774 93.72 9.42 3.00
N ILE U 775 93.00 10.15 3.86
CA ILE U 775 92.80 11.58 3.62
C ILE U 775 94.13 12.32 3.69
N ALA U 776 94.98 11.95 4.66
CA ALA U 776 96.30 12.56 4.75
C ALA U 776 97.12 12.31 3.49
N LEU U 777 97.07 11.08 2.98
CA LEU U 777 97.82 10.75 1.78
C LEU U 777 97.31 11.52 0.57
N GLU U 778 95.99 11.63 0.43
CA GLU U 778 95.44 12.26 -0.78
C GLU U 778 95.60 13.77 -0.74
N LYS U 779 95.34 14.40 0.42
CA LYS U 779 95.27 15.86 0.47
C LYS U 779 96.64 16.51 0.33
N PHE U 780 97.64 15.99 1.06
CA PHE U 780 98.94 16.65 1.16
C PHE U 780 100.06 15.85 0.51
N SER U 781 100.28 14.62 0.95
CA SER U 781 101.38 13.83 0.41
C SER U 781 101.14 13.40 -1.04
N ASN U 782 99.88 13.40 -1.49
CA ASN U 782 99.54 13.08 -2.87
C ASN U 782 100.02 11.68 -3.27
N GLY U 783 100.02 10.75 -2.32
CA GLY U 783 100.39 9.38 -2.62
C GLY U 783 101.86 9.13 -2.88
N MET U 784 102.74 9.99 -2.37
CA MET U 784 104.18 9.86 -2.61
C MET U 784 104.98 9.39 -1.41
N ASP U 785 104.56 9.75 -0.19
CA ASP U 785 105.33 9.39 0.99
C ASP U 785 105.17 7.91 1.30
N SER U 786 106.28 7.25 1.62
CA SER U 786 106.22 5.83 1.96
C SER U 786 105.69 5.62 3.38
N LYS U 787 105.91 6.58 4.28
CA LYS U 787 105.51 6.39 5.68
C LYS U 787 103.99 6.28 5.81
N LEU U 788 103.25 7.10 5.06
CA LEU U 788 101.79 7.02 5.11
C LEU U 788 101.30 5.69 4.57
N LEU U 789 101.94 5.19 3.51
CA LEU U 789 101.60 3.86 2.99
C LEU U 789 101.88 2.78 4.03
N VAL U 790 103.00 2.91 4.75
CA VAL U 790 103.33 1.98 5.82
C VAL U 790 102.24 2.01 6.89
N LEU U 791 101.80 3.20 7.27
CA LEU U 791 100.75 3.33 8.28
C LEU U 791 99.45 2.71 7.81
N ILE U 792 99.10 2.92 6.53
CA ILE U 792 97.89 2.34 5.97
C ILE U 792 97.98 0.81 6.00
N GLY U 793 99.13 0.27 5.61
CA GLY U 793 99.30 -1.17 5.66
C GLY U 793 99.19 -1.73 7.06
N ARG U 794 99.80 -1.04 8.03
CA ARG U 794 99.70 -1.48 9.42
C ARG U 794 98.25 -1.45 9.91
N ALA U 795 97.52 -0.39 9.58
CA ALA U 795 96.12 -0.31 9.98
C ALA U 795 95.30 -1.42 9.35
N TRP U 796 95.53 -1.69 8.07
CA TRP U 796 94.82 -2.77 7.41
C TRP U 796 95.14 -4.12 8.03
N TYR U 797 96.41 -4.33 8.38
CA TYR U 797 96.78 -5.58 9.04
C TYR U 797 96.13 -5.70 10.40
N HIS U 798 96.06 -4.60 11.15
CA HIS U 798 95.37 -4.63 12.44
C HIS U 798 93.89 -4.96 12.27
N ARG U 799 93.24 -4.35 11.27
CA ARG U 799 91.84 -4.67 11.01
C ARG U 799 91.65 -6.13 10.66
N GLY U 800 92.51 -6.66 9.78
CA GLY U 800 92.38 -8.05 9.39
C GLY U 800 92.64 -9.00 10.54
N PHE U 801 93.60 -8.68 11.40
CA PHE U 801 93.90 -9.55 12.53
C PHE U 801 92.79 -9.54 13.56
N TYR U 802 92.33 -8.35 13.95
CA TYR U 802 91.33 -8.28 15.02
C TYR U 802 89.93 -8.64 14.53
N GLU U 803 89.67 -8.52 13.24
CA GLU U 803 88.34 -8.80 12.71
C GLU U 803 88.29 -10.05 11.83
N LYS U 804 89.42 -10.73 11.64
CA LYS U 804 89.47 -11.98 10.86
C LYS U 804 88.95 -11.75 9.44
N SER U 805 89.44 -10.70 8.80
CA SER U 805 89.02 -10.32 7.45
C SER U 805 90.16 -10.54 6.47
N MET U 806 89.90 -11.31 5.42
CA MET U 806 90.92 -11.60 4.43
C MET U 806 91.14 -10.43 3.48
N ASP U 807 90.07 -9.70 3.14
CA ASP U 807 90.19 -8.57 2.22
C ASP U 807 91.09 -7.48 2.80
N ALA U 808 91.05 -7.31 4.12
CA ALA U 808 91.98 -6.38 4.76
C ALA U 808 93.42 -6.82 4.55
N TYR U 809 93.69 -8.13 4.67
CA TYR U 809 95.03 -8.62 4.40
C TYR U 809 95.43 -8.39 2.95
N LYS U 810 94.51 -8.61 2.02
CA LYS U 810 94.82 -8.39 0.60
C LYS U 810 95.16 -6.93 0.33
N LYS U 811 94.37 -6.01 0.89
CA LYS U 811 94.64 -4.59 0.69
C LYS U 811 95.96 -4.17 1.35
N ALA U 812 96.24 -4.70 2.55
CA ALA U 812 97.52 -4.41 3.20
C ALA U 812 98.68 -4.92 2.36
N LEU U 813 98.54 -6.12 1.80
CA LEU U 813 99.60 -6.68 0.95
C LEU U 813 99.82 -5.82 -0.29
N GLU U 814 98.73 -5.38 -0.92
CA GLU U 814 98.88 -4.54 -2.11
C GLU U 814 99.52 -3.20 -1.77
N VAL U 815 99.13 -2.60 -0.65
CA VAL U 815 99.71 -1.33 -0.23
C VAL U 815 101.21 -1.49 0.04
N SER U 816 101.57 -2.57 0.74
CA SER U 816 102.98 -2.82 1.03
C SER U 816 103.77 -3.07 -0.24
N GLU U 817 103.17 -3.77 -1.21
CA GLU U 817 103.85 -4.00 -2.48
C GLU U 817 104.09 -2.70 -3.22
N GLN U 818 103.08 -1.82 -3.24
CA GLN U 818 103.25 -0.52 -3.89
C GLN U 818 104.33 0.29 -3.20
N ALA U 819 104.34 0.31 -1.87
CA ALA U 819 105.35 1.07 -1.14
C ALA U 819 106.75 0.52 -1.42
N TYR U 820 106.89 -0.81 -1.44
CA TYR U 820 108.18 -1.41 -1.73
C TYR U 820 108.64 -1.08 -3.15
N GLN U 821 107.74 -1.19 -4.12
CA GLN U 821 108.10 -0.84 -5.50
C GLN U 821 108.48 0.63 -5.60
N LEU U 822 107.93 1.48 -4.72
CA LEU U 822 108.37 2.86 -4.67
C LEU U 822 109.74 3.00 -4.00
N SER U 823 110.09 2.11 -3.07
CA SER U 823 111.31 2.27 -2.30
C SER U 823 112.28 1.09 -2.46
N LYS U 824 111.80 -0.14 -2.36
CA LYS U 824 112.65 -1.34 -2.38
C LYS U 824 113.66 -1.31 -1.22
N LEU U 825 113.13 -1.27 0.00
CA LEU U 825 113.94 -1.26 1.21
C LEU U 825 113.78 -2.57 1.98
N PRO U 826 114.78 -2.97 2.76
CA PRO U 826 114.64 -4.21 3.54
C PRO U 826 113.49 -4.19 4.52
N ALA U 827 113.15 -3.03 5.08
CA ALA U 827 112.03 -2.94 6.01
C ALA U 827 110.72 -3.34 5.34
N LEU U 828 110.47 -2.82 4.14
CA LEU U 828 109.24 -3.16 3.43
C LEU U 828 109.28 -4.58 2.90
N ARG U 829 110.47 -5.10 2.58
CA ARG U 829 110.58 -6.52 2.25
C ARG U 829 110.15 -7.39 3.42
N PHE U 830 110.62 -7.07 4.62
CA PHE U 830 110.20 -7.82 5.80
C PHE U 830 108.71 -7.64 6.06
N ASN U 831 108.19 -6.45 5.81
CA ASN U 831 106.76 -6.22 5.98
C ASN U 831 105.95 -7.10 5.05
N ILE U 832 106.37 -7.20 3.79
CA ILE U 832 105.70 -8.07 2.82
C ILE U 832 105.76 -9.52 3.27
N VAL U 833 106.95 -9.95 3.75
CA VAL U 833 107.11 -11.32 4.21
C VAL U 833 106.18 -11.61 5.38
N PHE U 834 106.12 -10.69 6.34
CA PHE U 834 105.26 -10.86 7.50
C PHE U 834 103.79 -10.93 7.09
N ILE U 835 103.38 -10.06 6.16
CA ILE U 835 102.00 -10.06 5.69
C ILE U 835 101.68 -11.39 5.01
N GLN U 836 102.59 -11.90 4.19
CA GLN U 836 102.34 -13.16 3.49
C GLN U 836 102.29 -14.33 4.47
N PHE U 837 103.17 -14.33 5.48
CA PHE U 837 103.13 -15.39 6.50
C PHE U 837 101.81 -15.36 7.27
N GLN U 838 101.38 -14.16 7.67
CA GLN U 838 100.10 -14.04 8.37
C GLN U 838 98.94 -14.47 7.47
N ILE U 839 99.01 -14.14 6.19
CA ILE U 839 97.98 -14.54 5.24
C ILE U 839 97.90 -16.05 5.16
N ALA U 840 99.06 -16.71 5.02
CA ALA U 840 99.08 -18.17 4.93
C ALA U 840 98.53 -18.79 6.21
N ASP U 841 98.94 -18.28 7.36
CA ASP U 841 98.45 -18.82 8.64
C ASP U 841 96.94 -18.66 8.76
N PHE U 842 96.43 -17.48 8.42
CA PHE U 842 94.99 -17.23 8.51
C PHE U 842 94.20 -18.12 7.55
N VAL U 843 94.70 -18.26 6.32
CA VAL U 843 94.02 -19.08 5.33
C VAL U 843 94.00 -20.54 5.77
N LYS U 844 95.12 -21.04 6.32
CA LYS U 844 95.13 -22.40 6.85
C LYS U 844 94.16 -22.54 8.00
N SER U 845 94.07 -21.52 8.86
CA SER U 845 93.12 -21.57 9.97
C SER U 845 91.67 -21.51 9.50
N LEU U 846 91.41 -20.96 8.32
CA LEU U 846 90.05 -20.85 7.83
C LEU U 846 89.47 -22.22 7.50
N PRO U 847 88.17 -22.40 7.67
CA PRO U 847 87.53 -23.64 7.24
C PRO U 847 87.42 -23.71 5.73
N ASN U 848 87.09 -24.90 5.23
CA ASN U 848 86.96 -25.11 3.79
C ASN U 848 85.82 -24.27 3.23
N THR U 849 84.69 -24.19 3.95
CA THR U 849 83.54 -23.45 3.45
C THR U 849 83.78 -21.95 3.38
N GLN U 850 84.80 -21.44 4.09
CA GLN U 850 85.09 -20.02 4.14
C GLN U 850 86.23 -19.62 3.22
N ARG U 851 86.70 -20.53 2.37
CA ARG U 851 87.84 -20.25 1.49
C ARG U 851 87.62 -20.98 0.17
N ASP U 852 88.54 -20.76 -0.76
CA ASP U 852 88.50 -21.42 -2.06
C ASP U 852 89.93 -21.80 -2.47
N LEU U 853 90.02 -22.53 -3.59
CA LEU U 853 91.32 -23.00 -4.06
C LEU U 853 92.22 -21.85 -4.48
N THR U 854 91.65 -20.80 -5.08
CA THR U 854 92.46 -19.69 -5.56
C THR U 854 93.20 -19.01 -4.40
N THR U 855 92.49 -18.77 -3.29
CA THR U 855 93.13 -18.16 -2.13
C THR U 855 94.24 -19.06 -1.58
N LEU U 856 94.00 -20.37 -1.56
CA LEU U 856 95.01 -21.31 -1.10
C LEU U 856 96.26 -21.25 -1.97
N GLU U 857 96.08 -21.23 -3.29
CA GLU U 857 97.22 -21.17 -4.20
C GLU U 857 97.97 -19.85 -4.03
N ASN U 858 97.25 -18.74 -3.91
CA ASN U 858 97.89 -17.45 -3.71
C ASN U 858 98.67 -17.43 -2.40
N ALA U 859 98.09 -17.99 -1.33
CA ALA U 859 98.78 -18.05 -0.05
C ALA U 859 100.04 -18.90 -0.14
N LEU U 860 99.97 -20.03 -0.85
CA LEU U 860 101.16 -20.88 -0.99
C LEU U 860 102.26 -20.17 -1.77
N SER U 861 101.90 -19.50 -2.87
CA SER U 861 102.89 -18.77 -3.65
C SER U 861 103.50 -17.65 -2.81
N GLY U 862 102.68 -16.92 -2.07
CA GLY U 862 103.19 -15.89 -1.18
C GLY U 862 104.08 -16.44 -0.11
N LEU U 863 103.77 -17.64 0.41
CA LEU U 863 104.64 -18.27 1.41
C LEU U 863 106.00 -18.61 0.81
N ASN U 864 106.02 -19.15 -0.40
CA ASN U 864 107.30 -19.46 -1.05
C ASN U 864 108.12 -18.19 -1.26
N ASP U 865 107.48 -17.14 -1.79
CA ASP U 865 108.20 -15.89 -2.02
C ASP U 865 108.65 -15.27 -0.71
N ALA U 866 107.85 -15.41 0.35
CA ALA U 866 108.21 -14.87 1.65
C ALA U 866 109.40 -15.60 2.25
N ILE U 867 109.47 -16.93 2.06
CA ILE U 867 110.64 -17.68 2.52
C ILE U 867 111.89 -17.25 1.76
N LYS U 868 111.77 -17.10 0.44
CA LYS U 868 112.91 -16.65 -0.35
C LYS U 868 113.38 -15.26 0.09
N SER U 869 112.43 -14.35 0.33
CA SER U 869 112.80 -13.00 0.77
C SER U 869 113.35 -13.01 2.19
N LEU U 870 112.89 -13.93 3.04
CA LEU U 870 113.48 -14.06 4.37
C LEU U 870 114.93 -14.49 4.29
N LEU U 871 115.24 -15.44 3.40
CA LEU U 871 116.62 -15.81 3.18
C LEU U 871 117.43 -14.63 2.64
N LYS U 872 116.84 -13.86 1.72
CA LYS U 872 117.52 -12.68 1.18
C LYS U 872 117.83 -11.68 2.28
N LEU U 873 116.87 -11.43 3.18
CA LEU U 873 117.08 -10.51 4.29
C LEU U 873 118.16 -11.04 5.24
N ALA U 874 118.13 -12.36 5.51
CA ALA U 874 119.16 -12.94 6.36
C ALA U 874 120.54 -12.84 5.74
N GLU U 875 120.62 -12.73 4.41
CA GLU U 875 121.91 -12.54 3.74
C GLU U 875 122.33 -11.09 3.68
N LEU U 876 121.54 -10.16 4.22
CA LEU U 876 121.90 -8.74 4.18
C LEU U 876 122.90 -8.41 5.28
N GLU U 877 123.44 -7.19 5.21
CA GLU U 877 124.41 -6.74 6.20
C GLU U 877 123.74 -6.42 7.53
N GLN U 878 122.80 -5.48 7.52
CA GLN U 878 122.07 -5.07 8.72
C GLN U 878 120.57 -5.18 8.44
N PRO U 879 120.02 -6.39 8.50
CA PRO U 879 118.57 -6.56 8.29
C PRO U 879 117.79 -5.95 9.43
N PRO U 880 116.52 -5.62 9.19
CA PRO U 880 115.71 -5.01 10.27
C PRO U 880 115.62 -5.89 11.51
N TYR U 881 115.68 -7.21 11.35
CA TYR U 881 115.69 -8.16 12.44
C TYR U 881 116.89 -9.07 12.28
N PRO U 882 117.39 -9.66 13.37
CA PRO U 882 118.60 -10.48 13.27
C PRO U 882 118.42 -11.62 12.27
N SER U 883 119.49 -11.90 11.52
CA SER U 883 119.43 -12.89 10.44
C SER U 883 119.09 -14.27 10.98
N GLU U 884 119.52 -14.58 12.21
CA GLU U 884 119.15 -15.85 12.81
C GLU U 884 117.65 -15.98 12.97
N ASP U 885 117.00 -14.90 13.42
CA ASP U 885 115.54 -14.92 13.56
C ASP U 885 114.86 -15.08 12.20
N LEU U 886 115.38 -14.40 11.17
CA LEU U 886 114.80 -14.53 9.84
C LEU U 886 114.90 -15.96 9.32
N LYS U 887 116.09 -16.57 9.47
CA LYS U 887 116.26 -17.94 9.00
C LYS U 887 115.41 -18.91 9.80
N ALA U 888 115.30 -18.70 11.11
CA ALA U 888 114.46 -19.57 11.94
C ALA U 888 113.00 -19.46 11.54
N ARG U 889 112.52 -18.25 11.27
CA ARG U 889 111.13 -18.07 10.86
C ARG U 889 110.88 -18.70 9.50
N ALA U 890 111.81 -18.54 8.56
CA ALA U 890 111.65 -19.16 7.25
C ALA U 890 111.61 -20.68 7.37
N THR U 891 112.50 -21.25 8.18
CA THR U 891 112.50 -22.70 8.39
C THR U 891 111.20 -23.16 9.04
N MET U 892 110.72 -22.43 10.04
CA MET U 892 109.47 -22.81 10.70
C MET U 892 108.29 -22.76 9.74
N GLY U 893 108.25 -21.73 8.88
CA GLY U 893 107.19 -21.64 7.91
C GLY U 893 107.25 -22.75 6.87
N SER U 894 108.45 -23.11 6.43
CA SER U 894 108.58 -24.13 5.40
C SER U 894 108.31 -25.53 5.94
N ASN U 895 108.69 -25.79 7.19
CA ASN U 895 108.62 -27.15 7.73
C ASN U 895 107.17 -27.60 7.91
N THR U 896 106.34 -26.77 8.55
CA THR U 896 105.00 -27.17 8.94
C THR U 896 103.90 -26.45 8.17
N LEU U 897 103.97 -25.12 8.06
CA LEU U 897 102.91 -24.36 7.43
C LEU U 897 102.77 -24.73 5.95
N ARG U 898 103.88 -25.00 5.27
CA ARG U 898 103.83 -25.35 3.86
C ARG U 898 103.07 -26.65 3.63
N ASN U 899 103.29 -27.65 4.48
CA ASN U 899 102.58 -28.92 4.32
C ASN U 899 101.12 -28.79 4.71
N GLN U 900 100.83 -28.01 5.76
CA GLN U 900 99.44 -27.78 6.14
C GLN U 900 98.67 -27.07 5.04
N LEU U 901 99.33 -26.17 4.30
CA LEU U 901 98.67 -25.53 3.18
C LEU U 901 98.29 -26.55 2.11
N GLU U 902 99.18 -27.49 1.81
CA GLU U 902 98.87 -28.52 0.81
C GLU U 902 97.75 -29.43 1.30
N ARG U 903 97.73 -29.76 2.59
CA ARG U 903 96.63 -30.55 3.13
C ARG U 903 95.31 -29.81 3.00
N ALA U 904 95.32 -28.51 3.29
CA ALA U 904 94.11 -27.71 3.12
C ALA U 904 93.68 -27.67 1.65
N ILE U 905 94.64 -27.58 0.74
CA ILE U 905 94.33 -27.58 -0.69
C ILE U 905 93.66 -28.90 -1.07
N GLN U 906 94.20 -30.03 -0.59
CA GLN U 906 93.61 -31.32 -0.90
C GLN U 906 92.19 -31.42 -0.34
N ASP U 907 91.99 -30.96 0.90
CA ASP U 907 90.65 -31.00 1.48
C ASP U 907 89.68 -30.15 0.69
N GLN U 908 90.12 -28.95 0.27
CA GLN U 908 89.26 -28.08 -0.54
C GLN U 908 88.91 -28.74 -1.87
N GLN U 909 89.89 -29.39 -2.51
CA GLN U 909 89.61 -30.09 -3.75
C GLN U 909 88.60 -31.21 -3.55
N ASP U 910 88.74 -31.96 -2.45
CA ASP U 910 87.77 -33.00 -2.15
C ASP U 910 86.37 -32.43 -1.95
N TYR U 911 86.28 -31.30 -1.25
CA TYR U 911 84.99 -30.66 -1.01
C TYR U 911 84.35 -30.20 -2.32
N GLU U 912 85.14 -29.60 -3.20
CA GLU U 912 84.62 -29.19 -4.50
C GLU U 912 84.17 -30.39 -5.32
N MET U 913 84.95 -31.47 -5.29
CA MET U 913 84.57 -32.68 -6.02
C MET U 913 83.26 -33.25 -5.50
N SER U 914 83.08 -33.27 -4.18
CA SER U 914 81.82 -33.76 -3.61
C SER U 914 80.65 -32.88 -4.05
N ILE U 915 80.84 -31.56 -4.05
CA ILE U 915 79.80 -30.66 -4.51
C ILE U 915 79.42 -30.97 -5.95
N GLN U 916 80.42 -31.13 -6.82
CA GLN U 916 80.14 -31.38 -8.23
C GLN U 916 79.49 -32.74 -8.42
N GLU U 917 79.88 -33.73 -7.62
CA GLU U 917 79.24 -35.04 -7.71
C GLU U 917 77.76 -34.94 -7.36
N LYS U 918 77.43 -34.23 -6.28
CA LYS U 918 76.01 -34.06 -5.93
C LYS U 918 75.25 -33.34 -7.04
N LEU U 919 75.86 -32.28 -7.58
CA LEU U 919 75.17 -31.51 -8.61
C LEU U 919 74.93 -32.33 -9.87
N ARG U 920 75.90 -33.17 -10.24
CA ARG U 920 75.71 -33.99 -11.44
C ARG U 920 74.77 -35.16 -11.18
N THR U 921 74.70 -35.67 -9.95
CA THR U 921 73.80 -36.78 -9.66
C THR U 921 72.35 -36.33 -9.57
N ALA U 922 72.08 -35.10 -9.11
CA ALA U 922 70.70 -34.66 -8.95
C ALA U 922 69.98 -34.56 -10.30
N ARG U 923 70.65 -34.02 -11.31
CA ARG U 923 69.99 -33.75 -12.58
C ARG U 923 69.58 -35.04 -13.29
N ARG U 924 70.40 -36.09 -13.19
CA ARG U 924 70.05 -37.35 -13.82
C ARG U 924 68.77 -37.94 -13.22
N LYS U 925 68.64 -37.89 -11.90
CA LYS U 925 67.44 -38.40 -11.26
C LYS U 925 66.23 -37.55 -11.62
N GLN U 926 66.42 -36.23 -11.72
CA GLN U 926 65.32 -35.37 -12.14
C GLN U 926 64.85 -35.73 -13.55
N GLN U 927 65.78 -35.96 -14.47
CA GLN U 927 65.41 -36.34 -15.82
C GLN U 927 64.72 -37.69 -15.85
N LEU U 928 65.17 -38.63 -15.03
CA LEU U 928 64.50 -39.93 -14.95
C LEU U 928 63.06 -39.77 -14.48
N ASP U 929 62.84 -38.94 -13.46
CA ASP U 929 61.49 -38.70 -12.98
C ASP U 929 60.61 -38.07 -14.06
N GLU U 930 61.16 -37.09 -14.80
CA GLU U 930 60.38 -36.47 -15.87
C GLU U 930 60.02 -37.49 -16.96
N GLU U 931 60.96 -38.38 -17.29
CA GLU U 931 60.66 -39.42 -18.26
C GLU U 931 59.56 -40.36 -17.75
N LYS U 932 59.57 -40.64 -16.44
CA LYS U 932 58.51 -41.48 -15.86
C LYS U 932 57.14 -40.81 -16.02
N ARG U 933 57.08 -39.50 -15.74
CA ARG U 933 55.83 -38.76 -15.94
C ARG U 933 55.40 -38.80 -17.40
N LEU U 934 56.34 -38.65 -18.32
CA LEU U 934 56.00 -38.70 -19.74
C LEU U 934 55.44 -40.07 -20.12
N GLU U 935 56.03 -41.14 -19.60
CA GLU U 935 55.52 -42.48 -19.90
C GLU U 935 54.10 -42.67 -19.39
N GLN U 936 53.84 -42.21 -18.15
CA GLN U 936 52.49 -42.33 -17.62
C GLN U 936 51.49 -41.53 -18.45
N GLU U 937 51.89 -40.33 -18.88
CA GLU U 937 51.03 -39.52 -19.73
C GLU U 937 50.72 -40.23 -21.04
N GLN U 938 51.73 -40.85 -21.65
CA GLN U 938 51.51 -41.58 -22.89
C GLN U 938 50.55 -42.75 -22.68
N ARG U 939 50.71 -43.46 -21.57
CA ARG U 939 49.78 -44.57 -21.27
C ARG U 939 48.35 -44.08 -21.18
N ARG U 940 48.13 -42.99 -20.45
CA ARG U 940 46.76 -42.47 -20.32
C ARG U 940 46.21 -41.99 -21.66
N LEU U 941 47.06 -41.36 -22.48
CA LEU U 941 46.62 -40.93 -23.80
C LEU U 941 46.21 -42.12 -24.66
N GLU U 942 46.98 -43.20 -24.62
CA GLU U 942 46.63 -44.38 -25.39
C GLU U 942 45.31 -45.00 -24.91
N GLU U 943 45.11 -45.02 -23.59
CA GLU U 943 43.84 -45.52 -23.05
C GLU U 943 42.67 -44.69 -23.54
N ALA U 944 42.80 -43.37 -23.50
CA ALA U 944 41.73 -42.50 -23.99
C ALA U 944 41.47 -42.71 -25.46
N ARG U 945 42.54 -42.89 -26.25
CA ARG U 945 42.37 -43.15 -27.68
C ARG U 945 41.60 -44.44 -27.92
N LYS U 946 41.92 -45.49 -27.16
CA LYS U 946 41.20 -46.75 -27.32
C LYS U 946 39.72 -46.59 -26.97
N ARG U 947 39.43 -45.87 -25.87
CA ARG U 947 38.03 -45.64 -25.51
C ARG U 947 37.28 -44.87 -26.59
N GLN U 948 37.92 -43.84 -27.15
CA GLN U 948 37.29 -43.07 -28.21
C GLN U 948 37.01 -43.93 -29.44
N GLU U 949 37.97 -44.80 -29.79
CA GLU U 949 37.76 -45.68 -30.94
C GLU U 949 36.58 -46.62 -30.69
N ALA U 950 36.50 -47.20 -29.49
CA ALA U 950 35.39 -48.10 -29.20
C ALA U 950 34.04 -47.36 -29.27
N GLU U 951 33.99 -46.15 -28.71
CA GLU U 951 32.75 -45.40 -28.73
C GLU U 951 32.36 -45.01 -30.15
N LEU U 952 33.34 -44.67 -30.99
CA LEU U 952 33.04 -44.39 -32.40
C LEU U 952 32.49 -45.62 -33.11
N ILE U 953 33.07 -46.79 -32.81
CA ILE U 953 32.58 -48.04 -33.40
C ILE U 953 31.13 -48.26 -33.01
N LYS U 954 30.78 -48.00 -31.75
CA LYS U 954 29.39 -48.11 -31.33
C LYS U 954 28.52 -47.06 -32.03
N ARG U 955 29.05 -45.86 -32.23
CA ARG U 955 28.27 -44.76 -32.78
C ARG U 955 27.91 -45.00 -34.24
N GLN U 956 28.80 -45.66 -34.99
CA GLN U 956 28.55 -45.86 -36.41
C GLN U 956 27.30 -46.71 -36.66
N GLU U 957 27.03 -47.68 -35.78
CA GLU U 957 25.82 -48.49 -35.92
C GLU U 957 24.57 -47.63 -35.80
N LEU U 958 24.54 -46.74 -34.81
CA LEU U 958 23.41 -45.83 -34.66
C LEU U 958 23.28 -44.91 -35.86
N ILE U 959 24.40 -44.44 -36.39
CA ILE U 959 24.36 -43.59 -37.57
C ILE U 959 23.73 -44.33 -38.75
N LYS U 960 24.13 -45.60 -38.94
CA LYS U 960 23.56 -46.39 -40.03
C LYS U 960 22.07 -46.61 -39.83
N GLN U 961 21.65 -46.93 -38.60
CA GLN U 961 20.23 -47.13 -38.35
C GLN U 961 19.45 -45.85 -38.61
N ALA U 962 19.98 -44.71 -38.18
CA ALA U 962 19.29 -43.43 -38.39
C ALA U 962 19.18 -43.13 -39.87
N GLU U 963 20.25 -43.37 -40.64
CA GLU U 963 20.19 -43.12 -42.08
C GLU U 963 19.16 -44.02 -42.76
N GLU U 964 19.12 -45.30 -42.37
CA GLU U 964 18.14 -46.20 -42.94
C GLU U 964 16.71 -45.76 -42.61
N TRP U 965 16.47 -45.35 -41.37
CA TRP U 965 15.12 -44.92 -41.00
C TRP U 965 14.73 -43.62 -41.71
N ASN U 966 15.68 -42.71 -41.88
CA ASN U 966 15.39 -41.48 -42.62
C ASN U 966 15.10 -41.78 -44.08
N LYS U 967 15.79 -42.76 -44.66
CA LYS U 967 15.46 -43.19 -46.01
C LYS U 967 14.06 -43.80 -46.05
N MET U 968 13.70 -44.57 -45.02
CA MET U 968 12.35 -45.15 -44.96
C MET U 968 11.30 -44.06 -44.91
N ASP U 969 11.54 -43.00 -44.14
CA ASP U 969 10.57 -41.91 -44.05
C ASP U 969 10.39 -41.22 -45.39
N ILE U 970 11.47 -41.06 -46.14
CA ILE U 970 11.40 -40.49 -47.48
C ILE U 970 10.74 -41.48 -48.44
N SER V 223 -39.49 53.24 73.00
CA SER V 223 -40.02 54.55 73.39
C SER V 223 -39.03 55.29 74.28
N LYS V 224 -37.97 54.59 74.68
CA LYS V 224 -36.98 55.20 75.55
C LYS V 224 -36.14 56.22 74.78
N PRO V 225 -35.65 57.26 75.44
CA PRO V 225 -34.79 58.22 74.76
C PRO V 225 -33.47 57.59 74.32
N ALA V 226 -32.96 58.07 73.19
CA ALA V 226 -31.73 57.54 72.63
C ALA V 226 -30.51 58.14 73.32
N THR V 227 -29.55 57.28 73.64
CA THR V 227 -28.30 57.72 74.25
C THR V 227 -27.29 58.08 73.16
N LEU V 228 -26.07 58.43 73.59
CA LEU V 228 -25.03 58.79 72.63
C LEU V 228 -24.62 57.60 71.77
N SER V 229 -24.52 56.42 72.37
CA SER V 229 -24.09 55.23 71.62
C SER V 229 -25.11 54.82 70.58
N ASP V 230 -26.41 54.97 70.88
CA ASP V 230 -27.43 54.62 69.90
C ASP V 230 -27.33 55.50 68.66
N ILE V 231 -27.11 56.79 68.84
CA ILE V 231 -26.93 57.69 67.70
C ILE V 231 -25.61 57.40 67.00
N ASN V 232 -24.56 57.06 67.76
CA ASN V 232 -23.27 56.73 67.14
C ASN V 232 -23.37 55.46 66.29
N LYS V 233 -24.27 54.55 66.64
CA LYS V 233 -24.46 53.35 65.83
C LYS V 233 -24.90 53.66 64.41
N ILE V 234 -25.63 54.76 64.20
CA ILE V 234 -26.16 55.12 62.89
C ILE V 234 -25.34 56.25 62.26
N ILE V 235 -24.07 56.39 62.65
CA ILE V 235 -23.19 57.37 62.01
C ILE V 235 -23.06 57.03 60.53
N PHE V 236 -23.29 58.03 59.68
CA PHE V 236 -23.20 57.87 58.24
C PHE V 236 -22.21 58.92 57.74
N GLY V 237 -20.97 58.50 57.50
CA GLY V 237 -19.92 59.44 57.15
C GLY V 237 -20.09 60.03 55.77
N ARG V 238 -19.32 61.09 55.51
CA ARG V 238 -19.35 61.73 54.21
C ARG V 238 -18.86 60.77 53.13
N THR V 239 -17.86 59.95 53.45
CA THR V 239 -17.44 58.89 52.53
C THR V 239 -18.59 57.92 52.27
N ALA V 240 -19.31 57.54 53.33
CA ALA V 240 -20.48 56.68 53.16
C ALA V 240 -21.57 57.39 52.37
N MET V 241 -21.70 58.71 52.56
CA MET V 241 -22.66 59.47 51.77
C MET V 241 -22.34 59.39 50.29
N SER V 242 -21.07 59.62 49.93
CA SER V 242 -20.65 59.48 48.54
C SER V 242 -20.84 58.05 48.05
N LYS V 243 -20.66 57.06 48.94
CA LYS V 243 -20.83 55.67 48.57
C LYS V 243 -22.30 55.31 48.33
N TYR V 244 -23.25 56.04 48.93
CA TYR V 244 -24.64 55.61 48.88
C TYR V 244 -25.63 56.69 48.49
N TRP V 245 -25.19 57.89 48.10
CA TRP V 245 -26.13 58.98 47.87
C TRP V 245 -26.99 58.78 46.63
N TYR V 246 -26.53 57.99 45.67
CA TYR V 246 -27.26 57.78 44.43
C TYR V 246 -28.30 56.67 44.52
N TYR V 247 -28.39 56.01 45.67
CA TYR V 247 -29.41 54.98 45.85
C TYR V 247 -30.80 55.61 45.84
N PRO V 248 -31.78 54.98 45.18
CA PRO V 248 -33.15 55.51 45.24
C PRO V 248 -33.72 55.53 46.65
N GLU V 249 -33.36 54.58 47.50
CA GLU V 249 -33.84 54.55 48.87
C GLU V 249 -33.08 55.48 49.79
N PHE V 250 -31.95 56.02 49.33
CA PHE V 250 -31.12 56.87 50.17
C PHE V 250 -31.87 58.12 50.61
N ASP V 251 -32.85 58.58 49.81
CA ASP V 251 -33.64 59.75 50.19
C ASP V 251 -34.39 59.50 51.49
N ASP V 252 -35.05 58.35 51.62
CA ASP V 252 -35.73 58.02 52.86
C ASP V 252 -34.77 57.56 53.94
N VAL V 253 -33.62 56.99 53.56
CA VAL V 253 -32.63 56.55 54.54
C VAL V 253 -32.07 57.75 55.30
N VAL V 254 -31.71 58.83 54.58
CA VAL V 254 -31.12 59.99 55.21
C VAL V 254 -32.16 60.80 55.98
N LYS V 255 -33.45 60.58 55.73
CA LYS V 255 -34.49 61.31 56.43
C LYS V 255 -34.44 61.02 57.93
N GLY V 256 -34.48 62.09 58.72
CA GLY V 256 -34.52 61.96 60.16
C GLY V 256 -33.20 61.67 60.83
N MET V 257 -32.11 61.57 60.07
CA MET V 257 -30.83 61.20 60.65
C MET V 257 -30.17 62.41 61.31
N TYR V 258 -29.29 62.12 62.27
CA TYR V 258 -28.53 63.13 62.99
C TYR V 258 -27.06 62.98 62.65
N LEU V 259 -26.43 64.06 62.19
CA LEU V 259 -25.05 64.00 61.77
C LEU V 259 -24.35 65.31 62.12
N ARG V 260 -23.03 65.23 62.26
CA ARG V 260 -22.22 66.40 62.55
C ARG V 260 -22.13 67.29 61.31
N LEU V 261 -22.34 68.59 61.53
CA LEU V 261 -22.37 69.55 60.44
C LEU V 261 -21.42 70.71 60.73
N ASN V 262 -20.72 71.17 59.70
CA ASN V 262 -19.85 72.33 59.81
C ASN V 262 -20.69 73.58 59.59
N THR V 263 -20.87 74.36 60.67
CA THR V 263 -21.67 75.58 60.57
C THR V 263 -21.03 76.57 59.60
N GLY V 264 -19.72 76.75 59.69
CA GLY V 264 -19.01 77.65 58.79
C GLY V 264 -19.03 79.10 59.24
N SER V 265 -20.15 79.55 59.77
CA SER V 265 -20.28 80.93 60.21
C SER V 265 -19.87 81.09 61.67
N SER V 271 -14.88 77.02 63.56
CA SER V 271 -16.31 76.80 63.33
C SER V 271 -16.85 75.70 64.23
N PRO V 272 -17.85 76.03 65.05
CA PRO V 272 -18.42 75.02 65.95
C PRO V 272 -19.29 74.02 65.22
N TYR V 273 -18.87 72.76 65.21
CA TYR V 273 -19.67 71.70 64.62
C TYR V 273 -20.94 71.48 65.45
N LYS V 274 -22.07 71.28 64.76
CA LYS V 274 -23.35 71.09 65.44
C LYS V 274 -24.13 70.01 64.70
N VAL V 275 -25.25 69.62 65.30
CA VAL V 275 -26.11 68.56 64.76
C VAL V 275 -27.34 69.19 64.14
N VAL V 276 -27.75 68.65 62.99
CA VAL V 276 -28.94 69.11 62.28
C VAL V 276 -29.84 67.92 61.99
N GLU V 277 -31.12 68.21 61.86
CA GLU V 277 -32.13 67.20 61.58
C GLU V 277 -32.56 67.31 60.12
N VAL V 278 -32.55 66.18 59.43
CA VAL V 278 -32.82 66.15 57.99
C VAL V 278 -34.32 66.20 57.79
N LEU V 279 -34.82 67.34 57.26
CA LEU V 279 -36.22 67.44 56.90
C LEU V 279 -36.53 66.88 55.53
N GLY V 280 -35.50 66.53 54.77
CA GLY V 280 -35.69 65.95 53.44
C GLY V 280 -34.50 66.24 52.57
N SER V 281 -34.62 65.81 51.32
CA SER V 281 -33.60 66.02 50.30
C SER V 281 -34.24 66.53 49.03
N GLN V 282 -33.46 67.27 48.25
CA GLN V 282 -33.96 67.86 47.00
C GLN V 282 -32.83 67.88 45.99
N ARG V 283 -32.99 67.16 44.89
CA ARG V 283 -32.01 67.21 43.81
C ARG V 283 -32.04 68.57 43.15
N ILE V 284 -30.85 69.13 42.91
CA ILE V 284 -30.72 70.46 42.32
C ILE V 284 -29.85 70.32 41.07
N LYS V 285 -30.47 70.42 39.90
CA LYS V 285 -29.74 70.38 38.65
C LYS V 285 -28.94 71.67 38.46
N GLY V 286 -27.77 71.52 37.86
CA GLY V 286 -26.88 72.64 37.63
C GLY V 286 -26.08 73.08 38.83
N SER V 287 -26.23 72.42 39.96
CA SER V 287 -25.47 72.72 41.17
C SER V 287 -24.50 71.59 41.51
N ALA V 288 -23.91 70.99 40.47
CA ALA V 288 -22.91 69.95 40.67
C ALA V 288 -21.71 70.52 41.43
N TYR V 289 -21.27 69.79 42.45
CA TYR V 289 -20.20 70.25 43.32
C TYR V 289 -19.26 69.10 43.62
N GLY V 290 -17.99 69.43 43.86
CA GLY V 290 -17.04 68.44 44.31
C GLY V 290 -17.42 67.94 45.70
N LEU V 291 -17.62 66.63 45.81
CA LEU V 291 -18.03 66.03 47.07
C LEU V 291 -16.82 65.71 47.95
N ASN V 292 -15.91 64.87 47.44
CA ASN V 292 -14.68 64.54 48.13
C ASN V 292 -13.45 64.93 47.34
N SER V 293 -13.42 64.61 46.05
CA SER V 293 -12.35 65.02 45.15
C SER V 293 -12.94 65.83 44.00
N LYS V 294 -12.08 66.13 43.02
CA LYS V 294 -12.53 66.86 41.84
C LYS V 294 -13.54 66.06 41.04
N GLU V 295 -13.33 64.74 40.91
CA GLU V 295 -14.23 63.90 40.13
C GLU V 295 -15.54 63.63 40.85
N ASN V 296 -15.61 63.84 42.16
CA ASN V 296 -16.82 63.54 42.93
C ASN V 296 -17.86 64.65 42.76
N ASN V 297 -18.46 64.67 41.58
CA ASN V 297 -19.55 65.58 41.30
C ASN V 297 -20.86 65.03 41.88
N CYS V 298 -21.63 65.92 42.51
CA CYS V 298 -22.86 65.50 43.18
C CYS V 298 -23.94 66.53 42.95
N ASP V 299 -25.16 66.06 42.72
CA ASP V 299 -26.32 66.91 42.57
C ASP V 299 -27.31 66.78 43.72
N MET V 300 -27.15 65.78 44.57
CA MET V 300 -28.03 65.61 45.72
C MET V 300 -27.78 66.72 46.74
N TYR V 301 -28.87 67.23 47.32
CA TYR V 301 -28.79 68.23 48.37
C TYR V 301 -29.68 67.79 49.53
N LEU V 302 -29.25 68.14 50.74
CA LEU V 302 -29.93 67.75 51.97
C LEU V 302 -30.56 68.96 52.61
N LYS V 303 -31.88 68.91 52.81
CA LYS V 303 -32.59 69.98 53.51
C LYS V 303 -32.62 69.65 55.00
N VAL V 304 -31.80 70.34 55.77
CA VAL V 304 -31.66 70.12 57.20
C VAL V 304 -32.07 71.40 57.93
N ALA V 305 -32.06 71.34 59.26
CA ALA V 305 -32.44 72.49 60.05
C ALA V 305 -31.92 72.32 61.47
N PHE V 306 -31.30 73.39 61.99
CA PHE V 306 -31.02 73.43 63.41
C PHE V 306 -32.33 73.62 64.18
N PRO V 307 -32.41 73.11 65.40
CA PRO V 307 -33.62 73.35 66.21
C PRO V 307 -33.82 74.83 66.48
N ASN V 308 -32.80 75.48 67.04
CA ASN V 308 -32.88 76.91 67.32
C ASN V 308 -32.98 77.72 66.03
N GLN V 309 -32.20 77.37 65.02
CA GLN V 309 -32.20 78.10 63.76
C GLN V 309 -33.31 77.56 62.85
N LYS V 310 -33.28 77.97 61.59
CA LYS V 310 -34.36 77.67 60.66
C LYS V 310 -33.92 76.64 59.63
N GLU V 311 -34.79 76.35 58.67
CA GLU V 311 -34.52 75.33 57.65
C GLU V 311 -33.39 75.76 56.73
N MET V 312 -32.57 74.80 56.34
CA MET V 312 -31.41 75.06 55.49
C MET V 312 -31.25 73.96 54.46
N VAL V 313 -30.92 74.34 53.23
CA VAL V 313 -30.56 73.38 52.18
C VAL V 313 -29.05 73.37 52.06
N ARG V 314 -28.43 72.22 52.32
CA ARG V 314 -26.98 72.12 52.36
C ARG V 314 -26.48 71.01 51.44
N PRO V 315 -25.29 71.17 50.87
CA PRO V 315 -24.68 70.05 50.13
C PRO V 315 -24.14 68.99 51.08
N LEU V 316 -23.76 67.85 50.49
CA LEU V 316 -23.38 66.68 51.29
C LEU V 316 -22.02 66.87 51.95
N PHE V 317 -21.07 67.53 51.27
CA PHE V 317 -19.71 67.61 51.79
C PHE V 317 -19.59 68.46 53.04
N VAL V 318 -20.63 69.23 53.40
CA VAL V 318 -20.54 70.08 54.58
C VAL V 318 -20.40 69.25 55.85
N PHE V 319 -21.05 68.09 55.89
CA PHE V 319 -20.93 67.21 57.04
C PHE V 319 -19.50 66.69 57.18
N SER V 320 -19.08 66.46 58.41
CA SER V 320 -17.74 66.00 58.72
C SER V 320 -17.78 64.55 59.19
N ASP V 321 -16.77 63.78 58.79
CA ASP V 321 -16.68 62.37 59.18
C ASP V 321 -16.42 62.20 60.67
N SER V 322 -15.96 63.25 61.35
CA SER V 322 -15.67 63.15 62.77
C SER V 322 -16.94 62.91 63.58
N SER V 323 -16.79 62.18 64.68
CA SER V 323 -17.93 61.81 65.51
C SER V 323 -18.47 63.01 66.28
N ILE V 324 -19.77 62.95 66.60
CA ILE V 324 -20.41 64.01 67.35
C ILE V 324 -19.94 63.95 68.80
N THR V 325 -19.48 65.09 69.32
CA THR V 325 -18.95 65.14 70.67
C THR V 325 -20.07 65.34 71.69
N HIS V 326 -19.72 65.10 72.97
CA HIS V 326 -20.69 65.28 74.05
C HIS V 326 -21.25 66.70 74.12
N PRO V 327 -20.44 67.77 74.09
CA PRO V 327 -21.04 69.11 74.08
C PRO V 327 -21.93 69.38 72.87
N GLU V 328 -21.60 68.80 71.72
CA GLU V 328 -22.45 68.98 70.54
C GLU V 328 -23.83 68.38 70.75
N PHE V 329 -23.89 67.14 71.22
CA PHE V 329 -25.18 66.51 71.47
C PHE V 329 -25.93 67.22 72.60
N ASP V 330 -25.20 67.69 73.61
CA ASP V 330 -25.84 68.44 74.69
C ASP V 330 -26.46 69.73 74.17
N LEU V 331 -25.75 70.45 73.30
CA LEU V 331 -26.31 71.67 72.72
C LEU V 331 -27.51 71.36 71.82
N PHE V 332 -27.45 70.26 71.08
CA PHE V 332 -28.61 69.85 70.27
C PHE V 332 -29.81 69.57 71.15
N LEU V 333 -29.60 68.87 72.26
CA LEU V 333 -30.69 68.59 73.20
C LEU V 333 -31.24 69.88 73.81
N ARG V 334 -30.36 70.82 74.17
CA ARG V 334 -30.83 72.09 74.73
C ARG V 334 -31.64 72.88 73.71
N GLU V 335 -31.21 72.88 72.45
CA GLU V 335 -31.97 73.58 71.41
C GLU V 335 -33.33 72.91 71.21
N LEU V 336 -33.37 71.58 71.23
CA LEU V 336 -34.65 70.87 71.11
C LEU V 336 -35.57 71.21 72.26
N ASP V 337 -35.04 71.25 73.49
CA ASP V 337 -35.85 71.62 74.64
C ASP V 337 -36.35 73.06 74.55
N ALA V 338 -35.50 73.96 74.06
CA ALA V 338 -35.92 75.34 73.86
C ALA V 338 -37.06 75.43 72.86
N GLU V 339 -36.96 74.68 71.76
CA GLU V 339 -38.05 74.66 70.78
C GLU V 339 -39.25 73.86 71.27
N GLY V 340 -39.03 72.88 72.15
CA GLY V 340 -40.10 72.04 72.62
C GLY V 340 -40.26 70.79 71.77
N LEU V 341 -39.14 70.16 71.43
CA LEU V 341 -39.11 68.95 70.63
C LEU V 341 -38.50 67.81 71.46
N SER V 342 -38.60 66.60 70.94
CA SER V 342 -38.10 65.43 71.64
C SER V 342 -37.01 64.74 70.84
N VAL V 343 -36.47 63.65 71.39
CA VAL V 343 -35.42 62.89 70.73
C VAL V 343 -36.05 61.65 70.09
N MET V 344 -35.36 61.13 69.07
CA MET V 344 -35.84 59.95 68.38
C MET V 344 -35.95 58.76 69.33
N ASP V 345 -37.04 58.02 69.21
CA ASP V 345 -37.27 56.87 70.07
C ASP V 345 -36.22 55.78 69.79
N LEU V 346 -35.95 54.97 70.82
CA LEU V 346 -35.01 53.87 70.65
C LEU V 346 -35.51 52.86 69.64
N ARG V 347 -36.82 52.62 69.60
CA ARG V 347 -37.40 51.79 68.54
C ARG V 347 -37.14 52.41 67.18
N ASP V 348 -37.33 53.72 67.06
CA ASP V 348 -37.04 54.41 65.81
C ASP V 348 -35.55 54.42 65.51
N VAL V 349 -34.71 54.49 66.54
CA VAL V 349 -33.27 54.42 66.34
C VAL V 349 -32.89 53.05 65.76
N ASP V 350 -33.48 51.99 66.30
CA ASP V 350 -33.24 50.65 65.77
C ASP V 350 -33.75 50.51 64.34
N TYR V 351 -34.90 51.12 64.05
CA TYR V 351 -35.44 51.08 62.69
C TYR V 351 -34.50 51.78 61.70
N LYS V 352 -33.97 52.94 62.09
CA LYS V 352 -32.96 53.61 61.27
C LYS V 352 -31.72 52.76 61.09
N TYR V 353 -31.24 52.14 62.17
CA TYR V 353 -30.04 51.31 62.07
C TYR V 353 -30.26 50.15 61.12
N HIS V 354 -31.41 49.50 61.21
CA HIS V 354 -31.73 48.39 60.31
C HIS V 354 -31.86 48.88 58.86
N GLN V 355 -32.44 50.07 58.67
CA GLN V 355 -32.56 50.62 57.32
C GLN V 355 -31.18 50.86 56.70
N LEU V 356 -30.28 51.47 57.47
CA LEU V 356 -28.92 51.70 56.98
C LEU V 356 -28.19 50.39 56.71
N LYS V 357 -28.34 49.41 57.59
CA LYS V 357 -27.66 48.13 57.38
C LYS V 357 -28.18 47.42 56.14
N GLU V 358 -29.50 47.46 55.92
CA GLU V 358 -30.07 46.87 54.71
C GLU V 358 -29.59 47.59 53.46
N MET V 359 -29.54 48.93 53.51
CA MET V 359 -29.15 49.71 52.35
C MET V 359 -27.67 49.51 52.01
N SER V 360 -26.81 49.43 53.02
CA SER V 360 -25.38 49.32 52.76
C SER V 360 -25.00 47.94 52.23
N SER V 361 -25.68 46.90 52.69
CA SER V 361 -25.38 45.53 52.30
C SER V 361 -26.26 45.04 51.15
N ARG V 362 -27.09 45.92 50.59
CA ARG V 362 -27.95 45.53 49.49
C ARG V 362 -27.12 45.27 48.23
N SER V 363 -27.64 44.40 47.37
CA SER V 363 -27.03 44.08 46.09
C SER V 363 -27.84 44.76 44.98
N LEU V 364 -27.19 45.63 44.23
CA LEU V 364 -27.89 46.39 43.20
C LEU V 364 -28.27 45.50 42.02
N SER V 365 -29.34 45.88 41.33
CA SER V 365 -29.78 45.17 40.14
C SER V 365 -29.18 45.80 38.89
N ASN V 366 -29.34 45.11 37.76
CA ASN V 366 -28.85 45.64 36.50
C ASN V 366 -29.54 46.94 36.13
N ASP V 367 -30.87 46.99 36.30
CA ASP V 367 -31.62 48.20 35.97
C ASP V 367 -31.19 49.36 36.86
N GLU V 368 -30.97 49.09 38.15
CA GLU V 368 -30.52 50.14 39.05
C GLU V 368 -29.13 50.65 38.64
N VAL V 369 -28.26 49.74 38.22
CA VAL V 369 -26.93 50.14 37.75
C VAL V 369 -27.05 51.03 36.52
N ASN V 370 -27.92 50.66 35.57
CA ASN V 370 -28.11 51.49 34.39
C ASN V 370 -28.65 52.86 34.76
N SER V 371 -29.59 52.91 35.70
CA SER V 371 -30.14 54.19 36.12
C SER V 371 -29.07 55.07 36.76
N ILE V 372 -28.24 54.48 37.62
CA ILE V 372 -27.18 55.25 38.27
C ILE V 372 -26.17 55.74 37.24
N VAL V 373 -25.84 54.89 36.26
CA VAL V 373 -24.89 55.27 35.23
C VAL V 373 -25.45 56.43 34.39
N LYS V 374 -26.74 56.37 34.04
CA LYS V 374 -27.34 57.46 33.29
C LYS V 374 -27.38 58.75 34.12
N MET V 375 -27.66 58.63 35.42
CA MET V 375 -27.68 59.79 36.30
C MET V 375 -26.30 60.44 36.35
N LYS V 376 -25.25 59.64 36.50
CA LYS V 376 -23.90 60.18 36.57
C LYS V 376 -23.45 60.72 35.21
N GLN V 377 -23.94 60.12 34.11
CA GLN V 377 -23.68 60.66 32.78
C GLN V 377 -24.30 62.04 32.62
N SER V 378 -25.51 62.21 33.14
CA SER V 378 -26.10 63.55 33.19
C SER V 378 -25.25 64.48 34.04
N LEU V 379 -24.73 63.97 35.16
CA LEU V 379 -23.80 64.75 35.97
C LEU V 379 -22.41 64.83 35.34
N SER V 380 -22.09 63.96 34.39
CA SER V 380 -20.76 63.89 33.82
C SER V 380 -20.42 65.13 33.01
N SER V 381 -19.49 65.95 33.52
CA SER V 381 -19.05 67.13 32.78
C SER V 381 -18.20 66.73 31.57
N ASN V 382 -17.23 65.85 31.78
CA ASN V 382 -16.33 65.43 30.72
C ASN V 382 -15.52 64.23 31.18
N THR V 383 -15.21 63.34 30.24
CA THR V 383 -14.34 62.19 30.50
C THR V 383 -13.76 61.75 29.16
N GLY V 384 -12.44 61.56 29.11
CA GLY V 384 -11.78 61.30 27.84
C GLY V 384 -12.36 60.10 27.10
N PHE V 385 -12.59 59.00 27.82
CA PHE V 385 -13.21 57.83 27.21
C PHE V 385 -14.60 58.18 26.67
N ASN V 386 -15.39 58.89 27.47
CA ASN V 386 -16.74 59.26 27.05
C ASN V 386 -16.70 60.27 25.92
N THR V 387 -15.74 61.20 25.92
CA THR V 387 -15.61 62.12 24.81
C THR V 387 -15.28 61.40 23.51
N VAL V 388 -14.37 60.43 23.58
CA VAL V 388 -14.03 59.65 22.38
C VAL V 388 -15.25 58.88 21.89
N LEU V 389 -16.00 58.28 22.82
CA LEU V 389 -17.20 57.55 22.42
C LEU V 389 -18.23 58.48 21.78
N LYS V 390 -18.43 59.67 22.35
CA LYS V 390 -19.36 60.62 21.78
C LYS V 390 -18.92 61.07 20.40
N LYS V 391 -17.63 61.30 20.21
CA LYS V 391 -17.13 61.71 18.90
C LYS V 391 -17.31 60.60 17.87
N ALA V 392 -17.09 59.35 18.27
CA ALA V 392 -17.31 58.23 17.35
C ALA V 392 -18.77 58.12 16.98
N GLN V 393 -19.67 58.26 17.96
CA GLN V 393 -21.11 58.22 17.67
C GLN V 393 -21.52 59.36 16.74
N LEU V 394 -20.94 60.54 16.95
CA LEU V 394 -21.23 61.67 16.07
C LEU V 394 -20.73 61.41 14.66
N GLN V 395 -19.56 60.80 14.51
CA GLN V 395 -19.05 60.47 13.18
C GLN V 395 -19.97 59.46 12.50
N GLU V 396 -20.45 58.47 13.23
CA GLU V 396 -21.37 57.49 12.66
C GLU V 396 -22.67 58.16 12.23
N GLU V 397 -23.21 59.04 13.06
CA GLU V 397 -24.42 59.78 12.69
C GLU V 397 -24.17 60.65 11.46
N LEU V 398 -22.97 61.24 11.37
CA LEU V 398 -22.65 62.09 10.23
C LEU V 398 -22.59 61.27 8.94
N GLU V 399 -22.00 60.08 8.99
CA GLU V 399 -21.97 59.27 7.77
C GLU V 399 -23.37 58.81 7.39
N GLU V 400 -24.21 58.52 8.40
CA GLU V 400 -25.60 58.17 8.11
C GLU V 400 -26.33 59.32 7.42
N ALA V 401 -26.12 60.54 7.92
CA ALA V 401 -26.73 61.72 7.28
C ALA V 401 -26.18 61.94 5.88
N ARG V 402 -24.87 61.71 5.69
CA ARG V 402 -24.27 61.86 4.37
C ARG V 402 -24.89 60.89 3.37
N ASP V 403 -25.08 59.63 3.78
CA ASP V 403 -25.68 58.64 2.89
C ASP V 403 -27.13 58.96 2.57
N ALA V 404 -27.80 59.76 3.39
CA ALA V 404 -29.18 60.16 3.15
C ALA V 404 -29.27 61.48 2.40
N HIS V 405 -28.14 62.07 2.01
CA HIS V 405 -28.11 63.34 1.26
C HIS V 405 -28.85 64.45 1.99
N ASP V 406 -28.69 64.50 3.32
CA ASP V 406 -29.28 65.55 4.14
C ASP V 406 -28.22 66.62 4.38
N HIS V 407 -28.28 67.68 3.56
CA HIS V 407 -27.27 68.73 3.62
C HIS V 407 -27.45 69.67 4.81
N GLU V 408 -28.56 69.56 5.54
CA GLU V 408 -28.85 70.44 6.66
C GLU V 408 -28.36 69.85 7.98
N ARG V 409 -28.65 68.57 8.21
CA ARG V 409 -28.18 67.91 9.42
C ARG V 409 -26.66 67.81 9.45
N VAL V 410 -26.05 67.53 8.29
CA VAL V 410 -24.61 67.30 8.25
C VAL V 410 -23.84 68.55 8.67
N ALA V 411 -24.37 69.74 8.33
CA ALA V 411 -23.71 70.97 8.76
C ALA V 411 -23.70 71.10 10.27
N ARG V 412 -24.85 70.80 10.92
CA ARG V 412 -24.90 70.85 12.37
C ARG V 412 -23.97 69.84 13.01
N ILE V 413 -23.92 68.63 12.45
CA ILE V 413 -23.04 67.60 13.01
C ILE V 413 -21.58 68.00 12.84
N GLU V 414 -21.23 68.60 11.69
CA GLU V 414 -19.86 69.06 11.49
C GLU V 414 -19.50 70.16 12.47
N ALA V 415 -20.43 71.09 12.71
CA ALA V 415 -20.17 72.15 13.68
C ALA V 415 -19.96 71.58 15.08
N GLU V 416 -20.81 70.62 15.47
CA GLU V 416 -20.67 69.99 16.78
C GLU V 416 -19.34 69.24 16.89
N LEU V 417 -18.94 68.53 15.84
CA LEU V 417 -17.67 67.82 15.87
C LEU V 417 -16.50 68.78 15.97
N LYS V 418 -16.56 69.91 15.25
CA LYS V 418 -15.51 70.91 15.35
C LYS V 418 -15.43 71.49 16.76
N SER V 419 -16.59 71.76 17.38
CA SER V 419 -16.58 72.29 18.73
C SER V 419 -16.01 71.30 19.73
N ILE V 420 -16.39 70.01 19.61
CA ILE V 420 -15.94 69.02 20.58
C ILE V 420 -14.45 68.72 20.42
N GLY V 421 -13.94 68.75 19.19
CA GLY V 421 -12.58 68.31 18.92
C GLY V 421 -11.48 69.25 19.38
N ALA V 422 -10.39 69.29 18.61
CA ALA V 422 -9.21 70.11 18.93
C ALA V 422 -8.58 69.68 20.24
N GLU V 423 -8.11 68.43 20.26
CA GLU V 423 -7.43 67.86 21.42
C GLU V 423 -5.95 68.24 21.42
N SER V 424 -5.26 67.85 22.48
CA SER V 424 -3.85 68.17 22.67
C SER V 424 -3.06 66.94 23.05
N VAL V 425 -1.78 66.93 22.68
CA VAL V 425 -0.89 65.82 22.98
C VAL V 425 0.04 66.14 24.15
N VAL V 426 0.61 67.36 24.18
CA VAL V 426 1.60 67.77 25.17
C VAL V 426 2.72 66.73 25.20
N ALA V 427 3.53 66.71 24.15
CA ALA V 427 4.62 65.76 24.06
C ALA V 427 5.72 66.10 25.06
N SER V 428 6.43 65.07 25.50
CA SER V 428 7.51 65.27 26.45
C SER V 428 8.69 65.95 25.78
N LYS V 429 9.60 66.46 26.60
CA LYS V 429 10.77 67.18 26.09
C LYS V 429 11.67 66.26 25.27
N ALA V 430 11.87 65.04 25.73
CA ALA V 430 12.73 64.10 25.01
C ALA V 430 12.16 63.79 23.62
N SER V 431 10.84 63.60 23.54
CA SER V 431 10.22 63.31 22.25
C SER V 431 10.35 64.49 21.29
N SER V 432 10.16 65.71 21.78
CA SER V 432 10.32 66.89 20.94
C SER V 432 11.75 67.03 20.44
N SER V 433 12.72 66.80 21.33
CA SER V 433 14.12 66.85 20.91
C SER V 433 14.41 65.79 19.87
N MET V 434 13.88 64.58 20.05
CA MET V 434 14.08 63.52 19.08
C MET V 434 13.48 63.88 17.74
N LEU V 435 12.30 64.52 17.74
CA LEU V 435 11.69 64.94 16.49
C LEU V 435 12.55 65.97 15.76
N LYS V 436 13.08 66.94 16.51
CA LYS V 436 13.95 67.94 15.88
C LYS V 436 15.21 67.29 15.31
N ILE V 437 15.81 66.37 16.06
CA ILE V 437 16.99 65.67 15.57
C ILE V 437 16.66 64.88 14.31
N ASP V 438 15.50 64.23 14.29
CA ASP V 438 15.11 63.45 13.12
C ASP V 438 14.93 64.34 11.90
N GLN V 439 14.29 65.50 12.06
CA GLN V 439 14.12 66.40 10.92
C GLN V 439 15.48 66.86 10.39
N ARG V 440 16.36 67.29 11.29
CA ARG V 440 17.69 67.73 10.86
C ARG V 440 18.45 66.62 10.15
N ASN V 441 18.41 65.40 10.71
CA ASN V 441 19.14 64.30 10.11
C ASN V 441 18.56 63.91 8.76
N LYS V 442 17.23 63.96 8.62
CA LYS V 442 16.63 63.66 7.33
C LYS V 442 17.08 64.66 6.28
N LYS V 443 17.08 65.94 6.61
CA LYS V 443 17.54 66.95 5.65
C LYS V 443 18.99 66.74 5.28
N LEU V 444 19.84 66.51 6.29
CA LEU V 444 21.27 66.33 6.02
C LEU V 444 21.54 65.09 5.19
N ASN V 445 20.84 64.00 5.46
CA ASN V 445 20.99 62.79 4.66
C ASN V 445 20.55 63.04 3.22
N ASN V 446 19.36 63.62 3.04
CA ASN V 446 18.86 63.88 1.70
C ASN V 446 19.82 64.75 0.90
N ARG V 447 20.54 65.65 1.57
CA ARG V 447 21.52 66.46 0.85
C ARG V 447 22.79 65.66 0.55
N PHE V 448 23.42 65.11 1.59
CA PHE V 448 24.76 64.54 1.45
C PHE V 448 24.77 63.27 0.62
N ILE V 449 23.80 62.37 0.83
CA ILE V 449 23.77 61.13 0.06
C ILE V 449 23.58 61.43 -1.41
N ARG V 450 22.68 62.36 -1.74
CA ARG V 450 22.45 62.73 -3.12
C ARG V 450 23.71 63.34 -3.74
N LYS V 451 24.40 64.21 -2.98
CA LYS V 451 25.63 64.80 -3.48
C LYS V 451 26.70 63.75 -3.76
N ALA V 452 26.84 62.79 -2.83
CA ALA V 452 27.84 61.74 -3.02
C ALA V 452 27.50 60.85 -4.21
N GLU V 453 26.22 60.53 -4.38
CA GLU V 453 25.82 59.72 -5.53
C GLU V 453 26.08 60.46 -6.84
N MET V 454 25.79 61.77 -6.87
CA MET V 454 26.07 62.55 -8.08
C MET V 454 27.57 62.59 -8.35
N ALA V 455 28.38 62.71 -7.30
CA ALA V 455 29.83 62.70 -7.49
C ALA V 455 30.31 61.36 -8.03
N ALA V 456 29.72 60.25 -7.57
CA ALA V 456 30.18 58.94 -7.98
C ALA V 456 29.74 58.60 -9.41
N VAL V 457 28.53 59.00 -9.80
CA VAL V 457 27.99 58.56 -11.09
C VAL V 457 28.78 59.20 -12.24
N GLU V 458 29.18 60.47 -12.08
CA GLU V 458 29.94 61.11 -13.15
C GLU V 458 31.31 60.46 -13.32
N LYS V 459 31.96 60.10 -12.20
CA LYS V 459 33.23 59.39 -12.28
C LYS V 459 33.05 58.03 -12.95
N ARG V 460 31.99 57.31 -12.60
CA ARG V 460 31.74 56.02 -13.26
C ARG V 460 31.43 56.21 -14.74
N LYS V 461 30.82 57.35 -15.11
CA LYS V 461 30.54 57.61 -16.51
C LYS V 461 31.81 57.89 -17.30
N LEU V 462 32.70 58.73 -16.76
CA LEU V 462 33.89 59.10 -17.53
C LEU V 462 34.91 57.98 -17.61
N ARG V 463 34.81 56.97 -16.74
CA ARG V 463 35.64 55.77 -16.88
C ARG V 463 35.12 54.87 -17.98
N LYS V 515 68.88 60.95 -10.25
CA LYS V 515 70.22 61.51 -10.14
C LYS V 515 70.21 62.75 -9.26
N LEU V 516 69.01 63.18 -8.86
CA LEU V 516 68.88 64.35 -8.00
C LEU V 516 69.48 64.10 -6.61
N GLU V 517 69.49 62.84 -6.17
CA GLU V 517 70.10 62.52 -4.89
C GLU V 517 71.60 62.77 -4.91
N SER V 518 72.26 62.45 -6.03
CA SER V 518 73.68 62.72 -6.19
C SER V 518 73.96 64.15 -6.64
N MET V 519 73.04 64.76 -7.39
CA MET V 519 73.24 66.13 -7.84
C MET V 519 73.25 67.12 -6.68
N VAL V 520 72.38 66.90 -5.70
CA VAL V 520 72.29 67.81 -4.55
C VAL V 520 73.58 67.82 -3.75
N LYS V 521 74.37 66.75 -3.79
CA LYS V 521 75.65 66.69 -3.09
C LYS V 521 76.63 67.65 -3.77
N SER V 522 77.00 68.72 -3.07
CA SER V 522 77.88 69.73 -3.63
C SER V 522 78.68 70.34 -2.49
N ASN V 523 79.27 71.52 -2.75
CA ASN V 523 80.26 72.09 -1.83
C ASN V 523 79.67 72.38 -0.46
N TYR V 524 78.47 72.96 -0.41
CA TYR V 524 77.90 73.33 0.89
C TYR V 524 77.63 72.08 1.73
N ARG V 525 77.16 71.01 1.11
CA ARG V 525 77.01 69.75 1.83
C ARG V 525 78.37 69.17 2.19
N ASN V 526 79.36 69.33 1.31
CA ASN V 526 80.71 68.87 1.59
C ASN V 526 81.41 69.74 2.64
N GLY V 527 80.88 70.93 2.91
CA GLY V 527 81.47 71.83 3.88
C GLY V 527 81.94 73.17 3.32
N GLY V 528 81.84 73.40 2.02
CA GLY V 528 82.28 74.66 1.44
C GLY V 528 81.19 75.71 1.41
N LEU V 529 80.24 75.62 2.34
CA LEU V 529 79.15 76.58 2.39
C LEU V 529 79.65 78.00 2.68
N ASP V 530 80.61 78.11 3.60
CA ASP V 530 81.12 79.43 3.97
C ASP V 530 81.76 80.13 2.78
N ARG V 531 82.52 79.38 1.98
CA ARG V 531 83.11 79.95 0.78
C ARG V 531 82.04 80.40 -0.20
N ILE V 532 80.95 79.62 -0.32
CA ILE V 532 79.85 80.00 -1.20
C ILE V 532 79.23 81.31 -0.75
N ILE V 533 78.98 81.46 0.57
CA ILE V 533 78.44 82.71 1.09
C ILE V 533 79.42 83.85 0.84
N SER V 534 80.72 83.58 0.97
CA SER V 534 81.72 84.60 0.67
C SER V 534 81.68 85.02 -0.79
N LYS V 535 81.32 84.10 -1.69
CA LYS V 535 81.16 84.43 -3.10
C LYS V 535 79.86 85.19 -3.39
N ILE V 536 78.96 85.30 -2.42
CA ILE V 536 77.73 86.05 -2.56
C ILE V 536 77.91 87.36 -1.81
N ASP V 537 77.94 88.47 -2.56
CA ASP V 537 78.18 89.79 -2.00
C ASP V 537 76.89 90.59 -2.01
N PHE V 538 76.62 91.27 -0.89
CA PHE V 538 75.44 92.11 -0.77
C PHE V 538 75.74 93.22 0.21
N ASP V 539 75.17 94.40 -0.04
CA ASP V 539 75.38 95.57 0.79
C ASP V 539 74.12 95.84 1.62
N PHE V 540 74.30 95.96 2.93
CA PHE V 540 73.22 96.22 3.86
C PHE V 540 73.31 97.66 4.35
N ASP V 541 72.20 98.14 4.91
CA ASP V 541 72.15 99.46 5.54
C ASP V 541 72.39 99.32 7.05
N LEU V 542 73.56 98.79 7.38
CA LEU V 542 73.85 98.43 8.77
C LEU V 542 74.01 99.67 9.64
N GLU V 543 73.44 99.61 10.85
CA GLU V 543 73.64 100.66 11.83
C GLU V 543 75.02 100.55 12.48
N LEU V 544 75.55 99.33 12.58
CA LEU V 544 76.82 99.10 13.25
C LEU V 544 77.92 98.76 12.25
N HIS W 105 -27.81 20.01 -63.39
CA HIS W 105 -28.96 20.82 -63.73
C HIS W 105 -30.04 20.76 -62.66
N THR W 106 -30.03 21.74 -61.76
CA THR W 106 -31.08 21.85 -60.75
C THR W 106 -32.30 22.49 -61.42
N LYS W 107 -33.30 21.66 -61.72
CA LYS W 107 -34.48 22.12 -62.44
C LYS W 107 -35.23 23.14 -61.61
N SER W 108 -35.82 24.13 -62.28
CA SER W 108 -36.58 25.16 -61.59
C SER W 108 -37.81 24.56 -60.92
N VAL W 109 -37.97 24.85 -59.63
CA VAL W 109 -39.07 24.28 -58.87
C VAL W 109 -40.40 24.87 -59.31
N TYR W 110 -40.44 26.17 -59.57
CA TYR W 110 -41.68 26.88 -59.84
C TYR W 110 -41.93 26.93 -61.35
N ASP W 111 -43.03 26.31 -61.78
CA ASP W 111 -43.40 26.35 -63.19
C ASP W 111 -44.91 26.57 -63.39
N ASN W 112 -45.63 26.95 -62.33
CA ASN W 112 -47.07 27.20 -62.46
C ASN W 112 -47.34 28.41 -63.34
N GLY W 113 -46.49 29.44 -63.25
CA GLY W 113 -46.66 30.64 -64.02
C GLY W 113 -47.65 31.64 -63.46
N GLU W 114 -48.19 31.40 -62.27
CA GLU W 114 -49.15 32.30 -61.68
C GLU W 114 -48.52 33.67 -61.48
N THR W 115 -49.28 34.72 -61.77
CA THR W 115 -48.77 36.08 -61.80
C THR W 115 -49.72 37.02 -61.08
N LEU W 116 -49.16 37.97 -60.33
CA LEU W 116 -49.94 38.95 -59.59
C LEU W 116 -49.93 40.28 -60.33
N ASP W 117 -51.12 40.86 -60.52
CA ASP W 117 -51.26 42.17 -61.15
C ASP W 117 -51.34 43.26 -60.07
N ILE W 118 -50.21 43.47 -59.40
CA ILE W 118 -50.09 44.44 -58.33
C ILE W 118 -49.39 45.68 -58.88
N SER W 119 -49.99 46.85 -58.64
CA SER W 119 -49.43 48.12 -59.08
C SER W 119 -49.05 48.94 -57.86
N LEU W 120 -47.81 49.41 -57.84
CA LEU W 120 -47.27 50.12 -56.69
C LEU W 120 -47.25 51.62 -56.93
N PRO W 121 -47.71 52.43 -55.97
CA PRO W 121 -47.63 53.89 -56.10
C PRO W 121 -46.24 54.39 -55.74
N ILE W 122 -45.64 55.16 -56.64
CA ILE W 122 -44.30 55.70 -56.45
C ILE W 122 -44.38 57.22 -56.55
N HIS W 123 -43.63 57.91 -55.66
CA HIS W 123 -43.58 59.36 -55.60
C HIS W 123 -42.30 59.89 -56.23
N PRO W 124 -42.37 61.08 -56.84
CA PRO W 124 -41.15 61.69 -57.39
C PRO W 124 -40.14 62.00 -56.30
N LYS W 125 -38.87 61.94 -56.68
CA LYS W 125 -37.77 62.16 -55.76
C LYS W 125 -37.27 63.60 -55.85
N SER W 126 -36.99 64.20 -54.69
CA SER W 126 -36.46 65.56 -54.65
C SER W 126 -35.07 65.64 -55.28
N HIS W 127 -34.32 64.54 -55.31
CA HIS W 127 -32.99 64.52 -55.89
C HIS W 127 -32.78 63.17 -56.55
N ILE W 128 -31.83 63.14 -57.48
CA ILE W 128 -31.51 61.90 -58.20
C ILE W 128 -30.00 61.72 -58.24
N PRO W 129 -29.48 60.56 -57.82
CA PRO W 129 -28.04 60.32 -57.90
C PRO W 129 -27.57 60.30 -59.35
N GLN W 130 -26.33 60.75 -59.55
CA GLN W 130 -25.73 60.85 -60.88
C GLN W 130 -24.56 59.87 -60.99
N GLY W 131 -24.55 59.12 -62.09
CA GLY W 131 -23.43 58.25 -62.40
C GLY W 131 -23.35 56.95 -61.63
N LYS W 132 -23.91 56.90 -60.42
CA LYS W 132 -23.82 55.70 -59.60
C LYS W 132 -24.88 55.76 -58.51
N GLN W 133 -25.62 54.66 -58.35
CA GLN W 133 -26.60 54.55 -57.27
C GLN W 133 -25.94 53.98 -56.02
N ASP W 134 -24.93 54.69 -55.53
CA ASP W 134 -24.13 54.25 -54.40
C ASP W 134 -24.42 55.13 -53.19
N ARG W 135 -24.49 54.48 -52.03
CA ARG W 135 -24.69 55.17 -50.76
C ARG W 135 -23.75 54.57 -49.73
N TRP W 136 -23.41 55.36 -48.73
CA TRP W 136 -22.51 54.96 -47.66
C TRP W 136 -23.31 54.84 -46.36
N VAL W 137 -23.29 53.66 -45.76
CA VAL W 137 -23.91 53.46 -44.46
C VAL W 137 -22.93 53.88 -43.37
N VAL W 138 -23.39 54.73 -42.46
CA VAL W 138 -22.56 55.30 -41.41
C VAL W 138 -23.19 55.00 -40.06
N LYS W 139 -22.42 54.38 -39.18
CA LYS W 139 -22.88 54.14 -37.81
C LYS W 139 -22.84 55.45 -37.03
N LEU W 140 -23.87 55.68 -36.22
CA LEU W 140 -23.98 56.91 -35.46
C LEU W 140 -23.29 56.74 -34.11
N PRO W 141 -22.26 57.53 -33.81
CA PRO W 141 -21.62 57.43 -32.50
C PRO W 141 -22.51 57.99 -31.40
N ASP W 142 -22.14 57.69 -30.15
CA ASP W 142 -22.91 58.18 -29.02
C ASP W 142 -22.77 59.69 -28.85
N PHE W 143 -21.60 60.24 -29.19
CA PHE W 143 -21.35 61.66 -29.02
C PHE W 143 -21.89 62.50 -30.17
N LEU W 144 -22.46 61.87 -31.20
CA LEU W 144 -23.03 62.56 -32.34
C LEU W 144 -24.49 62.16 -32.47
N ASP W 145 -25.36 63.13 -32.73
CA ASP W 145 -26.78 62.89 -32.86
C ASP W 145 -27.32 63.62 -34.08
N ILE W 146 -28.46 63.14 -34.58
CA ILE W 146 -29.13 63.71 -35.74
C ILE W 146 -30.47 64.28 -35.28
N ASN W 147 -30.71 65.54 -35.60
CA ASN W 147 -31.98 66.21 -35.30
C ASN W 147 -32.62 66.60 -36.64
N ALA W 148 -33.43 65.69 -37.18
CA ALA W 148 -34.07 65.94 -38.46
C ALA W 148 -35.06 67.11 -38.37
N GLU W 149 -35.62 67.34 -37.19
CA GLU W 149 -36.59 68.41 -37.03
C GLU W 149 -35.93 69.76 -37.28
N PRO W 150 -36.65 70.72 -37.87
CA PRO W 150 -36.08 72.06 -38.03
C PRO W 150 -35.80 72.68 -36.66
N PHE W 151 -34.70 73.44 -36.60
CA PHE W 151 -34.26 73.99 -35.33
C PHE W 151 -35.22 75.09 -34.88
N ASP W 152 -35.75 74.93 -33.68
CA ASP W 152 -36.67 75.90 -33.07
C ASP W 152 -36.01 76.45 -31.82
N PRO W 153 -35.39 77.64 -31.89
CA PRO W 153 -34.60 78.13 -30.74
C PRO W 153 -35.38 78.26 -29.45
N ARG W 154 -36.64 78.73 -29.51
CA ARG W 154 -37.38 78.99 -28.28
C ARG W 154 -37.73 77.70 -27.54
N PRO W 155 -38.32 76.67 -28.18
CA PRO W 155 -38.51 75.41 -27.45
C PRO W 155 -37.22 74.80 -26.96
N PHE W 156 -36.13 74.93 -27.73
CA PHE W 156 -34.85 74.39 -27.29
C PHE W 156 -34.37 75.07 -26.02
N GLU W 157 -34.45 76.40 -25.96
CA GLU W 157 -34.03 77.12 -24.76
C GLU W 157 -34.96 76.80 -23.59
N MET W 158 -36.26 76.68 -23.84
CA MET W 158 -37.21 76.43 -22.77
C MET W 158 -37.21 74.98 -22.31
N ASN W 159 -36.59 74.06 -23.04
CA ASN W 159 -36.59 72.64 -22.70
C ASN W 159 -35.22 72.13 -22.28
N VAL W 160 -34.26 73.01 -21.98
CA VAL W 160 -32.97 72.57 -21.49
C VAL W 160 -33.12 72.05 -20.07
N LYS W 161 -32.60 70.85 -19.82
CA LYS W 161 -32.78 70.16 -18.55
C LYS W 161 -31.50 70.19 -17.73
N THR W 162 -31.64 70.47 -16.45
CA THR W 162 -30.52 70.52 -15.51
C THR W 162 -30.65 69.37 -14.51
N HIS W 163 -29.59 68.57 -14.40
CA HIS W 163 -29.58 67.41 -13.53
C HIS W 163 -28.46 67.52 -12.50
N GLU W 164 -28.67 66.87 -11.36
CA GLU W 164 -27.64 66.83 -10.32
C GLU W 164 -26.42 66.04 -10.78
N ASP W 165 -26.63 64.95 -11.50
CA ASP W 165 -25.53 64.12 -11.97
C ASP W 165 -24.69 64.88 -12.99
N LYS W 166 -23.47 65.22 -12.61
CA LYS W 166 -22.62 66.04 -13.49
C LYS W 166 -22.27 65.30 -14.77
N ASN W 167 -22.03 63.99 -14.68
CA ASN W 167 -21.66 63.22 -15.86
C ASN W 167 -22.78 63.21 -16.88
N GLN W 168 -24.01 62.96 -16.44
CA GLN W 168 -25.16 62.94 -17.35
C GLN W 168 -25.39 64.31 -17.97
N GLU W 169 -25.28 65.37 -17.16
CA GLU W 169 -25.48 66.72 -17.69
C GLU W 169 -24.42 67.06 -18.73
N LEU W 170 -23.16 66.71 -18.46
CA LEU W 170 -22.10 66.98 -19.42
C LEU W 170 -22.28 66.18 -20.71
N LEU W 171 -22.70 64.91 -20.59
CA LEU W 171 -22.95 64.11 -21.78
C LEU W 171 -24.09 64.70 -22.60
N ASP W 172 -25.16 65.14 -21.93
CA ASP W 172 -26.28 65.75 -22.64
C ASP W 172 -25.85 67.05 -23.32
N LYS W 173 -25.05 67.86 -22.64
CA LYS W 173 -24.56 69.10 -23.24
C LYS W 173 -23.72 68.80 -24.47
N LEU W 174 -22.83 67.80 -24.39
CA LEU W 174 -21.98 67.47 -25.52
C LEU W 174 -22.79 66.97 -26.70
N ILE W 175 -23.74 66.07 -26.45
CA ILE W 175 -24.55 65.53 -27.54
C ILE W 175 -25.44 66.62 -28.14
N ALA W 176 -25.92 67.55 -27.32
CA ALA W 176 -26.76 68.63 -27.84
C ALA W 176 -25.95 69.59 -28.71
N VAL W 177 -24.76 69.98 -28.25
CA VAL W 177 -23.94 70.91 -29.02
C VAL W 177 -23.39 70.23 -30.28
N ASN W 178 -23.23 68.90 -30.24
CA ASN W 178 -22.72 68.18 -31.39
C ASN W 178 -23.83 67.65 -32.31
N THR W 179 -25.09 67.81 -31.93
CA THR W 179 -26.19 67.27 -32.73
C THR W 179 -26.28 67.99 -34.07
N VAL W 180 -26.46 67.21 -35.13
CA VAL W 180 -26.66 67.78 -36.46
C VAL W 180 -28.08 68.34 -36.55
N ARG W 181 -28.19 69.60 -36.94
CA ARG W 181 -29.47 70.28 -36.99
C ARG W 181 -29.59 71.06 -38.30
N TRP W 182 -30.77 71.63 -38.50
CA TRP W 182 -31.04 72.47 -39.67
C TRP W 182 -32.16 73.42 -39.33
N ARG W 183 -32.25 74.51 -40.09
CA ARG W 183 -33.28 75.50 -39.86
C ARG W 183 -33.52 76.28 -41.16
N TYR W 184 -34.67 76.94 -41.21
CA TYR W 184 -35.03 77.76 -42.35
C TYR W 184 -34.35 79.12 -42.24
N ALA W 185 -33.63 79.51 -43.29
CA ALA W 185 -32.92 80.78 -43.33
C ALA W 185 -33.60 81.71 -44.32
N LYS W 186 -34.04 82.87 -43.83
CA LYS W 186 -34.68 83.86 -44.68
C LYS W 186 -33.62 84.55 -45.53
N SER W 187 -33.73 84.39 -46.84
CA SER W 187 -32.76 85.00 -47.75
C SER W 187 -32.92 86.52 -47.76
N GLU W 188 -31.84 87.20 -48.14
CA GLU W 188 -31.88 88.66 -48.22
C GLU W 188 -32.83 89.15 -49.31
N THR W 189 -33.19 88.28 -50.25
CA THR W 189 -34.13 88.63 -51.31
C THR W 189 -35.58 88.34 -50.94
N GLY W 190 -35.83 87.91 -49.70
CA GLY W 190 -37.17 87.61 -49.24
C GLY W 190 -37.57 86.15 -49.34
N GLY W 191 -36.79 85.32 -50.02
CA GLY W 191 -37.10 83.90 -50.12
C GLY W 191 -36.68 83.13 -48.88
N ILE W 192 -37.08 81.86 -48.85
CA ILE W 192 -36.77 80.95 -47.76
C ILE W 192 -35.86 79.85 -48.30
N PHE W 193 -34.82 79.53 -47.55
CA PHE W 193 -33.86 78.51 -47.93
C PHE W 193 -33.59 77.59 -46.75
N LYS W 194 -33.25 76.34 -47.07
CA LYS W 194 -32.84 75.37 -46.06
C LYS W 194 -31.38 75.59 -45.72
N GLU W 195 -31.11 75.83 -44.43
CA GLU W 195 -29.76 76.07 -43.95
C GLU W 195 -29.40 75.03 -42.90
N THR W 196 -28.19 74.49 -43.02
CA THR W 196 -27.72 73.43 -42.15
C THR W 196 -26.41 73.85 -41.48
N ASN W 197 -26.13 73.22 -40.34
CA ASN W 197 -24.91 73.49 -39.59
C ASN W 197 -23.85 72.41 -39.78
N SER W 198 -24.05 71.49 -40.73
CA SER W 198 -23.17 70.36 -40.91
C SER W 198 -22.69 70.30 -42.36
N GLN W 199 -21.42 69.93 -42.53
CA GLN W 199 -20.79 69.86 -43.84
C GLN W 199 -19.89 68.64 -43.90
N ILE W 200 -19.54 68.25 -45.13
CA ILE W 200 -18.64 67.15 -45.39
C ILE W 200 -17.40 67.72 -46.08
N ILE W 201 -16.22 67.39 -45.55
CA ILE W 201 -14.96 67.93 -46.06
C ILE W 201 -14.11 66.77 -46.58
N GLN W 202 -13.61 66.91 -47.80
CA GLN W 202 -12.70 65.96 -48.39
C GLN W 202 -11.31 66.58 -48.46
N TRP W 203 -10.32 65.88 -47.92
CA TRP W 203 -8.97 66.40 -47.87
C TRP W 203 -8.20 66.02 -49.14
N GLU W 204 -6.93 66.43 -49.21
CA GLU W 204 -6.13 66.14 -50.39
C GLU W 204 -5.81 64.65 -50.52
N ASP W 205 -5.74 63.94 -49.39
CA ASP W 205 -5.47 62.51 -49.45
C ASP W 205 -6.67 61.71 -49.93
N GLY W 206 -7.84 62.33 -50.07
CA GLY W 206 -9.05 61.65 -50.49
C GLY W 206 -9.95 61.21 -49.37
N THR W 207 -9.50 61.31 -48.12
CA THR W 207 -10.32 60.93 -46.98
C THR W 207 -11.45 61.94 -46.78
N TYR W 208 -12.52 61.48 -46.14
CA TYR W 208 -13.70 62.30 -45.89
C TYR W 208 -13.86 62.52 -44.39
N SER W 209 -14.43 63.66 -44.03
CA SER W 209 -14.64 64.01 -42.63
C SER W 209 -15.99 64.68 -42.47
N LEU W 210 -16.69 64.32 -41.39
CA LEU W 210 -17.96 64.94 -41.05
C LEU W 210 -17.70 66.11 -40.11
N ARG W 211 -18.22 67.28 -40.47
CA ARG W 211 -17.96 68.51 -39.73
C ARG W 211 -19.27 69.05 -39.17
N VAL W 212 -19.28 69.30 -37.86
CA VAL W 212 -20.37 70.01 -37.19
C VAL W 212 -19.74 71.18 -36.45
N GLY W 213 -20.08 72.40 -36.89
CA GLY W 213 -19.43 73.57 -36.31
C GLY W 213 -17.94 73.52 -36.53
N SER W 214 -17.19 73.69 -35.45
CA SER W 214 -15.72 73.59 -35.50
C SER W 214 -15.22 72.18 -35.27
N GLU W 215 -16.10 71.25 -34.91
CA GLU W 215 -15.70 69.87 -34.66
C GLU W 215 -15.56 69.10 -35.97
N ILE W 216 -14.51 68.29 -36.06
CA ILE W 216 -14.23 67.47 -37.24
C ILE W 216 -14.08 66.02 -36.80
N PHE W 217 -14.83 65.12 -37.43
CA PHE W 217 -14.74 63.70 -37.15
C PHE W 217 -14.34 62.97 -38.43
N ASP W 218 -13.27 62.19 -38.35
CA ASP W 218 -12.79 61.47 -39.53
C ASP W 218 -13.71 60.31 -39.88
N MET W 219 -13.65 59.89 -41.14
CA MET W 219 -14.45 58.78 -41.64
C MET W 219 -13.53 57.64 -42.05
N PHE W 220 -13.80 56.45 -41.54
CA PHE W 220 -13.06 55.24 -41.90
C PHE W 220 -13.99 54.35 -42.73
N THR W 221 -13.61 54.10 -43.97
CA THR W 221 -14.45 53.40 -44.93
C THR W 221 -13.95 51.98 -45.14
N THR W 222 -14.84 51.01 -45.03
CA THR W 222 -14.55 49.61 -45.34
C THR W 222 -15.52 49.15 -46.41
N ASN W 223 -14.97 48.60 -47.49
CA ASN W 223 -15.78 48.17 -48.62
C ASN W 223 -16.60 46.95 -48.24
N THR W 224 -17.90 46.96 -48.58
CA THR W 224 -18.80 45.87 -48.29
C THR W 224 -19.50 45.45 -49.57
N ASP W 225 -19.51 44.15 -49.83
CA ASP W 225 -20.13 43.60 -51.03
C ASP W 225 -21.45 42.91 -50.69
N ASP W 226 -22.34 42.89 -51.67
CA ASP W 226 -23.68 42.31 -51.53
C ASP W 226 -24.44 42.94 -50.37
N ASN W 227 -24.34 44.26 -50.26
CA ASN W 227 -25.09 45.03 -49.27
C ASN W 227 -25.88 46.11 -50.00
N TYR W 228 -27.20 46.09 -49.86
CA TYR W 228 -28.07 47.00 -50.59
C TYR W 228 -29.07 47.64 -49.65
N LEU W 229 -29.67 48.73 -50.13
CA LEU W 229 -30.71 49.45 -49.42
C LEU W 229 -32.05 49.22 -50.11
N VAL W 230 -33.10 48.94 -49.32
CA VAL W 230 -34.42 48.66 -49.85
C VAL W 230 -35.43 49.58 -49.16
N SER W 231 -36.58 49.73 -49.81
CA SER W 231 -37.70 50.49 -49.26
C SER W 231 -38.82 49.52 -48.90
N GLU W 232 -39.32 49.63 -47.67
CA GLU W 232 -40.34 48.72 -47.17
C GLU W 232 -41.73 49.22 -47.52
N HIS W 233 -42.54 48.31 -48.06
CA HIS W 233 -43.95 48.57 -48.38
C HIS W 233 -44.77 47.62 -47.52
N ASN W 234 -45.08 48.04 -46.30
CA ASN W 234 -45.74 47.15 -45.34
C ASN W 234 -47.16 46.82 -45.77
N GLU W 235 -47.88 47.78 -46.35
CA GLU W 235 -49.28 47.53 -46.70
C GLU W 235 -49.41 46.46 -47.77
N GLU W 236 -48.39 46.28 -48.61
CA GLU W 236 -48.39 45.22 -49.61
C GLU W 236 -47.50 44.05 -49.22
N GLY W 237 -46.70 44.18 -48.17
CA GLY W 237 -45.85 43.10 -47.72
C GLY W 237 -44.75 42.71 -48.70
N ILE W 238 -44.19 43.67 -49.42
CA ILE W 238 -43.07 43.42 -50.32
C ILE W 238 -42.02 44.50 -50.07
N LEU W 239 -40.78 44.17 -50.45
CA LEU W 239 -39.64 45.05 -50.27
C LEU W 239 -39.13 45.50 -51.63
N MET W 240 -39.06 46.82 -51.83
CA MET W 240 -38.56 47.41 -53.05
C MET W 240 -37.16 47.95 -52.83
N THR W 241 -36.22 47.52 -53.66
CA THR W 241 -34.85 47.97 -53.53
C THR W 241 -34.73 49.46 -53.85
N GLU W 242 -33.73 50.11 -53.25
CA GLU W 242 -33.46 51.52 -53.48
C GLU W 242 -32.11 51.76 -54.15
N SER W 243 -31.03 51.27 -53.54
CA SER W 243 -29.68 51.45 -54.08
C SER W 243 -28.76 50.47 -53.37
N THR W 244 -27.45 50.62 -53.59
CA THR W 244 -26.45 49.72 -53.06
C THR W 244 -25.63 50.43 -51.99
N LEU W 245 -25.42 49.75 -50.86
CA LEU W 245 -24.56 50.24 -49.80
C LEU W 245 -23.17 49.66 -49.99
N SER W 246 -22.32 50.37 -50.73
CA SER W 246 -21.01 49.84 -51.09
C SER W 246 -20.04 49.86 -49.91
N LYS W 247 -20.04 50.95 -49.14
CA LYS W 247 -19.04 51.14 -48.09
C LYS W 247 -19.71 51.39 -46.75
N SER W 248 -19.13 50.80 -45.70
CA SER W 248 -19.51 51.08 -44.32
C SER W 248 -18.52 52.07 -43.74
N VAL W 249 -19.04 53.15 -43.14
CA VAL W 249 -18.23 54.27 -42.69
C VAL W 249 -18.35 54.41 -41.18
N LYS W 250 -17.21 54.48 -40.51
CA LYS W 250 -17.14 54.74 -39.07
C LYS W 250 -16.67 56.16 -38.82
N LEU W 251 -17.25 56.80 -37.81
CA LEU W 251 -16.89 58.17 -37.45
C LEU W 251 -15.98 58.16 -36.23
N VAL W 252 -14.82 58.80 -36.36
CA VAL W 252 -13.80 58.78 -35.31
C VAL W 252 -13.38 60.21 -35.01
N PRO W 253 -13.20 60.58 -33.73
CA PRO W 253 -12.68 61.91 -33.42
C PRO W 253 -11.31 62.14 -34.04
N ALA W 254 -11.06 63.38 -34.46
CA ALA W 254 -9.85 63.69 -35.21
C ALA W 254 -8.60 63.54 -34.35
N SER W 255 -8.64 64.03 -33.11
CA SER W 255 -7.44 64.04 -32.28
C SER W 255 -7.83 64.05 -30.82
N PHE W 256 -6.83 63.84 -29.96
CA PHE W 256 -7.06 63.91 -28.52
C PHE W 256 -7.50 65.30 -28.09
N GLN W 257 -6.87 66.33 -28.66
CA GLN W 257 -7.13 67.70 -28.24
C GLN W 257 -8.51 68.19 -28.62
N SER W 258 -9.24 67.45 -29.45
CA SER W 258 -10.61 67.83 -29.78
C SER W 258 -11.45 67.90 -28.52
N THR W 259 -12.29 68.94 -28.44
CA THR W 259 -13.09 69.15 -27.23
C THR W 259 -14.08 68.01 -27.01
N THR W 260 -14.61 67.44 -28.09
CA THR W 260 -15.54 66.32 -27.96
C THR W 260 -14.87 65.13 -27.29
N HIS W 261 -13.65 64.80 -27.72
CA HIS W 261 -12.94 63.67 -27.13
C HIS W 261 -12.62 63.93 -25.66
N GLN W 262 -12.21 65.16 -25.33
CA GLN W 262 -11.91 65.47 -23.93
C GLN W 262 -13.15 65.40 -23.06
N LYS W 263 -14.28 65.90 -23.56
CA LYS W 263 -15.52 65.81 -22.79
C LYS W 263 -15.95 64.36 -22.60
N LEU W 264 -15.82 63.55 -23.65
CA LEU W 264 -16.15 62.13 -23.52
C LEU W 264 -15.25 61.46 -22.49
N ALA W 265 -13.95 61.75 -22.53
CA ALA W 265 -13.02 61.17 -21.58
C ALA W 265 -13.35 61.59 -20.15
N LYS W 266 -13.67 62.87 -19.95
CA LYS W 266 -14.03 63.34 -18.63
C LYS W 266 -15.29 62.64 -18.13
N ALA W 267 -16.31 62.54 -18.98
CA ALA W 267 -17.57 61.93 -18.60
C ALA W 267 -17.37 60.45 -18.24
N LEU W 268 -16.62 59.72 -19.06
CA LEU W 268 -16.43 58.30 -18.79
C LEU W 268 -15.50 58.05 -17.61
N SER W 269 -14.53 58.93 -17.38
CA SER W 269 -13.63 58.77 -16.25
C SER W 269 -14.35 59.04 -14.93
N ALA W 270 -15.17 60.09 -14.89
CA ALA W 270 -15.91 60.40 -13.66
C ALA W 270 -17.15 59.55 -13.49
N LYS W 271 -17.61 58.88 -14.56
CA LYS W 271 -18.77 58.00 -14.44
C LYS W 271 -18.46 56.78 -13.59
N GLN W 272 -17.29 56.18 -13.78
CA GLN W 272 -16.91 54.98 -13.04
C GLN W 272 -16.30 55.30 -11.68
N LYS W 273 -16.13 56.57 -11.32
CA LYS W 273 -15.62 56.93 -10.01
C LYS W 273 -16.70 56.80 -8.93
N LYS W 274 -17.96 57.10 -9.27
CA LYS W 274 -19.05 57.09 -8.31
C LYS W 274 -19.59 55.66 -8.18
N GLU W 275 -19.36 55.04 -7.02
CA GLU W 275 -19.83 53.68 -6.78
C GLU W 275 -19.97 53.49 -5.27
N SER W 276 -21.19 53.63 -4.76
CA SER W 276 -21.47 53.40 -3.34
C SER W 276 -22.95 53.05 -3.23
N TYR W 277 -23.24 51.77 -3.06
CA TYR W 277 -24.61 51.27 -3.05
C TYR W 277 -25.19 51.14 -1.64
N ALA W 278 -24.44 50.53 -0.72
CA ALA W 278 -24.92 50.34 0.63
C ALA W 278 -25.04 51.69 1.33
N ARG W 279 -26.15 51.89 2.04
CA ARG W 279 -26.41 53.13 2.76
C ARG W 279 -26.30 52.88 4.25
N SER W 280 -25.53 53.72 4.94
CA SER W 280 -25.28 53.51 6.36
C SER W 280 -26.50 53.92 7.18
N VAL W 281 -26.58 53.36 8.38
CA VAL W 281 -27.69 53.63 9.31
C VAL W 281 -27.18 53.37 10.71
N VAL W 282 -27.88 53.90 11.71
CA VAL W 282 -27.49 53.78 13.11
C VAL W 282 -28.49 52.89 13.82
N THR W 283 -27.99 51.85 14.48
CA THR W 283 -28.83 50.94 15.25
C THR W 283 -28.96 51.46 16.68
N LYS W 284 -30.20 51.65 17.13
CA LYS W 284 -30.47 52.14 18.48
C LYS W 284 -30.86 51.03 19.45
N GLU W 285 -31.32 49.89 18.96
CA GLU W 285 -31.78 48.81 19.81
C GLU W 285 -31.26 47.49 19.27
N ASP W 286 -31.64 46.41 19.94
CA ASP W 286 -31.20 45.08 19.51
C ASP W 286 -31.89 44.72 18.19
N PRO W 287 -31.14 44.35 17.16
CA PRO W 287 -31.78 43.95 15.90
C PRO W 287 -32.63 42.69 16.01
N GLU W 288 -32.44 41.88 17.05
CA GLU W 288 -33.21 40.66 17.24
C GLU W 288 -34.48 40.87 18.06
N GLU W 289 -34.74 42.10 18.52
CA GLU W 289 -35.88 42.32 19.40
C GLU W 289 -37.21 42.08 18.69
N ARG W 290 -37.31 42.51 17.43
CA ARG W 290 -38.56 42.33 16.68
C ARG W 290 -38.90 40.86 16.55
N GLN W 291 -37.91 40.02 16.21
CA GLN W 291 -38.16 38.59 16.03
C GLN W 291 -38.67 37.96 17.32
N ARG W 292 -38.01 38.26 18.45
CA ARG W 292 -38.40 37.60 19.70
C ARG W 292 -39.77 38.09 20.17
N ARG W 293 -40.05 39.39 20.06
CA ARG W 293 -41.36 39.86 20.48
C ARG W 293 -42.47 39.31 19.60
N LEU W 294 -42.23 39.23 18.29
CA LEU W 294 -43.24 38.68 17.40
C LEU W 294 -43.42 37.18 17.60
N GLU W 295 -42.33 36.47 17.93
CA GLU W 295 -42.46 35.06 18.27
C GLU W 295 -43.28 34.86 19.54
N SER W 296 -43.06 35.73 20.54
CA SER W 296 -43.86 35.65 21.76
C SER W 296 -45.34 35.87 21.45
N GLN W 297 -45.65 36.88 20.64
CA GLN W 297 -47.04 37.13 20.29
C GLN W 297 -47.64 35.97 19.50
N GLU W 298 -46.86 35.41 18.57
CA GLU W 298 -47.33 34.27 17.79
C GLU W 298 -47.61 33.07 18.67
N ASN W 299 -46.73 32.80 19.65
CA ASN W 299 -46.97 31.68 20.56
C ASN W 299 -48.20 31.94 21.42
N GLU W 300 -48.40 33.19 21.85
CA GLU W 300 -49.59 33.52 22.63
C GLU W 300 -50.86 33.26 21.82
N ARG W 301 -50.88 33.71 20.56
CA ARG W 301 -52.08 33.50 19.76
C ARG W 301 -52.21 32.04 19.34
N TYR W 302 -51.10 31.30 19.25
CA TYR W 302 -51.18 29.85 19.07
C TYR W 302 -51.90 29.20 20.25
N ARG W 303 -51.52 29.57 21.47
CA ARG W 303 -52.18 29.01 22.65
C ARG W 303 -53.66 29.35 22.67
N LEU W 304 -53.98 30.62 22.38
CA LEU W 304 -55.38 31.04 22.35
C LEU W 304 -56.17 30.30 21.28
N GLU W 305 -55.59 30.14 20.09
CA GLU W 305 -56.25 29.43 19.00
C GLU W 305 -56.45 27.97 19.32
N ARG W 306 -55.45 27.33 19.95
CA ARG W 306 -55.60 25.94 20.34
C ARG W 306 -56.71 25.78 21.36
N ARG W 307 -56.78 26.68 22.34
CA ARG W 307 -57.87 26.63 23.31
C ARG W 307 -59.22 26.82 22.65
N ARG W 308 -59.32 27.78 21.73
CA ARG W 308 -60.58 28.02 21.03
C ARG W 308 -61.00 26.81 20.20
N LYS W 309 -60.06 26.20 19.49
CA LYS W 309 -60.38 25.04 18.67
C LYS W 309 -60.80 23.85 19.53
N GLN W 310 -60.13 23.65 20.67
CA GLN W 310 -60.57 22.59 21.58
C GLN W 310 -61.92 22.89 22.20
N ALA W 311 -62.26 24.17 22.34
CA ALA W 311 -63.58 24.55 22.84
C ALA W 311 -64.61 24.67 21.73
N GLU W 312 -64.19 24.63 20.47
CA GLU W 312 -65.12 24.72 19.34
C GLU W 312 -65.57 23.34 18.88
N ARG X 10 110.31 -9.72 19.08
CA ARG X 10 108.99 -9.62 18.48
C ARG X 10 109.10 -9.28 17.00
N GLN X 11 109.16 -10.31 16.16
CA GLN X 11 109.31 -10.14 14.72
C GLN X 11 107.93 -9.92 14.11
N ASP X 12 107.56 -8.67 13.92
CA ASP X 12 106.28 -8.30 13.34
C ASP X 12 106.46 -7.11 12.41
N TYR X 13 105.34 -6.49 12.05
CA TYR X 13 105.33 -5.40 11.10
C TYR X 13 106.20 -4.24 11.58
N ILE X 14 107.01 -3.69 10.67
CA ILE X 14 107.89 -2.58 11.00
C ILE X 14 107.19 -1.27 10.70
N ALA X 15 107.07 -0.41 11.71
CA ALA X 15 106.47 0.90 11.55
C ALA X 15 106.98 1.82 12.65
N LYS X 16 107.23 3.07 12.28
CA LYS X 16 107.74 4.08 13.20
C LYS X 16 106.68 5.15 13.42
N VAL X 17 106.49 5.55 14.67
CA VAL X 17 105.49 6.55 15.04
C VAL X 17 106.22 7.78 15.53
N ARG X 18 105.97 8.92 14.88
CA ARG X 18 106.55 10.20 15.27
C ARG X 18 105.49 11.28 15.08
N TYR X 19 104.99 11.81 16.18
CA TYR X 19 103.99 12.88 16.11
C TYR X 19 104.60 14.13 15.50
N GLN X 20 103.84 14.80 14.65
CA GLN X 20 104.29 16.01 13.95
C GLN X 20 103.61 17.22 14.59
N ASN X 21 104.37 18.02 15.33
CA ASN X 21 103.91 19.27 15.92
C ASN X 21 104.91 20.38 15.65
N ASP X 22 105.53 20.34 14.47
CA ASP X 22 106.58 21.29 14.15
C ASP X 22 106.00 22.66 13.83
N LEU X 23 106.57 23.69 14.45
CA LEU X 23 106.09 25.05 14.23
C LEU X 23 106.47 25.52 12.82
N PRO X 24 105.57 26.18 12.11
CA PRO X 24 105.91 26.70 10.79
C PRO X 24 106.83 27.91 10.88
N ALA X 25 107.48 28.20 9.76
CA ALA X 25 108.35 29.36 9.69
C ALA X 25 107.52 30.65 9.78
N PRO X 26 108.10 31.74 10.28
CA PRO X 26 107.36 33.01 10.37
C PRO X 26 106.86 33.44 9.01
N PRO X 27 105.63 33.95 8.94
CA PRO X 27 105.03 34.29 7.64
C PRO X 27 105.53 35.60 7.05
N CYS X 28 105.79 36.58 7.91
CA CYS X 28 106.15 37.93 7.50
C CYS X 28 105.16 38.48 6.46
N PRO X 29 103.89 38.62 6.83
CA PRO X 29 102.89 39.04 5.84
C PRO X 29 103.04 40.51 5.49
N PRO X 30 102.43 40.97 4.41
CA PRO X 30 102.48 42.40 4.07
C PRO X 30 101.87 43.24 5.18
N LYS X 31 102.49 44.39 5.44
CA LYS X 31 102.09 45.26 6.53
C LYS X 31 101.06 46.27 6.06
N LEU X 32 100.01 46.43 6.87
CA LEU X 32 99.01 47.47 6.61
C LEU X 32 99.64 48.85 6.81
N LEU X 33 99.11 49.82 6.08
CA LEU X 33 99.56 51.21 6.19
C LEU X 33 98.52 52.01 6.95
N LYS X 34 98.96 52.70 8.01
CA LYS X 34 98.04 53.48 8.82
C LYS X 34 97.45 54.63 8.02
N TYR X 35 96.18 54.91 8.25
CA TYR X 35 95.52 56.02 7.59
C TYR X 35 96.09 57.35 8.08
N GLU X 36 95.83 58.40 7.31
CA GLU X 36 96.21 59.74 7.78
C GLU X 36 95.47 60.10 9.06
N ILE X 37 94.22 59.64 9.21
CA ILE X 37 93.45 59.89 10.42
C ILE X 37 93.85 58.95 11.56
N GLU X 38 94.84 58.10 11.36
CA GLU X 38 95.37 57.28 12.45
C GLU X 38 96.48 57.99 13.21
N LYS X 39 96.86 59.19 12.81
CA LYS X 39 97.90 59.97 13.47
C LYS X 39 97.26 61.08 14.29
N GLU X 40 97.87 61.39 15.43
CA GLU X 40 97.25 62.30 16.39
C GLU X 40 97.07 63.71 15.81
N ALA X 41 98.09 64.22 15.13
CA ALA X 41 98.01 65.59 14.60
C ALA X 41 96.93 65.73 13.53
N PRO X 42 96.82 64.86 12.52
CA PRO X 42 95.67 64.96 11.60
C PRO X 42 94.33 64.80 12.28
N GLN X 43 94.25 63.96 13.31
CA GLN X 43 93.01 63.85 14.07
C GLN X 43 92.64 65.17 14.72
N LYS X 44 93.64 65.84 15.33
CA LYS X 44 93.40 67.13 15.95
C LYS X 44 92.96 68.15 14.92
N GLU X 45 93.61 68.16 13.76
CA GLU X 45 93.25 69.11 12.71
C GLU X 45 91.83 68.87 12.21
N PHE X 46 91.46 67.60 12.02
CA PHE X 46 90.13 67.28 11.48
C PHE X 46 89.03 67.58 12.49
N LEU X 47 89.25 67.22 13.76
CA LEU X 47 88.21 67.44 14.76
C LEU X 47 88.00 68.92 15.06
N LYS X 48 89.08 69.70 15.06
CA LYS X 48 89.02 71.12 15.36
C LYS X 48 88.56 71.96 14.17
N ASP X 49 87.97 71.33 13.15
CA ASP X 49 87.49 72.06 11.99
C ASP X 49 86.31 72.95 12.35
N SER X 50 86.26 74.14 11.75
CA SER X 50 85.14 75.05 11.93
C SER X 50 84.01 74.80 10.95
N ARG X 51 84.30 74.22 9.79
CA ARG X 51 83.25 73.90 8.83
C ARG X 51 82.30 72.83 9.38
N LEU X 52 82.78 72.02 10.33
CA LEU X 52 81.91 71.05 10.97
C LEU X 52 80.80 71.76 11.75
N LEU X 53 81.16 72.80 12.49
CA LEU X 53 80.14 73.59 13.19
C LEU X 53 79.26 74.35 12.23
N SER X 54 79.79 74.77 11.08
CA SER X 54 78.94 75.40 10.07
C SER X 54 77.90 74.43 9.52
N ALA X 55 78.31 73.19 9.26
CA ALA X 55 77.36 72.17 8.82
C ALA X 55 76.34 71.88 9.91
N LEU X 56 76.78 71.84 11.17
CA LEU X 56 75.86 71.63 12.28
C LEU X 56 74.85 72.77 12.37
N PHE X 57 75.30 74.01 12.17
CA PHE X 57 74.38 75.14 12.14
C PHE X 57 73.40 75.01 11.00
N SER X 58 73.87 74.62 9.82
CA SER X 58 72.97 74.45 8.67
C SER X 58 71.92 73.38 8.95
N LYS X 59 72.33 72.30 9.60
CA LYS X 59 71.36 71.27 10.00
C LYS X 59 70.35 71.85 10.99
N ASP X 60 70.84 72.57 12.01
CA ASP X 60 69.95 73.15 13.01
C ASP X 60 69.23 74.39 12.49
N ASN X 61 69.92 75.18 11.67
CA ASN X 61 69.39 76.44 11.16
C ASN X 61 68.94 77.36 12.30
N PHE X 62 67.63 77.55 12.42
CA PHE X 62 67.04 78.41 13.44
C PHE X 62 65.90 77.68 14.15
N ARG X 63 66.16 76.45 14.56
CA ARG X 63 65.14 75.64 15.23
C ARG X 63 64.73 76.27 16.55
N TYR X 64 65.67 76.42 17.47
CA TYR X 64 65.38 76.91 18.82
C TYR X 64 65.24 78.42 18.91
N LEU X 65 65.31 79.13 17.79
CA LEU X 65 65.09 80.57 17.78
C LEU X 65 63.64 80.95 17.51
N MET X 66 62.76 79.98 17.27
CA MET X 66 61.35 80.25 17.07
C MET X 66 60.59 80.40 18.38
N ASN X 67 61.24 80.17 19.53
CA ASN X 67 60.56 80.27 20.82
C ASN X 67 60.11 81.72 21.08
N GLU X 68 60.96 82.69 20.75
CA GLU X 68 60.57 84.09 20.93
C GLU X 68 59.48 84.51 19.96
N THR X 69 59.43 83.89 18.78
CA THR X 69 58.46 84.25 17.74
C THR X 69 57.02 83.91 18.12
N SER X 70 56.79 83.42 19.34
CA SER X 70 55.46 83.13 19.84
C SER X 70 54.67 84.37 20.23
N ASP X 71 55.11 85.56 19.79
CA ASP X 71 54.39 86.79 20.10
C ASP X 71 52.96 86.76 19.58
N GLY X 72 52.70 85.95 18.55
CA GLY X 72 51.35 85.83 18.04
C GLY X 72 50.42 85.01 18.91
N LEU X 73 50.97 84.29 19.90
CA LEU X 73 50.12 83.51 20.80
C LEU X 73 49.37 84.37 21.78
N ASP X 74 49.92 85.54 22.13
CA ASP X 74 49.27 86.40 23.11
C ASP X 74 47.91 86.87 22.60
N VAL X 75 46.92 86.84 23.48
CA VAL X 75 45.54 87.17 23.14
C VAL X 75 45.11 88.37 23.98
N ASN X 76 44.59 89.39 23.31
CA ASN X 76 44.07 90.58 23.97
C ASN X 76 42.71 90.92 23.40
N TYR X 77 41.80 91.34 24.28
CA TYR X 77 40.42 91.60 23.87
C TYR X 77 40.33 92.81 22.94
N LEU X 78 41.10 93.87 23.23
CA LEU X 78 40.99 95.11 22.49
C LEU X 78 41.49 95.01 21.04
N ARG X 79 42.16 93.92 20.68
CA ARG X 79 42.71 93.81 19.33
C ARG X 79 41.62 93.80 18.27
N ILE X 80 40.53 93.09 18.52
CA ILE X 80 39.46 92.99 17.52
C ILE X 80 38.75 94.34 17.42
N PRO X 81 38.57 94.89 16.21
CA PRO X 81 37.94 96.21 16.11
C PRO X 81 36.48 96.24 16.56
N GLY X 82 35.67 95.29 16.11
CA GLY X 82 34.24 95.31 16.36
C GLY X 82 33.72 94.49 17.51
N ILE X 83 34.60 93.87 18.31
CA ILE X 83 34.13 93.04 19.41
C ILE X 83 33.71 93.88 20.62
N ILE X 84 34.07 95.17 20.64
CA ILE X 84 33.88 95.97 21.83
C ILE X 84 32.92 97.15 21.62
N GLU X 85 32.61 97.50 20.36
CA GLU X 85 31.84 98.73 20.12
C GLU X 85 30.52 98.75 20.86
N ASN X 86 29.93 97.58 21.11
CA ASN X 86 28.81 97.43 22.01
C ASN X 86 29.18 96.41 23.08
N GLU X 87 28.55 96.53 24.25
CA GLU X 87 28.83 95.59 25.33
C GLU X 87 28.59 94.15 24.89
N LYS X 88 27.55 93.93 24.09
CA LYS X 88 27.21 92.61 23.57
C LYS X 88 27.73 92.38 22.15
N SER X 89 28.68 93.20 21.70
CA SER X 89 29.30 92.97 20.40
C SER X 89 30.06 91.65 20.38
N LEU X 90 30.55 91.20 21.54
CA LEU X 90 31.17 89.87 21.61
C LEU X 90 30.19 88.78 21.22
N GLY X 91 28.98 88.82 21.80
CA GLY X 91 27.97 87.85 21.44
C GLY X 91 27.49 88.02 20.00
N LYS X 92 27.39 89.27 19.54
CA LYS X 92 26.97 89.51 18.16
C LYS X 92 27.97 88.92 17.16
N LEU X 93 29.27 89.14 17.40
CA LEU X 93 30.29 88.59 16.51
C LEU X 93 30.40 87.07 16.63
N PHE X 94 30.22 86.54 17.84
CA PHE X 94 30.17 85.08 17.98
C PHE X 94 28.96 84.52 17.26
N SER X 95 27.86 85.27 17.22
CA SER X 95 26.68 84.90 16.46
C SER X 95 26.66 85.48 15.05
N SER X 96 27.65 86.32 14.70
CA SER X 96 27.76 86.79 13.33
C SER X 96 28.33 85.74 12.39
N TYR X 97 29.15 84.82 12.92
CA TYR X 97 29.75 83.77 12.12
C TYR X 97 28.90 82.50 12.08
N LYS X 98 27.78 82.47 12.79
CA LYS X 98 26.86 81.35 12.65
C LYS X 98 26.22 81.33 11.27
N ASN X 99 26.09 82.50 10.64
CA ASN X 99 25.66 82.55 9.25
C ASN X 99 26.70 81.94 8.32
N LEU X 100 27.97 82.01 8.70
CA LEU X 100 29.05 81.43 7.94
C LEU X 100 29.29 79.98 8.37
N ALA X 101 30.07 79.27 7.56
CA ALA X 101 30.40 77.88 7.83
C ALA X 101 31.70 77.55 7.09
N ILE X 102 32.00 76.26 6.97
CA ILE X 102 33.19 75.82 6.24
C ILE X 102 33.07 76.20 4.77
N GLU X 103 31.86 76.16 4.21
CA GLU X 103 31.68 76.50 2.81
C GLU X 103 32.08 77.93 2.51
N ASN X 104 31.71 78.86 3.41
CA ASN X 104 32.04 80.28 3.21
C ASN X 104 33.53 80.55 3.34
N LEU X 105 34.31 79.62 3.88
CA LEU X 105 35.76 79.79 3.96
C LEU X 105 36.36 79.81 2.56
N HIS X 106 37.46 80.53 2.42
CA HIS X 106 38.15 80.60 1.14
C HIS X 106 38.69 79.22 0.77
N PRO X 107 38.66 78.84 -0.51
CA PRO X 107 39.17 77.52 -0.89
C PRO X 107 40.61 77.27 -0.47
N ASP X 108 41.46 78.29 -0.58
CA ASP X 108 42.84 78.13 -0.11
C ASP X 108 42.90 77.96 1.40
N ASP X 109 42.07 78.70 2.13
CA ASP X 109 42.00 78.51 3.58
C ASP X 109 41.39 77.16 3.93
N ARG X 110 40.46 76.66 3.11
CA ARG X 110 39.97 75.30 3.29
C ARG X 110 41.10 74.29 3.08
N LEU X 111 42.00 74.57 2.15
CA LEU X 111 43.17 73.71 1.95
C LEU X 111 44.07 73.70 3.17
N LEU X 112 44.05 74.77 3.96
CA LEU X 112 44.81 74.81 5.21
C LEU X 112 44.23 73.90 6.27
N LEU X 113 42.98 73.44 6.11
CA LEU X 113 42.35 72.52 7.06
C LEU X 113 42.72 71.10 6.64
N VAL X 114 43.87 70.63 7.13
CA VAL X 114 44.40 69.32 6.81
C VAL X 114 44.30 68.44 8.05
N ASP X 115 43.75 67.25 7.88
CA ASP X 115 43.58 66.33 9.00
C ASP X 115 44.94 65.86 9.49
N PRO X 116 45.28 66.06 10.77
CA PRO X 116 46.55 65.60 11.35
C PRO X 116 46.70 64.08 11.30
N SER X 126 35.46 63.52 3.08
CA SER X 126 34.37 63.45 2.12
C SER X 126 33.33 62.41 2.54
N PRO X 127 32.06 62.75 2.39
CA PRO X 127 31.00 61.79 2.74
C PRO X 127 30.98 60.61 1.79
N VAL X 128 30.49 59.48 2.31
CA VAL X 128 30.28 58.27 1.53
C VAL X 128 28.80 57.95 1.54
N PHE X 129 28.32 57.44 0.41
CA PHE X 129 26.89 57.27 0.19
C PHE X 129 26.26 56.22 1.09
N PHE X 130 27.04 55.35 1.72
CA PHE X 130 26.49 54.23 2.47
C PHE X 130 26.59 54.41 3.98
N LEU X 131 26.84 55.63 4.46
CA LEU X 131 26.85 55.92 5.88
C LEU X 131 25.76 56.97 6.14
N ARG X 132 24.58 56.49 6.50
CA ARG X 132 23.46 57.36 6.80
C ARG X 132 23.60 57.96 8.20
N ARG X 133 22.92 59.06 8.43
CA ARG X 133 22.82 59.61 9.78
C ARG X 133 21.60 59.03 10.48
N PRO X 134 21.74 58.53 11.71
CA PRO X 134 20.65 57.78 12.32
C PRO X 134 19.41 58.64 12.55
N GLN X 135 18.26 57.98 12.48
CA GLN X 135 16.96 58.61 12.70
C GLN X 135 16.21 57.86 13.77
N TYR X 136 15.06 58.41 14.18
CA TYR X 136 14.23 57.78 15.19
C TYR X 136 12.77 57.59 14.79
N VAL X 137 12.24 58.36 13.84
CA VAL X 137 10.85 58.22 13.44
C VAL X 137 10.70 57.46 12.12
N SER X 138 11.74 57.37 11.32
CA SER X 138 11.70 56.67 10.02
C SER X 138 10.61 57.36 9.18
N ASP X 139 9.89 56.62 8.34
CA ASP X 139 8.86 57.20 7.51
C ASP X 139 7.92 56.10 7.02
N GLY X 140 6.79 56.52 6.47
CA GLY X 140 5.78 55.61 5.98
C GLY X 140 4.38 56.02 6.38
N ASP X 159 -20.85 76.05 -18.87
CA ASP X 159 -21.77 76.48 -19.91
C ASP X 159 -23.05 75.66 -19.88
N THR X 160 -23.48 75.28 -18.66
CA THR X 160 -24.73 74.55 -18.49
C THR X 160 -25.94 75.45 -18.62
N ASN X 161 -25.73 76.76 -18.69
CA ASN X 161 -26.84 77.71 -18.83
C ASN X 161 -27.54 77.47 -20.16
N PRO X 162 -28.88 77.38 -20.17
CA PRO X 162 -29.59 77.22 -21.45
C PRO X 162 -29.29 78.33 -22.45
N ARG X 163 -29.10 79.55 -21.96
CA ARG X 163 -28.70 80.64 -22.86
C ARG X 163 -27.36 80.35 -23.51
N SER X 164 -26.40 79.82 -22.73
CA SER X 164 -25.11 79.46 -23.30
C SER X 164 -25.23 78.36 -24.36
N GLN X 165 -26.07 77.36 -24.10
CA GLN X 165 -26.26 76.29 -25.07
C GLN X 165 -26.88 76.83 -26.36
N LEU X 166 -27.90 77.69 -26.22
CA LEU X 166 -28.51 78.28 -27.41
C LEU X 166 -27.49 79.11 -28.18
N HIS X 167 -26.69 79.90 -27.47
CA HIS X 167 -25.68 80.73 -28.13
C HIS X 167 -24.66 79.87 -28.86
N SER X 168 -24.28 78.74 -28.26
CA SER X 168 -23.40 77.81 -28.95
C SER X 168 -24.06 77.26 -30.21
N VAL X 169 -25.37 77.00 -30.14
CA VAL X 169 -26.09 76.49 -31.31
C VAL X 169 -26.07 77.50 -32.45
N GLU X 170 -26.41 78.76 -32.16
CA GLU X 170 -26.35 79.75 -33.25
C GLU X 170 -24.93 80.02 -33.71
N ARG X 171 -23.94 79.94 -32.82
CA ARG X 171 -22.56 80.11 -33.25
C ARG X 171 -22.16 79.00 -34.22
N THR X 172 -22.54 77.76 -33.93
CA THR X 172 -22.26 76.67 -34.84
C THR X 172 -23.00 76.84 -36.16
N PHE X 173 -24.24 77.33 -36.11
CA PHE X 173 -24.99 77.58 -37.33
C PHE X 173 -24.32 78.64 -38.19
N ASP X 174 -23.79 79.69 -37.56
CA ASP X 174 -23.27 80.83 -38.31
C ASP X 174 -21.91 80.54 -38.94
N GLU X 175 -21.14 79.60 -38.40
CA GLU X 175 -19.78 79.34 -38.85
C GLU X 175 -19.71 78.30 -39.96
N VAL X 176 -20.80 78.09 -40.70
CA VAL X 176 -20.80 77.14 -41.81
C VAL X 176 -20.04 77.74 -42.99
N ILE X 177 -19.12 76.96 -43.55
CA ILE X 177 -18.26 77.42 -44.64
C ILE X 177 -19.00 77.28 -45.96
N ASP X 178 -18.99 78.33 -46.75
CA ASP X 178 -19.63 78.30 -48.06
C ASP X 178 -18.84 77.37 -48.99
N PRO X 179 -19.46 76.33 -49.56
CA PRO X 179 -18.71 75.43 -50.46
C PRO X 179 -18.11 76.13 -51.66
N ARG X 180 -18.76 77.19 -52.17
CA ARG X 180 -18.20 77.91 -53.31
C ARG X 180 -17.00 78.75 -52.92
N ASN X 181 -16.84 79.10 -51.65
CA ASN X 181 -15.72 79.93 -51.22
C ASN X 181 -14.44 79.10 -51.21
N LYS X 182 -13.68 79.16 -52.31
CA LYS X 182 -12.45 78.39 -52.40
C LYS X 182 -11.41 78.86 -51.38
N ASN X 183 -11.31 80.18 -51.18
CA ASN X 183 -10.31 80.71 -50.26
C ASN X 183 -10.57 80.26 -48.83
N ARG X 184 -11.82 80.40 -48.38
CA ARG X 184 -12.16 79.97 -47.03
C ARG X 184 -12.05 78.46 -46.87
N LEU X 185 -12.36 77.71 -47.92
CA LEU X 185 -12.17 76.26 -47.88
C LEU X 185 -10.70 75.90 -47.72
N GLN X 186 -9.82 76.58 -48.45
CA GLN X 186 -8.38 76.34 -48.30
C GLN X 186 -7.86 76.83 -46.95
N SER X 187 -8.56 77.80 -46.34
CA SER X 187 -8.17 78.25 -45.01
C SER X 187 -8.31 77.13 -43.99
N LEU X 188 -9.38 76.34 -44.08
CA LEU X 188 -9.58 75.22 -43.18
C LEU X 188 -8.50 74.16 -43.38
N ILE X 189 -7.94 73.68 -42.27
CA ILE X 189 -6.85 72.71 -42.27
C ILE X 189 -7.17 71.60 -41.28
N HIS X 190 -6.84 70.37 -41.65
CA HIS X 190 -7.08 69.23 -40.77
C HIS X 190 -6.28 69.42 -39.47
N PRO X 191 -6.91 69.23 -38.31
CA PRO X 191 -6.17 69.43 -37.05
C PRO X 191 -4.96 68.54 -36.89
N ARG X 192 -5.02 67.29 -37.36
CA ARG X 192 -3.92 66.34 -37.21
C ARG X 192 -3.14 66.16 -38.52
N LYS X 193 -3.84 65.95 -39.63
CA LYS X 193 -3.16 65.75 -40.90
C LYS X 193 -2.46 67.01 -41.40
N LYS X 194 -2.91 68.19 -40.96
CA LYS X 194 -2.37 69.46 -41.43
C LYS X 194 -2.47 69.58 -42.95
N ILE X 195 -3.62 69.16 -43.49
CA ILE X 195 -3.84 69.08 -44.93
C ILE X 195 -5.01 69.97 -45.30
N LYS X 196 -4.87 70.72 -46.39
CA LYS X 196 -5.89 71.64 -46.84
C LYS X 196 -7.13 70.90 -47.34
N ALA X 197 -8.26 71.59 -47.32
CA ALA X 197 -9.51 71.04 -47.80
C ALA X 197 -9.62 71.21 -49.32
N VAL X 198 -10.22 70.23 -49.97
CA VAL X 198 -10.37 70.25 -51.43
C VAL X 198 -11.80 70.59 -51.81
N LYS X 199 -12.74 69.74 -51.38
CA LYS X 199 -14.14 69.90 -51.75
C LYS X 199 -15.02 69.79 -50.50
N ALA X 200 -16.20 70.38 -50.59
CA ALA X 200 -17.14 70.41 -49.47
C ALA X 200 -18.55 70.09 -49.98
N TRP X 201 -19.39 69.60 -49.07
CA TRP X 201 -20.77 69.28 -49.37
C TRP X 201 -21.64 69.63 -48.17
N HIS X 202 -22.79 70.24 -48.43
CA HIS X 202 -23.76 70.47 -47.38
C HIS X 202 -24.40 69.16 -46.94
N PHE X 203 -24.72 69.08 -45.65
CA PHE X 203 -25.32 67.89 -45.06
C PHE X 203 -26.78 68.20 -44.74
N PHE X 204 -27.69 67.60 -45.50
CA PHE X 204 -29.11 67.86 -45.37
C PHE X 204 -29.88 66.56 -45.26
N PRO X 205 -31.02 66.56 -44.57
CA PRO X 205 -31.93 65.42 -44.61
C PRO X 205 -32.76 65.42 -45.88
N ASP X 206 -33.40 64.28 -46.14
CA ASP X 206 -34.20 64.08 -47.34
C ASP X 206 -35.67 64.17 -46.99
N THR X 207 -36.42 64.98 -47.75
CA THR X 207 -37.81 65.25 -47.42
C THR X 207 -38.76 64.24 -48.05
N SER X 208 -38.49 63.86 -49.30
CA SER X 208 -39.40 62.99 -50.04
C SER X 208 -39.31 61.53 -49.61
N THR X 209 -38.34 61.16 -48.78
CA THR X 209 -38.11 59.76 -48.45
C THR X 209 -38.36 59.40 -47.00
N PHE X 210 -38.69 60.37 -46.14
CA PHE X 210 -38.95 60.06 -44.73
C PHE X 210 -40.22 59.24 -44.55
N ASP X 211 -41.19 59.38 -45.45
CA ASP X 211 -42.42 58.60 -45.33
C ASP X 211 -42.14 57.11 -45.51
N GLN X 212 -41.25 56.77 -46.43
CA GLN X 212 -40.91 55.37 -46.69
C GLN X 212 -40.08 54.81 -45.54
N VAL X 213 -39.95 53.48 -45.52
CA VAL X 213 -39.18 52.76 -44.51
C VAL X 213 -38.01 52.09 -45.21
N PHE X 214 -36.80 52.32 -44.69
CA PHE X 214 -35.58 51.81 -45.30
C PHE X 214 -34.96 50.75 -44.40
N HIS X 215 -34.53 49.65 -45.01
CA HIS X 215 -33.87 48.56 -44.30
C HIS X 215 -32.59 48.18 -45.03
N SER X 216 -31.52 47.99 -44.27
CA SER X 216 -30.25 47.54 -44.83
C SER X 216 -30.28 46.03 -44.99
N LEU X 217 -30.22 45.57 -46.24
CA LEU X 217 -30.33 44.15 -46.55
C LEU X 217 -28.96 43.62 -46.96
N LYS X 218 -28.54 42.53 -46.33
CA LYS X 218 -27.22 41.96 -46.54
C LYS X 218 -27.32 40.45 -46.68
N PHE X 219 -26.40 39.88 -47.46
CA PHE X 219 -26.30 38.45 -47.66
C PHE X 219 -25.14 37.91 -46.83
N VAL X 220 -25.40 36.83 -46.09
CA VAL X 220 -24.45 36.30 -45.10
C VAL X 220 -23.85 35.01 -45.64
N GLY X 221 -22.52 34.96 -45.69
CA GLY X 221 -21.84 33.72 -46.03
C GLY X 221 -21.98 33.37 -47.49
N SER X 222 -22.31 32.10 -47.75
CA SER X 222 -22.38 31.60 -49.12
C SER X 222 -23.52 32.22 -49.92
N ALA X 223 -24.46 32.90 -49.25
CA ALA X 223 -25.55 33.57 -49.94
C ALA X 223 -25.09 34.76 -50.78
N SER X 224 -23.79 35.05 -50.81
CA SER X 224 -23.28 36.15 -51.60
C SER X 224 -23.59 35.96 -53.08
N LEU X 225 -24.13 37.00 -53.72
CA LEU X 225 -24.45 36.91 -55.13
C LEU X 225 -23.19 36.79 -55.98
N SER X 226 -22.10 37.43 -55.56
CA SER X 226 -20.83 37.28 -56.28
C SER X 226 -20.32 35.84 -56.20
N LYS X 227 -20.49 35.20 -55.04
CA LYS X 227 -20.06 33.82 -54.89
C LYS X 227 -20.86 32.89 -55.79
N ASP X 228 -22.16 33.13 -55.92
CA ASP X 228 -23.01 32.33 -56.78
C ASP X 228 -22.75 32.66 -58.25
N ARG X 229 -21.78 31.97 -58.85
CA ARG X 229 -21.40 32.27 -60.23
C ARG X 229 -22.51 32.05 -61.23
N PRO X 230 -23.23 30.92 -61.24
CA PRO X 230 -24.33 30.78 -62.21
C PRO X 230 -25.41 31.83 -62.04
N LEU X 231 -25.72 32.21 -60.80
CA LEU X 231 -26.71 33.26 -60.56
C LEU X 231 -26.25 34.59 -61.14
N ASN X 232 -24.99 34.94 -60.92
CA ASN X 232 -24.45 36.19 -61.46
C ASN X 232 -24.44 36.16 -62.99
N GLU X 233 -24.06 35.03 -63.58
CA GLU X 233 -24.06 34.91 -65.03
C GLU X 233 -25.46 35.05 -65.60
N GLN X 234 -26.45 34.43 -64.98
CA GLN X 234 -27.82 34.54 -65.45
C GLN X 234 -28.34 35.96 -65.31
N LEU X 235 -28.03 36.63 -64.20
CA LEU X 235 -28.54 37.97 -63.93
C LEU X 235 -27.63 39.07 -64.45
N GLY X 236 -26.51 38.72 -65.09
CA GLY X 236 -25.60 39.72 -65.61
C GLY X 236 -24.39 39.93 -64.74
N GLN X 237 -23.21 39.99 -65.34
CA GLN X 237 -21.97 40.13 -64.59
C GLN X 237 -21.87 41.53 -63.96
N VAL X 246 -22.67 48.39 -62.73
CA VAL X 246 -23.66 47.72 -61.89
C VAL X 246 -24.82 47.24 -62.74
N ASN X 247 -25.25 46.01 -62.48
CA ASN X 247 -26.35 45.43 -63.23
C ASN X 247 -27.67 46.10 -62.83
N ALA X 248 -28.46 46.50 -63.82
CA ALA X 248 -29.77 47.08 -63.54
C ALA X 248 -30.74 46.05 -62.99
N SER X 249 -30.55 44.77 -63.33
CA SER X 249 -31.42 43.73 -62.81
C SER X 249 -31.34 43.63 -61.29
N ILE X 250 -30.12 43.71 -60.74
CA ILE X 250 -29.95 43.74 -59.29
C ILE X 250 -30.56 45.02 -58.72
N LEU X 251 -30.37 46.14 -59.40
CA LEU X 251 -30.86 47.43 -58.92
C LEU X 251 -32.38 47.56 -58.99
N THR X 252 -33.06 46.59 -59.61
CA THR X 252 -34.52 46.64 -59.72
C THR X 252 -35.19 45.38 -59.16
N SER X 253 -34.48 44.61 -58.34
CA SER X 253 -35.02 43.37 -57.82
C SER X 253 -36.12 43.63 -56.80
N LEU X 254 -37.00 42.64 -56.64
CA LEU X 254 -38.10 42.69 -55.69
C LEU X 254 -37.96 41.57 -54.68
N PHE X 255 -38.39 41.86 -53.45
CA PHE X 255 -38.35 40.90 -52.35
C PHE X 255 -39.75 40.74 -51.77
N LYS X 256 -40.14 39.49 -51.51
CA LYS X 256 -41.48 39.17 -51.04
C LYS X 256 -41.41 38.30 -49.79
N PRO X 257 -41.51 38.89 -48.60
CA PRO X 257 -41.49 38.10 -47.36
C PRO X 257 -42.81 37.36 -47.17
N ILE X 258 -42.74 36.04 -47.07
CA ILE X 258 -43.90 35.18 -46.84
C ILE X 258 -43.62 34.29 -45.65
N GLU X 259 -44.59 34.20 -44.74
CA GLU X 259 -44.45 33.40 -43.52
C GLU X 259 -45.65 32.48 -43.39
N ILE X 260 -45.44 31.17 -43.56
CA ILE X 260 -46.50 30.20 -43.35
C ILE X 260 -46.92 30.17 -41.89
N ASN X 261 -45.93 30.12 -40.99
CA ASN X 261 -46.19 30.04 -39.56
C ASN X 261 -45.05 30.75 -38.85
N PRO X 262 -45.16 30.96 -37.53
CA PRO X 262 -44.03 31.56 -36.81
C PRO X 262 -42.73 30.80 -36.96
N HIS X 263 -42.78 29.47 -37.05
CA HIS X 263 -41.56 28.67 -37.14
C HIS X 263 -40.96 28.73 -38.55
N ASN X 264 -41.79 28.74 -39.59
CA ASN X 264 -41.32 28.65 -40.97
C ASN X 264 -41.41 30.01 -41.63
N LYS X 265 -40.28 30.50 -42.16
CA LYS X 265 -40.22 31.82 -42.77
C LYS X 265 -39.10 31.84 -43.81
N TRP X 266 -39.29 32.64 -44.85
CA TRP X 266 -38.30 32.77 -45.92
C TRP X 266 -38.58 34.05 -46.68
N ILE X 267 -37.70 34.35 -47.63
CA ILE X 267 -37.81 35.54 -48.48
C ILE X 267 -37.76 35.09 -49.94
N SER X 268 -38.59 35.71 -50.77
CA SER X 268 -38.65 35.41 -52.20
C SER X 268 -38.01 36.55 -52.99
N LEU X 269 -37.13 36.21 -53.91
CA LEU X 269 -36.41 37.19 -54.72
C LEU X 269 -36.89 37.13 -56.16
N TYR X 270 -37.13 38.30 -56.75
CA TYR X 270 -37.57 38.41 -58.13
C TYR X 270 -36.71 39.45 -58.84
N ALA X 271 -36.56 39.27 -60.15
CA ALA X 271 -35.72 40.16 -60.94
C ALA X 271 -36.19 40.13 -62.39
N VAL X 272 -35.70 41.09 -63.18
CA VAL X 272 -36.01 41.17 -64.59
C VAL X 272 -34.86 40.53 -65.36
N THR X 273 -35.15 39.41 -66.03
CA THR X 273 -34.10 38.70 -66.77
C THR X 273 -33.62 39.51 -67.98
N ASP X 274 -34.53 40.15 -68.69
CA ASP X 274 -34.15 40.94 -69.85
C ASP X 274 -33.40 42.19 -69.42
N LYS X 275 -32.31 42.50 -70.13
CA LYS X 275 -31.54 43.69 -69.80
C LYS X 275 -32.24 44.95 -70.29
N LEU X 276 -32.89 44.88 -71.45
CA LEU X 276 -33.54 46.07 -72.01
C LEU X 276 -34.71 46.51 -71.14
N SER X 277 -35.55 45.56 -70.73
CA SER X 277 -36.69 45.90 -69.88
C SER X 277 -36.23 46.45 -68.53
N ALA X 278 -35.22 45.82 -67.93
CA ALA X 278 -34.69 46.30 -66.66
C ALA X 278 -34.09 47.70 -66.80
N GLU X 279 -33.35 47.94 -67.89
CA GLU X 279 -32.77 49.26 -68.11
C GLU X 279 -33.85 50.32 -68.28
N SER X 280 -34.89 50.02 -69.06
CA SER X 280 -35.98 50.97 -69.25
C SER X 280 -36.69 51.26 -67.93
N PHE X 281 -36.95 50.21 -67.14
CA PHE X 281 -37.61 50.40 -65.85
C PHE X 281 -36.74 51.23 -64.91
N ARG X 282 -35.43 50.96 -64.88
CA ARG X 282 -34.54 51.73 -64.02
C ARG X 282 -34.47 53.19 -64.43
N LYS X 283 -34.40 53.44 -65.75
CA LYS X 283 -34.39 54.83 -66.22
C LYS X 283 -35.69 55.55 -65.87
N SER X 284 -36.82 54.87 -66.05
CA SER X 284 -38.10 55.49 -65.71
C SER X 284 -38.18 55.76 -64.21
N PHE X 285 -37.72 54.82 -63.38
CA PHE X 285 -37.81 54.99 -61.93
C PHE X 285 -36.89 56.10 -61.44
N ASN X 286 -35.67 56.18 -61.97
CA ASN X 286 -34.72 57.18 -61.53
C ASN X 286 -34.97 58.56 -62.13
N SER X 287 -35.91 58.70 -63.06
CA SER X 287 -36.23 59.96 -63.68
C SER X 287 -37.62 60.46 -63.31
N ILE X 288 -38.16 60.01 -62.18
CA ILE X 288 -39.48 60.44 -61.75
C ILE X 288 -39.37 61.81 -61.12
N LYS X 289 -39.54 62.85 -61.92
CA LYS X 289 -39.62 64.21 -61.43
C LYS X 289 -40.85 64.95 -61.97
N ASP X 290 -41.64 64.30 -62.82
CA ASP X 290 -42.85 64.86 -63.39
C ASP X 290 -44.04 64.02 -62.94
N ASP X 291 -45.21 64.33 -63.50
CA ASP X 291 -46.46 63.68 -63.12
C ASP X 291 -47.01 62.80 -64.24
N ASN X 292 -46.13 62.24 -65.08
CA ASN X 292 -46.54 61.37 -66.18
C ASN X 292 -45.69 60.11 -66.12
N ILE X 293 -46.33 58.98 -65.84
CA ILE X 293 -45.64 57.69 -65.72
C ILE X 293 -46.28 56.72 -66.71
N VAL X 294 -45.46 56.09 -67.55
CA VAL X 294 -45.94 55.14 -68.54
C VAL X 294 -46.27 53.81 -67.86
N ASN X 295 -47.30 53.13 -68.34
CA ASN X 295 -47.70 51.85 -67.79
C ASN X 295 -46.71 50.77 -68.19
N ARG X 296 -45.65 50.58 -67.40
CA ARG X 296 -44.63 49.60 -67.70
C ARG X 296 -44.99 48.29 -67.02
N HIS X 297 -45.73 47.43 -67.74
CA HIS X 297 -46.12 46.12 -67.23
C HIS X 297 -44.91 45.20 -67.32
N VAL X 298 -44.06 45.28 -66.30
CA VAL X 298 -42.82 44.52 -66.24
C VAL X 298 -43.07 43.24 -65.46
N ILE X 299 -42.63 42.11 -66.01
CA ILE X 299 -42.84 40.80 -65.39
C ILE X 299 -41.55 40.39 -64.70
N TYR X 300 -41.67 40.03 -63.43
CA TYR X 300 -40.53 39.63 -62.61
C TYR X 300 -40.50 38.12 -62.45
N ASP X 301 -39.32 37.53 -62.62
CA ASP X 301 -39.14 36.08 -62.53
C ASP X 301 -38.45 35.71 -61.23
N HIS X 302 -38.96 34.66 -60.58
CA HIS X 302 -38.36 34.18 -59.35
C HIS X 302 -36.95 33.65 -59.61
N ILE X 303 -36.05 33.88 -58.66
CA ILE X 303 -34.66 33.48 -58.81
C ILE X 303 -34.26 32.52 -57.70
N LYS X 304 -34.36 32.96 -56.45
CA LYS X 304 -33.92 32.15 -55.33
C LYS X 304 -34.64 32.58 -54.07
N ASP X 305 -34.62 31.70 -53.07
CA ASP X 305 -35.19 31.96 -51.75
C ASP X 305 -34.12 31.81 -50.69
N PHE X 306 -34.21 32.64 -49.65
CA PHE X 306 -33.23 32.64 -48.58
C PHE X 306 -33.93 32.68 -47.23
N ASP X 307 -33.27 32.14 -46.22
CA ASP X 307 -33.72 32.27 -44.84
C ASP X 307 -33.36 33.66 -44.32
N GLN X 308 -34.23 34.22 -43.48
CA GLN X 308 -34.10 35.60 -43.04
C GLN X 308 -34.10 35.70 -41.53
N MET X 309 -33.33 36.67 -41.03
CA MET X 309 -33.39 37.11 -39.64
C MET X 309 -33.31 38.63 -39.63
N PHE X 310 -33.90 39.23 -38.61
CA PHE X 310 -34.01 40.68 -38.54
C PHE X 310 -33.55 41.18 -37.17
N ARG X 311 -32.81 42.29 -37.18
CA ARG X 311 -32.42 42.98 -35.97
C ARG X 311 -32.88 44.43 -36.06
N GLY X 312 -33.59 44.90 -35.05
CA GLY X 312 -34.17 46.23 -35.05
C GLY X 312 -33.30 47.22 -34.28
N HIS X 313 -33.38 48.48 -34.71
CA HIS X 313 -32.64 49.56 -34.06
C HIS X 313 -33.50 50.18 -32.96
N LYS X 314 -32.95 50.24 -31.75
CA LYS X 314 -33.67 50.84 -30.64
C LYS X 314 -33.94 52.32 -30.89
N LYS X 315 -32.94 53.04 -31.38
CA LYS X 315 -33.08 54.46 -31.72
C LYS X 315 -33.49 54.60 -33.19
N LEU X 316 -34.14 55.72 -33.49
CA LEU X 316 -34.62 55.96 -34.85
C LEU X 316 -33.46 56.05 -35.83
N PHE X 317 -32.59 57.04 -35.64
CA PHE X 317 -31.47 57.26 -36.55
C PHE X 317 -30.19 56.59 -36.06
N GLU X 318 -30.27 55.29 -35.73
CA GLU X 318 -29.06 54.55 -35.39
C GLU X 318 -28.12 54.44 -36.59
N ASP X 319 -28.67 54.19 -37.77
CA ASP X 319 -27.91 54.11 -39.00
C ASP X 319 -28.50 55.08 -40.01
N PHE X 320 -27.65 55.63 -40.86
CA PHE X 320 -28.11 56.53 -41.91
C PHE X 320 -27.20 56.38 -43.12
N ALA X 321 -27.82 56.30 -44.30
CA ALA X 321 -27.10 56.19 -45.56
C ALA X 321 -26.99 57.58 -46.19
N ILE X 322 -25.81 57.86 -46.74
CA ILE X 322 -25.50 59.19 -47.28
C ILE X 322 -25.46 59.10 -48.80
N SER X 323 -26.23 59.97 -49.44
CA SER X 323 -26.21 60.12 -50.90
C SER X 323 -25.74 61.53 -51.23
N PHE X 324 -25.05 61.65 -52.36
CA PHE X 324 -24.41 62.89 -52.74
C PHE X 324 -25.09 63.52 -53.95
N ASP X 325 -24.85 64.82 -54.13
CA ASP X 325 -25.39 65.56 -55.26
C ASP X 325 -24.39 66.68 -55.56
N ASP X 326 -23.55 66.46 -56.57
CA ASP X 326 -22.44 67.38 -56.82
C ASP X 326 -22.92 68.72 -57.36
N ILE X 327 -23.98 68.71 -58.17
CA ILE X 327 -24.44 69.95 -58.80
C ILE X 327 -24.94 70.93 -57.76
N SER X 328 -25.61 70.42 -56.71
CA SER X 328 -26.10 71.26 -55.63
C SER X 328 -25.15 71.35 -54.46
N ASP X 329 -24.04 70.61 -54.49
CA ASP X 329 -23.06 70.58 -53.40
C ASP X 329 -23.73 70.23 -52.07
N ARG X 330 -24.60 69.22 -52.10
CA ARG X 330 -25.31 68.76 -50.92
C ARG X 330 -25.05 67.28 -50.69
N ALA X 331 -25.50 66.80 -49.53
CA ALA X 331 -25.42 65.38 -49.19
C ALA X 331 -26.67 65.03 -48.40
N PHE X 332 -27.50 64.17 -48.98
CA PHE X 332 -28.78 63.80 -48.37
C PHE X 332 -28.64 62.46 -47.66
N PHE X 333 -29.09 62.41 -46.41
CA PHE X 333 -29.03 61.21 -45.59
C PHE X 333 -30.44 60.74 -45.26
N VAL X 334 -30.61 59.43 -45.19
CA VAL X 334 -31.91 58.82 -44.92
C VAL X 334 -31.78 57.88 -43.72
N PRO X 335 -32.81 57.76 -42.88
CA PRO X 335 -32.71 56.85 -41.74
C PRO X 335 -32.79 55.39 -42.17
N ILE X 336 -32.21 54.53 -41.32
CA ILE X 336 -32.24 53.09 -41.50
C ILE X 336 -32.95 52.49 -40.30
N VAL X 337 -34.03 51.75 -40.57
CA VAL X 337 -34.85 51.22 -39.48
C VAL X 337 -34.25 49.94 -38.90
N GLY X 338 -33.89 48.99 -39.76
CA GLY X 338 -33.35 47.73 -39.30
C GLY X 338 -32.46 47.09 -40.34
N ARG X 339 -31.87 45.98 -39.95
CA ARG X 339 -30.96 45.22 -40.80
C ARG X 339 -31.53 43.83 -41.03
N LEU X 340 -31.61 43.41 -42.30
CA LEU X 340 -32.12 42.10 -42.68
C LEU X 340 -30.99 41.28 -43.27
N GLU X 341 -30.79 40.07 -42.75
CA GLU X 341 -29.73 39.19 -43.19
C GLU X 341 -30.34 37.96 -43.86
N LEU X 342 -29.75 37.55 -44.98
CA LEU X 342 -30.24 36.42 -45.76
C LEU X 342 -29.15 35.38 -45.89
N LYS X 343 -29.53 34.11 -45.71
CA LYS X 343 -28.63 32.98 -45.85
C LYS X 343 -29.25 31.95 -46.79
N LYS X 344 -28.38 31.19 -47.46
CA LYS X 344 -28.84 30.17 -48.39
C LYS X 344 -29.63 29.09 -47.64
N LYS X 345 -30.81 28.75 -48.16
CA LYS X 345 -31.70 27.78 -47.55
C LYS X 345 -31.92 26.61 -48.50
N ARG X 346 -31.66 25.39 -48.01
CA ARG X 346 -31.89 24.19 -48.80
C ARG X 346 -33.28 23.67 -48.48
N ILE X 347 -34.16 23.66 -49.49
CA ILE X 347 -35.54 23.25 -49.29
C ILE X 347 -35.60 21.75 -49.01
N VAL X 348 -36.34 21.38 -47.97
CA VAL X 348 -36.50 19.97 -47.61
C VAL X 348 -37.29 19.27 -48.72
N PRO X 349 -36.87 18.09 -49.18
CA PRO X 349 -37.60 17.41 -50.26
C PRO X 349 -39.04 17.07 -49.89
N GLY X 350 -39.35 16.92 -48.61
CA GLY X 350 -40.69 16.58 -48.19
C GLY X 350 -41.68 17.74 -48.14
N LEU X 351 -41.24 18.96 -48.42
CA LEU X 351 -42.10 20.12 -48.37
C LEU X 351 -42.23 20.85 -49.70
N VAL X 352 -41.66 20.30 -50.78
CA VAL X 352 -41.73 20.95 -52.09
C VAL X 352 -43.18 21.03 -52.56
N ASP X 353 -44.03 20.10 -52.13
CA ASP X 353 -45.44 20.13 -52.51
C ASP X 353 -46.12 21.41 -52.02
N MET X 354 -45.85 21.80 -50.77
CA MET X 354 -46.37 23.07 -50.27
C MET X 354 -45.56 24.25 -50.79
N VAL X 355 -44.28 24.05 -51.10
CA VAL X 355 -43.45 25.12 -51.63
C VAL X 355 -44.01 25.61 -52.96
N ASN X 356 -44.40 24.68 -53.83
CA ASN X 356 -44.97 25.05 -55.12
C ASN X 356 -46.26 25.84 -54.98
N ARG X 357 -46.93 25.74 -53.83
CA ARG X 357 -48.16 26.48 -53.58
C ARG X 357 -47.93 27.80 -52.85
N THR X 358 -46.68 28.14 -52.53
CA THR X 358 -46.39 29.35 -51.78
C THR X 358 -46.05 30.53 -52.70
N ASN X 359 -44.98 30.39 -53.48
CA ASN X 359 -44.50 31.48 -54.32
C ASN X 359 -45.07 31.32 -55.73
N TYR X 360 -44.59 32.15 -56.65
CA TYR X 360 -45.09 32.16 -58.02
C TYR X 360 -43.92 32.22 -58.99
N ALA X 361 -44.16 31.75 -60.22
CA ALA X 361 -43.13 31.78 -61.24
C ALA X 361 -42.92 33.19 -61.79
N HIS X 362 -43.97 34.01 -61.82
CA HIS X 362 -43.88 35.35 -62.36
C HIS X 362 -44.67 36.31 -61.49
N ILE X 363 -44.27 37.58 -61.51
CA ILE X 363 -44.99 38.68 -60.88
C ILE X 363 -44.98 39.86 -61.84
N ARG X 364 -46.15 40.45 -62.07
CA ARG X 364 -46.29 41.56 -62.99
C ARG X 364 -46.41 42.87 -62.21
N MET X 365 -45.55 43.83 -62.53
CA MET X 365 -45.59 45.15 -61.91
C MET X 365 -46.14 46.15 -62.91
N ASP X 366 -47.17 46.88 -62.50
CA ASP X 366 -47.78 47.93 -63.31
C ASP X 366 -47.49 49.27 -62.65
N LEU X 367 -47.02 50.23 -63.45
CA LEU X 367 -46.69 51.55 -62.94
C LEU X 367 -47.89 52.48 -63.10
N ARG X 368 -48.38 53.02 -62.00
CA ARG X 368 -49.50 53.94 -62.00
C ARG X 368 -49.17 55.12 -61.08
N ASN X 369 -49.77 56.26 -61.38
CA ASN X 369 -49.57 57.43 -60.54
C ASN X 369 -50.22 57.19 -59.18
N PRO X 370 -49.57 57.60 -58.09
CA PRO X 370 -50.14 57.38 -56.76
C PRO X 370 -51.48 58.09 -56.60
N SER X 371 -52.38 57.45 -55.85
CA SER X 371 -53.70 58.02 -55.62
C SER X 371 -53.60 59.28 -54.78
N THR X 372 -54.61 60.15 -54.91
CA THR X 372 -54.61 61.40 -54.17
C THR X 372 -54.65 61.17 -52.67
N GLN X 373 -55.46 60.20 -52.23
CA GLN X 373 -55.58 59.94 -50.80
C GLN X 373 -54.28 59.38 -50.22
N GLU X 374 -53.64 58.46 -50.93
CA GLU X 374 -52.37 57.92 -50.45
C GLU X 374 -51.28 58.99 -50.44
N THR X 375 -51.27 59.85 -51.46
CA THR X 375 -50.31 60.96 -51.47
C THR X 375 -50.56 61.91 -50.31
N ALA X 376 -51.82 62.18 -49.99
CA ALA X 376 -52.14 63.02 -48.83
C ALA X 376 -51.71 62.36 -47.53
N ILE X 377 -51.88 61.04 -47.42
CA ILE X 377 -51.43 60.31 -46.23
C ILE X 377 -49.92 60.42 -46.09
N ARG X 378 -49.19 60.23 -47.19
CA ARG X 378 -47.74 60.36 -47.15
C ARG X 378 -47.31 61.77 -46.79
N ASP X 379 -48.02 62.78 -47.31
CA ASP X 379 -47.71 64.16 -46.95
C ASP X 379 -47.96 64.41 -45.48
N SER X 380 -49.05 63.85 -44.93
CA SER X 380 -49.31 63.98 -43.50
C SER X 380 -48.21 63.33 -42.68
N ARG X 381 -47.71 62.17 -43.14
CA ARG X 381 -46.60 61.53 -42.45
C ARG X 381 -45.35 62.39 -42.51
N ARG X 382 -45.07 63.01 -43.67
CA ARG X 382 -43.90 63.86 -43.83
C ARG X 382 -44.03 65.18 -43.08
N GLU X 383 -45.26 65.58 -42.73
CA GLU X 383 -45.47 66.86 -42.06
C GLU X 383 -44.72 66.97 -40.74
N GLN X 384 -44.35 65.84 -40.14
CA GLN X 384 -43.56 65.88 -38.92
C GLN X 384 -42.20 66.54 -39.16
N TYR X 385 -41.56 66.21 -40.28
CA TYR X 385 -40.25 66.76 -40.59
C TYR X 385 -40.34 68.17 -41.15
N ASP X 386 -41.00 68.33 -42.30
CA ASP X 386 -41.06 69.61 -42.99
C ASP X 386 -42.49 70.12 -43.05
N PRO X 387 -42.89 71.06 -42.18
CA PRO X 387 -44.24 71.61 -42.24
C PRO X 387 -44.41 72.85 -43.10
N VAL X 388 -43.31 73.49 -43.51
CA VAL X 388 -43.44 74.72 -44.30
C VAL X 388 -43.98 74.40 -45.68
N ASN X 389 -43.53 73.30 -46.30
CA ASN X 389 -43.89 72.97 -47.67
C ASN X 389 -44.90 71.84 -47.77
N TYR X 390 -45.36 71.27 -46.66
CA TYR X 390 -46.26 70.13 -46.71
C TYR X 390 -47.43 70.19 -45.74
N SER X 391 -47.56 71.22 -44.92
CA SER X 391 -48.65 71.29 -43.96
C SER X 391 -49.99 71.40 -44.66
N SER X 392 -50.98 70.68 -44.15
CA SER X 392 -52.32 70.74 -44.70
C SER X 392 -52.96 72.09 -44.41
N ILE X 393 -53.76 72.57 -45.35
CA ILE X 393 -54.45 73.85 -45.18
C ILE X 393 -55.96 73.63 -45.19
N ASP Y 165 118.62 54.05 14.31
CA ASP Y 165 118.97 55.47 14.35
C ASP Y 165 118.45 56.19 13.10
N ASP Y 166 118.01 55.42 12.12
CA ASP Y 166 117.51 55.98 10.88
C ASP Y 166 116.10 56.52 11.07
N PRO Y 167 115.84 57.80 10.82
CA PRO Y 167 114.45 58.28 10.86
C PRO Y 167 113.55 57.59 9.84
N LEU Y 168 114.11 57.12 8.73
CA LEU Y 168 113.32 56.36 7.76
C LEU Y 168 112.77 55.08 8.38
N LEU Y 169 113.61 54.35 9.12
CA LEU Y 169 113.15 53.13 9.77
C LEU Y 169 112.10 53.42 10.83
N LYS Y 170 112.28 54.50 11.59
CA LYS Y 170 111.28 54.88 12.58
C LYS Y 170 109.95 55.22 11.92
N GLU Y 171 109.99 55.95 10.80
CA GLU Y 171 108.77 56.29 10.09
C GLU Y 171 108.10 55.05 9.52
N ILE Y 172 108.89 54.11 9.01
CA ILE Y 172 108.34 52.85 8.50
C ILE Y 172 107.64 52.09 9.62
N ALA Y 173 108.30 51.99 10.78
CA ALA Y 173 107.71 51.30 11.91
C ALA Y 173 106.42 51.96 12.38
N SER Y 174 106.41 53.30 12.41
CA SER Y 174 105.21 54.03 12.80
C SER Y 174 104.07 53.80 11.82
N ASN Y 175 104.36 53.83 10.51
CA ASN Y 175 103.33 53.62 9.52
C ASN Y 175 102.94 52.16 9.37
N GLU Y 176 103.86 51.24 9.66
CA GLU Y 176 103.56 49.82 9.52
C GLU Y 176 102.48 49.38 10.51
N ARG Y 177 101.53 48.59 10.02
CA ARG Y 177 100.54 47.93 10.84
C ARG Y 177 100.42 46.49 10.37
N VAL Y 178 100.30 45.56 11.31
CA VAL Y 178 100.18 44.14 11.02
C VAL Y 178 98.75 43.71 11.33
N LEU Y 179 98.12 43.01 10.38
CA LEU Y 179 96.70 42.68 10.53
C LEU Y 179 96.45 41.78 11.73
N ILE Y 180 97.30 40.79 11.95
CA ILE Y 180 97.11 39.82 13.02
C ILE Y 180 98.32 39.85 13.94
N ASP Y 181 98.08 39.60 15.22
CA ASP Y 181 99.12 39.67 16.23
C ASP Y 181 99.94 38.38 16.27
N HIS Y 182 101.06 38.43 16.99
CA HIS Y 182 101.93 37.26 17.10
C HIS Y 182 101.22 36.11 17.79
N ASN Y 183 100.49 36.40 18.88
CA ASN Y 183 99.73 35.36 19.57
C ASN Y 183 98.45 35.02 18.81
N LYS Y 184 97.86 36.00 18.13
CA LYS Y 184 96.58 35.81 17.45
C LYS Y 184 96.73 35.20 16.06
N VAL Y 185 97.96 34.93 15.60
CA VAL Y 185 98.16 34.43 14.25
C VAL Y 185 97.49 33.07 14.06
N LEU Y 186 97.36 32.29 15.14
CA LEU Y 186 96.68 31.01 15.06
C LEU Y 186 95.17 31.17 14.97
N ARG Y 187 94.64 32.35 15.30
CA ARG Y 187 93.21 32.59 15.18
C ARG Y 187 92.83 32.89 13.73
N GLY Y 188 93.48 33.89 13.13
CA GLY Y 188 93.17 34.23 11.75
C GLY Y 188 91.74 34.68 11.59
N LEU Y 189 91.07 34.16 10.56
CA LEU Y 189 89.68 34.49 10.29
C LEU Y 189 88.71 33.69 11.14
N LYS Y 190 89.15 32.61 11.78
CA LYS Y 190 88.25 31.75 12.54
C LYS Y 190 88.96 31.33 13.82
N PRO Y 191 88.70 32.01 14.93
CA PRO Y 191 89.30 31.61 16.21
C PRO Y 191 88.43 30.61 16.96
N LYS Y 192 89.10 29.78 17.74
CA LYS Y 192 88.43 28.78 18.56
C LYS Y 192 89.05 28.78 19.95
N ASP Y 193 88.26 28.37 20.93
CA ASP Y 193 88.63 28.47 22.33
C ASP Y 193 88.96 27.09 22.90
N PHE Y 194 90.07 27.01 23.61
CA PHE Y 194 90.47 25.80 24.34
C PHE Y 194 90.57 26.07 25.83
N SER Y 195 89.72 26.96 26.35
CA SER Y 195 89.74 27.25 27.78
C SER Y 195 89.39 26.02 28.60
N SER Y 196 88.41 25.23 28.13
CA SER Y 196 88.11 23.96 28.79
C SER Y 196 89.31 23.02 28.72
N VAL Y 197 90.01 23.01 27.59
CA VAL Y 197 91.20 22.19 27.46
C VAL Y 197 92.27 22.64 28.44
N ALA Y 198 92.44 23.95 28.59
CA ALA Y 198 93.41 24.47 29.56
C ALA Y 198 93.04 24.08 30.99
N LYS Y 199 91.76 24.19 31.32
CA LYS Y 199 91.31 23.81 32.66
C LYS Y 199 91.53 22.32 32.92
N ASP Y 200 91.23 21.47 31.93
CA ASP Y 200 91.47 20.05 32.09
C ASP Y 200 92.95 19.75 32.22
N CYS Y 201 93.79 20.45 31.46
CA CYS Y 201 95.24 20.27 31.59
C CYS Y 201 95.73 20.66 32.97
N GLU Y 202 95.23 21.78 33.50
CA GLU Y 202 95.61 22.20 34.84
C GLU Y 202 95.17 21.19 35.89
N LEU Y 203 93.94 20.67 35.76
CA LEU Y 203 93.43 19.72 36.73
C LEU Y 203 94.03 18.32 36.60
N ARG Y 204 94.62 17.99 35.44
CA ARG Y 204 95.07 16.64 35.17
C ARG Y 204 96.55 16.52 34.84
N ILE Y 205 97.29 17.62 34.79
CA ILE Y 205 98.73 17.55 34.55
C ILE Y 205 99.46 18.25 35.68
N LEU Y 206 99.16 19.54 35.88
CA LEU Y 206 99.76 20.28 36.98
C LEU Y 206 99.26 19.77 38.32
N LYS Y 207 97.98 19.40 38.39
CA LYS Y 207 97.39 18.82 39.59
C LYS Y 207 97.35 17.30 39.55
N GLU Y 208 98.06 16.69 38.59
CA GLU Y 208 98.05 15.24 38.47
C GLU Y 208 98.70 14.58 39.69
N LYS Y 209 98.08 13.52 40.16
CA LYS Y 209 98.60 12.77 41.31
C LYS Y 209 99.06 11.37 40.89
N LYS Y 236 79.83 -12.37 38.05
CA LYS Y 236 78.67 -12.38 38.93
C LYS Y 236 77.37 -12.36 38.12
N GLU Y 237 76.62 -13.44 38.23
CA GLU Y 237 75.38 -13.56 37.46
C GLU Y 237 74.28 -12.68 38.06
N PRO Y 238 73.43 -12.08 37.24
CA PRO Y 238 72.33 -11.29 37.76
C PRO Y 238 71.27 -12.18 38.41
N ILE Y 239 70.40 -11.54 39.19
CA ILE Y 239 69.39 -12.22 39.98
C ILE Y 239 68.00 -11.79 39.51
N ILE Y 240 67.11 -12.76 39.39
CA ILE Y 240 65.69 -12.52 39.12
C ILE Y 240 64.89 -13.03 40.30
N VAL Y 241 64.05 -12.18 40.87
CA VAL Y 241 63.33 -12.49 42.10
C VAL Y 241 61.89 -12.83 41.76
N LEU Y 242 61.42 -13.97 42.29
CA LEU Y 242 60.05 -14.42 42.10
C LEU Y 242 59.29 -14.35 43.42
N SER Y 243 57.97 -14.19 43.30
CA SER Y 243 57.12 -14.16 44.48
C SER Y 243 56.89 -15.57 44.98
N PRO Y 244 57.14 -15.86 46.27
CA PRO Y 244 56.83 -17.20 46.81
C PRO Y 244 55.35 -17.46 46.99
N ALA Y 245 54.47 -16.54 46.60
CA ALA Y 245 53.04 -16.74 46.76
C ALA Y 245 52.56 -17.89 45.90
N ALA Y 246 51.57 -18.62 46.41
CA ALA Y 246 51.04 -19.77 45.69
C ALA Y 246 50.15 -19.36 44.52
N SER Y 247 49.63 -18.14 44.52
CA SER Y 247 48.79 -17.68 43.42
C SER Y 247 49.59 -17.14 42.25
N SER Y 248 50.92 -17.09 42.36
CA SER Y 248 51.74 -16.59 41.27
C SER Y 248 51.65 -17.49 40.04
N LEU Y 249 51.53 -16.87 38.87
CA LEU Y 249 51.50 -17.62 37.63
C LEU Y 249 52.89 -18.13 37.24
N VAL Y 250 53.95 -17.52 37.76
CA VAL Y 250 55.31 -17.96 37.50
C VAL Y 250 55.94 -18.34 38.84
N ARG Y 251 56.29 -19.62 38.99
CA ARG Y 251 56.92 -20.14 40.18
C ARG Y 251 58.19 -20.90 39.78
N MET Y 252 58.95 -21.32 40.79
CA MET Y 252 60.20 -22.02 40.52
C MET Y 252 59.99 -23.31 39.75
N SER Y 253 58.80 -23.92 39.90
CA SER Y 253 58.54 -25.19 39.21
C SER Y 253 58.51 -25.00 37.70
N ASN Y 254 57.89 -23.93 37.21
CA ASN Y 254 57.68 -23.72 35.78
C ASN Y 254 58.40 -22.50 35.23
N VAL Y 255 59.30 -21.89 36.01
CA VAL Y 255 59.97 -20.69 35.53
C VAL Y 255 60.94 -21.04 34.39
N LYS Y 256 61.61 -22.19 34.49
CA LYS Y 256 62.60 -22.54 33.48
C LYS Y 256 61.96 -22.78 32.12
N GLU Y 257 60.85 -23.51 32.07
CA GLU Y 257 60.20 -23.78 30.80
C GLU Y 257 59.57 -22.53 30.23
N PHE Y 258 59.18 -21.58 31.08
CA PHE Y 258 58.51 -20.37 30.61
C PHE Y 258 59.52 -19.35 30.10
N LEU Y 259 60.42 -18.89 30.98
CA LEU Y 259 61.34 -17.81 30.60
C LEU Y 259 62.35 -18.27 29.56
N GLN Y 260 62.82 -19.51 29.66
CA GLN Y 260 63.87 -20.00 28.77
C GLN Y 260 63.29 -20.68 27.54
N GLU Y 261 62.51 -21.74 27.73
CA GLU Y 261 61.98 -22.49 26.62
C GLU Y 261 60.83 -21.79 25.90
N GLY Y 262 60.17 -20.85 26.56
CA GLY Y 262 59.07 -20.12 25.95
C GLY Y 262 57.73 -20.80 26.00
N LYS Y 263 57.61 -21.90 26.73
CA LYS Y 263 56.35 -22.63 26.85
C LYS Y 263 55.79 -22.45 28.25
N PHE Y 264 54.52 -22.05 28.33
CA PHE Y 264 53.87 -21.77 29.60
C PHE Y 264 53.06 -22.98 30.05
N LEU Y 265 53.29 -23.41 31.28
CA LEU Y 265 52.54 -24.50 31.89
C LEU Y 265 51.88 -23.98 33.16
N ASP Y 266 50.72 -24.54 33.48
CA ASP Y 266 49.99 -24.09 34.65
C ASP Y 266 50.74 -24.51 35.92
N PRO Y 267 51.18 -23.57 36.76
CA PRO Y 267 51.98 -23.97 37.93
C PRO Y 267 51.19 -24.70 39.00
N SER Y 268 49.86 -24.57 39.01
CA SER Y 268 49.07 -25.29 40.01
C SER Y 268 49.16 -26.79 39.82
N LYS Y 269 49.20 -27.26 38.58
CA LYS Y 269 49.32 -28.68 38.30
C LYS Y 269 50.74 -29.20 38.44
N GLU Y 270 51.73 -28.34 38.24
CA GLU Y 270 53.12 -28.76 38.36
C GLU Y 270 53.45 -29.05 39.82
N PRO Y 271 54.27 -30.06 40.09
CA PRO Y 271 54.69 -30.33 41.47
C PRO Y 271 55.58 -29.20 42.01
N ALA Y 272 55.50 -29.00 43.32
CA ALA Y 272 56.30 -27.96 43.96
C ALA Y 272 57.78 -28.30 43.89
N SER Y 273 58.60 -27.27 43.71
CA SER Y 273 60.05 -27.45 43.59
C SER Y 273 60.70 -27.20 44.95
N SER Y 274 61.56 -28.15 45.36
CA SER Y 274 62.24 -28.04 46.65
C SER Y 274 63.35 -27.02 46.65
N SER Y 275 63.99 -26.78 45.51
CA SER Y 275 65.13 -25.88 45.42
C SER Y 275 64.65 -24.46 45.15
N ASN Y 276 65.15 -23.50 45.94
CA ASN Y 276 64.80 -22.10 45.79
C ASN Y 276 65.74 -21.35 44.87
N LEU Y 277 66.74 -22.02 44.30
CA LEU Y 277 67.69 -21.40 43.38
C LEU Y 277 67.69 -22.18 42.07
N LEU Y 278 67.65 -21.44 40.96
CA LEU Y 278 67.65 -22.03 39.63
C LEU Y 278 68.46 -21.15 38.70
N ALA Y 279 69.00 -21.76 37.65
CA ALA Y 279 69.81 -21.06 36.66
C ALA Y 279 69.20 -21.27 35.28
N ILE Y 280 69.11 -20.19 34.50
CA ILE Y 280 68.53 -20.24 33.16
C ILE Y 280 69.48 -19.58 32.19
N GLN Y 281 69.29 -19.89 30.91
CA GLN Y 281 70.11 -19.37 29.83
C GLN Y 281 69.23 -18.57 28.87
N ARG Y 282 69.70 -17.38 28.51
CA ARG Y 282 68.96 -16.49 27.61
C ARG Y 282 69.77 -16.25 26.35
N LYS Y 283 69.15 -16.50 25.20
CA LYS Y 283 69.77 -16.24 23.90
C LYS Y 283 69.15 -14.99 23.32
N SER Y 284 69.98 -14.02 22.97
CA SER Y 284 69.50 -12.74 22.47
C SER Y 284 70.33 -12.31 21.27
N SER Y 285 69.71 -11.52 20.39
CA SER Y 285 70.45 -10.94 19.27
C SER Y 285 71.33 -9.79 19.73
N ARG Y 286 71.03 -9.20 20.90
CA ARG Y 286 71.86 -8.11 21.41
C ARG Y 286 73.21 -8.60 21.91
N PHE Y 287 73.35 -9.88 22.23
CA PHE Y 287 74.56 -10.44 22.81
C PHE Y 287 75.07 -11.59 21.96
N LYS Y 288 76.39 -11.66 21.78
CA LYS Y 288 76.98 -12.75 21.03
C LYS Y 288 76.76 -14.09 21.72
N THR Y 289 76.90 -14.13 23.04
CA THR Y 289 76.84 -15.37 23.78
C THR Y 289 75.61 -15.41 24.69
N PRO Y 290 75.08 -16.60 24.96
CA PRO Y 290 73.96 -16.70 25.91
C PRO Y 290 74.36 -16.24 27.30
N ILE Y 291 73.40 -15.64 27.99
CA ILE Y 291 73.61 -15.08 29.33
C ILE Y 291 73.06 -16.05 30.36
N LYS Y 292 73.85 -16.32 31.40
CA LYS Y 292 73.42 -17.18 32.51
C LYS Y 292 72.89 -16.29 33.62
N LEU Y 293 71.68 -16.59 34.09
CA LEU Y 293 71.03 -15.83 35.14
C LEU Y 293 70.58 -16.75 36.26
N LEU Y 294 70.53 -16.22 37.47
CA LEU Y 294 70.11 -16.96 38.64
C LEU Y 294 68.72 -16.50 39.06
N VAL Y 295 67.82 -17.46 39.28
CA VAL Y 295 66.45 -17.17 39.69
C VAL Y 295 66.32 -17.57 41.15
N VAL Y 296 65.88 -16.63 41.98
CA VAL Y 296 65.77 -16.84 43.42
C VAL Y 296 64.35 -16.55 43.85
N ASP Y 297 63.74 -17.46 44.61
CA ASP Y 297 62.39 -17.27 45.10
C ASP Y 297 62.35 -16.50 46.42
N ASN Y 298 63.21 -16.88 47.37
CA ASN Y 298 63.26 -16.25 48.68
C ASN Y 298 64.62 -15.61 48.89
N VAL Y 299 64.62 -14.32 49.24
CA VAL Y 299 65.86 -13.58 49.43
C VAL Y 299 66.33 -13.59 50.88
N GLU Y 300 65.57 -14.19 51.79
CA GLU Y 300 65.97 -14.18 53.20
C GLU Y 300 67.28 -14.93 53.39
N LYS Y 301 67.43 -16.09 52.75
CA LYS Y 301 68.61 -16.92 52.94
C LYS Y 301 69.67 -16.72 51.86
N LEU Y 302 69.42 -15.88 50.86
CA LEU Y 302 70.38 -15.66 49.78
C LEU Y 302 70.80 -14.20 49.63
N PHE Y 303 70.27 -13.28 50.41
CA PHE Y 303 70.62 -11.87 50.31
C PHE Y 303 71.18 -11.35 51.62
N THR Y 304 72.12 -12.10 52.19
CA THR Y 304 72.81 -11.65 53.40
C THR Y 304 73.67 -10.43 53.13
N LYS Y 305 74.21 -10.32 51.92
CA LYS Y 305 75.06 -9.19 51.54
C LYS Y 305 74.26 -8.17 50.75
N SER Y 306 74.61 -6.90 50.92
CA SER Y 306 73.93 -5.83 50.19
C SER Y 306 74.35 -5.79 48.73
N GLU Y 307 75.55 -6.27 48.41
CA GLU Y 307 76.04 -6.24 47.04
C GLU Y 307 75.24 -7.15 46.11
N TYR Y 308 74.50 -8.12 46.67
CA TYR Y 308 73.65 -8.96 45.83
C TYR Y 308 72.53 -8.14 45.20
N TRP Y 309 72.02 -7.14 45.92
CA TRP Y 309 70.97 -6.29 45.38
C TRP Y 309 71.41 -5.54 44.14
N ASP Y 310 72.71 -5.33 43.95
CA ASP Y 310 73.20 -4.72 42.73
C ASP Y 310 73.00 -5.61 41.51
N ARG Y 311 72.83 -6.92 41.71
CA ARG Y 311 72.66 -7.87 40.63
C ARG Y 311 71.20 -8.09 40.24
N VAL Y 312 70.25 -7.52 40.99
CA VAL Y 312 68.84 -7.76 40.71
C VAL Y 312 68.45 -7.01 39.44
N VAL Y 313 67.85 -7.73 38.50
CA VAL Y 313 67.44 -7.15 37.23
C VAL Y 313 65.94 -7.22 37.00
N ALA Y 314 65.20 -8.00 37.78
CA ALA Y 314 63.76 -8.10 37.61
C ALA Y 314 63.13 -8.60 38.90
N ILE Y 315 61.93 -8.11 39.20
CA ILE Y 315 61.17 -8.54 40.37
C ILE Y 315 59.76 -8.89 39.92
N VAL Y 316 59.30 -10.07 40.32
CA VAL Y 316 57.96 -10.54 40.00
C VAL Y 316 57.15 -10.55 41.29
N THR Y 317 56.01 -9.85 41.27
CA THR Y 317 55.17 -9.70 42.43
C THR Y 317 53.73 -10.09 42.11
N THR Y 318 52.99 -10.48 43.14
CA THR Y 318 51.60 -10.85 43.02
C THR Y 318 50.65 -9.75 43.50
N GLY Y 319 51.16 -8.54 43.68
CA GLY Y 319 50.34 -7.46 44.21
C GLY Y 319 50.13 -7.52 45.70
N LYS Y 320 50.98 -8.24 46.43
CA LYS Y 320 50.85 -8.42 47.87
C LYS Y 320 51.92 -7.59 48.58
N ASP Y 321 51.50 -6.88 49.62
CA ASP Y 321 52.43 -6.03 50.37
C ASP Y 321 53.43 -6.85 51.16
N TRP Y 322 53.01 -8.01 51.67
CA TRP Y 322 53.84 -8.77 52.60
C TRP Y 322 55.07 -9.38 51.95
N GLN Y 323 55.19 -9.33 50.62
CA GLN Y 323 56.40 -9.81 49.97
C GLN Y 323 57.62 -9.00 50.37
N PHE Y 324 57.42 -7.76 50.80
CA PHE Y 324 58.50 -6.78 50.93
C PHE Y 324 58.90 -6.50 52.37
N LYS Y 325 58.58 -7.42 53.29
CA LYS Y 325 58.93 -7.21 54.69
C LYS Y 325 60.44 -7.19 54.90
N ASN Y 326 61.16 -8.08 54.23
CA ASN Y 326 62.60 -8.23 54.41
C ASN Y 326 63.41 -7.67 53.23
N TYR Y 327 62.77 -6.97 52.31
CA TYR Y 327 63.45 -6.49 51.12
C TYR Y 327 64.31 -5.26 51.45
N LYS Y 328 65.11 -4.85 50.46
CA LYS Y 328 65.98 -3.70 50.65
C LYS Y 328 65.17 -2.44 50.92
N TYR Y 329 64.10 -2.22 50.15
CA TYR Y 329 63.19 -1.09 50.34
C TYR Y 329 61.84 -1.67 50.71
N LYS Y 330 61.53 -1.63 52.01
CA LYS Y 330 60.30 -2.25 52.50
C LYS Y 330 59.04 -1.58 51.94
N ASP Y 331 59.17 -0.37 51.42
CA ASP Y 331 58.05 0.26 50.73
C ASP Y 331 58.04 -0.17 49.26
N PRO Y 332 56.90 -0.63 48.74
CA PRO Y 332 56.87 -1.11 47.35
C PRO Y 332 57.25 -0.05 46.32
N GLN Y 333 56.86 1.21 46.54
CA GLN Y 333 57.05 2.25 45.55
C GLN Y 333 58.52 2.41 45.20
N ILE Y 334 59.35 2.72 46.20
CA ILE Y 334 60.77 2.97 45.98
C ILE Y 334 61.45 1.75 45.35
N LEU Y 335 61.06 0.55 45.79
CA LEU Y 335 61.57 -0.65 45.19
C LEU Y 335 61.25 -0.69 43.70
N PHE Y 336 60.05 -0.29 43.34
CA PHE Y 336 59.64 -0.37 41.94
C PHE Y 336 60.17 0.77 41.08
N GLN Y 337 60.56 1.92 41.65
CA GLN Y 337 61.34 2.84 40.82
C GLN Y 337 62.81 2.40 40.71
N LYS Y 338 63.34 1.72 41.72
CA LYS Y 338 64.74 1.31 41.67
C LYS Y 338 64.94 -0.08 41.07
N PHE Y 339 63.87 -0.82 40.77
CA PHE Y 339 63.98 -2.14 40.18
C PHE Y 339 62.84 -2.35 39.20
N ASN Y 340 63.04 -3.27 38.26
CA ASN Y 340 62.02 -3.60 37.28
C ASN Y 340 61.02 -4.58 37.90
N GLY Y 341 59.75 -4.18 37.93
CA GLY Y 341 58.68 -4.99 38.48
C GLY Y 341 57.78 -5.52 37.38
N PHE Y 342 57.49 -6.82 37.43
CA PHE Y 342 56.63 -7.46 36.44
C PHE Y 342 55.50 -8.17 37.16
N TYR Y 343 54.30 -8.07 36.60
CA TYR Y 343 53.12 -8.77 37.12
C TYR Y 343 52.50 -9.57 35.99
N PHE Y 344 52.35 -10.87 36.20
CA PHE Y 344 51.79 -11.76 35.20
C PHE Y 344 50.33 -12.07 35.52
N LYS Y 345 49.46 -11.83 34.56
CA LYS Y 345 48.04 -12.11 34.73
C LYS Y 345 47.51 -12.77 33.46
N TYR Y 346 46.46 -13.57 33.63
CA TYR Y 346 45.78 -14.15 32.48
C TYR Y 346 45.06 -13.06 31.70
N LYS Y 347 44.97 -13.24 30.38
CA LYS Y 347 44.32 -12.26 29.53
C LYS Y 347 42.83 -12.18 29.87
N GLY Y 348 42.34 -10.97 30.09
CA GLY Y 348 40.97 -10.73 30.44
C GLY Y 348 40.71 -10.54 31.93
N ASP Y 349 41.64 -10.95 32.78
CA ASP Y 349 41.48 -10.77 34.21
C ASP Y 349 41.74 -9.33 34.61
N ALA Y 350 41.09 -8.90 35.69
CA ALA Y 350 41.23 -7.55 36.19
C ALA Y 350 42.49 -7.40 37.02
N VAL Y 351 43.18 -6.28 36.86
CA VAL Y 351 44.43 -6.03 37.58
C VAL Y 351 44.11 -5.69 39.04
N PRO Y 352 44.88 -6.18 40.01
CA PRO Y 352 44.66 -5.77 41.40
C PRO Y 352 44.93 -4.28 41.58
N ALA Y 353 44.28 -3.70 42.59
CA ALA Y 353 44.36 -2.26 42.81
C ALA Y 353 45.79 -1.83 43.14
N SER Y 354 46.48 -2.59 44.00
CA SER Y 354 47.83 -2.22 44.39
C SER Y 354 48.78 -2.24 43.20
N VAL Y 355 48.56 -3.18 42.27
CA VAL Y 355 49.41 -3.26 41.08
C VAL Y 355 49.25 -2.01 40.24
N LYS Y 356 48.02 -1.53 40.07
CA LYS Y 356 47.80 -0.33 39.27
C LYS Y 356 48.41 0.89 39.93
N SER Y 357 48.58 0.87 41.25
CA SER Y 357 49.18 1.98 41.97
C SER Y 357 50.70 1.89 42.04
N TRP Y 358 51.30 0.89 41.39
CA TRP Y 358 52.74 0.71 41.38
C TRP Y 358 53.28 0.86 39.96
N ASN Y 359 54.59 1.09 39.86
CA ASN Y 359 55.26 1.23 38.57
C ASN Y 359 55.80 -0.14 38.17
N VAL Y 360 54.91 -0.97 37.65
CA VAL Y 360 55.28 -2.31 37.19
C VAL Y 360 54.65 -2.54 35.81
N LYS Y 361 55.29 -3.41 35.04
CA LYS Y 361 54.75 -3.81 33.75
C LYS Y 361 53.71 -4.90 33.91
N VAL Y 362 52.76 -4.94 32.98
CA VAL Y 362 51.69 -5.92 32.98
C VAL Y 362 51.85 -6.81 31.77
N LEU Y 363 51.98 -8.12 32.01
CA LEU Y 363 52.16 -9.10 30.96
C LEU Y 363 51.02 -10.09 30.99
N ASP Y 364 50.38 -10.30 29.85
CA ASP Y 364 49.17 -11.11 29.75
C ASP Y 364 49.48 -12.44 29.07
N ILE Y 365 49.03 -13.53 29.69
CA ILE Y 365 49.19 -14.87 29.13
C ILE Y 365 47.79 -15.39 28.82
N ASP Y 366 47.59 -15.83 27.57
CA ASP Y 366 46.29 -16.37 27.18
C ASP Y 366 46.07 -17.73 27.82
N ARG Y 367 44.80 -18.00 28.16
CA ARG Y 367 44.46 -19.27 28.79
C ARG Y 367 44.46 -20.44 27.82
N VAL Y 368 44.14 -20.19 26.55
CA VAL Y 368 43.96 -21.25 25.56
C VAL Y 368 45.10 -21.28 24.55
N GLU Y 369 45.29 -20.20 23.79
CA GLU Y 369 46.31 -20.17 22.75
C GLU Y 369 47.69 -20.10 23.38
N ARG Y 370 48.60 -20.95 22.90
CA ARG Y 370 49.93 -21.07 23.50
C ARG Y 370 51.04 -20.50 22.63
N PHE Y 371 50.72 -19.96 21.45
CA PHE Y 371 51.75 -19.37 20.60
C PHE Y 371 52.21 -18.01 21.09
N SER Y 372 51.41 -17.31 21.89
CA SER Y 372 51.75 -15.98 22.37
C SER Y 372 52.69 -16.00 23.57
N ASP Y 373 52.98 -17.19 24.12
CA ASP Y 373 53.89 -17.28 25.25
C ASP Y 373 55.27 -16.78 24.86
N ARG Y 374 55.74 -17.15 23.66
CA ARG Y 374 57.03 -16.67 23.19
C ARG Y 374 57.04 -15.16 23.06
N GLN Y 375 55.94 -14.58 22.58
CA GLN Y 375 55.87 -13.12 22.45
C GLN Y 375 55.96 -12.44 23.82
N VAL Y 376 55.23 -12.96 24.80
CA VAL Y 376 55.26 -12.37 26.15
C VAL Y 376 56.65 -12.49 26.74
N VAL Y 377 57.27 -13.67 26.57
CA VAL Y 377 58.63 -13.88 27.06
C VAL Y 377 59.59 -12.92 26.38
N GLU Y 378 59.37 -12.66 25.09
CA GLU Y 378 60.22 -11.74 24.35
C GLU Y 378 60.10 -10.31 24.89
N GLN Y 379 58.87 -9.90 25.24
CA GLN Y 379 58.70 -8.58 25.85
C GLN Y 379 59.44 -8.48 27.17
N PHE Y 380 59.27 -9.50 28.03
CA PHE Y 380 59.96 -9.53 29.31
C PHE Y 380 61.46 -9.44 29.13
N TRP Y 381 62.00 -10.22 28.19
CA TRP Y 381 63.44 -10.23 27.97
C TRP Y 381 63.91 -8.94 27.30
N ASP Y 382 63.04 -8.29 26.53
CA ASP Y 382 63.40 -6.98 25.99
C ASP Y 382 63.64 -5.99 27.11
N THR Y 383 62.72 -5.94 28.09
CA THR Y 383 62.93 -5.04 29.22
C THR Y 383 64.19 -5.44 30.01
N VAL Y 384 64.36 -6.73 30.26
CA VAL Y 384 65.51 -7.18 31.05
C VAL Y 384 66.82 -6.88 30.34
N GLU Y 385 66.86 -7.08 29.01
CA GLU Y 385 68.07 -6.82 28.25
C GLU Y 385 68.37 -5.33 28.17
N ASN Y 386 67.32 -4.49 28.10
CA ASN Y 386 67.54 -3.06 28.17
C ASN Y 386 68.20 -2.68 29.48
N THR Y 387 67.71 -3.25 30.58
CA THR Y 387 68.32 -2.98 31.88
C THR Y 387 69.76 -3.48 31.93
N LEU Y 388 70.03 -4.67 31.38
CA LEU Y 388 71.37 -5.24 31.39
C LEU Y 388 72.34 -4.39 30.58
N VAL Y 389 71.92 -3.91 29.42
CA VAL Y 389 72.79 -3.07 28.60
C VAL Y 389 73.02 -1.72 29.28
N ALA Y 390 71.98 -1.17 29.91
CA ALA Y 390 72.15 0.09 30.64
C ALA Y 390 73.13 -0.06 31.79
N LYS Y 391 73.22 -1.25 32.38
CA LYS Y 391 74.14 -1.50 33.48
C LYS Y 391 75.56 -1.79 33.01
N ARG Y 392 75.78 -1.91 31.70
CA ARG Y 392 77.09 -2.22 31.13
C ARG Y 392 77.65 -3.52 31.70
N TYR Y 393 76.78 -4.52 31.82
CA TYR Y 393 77.20 -5.83 32.33
C TYR Y 393 78.13 -6.50 31.33
N LYS Y 394 79.11 -7.23 31.86
CA LYS Y 394 80.10 -7.94 31.06
C LYS Y 394 79.78 -9.42 31.03
N SER Y 395 79.79 -10.00 29.83
CA SER Y 395 79.51 -11.42 29.66
C SER Y 395 80.51 -12.08 28.74
N PRO Z 47 -62.41 -55.76 -112.66
CA PRO Z 47 -62.48 -56.57 -111.44
C PRO Z 47 -62.11 -55.76 -110.21
N GLY Z 48 -63.06 -55.56 -109.30
CA GLY Z 48 -62.79 -54.77 -108.10
C GLY Z 48 -63.69 -53.57 -107.91
N THR Z 49 -64.61 -53.29 -108.83
CA THR Z 49 -65.51 -52.15 -108.74
C THR Z 49 -66.87 -52.54 -108.18
N VAL Z 50 -67.46 -53.63 -108.68
CA VAL Z 50 -68.71 -54.10 -108.09
C VAL Z 50 -68.49 -54.56 -106.67
N ALA Z 51 -67.29 -55.04 -106.34
CA ALA Z 51 -66.99 -55.42 -104.96
C ALA Z 51 -66.98 -54.21 -104.05
N LEU Z 52 -66.38 -53.11 -104.50
CA LEU Z 52 -66.38 -51.89 -103.70
C LEU Z 52 -67.78 -51.30 -103.59
N ARG Z 53 -68.56 -51.37 -104.67
CA ARG Z 53 -69.95 -50.92 -104.61
C ARG Z 53 -70.74 -51.72 -103.60
N GLU Z 54 -70.53 -53.04 -103.56
CA GLU Z 54 -71.24 -53.87 -102.59
C GLU Z 54 -70.75 -53.57 -101.17
N ILE Z 55 -69.45 -53.32 -101.00
CA ILE Z 55 -68.93 -52.93 -99.70
C ILE Z 55 -69.64 -51.68 -99.22
N ARG Z 56 -69.70 -50.66 -100.07
CA ARG Z 56 -70.36 -49.41 -99.72
C ARG Z 56 -71.81 -49.65 -99.35
N ARG Z 57 -72.52 -50.39 -100.20
CA ARG Z 57 -73.93 -50.70 -99.96
C ARG Z 57 -74.11 -51.33 -98.58
N TYR Z 58 -73.32 -52.35 -98.29
CA TYR Z 58 -73.53 -53.15 -97.10
C TYR Z 58 -73.05 -52.41 -95.85
N GLN Z 59 -72.11 -51.49 -96.01
CA GLN Z 59 -71.72 -50.62 -94.91
C GLN Z 59 -72.75 -49.53 -94.64
N LYS Z 60 -73.56 -49.17 -95.64
CA LYS Z 60 -74.61 -48.20 -95.36
C LYS Z 60 -75.77 -48.79 -94.56
N SER Z 61 -75.85 -50.11 -94.44
CA SER Z 61 -77.03 -50.75 -93.89
C SER Z 61 -76.70 -51.42 -92.56
N THR Z 62 -77.76 -51.91 -91.91
CA THR Z 62 -77.67 -52.61 -90.63
C THR Z 62 -78.27 -54.00 -90.65
N GLU Z 63 -79.01 -54.35 -91.70
CA GLU Z 63 -79.78 -55.59 -91.71
C GLU Z 63 -78.88 -56.82 -91.69
N LEU Z 64 -79.34 -57.84 -90.98
CA LEU Z 64 -78.56 -59.06 -90.80
C LEU Z 64 -78.35 -59.80 -92.11
N LEU Z 65 -77.16 -60.38 -92.25
CA LEU Z 65 -76.68 -60.92 -93.50
C LEU Z 65 -76.84 -62.43 -93.60
N ILE Z 66 -76.72 -63.13 -92.49
CA ILE Z 66 -76.98 -64.57 -92.45
C ILE Z 66 -78.48 -64.81 -92.43
N ARG Z 67 -78.92 -65.82 -93.20
CA ARG Z 67 -80.33 -66.14 -93.27
C ARG Z 67 -80.83 -66.63 -91.91
N LYS Z 68 -82.08 -66.30 -91.60
CA LYS Z 68 -82.53 -66.41 -90.22
C LYS Z 68 -82.82 -67.85 -89.84
N LEU Z 69 -83.42 -68.61 -90.76
CA LEU Z 69 -83.85 -69.97 -90.46
C LEU Z 69 -82.68 -70.93 -90.50
N PRO Z 70 -81.76 -70.83 -91.48
CA PRO Z 70 -80.53 -71.64 -91.39
C PRO Z 70 -79.77 -71.38 -90.10
N PHE Z 71 -79.73 -70.13 -89.67
CA PHE Z 71 -79.05 -69.80 -88.42
C PHE Z 71 -79.78 -70.41 -87.23
N GLN Z 72 -81.11 -70.37 -87.25
CA GLN Z 72 -81.88 -71.03 -86.19
C GLN Z 72 -81.56 -72.52 -86.13
N ARG Z 73 -81.51 -73.16 -87.29
CA ARG Z 73 -81.23 -74.59 -87.31
C ARG Z 73 -79.81 -74.87 -86.81
N LEU Z 74 -78.85 -74.03 -87.19
CA LEU Z 74 -77.50 -74.22 -86.68
C LEU Z 74 -77.46 -74.08 -85.17
N VAL Z 75 -78.15 -73.07 -84.63
CA VAL Z 75 -78.15 -72.86 -83.19
C VAL Z 75 -78.77 -74.03 -82.48
N ARG Z 76 -79.90 -74.54 -83.00
CA ARG Z 76 -80.52 -75.71 -82.37
C ARG Z 76 -79.61 -76.93 -82.44
N GLU Z 77 -78.95 -77.12 -83.58
CA GLU Z 77 -78.05 -78.26 -83.71
C GLU Z 77 -76.92 -78.19 -82.71
N ILE Z 78 -76.37 -77.00 -82.50
CA ILE Z 78 -75.29 -76.85 -81.53
C ILE Z 78 -75.82 -77.03 -80.11
N ALA Z 79 -77.02 -76.51 -79.85
CA ALA Z 79 -77.62 -76.65 -78.52
C ALA Z 79 -78.05 -78.07 -78.24
N GLN Z 80 -78.09 -78.93 -79.24
CA GLN Z 80 -78.57 -80.28 -79.02
C GLN Z 80 -77.58 -81.13 -78.26
N ASP Z 81 -76.36 -80.64 -78.05
CA ASP Z 81 -75.36 -81.39 -77.32
C ASP Z 81 -75.42 -81.17 -75.83
N PHE Z 82 -75.80 -79.98 -75.38
CA PHE Z 82 -75.68 -79.65 -73.97
C PHE Z 82 -76.89 -80.03 -73.16
N LYS Z 83 -78.07 -80.08 -73.79
CA LYS Z 83 -79.28 -80.57 -73.14
C LYS Z 83 -80.31 -80.87 -74.20
N THR Z 84 -80.88 -82.07 -74.12
CA THR Z 84 -81.78 -82.53 -75.17
C THR Z 84 -83.11 -81.81 -75.11
N ASP Z 85 -83.62 -81.41 -76.28
CA ASP Z 85 -84.95 -80.84 -76.44
C ASP Z 85 -85.12 -79.55 -75.64
N LEU Z 86 -84.34 -78.55 -76.03
CA LEU Z 86 -84.42 -77.23 -75.42
C LEU Z 86 -85.33 -76.33 -76.24
N ARG Z 87 -85.97 -75.38 -75.57
CA ARG Z 87 -86.71 -74.33 -76.27
C ARG Z 87 -85.93 -73.04 -76.26
N PHE Z 88 -86.17 -72.22 -77.27
CA PHE Z 88 -85.47 -70.95 -77.45
C PHE Z 88 -86.47 -69.83 -77.67
N GLN Z 89 -86.23 -68.70 -77.03
CA GLN Z 89 -86.95 -67.48 -77.38
C GLN Z 89 -86.46 -66.97 -78.74
N SER Z 90 -87.35 -66.28 -79.44
CA SER Z 90 -86.98 -65.68 -80.72
C SER Z 90 -85.92 -64.58 -80.53
N ALA Z 91 -86.09 -63.75 -79.50
CA ALA Z 91 -85.12 -62.71 -79.21
C ALA Z 91 -83.76 -63.29 -78.84
N ALA Z 92 -83.73 -64.50 -78.29
CA ALA Z 92 -82.45 -65.13 -78.02
C ALA Z 92 -81.70 -65.41 -79.31
N ILE Z 93 -82.41 -65.96 -80.31
CA ILE Z 93 -81.77 -66.23 -81.60
C ILE Z 93 -81.38 -64.93 -82.29
N GLY Z 94 -82.21 -63.89 -82.15
CA GLY Z 94 -81.85 -62.61 -82.75
C GLY Z 94 -80.60 -62.02 -82.14
N ALA Z 95 -80.50 -62.07 -80.81
CA ALA Z 95 -79.31 -61.57 -80.13
C ALA Z 95 -78.09 -62.39 -80.52
N LEU Z 96 -78.24 -63.70 -80.62
CA LEU Z 96 -77.12 -64.54 -81.03
C LEU Z 96 -76.66 -64.15 -82.42
N GLN Z 97 -77.59 -63.89 -83.34
CA GLN Z 97 -77.18 -63.54 -84.68
C GLN Z 97 -76.49 -62.18 -84.72
N GLU Z 98 -77.01 -61.21 -83.97
CA GLU Z 98 -76.35 -59.90 -83.91
C GLU Z 98 -74.93 -60.02 -83.36
N ALA Z 99 -74.77 -60.76 -82.27
CA ALA Z 99 -73.44 -60.91 -81.69
C ALA Z 99 -72.51 -61.64 -82.65
N SER Z 100 -73.00 -62.68 -83.30
CA SER Z 100 -72.16 -63.44 -84.22
C SER Z 100 -71.71 -62.59 -85.39
N GLU Z 101 -72.62 -61.81 -85.96
CA GLU Z 101 -72.24 -60.99 -87.10
C GLU Z 101 -71.31 -59.86 -86.69
N ALA Z 102 -71.54 -59.24 -85.53
CA ALA Z 102 -70.61 -58.22 -85.07
C ALA Z 102 -69.22 -58.80 -84.85
N TYR Z 103 -69.15 -59.98 -84.24
CA TYR Z 103 -67.88 -60.63 -83.98
C TYR Z 103 -67.16 -60.94 -85.29
N LEU Z 104 -67.89 -61.48 -86.26
CA LEU Z 104 -67.27 -61.84 -87.53
C LEU Z 104 -66.81 -60.60 -88.28
N VAL Z 105 -67.58 -59.51 -88.21
CA VAL Z 105 -67.14 -58.29 -88.88
C VAL Z 105 -65.87 -57.75 -88.26
N GLY Z 106 -65.77 -57.77 -86.93
CA GLY Z 106 -64.53 -57.35 -86.30
C GLY Z 106 -63.37 -58.24 -86.70
N LEU Z 107 -63.62 -59.55 -86.78
CA LEU Z 107 -62.57 -60.47 -87.17
C LEU Z 107 -62.14 -60.22 -88.61
N PHE Z 108 -63.08 -59.87 -89.48
CA PHE Z 108 -62.72 -59.58 -90.86
C PHE Z 108 -61.98 -58.26 -90.97
N GLU Z 109 -62.28 -57.32 -90.09
CA GLU Z 109 -61.50 -56.09 -90.02
C GLU Z 109 -60.04 -56.40 -89.67
N ASP Z 110 -59.83 -57.20 -88.63
CA ASP Z 110 -58.45 -57.54 -88.26
C ASP Z 110 -57.77 -58.34 -89.37
N THR Z 111 -58.50 -59.24 -90.02
CA THR Z 111 -57.92 -60.01 -91.11
C THR Z 111 -57.52 -59.11 -92.27
N ASN Z 112 -58.37 -58.13 -92.60
CA ASN Z 112 -58.04 -57.18 -93.64
C ASN Z 112 -56.80 -56.38 -93.27
N LEU Z 113 -56.69 -55.98 -92.01
CA LEU Z 113 -55.50 -55.27 -91.57
C LEU Z 113 -54.26 -56.11 -91.77
N CYS Z 114 -54.31 -57.38 -91.37
CA CYS Z 114 -53.15 -58.24 -91.55
C CYS Z 114 -52.82 -58.43 -93.03
N ALA Z 115 -53.84 -58.64 -93.86
CA ALA Z 115 -53.61 -58.87 -95.28
C ALA Z 115 -53.00 -57.65 -95.94
N ILE Z 116 -53.47 -56.46 -95.57
CA ILE Z 116 -52.85 -55.24 -96.07
C ILE Z 116 -51.42 -55.14 -95.56
N HIS Z 117 -51.19 -55.53 -94.30
CA HIS Z 117 -49.83 -55.52 -93.77
C HIS Z 117 -48.92 -56.38 -94.63
N ALA Z 118 -49.40 -57.54 -95.06
CA ALA Z 118 -48.56 -58.38 -95.90
C ALA Z 118 -48.45 -57.87 -97.32
N LYS Z 119 -48.89 -56.64 -97.56
CA LYS Z 119 -48.85 -56.01 -98.88
C LYS Z 119 -49.76 -56.72 -99.88
N ARG Z 120 -50.84 -57.33 -99.39
CA ARG Z 120 -51.79 -58.05 -100.23
C ARG Z 120 -53.13 -57.33 -100.24
N VAL Z 121 -54.11 -57.97 -100.85
CA VAL Z 121 -55.48 -57.46 -100.87
C VAL Z 121 -56.40 -58.65 -100.65
N THR Z 122 -55.87 -59.85 -100.76
CA THR Z 122 -56.62 -61.08 -100.55
C THR Z 122 -56.37 -61.57 -99.13
N ILE Z 123 -57.46 -61.85 -98.42
CA ILE Z 123 -57.37 -62.42 -97.08
C ILE Z 123 -57.25 -63.94 -97.17
N MET Z 124 -56.32 -64.50 -96.41
CA MET Z 124 -56.01 -65.91 -96.43
C MET Z 124 -56.15 -66.48 -95.02
N PRO Z 125 -56.31 -67.79 -94.88
CA PRO Z 125 -56.56 -68.35 -93.54
C PRO Z 125 -55.46 -68.08 -92.53
N LYS Z 126 -54.22 -67.85 -92.98
CA LYS Z 126 -53.16 -67.58 -92.01
C LYS Z 126 -53.32 -66.20 -91.40
N ASP Z 127 -53.99 -65.30 -92.10
CA ASP Z 127 -54.27 -63.99 -91.53
C ASP Z 127 -55.30 -64.11 -90.42
N ILE Z 128 -56.31 -64.94 -90.64
CA ILE Z 128 -57.30 -65.23 -89.60
C ILE Z 128 -56.60 -65.84 -88.40
N GLN Z 129 -55.68 -66.77 -88.64
CA GLN Z 129 -55.01 -67.45 -87.55
C GLN Z 129 -54.16 -66.47 -86.75
N LEU Z 130 -53.46 -65.57 -87.45
CA LEU Z 130 -52.67 -64.55 -86.77
C LEU Z 130 -53.54 -63.61 -85.96
N ALA Z 131 -54.68 -63.22 -86.53
CA ALA Z 131 -55.60 -62.34 -85.81
C ALA Z 131 -56.12 -63.01 -84.54
N ARG Z 132 -56.52 -64.27 -84.65
CA ARG Z 132 -57.04 -64.95 -83.47
C ARG Z 132 -55.95 -65.21 -82.45
N ARG Z 133 -54.71 -65.36 -82.91
CA ARG Z 133 -53.60 -65.53 -81.98
C ARG Z 133 -53.35 -64.24 -81.20
N ILE Z 134 -53.34 -63.11 -81.91
CA ILE Z 134 -53.03 -61.85 -81.25
C ILE Z 134 -54.18 -61.45 -80.34
N ARG Z 135 -55.42 -61.67 -80.77
CA ARG Z 135 -56.56 -61.40 -79.90
C ARG Z 135 -56.49 -62.22 -78.63
N GLY Z 136 -55.85 -63.38 -78.67
CA GLY Z 136 -55.81 -64.25 -77.52
C GLY Z 136 -56.91 -65.29 -77.56
N GLU Z 137 -57.19 -65.81 -78.75
CA GLU Z 137 -58.30 -66.71 -78.96
C GLU Z 137 -57.78 -68.14 -79.17
N ARG Z 138 -58.55 -69.09 -78.68
CA ARG Z 138 -58.10 -70.48 -78.59
C ARG Z 138 -58.97 -71.40 -79.45
N LEU AA 26 -80.67 -82.70 -85.83
CA LEU AA 26 -80.08 -81.85 -86.86
C LEU AA 26 -78.66 -82.33 -87.16
N ARG AA 27 -78.34 -82.48 -88.44
CA ARG AA 27 -77.07 -83.05 -88.86
C ARG AA 27 -76.39 -82.15 -89.89
N ASP AA 28 -75.24 -81.60 -89.51
CA ASP AA 28 -74.36 -80.84 -90.41
C ASP AA 28 -75.07 -79.66 -91.07
N ASN AA 29 -75.48 -78.71 -90.23
CA ASN AA 29 -76.21 -77.55 -90.72
C ASN AA 29 -75.28 -76.35 -90.84
N ILE AA 30 -73.97 -76.58 -90.67
CA ILE AA 30 -72.97 -75.53 -90.77
C ILE AA 30 -72.93 -74.98 -92.18
N GLN AA 31 -73.24 -75.82 -93.16
CA GLN AA 31 -73.28 -75.38 -94.55
C GLN AA 31 -74.46 -74.49 -94.84
N GLY AA 32 -75.27 -74.17 -93.84
CA GLY AA 32 -76.26 -73.13 -94.03
C GLY AA 32 -75.69 -71.73 -94.00
N ILE AA 33 -74.42 -71.59 -93.65
CA ILE AA 33 -73.71 -70.33 -93.77
C ILE AA 33 -73.14 -70.31 -95.19
N THR AA 34 -73.97 -69.86 -96.13
CA THR AA 34 -73.61 -69.98 -97.52
C THR AA 34 -72.39 -69.12 -97.85
N LYS AA 35 -71.77 -69.44 -98.98
CA LYS AA 35 -70.61 -68.67 -99.43
C LYS AA 35 -70.95 -67.21 -99.69
N PRO AA 36 -72.05 -66.85 -100.35
CA PRO AA 36 -72.37 -65.43 -100.50
C PRO AA 36 -72.59 -64.73 -99.17
N ALA AA 37 -73.07 -65.44 -98.15
CA ALA AA 37 -73.21 -64.79 -96.84
C ALA AA 37 -71.86 -64.41 -96.26
N ILE AA 38 -70.89 -65.32 -96.35
CA ILE AA 38 -69.55 -65.02 -95.86
C ILE AA 38 -68.93 -63.90 -96.69
N ARG AA 39 -69.22 -63.89 -97.99
CA ARG AA 39 -68.73 -62.81 -98.83
C ARG AA 39 -69.32 -61.47 -98.42
N ARG AA 40 -70.60 -61.45 -98.09
CA ARG AA 40 -71.23 -60.22 -97.65
C ARG AA 40 -70.66 -59.74 -96.32
N LEU AA 41 -70.43 -60.68 -95.40
CA LEU AA 41 -69.79 -60.32 -94.13
C LEU AA 41 -68.39 -59.76 -94.35
N ALA AA 42 -67.67 -60.30 -95.35
CA ALA AA 42 -66.35 -59.78 -95.66
C ALA AA 42 -66.43 -58.40 -96.28
N ARG AA 43 -67.40 -58.18 -97.17
CA ARG AA 43 -67.54 -56.87 -97.79
C ARG AA 43 -67.88 -55.82 -96.75
N ARG AA 44 -68.81 -56.12 -95.84
CA ARG AA 44 -69.05 -55.22 -94.72
C ARG AA 44 -67.79 -55.03 -93.90
N GLY AA 45 -66.92 -56.04 -93.85
CA GLY AA 45 -65.65 -55.86 -93.17
C GLY AA 45 -64.57 -55.17 -93.99
N GLY AA 46 -64.85 -54.90 -95.26
CA GLY AA 46 -63.90 -54.18 -96.09
C GLY AA 46 -62.98 -55.05 -96.91
N VAL AA 47 -63.28 -56.33 -97.06
CA VAL AA 47 -62.42 -57.25 -97.78
C VAL AA 47 -62.77 -57.22 -99.26
N LYS AA 48 -61.77 -57.02 -100.10
CA LYS AA 48 -62.01 -56.91 -101.54
C LYS AA 48 -61.88 -58.23 -102.27
N ARG AA 49 -60.85 -59.02 -101.96
CA ARG AA 49 -60.61 -60.29 -102.63
C ARG AA 49 -60.48 -61.36 -101.56
N ILE AA 50 -61.19 -62.48 -101.74
CA ILE AA 50 -61.31 -63.51 -100.70
C ILE AA 50 -60.83 -64.85 -101.23
N SER AA 51 -59.93 -65.49 -100.49
CA SER AA 51 -59.47 -66.82 -100.83
C SER AA 51 -60.57 -67.85 -100.58
N GLY AA 52 -60.48 -68.97 -101.29
CA GLY AA 52 -61.53 -69.97 -101.20
C GLY AA 52 -61.51 -70.80 -99.93
N LEU AA 53 -60.39 -70.84 -99.21
CA LEU AA 53 -60.33 -71.58 -97.96
C LEU AA 53 -60.89 -70.78 -96.80
N ILE AA 54 -61.15 -69.49 -97.02
CA ILE AA 54 -61.65 -68.66 -95.96
C ILE AA 54 -62.97 -69.19 -95.48
N TYR AA 55 -63.85 -69.58 -96.40
CA TYR AA 55 -65.24 -69.84 -96.02
C TYR AA 55 -65.30 -70.94 -94.97
N GLU AA 56 -64.54 -72.01 -95.18
CA GLU AA 56 -64.47 -73.07 -94.20
C GLU AA 56 -63.77 -72.60 -92.92
N GLU AA 57 -62.67 -71.87 -93.06
CA GLU AA 57 -62.03 -71.30 -91.88
C GLU AA 57 -63.05 -70.57 -91.00
N THR AA 58 -63.71 -69.56 -91.59
CA THR AA 58 -64.73 -68.80 -90.91
C THR AA 58 -65.78 -69.71 -90.28
N ARG AA 59 -66.23 -70.73 -91.01
CA ARG AA 59 -67.27 -71.59 -90.47
C ARG AA 59 -66.80 -72.24 -89.17
N GLY AA 60 -65.60 -72.80 -89.18
CA GLY AA 60 -65.06 -73.38 -87.96
C GLY AA 60 -64.98 -72.37 -86.82
N VAL AA 61 -64.47 -71.18 -87.12
CA VAL AA 61 -64.36 -70.13 -86.11
C VAL AA 61 -65.73 -69.87 -85.48
N LEU AA 62 -66.73 -69.70 -86.34
CA LEU AA 62 -68.08 -69.40 -85.86
C LEU AA 62 -68.59 -70.51 -84.98
N LYS AA 63 -68.38 -71.75 -85.40
CA LYS AA 63 -68.77 -72.88 -84.57
C LYS AA 63 -68.18 -72.76 -83.17
N VAL AA 64 -66.88 -72.53 -83.10
CA VAL AA 64 -66.20 -72.47 -81.80
C VAL AA 64 -66.73 -71.33 -80.95
N PHE AA 65 -67.10 -70.23 -81.60
CA PHE AA 65 -67.70 -69.10 -80.90
C PHE AA 65 -69.04 -69.52 -80.31
N LEU AA 66 -69.93 -70.02 -81.16
CA LEU AA 66 -71.27 -70.29 -80.69
C LEU AA 66 -71.23 -71.36 -79.61
N GLU AA 67 -70.41 -72.39 -79.80
CA GLU AA 67 -70.32 -73.42 -78.77
C GLU AA 67 -69.87 -72.84 -77.44
N ASN AA 68 -69.07 -71.78 -77.48
CA ASN AA 68 -68.62 -71.20 -76.23
C ASN AA 68 -69.68 -70.33 -75.59
N VAL AA 69 -70.52 -69.70 -76.42
CA VAL AA 69 -71.52 -68.81 -75.86
C VAL AA 69 -72.72 -69.61 -75.37
N ILE AA 70 -73.18 -70.52 -76.22
CA ILE AA 70 -74.31 -71.38 -75.92
C ILE AA 70 -74.05 -72.24 -74.69
N ARG AA 71 -72.85 -72.81 -74.56
CA ARG AA 71 -72.60 -73.60 -73.35
C ARG AA 71 -72.86 -72.80 -72.08
N ASP AA 72 -72.60 -71.50 -72.10
CA ASP AA 72 -72.87 -70.68 -70.92
C ASP AA 72 -74.34 -70.33 -70.82
N ALA AA 73 -74.97 -70.00 -71.95
CA ALA AA 73 -76.38 -69.64 -71.90
C ALA AA 73 -77.17 -70.82 -71.36
N VAL AA 74 -76.91 -72.01 -71.89
CA VAL AA 74 -77.54 -73.22 -71.41
C VAL AA 74 -77.24 -73.43 -69.94
N THR AA 75 -76.00 -73.13 -69.51
CA THR AA 75 -75.69 -73.31 -68.09
C THR AA 75 -76.57 -72.43 -67.22
N TYR AA 76 -76.83 -71.20 -67.67
CA TYR AA 76 -77.75 -70.33 -66.95
C TYR AA 76 -79.17 -70.87 -67.00
N THR AA 77 -79.60 -71.32 -68.17
CA THR AA 77 -80.97 -71.80 -68.32
C THR AA 77 -81.22 -72.98 -67.41
N GLU AA 78 -80.25 -73.90 -67.35
CA GLU AA 78 -80.38 -75.08 -66.51
C GLU AA 78 -80.30 -74.71 -65.04
N HIS AA 79 -79.59 -73.63 -64.69
CA HIS AA 79 -79.50 -73.31 -63.28
C HIS AA 79 -80.79 -72.69 -62.78
N ALA AA 80 -81.46 -71.90 -63.61
CA ALA AA 80 -82.78 -71.39 -63.25
C ALA AA 80 -83.84 -72.45 -63.23
N LYS AA 81 -83.46 -73.71 -63.43
CA LYS AA 81 -84.39 -74.82 -63.45
C LYS AA 81 -85.50 -74.61 -64.48
N ARG AA 82 -85.16 -73.95 -65.58
CA ARG AA 82 -86.05 -73.68 -66.69
C ARG AA 82 -85.78 -74.65 -67.83
N LYS AA 83 -86.63 -74.59 -68.84
CA LYS AA 83 -86.47 -75.43 -70.02
C LYS AA 83 -86.41 -74.63 -71.31
N THR AA 84 -86.53 -73.31 -71.22
CA THR AA 84 -86.50 -72.41 -72.37
C THR AA 84 -85.31 -71.48 -72.21
N VAL AA 85 -84.53 -71.31 -73.28
CA VAL AA 85 -83.42 -70.37 -73.25
C VAL AA 85 -83.93 -68.97 -73.53
N THR AA 86 -83.83 -68.09 -72.55
CA THR AA 86 -84.36 -66.74 -72.68
C THR AA 86 -83.27 -65.79 -73.18
N ALA AA 87 -83.70 -64.57 -73.52
CA ALA AA 87 -82.78 -63.57 -74.02
C ALA AA 87 -81.80 -63.11 -72.94
N MET AA 88 -82.26 -63.06 -71.68
CA MET AA 88 -81.38 -62.64 -70.60
C MET AA 88 -80.27 -63.66 -70.35
N ASP AA 89 -80.54 -64.94 -70.58
CA ASP AA 89 -79.47 -65.93 -70.47
C ASP AA 89 -78.37 -65.64 -71.46
N VAL AA 90 -78.75 -65.34 -72.70
CA VAL AA 90 -77.77 -64.98 -73.72
C VAL AA 90 -77.03 -63.70 -73.34
N VAL AA 91 -77.77 -62.73 -72.81
CA VAL AA 91 -77.16 -61.46 -72.43
C VAL AA 91 -76.12 -61.67 -71.34
N TYR AA 92 -76.43 -62.50 -70.36
CA TYR AA 92 -75.45 -62.76 -69.30
C TYR AA 92 -74.26 -63.55 -69.83
N ALA AA 93 -74.51 -64.51 -70.71
CA ALA AA 93 -73.42 -65.27 -71.29
C ALA AA 93 -72.47 -64.36 -72.06
N LEU AA 94 -73.02 -63.42 -72.82
CA LEU AA 94 -72.19 -62.48 -73.55
C LEU AA 94 -71.45 -61.55 -72.60
N LYS AA 95 -72.18 -61.00 -71.63
CA LYS AA 95 -71.58 -60.11 -70.64
C LYS AA 95 -70.42 -60.78 -69.91
N ARG AA 96 -70.48 -62.10 -69.75
CA ARG AA 96 -69.40 -62.78 -69.04
C ARG AA 96 -68.11 -62.75 -69.86
N GLN AA 97 -68.23 -62.79 -71.19
CA GLN AA 97 -67.08 -62.72 -72.08
C GLN AA 97 -66.70 -61.30 -72.45
N GLY AA 98 -67.25 -60.28 -71.77
CA GLY AA 98 -67.01 -58.93 -72.23
C GLY AA 98 -67.63 -58.65 -73.57
N ARG AA 99 -68.81 -59.22 -73.84
CA ARG AA 99 -69.48 -58.99 -75.11
C ARG AA 99 -70.82 -58.28 -74.92
N THR AA 100 -70.85 -57.25 -74.09
CA THR AA 100 -72.09 -56.60 -73.70
C THR AA 100 -72.88 -56.16 -74.93
N LEU AA 101 -74.18 -56.48 -74.93
CA LEU AA 101 -75.06 -56.23 -76.06
C LEU AA 101 -76.20 -55.32 -75.64
N TYR AA 102 -76.29 -54.16 -76.25
CA TYR AA 102 -77.42 -53.26 -76.06
C TYR AA 102 -78.49 -53.49 -77.12
N GLY AA 103 -79.75 -53.45 -76.69
CA GLY AA 103 -80.88 -53.52 -77.58
C GLY AA 103 -81.87 -54.59 -77.23
N PHE AA 104 -81.42 -55.64 -76.54
CA PHE AA 104 -82.26 -56.80 -76.24
C PHE AA 104 -82.55 -56.92 -74.76
N GLY AA 105 -82.34 -55.84 -74.01
CA GLY AA 105 -82.42 -55.86 -72.57
C GLY AA 105 -81.06 -55.64 -71.94
N GLY AA 106 -81.08 -55.36 -70.64
CA GLY AA 106 -79.86 -55.13 -69.90
C GLY AA 106 -79.98 -54.05 -68.84
N THR BA 20 -63.93 -79.13 -35.26
CA THR BA 20 -63.89 -78.09 -36.28
C THR BA 20 -64.63 -78.54 -37.52
N ARG BA 21 -65.13 -77.58 -38.30
CA ARG BA 21 -65.91 -77.95 -39.46
C ARG BA 21 -65.04 -78.47 -40.60
N SER BA 22 -63.72 -78.22 -40.56
CA SER BA 22 -62.84 -78.79 -41.57
C SER BA 22 -62.68 -80.29 -41.36
N SER BA 23 -62.65 -80.70 -40.09
CA SER BA 23 -62.47 -82.11 -39.76
C SER BA 23 -63.70 -82.90 -40.16
N ARG BA 24 -64.89 -82.36 -39.90
CA ARG BA 24 -66.13 -83.05 -40.19
C ARG BA 24 -66.25 -83.34 -41.68
N ALA BA 25 -65.71 -82.47 -42.53
CA ALA BA 25 -65.75 -82.67 -43.96
C ALA BA 25 -64.50 -83.35 -44.49
N GLY BA 26 -63.58 -83.71 -43.60
CA GLY BA 26 -62.34 -84.34 -44.03
C GLY BA 26 -61.49 -83.40 -44.86
N LEU BA 27 -61.46 -82.12 -44.49
CA LEU BA 27 -60.74 -81.10 -45.23
C LEU BA 27 -59.59 -80.54 -44.40
N GLN BA 28 -58.69 -79.86 -45.11
CA GLN BA 28 -57.61 -79.10 -44.49
C GLN BA 28 -57.80 -77.61 -44.55
N PHE BA 29 -58.57 -77.11 -45.51
CA PHE BA 29 -58.86 -75.68 -45.55
C PHE BA 29 -59.93 -75.33 -44.52
N PRO BA 30 -59.96 -74.07 -44.08
CA PRO BA 30 -60.89 -73.69 -43.01
C PRO BA 30 -62.30 -73.45 -43.55
N VAL BA 31 -63.28 -73.95 -42.82
CA VAL BA 31 -64.67 -73.66 -43.17
C VAL BA 31 -65.17 -72.40 -42.47
N GLY BA 32 -64.76 -72.21 -41.22
CA GLY BA 32 -65.18 -71.01 -40.49
C GLY BA 32 -64.66 -69.74 -41.10
N ARG BA 33 -63.38 -69.71 -41.47
CA ARG BA 33 -62.81 -68.54 -42.11
C ARG BA 33 -63.52 -68.21 -43.42
N VAL BA 34 -63.77 -69.22 -44.24
CA VAL BA 34 -64.40 -68.97 -45.52
C VAL BA 34 -65.84 -68.49 -45.32
N HIS BA 35 -66.54 -69.06 -44.34
CA HIS BA 35 -67.89 -68.59 -44.05
C HIS BA 35 -67.88 -67.15 -43.58
N ARG BA 36 -66.90 -66.79 -42.75
CA ARG BA 36 -66.80 -65.41 -42.28
C ARG BA 36 -66.47 -64.45 -43.42
N LEU BA 37 -65.61 -64.87 -44.34
CA LEU BA 37 -65.27 -64.01 -45.47
C LEU BA 37 -66.46 -63.83 -46.41
N LEU BA 38 -67.26 -64.90 -46.58
CA LEU BA 38 -68.47 -64.79 -47.39
C LEU BA 38 -69.50 -63.93 -46.70
N ARG BA 39 -69.53 -63.97 -45.37
CA ARG BA 39 -70.50 -63.22 -44.59
C ARG BA 39 -70.16 -61.74 -44.59
N LYS BA 40 -68.88 -61.41 -44.53
CA LYS BA 40 -68.44 -60.03 -44.40
C LYS BA 40 -68.08 -59.42 -45.74
N GLY BA 41 -68.32 -60.12 -46.83
CA GLY BA 41 -67.97 -59.64 -48.15
C GLY BA 41 -69.11 -59.00 -48.90
N ASN BA 42 -70.27 -58.82 -48.26
CA ASN BA 42 -71.45 -58.23 -48.89
C ASN BA 42 -71.80 -58.99 -50.18
N TYR BA 43 -71.98 -60.30 -50.04
CA TYR BA 43 -72.37 -61.11 -51.18
C TYR BA 43 -73.85 -61.49 -51.20
N SER BA 44 -74.42 -61.87 -50.07
CA SER BA 44 -75.85 -62.16 -50.02
C SER BA 44 -76.36 -61.90 -48.62
N GLU BA 45 -77.69 -61.78 -48.51
CA GLU BA 45 -78.29 -61.52 -47.20
C GLU BA 45 -77.96 -62.64 -46.23
N ARG BA 46 -78.05 -63.87 -46.69
CA ARG BA 46 -77.71 -65.05 -45.90
C ARG BA 46 -76.93 -66.02 -46.77
N VAL BA 47 -76.18 -66.89 -46.12
CA VAL BA 47 -75.29 -67.83 -46.80
C VAL BA 47 -75.62 -69.22 -46.29
N GLY BA 48 -75.95 -70.12 -47.20
CA GLY BA 48 -76.23 -71.49 -46.81
C GLY BA 48 -74.99 -72.20 -46.31
N ALA BA 49 -75.22 -73.33 -45.65
CA ALA BA 49 -74.12 -74.06 -45.05
C ALA BA 49 -73.41 -75.00 -46.02
N GLY BA 50 -73.97 -75.27 -47.18
CA GLY BA 50 -73.26 -76.12 -48.12
C GLY BA 50 -72.40 -75.39 -49.11
N ALA BA 51 -72.49 -74.06 -49.14
CA ALA BA 51 -71.65 -73.30 -50.05
C ALA BA 51 -70.20 -73.24 -49.60
N PRO BA 52 -69.88 -72.89 -48.34
CA PRO BA 52 -68.46 -72.81 -47.98
C PRO BA 52 -67.73 -74.14 -48.03
N VAL BA 53 -68.41 -75.24 -47.73
CA VAL BA 53 -67.76 -76.55 -47.82
C VAL BA 53 -67.40 -76.85 -49.27
N TYR BA 54 -68.35 -76.63 -50.17
CA TYR BA 54 -68.11 -76.90 -51.59
C TYR BA 54 -66.99 -76.02 -52.11
N LEU BA 55 -67.01 -74.73 -51.75
CA LEU BA 55 -66.00 -73.82 -52.27
C LEU BA 55 -64.63 -74.13 -51.70
N ALA BA 56 -64.56 -74.51 -50.42
CA ALA BA 56 -63.29 -74.92 -49.85
C ALA BA 56 -62.74 -76.17 -50.53
N ALA BA 57 -63.63 -77.11 -50.85
CA ALA BA 57 -63.19 -78.31 -51.56
C ALA BA 57 -62.64 -77.95 -52.94
N VAL BA 58 -63.31 -77.05 -53.65
CA VAL BA 58 -62.82 -76.64 -54.96
C VAL BA 58 -61.46 -75.98 -54.85
N LEU BA 59 -61.31 -75.06 -53.90
CA LEU BA 59 -60.05 -74.36 -53.74
C LEU BA 59 -58.94 -75.33 -53.37
N GLU BA 60 -59.24 -76.30 -52.50
CA GLU BA 60 -58.25 -77.28 -52.11
C GLU BA 60 -57.84 -78.15 -53.30
N TYR BA 61 -58.81 -78.55 -54.12
CA TYR BA 61 -58.47 -79.33 -55.31
C TYR BA 61 -57.58 -78.53 -56.26
N LEU BA 62 -57.90 -77.27 -56.48
CA LEU BA 62 -57.13 -76.47 -57.44
C LEU BA 62 -55.72 -76.22 -56.92
N THR BA 63 -55.58 -75.91 -55.63
CA THR BA 63 -54.25 -75.72 -55.10
C THR BA 63 -53.46 -77.02 -55.10
N ALA BA 64 -54.12 -78.16 -54.89
CA ALA BA 64 -53.41 -79.43 -54.95
C ALA BA 64 -52.90 -79.69 -56.35
N GLU BA 65 -53.71 -79.40 -57.36
CA GLU BA 65 -53.25 -79.57 -58.74
C GLU BA 65 -52.08 -78.66 -59.04
N ILE BA 66 -52.19 -77.39 -58.65
CA ILE BA 66 -51.13 -76.43 -58.90
C ILE BA 66 -49.84 -76.89 -58.23
N LEU BA 67 -49.93 -77.32 -56.97
CA LEU BA 67 -48.72 -77.69 -56.25
C LEU BA 67 -48.13 -78.98 -56.77
N GLU BA 68 -48.97 -79.89 -57.26
CA GLU BA 68 -48.48 -81.11 -57.86
C GLU BA 68 -47.63 -80.79 -59.09
N LEU BA 69 -48.19 -80.00 -60.00
CA LEU BA 69 -47.42 -79.69 -61.21
C LEU BA 69 -46.21 -78.84 -60.90
N ALA BA 70 -46.29 -77.96 -59.90
CA ALA BA 70 -45.13 -77.13 -59.57
C ALA BA 70 -44.03 -77.97 -58.92
N GLY BA 71 -44.40 -78.96 -58.12
CA GLY BA 71 -43.40 -79.85 -57.56
C GLY BA 71 -42.75 -80.71 -58.63
N ASN BA 72 -43.54 -81.19 -59.58
CA ASN BA 72 -42.96 -81.90 -60.72
C ASN BA 72 -41.99 -81.01 -61.47
N ALA BA 73 -42.38 -79.76 -61.72
CA ALA BA 73 -41.50 -78.84 -62.45
C ALA BA 73 -40.24 -78.54 -61.66
N ALA BA 74 -40.33 -78.48 -60.33
CA ALA BA 74 -39.14 -78.18 -59.52
C ALA BA 74 -38.21 -79.38 -59.44
N ARG BA 75 -38.77 -80.59 -59.42
CA ARG BA 75 -37.92 -81.77 -59.46
C ARG BA 75 -37.25 -81.89 -60.82
N ASP BA 76 -37.97 -81.49 -61.87
CA ASP BA 76 -37.43 -81.53 -63.22
C ASP BA 76 -36.17 -80.67 -63.30
N ASN BA 77 -36.13 -79.60 -62.53
CA ASN BA 77 -34.97 -78.72 -62.43
C ASN BA 77 -34.02 -79.16 -61.33
N LYS BA 78 -34.32 -80.29 -60.68
CA LYS BA 78 -33.57 -80.80 -59.54
C LYS BA 78 -33.47 -79.73 -58.44
N LYS BA 79 -34.63 -79.28 -57.99
CA LYS BA 79 -34.73 -78.45 -56.81
C LYS BA 79 -35.77 -79.02 -55.86
N THR BA 80 -35.54 -78.86 -54.57
CA THR BA 80 -36.44 -79.39 -53.56
C THR BA 80 -37.33 -78.32 -52.96
N ARG BA 81 -37.30 -77.10 -53.51
CA ARG BA 81 -38.12 -76.01 -53.02
C ARG BA 81 -38.69 -75.26 -54.21
N ILE BA 82 -39.98 -74.97 -54.15
CA ILE BA 82 -40.71 -74.36 -55.25
C ILE BA 82 -40.47 -72.86 -55.27
N ILE BA 83 -40.04 -72.33 -56.42
CA ILE BA 83 -39.87 -70.90 -56.58
C ILE BA 83 -40.93 -70.38 -57.55
N PRO BA 84 -41.06 -69.06 -57.74
CA PRO BA 84 -42.04 -68.58 -58.73
C PRO BA 84 -41.81 -69.07 -60.14
N ARG BA 85 -40.57 -69.37 -60.51
CA ARG BA 85 -40.30 -69.87 -61.85
C ARG BA 85 -41.04 -71.17 -62.11
N HIS BA 86 -41.05 -72.06 -61.12
CA HIS BA 86 -41.72 -73.34 -61.31
C HIS BA 86 -43.23 -73.17 -61.37
N LEU BA 87 -43.77 -72.22 -60.60
CA LEU BA 87 -45.19 -71.92 -60.72
C LEU BA 87 -45.54 -71.42 -62.11
N GLN BA 88 -44.70 -70.52 -62.66
CA GLN BA 88 -44.95 -70.02 -64.00
C GLN BA 88 -44.88 -71.14 -65.03
N LEU BA 89 -43.89 -72.01 -64.90
CA LEU BA 89 -43.77 -73.12 -65.85
C LEU BA 89 -44.95 -74.07 -65.75
N ALA BA 90 -45.38 -74.38 -64.52
CA ALA BA 90 -46.52 -75.28 -64.34
C ALA BA 90 -47.79 -74.66 -64.91
N ILE BA 91 -47.98 -73.36 -64.71
CA ILE BA 91 -49.19 -72.71 -65.21
C ILE BA 91 -49.17 -72.66 -66.73
N ARG BA 92 -48.11 -72.11 -67.32
CA ARG BA 92 -48.09 -71.92 -68.76
C ARG BA 92 -47.92 -73.23 -69.51
N ASN BA 93 -47.55 -74.31 -68.82
CA ASN BA 93 -47.37 -75.59 -69.47
C ASN BA 93 -48.63 -76.45 -69.46
N ASP BA 94 -49.57 -76.17 -68.56
CA ASP BA 94 -50.84 -76.89 -68.50
C ASP BA 94 -51.90 -76.12 -69.25
N GLU BA 95 -52.53 -76.79 -70.21
CA GLU BA 95 -53.47 -76.12 -71.11
C GLU BA 95 -54.65 -75.54 -70.33
N GLU BA 96 -55.20 -76.33 -69.41
CA GLU BA 96 -56.42 -75.90 -68.72
C GLU BA 96 -56.11 -74.78 -67.76
N LEU BA 97 -55.03 -74.93 -66.99
CA LEU BA 97 -54.61 -73.86 -66.09
C LEU BA 97 -54.22 -72.61 -66.87
N ASN BA 98 -53.44 -72.77 -67.94
CA ASN BA 98 -53.04 -71.60 -68.73
C ASN BA 98 -54.25 -70.90 -69.34
N LYS BA 99 -55.30 -71.63 -69.66
CA LYS BA 99 -56.52 -70.98 -70.10
C LYS BA 99 -57.22 -70.30 -68.94
N LEU BA 100 -57.15 -70.90 -67.75
CA LEU BA 100 -57.75 -70.31 -66.58
C LEU BA 100 -57.01 -69.05 -66.13
N LEU BA 101 -55.69 -69.14 -66.02
CA LEU BA 101 -54.86 -68.01 -65.64
C LEU BA 101 -54.24 -67.38 -66.90
N GLY BA 102 -55.11 -66.79 -67.71
CA GLY BA 102 -54.70 -66.32 -69.00
C GLY BA 102 -54.26 -64.87 -68.97
N ARG BA 103 -54.71 -64.12 -67.95
CA ARG BA 103 -54.43 -62.69 -67.88
C ARG BA 103 -53.47 -62.32 -66.76
N VAL BA 104 -53.04 -63.27 -65.95
CA VAL BA 104 -52.25 -62.96 -64.76
C VAL BA 104 -50.78 -62.99 -65.14
N THR BA 105 -50.00 -62.08 -64.57
CA THR BA 105 -48.56 -62.11 -64.70
C THR BA 105 -47.92 -62.45 -63.36
N ILE BA 106 -46.91 -63.30 -63.40
CA ILE BA 106 -46.25 -63.80 -62.20
C ILE BA 106 -44.90 -63.12 -62.09
N ALA BA 107 -44.67 -62.40 -60.99
CA ALA BA 107 -43.39 -61.73 -60.80
C ALA BA 107 -42.30 -62.77 -60.67
N GLN BA 108 -41.20 -62.58 -61.40
CA GLN BA 108 -40.08 -63.52 -61.42
C GLN BA 108 -40.48 -64.88 -61.98
N GLY BA 109 -41.41 -64.88 -62.92
CA GLY BA 109 -41.88 -66.12 -63.50
C GLY BA 109 -41.21 -66.35 -64.83
N GLY BA 110 -40.81 -65.27 -65.48
CA GLY BA 110 -40.17 -65.38 -66.77
C GLY BA 110 -41.13 -65.73 -67.88
N VAL BA 111 -40.57 -66.30 -68.94
CA VAL BA 111 -41.33 -66.76 -70.10
C VAL BA 111 -40.86 -68.17 -70.43
N LEU BA 112 -41.73 -68.89 -71.14
CA LEU BA 112 -41.34 -70.19 -71.66
C LEU BA 112 -40.29 -70.03 -72.76
N PRO BA 113 -39.34 -70.96 -72.84
CA PRO BA 113 -38.39 -70.94 -73.96
C PRO BA 113 -39.11 -71.24 -75.27
N ASN BA 114 -39.05 -70.30 -76.20
CA ASN BA 114 -39.79 -70.42 -77.44
C ASN BA 114 -39.05 -69.64 -78.52
N ILE BA 115 -38.46 -70.35 -79.48
CA ILE BA 115 -37.79 -69.73 -80.62
C ILE BA 115 -38.54 -70.10 -81.87
N LYS CA 38 -52.79 -60.58 -39.22
CA LYS CA 38 -53.41 -60.67 -40.53
C LYS CA 38 -53.33 -62.11 -41.04
N GLU CA 39 -54.40 -62.54 -41.71
CA GLU CA 39 -54.60 -63.93 -42.06
C GLU CA 39 -54.10 -64.20 -43.48
N SER CA 40 -53.83 -65.47 -43.74
CA SER CA 40 -53.31 -65.92 -45.03
C SER CA 40 -53.61 -67.41 -45.16
N TYR CA 41 -53.14 -68.00 -46.24
CA TYR CA 41 -53.38 -69.42 -46.48
C TYR CA 41 -52.10 -70.23 -46.45
N SER CA 42 -51.03 -69.66 -45.88
CA SER CA 42 -49.71 -70.25 -46.05
C SER CA 42 -49.64 -71.63 -45.42
N ILE CA 43 -50.18 -71.78 -44.21
CA ILE CA 43 -50.09 -73.06 -43.52
C ILE CA 43 -50.90 -74.12 -44.24
N TYR CA 44 -52.05 -73.72 -44.78
CA TYR CA 44 -52.87 -74.69 -45.51
C TYR CA 44 -52.21 -75.09 -46.82
N VAL CA 45 -51.64 -74.14 -47.54
CA VAL CA 45 -50.89 -74.46 -48.75
C VAL CA 45 -49.74 -75.39 -48.43
N TYR CA 46 -49.06 -75.16 -47.30
CA TYR CA 46 -47.95 -76.01 -46.91
C TYR CA 46 -48.42 -77.42 -46.58
N LYS CA 47 -49.55 -77.53 -45.87
CA LYS CA 47 -50.12 -78.84 -45.56
C LYS CA 47 -50.50 -79.58 -46.83
N VAL CA 48 -51.12 -78.88 -47.77
CA VAL CA 48 -51.48 -79.51 -49.05
C VAL CA 48 -50.23 -79.95 -49.81
N LEU CA 49 -49.19 -79.13 -49.80
CA LEU CA 49 -47.96 -79.50 -50.48
C LEU CA 49 -47.38 -80.77 -49.87
N LYS CA 50 -47.32 -80.83 -48.54
CA LYS CA 50 -46.80 -82.04 -47.92
C LYS CA 50 -47.72 -83.22 -48.09
N GLN CA 51 -49.00 -82.96 -48.39
CA GLN CA 51 -49.90 -84.07 -48.71
C GLN CA 51 -49.64 -84.60 -50.12
N VAL CA 52 -49.30 -83.72 -51.07
CA VAL CA 52 -49.06 -84.18 -52.43
C VAL CA 52 -47.58 -84.48 -52.66
N HIS CA 53 -46.69 -83.60 -52.23
CA HIS CA 53 -45.25 -83.76 -52.41
C HIS CA 53 -44.59 -83.69 -51.04
N PRO CA 54 -44.21 -84.81 -50.46
CA PRO CA 54 -43.65 -84.79 -49.10
C PRO CA 54 -42.26 -84.17 -49.07
N ASP CA 55 -41.41 -84.57 -50.00
CA ASP CA 55 -40.03 -84.10 -50.08
C ASP CA 55 -39.87 -82.90 -51.01
N THR CA 56 -40.65 -81.85 -50.78
CA THR CA 56 -40.54 -80.64 -51.59
C THR CA 56 -40.95 -79.45 -50.73
N GLY CA 57 -40.14 -78.40 -50.73
CA GLY CA 57 -40.46 -77.18 -50.05
C GLY CA 57 -40.96 -76.10 -50.99
N ILE CA 58 -41.19 -74.92 -50.42
CA ILE CA 58 -41.71 -73.77 -51.15
C ILE CA 58 -41.06 -72.49 -50.64
N SER CA 59 -40.70 -71.60 -51.55
CA SER CA 59 -40.12 -70.33 -51.16
C SER CA 59 -41.22 -69.41 -50.61
N SER CA 60 -40.80 -68.31 -49.98
CA SER CA 60 -41.77 -67.38 -49.44
C SER CA 60 -42.48 -66.60 -50.54
N LYS CA 61 -41.75 -66.27 -51.61
CA LYS CA 61 -42.36 -65.53 -52.70
C LYS CA 61 -43.39 -66.38 -53.43
N ALA CA 62 -43.14 -67.68 -53.53
CA ALA CA 62 -44.15 -68.55 -54.13
C ALA CA 62 -45.32 -68.74 -53.18
N MET CA 63 -45.08 -68.75 -51.87
CA MET CA 63 -46.21 -68.84 -50.96
C MET CA 63 -47.09 -67.60 -51.07
N GLY CA 64 -46.45 -66.43 -51.22
CA GLY CA 64 -47.21 -65.21 -51.48
C GLY CA 64 -48.01 -65.29 -52.75
N ILE CA 65 -47.42 -65.85 -53.81
CA ILE CA 65 -48.13 -65.95 -55.08
C ILE CA 65 -49.30 -66.89 -54.95
N MET CA 66 -49.13 -67.98 -54.20
CA MET CA 66 -50.22 -68.93 -54.03
C MET CA 66 -51.34 -68.34 -53.19
N ASN CA 67 -51.00 -67.53 -52.19
CA ASN CA 67 -52.03 -66.85 -51.42
C ASN CA 67 -52.80 -65.88 -52.30
N SER CA 68 -52.10 -65.13 -53.15
CA SER CA 68 -52.77 -64.21 -54.05
C SER CA 68 -53.67 -64.98 -55.02
N PHE CA 69 -53.20 -66.14 -55.48
CA PHE CA 69 -53.99 -66.95 -56.38
C PHE CA 69 -55.26 -67.45 -55.72
N VAL CA 70 -55.15 -67.92 -54.48
CA VAL CA 70 -56.34 -68.38 -53.77
C VAL CA 70 -57.33 -67.25 -53.58
N ASN CA 71 -56.84 -66.07 -53.19
CA ASN CA 71 -57.74 -64.94 -52.99
C ASN CA 71 -58.43 -64.56 -54.29
N ASP CA 72 -57.67 -64.54 -55.38
CA ASP CA 72 -58.24 -64.22 -56.69
C ASP CA 72 -59.35 -65.19 -57.06
N ILE CA 73 -59.09 -66.49 -56.96
CA ILE CA 73 -60.08 -67.47 -57.37
C ILE CA 73 -61.31 -67.39 -56.48
N PHE CA 74 -61.10 -67.15 -55.18
CA PHE CA 74 -62.22 -66.93 -54.28
C PHE CA 74 -63.07 -65.76 -54.75
N GLU CA 75 -62.41 -64.66 -55.11
CA GLU CA 75 -63.14 -63.47 -55.50
C GLU CA 75 -63.94 -63.71 -56.77
N ARG CA 76 -63.34 -64.40 -57.73
CA ARG CA 76 -64.05 -64.70 -58.97
C ARG CA 76 -65.29 -65.55 -58.69
N ILE CA 77 -65.11 -66.61 -57.91
CA ILE CA 77 -66.22 -67.53 -57.65
C ILE CA 77 -67.32 -66.82 -56.88
N ALA CA 78 -66.95 -66.01 -55.89
CA ALA CA 78 -67.98 -65.33 -55.10
C ALA CA 78 -68.72 -64.30 -55.92
N GLY CA 79 -68.02 -63.59 -56.82
CA GLY CA 79 -68.71 -62.64 -57.66
C GLY CA 79 -69.67 -63.31 -58.62
N GLU CA 80 -69.26 -64.41 -59.22
CA GLU CA 80 -70.18 -65.15 -60.08
C GLU CA 80 -71.38 -65.67 -59.30
N ALA CA 81 -71.14 -66.21 -58.09
CA ALA CA 81 -72.24 -66.71 -57.28
C ALA CA 81 -73.22 -65.59 -56.92
N SER CA 82 -72.68 -64.41 -56.58
CA SER CA 82 -73.53 -63.28 -56.27
C SER CA 82 -74.38 -62.88 -57.47
N ARG CA 83 -73.75 -62.77 -58.64
CA ARG CA 83 -74.49 -62.40 -59.83
C ARG CA 83 -75.58 -63.42 -60.14
N LEU CA 84 -75.28 -64.70 -59.96
CA LEU CA 84 -76.28 -65.74 -60.22
C LEU CA 84 -77.44 -65.63 -59.24
N ALA CA 85 -77.13 -65.43 -57.96
CA ALA CA 85 -78.17 -65.29 -56.95
C ALA CA 85 -79.06 -64.10 -57.26
N HIS CA 86 -78.45 -62.99 -57.71
CA HIS CA 86 -79.26 -61.81 -58.00
C HIS CA 86 -80.07 -62.00 -59.26
N TYR CA 87 -79.55 -62.75 -60.23
CA TYR CA 87 -80.35 -63.10 -61.39
C TYR CA 87 -81.56 -63.93 -61.00
N ASN CA 88 -81.37 -64.90 -60.13
CA ASN CA 88 -82.44 -65.82 -59.77
C ASN CA 88 -83.30 -65.34 -58.62
N LYS CA 89 -83.09 -64.11 -58.16
CA LYS CA 89 -83.88 -63.52 -57.08
C LYS CA 89 -83.87 -64.40 -55.83
N ARG CA 90 -82.68 -64.62 -55.30
CA ARG CA 90 -82.51 -65.37 -54.07
C ARG CA 90 -81.59 -64.61 -53.12
N SER CA 91 -81.87 -64.78 -51.83
CA SER CA 91 -81.10 -64.09 -50.80
C SER CA 91 -79.96 -64.92 -50.26
N THR CA 92 -79.79 -66.14 -50.77
CA THR CA 92 -78.90 -67.12 -50.15
C THR CA 92 -77.90 -67.60 -51.19
N ILE CA 93 -76.66 -67.76 -50.76
CA ILE CA 93 -75.63 -68.44 -51.56
C ILE CA 93 -75.52 -69.86 -51.02
N THR CA 94 -76.05 -70.82 -51.75
CA THR CA 94 -75.99 -72.22 -51.40
C THR CA 94 -74.92 -72.93 -52.22
N SER CA 95 -74.88 -74.26 -52.12
CA SER CA 95 -73.93 -75.06 -52.87
C SER CA 95 -74.31 -75.20 -54.34
N ARG CA 96 -75.58 -74.96 -54.68
CA ARG CA 96 -75.97 -75.00 -56.09
C ARG CA 96 -75.36 -73.84 -56.84
N GLU CA 97 -75.38 -72.66 -56.25
CA GLU CA 97 -74.76 -71.49 -56.87
C GLU CA 97 -73.26 -71.70 -57.00
N ILE CA 98 -72.62 -72.25 -55.98
CA ILE CA 98 -71.19 -72.49 -56.03
C ILE CA 98 -70.87 -73.49 -57.13
N GLN CA 99 -71.66 -74.55 -57.24
CA GLN CA 99 -71.42 -75.57 -58.25
C GLN CA 99 -71.57 -74.99 -59.65
N THR CA 100 -72.63 -74.21 -59.89
CA THR CA 100 -72.82 -73.71 -61.24
C THR CA 100 -71.83 -72.61 -61.58
N ALA CA 101 -71.35 -71.85 -60.58
CA ALA CA 101 -70.28 -70.90 -60.83
C ALA CA 101 -68.98 -71.62 -61.18
N VAL CA 102 -68.71 -72.73 -60.50
CA VAL CA 102 -67.56 -73.55 -60.86
C VAL CA 102 -67.67 -74.05 -62.28
N ARG CA 103 -68.87 -74.52 -62.66
CA ARG CA 103 -69.09 -74.98 -64.02
C ARG CA 103 -68.89 -73.85 -65.03
N LEU CA 104 -69.37 -72.66 -64.71
CA LEU CA 104 -69.20 -71.53 -65.62
C LEU CA 104 -67.73 -71.14 -65.74
N LEU CA 105 -66.96 -71.26 -64.66
CA LEU CA 105 -65.64 -70.66 -64.67
C LEU CA 105 -64.57 -71.62 -65.15
N LEU CA 106 -64.60 -72.85 -64.72
CA LEU CA 106 -63.48 -73.72 -65.04
C LEU CA 106 -63.73 -74.48 -66.33
N PRO CA 107 -62.66 -74.91 -67.01
CA PRO CA 107 -62.82 -75.68 -68.24
C PRO CA 107 -63.26 -77.10 -67.93
N GLY CA 108 -63.69 -77.79 -68.99
CA GLY CA 108 -64.41 -79.05 -68.88
C GLY CA 108 -63.90 -80.08 -67.89
N GLU CA 109 -62.73 -80.66 -68.14
CA GLU CA 109 -62.20 -81.67 -67.24
C GLU CA 109 -61.92 -81.10 -65.86
N LEU CA 110 -61.35 -79.89 -65.82
CA LEU CA 110 -61.07 -79.28 -64.53
C LEU CA 110 -62.36 -79.05 -63.75
N ALA CA 111 -63.39 -78.53 -64.42
CA ALA CA 111 -64.67 -78.30 -63.75
C ALA CA 111 -65.27 -79.61 -63.29
N LYS CA 112 -65.14 -80.66 -64.11
CA LYS CA 112 -65.70 -81.96 -63.76
C LYS CA 112 -65.03 -82.51 -62.50
N HIS CA 113 -63.70 -82.48 -62.46
CA HIS CA 113 -63.00 -82.96 -61.28
C HIS CA 113 -63.31 -82.13 -60.06
N ALA CA 114 -63.41 -80.81 -60.22
CA ALA CA 114 -63.70 -79.95 -59.09
C ALA CA 114 -65.10 -80.21 -58.54
N VAL CA 115 -66.07 -80.39 -59.44
CA VAL CA 115 -67.43 -80.71 -59.00
C VAL CA 115 -67.46 -82.06 -58.30
N SER CA 116 -66.73 -83.04 -58.83
CA SER CA 116 -66.62 -84.32 -58.16
C SER CA 116 -66.10 -84.16 -56.74
N GLU CA 117 -65.00 -83.44 -56.59
CA GLU CA 117 -64.42 -83.22 -55.26
C GLU CA 117 -65.40 -82.52 -54.33
N GLY CA 118 -66.03 -81.46 -54.82
CA GLY CA 118 -66.97 -80.73 -53.98
C GLY CA 118 -68.15 -81.56 -53.54
N THR CA 119 -68.72 -82.33 -54.47
CA THR CA 119 -69.85 -83.18 -54.11
C THR CA 119 -69.41 -84.24 -53.11
N LYS CA 120 -68.25 -84.85 -53.33
CA LYS CA 120 -67.74 -85.84 -52.40
C LYS CA 120 -67.62 -85.26 -51.00
N ALA CA 121 -67.00 -84.08 -50.90
CA ALA CA 121 -66.80 -83.47 -49.60
C ALA CA 121 -68.12 -83.09 -48.94
N VAL CA 122 -69.06 -82.56 -49.73
CA VAL CA 122 -70.33 -82.16 -49.15
C VAL CA 122 -71.09 -83.37 -48.63
N THR CA 123 -71.10 -84.46 -49.39
CA THR CA 123 -71.79 -85.65 -48.92
C THR CA 123 -71.10 -86.26 -47.71
N LYS CA 124 -69.77 -86.26 -47.68
CA LYS CA 124 -69.08 -86.81 -46.51
C LYS CA 124 -69.33 -85.96 -45.27
N TYR CA 125 -69.43 -84.64 -45.44
CA TYR CA 125 -69.70 -83.77 -44.31
C TYR CA 125 -71.14 -83.90 -43.84
N THR CA 126 -72.06 -84.08 -44.78
CA THR CA 126 -73.47 -84.15 -44.44
C THR CA 126 -73.83 -85.50 -43.85
N SER CA 127 -73.17 -86.56 -44.31
CA SER CA 127 -73.46 -87.89 -43.78
C SER CA 127 -73.13 -87.98 -42.30
N ALA CA 128 -72.02 -87.38 -41.90
CA ALA CA 128 -71.70 -87.32 -40.48
C ALA CA 128 -72.33 -86.05 -39.91
N LYS CA 129 -71.99 -85.72 -38.66
CA LYS CA 129 -72.42 -84.46 -38.07
C LYS CA 129 -71.59 -84.19 -36.80
N HIS DA 43 -14.19 -66.81 -83.03
CA HIS DA 43 -13.92 -66.18 -84.36
C HIS DA 43 -15.05 -65.20 -84.71
N ARG DA 44 -15.08 -64.74 -85.97
CA ARG DA 44 -16.14 -63.81 -86.43
C ARG DA 44 -17.50 -64.52 -86.37
N TYR DA 45 -18.48 -63.95 -85.66
CA TYR DA 45 -19.84 -64.54 -85.61
C TYR DA 45 -20.70 -63.91 -86.71
N ARG DA 46 -21.54 -64.73 -87.36
CA ARG DA 46 -22.47 -64.19 -88.39
C ARG DA 46 -23.59 -63.43 -87.68
N PRO DA 47 -23.91 -62.18 -88.08
CA PRO DA 47 -24.94 -61.38 -87.40
C PRO DA 47 -26.19 -62.20 -87.06
N GLY DA 48 -26.35 -62.60 -85.78
CA GLY DA 48 -27.50 -63.39 -85.43
C GLY DA 48 -27.16 -64.59 -84.57
N THR DA 49 -25.88 -64.94 -84.45
CA THR DA 49 -25.51 -66.02 -83.56
C THR DA 49 -25.46 -65.55 -82.12
N VAL DA 50 -24.85 -64.39 -81.88
CA VAL DA 50 -24.92 -63.77 -80.57
C VAL DA 50 -26.35 -63.38 -80.25
N ALA DA 51 -27.14 -63.05 -81.28
CA ALA DA 51 -28.54 -62.75 -81.06
C ALA DA 51 -29.28 -63.95 -80.47
N LEU DA 52 -29.04 -65.13 -81.04
CA LEU DA 52 -29.69 -66.33 -80.53
C LEU DA 52 -29.14 -66.73 -79.18
N ARG DA 53 -27.83 -66.53 -78.97
CA ARG DA 53 -27.27 -66.79 -77.65
C ARG DA 53 -27.95 -65.93 -76.60
N GLU DA 54 -28.16 -64.66 -76.92
CA GLU DA 54 -28.83 -63.76 -75.98
C GLU DA 54 -30.29 -64.15 -75.78
N ILE DA 55 -30.96 -64.58 -76.85
CA ILE DA 55 -32.35 -65.01 -76.71
C ILE DA 55 -32.44 -66.19 -75.75
N ARG DA 56 -31.55 -67.17 -75.93
CA ARG DA 56 -31.54 -68.32 -75.03
C ARG DA 56 -31.21 -67.89 -73.61
N ARG DA 57 -30.28 -66.95 -73.46
CA ARG DA 57 -29.88 -66.51 -72.13
C ARG DA 57 -30.98 -65.75 -71.42
N TYR DA 58 -31.78 -64.97 -72.16
CA TYR DA 58 -32.78 -64.13 -71.52
C TYR DA 58 -34.13 -64.80 -71.38
N GLN DA 59 -34.39 -65.87 -72.13
CA GLN DA 59 -35.59 -66.63 -71.86
C GLN DA 59 -35.39 -67.61 -70.71
N LYS DA 60 -34.15 -67.77 -70.26
CA LYS DA 60 -33.87 -68.61 -69.10
C LYS DA 60 -33.96 -67.82 -67.80
N SER DA 61 -33.38 -66.63 -67.75
CA SER DA 61 -33.35 -65.86 -66.51
C SER DA 61 -34.69 -65.17 -66.27
N THR DA 62 -34.87 -64.69 -65.04
CA THR DA 62 -36.05 -63.95 -64.65
C THR DA 62 -35.75 -62.57 -64.08
N GLU DA 63 -34.48 -62.19 -64.00
CA GLU DA 63 -34.10 -60.94 -63.36
C GLU DA 63 -34.52 -59.74 -64.21
N LEU DA 64 -34.80 -58.64 -63.52
CA LEU DA 64 -35.30 -57.44 -64.17
C LEU DA 64 -34.25 -56.84 -65.09
N LEU DA 65 -34.65 -56.48 -66.31
CA LEU DA 65 -33.71 -56.06 -67.34
C LEU DA 65 -33.55 -54.54 -67.41
N ILE DA 66 -34.32 -53.79 -66.64
CA ILE DA 66 -34.17 -52.34 -66.53
C ILE DA 66 -33.46 -52.01 -65.23
N ARG DA 67 -32.50 -51.08 -65.28
CA ARG DA 67 -31.82 -50.55 -64.10
C ARG DA 67 -32.84 -49.85 -63.19
N LYS DA 68 -32.67 -49.96 -61.87
CA LYS DA 68 -33.73 -49.63 -60.93
C LYS DA 68 -33.89 -48.11 -60.84
N LEU DA 69 -32.77 -47.41 -60.70
CA LEU DA 69 -32.81 -45.96 -60.53
C LEU DA 69 -33.40 -45.24 -61.72
N PRO DA 70 -33.03 -45.56 -62.97
CA PRO DA 70 -33.71 -44.91 -64.10
C PRO DA 70 -35.22 -45.12 -64.09
N PHE DA 71 -35.67 -46.31 -63.74
CA PHE DA 71 -37.10 -46.57 -63.72
C PHE DA 71 -37.77 -45.79 -62.60
N GLN DA 72 -37.10 -45.69 -61.45
CA GLN DA 72 -37.65 -44.90 -60.35
C GLN DA 72 -37.74 -43.42 -60.73
N ARG DA 73 -36.70 -42.89 -61.35
CA ARG DA 73 -36.72 -41.51 -61.80
C ARG DA 73 -37.80 -41.27 -62.85
N LEU DA 74 -38.00 -42.21 -63.76
CA LEU DA 74 -39.06 -42.07 -64.74
C LEU DA 74 -40.43 -42.07 -64.06
N VAL DA 75 -40.62 -42.97 -63.09
CA VAL DA 75 -41.90 -43.05 -62.39
C VAL DA 75 -42.18 -41.76 -61.64
N ARG DA 76 -41.17 -41.22 -60.96
CA ARG DA 76 -41.36 -39.98 -60.23
C ARG DA 76 -41.61 -38.81 -61.16
N GLU DA 77 -40.92 -38.77 -62.30
CA GLU DA 77 -41.16 -37.72 -63.28
C GLU DA 77 -42.60 -37.76 -63.77
N ILE DA 78 -43.09 -38.95 -64.09
CA ILE DA 78 -44.46 -39.07 -64.57
C ILE DA 78 -45.44 -38.69 -63.46
N ALA DA 79 -45.22 -39.20 -62.25
CA ALA DA 79 -46.15 -38.96 -61.15
C ALA DA 79 -46.20 -37.49 -60.77
N GLN DA 80 -45.11 -36.78 -60.95
CA GLN DA 80 -45.06 -35.37 -60.56
C GLN DA 80 -46.00 -34.52 -61.40
N ASP DA 81 -46.53 -35.05 -62.51
CA ASP DA 81 -47.49 -34.32 -63.32
C ASP DA 81 -48.93 -34.49 -62.84
N PHE DA 82 -49.18 -35.30 -61.82
CA PHE DA 82 -50.52 -35.42 -61.28
C PHE DA 82 -50.68 -34.87 -59.87
N LYS DA 83 -49.64 -34.94 -59.05
CA LYS DA 83 -49.69 -34.41 -57.70
C LYS DA 83 -48.28 -34.31 -57.16
N THR DA 84 -47.91 -33.12 -56.69
CA THR DA 84 -46.58 -32.92 -56.15
C THR DA 84 -46.49 -33.52 -54.75
N ASP DA 85 -45.26 -33.83 -54.36
CA ASP DA 85 -44.94 -34.47 -53.08
C ASP DA 85 -45.75 -35.77 -52.90
N LEU DA 86 -45.48 -36.72 -53.78
CA LEU DA 86 -46.00 -38.07 -53.68
C LEU DA 86 -44.88 -39.00 -53.27
N ARG DA 87 -45.20 -39.99 -52.44
CA ARG DA 87 -44.22 -40.99 -52.03
C ARG DA 87 -44.61 -42.36 -52.56
N PHE DA 88 -43.60 -43.16 -52.86
CA PHE DA 88 -43.76 -44.50 -53.41
C PHE DA 88 -43.04 -45.50 -52.52
N GLN DA 89 -43.76 -46.51 -52.05
CA GLN DA 89 -43.11 -47.67 -51.47
C GLN DA 89 -42.26 -48.37 -52.51
N SER DA 90 -41.10 -48.89 -52.09
CA SER DA 90 -40.22 -49.59 -53.01
C SER DA 90 -40.93 -50.76 -53.68
N ALA DA 91 -41.86 -51.41 -52.97
CA ALA DA 91 -42.60 -52.51 -53.56
C ALA DA 91 -43.52 -52.04 -54.68
N ALA DA 92 -44.00 -50.81 -54.58
CA ALA DA 92 -44.82 -50.25 -55.66
C ALA DA 92 -44.00 -50.11 -56.93
N ILE DA 93 -42.79 -49.57 -56.81
CA ILE DA 93 -41.90 -49.48 -57.96
C ILE DA 93 -41.55 -50.85 -58.50
N GLY DA 94 -41.29 -51.81 -57.61
CA GLY DA 94 -40.98 -53.15 -58.08
C GLY DA 94 -42.12 -53.78 -58.85
N ALA DA 95 -43.35 -53.63 -58.33
CA ALA DA 95 -44.51 -54.17 -59.02
C ALA DA 95 -44.71 -53.49 -60.36
N LEU DA 96 -44.52 -52.17 -60.40
CA LEU DA 96 -44.66 -51.44 -61.66
C LEU DA 96 -43.63 -51.93 -62.67
N GLN DA 97 -42.41 -52.19 -62.22
CA GLN DA 97 -41.38 -52.64 -63.15
C GLN DA 97 -41.68 -54.03 -63.66
N GLU DA 98 -42.14 -54.92 -62.78
CA GLU DA 98 -42.53 -56.26 -63.22
C GLU DA 98 -43.65 -56.20 -64.25
N ALA DA 99 -44.69 -55.41 -63.97
CA ALA DA 99 -45.80 -55.32 -64.89
C ALA DA 99 -45.38 -54.71 -66.22
N SER DA 100 -44.54 -53.68 -66.17
CA SER DA 100 -44.12 -53.01 -67.39
C SER DA 100 -43.28 -53.92 -68.26
N GLU DA 101 -42.37 -54.68 -67.64
CA GLU DA 101 -41.55 -55.59 -68.43
C GLU DA 101 -42.39 -56.74 -68.98
N ALA DA 102 -43.33 -57.27 -68.19
CA ALA DA 102 -44.17 -58.33 -68.70
C ALA DA 102 -45.00 -57.86 -69.88
N TYR DA 103 -45.54 -56.65 -69.78
CA TYR DA 103 -46.31 -56.06 -70.85
C TYR DA 103 -45.45 -55.90 -72.09
N LEU DA 104 -44.25 -55.35 -71.91
CA LEU DA 104 -43.39 -55.09 -73.07
C LEU DA 104 -42.94 -56.39 -73.72
N VAL DA 105 -42.72 -57.44 -72.94
CA VAL DA 105 -42.31 -58.71 -73.52
C VAL DA 105 -43.45 -59.33 -74.31
N GLY DA 106 -44.67 -59.27 -73.77
CA GLY DA 106 -45.80 -59.76 -74.55
C GLY DA 106 -45.99 -58.98 -75.83
N LEU DA 107 -45.82 -57.66 -75.76
CA LEU DA 107 -45.94 -56.83 -76.95
C LEU DA 107 -44.86 -57.18 -77.97
N PHE DA 108 -43.64 -57.45 -77.49
CA PHE DA 108 -42.57 -57.82 -78.41
C PHE DA 108 -42.81 -59.18 -79.03
N GLU DA 109 -43.47 -60.08 -78.31
CA GLU DA 109 -43.83 -61.36 -78.88
C GLU DA 109 -44.87 -61.20 -80.00
N ASP DA 110 -45.89 -60.40 -79.75
CA ASP DA 110 -46.86 -60.12 -80.82
C ASP DA 110 -46.20 -59.42 -82.00
N THR DA 111 -45.29 -58.49 -81.73
CA THR DA 111 -44.58 -57.80 -82.80
C THR DA 111 -43.76 -58.79 -83.62
N ASN DA 112 -43.09 -59.72 -82.95
CA ASN DA 112 -42.31 -60.74 -83.65
C ASN DA 112 -43.22 -61.61 -84.51
N LEU DA 113 -44.40 -61.95 -83.99
CA LEU DA 113 -45.35 -62.72 -84.79
C LEU DA 113 -45.76 -61.96 -86.04
N CYS DA 114 -46.04 -60.66 -85.90
CA CYS DA 114 -46.41 -59.86 -87.06
C CYS DA 114 -45.28 -59.80 -88.06
N ALA DA 115 -44.06 -59.60 -87.58
CA ALA DA 115 -42.90 -59.48 -88.47
C ALA DA 115 -42.68 -60.78 -89.23
N ILE DA 116 -42.83 -61.91 -88.55
CA ILE DA 116 -42.67 -63.19 -89.23
C ILE DA 116 -43.81 -63.40 -90.22
N HIS DA 117 -45.00 -62.94 -89.87
CA HIS DA 117 -46.11 -63.00 -90.81
C HIS DA 117 -45.79 -62.23 -92.08
N ALA DA 118 -45.19 -61.06 -91.95
CA ALA DA 118 -44.90 -60.33 -93.19
C ALA DA 118 -43.73 -60.93 -93.97
N LYS DA 119 -43.25 -62.09 -93.57
CA LYS DA 119 -42.10 -62.75 -94.19
C LYS DA 119 -40.82 -61.92 -94.04
N ARG DA 120 -40.58 -61.43 -92.82
CA ARG DA 120 -39.37 -60.68 -92.53
C ARG DA 120 -38.75 -61.20 -91.23
N VAL DA 121 -37.67 -60.53 -90.84
CA VAL DA 121 -36.97 -60.85 -89.59
C VAL DA 121 -36.77 -59.64 -88.71
N THR DA 122 -36.85 -58.43 -89.27
CA THR DA 122 -36.61 -57.20 -88.53
C THR DA 122 -37.96 -56.62 -88.13
N ILE DA 123 -38.15 -56.38 -86.85
CA ILE DA 123 -39.35 -55.74 -86.35
C ILE DA 123 -39.28 -54.25 -86.63
N MET DA 124 -40.42 -53.66 -86.98
CA MET DA 124 -40.50 -52.29 -87.44
C MET DA 124 -41.63 -51.57 -86.71
N PRO DA 125 -41.60 -50.24 -86.66
CA PRO DA 125 -42.67 -49.51 -85.97
C PRO DA 125 -44.06 -49.81 -86.51
N LYS DA 126 -44.18 -50.06 -87.81
CA LYS DA 126 -45.48 -50.42 -88.36
C LYS DA 126 -45.96 -51.75 -87.82
N ASP DA 127 -45.05 -52.66 -87.52
CA ASP DA 127 -45.43 -53.92 -86.88
C ASP DA 127 -46.00 -53.67 -85.50
N ILE DA 128 -45.36 -52.80 -84.72
CA ILE DA 128 -45.86 -52.46 -83.38
C ILE DA 128 -47.24 -51.83 -83.48
N GLN DA 129 -47.40 -50.89 -84.42
CA GLN DA 129 -48.69 -50.22 -84.55
C GLN DA 129 -49.78 -51.19 -84.95
N LEU DA 130 -49.44 -52.14 -85.84
CA LEU DA 130 -50.43 -53.13 -86.24
C LEU DA 130 -50.79 -54.04 -85.08
N ALA DA 131 -49.80 -54.47 -84.29
CA ALA DA 131 -50.09 -55.33 -83.16
C ALA DA 131 -50.95 -54.60 -82.12
N ARG DA 132 -50.66 -53.33 -81.87
CA ARG DA 132 -51.43 -52.59 -80.89
C ARG DA 132 -52.83 -52.30 -81.39
N ARG DA 133 -52.99 -52.16 -82.70
CA ARG DA 133 -54.31 -51.96 -83.27
C ARG DA 133 -55.13 -53.24 -83.19
N ILE DA 134 -54.50 -54.37 -83.50
CA ILE DA 134 -55.23 -55.64 -83.50
C ILE DA 134 -55.60 -56.02 -82.07
N ARG DA 135 -54.71 -55.75 -81.11
CA ARG DA 135 -55.08 -56.00 -79.71
C ARG DA 135 -56.29 -55.20 -79.32
N GLY DA 136 -56.46 -54.02 -79.88
CA GLY DA 136 -57.47 -53.09 -79.47
C GLY DA 136 -56.97 -52.03 -78.53
N GLU DA 137 -55.71 -51.61 -78.68
CA GLU DA 137 -55.12 -50.62 -77.79
C GLU DA 137 -55.07 -49.24 -78.43
N ARG DA 138 -54.59 -49.16 -79.67
CA ARG DA 138 -54.77 -47.98 -80.49
C ARG DA 138 -56.05 -48.11 -81.31
N ALA DA 139 -56.77 -47.01 -81.44
CA ALA DA 139 -58.00 -46.98 -82.24
C ALA DA 139 -57.69 -47.16 -83.72
N ASN EA 29 -36.07 -38.04 -68.07
CA ASN EA 29 -35.97 -39.31 -67.39
C ASN EA 29 -36.45 -40.45 -68.27
N ILE EA 30 -37.01 -40.12 -69.44
CA ILE EA 30 -37.39 -41.15 -70.39
C ILE EA 30 -36.20 -41.64 -71.21
N GLN EA 31 -35.08 -40.93 -71.18
CA GLN EA 31 -33.89 -41.40 -71.84
C GLN EA 31 -33.10 -42.38 -70.98
N GLY EA 32 -33.55 -42.62 -69.75
CA GLY EA 32 -32.97 -43.66 -68.92
C GLY EA 32 -33.26 -45.06 -69.40
N ILE EA 33 -34.29 -45.23 -70.23
CA ILE EA 33 -34.53 -46.53 -70.85
C ILE EA 33 -33.64 -46.65 -72.08
N THR EA 34 -32.43 -47.17 -71.86
CA THR EA 34 -31.42 -47.12 -72.91
C THR EA 34 -31.73 -48.14 -74.00
N LYS EA 35 -31.00 -48.00 -75.10
CA LYS EA 35 -31.14 -48.93 -76.23
C LYS EA 35 -30.79 -50.37 -75.85
N PRO EA 36 -29.71 -50.65 -75.10
CA PRO EA 36 -29.46 -52.03 -74.66
C PRO EA 36 -30.59 -52.64 -73.86
N ALA EA 37 -31.31 -51.84 -73.06
CA ALA EA 37 -32.39 -52.41 -72.26
C ALA EA 37 -33.54 -52.87 -73.17
N ILE EA 38 -33.88 -52.06 -74.16
CA ILE EA 38 -34.90 -52.44 -75.13
C ILE EA 38 -34.44 -53.65 -75.94
N ARG EA 39 -33.15 -53.71 -76.26
CA ARG EA 39 -32.63 -54.88 -76.95
C ARG EA 39 -32.77 -56.13 -76.09
N ARG EA 40 -32.45 -56.02 -74.78
CA ARG EA 40 -32.60 -57.12 -73.80
C ARG EA 40 -34.04 -57.59 -73.74
N LEU EA 41 -34.98 -56.66 -73.68
CA LEU EA 41 -36.40 -57.01 -73.64
C LEU EA 41 -36.85 -57.69 -74.93
N ALA EA 42 -36.31 -57.25 -76.07
CA ALA EA 42 -36.69 -57.89 -77.32
C ALA EA 42 -36.07 -59.28 -77.43
N ARG EA 43 -34.86 -59.47 -76.90
CA ARG EA 43 -34.25 -60.78 -76.96
C ARG EA 43 -34.96 -61.78 -76.06
N ARG EA 44 -35.43 -61.33 -74.89
CA ARG EA 44 -36.23 -62.25 -74.10
C ARG EA 44 -37.58 -62.52 -74.77
N GLY EA 45 -38.06 -61.59 -75.59
CA GLY EA 45 -39.23 -61.83 -76.41
C GLY EA 45 -38.99 -62.57 -77.69
N GLY EA 46 -37.75 -62.99 -77.94
CA GLY EA 46 -37.45 -63.79 -79.11
C GLY EA 46 -37.19 -63.04 -80.39
N VAL EA 47 -36.93 -61.73 -80.31
CA VAL EA 47 -36.75 -60.92 -81.50
C VAL EA 47 -35.31 -61.02 -81.96
N LYS EA 48 -35.10 -61.25 -83.25
CA LYS EA 48 -33.76 -61.46 -83.78
C LYS EA 48 -33.14 -60.19 -84.35
N ARG EA 49 -33.91 -59.35 -85.02
CA ARG EA 49 -33.40 -58.13 -85.63
C ARG EA 49 -34.29 -56.97 -85.25
N ILE EA 50 -33.70 -55.80 -85.03
CA ILE EA 50 -34.42 -54.66 -84.50
C ILE EA 50 -34.12 -53.44 -85.34
N SER EA 51 -35.17 -52.73 -85.76
CA SER EA 51 -35.01 -51.47 -86.48
C SER EA 51 -34.46 -50.39 -85.55
N GLY EA 52 -34.28 -49.20 -86.10
CA GLY EA 52 -33.70 -48.12 -85.32
C GLY EA 52 -34.75 -47.24 -84.66
N LEU EA 53 -35.98 -47.29 -85.18
CA LEU EA 53 -37.05 -46.49 -84.62
C LEU EA 53 -37.82 -47.24 -83.54
N ILE EA 54 -37.51 -48.53 -83.38
CA ILE EA 54 -38.21 -49.35 -82.40
C ILE EA 54 -38.01 -48.77 -81.00
N TYR EA 55 -36.87 -48.15 -80.76
CA TYR EA 55 -36.57 -47.66 -79.42
C TYR EA 55 -37.49 -46.51 -79.04
N GLU EA 56 -37.64 -45.53 -79.95
CA GLU EA 56 -38.55 -44.44 -79.69
C GLU EA 56 -40.00 -44.92 -79.63
N GLU EA 57 -40.37 -45.85 -80.51
CA GLU EA 57 -41.72 -46.37 -80.48
C GLU EA 57 -42.02 -47.03 -79.14
N THR EA 58 -41.07 -47.82 -78.64
CA THR EA 58 -41.24 -48.52 -77.38
C THR EA 58 -41.29 -47.54 -76.22
N ARG EA 59 -40.47 -46.49 -76.27
CA ARG EA 59 -40.52 -45.49 -75.23
C ARG EA 59 -41.89 -44.81 -75.18
N GLY EA 60 -42.46 -44.51 -76.35
CA GLY EA 60 -43.80 -43.94 -76.36
C GLY EA 60 -44.85 -44.88 -75.80
N VAL EA 61 -44.78 -46.15 -76.19
CA VAL EA 61 -45.78 -47.12 -75.71
C VAL EA 61 -45.67 -47.29 -74.20
N LEU EA 62 -44.44 -47.40 -73.70
CA LEU EA 62 -44.23 -47.56 -72.27
C LEU EA 62 -44.71 -46.33 -71.51
N LYS EA 63 -44.48 -45.15 -72.08
CA LYS EA 63 -44.94 -43.94 -71.42
C LYS EA 63 -46.45 -43.92 -71.32
N VAL EA 64 -47.15 -44.34 -72.37
CA VAL EA 64 -48.61 -44.36 -72.32
C VAL EA 64 -49.09 -45.34 -71.26
N PHE EA 65 -48.52 -46.55 -71.26
CA PHE EA 65 -48.91 -47.56 -70.28
C PHE EA 65 -48.70 -47.06 -68.86
N LEU EA 66 -47.51 -46.52 -68.58
CA LEU EA 66 -47.19 -46.06 -67.24
C LEU EA 66 -48.06 -44.89 -66.85
N GLU EA 67 -48.37 -44.01 -67.80
CA GLU EA 67 -49.24 -42.88 -67.50
C GLU EA 67 -50.59 -43.36 -67.01
N ASN EA 68 -51.19 -44.31 -67.73
CA ASN EA 68 -52.49 -44.82 -67.33
C ASN EA 68 -52.44 -45.48 -65.96
N VAL EA 69 -51.43 -46.35 -65.76
CA VAL EA 69 -51.39 -47.12 -64.52
C VAL EA 69 -51.14 -46.21 -63.33
N ILE EA 70 -50.22 -45.25 -63.47
CA ILE EA 70 -49.91 -44.36 -62.36
C ILE EA 70 -51.07 -43.43 -62.10
N ARG EA 71 -51.81 -43.04 -63.13
CA ARG EA 71 -52.99 -42.21 -62.91
C ARG EA 71 -54.02 -42.95 -62.08
N ASP EA 72 -54.26 -44.22 -62.41
CA ASP EA 72 -55.20 -45.01 -61.60
C ASP EA 72 -54.70 -45.18 -60.18
N ALA EA 73 -53.41 -45.45 -60.01
CA ALA EA 73 -52.86 -45.64 -58.68
C ALA EA 73 -53.00 -44.37 -57.84
N VAL EA 74 -52.72 -43.22 -58.46
CA VAL EA 74 -52.81 -41.96 -57.72
C VAL EA 74 -54.26 -41.65 -57.40
N THR EA 75 -55.20 -42.05 -58.26
CA THR EA 75 -56.61 -41.90 -57.92
C THR EA 75 -56.94 -42.71 -56.66
N TYR EA 76 -56.49 -43.96 -56.63
CA TYR EA 76 -56.71 -44.78 -55.44
C TYR EA 76 -56.11 -44.15 -54.20
N THR EA 77 -54.88 -43.63 -54.32
CA THR EA 77 -54.21 -43.05 -53.17
C THR EA 77 -54.95 -41.82 -52.66
N GLU EA 78 -55.29 -40.89 -53.57
CA GLU EA 78 -56.06 -39.71 -53.17
C GLU EA 78 -57.36 -40.11 -52.49
N HIS EA 79 -58.05 -41.13 -53.02
CA HIS EA 79 -59.28 -41.55 -52.36
C HIS EA 79 -59.00 -42.05 -50.96
N ALA EA 80 -57.93 -42.84 -50.80
CA ALA EA 80 -57.58 -43.29 -49.45
C ALA EA 80 -57.02 -42.18 -48.58
N LYS EA 81 -56.95 -40.95 -49.10
CA LYS EA 81 -56.50 -39.80 -48.32
C LYS EA 81 -55.06 -39.98 -47.84
N ARG EA 82 -54.21 -40.50 -48.71
CA ARG EA 82 -52.80 -40.73 -48.42
C ARG EA 82 -51.92 -39.83 -49.28
N LYS EA 83 -50.67 -39.69 -48.86
CA LYS EA 83 -49.65 -39.00 -49.65
C LYS EA 83 -48.59 -39.95 -50.16
N THR EA 84 -48.66 -41.22 -49.79
CA THR EA 84 -47.72 -42.26 -50.23
C THR EA 84 -48.46 -43.26 -51.10
N VAL EA 85 -47.83 -43.68 -52.19
CA VAL EA 85 -48.41 -44.68 -53.07
C VAL EA 85 -47.96 -46.07 -52.63
N THR EA 86 -48.91 -46.89 -52.20
CA THR EA 86 -48.63 -48.21 -51.66
C THR EA 86 -48.60 -49.24 -52.78
N ALA EA 87 -48.24 -50.48 -52.41
CA ALA EA 87 -48.30 -51.57 -53.38
C ALA EA 87 -49.73 -52.01 -53.65
N MET EA 88 -50.63 -51.79 -52.67
CA MET EA 88 -52.03 -52.15 -52.86
C MET EA 88 -52.67 -51.29 -53.95
N ASP EA 89 -52.30 -50.02 -54.02
CA ASP EA 89 -52.85 -49.16 -55.05
C ASP EA 89 -52.42 -49.65 -56.43
N VAL EA 90 -51.16 -50.02 -56.59
CA VAL EA 90 -50.69 -50.54 -57.86
C VAL EA 90 -51.40 -51.84 -58.21
N VAL EA 91 -51.59 -52.71 -57.22
CA VAL EA 91 -52.21 -54.00 -57.50
C VAL EA 91 -53.66 -53.82 -57.91
N TYR EA 92 -54.39 -52.93 -57.22
CA TYR EA 92 -55.77 -52.67 -57.59
C TYR EA 92 -55.86 -51.95 -58.92
N ALA EA 93 -54.89 -51.09 -59.24
CA ALA EA 93 -54.92 -50.43 -60.54
C ALA EA 93 -54.65 -51.42 -61.67
N LEU EA 94 -53.81 -52.42 -61.43
CA LEU EA 94 -53.60 -53.44 -62.45
C LEU EA 94 -54.80 -54.37 -62.58
N LYS EA 95 -55.44 -54.68 -61.46
CA LYS EA 95 -56.68 -55.44 -61.51
C LYS EA 95 -57.76 -54.67 -62.25
N ARG EA 96 -57.72 -53.34 -62.14
CA ARG EA 96 -58.65 -52.50 -62.87
C ARG EA 96 -58.44 -52.63 -64.37
N GLN EA 97 -57.18 -52.62 -64.81
CA GLN EA 97 -56.89 -52.79 -66.23
C GLN EA 97 -57.09 -54.22 -66.71
N GLY EA 98 -57.05 -55.20 -65.82
CA GLY EA 98 -57.09 -56.58 -66.23
C GLY EA 98 -55.75 -57.26 -66.28
N ARG EA 99 -54.74 -56.67 -65.63
CA ARG EA 99 -53.38 -57.17 -65.65
C ARG EA 99 -52.99 -57.78 -64.32
N THR EA 100 -53.91 -58.57 -63.76
CA THR EA 100 -53.76 -59.14 -62.41
C THR EA 100 -52.34 -59.63 -62.16
N LEU EA 101 -51.79 -59.19 -61.03
CA LEU EA 101 -50.42 -59.50 -60.64
C LEU EA 101 -50.44 -60.28 -59.34
N TYR EA 102 -49.70 -61.40 -59.31
CA TYR EA 102 -49.59 -62.23 -58.13
C TYR EA 102 -48.25 -61.99 -57.46
N GLY EA 103 -48.24 -62.05 -56.14
CA GLY EA 103 -47.01 -62.02 -55.38
C GLY EA 103 -46.69 -60.69 -54.74
N PHE EA 104 -47.66 -59.78 -54.68
CA PHE EA 104 -47.46 -58.48 -54.05
C PHE EA 104 -48.55 -58.17 -53.03
N GLY EA 105 -49.18 -59.20 -52.48
CA GLY EA 105 -50.17 -59.04 -51.43
C GLY EA 105 -51.60 -59.10 -51.89
N GLY EA 106 -51.86 -59.38 -53.17
CA GLY EA 106 -53.20 -59.48 -53.69
C GLY EA 106 -54.05 -60.56 -53.05
N ALA FA 18 -91.10 -28.50 -53.09
CA ALA FA 18 -90.41 -29.56 -53.83
C ALA FA 18 -90.43 -30.87 -53.05
N LYS FA 19 -91.44 -31.70 -53.33
CA LYS FA 19 -91.63 -32.93 -52.58
C LYS FA 19 -90.62 -33.99 -53.00
N THR FA 20 -90.62 -34.34 -54.29
CA THR FA 20 -89.73 -35.37 -54.78
C THR FA 20 -88.28 -34.92 -54.58
N ARG FA 21 -87.41 -35.89 -54.30
CA ARG FA 21 -86.01 -35.54 -54.10
C ARG FA 21 -85.35 -35.10 -55.40
N SER FA 22 -85.89 -35.48 -56.55
CA SER FA 22 -85.36 -35.00 -57.82
C SER FA 22 -85.53 -33.49 -57.94
N SER FA 23 -86.69 -32.99 -57.52
CA SER FA 23 -86.95 -31.55 -57.57
C SER FA 23 -86.00 -30.79 -56.65
N ARG FA 24 -85.76 -31.32 -55.46
CA ARG FA 24 -84.88 -30.65 -54.50
C ARG FA 24 -83.45 -30.60 -55.00
N ALA FA 25 -83.12 -31.40 -56.00
CA ALA FA 25 -81.80 -31.43 -56.62
C ALA FA 25 -81.83 -30.92 -58.05
N GLY FA 26 -83.00 -30.57 -58.57
CA GLY FA 26 -83.12 -30.08 -59.93
C GLY FA 26 -82.80 -31.11 -60.97
N LEU FA 27 -83.20 -32.35 -60.74
CA LEU FA 27 -82.89 -33.47 -61.63
C LEU FA 27 -84.16 -33.98 -62.28
N GLN FA 28 -83.97 -34.80 -63.31
CA GLN FA 28 -85.05 -35.50 -63.98
C GLN FA 28 -85.09 -36.98 -63.68
N PHE FA 29 -83.96 -37.59 -63.35
CA PHE FA 29 -83.93 -38.99 -62.99
C PHE FA 29 -84.48 -39.19 -61.58
N PRO FA 30 -84.97 -40.40 -61.25
CA PRO FA 30 -85.59 -40.61 -59.94
C PRO FA 30 -84.55 -40.88 -58.86
N VAL FA 31 -84.44 -39.96 -57.91
CA VAL FA 31 -83.56 -40.17 -56.77
C VAL FA 31 -84.05 -41.32 -55.92
N GLY FA 32 -85.35 -41.39 -55.71
CA GLY FA 32 -85.91 -42.45 -54.85
C GLY FA 32 -85.65 -43.85 -55.38
N ARG FA 33 -85.86 -44.05 -56.68
CA ARG FA 33 -85.63 -45.36 -57.26
C ARG FA 33 -84.15 -45.75 -57.18
N VAL FA 34 -83.27 -44.80 -57.46
CA VAL FA 34 -81.83 -45.09 -57.38
C VAL FA 34 -81.45 -45.43 -55.95
N HIS FA 35 -82.06 -44.73 -54.98
CA HIS FA 35 -81.82 -45.04 -53.58
C HIS FA 35 -82.28 -46.46 -53.24
N ARG FA 36 -83.48 -46.82 -53.70
CA ARG FA 36 -83.98 -48.17 -53.45
C ARG FA 36 -83.10 -49.24 -54.09
N LEU FA 37 -82.63 -48.99 -55.31
CA LEU FA 37 -81.79 -49.97 -55.98
C LEU FA 37 -80.42 -50.07 -55.33
N LEU FA 38 -79.90 -48.96 -54.81
CA LEU FA 38 -78.63 -48.99 -54.11
C LEU FA 38 -78.76 -49.73 -52.80
N ARG FA 39 -79.90 -49.58 -52.13
CA ARG FA 39 -80.12 -50.29 -50.88
C ARG FA 39 -80.48 -51.74 -51.14
N LYS FA 40 -81.56 -51.97 -51.86
CA LYS FA 40 -81.97 -53.34 -52.17
C LYS FA 40 -81.16 -53.86 -53.34
N GLY FA 41 -79.83 -53.76 -53.25
CA GLY FA 41 -78.98 -54.27 -54.29
C GLY FA 41 -77.76 -54.99 -53.75
N ASN FA 42 -77.59 -54.96 -52.43
CA ASN FA 42 -76.47 -55.63 -51.76
C ASN FA 42 -75.14 -55.10 -52.29
N TYR FA 43 -74.91 -53.81 -52.07
CA TYR FA 43 -73.62 -53.20 -52.39
C TYR FA 43 -72.81 -52.81 -51.17
N SER FA 44 -73.44 -52.29 -50.12
CA SER FA 44 -72.73 -51.94 -48.90
C SER FA 44 -73.74 -51.87 -47.76
N GLU FA 45 -73.22 -51.92 -46.53
CA GLU FA 45 -74.10 -51.94 -45.38
C GLU FA 45 -74.92 -50.66 -45.29
N ARG FA 46 -74.32 -49.53 -45.63
CA ARG FA 46 -74.99 -48.24 -45.51
C ARG FA 46 -74.83 -47.47 -46.82
N VAL FA 47 -75.72 -46.52 -47.01
CA VAL FA 47 -75.70 -45.64 -48.19
C VAL FA 47 -75.80 -44.21 -47.70
N GLY FA 48 -75.07 -43.31 -48.36
CA GLY FA 48 -75.11 -41.91 -47.95
C GLY FA 48 -76.43 -41.25 -48.28
N ALA FA 49 -76.46 -39.92 -48.24
CA ALA FA 49 -77.62 -39.18 -48.71
C ALA FA 49 -77.40 -38.48 -50.04
N GLY FA 50 -76.16 -38.18 -50.40
CA GLY FA 50 -75.86 -37.55 -51.66
C GLY FA 50 -75.27 -38.45 -52.71
N ALA FA 51 -75.03 -39.72 -52.39
CA ALA FA 51 -74.56 -40.65 -53.42
C ALA FA 51 -75.64 -40.88 -54.47
N PRO FA 52 -76.91 -41.16 -54.14
CA PRO FA 52 -77.93 -41.25 -55.19
C PRO FA 52 -78.06 -39.98 -56.00
N VAL FA 53 -77.94 -38.81 -55.35
CA VAL FA 53 -78.08 -37.55 -56.06
C VAL FA 53 -76.94 -37.41 -57.06
N TYR FA 54 -75.72 -37.71 -56.62
CA TYR FA 54 -74.55 -37.55 -57.47
C TYR FA 54 -74.64 -38.49 -58.65
N LEU FA 55 -75.03 -39.74 -58.40
CA LEU FA 55 -75.11 -40.72 -59.47
C LEU FA 55 -76.21 -40.38 -60.46
N ALA FA 56 -77.37 -39.92 -59.97
CA ALA FA 56 -78.43 -39.50 -60.88
C ALA FA 56 -77.99 -38.32 -61.74
N ALA FA 57 -77.27 -37.37 -61.15
CA ALA FA 57 -76.76 -36.25 -61.92
C ALA FA 57 -75.82 -36.71 -63.01
N VAL FA 58 -74.92 -37.64 -62.67
CA VAL FA 58 -73.98 -38.14 -63.66
C VAL FA 58 -74.71 -38.87 -64.78
N LEU FA 59 -75.68 -39.69 -64.42
CA LEU FA 59 -76.41 -40.45 -65.42
C LEU FA 59 -77.19 -39.54 -66.35
N GLU FA 60 -77.86 -38.53 -65.79
CA GLU FA 60 -78.59 -37.58 -66.61
C GLU FA 60 -77.65 -36.81 -67.54
N TYR FA 61 -76.50 -36.41 -67.03
CA TYR FA 61 -75.53 -35.70 -67.86
C TYR FA 61 -75.06 -36.57 -69.02
N LEU FA 62 -74.77 -37.84 -68.73
CA LEU FA 62 -74.27 -38.72 -69.78
C LEU FA 62 -75.34 -39.00 -70.84
N THR FA 63 -76.59 -39.19 -70.41
CA THR FA 63 -77.65 -39.40 -71.38
C THR FA 63 -77.84 -38.17 -72.24
N ALA FA 64 -77.76 -36.98 -71.64
CA ALA FA 64 -77.87 -35.76 -72.45
C ALA FA 64 -76.71 -35.66 -73.44
N GLU FA 65 -75.51 -36.02 -73.00
CA GLU FA 65 -74.34 -36.01 -73.86
C GLU FA 65 -74.56 -36.91 -75.07
N ILE FA 66 -75.08 -38.11 -74.84
CA ILE FA 66 -75.31 -39.04 -75.94
C ILE FA 66 -76.43 -38.56 -76.85
N LEU FA 67 -77.51 -38.05 -76.25
CA LEU FA 67 -78.67 -37.65 -77.07
C LEU FA 67 -78.37 -36.44 -77.92
N GLU FA 68 -77.48 -35.55 -77.48
CA GLU FA 68 -77.08 -34.44 -78.34
C GLU FA 68 -76.47 -34.94 -79.64
N LEU FA 69 -75.51 -35.86 -79.55
CA LEU FA 69 -74.84 -36.32 -80.75
C LEU FA 69 -75.74 -37.22 -81.57
N ALA FA 70 -76.63 -37.96 -80.92
CA ALA FA 70 -77.59 -38.76 -81.68
C ALA FA 70 -78.57 -37.89 -82.44
N GLY FA 71 -79.01 -36.80 -81.83
CA GLY FA 71 -79.83 -35.84 -82.54
C GLY FA 71 -79.11 -35.19 -83.70
N ASN FA 72 -77.84 -34.85 -83.49
CA ASN FA 72 -77.02 -34.32 -84.58
C ASN FA 72 -76.95 -35.31 -85.74
N ALA FA 73 -76.68 -36.57 -85.44
CA ALA FA 73 -76.56 -37.55 -86.51
C ALA FA 73 -77.89 -37.80 -87.20
N ALA FA 74 -79.01 -37.78 -86.45
CA ALA FA 74 -80.30 -37.97 -87.08
C ALA FA 74 -80.70 -36.77 -87.91
N ARG FA 75 -80.21 -35.59 -87.56
CA ARG FA 75 -80.48 -34.39 -88.34
C ARG FA 75 -79.58 -34.29 -89.56
N ASP FA 76 -78.41 -34.93 -89.52
CA ASP FA 76 -77.56 -35.00 -90.69
C ASP FA 76 -78.09 -35.99 -91.71
N ASN FA 77 -78.98 -36.89 -91.30
CA ASN FA 77 -79.61 -37.83 -92.21
C ASN FA 77 -81.06 -37.44 -92.49
N LYS FA 78 -81.44 -36.20 -92.16
CA LYS FA 78 -82.77 -35.68 -92.44
C LYS FA 78 -83.86 -36.57 -91.85
N LYS FA 79 -83.64 -37.03 -90.62
CA LYS FA 79 -84.59 -37.91 -89.95
C LYS FA 79 -85.03 -37.31 -88.62
N THR FA 80 -86.32 -37.47 -88.32
CA THR FA 80 -86.88 -36.94 -87.09
C THR FA 80 -86.78 -37.91 -85.92
N ARG FA 81 -86.73 -39.21 -86.20
CA ARG FA 81 -86.65 -40.21 -85.15
C ARG FA 81 -85.23 -40.74 -85.03
N ILE FA 82 -84.79 -40.96 -83.81
CA ILE FA 82 -83.50 -41.56 -83.53
C ILE FA 82 -83.64 -43.07 -83.58
N ILE FA 83 -82.76 -43.72 -84.34
CA ILE FA 83 -82.78 -45.18 -84.44
C ILE FA 83 -81.44 -45.73 -83.99
N PRO FA 84 -81.30 -47.05 -83.84
CA PRO FA 84 -80.01 -47.60 -83.42
C PRO FA 84 -78.85 -47.18 -84.31
N ARG FA 85 -79.12 -46.92 -85.58
CA ARG FA 85 -78.05 -46.46 -86.47
C ARG FA 85 -77.44 -45.16 -85.98
N HIS FA 86 -78.28 -44.23 -85.53
CA HIS FA 86 -77.77 -42.94 -85.11
C HIS FA 86 -77.04 -43.06 -83.78
N LEU FA 87 -77.50 -43.94 -82.90
CA LEU FA 87 -76.76 -44.21 -81.66
C LEU FA 87 -75.40 -44.82 -81.95
N GLN FA 88 -75.35 -45.75 -82.90
CA GLN FA 88 -74.07 -46.34 -83.28
C GLN FA 88 -73.13 -45.28 -83.84
N LEU FA 89 -73.65 -44.41 -84.71
CA LEU FA 89 -72.83 -43.35 -85.28
C LEU FA 89 -72.32 -42.42 -84.20
N ALA FA 90 -73.20 -41.96 -83.31
CA ALA FA 90 -72.81 -41.10 -82.21
C ALA FA 90 -71.73 -41.72 -81.35
N ILE FA 91 -71.86 -43.01 -81.02
CA ILE FA 91 -70.88 -43.63 -80.14
C ILE FA 91 -69.55 -43.83 -80.86
N ARG FA 92 -69.58 -44.37 -82.07
CA ARG FA 92 -68.35 -44.69 -82.77
C ARG FA 92 -67.67 -43.47 -83.34
N ASN FA 93 -68.34 -42.32 -83.35
CA ASN FA 93 -67.75 -41.09 -83.85
C ASN FA 93 -67.17 -40.23 -82.74
N ASP FA 94 -67.60 -40.43 -81.49
CA ASP FA 94 -67.06 -39.69 -80.37
C ASP FA 94 -65.87 -40.44 -79.79
N GLU FA 95 -64.74 -39.74 -79.68
CA GLU FA 95 -63.52 -40.37 -79.19
C GLU FA 95 -63.70 -40.89 -77.77
N GLU FA 96 -64.31 -40.09 -76.89
CA GLU FA 96 -64.43 -40.50 -75.50
C GLU FA 96 -65.53 -41.53 -75.29
N LEU FA 97 -66.67 -41.37 -75.97
CA LEU FA 97 -67.74 -42.34 -75.82
C LEU FA 97 -67.34 -43.70 -76.39
N ASN FA 98 -66.65 -43.71 -77.53
CA ASN FA 98 -66.25 -44.98 -78.11
C ASN FA 98 -65.20 -45.66 -77.24
N LYS FA 99 -64.35 -44.88 -76.59
CA LYS FA 99 -63.41 -45.46 -75.65
C LYS FA 99 -64.14 -46.03 -74.44
N LEU FA 100 -65.17 -45.32 -73.97
CA LEU FA 100 -66.00 -45.85 -72.90
C LEU FA 100 -66.73 -47.10 -73.34
N LEU FA 101 -67.28 -47.10 -74.55
CA LEU FA 101 -68.14 -48.16 -75.06
C LEU FA 101 -67.47 -48.95 -76.18
N GLY FA 102 -66.18 -49.23 -76.04
CA GLY FA 102 -65.47 -49.98 -77.05
C GLY FA 102 -65.77 -51.46 -77.07
N ARG FA 103 -66.24 -52.02 -75.97
CA ARG FA 103 -66.55 -53.44 -75.87
C ARG FA 103 -68.04 -53.67 -75.79
N VAL FA 104 -68.82 -52.89 -76.53
CA VAL FA 104 -70.27 -52.95 -76.50
C VAL FA 104 -70.78 -53.10 -77.93
N THR FA 105 -71.64 -54.09 -78.14
CA THR FA 105 -72.26 -54.32 -79.44
C THR FA 105 -73.64 -53.70 -79.45
N ILE FA 106 -73.97 -52.97 -80.52
CA ILE FA 106 -75.24 -52.31 -80.67
C ILE FA 106 -76.06 -53.03 -81.72
N ALA FA 107 -77.28 -53.41 -81.37
CA ALA FA 107 -78.12 -54.22 -82.23
C ALA FA 107 -78.76 -53.35 -83.29
N GLN FA 108 -78.56 -53.72 -84.57
CA GLN FA 108 -78.99 -52.91 -85.71
C GLN FA 108 -78.21 -51.62 -85.85
N GLY FA 109 -76.96 -51.61 -85.39
CA GLY FA 109 -76.20 -50.37 -85.44
C GLY FA 109 -75.39 -50.24 -86.71
N GLY FA 110 -75.11 -51.37 -87.36
CA GLY FA 110 -74.35 -51.30 -88.59
C GLY FA 110 -72.88 -51.00 -88.34
N VAL FA 111 -72.23 -50.41 -89.35
CA VAL FA 111 -70.83 -50.05 -89.27
C VAL FA 111 -70.67 -48.61 -89.71
N LEU FA 112 -69.47 -48.09 -89.52
CA LEU FA 112 -69.06 -46.78 -90.00
C LEU FA 112 -68.44 -46.87 -91.40
N PRO FA 113 -68.90 -46.06 -92.35
CA PRO FA 113 -68.25 -46.01 -93.66
C PRO FA 113 -66.76 -45.72 -93.55
N ASN FA 114 -65.93 -46.68 -93.95
CA ASN FA 114 -64.49 -46.57 -93.77
C ASN FA 114 -63.82 -47.41 -94.85
N ILE FA 115 -63.27 -46.75 -95.87
CA ILE FA 115 -62.64 -47.44 -96.98
C ILE FA 115 -61.14 -47.12 -97.01
N SER GA 36 -98.20 -56.71 -64.40
CA SER GA 36 -96.90 -56.43 -63.82
C SER GA 36 -96.38 -55.07 -64.27
N ARG GA 37 -95.87 -54.29 -63.32
CA ARG GA 37 -95.32 -52.97 -63.61
C ARG GA 37 -93.81 -53.10 -63.76
N LYS GA 38 -93.34 -53.12 -65.00
CA LYS GA 38 -91.91 -53.21 -65.29
C LYS GA 38 -91.30 -51.80 -65.26
N GLU GA 39 -90.10 -51.71 -64.70
CA GLU GA 39 -89.43 -50.43 -64.55
C GLU GA 39 -88.40 -50.21 -65.64
N SER GA 40 -88.41 -49.01 -66.21
CA SER GA 40 -87.50 -48.62 -67.28
C SER GA 40 -87.31 -47.11 -67.19
N TYR GA 41 -86.25 -46.63 -67.83
CA TYR GA 41 -85.92 -45.22 -67.79
C TYR GA 41 -86.46 -44.46 -69.01
N SER GA 42 -87.53 -44.96 -69.61
CA SER GA 42 -87.97 -44.44 -70.90
C SER GA 42 -88.52 -43.03 -70.77
N ILE GA 43 -89.36 -42.78 -69.76
CA ILE GA 43 -89.95 -41.46 -69.59
C ILE GA 43 -88.88 -40.43 -69.28
N TYR GA 44 -87.85 -40.85 -68.55
CA TYR GA 44 -86.77 -39.92 -68.20
C TYR GA 44 -85.96 -39.59 -69.44
N VAL GA 45 -85.78 -40.57 -70.33
CA VAL GA 45 -85.07 -40.30 -71.57
C VAL GA 45 -85.90 -39.38 -72.47
N TYR GA 46 -87.22 -39.56 -72.48
CA TYR GA 46 -88.06 -38.59 -73.19
C TYR GA 46 -87.90 -37.19 -72.63
N LYS GA 47 -87.90 -37.07 -71.30
CA LYS GA 47 -87.73 -35.77 -70.67
C LYS GA 47 -86.40 -35.14 -71.07
N VAL GA 48 -85.33 -35.92 -70.98
CA VAL GA 48 -84.00 -35.43 -71.32
C VAL GA 48 -83.92 -35.04 -72.79
N LEU GA 49 -84.54 -35.86 -73.65
CA LEU GA 49 -84.52 -35.58 -75.08
C LEU GA 49 -85.23 -34.27 -75.39
N LYS GA 50 -86.42 -34.09 -74.83
CA LYS GA 50 -87.16 -32.86 -75.07
C LYS GA 50 -86.39 -31.67 -74.51
N GLN GA 51 -85.71 -31.85 -73.39
CA GLN GA 51 -84.79 -30.83 -72.90
C GLN GA 51 -83.68 -30.53 -73.90
N VAL GA 52 -83.18 -31.55 -74.59
CA VAL GA 52 -82.05 -31.38 -75.51
C VAL GA 52 -82.52 -31.12 -76.93
N HIS GA 53 -83.44 -31.96 -77.43
CA HIS GA 53 -83.92 -31.84 -78.80
C HIS GA 53 -85.44 -31.87 -78.76
N PRO GA 54 -86.08 -30.71 -78.67
CA PRO GA 54 -87.56 -30.69 -78.60
C PRO GA 54 -88.22 -31.28 -79.83
N ASP GA 55 -87.62 -31.11 -81.01
CA ASP GA 55 -88.19 -31.56 -82.28
C ASP GA 55 -87.54 -32.86 -82.79
N THR GA 56 -87.19 -33.77 -81.89
CA THR GA 56 -86.63 -35.06 -82.26
C THR GA 56 -87.34 -36.17 -81.49
N GLY GA 57 -87.46 -37.33 -82.14
CA GLY GA 57 -88.10 -38.47 -81.48
C GLY GA 57 -87.19 -39.68 -81.43
N ILE GA 58 -87.51 -40.62 -80.55
CA ILE GA 58 -86.71 -41.83 -80.36
C ILE GA 58 -87.55 -43.05 -80.69
N SER GA 59 -86.94 -44.01 -81.38
CA SER GA 59 -87.61 -45.27 -81.65
C SER GA 59 -87.65 -46.14 -80.40
N SER GA 60 -88.46 -47.19 -80.45
CA SER GA 60 -88.56 -48.11 -79.33
C SER GA 60 -87.25 -48.84 -79.10
N LYS GA 61 -86.59 -49.26 -80.18
CA LYS GA 61 -85.33 -49.99 -80.06
C LYS GA 61 -84.22 -49.09 -79.52
N ALA GA 62 -84.20 -47.82 -79.94
CA ALA GA 62 -83.21 -46.92 -79.38
C ALA GA 62 -83.46 -46.69 -77.90
N MET GA 63 -84.72 -46.75 -77.47
CA MET GA 63 -85.00 -46.65 -76.05
C MET GA 63 -84.58 -47.90 -75.31
N GLY GA 64 -84.71 -49.07 -75.94
CA GLY GA 64 -84.19 -50.28 -75.33
C GLY GA 64 -82.69 -50.20 -75.14
N ILE GA 65 -81.99 -49.67 -76.15
CA ILE GA 65 -80.54 -49.53 -76.06
C ILE GA 65 -80.19 -48.56 -74.94
N MET GA 66 -80.91 -47.45 -74.86
CA MET GA 66 -80.61 -46.46 -73.83
C MET GA 66 -80.86 -47.02 -72.43
N ASN GA 67 -81.93 -47.79 -72.26
CA ASN GA 67 -82.18 -48.44 -70.98
C ASN GA 67 -81.07 -49.42 -70.62
N SER GA 68 -80.62 -50.21 -71.60
CA SER GA 68 -79.50 -51.11 -71.34
C SER GA 68 -78.27 -50.33 -70.94
N PHE GA 69 -78.02 -49.20 -71.60
CA PHE GA 69 -76.84 -48.40 -71.29
C PHE GA 69 -76.91 -47.87 -69.87
N VAL GA 70 -78.07 -47.35 -69.48
CA VAL GA 70 -78.21 -46.76 -68.15
C VAL GA 70 -78.03 -47.84 -67.08
N ASN GA 71 -78.63 -49.00 -67.30
CA ASN GA 71 -78.48 -50.09 -66.34
C ASN GA 71 -77.03 -50.52 -66.24
N ASP GA 72 -76.36 -50.63 -67.38
CA ASP GA 72 -74.96 -51.05 -67.40
C ASP GA 72 -74.08 -50.07 -66.64
N ILE GA 73 -74.28 -48.77 -66.87
CA ILE GA 73 -73.46 -47.79 -66.19
C ILE GA 73 -73.73 -47.81 -64.68
N PHE GA 74 -74.99 -47.96 -64.30
CA PHE GA 74 -75.30 -48.07 -62.87
C PHE GA 74 -74.59 -49.27 -62.26
N GLU GA 75 -74.62 -50.41 -62.96
CA GLU GA 75 -73.97 -51.61 -62.44
C GLU GA 75 -72.47 -51.39 -62.29
N ARG GA 76 -71.84 -50.79 -63.30
CA ARG GA 76 -70.40 -50.54 -63.23
C ARG GA 76 -70.06 -49.67 -62.04
N ILE GA 77 -70.79 -48.56 -61.89
CA ILE GA 77 -70.45 -47.59 -60.86
C ILE GA 77 -70.70 -48.17 -59.48
N ALA GA 78 -71.82 -48.86 -59.29
CA ALA GA 78 -72.10 -49.44 -57.98
C ALA GA 78 -71.10 -50.51 -57.62
N GLY GA 79 -70.72 -51.36 -58.59
CA GLY GA 79 -69.72 -52.38 -58.31
C GLY GA 79 -68.38 -51.78 -57.94
N GLU GA 80 -67.96 -50.73 -58.65
CA GLU GA 80 -66.69 -50.11 -58.33
C GLU GA 80 -66.72 -49.40 -56.98
N ALA GA 81 -67.86 -48.78 -56.65
CA ALA GA 81 -68.01 -48.15 -55.35
C ALA GA 81 -67.93 -49.18 -54.23
N SER GA 82 -68.58 -50.34 -54.42
CA SER GA 82 -68.49 -51.40 -53.44
C SER GA 82 -67.06 -51.89 -53.31
N ARG GA 83 -66.35 -52.03 -54.44
CA ARG GA 83 -64.97 -52.48 -54.40
C ARG GA 83 -64.10 -51.51 -53.61
N LEU GA 84 -64.30 -50.21 -53.81
CA LEU GA 84 -63.56 -49.23 -53.04
C LEU GA 84 -63.88 -49.30 -51.56
N ALA GA 85 -65.18 -49.43 -51.23
CA ALA GA 85 -65.58 -49.47 -49.84
C ALA GA 85 -64.97 -50.67 -49.13
N HIS GA 86 -64.93 -51.82 -49.81
CA HIS GA 86 -64.29 -52.98 -49.22
C HIS GA 86 -62.78 -52.81 -49.15
N TYR GA 87 -62.17 -52.20 -50.17
CA TYR GA 87 -60.73 -51.94 -50.12
C TYR GA 87 -60.36 -51.10 -48.91
N ASN GA 88 -61.22 -50.15 -48.53
CA ASN GA 88 -60.89 -49.26 -47.45
C ASN GA 88 -61.60 -49.61 -46.15
N LYS GA 89 -62.11 -50.83 -46.04
CA LYS GA 89 -62.76 -51.28 -44.81
C LYS GA 89 -63.86 -50.30 -44.38
N ARG GA 90 -64.72 -49.95 -45.32
CA ARG GA 90 -65.86 -49.10 -45.03
C ARG GA 90 -67.15 -49.82 -45.33
N SER GA 91 -68.22 -49.40 -44.65
CA SER GA 91 -69.54 -50.00 -44.82
C SER GA 91 -70.58 -48.97 -45.23
N THR GA 92 -70.16 -47.95 -45.98
CA THR GA 92 -71.10 -46.94 -46.46
C THR GA 92 -70.60 -46.38 -47.77
N ILE GA 93 -71.53 -46.16 -48.70
CA ILE GA 93 -71.23 -45.55 -49.98
C ILE GA 93 -71.60 -44.08 -49.91
N THR GA 94 -70.59 -43.22 -49.83
CA THR GA 94 -70.82 -41.79 -49.82
C THR GA 94 -70.43 -41.20 -51.17
N SER GA 95 -70.76 -39.91 -51.34
CA SER GA 95 -70.57 -39.28 -52.64
C SER GA 95 -69.11 -39.22 -53.05
N ARG GA 96 -68.19 -39.38 -52.09
CA ARG GA 96 -66.77 -39.42 -52.43
C ARG GA 96 -66.42 -40.68 -53.20
N GLU GA 97 -66.96 -41.83 -52.75
CA GLU GA 97 -66.73 -43.06 -53.47
C GLU GA 97 -67.27 -42.98 -54.89
N ILE GA 98 -68.45 -42.39 -55.05
CA ILE GA 98 -69.04 -42.26 -56.37
C ILE GA 98 -68.22 -41.31 -57.23
N GLN GA 99 -67.73 -40.24 -56.63
CA GLN GA 99 -66.91 -39.27 -57.35
C GLN GA 99 -65.63 -39.91 -57.85
N THR GA 100 -64.95 -40.67 -57.00
CA THR GA 100 -63.70 -41.27 -57.43
C THR GA 100 -63.94 -42.44 -58.38
N ALA GA 101 -65.10 -43.08 -58.28
CA ALA GA 101 -65.46 -44.07 -59.29
C ALA GA 101 -65.62 -43.42 -60.65
N VAL GA 102 -66.28 -42.26 -60.69
CA VAL GA 102 -66.42 -41.50 -61.93
C VAL GA 102 -65.05 -41.08 -62.45
N ARG GA 103 -64.16 -40.71 -61.53
CA ARG GA 103 -62.79 -40.37 -61.92
C ARG GA 103 -62.07 -41.55 -62.55
N LEU GA 104 -62.29 -42.75 -62.01
CA LEU GA 104 -61.64 -43.93 -62.57
C LEU GA 104 -62.23 -44.31 -63.92
N LEU GA 105 -63.55 -44.29 -64.03
CA LEU GA 105 -64.21 -44.82 -65.22
C LEU GA 105 -64.13 -43.85 -66.39
N LEU GA 106 -64.51 -42.60 -66.17
CA LEU GA 106 -64.63 -41.70 -67.31
C LEU GA 106 -63.27 -41.17 -67.76
N PRO GA 107 -63.11 -40.89 -69.05
CA PRO GA 107 -61.89 -40.23 -69.52
C PRO GA 107 -61.86 -38.76 -69.14
N GLY GA 108 -60.77 -38.07 -69.49
CA GLY GA 108 -60.45 -36.77 -68.93
C GLY GA 108 -61.55 -35.73 -68.93
N GLU GA 109 -61.93 -35.27 -70.12
CA GLU GA 109 -62.94 -34.21 -70.20
C GLU GA 109 -64.30 -34.70 -69.71
N LEU GA 110 -64.66 -35.94 -70.05
CA LEU GA 110 -65.91 -36.50 -69.57
C LEU GA 110 -65.92 -36.54 -68.05
N ALA GA 111 -64.82 -36.99 -67.46
CA ALA GA 111 -64.74 -37.06 -66.00
C ALA GA 111 -64.86 -35.67 -65.39
N LYS GA 112 -64.16 -34.69 -65.97
CA LYS GA 112 -64.21 -33.34 -65.43
C LYS GA 112 -65.63 -32.77 -65.46
N HIS GA 113 -66.30 -32.89 -66.61
CA HIS GA 113 -67.63 -32.33 -66.71
C HIS GA 113 -68.62 -33.08 -65.83
N ALA GA 114 -68.52 -34.41 -65.77
CA ALA GA 114 -69.47 -35.16 -64.96
C ALA GA 114 -69.26 -34.91 -63.48
N VAL GA 115 -68.00 -34.76 -63.07
CA VAL GA 115 -67.71 -34.41 -61.68
C VAL GA 115 -68.27 -33.03 -61.35
N SER GA 116 -68.08 -32.07 -62.25
CA SER GA 116 -68.62 -30.74 -62.00
C SER GA 116 -70.13 -30.78 -61.89
N GLU GA 117 -70.79 -31.51 -62.80
CA GLU GA 117 -72.24 -31.60 -62.77
C GLU GA 117 -72.73 -32.24 -61.47
N GLY GA 118 -72.08 -33.34 -61.07
CA GLY GA 118 -72.51 -34.02 -59.86
C GLY GA 118 -72.30 -33.20 -58.61
N THR GA 119 -71.15 -32.54 -58.50
CA THR GA 119 -70.92 -31.68 -57.34
C THR GA 119 -71.90 -30.52 -57.31
N LYS GA 120 -72.19 -29.92 -58.46
CA LYS GA 120 -73.18 -28.85 -58.52
C LYS GA 120 -74.54 -29.34 -58.05
N ALA GA 121 -74.98 -30.50 -58.55
CA ALA GA 121 -76.29 -31.01 -58.17
C ALA GA 121 -76.35 -31.37 -56.69
N VAL GA 122 -75.28 -31.97 -56.17
CA VAL GA 122 -75.27 -32.35 -54.76
C VAL GA 122 -75.25 -31.11 -53.88
N THR GA 123 -74.47 -30.11 -54.28
CA THR GA 123 -74.43 -28.87 -53.53
C THR GA 123 -75.81 -28.20 -53.50
N LYS GA 124 -76.50 -28.19 -54.63
CA LYS GA 124 -77.78 -27.49 -54.64
C LYS GA 124 -78.86 -28.30 -53.94
N TYR GA 125 -78.76 -29.63 -53.98
CA TYR GA 125 -79.70 -30.45 -53.21
C TYR GA 125 -79.48 -30.28 -51.71
N THR GA 126 -78.22 -30.19 -51.29
CA THR GA 126 -77.92 -29.94 -49.89
C THR GA 126 -78.43 -28.57 -49.47
N SER GA 127 -78.17 -27.55 -50.30
CA SER GA 127 -78.58 -26.19 -49.97
C SER GA 127 -80.09 -26.10 -49.85
N ALA GA 128 -80.81 -26.74 -50.77
CA ALA GA 128 -82.27 -26.73 -50.76
C ALA GA 128 -82.82 -27.62 -49.66
N THR HA 485 -69.36 -15.38 -87.22
CA THR HA 485 -69.10 -16.64 -87.94
C THR HA 485 -69.51 -16.55 -89.40
N ASN HA 486 -70.59 -15.85 -89.75
CA ASN HA 486 -70.91 -15.53 -91.14
C ASN HA 486 -69.77 -14.73 -91.82
N THR HA 487 -69.24 -13.70 -91.14
CA THR HA 487 -68.13 -12.89 -91.66
C THR HA 487 -66.84 -13.71 -91.83
N GLU HA 488 -66.47 -14.48 -90.82
CA GLU HA 488 -65.31 -15.36 -90.80
C GLU HA 488 -65.42 -16.44 -91.89
N GLU HA 489 -66.60 -17.03 -92.06
CA GLU HA 489 -66.85 -18.02 -93.09
C GLU HA 489 -66.90 -17.41 -94.49
N GLU HA 490 -67.36 -16.17 -94.68
CA GLU HA 490 -67.22 -15.47 -95.97
C GLU HA 490 -65.74 -15.16 -96.29
N LYS HA 491 -64.93 -14.81 -95.29
CA LYS HA 491 -63.46 -14.77 -95.45
C LYS HA 491 -62.90 -16.16 -95.76
N GLU HA 492 -63.46 -17.23 -95.21
CA GLU HA 492 -63.11 -18.60 -95.56
C GLU HA 492 -63.58 -19.01 -96.97
N ARG HA 493 -64.70 -18.46 -97.49
CA ARG HA 493 -65.09 -18.62 -98.90
C ARG HA 493 -64.09 -17.92 -99.83
N LEU HA 494 -63.61 -16.73 -99.45
CA LEU HA 494 -62.50 -16.09 -100.16
C LEU HA 494 -61.20 -16.93 -100.08
N ARG HA 495 -60.90 -17.54 -98.92
CA ARG HA 495 -59.77 -18.48 -98.75
C ARG HA 495 -59.88 -19.65 -99.74
N LYS HA 496 -61.05 -20.26 -99.86
CA LYS HA 496 -61.34 -21.35 -100.81
C LYS HA 496 -61.27 -20.90 -102.27
N GLU HA 497 -61.81 -19.73 -102.57
CA GLU HA 497 -61.76 -19.12 -103.91
C GLU HA 497 -60.30 -18.87 -104.34
N ILE HA 498 -59.47 -18.31 -103.45
CA ILE HA 498 -58.03 -18.18 -103.67
C ILE HA 498 -57.43 -19.56 -103.93
N GLN HA 499 -57.67 -20.54 -103.06
CA GLN HA 499 -57.16 -21.90 -103.26
C GLN HA 499 -57.57 -22.51 -104.61
N LYS HA 500 -58.81 -22.30 -105.06
CA LYS HA 500 -59.27 -22.74 -106.38
C LYS HA 500 -58.53 -22.01 -107.52
N GLN HA 501 -58.36 -20.69 -107.39
CA GLN HA 501 -57.55 -19.93 -108.38
C GLN HA 501 -56.13 -20.51 -108.42
N LEU HA 502 -55.50 -20.71 -107.27
CA LEU HA 502 -54.15 -21.27 -107.19
C LEU HA 502 -54.07 -22.63 -107.90
N HIS HA 503 -55.03 -23.55 -107.70
CA HIS HA 503 -54.97 -24.83 -108.40
C HIS HA 503 -55.12 -24.65 -109.92
N GLU HA 504 -56.06 -23.83 -110.39
CA GLU HA 504 -56.22 -23.52 -111.81
C GLU HA 504 -54.99 -22.83 -112.40
N LYS HA 505 -54.35 -21.93 -111.64
CA LYS HA 505 -53.13 -21.23 -112.05
C LYS HA 505 -51.98 -22.22 -112.26
N ILE HA 506 -51.74 -23.12 -111.30
CA ILE HA 506 -50.67 -24.11 -111.41
C ILE HA 506 -50.93 -25.11 -112.52
N GLN HA 507 -52.17 -25.51 -112.73
CA GLN HA 507 -52.54 -26.36 -113.86
C GLN HA 507 -52.20 -25.71 -115.21
N LYS HA 508 -52.51 -24.41 -115.38
CA LYS HA 508 -52.16 -23.64 -116.58
C LYS HA 508 -50.65 -23.46 -116.72
N GLU HA 509 -49.96 -23.22 -115.59
CA GLU HA 509 -48.47 -23.11 -115.61
C GLU HA 509 -47.84 -24.42 -116.07
N GLY HA 510 -48.24 -25.54 -115.44
CA GLY HA 510 -47.68 -26.86 -115.80
C GLY HA 510 -47.84 -27.15 -117.29
N LEU HA 511 -49.06 -27.01 -117.82
CA LEU HA 511 -49.28 -27.20 -119.26
C LEU HA 511 -48.45 -26.26 -120.14
N ALA HA 512 -48.11 -25.04 -119.65
CA ALA HA 512 -47.24 -24.13 -120.37
C ALA HA 512 -45.75 -24.48 -120.23
N ARG HA 513 -45.33 -25.02 -119.08
CA ARG HA 513 -43.95 -25.41 -118.79
C ARG HA 513 -43.54 -26.67 -119.56
N PHE HA 514 -44.44 -27.64 -119.69
CA PHE HA 514 -44.18 -28.90 -120.38
C PHE HA 514 -44.94 -28.93 -121.71
N ASN HA 515 -44.24 -29.01 -122.83
CA ASN HA 515 -44.84 -29.17 -124.16
C ASN HA 515 -44.76 -30.62 -124.64
N LYS HA 516 -45.73 -31.03 -125.46
CA LYS HA 516 -45.70 -32.41 -126.03
C LYS HA 516 -44.30 -32.71 -126.57
N SER HA 517 -43.66 -31.73 -127.23
CA SER HA 517 -42.29 -31.92 -127.77
C SER HA 517 -41.28 -32.13 -126.63
N ASP HA 518 -41.39 -31.35 -125.55
CA ASP HA 518 -40.49 -31.50 -124.38
C ASP HA 518 -40.63 -32.92 -123.81
N ALA HA 519 -41.85 -33.43 -123.70
CA ALA HA 519 -42.08 -34.80 -123.19
C ALA HA 519 -41.33 -35.80 -124.08
N GLN HA 520 -41.33 -35.56 -125.40
CA GLN HA 520 -40.62 -36.46 -126.35
C GLN HA 520 -39.18 -35.96 -126.54
N ASP HA 521 -38.38 -35.97 -125.48
CA ASP HA 521 -36.96 -35.48 -125.55
C ASP HA 521 -36.93 -34.07 -126.15
N GLY HA 522 -37.45 -33.08 -125.43
CA GLY HA 522 -37.44 -31.68 -125.91
C GLY HA 522 -36.04 -31.11 -125.95
N ASN HA 523 -35.77 -30.21 -126.91
CA ASN HA 523 -34.43 -29.58 -127.04
C ASN HA 523 -33.36 -30.68 -127.08
N GLU HA 524 -33.37 -31.52 -128.12
CA GLU HA 524 -32.41 -32.64 -128.25
C GLU HA 524 -32.49 -33.52 -126.99
N ASN HA 525 -31.38 -33.66 -126.26
CA ASN HA 525 -31.36 -34.48 -125.01
C ASN HA 525 -31.89 -35.88 -125.31
N HIS HA 526 -31.46 -36.48 -126.43
CA HIS HA 526 -31.90 -37.86 -126.79
C HIS HA 526 -30.98 -38.88 -126.11
N ALA HA 527 -31.11 -39.02 -124.78
CA ALA HA 527 -30.25 -39.96 -124.01
C ALA HA 527 -28.78 -39.77 -124.41
N VAL HA 528 -28.23 -38.57 -124.18
CA VAL HA 528 -26.82 -38.27 -124.58
C VAL HA 528 -25.90 -39.40 -124.11
N PHE HA 529 -25.17 -40.01 -125.05
CA PHE HA 529 -24.25 -41.12 -124.70
C PHE HA 529 -22.92 -40.57 -124.18
N LYS HA 530 -22.53 -40.96 -122.97
CA LYS HA 530 -21.24 -40.55 -122.41
C LYS HA 530 -20.13 -41.34 -123.10
N ARG HA 531 -19.53 -40.76 -124.15
CA ARG HA 531 -18.45 -41.41 -124.90
C ARG HA 531 -17.26 -41.72 -123.99
N TYR HA 532 -16.94 -43.00 -123.86
CA TYR HA 532 -15.73 -43.50 -123.22
C TYR HA 532 -15.01 -44.46 -124.16
N GLU HA 533 -13.69 -44.56 -124.01
CA GLU HA 533 -12.86 -45.48 -124.79
C GLU HA 533 -11.73 -46.02 -123.92
N SER HA 534 -11.45 -47.31 -124.03
CA SER HA 534 -10.36 -47.97 -123.32
C SER HA 534 -8.99 -47.67 -123.92
N TYR HA 535 -8.79 -48.01 -125.20
CA TYR HA 535 -7.53 -47.77 -125.90
C TYR HA 535 -7.78 -47.29 -127.33
N VAL HA 536 -6.89 -46.43 -127.82
CA VAL HA 536 -6.87 -45.97 -129.21
C VAL HA 536 -5.93 -46.83 -130.07
N ARG HA 537 -4.86 -47.35 -129.47
CA ARG HA 537 -3.80 -48.13 -130.18
C ARG HA 537 -3.45 -49.39 -129.41
N GLU HA 538 -3.11 -50.46 -130.13
CA GLU HA 538 -2.68 -51.75 -129.54
C GLU HA 538 -1.43 -51.63 -128.66
N SER HA 539 -0.56 -50.65 -128.91
CA SER HA 539 0.65 -50.39 -128.11
C SER HA 539 0.34 -49.91 -126.68
N GLN HA 540 -0.90 -49.52 -126.42
CA GLN HA 540 -1.30 -49.04 -125.07
C GLN HA 540 -1.65 -50.23 -124.17
N ILE HA 541 -1.86 -51.41 -124.75
CA ILE HA 541 -2.18 -52.62 -124.00
C ILE HA 541 -0.99 -53.01 -123.11
N PRO HA 542 -1.19 -53.21 -121.79
CA PRO HA 542 -0.10 -53.56 -120.88
C PRO HA 542 0.62 -54.87 -121.26
N SER HA 543 1.95 -54.79 -121.32
CA SER HA 543 2.76 -55.99 -121.69
C SER HA 543 2.54 -57.12 -120.68
N LYS HA 544 2.11 -56.78 -119.46
CA LYS HA 544 1.80 -57.80 -118.43
C LYS HA 544 0.72 -58.76 -118.97
N VAL HA 545 -0.19 -58.24 -119.79
CA VAL HA 545 -1.29 -59.06 -120.39
C VAL HA 545 -0.67 -59.97 -121.46
N LYS HA 546 -0.21 -61.16 -121.05
CA LYS HA 546 0.46 -62.10 -122.01
C LYS HA 546 0.20 -63.54 -121.55
N ASN HA 547 -0.07 -63.74 -120.26
CA ASN HA 547 -0.26 -65.11 -119.71
C ASN HA 547 -1.70 -65.57 -119.94
N LEU HA 548 -2.42 -64.93 -120.87
CA LEU HA 548 -3.82 -65.32 -121.20
C LEU HA 548 -4.69 -65.29 -119.94
N ARG HA 549 -4.54 -64.28 -119.08
CA ARG HA 549 -5.44 -64.27 -117.90
C ARG HA 549 -6.14 -62.91 -117.77
N ILE HA 550 -7.18 -62.83 -116.92
CA ILE HA 550 -7.89 -61.59 -116.66
C ILE HA 550 -6.92 -60.61 -116.00
N SER HA 551 -6.86 -59.40 -116.55
CA SER HA 551 -6.00 -58.33 -116.05
C SER HA 551 -6.77 -57.02 -116.04
N ILE HA 552 -6.36 -56.12 -115.14
CA ILE HA 552 -7.04 -54.86 -114.89
C ILE HA 552 -6.03 -53.75 -115.14
N ASP HA 553 -6.43 -52.75 -115.90
CA ASP HA 553 -5.69 -51.50 -116.07
C ASP HA 553 -6.42 -50.36 -115.36
N PRO HA 554 -5.96 -49.94 -114.16
CA PRO HA 554 -6.53 -48.81 -113.44
C PRO HA 554 -6.34 -47.48 -114.17
N LYS HA 555 -5.30 -47.33 -115.01
CA LYS HA 555 -5.01 -46.06 -115.72
C LYS HA 555 -6.04 -45.82 -116.81
N ALA HA 556 -6.25 -46.82 -117.67
CA ALA HA 556 -7.27 -46.79 -118.72
C ALA HA 556 -8.68 -47.17 -118.24
N GLN HA 557 -8.85 -47.35 -116.92
CA GLN HA 557 -10.17 -47.79 -116.37
C GLN HA 557 -10.72 -48.92 -117.25
N THR HA 558 -9.99 -50.03 -117.37
CA THR HA 558 -10.36 -51.10 -118.30
C THR HA 558 -10.07 -52.48 -117.72
N ILE HA 559 -10.99 -53.40 -117.95
CA ILE HA 559 -10.86 -54.83 -117.67
C ILE HA 559 -10.47 -55.52 -118.97
N ILE HA 560 -9.36 -56.27 -118.99
CA ILE HA 560 -8.91 -57.02 -120.17
C ILE HA 560 -9.21 -58.49 -119.95
N LEU HA 561 -10.03 -59.07 -120.83
CA LEU HA 561 -10.55 -60.43 -120.74
C LEU HA 561 -9.97 -61.34 -121.83
N PRO HA 562 -9.59 -62.59 -121.48
CA PRO HA 562 -9.06 -63.55 -122.45
C PRO HA 562 -10.16 -64.28 -123.22
N ILE HA 563 -10.57 -63.73 -124.35
CA ILE HA 563 -11.57 -64.38 -125.23
C ILE HA 563 -10.82 -65.05 -126.38
N CYS HA 564 -10.81 -66.39 -126.41
CA CYS HA 564 -10.24 -67.21 -127.49
C CYS HA 564 -8.85 -66.74 -127.97
N GLY HA 565 -7.94 -66.44 -127.03
CA GLY HA 565 -6.55 -66.08 -127.36
C GLY HA 565 -6.33 -64.59 -127.67
N ARG HA 566 -7.37 -63.74 -127.55
CA ARG HA 566 -7.31 -62.30 -127.76
C ARG HA 566 -7.55 -61.46 -126.51
N PRO HA 567 -6.72 -60.42 -126.24
CA PRO HA 567 -6.90 -59.54 -125.10
C PRO HA 567 -8.00 -58.51 -125.37
N VAL HA 568 -9.23 -58.82 -124.97
CA VAL HA 568 -10.38 -57.96 -125.24
C VAL HA 568 -10.58 -56.94 -124.11
N PRO HA 569 -10.43 -55.63 -124.35
CA PRO HA 569 -10.73 -54.62 -123.36
C PRO HA 569 -12.24 -54.43 -123.19
N PHE HA 570 -12.67 -54.19 -121.95
CA PHE HA 570 -13.99 -53.69 -121.57
C PHE HA 570 -13.82 -52.53 -120.60
N HIS HA 571 -14.36 -51.37 -120.94
CA HIS HA 571 -14.27 -50.18 -120.09
C HIS HA 571 -15.13 -50.34 -118.83
N ILE HA 572 -14.74 -49.77 -117.69
CA ILE HA 572 -15.48 -49.93 -116.43
C ILE HA 572 -16.92 -49.38 -116.48
N ASN HA 573 -17.19 -48.44 -117.40
CA ASN HA 573 -18.53 -47.91 -117.64
C ASN HA 573 -19.45 -48.89 -118.38
N SER HA 574 -18.93 -49.83 -119.18
CA SER HA 574 -19.75 -50.90 -119.76
C SER HA 574 -20.03 -52.01 -118.75
N PHE HA 575 -19.16 -52.19 -117.75
CA PHE HA 575 -19.35 -53.15 -116.66
C PHE HA 575 -20.46 -52.71 -115.68
N LYS HA 576 -21.38 -53.64 -115.40
CA LYS HA 576 -22.47 -53.38 -114.43
C LYS HA 576 -22.08 -53.96 -113.06
N ASN HA 577 -22.05 -55.30 -112.97
CA ASN HA 577 -21.70 -55.98 -111.70
C ASN HA 577 -21.22 -57.41 -112.01
N GLY HA 578 -20.66 -58.12 -111.02
CA GLY HA 578 -20.21 -59.49 -111.23
C GLY HA 578 -20.46 -60.34 -110.00
N SER HA 579 -20.30 -61.65 -110.16
CA SER HA 579 -20.38 -62.64 -109.10
C SER HA 579 -19.22 -63.63 -109.20
N LYS HA 580 -18.89 -64.26 -108.07
CA LYS HA 580 -17.82 -65.25 -107.99
C LYS HA 580 -18.36 -66.51 -107.29
N ASN HA 581 -18.09 -67.68 -107.87
CA ASN HA 581 -18.52 -68.97 -107.33
C ASN HA 581 -17.34 -69.93 -107.29
N GLU HA 582 -17.18 -70.67 -106.20
CA GLU HA 582 -16.15 -71.70 -106.07
C GLU HA 582 -16.77 -73.08 -106.36
N GLU HA 583 -16.14 -73.86 -107.25
CA GLU HA 583 -16.67 -75.14 -107.71
C GLU HA 583 -15.53 -76.15 -107.88
N GLY HA 584 -15.43 -77.11 -106.94
CA GLY HA 584 -14.34 -78.09 -106.94
C GLY HA 584 -12.97 -77.40 -106.89
N ASP HA 585 -12.11 -77.73 -107.85
CA ASP HA 585 -10.78 -77.14 -108.00
C ASP HA 585 -10.78 -75.78 -108.72
N TYR HA 586 -11.91 -75.36 -109.28
CA TYR HA 586 -12.01 -74.14 -110.08
C TYR HA 586 -12.77 -73.04 -109.34
N MET HA 587 -12.41 -71.80 -109.66
CA MET HA 587 -13.15 -70.60 -109.30
C MET HA 587 -13.72 -69.96 -110.54
N TYR HA 588 -15.02 -69.70 -110.51
CA TYR HA 588 -15.78 -69.06 -111.57
C TYR HA 588 -16.01 -67.59 -111.25
N ILE HA 589 -15.83 -66.72 -112.24
CA ILE HA 589 -16.27 -65.32 -112.19
C ILE HA 589 -17.24 -65.09 -113.33
N ARG HA 590 -18.43 -64.58 -113.02
CA ARG HA 590 -19.37 -64.04 -113.99
C ARG HA 590 -19.31 -62.52 -113.95
N LEU HA 591 -19.03 -61.90 -115.09
CA LEU HA 591 -19.07 -60.45 -115.28
C LEU HA 591 -20.31 -60.10 -116.09
N ASN HA 592 -21.18 -59.24 -115.55
CA ASN HA 592 -22.35 -58.72 -116.24
C ASN HA 592 -22.10 -57.29 -116.72
N PHE HA 593 -22.51 -56.99 -117.93
CA PHE HA 593 -22.36 -55.69 -118.59
C PHE HA 593 -23.71 -54.99 -118.76
N ASN HA 594 -23.69 -53.69 -118.99
CA ASN HA 594 -24.91 -52.90 -119.19
C ASN HA 594 -25.59 -53.28 -120.52
N SER HA 595 -26.88 -53.61 -120.45
CA SER HA 595 -27.72 -53.89 -121.62
C SER HA 595 -29.13 -53.34 -121.39
N PRO HA 596 -29.81 -52.87 -122.47
CA PRO HA 596 -31.16 -52.32 -122.28
C PRO HA 596 -32.11 -53.40 -121.83
N GLY HA 597 -33.09 -53.07 -120.98
CA GLY HA 597 -33.96 -54.10 -120.40
C GLY HA 597 -33.40 -54.47 -119.04
N MET HA 598 -32.17 -54.97 -119.00
CA MET HA 598 -31.48 -55.22 -117.69
C MET HA 598 -30.71 -53.94 -117.39
N GLY HA 599 -31.41 -52.82 -117.21
CA GLY HA 599 -30.73 -51.52 -117.06
C GLY HA 599 -30.28 -51.16 -115.66
N SER HA 600 -29.44 -50.12 -115.55
CA SER HA 600 -28.95 -49.63 -114.25
C SER HA 600 -29.85 -48.50 -113.73
N SER HA 601 -29.53 -47.93 -112.56
CA SER HA 601 -30.40 -46.88 -111.94
C SER HA 601 -30.23 -45.52 -112.62
N VAL HA 602 -29.51 -45.46 -113.74
CA VAL HA 602 -29.23 -44.16 -114.41
C VAL HA 602 -30.53 -43.62 -115.05
N LYS HA 603 -30.69 -42.30 -115.11
CA LYS HA 603 -31.93 -41.68 -115.68
C LYS HA 603 -31.94 -41.80 -117.21
N LYS HA 604 -33.05 -41.43 -117.85
CA LYS HA 604 -33.16 -41.59 -119.32
C LYS HA 604 -32.26 -40.62 -120.11
N THR HA 605 -31.83 -39.52 -119.50
CA THR HA 605 -30.99 -38.47 -120.10
C THR HA 605 -29.53 -38.89 -120.41
N GLU HA 606 -28.93 -39.87 -119.71
CA GLU HA 606 -27.52 -40.28 -119.94
C GLU HA 606 -27.36 -41.80 -119.92
N LEU HA 607 -27.25 -42.45 -121.08
CA LEU HA 607 -27.03 -43.90 -121.14
C LEU HA 607 -25.54 -44.28 -121.17
N PRO HA 608 -25.17 -45.42 -120.56
CA PRO HA 608 -23.80 -45.94 -120.60
C PRO HA 608 -23.45 -46.60 -121.96
N TYR HA 609 -24.37 -46.59 -122.91
CA TYR HA 609 -24.23 -47.10 -124.26
C TYR HA 609 -24.97 -46.16 -125.21
N GLU HA 610 -24.63 -46.26 -126.49
CA GLU HA 610 -25.27 -45.36 -127.50
C GLU HA 610 -26.63 -45.94 -127.88
N ASP HA 611 -27.63 -45.09 -128.11
CA ASP HA 611 -29.00 -45.58 -128.39
C ASP HA 611 -28.97 -46.36 -129.71
N GLY HA 612 -29.66 -47.51 -129.76
CA GLY HA 612 -29.62 -48.35 -130.97
C GLY HA 612 -30.52 -49.56 -130.85
N ASP HA 613 -31.60 -49.60 -131.63
CA ASP HA 613 -32.55 -50.75 -131.63
C ASP HA 613 -31.86 -51.93 -132.30
N ASP HA 614 -31.07 -51.67 -133.34
CA ASP HA 614 -30.30 -52.72 -134.03
C ASP HA 614 -28.98 -53.12 -133.35
N LYS HA 615 -28.67 -52.57 -132.16
CA LYS HA 615 -27.42 -52.89 -131.46
C LYS HA 615 -27.62 -54.10 -130.56
N GLU HA 616 -26.73 -55.07 -130.71
CA GLU HA 616 -26.67 -56.26 -129.86
C GLU HA 616 -25.63 -56.07 -128.75
N PHE HA 617 -25.89 -56.66 -127.58
CA PHE HA 617 -24.99 -56.37 -126.43
C PHE HA 617 -24.41 -57.63 -125.78
N VAL HA 618 -23.18 -57.52 -125.27
CA VAL HA 618 -22.58 -58.64 -124.50
C VAL HA 618 -23.17 -58.50 -123.09
N ARG HA 619 -24.06 -59.41 -122.70
CA ARG HA 619 -24.76 -59.28 -121.42
C ARG HA 619 -23.94 -59.84 -120.27
N SER HA 620 -23.34 -61.00 -120.45
CA SER HA 620 -22.44 -61.57 -119.45
C SER HA 620 -21.39 -62.50 -120.03
N LEU HA 621 -20.23 -62.53 -119.38
CA LEU HA 621 -19.15 -63.47 -119.66
C LEU HA 621 -18.79 -64.22 -118.38
N THR HA 622 -18.71 -65.55 -118.45
CA THR HA 622 -18.30 -66.38 -117.31
C THR HA 622 -16.94 -67.01 -117.61
N PHE HA 623 -15.97 -66.78 -116.72
CA PHE HA 623 -14.63 -67.37 -116.76
C PHE HA 623 -14.41 -68.34 -115.62
N ARG HA 624 -13.52 -69.33 -115.81
CA ARG HA 624 -13.03 -70.22 -114.76
C ARG HA 624 -11.51 -70.20 -114.66
N SER HA 625 -10.98 -70.48 -113.47
CA SER HA 625 -9.54 -70.58 -113.19
C SER HA 625 -9.28 -71.58 -112.07
N THR HA 626 -8.18 -72.33 -112.17
CA THR HA 626 -7.69 -73.22 -111.09
C THR HA 626 -7.15 -72.45 -109.89
N ASN HA 627 -6.57 -71.26 -110.10
CA ASN HA 627 -6.04 -70.43 -109.01
C ASN HA 627 -7.16 -69.58 -108.38
N LYS HA 628 -7.65 -70.00 -107.20
CA LYS HA 628 -8.75 -69.36 -106.46
C LYS HA 628 -8.37 -68.03 -105.83
N GLU HA 629 -7.18 -67.92 -105.24
CA GLU HA 629 -6.74 -66.71 -104.53
C GLU HA 629 -6.61 -65.51 -105.47
N ARG HA 630 -5.82 -65.67 -106.53
CA ARG HA 630 -5.66 -64.60 -107.54
C ARG HA 630 -7.02 -64.21 -108.12
N MET HA 631 -7.86 -65.19 -108.48
CA MET HA 631 -9.16 -64.90 -109.08
C MET HA 631 -10.06 -64.09 -108.12
N SER HA 632 -10.01 -64.39 -106.81
CA SER HA 632 -10.63 -63.54 -105.78
C SER HA 632 -10.05 -62.12 -105.72
N GLU HA 633 -8.72 -61.95 -105.84
CA GLU HA 633 -8.08 -60.63 -105.88
C GLU HA 633 -8.49 -59.82 -107.11
N VAL HA 634 -8.52 -60.44 -108.28
CA VAL HA 634 -8.98 -59.83 -109.53
C VAL HA 634 -10.41 -59.32 -109.38
N PHE HA 635 -11.31 -60.13 -108.81
CA PHE HA 635 -12.69 -59.72 -108.58
C PHE HA 635 -12.79 -58.51 -107.64
N LYS HA 636 -12.00 -58.50 -106.55
CA LYS HA 636 -11.93 -57.36 -105.61
C LYS HA 636 -11.45 -56.10 -106.33
N ALA HA 637 -10.39 -56.19 -107.13
CA ALA HA 637 -9.85 -55.06 -107.88
C ALA HA 637 -10.84 -54.51 -108.93
N ILE HA 638 -11.60 -55.37 -109.63
CA ILE HA 638 -12.68 -54.92 -110.54
C ILE HA 638 -13.75 -54.13 -109.76
N THR HA 639 -14.16 -54.67 -108.61
CA THR HA 639 -15.18 -54.05 -107.75
C THR HA 639 -14.71 -52.69 -107.20
N GLU HA 640 -13.46 -52.60 -106.77
CA GLU HA 640 -12.85 -51.35 -106.31
C GLU HA 640 -12.76 -50.32 -107.44
N LEU HA 641 -12.31 -50.73 -108.64
CA LEU HA 641 -12.26 -49.85 -109.81
C LEU HA 641 -13.64 -49.26 -110.14
N LYS HA 642 -14.71 -50.08 -110.07
CA LYS HA 642 -16.09 -49.60 -110.27
C LYS HA 642 -16.49 -48.59 -109.19
N LYS HA 643 -16.18 -48.85 -107.92
CA LYS HA 643 -16.49 -47.92 -106.81
C LYS HA 643 -15.79 -46.58 -107.00
N THR HA 644 -14.50 -46.58 -107.38
CA THR HA 644 -13.74 -45.36 -107.65
C THR HA 644 -14.31 -44.60 -108.84
N ALA HA 645 -14.70 -45.28 -109.91
CA ALA HA 645 -15.34 -44.65 -111.08
C ALA HA 645 -16.67 -43.98 -110.72
N VAL HA 646 -17.56 -44.68 -109.99
CA VAL HA 646 -18.85 -44.14 -109.55
C VAL HA 646 -18.66 -42.94 -108.61
N LYS HA 647 -17.72 -43.02 -107.68
CA LYS HA 647 -17.41 -41.91 -106.77
C LYS HA 647 -16.94 -40.67 -107.54
N ARG HA 648 -16.03 -40.83 -108.51
CA ARG HA 648 -15.54 -39.73 -109.35
C ARG HA 648 -16.66 -39.11 -110.18
N ASP HA 649 -17.56 -39.92 -110.73
CA ASP HA 649 -18.71 -39.43 -111.48
C ASP HA 649 -19.72 -38.69 -110.58
N GLN HA 650 -19.91 -39.15 -109.34
CA GLN HA 650 -20.77 -38.41 -108.39
C GLN HA 650 -20.10 -37.06 -108.07
N GLU HA 651 -18.80 -37.07 -107.73
CA GLU HA 651 -18.07 -35.84 -107.43
C GLU HA 651 -18.14 -34.83 -108.58
N ARG HA 652 -18.00 -35.30 -109.83
CA ARG HA 652 -18.16 -34.45 -111.02
C ARG HA 652 -19.56 -33.84 -111.08
N LYS HA 653 -20.60 -34.65 -110.94
CA LYS HA 653 -22.00 -34.18 -110.95
C LYS HA 653 -22.29 -33.19 -109.83
N THR HA 654 -21.72 -33.38 -108.63
CA THR HA 654 -21.87 -32.40 -107.55
C THR HA 654 -21.16 -31.08 -107.82
N MET HA 655 -20.09 -31.09 -108.63
CA MET HA 655 -19.31 -29.90 -108.98
C MET HA 655 -19.82 -29.15 -110.22
N GLU HA 656 -20.60 -29.84 -111.08
CA GLU HA 656 -21.14 -29.23 -112.32
C GLU HA 656 -22.05 -28.04 -111.97
N ASP HA 657 -22.07 -27.62 -110.70
CA ASP HA 657 -22.88 -26.44 -110.29
C ASP HA 657 -22.04 -25.17 -110.50
N VAL HA 658 -22.39 -24.08 -109.80
CA VAL HA 658 -21.62 -22.80 -109.94
C VAL HA 658 -20.52 -22.77 -108.84
N VAL HA 659 -20.22 -23.93 -108.25
CA VAL HA 659 -19.24 -24.03 -107.14
C VAL HA 659 -17.90 -23.39 -107.59
N ALA HA 660 -17.55 -23.51 -108.87
CA ALA HA 660 -16.29 -22.93 -109.39
C ALA HA 660 -16.43 -21.41 -109.46
N GLN HA 661 -15.88 -20.70 -108.47
CA GLN HA 661 -15.98 -19.22 -108.42
C GLN HA 661 -14.65 -18.63 -107.96
N ALA HA 662 -14.51 -17.29 -108.04
CA ALA HA 662 -13.27 -16.62 -107.61
C ALA HA 662 -13.01 -16.86 -106.13
N GLN HA 663 -11.77 -17.12 -105.75
CA GLN HA 663 -11.41 -17.36 -104.32
C GLN HA 663 -11.73 -16.10 -103.50
N LEU HA 664 -12.02 -16.27 -102.21
CA LEU HA 664 -12.39 -15.12 -101.38
C LEU HA 664 -11.31 -14.03 -101.46
N VAL HA 665 -11.73 -12.80 -101.73
CA VAL HA 665 -10.89 -11.61 -101.82
C VAL HA 665 -10.85 -10.90 -100.48
N GLU HA 666 -9.71 -10.97 -99.82
CA GLU HA 666 -9.50 -10.34 -98.51
C GLU HA 666 -9.64 -8.81 -98.58
N PHE HA 667 -10.24 -8.25 -97.54
CA PHE HA 667 -10.36 -6.80 -97.39
C PHE HA 667 -9.01 -6.20 -97.03
N LYS HA 668 -8.52 -5.22 -97.80
CA LYS HA 668 -7.14 -4.68 -97.56
C LYS HA 668 -7.02 -3.95 -96.20
N GLY HA 669 -8.11 -3.39 -95.68
CA GLY HA 669 -8.11 -2.62 -94.41
C GLY HA 669 -8.40 -3.49 -93.18
N ARG HA 670 -8.84 -2.86 -92.10
CA ARG HA 670 -9.24 -3.66 -90.91
C ARG HA 670 -10.65 -4.22 -91.14
N PRO HA 671 -10.83 -5.56 -91.29
CA PRO HA 671 -12.14 -6.16 -91.54
C PRO HA 671 -13.04 -6.04 -90.30
N LYS HA 672 -14.35 -5.92 -90.54
CA LYS HA 672 -15.38 -6.10 -89.52
C LYS HA 672 -15.32 -7.56 -89.05
N LYS HA 673 -15.41 -7.81 -87.73
CA LYS HA 673 -15.25 -9.14 -87.15
C LYS HA 673 -16.21 -9.42 -86.00
N LEU HA 674 -16.61 -10.68 -85.87
CA LEU HA 674 -17.40 -11.21 -84.76
C LEU HA 674 -16.61 -12.33 -84.07
N GLU HA 675 -16.26 -12.14 -82.80
CA GLU HA 675 -15.40 -13.05 -82.03
C GLU HA 675 -16.21 -14.07 -81.22
N ASN HA 676 -15.55 -15.17 -80.83
CA ASN HA 676 -16.11 -16.22 -79.96
C ASN HA 676 -17.35 -16.93 -80.53
N VAL HA 677 -17.31 -17.24 -81.82
CA VAL HA 677 -18.40 -17.88 -82.56
C VAL HA 677 -18.10 -19.34 -82.82
N PHE HA 678 -19.09 -20.21 -82.66
CA PHE HA 678 -19.02 -21.60 -83.12
C PHE HA 678 -19.61 -21.75 -84.52
N VAL HA 679 -19.07 -22.69 -85.30
CA VAL HA 679 -19.56 -23.01 -86.65
C VAL HA 679 -20.19 -24.41 -86.67
N ARG HA 680 -21.31 -24.57 -87.38
CA ARG HA 680 -21.97 -25.84 -87.69
C ARG HA 680 -22.20 -25.93 -89.21
N PRO HA 681 -21.85 -27.05 -89.87
CA PRO HA 681 -21.10 -28.18 -89.34
C PRO HA 681 -19.66 -27.80 -88.95
N ALA HA 682 -19.13 -28.41 -87.90
CA ALA HA 682 -17.76 -28.16 -87.46
C ALA HA 682 -16.74 -28.74 -88.47
N PRO HA 683 -15.68 -28.00 -88.83
CA PRO HA 683 -14.63 -28.47 -89.73
C PRO HA 683 -13.77 -29.59 -89.12
N ASP HA 684 -13.69 -29.63 -87.78
CA ASP HA 684 -12.91 -30.67 -87.07
C ASP HA 684 -13.78 -31.24 -85.95
N SER HA 685 -13.62 -32.52 -85.62
CA SER HA 685 -14.44 -33.18 -84.56
C SER HA 685 -14.52 -32.29 -83.31
N LYS HA 686 -13.41 -31.64 -82.96
CA LYS HA 686 -13.38 -30.79 -81.74
C LYS HA 686 -14.14 -29.50 -81.98
N ARG HA 687 -15.09 -29.19 -81.10
CA ARG HA 687 -15.74 -27.89 -81.15
C ARG HA 687 -14.79 -26.82 -80.62
N VAL HA 688 -14.49 -25.82 -81.45
CA VAL HA 688 -13.57 -24.71 -81.12
C VAL HA 688 -14.26 -23.39 -81.47
N THR HA 689 -14.11 -22.37 -80.63
CA THR HA 689 -14.56 -21.01 -80.95
C THR HA 689 -13.65 -20.38 -82.00
N GLY HA 690 -14.23 -19.61 -82.92
CA GLY HA 690 -13.50 -18.89 -83.97
C GLY HA 690 -13.94 -17.45 -84.09
N THR HA 691 -13.35 -16.76 -85.06
CA THR HA 691 -13.70 -15.38 -85.42
C THR HA 691 -14.24 -15.36 -86.85
N LEU HA 692 -15.38 -14.70 -87.05
CA LEU HA 692 -15.98 -14.49 -88.35
C LEU HA 692 -15.60 -13.11 -88.89
N PHE HA 693 -15.06 -13.05 -90.10
CA PHE HA 693 -14.60 -11.83 -90.78
C PHE HA 693 -15.44 -11.54 -92.02
N ILE HA 694 -15.76 -10.26 -92.23
CA ILE HA 694 -16.38 -9.79 -93.47
C ILE HA 694 -15.29 -9.30 -94.43
N HIS HA 695 -15.32 -9.82 -95.66
CA HIS HA 695 -14.40 -9.50 -96.74
C HIS HA 695 -15.14 -8.87 -97.95
N GLN HA 696 -14.44 -8.63 -99.06
CA GLN HA 696 -15.07 -7.86 -100.19
C GLN HA 696 -16.17 -8.67 -100.91
N ASN HA 697 -15.98 -9.99 -101.06
CA ASN HA 697 -16.96 -10.81 -101.85
C ASN HA 697 -17.50 -11.98 -101.02
N GLY HA 698 -17.32 -11.96 -99.69
CA GLY HA 698 -17.82 -13.00 -98.81
C GLY HA 698 -17.41 -12.85 -97.35
N ILE HA 699 -17.68 -13.89 -96.58
CA ILE HA 699 -17.30 -14.02 -95.16
C ILE HA 699 -16.31 -15.16 -94.95
N ARG HA 700 -15.44 -15.02 -93.96
CA ARG HA 700 -14.45 -16.04 -93.57
C ARG HA 700 -14.56 -16.35 -92.09
N TYR HA 701 -14.81 -17.60 -91.76
CA TYR HA 701 -14.60 -18.11 -90.42
C TYR HA 701 -13.17 -18.62 -90.26
N GLN HA 702 -12.53 -18.23 -89.15
CA GLN HA 702 -11.10 -18.63 -88.91
C GLN HA 702 -10.89 -19.07 -87.46
N SER HA 703 -10.58 -20.35 -87.24
CA SER HA 703 -10.25 -20.89 -85.92
C SER HA 703 -8.89 -20.37 -85.43
N PRO HA 704 -8.75 -19.98 -84.16
CA PRO HA 704 -7.48 -19.54 -83.58
C PRO HA 704 -6.49 -20.70 -83.37
N VAL HA 705 -6.96 -21.93 -83.26
CA VAL HA 705 -6.13 -23.10 -82.93
C VAL HA 705 -5.38 -23.64 -84.15
N ARG HA 706 -5.99 -23.56 -85.34
CA ARG HA 706 -5.40 -24.03 -86.60
C ARG HA 706 -5.83 -23.13 -87.75
N SER HA 707 -4.85 -22.56 -88.46
CA SER HA 707 -5.05 -21.76 -89.66
C SER HA 707 -5.73 -22.53 -90.80
N ASP HA 708 -5.54 -23.85 -90.86
CA ASP HA 708 -6.06 -24.70 -91.94
C ASP HA 708 -7.57 -24.92 -91.86
N HIS HA 709 -8.19 -24.71 -90.68
CA HIS HA 709 -9.65 -24.80 -90.50
C HIS HA 709 -10.33 -23.44 -90.76
N ARG HA 710 -10.09 -22.89 -91.95
CA ARG HA 710 -10.84 -21.73 -92.47
C ARG HA 710 -12.06 -22.19 -93.26
N VAL HA 711 -13.17 -21.48 -93.12
CA VAL HA 711 -14.38 -21.68 -93.93
C VAL HA 711 -14.71 -20.37 -94.62
N ASP HA 712 -14.60 -20.37 -95.95
CA ASP HA 712 -14.87 -19.23 -96.80
C ASP HA 712 -16.25 -19.40 -97.46
N ILE HA 713 -17.09 -18.37 -97.37
CA ILE HA 713 -18.43 -18.36 -97.97
C ILE HA 713 -18.58 -17.08 -98.79
N LEU HA 714 -18.74 -17.22 -100.10
CA LEU HA 714 -18.97 -16.09 -100.99
C LEU HA 714 -20.41 -15.58 -100.88
N PHE HA 715 -20.60 -14.26 -100.99
CA PHE HA 715 -21.95 -13.65 -101.02
C PHE HA 715 -22.78 -14.16 -102.19
N SER HA 716 -22.16 -14.40 -103.35
CA SER HA 716 -22.86 -14.91 -104.54
C SER HA 716 -23.49 -16.30 -104.31
N ASN HA 717 -22.91 -17.10 -103.41
CA ASN HA 717 -23.38 -18.46 -103.10
C ASN HA 717 -24.39 -18.50 -101.95
N ILE HA 718 -24.53 -17.45 -101.16
CA ILE HA 718 -25.58 -17.40 -100.13
C ILE HA 718 -26.93 -17.20 -100.83
N LYS HA 719 -27.88 -18.08 -100.55
CA LYS HA 719 -29.27 -17.97 -100.99
C LYS HA 719 -30.08 -17.18 -99.97
N HIS HA 720 -30.02 -17.58 -98.70
CA HIS HA 720 -30.75 -16.93 -97.60
C HIS HA 720 -29.83 -16.68 -96.41
N LEU HA 721 -30.02 -15.53 -95.76
CA LEU HA 721 -29.28 -15.12 -94.57
C LEU HA 721 -30.27 -14.88 -93.42
N PHE HA 722 -30.23 -15.75 -92.41
CA PHE HA 722 -31.13 -15.65 -91.26
C PHE HA 722 -30.41 -15.16 -90.01
N PHE HA 723 -31.10 -14.32 -89.24
CA PHE HA 723 -30.75 -13.99 -87.86
C PHE HA 723 -31.83 -14.47 -86.90
N GLN HA 724 -31.43 -15.34 -85.95
CA GLN HA 724 -32.38 -15.87 -84.94
C GLN HA 724 -31.95 -15.39 -83.55
N PRO HA 725 -32.70 -14.48 -82.88
CA PRO HA 725 -32.24 -13.91 -81.60
C PRO HA 725 -32.38 -14.89 -80.44
N CYS HA 726 -31.62 -14.64 -79.37
CA CYS HA 726 -31.76 -15.50 -78.16
C CYS HA 726 -32.81 -14.84 -77.28
N LYS HA 727 -34.05 -15.32 -77.39
CA LYS HA 727 -35.16 -14.79 -76.53
C LYS HA 727 -35.65 -15.94 -75.66
N GLU HA 728 -36.16 -17.02 -76.26
CA GLU HA 728 -36.55 -18.20 -75.45
C GLU HA 728 -35.56 -19.36 -75.60
N GLU HA 729 -34.61 -19.22 -76.51
CA GLU HA 729 -33.52 -20.18 -76.72
C GLU HA 729 -32.28 -19.76 -75.93
N LEU HA 730 -31.33 -20.68 -75.76
CA LEU HA 730 -30.07 -20.44 -75.05
C LEU HA 730 -28.92 -20.01 -75.97
N MET HA 731 -29.19 -19.77 -77.25
CA MET HA 731 -28.18 -19.44 -78.25
C MET HA 731 -28.70 -18.40 -79.24
N VAL HA 732 -27.79 -17.54 -79.71
CA VAL HA 732 -28.02 -16.60 -80.81
C VAL HA 732 -27.35 -17.12 -82.08
N ILE HA 733 -28.02 -16.94 -83.23
CA ILE HA 733 -27.57 -17.62 -84.49
C ILE HA 733 -27.46 -16.72 -85.72
N ILE HA 734 -26.50 -17.00 -86.62
CA ILE HA 734 -26.41 -16.31 -87.94
C ILE HA 734 -26.33 -17.46 -88.95
N HIS HA 735 -27.39 -17.74 -89.68
CA HIS HA 735 -27.43 -18.91 -90.56
C HIS HA 735 -27.35 -18.51 -92.03
N CYS HA 736 -26.46 -19.16 -92.77
CA CYS HA 736 -26.30 -19.00 -94.21
C CYS HA 736 -26.78 -20.27 -94.90
N HIS HA 737 -27.89 -20.18 -95.63
CA HIS HA 737 -28.33 -21.22 -96.55
C HIS HA 737 -27.72 -20.96 -97.94
N LEU HA 738 -27.09 -21.95 -98.55
CA LEU HA 738 -26.29 -21.82 -99.77
C LEU HA 738 -27.02 -22.31 -101.02
N LYS HA 739 -26.75 -21.69 -102.17
CA LYS HA 739 -27.23 -22.13 -103.50
C LYS HA 739 -26.55 -23.42 -103.93
N THR HA 740 -25.22 -23.46 -103.82
CA THR HA 740 -24.40 -24.65 -104.10
C THR HA 740 -23.76 -25.15 -102.81
N PRO HA 741 -23.69 -26.48 -102.63
CA PRO HA 741 -23.19 -27.08 -101.40
C PRO HA 741 -21.67 -26.93 -101.28
N LEU HA 742 -21.20 -26.71 -100.05
CA LEU HA 742 -19.78 -26.60 -99.72
C LEU HA 742 -19.26 -27.82 -98.97
N MET HA 743 -18.01 -28.18 -99.23
CA MET HA 743 -17.28 -29.18 -98.45
C MET HA 743 -16.64 -28.52 -97.23
N ILE HA 744 -17.21 -28.77 -96.04
CA ILE HA 744 -16.63 -28.35 -94.76
C ILE HA 744 -16.09 -29.58 -94.04
N GLY HA 745 -14.77 -29.67 -93.93
CA GLY HA 745 -14.08 -30.86 -93.41
C GLY HA 745 -14.35 -32.07 -94.32
N LYS HA 746 -15.12 -33.04 -93.83
CA LYS HA 746 -15.53 -34.25 -94.58
C LYS HA 746 -17.00 -34.23 -95.02
N LYS HA 747 -17.76 -33.20 -94.66
CA LYS HA 747 -19.21 -33.14 -94.90
C LYS HA 747 -19.53 -32.11 -95.98
N LYS HA 748 -20.31 -32.55 -96.97
CA LYS HA 748 -21.01 -31.68 -97.91
C LYS HA 748 -22.22 -31.06 -97.20
N THR HA 749 -22.40 -29.74 -97.26
CA THR HA 749 -23.52 -29.05 -96.61
C THR HA 749 -24.04 -27.88 -97.46
N PHE HA 750 -25.37 -27.70 -97.47
CA PHE HA 750 -26.01 -26.48 -97.99
C PHE HA 750 -26.14 -25.41 -96.91
N ASP HA 751 -25.94 -25.77 -95.66
CA ASP HA 751 -26.20 -24.91 -94.51
C ASP HA 751 -24.93 -24.70 -93.70
N VAL HA 752 -24.64 -23.44 -93.40
CA VAL HA 752 -23.56 -23.05 -92.51
C VAL HA 752 -24.10 -22.09 -91.46
N GLN HA 753 -24.04 -22.52 -90.20
CA GLN HA 753 -24.57 -21.80 -89.07
C GLN HA 753 -23.44 -21.31 -88.17
N PHE HA 754 -23.52 -20.04 -87.77
CA PHE HA 754 -22.65 -19.37 -86.83
C PHE HA 754 -23.45 -19.04 -85.57
N TYR HA 755 -23.01 -19.51 -84.41
CA TYR HA 755 -23.80 -19.34 -83.19
C TYR HA 755 -22.94 -19.17 -81.94
N ARG HA 756 -23.57 -18.65 -80.89
CA ARG HA 756 -22.98 -18.52 -79.55
C ARG HA 756 -24.04 -18.86 -78.51
N GLU HA 757 -23.66 -19.70 -77.53
CA GLU HA 757 -24.59 -20.08 -76.44
C GLU HA 757 -24.44 -19.12 -75.26
N VAL HA 758 -25.56 -18.65 -74.70
CA VAL HA 758 -25.53 -17.69 -73.56
C VAL HA 758 -25.65 -18.48 -72.23
N SER HA 759 -26.03 -19.76 -72.30
CA SER HA 759 -26.21 -20.58 -71.08
C SER HA 759 -24.99 -20.42 -70.16
N ASP HA 760 -25.14 -19.70 -69.04
CA ASP HA 760 -23.99 -19.44 -68.15
C ASP HA 760 -24.38 -19.87 -66.73
N GLU HA 782 -30.77 -10.95 -59.17
CA GLU HA 782 -29.61 -10.31 -59.80
C GLU HA 782 -28.99 -11.18 -60.89
N GLN HA 783 -28.88 -12.49 -60.64
CA GLN HA 783 -28.37 -13.43 -61.69
C GLN HA 783 -29.33 -13.43 -62.88
N GLU HA 784 -30.63 -13.56 -62.65
CA GLU HA 784 -31.62 -13.54 -63.74
C GLU HA 784 -31.56 -12.22 -64.54
N GLN HA 785 -31.38 -11.09 -63.87
CA GLN HA 785 -31.16 -9.80 -64.53
C GLN HA 785 -29.87 -9.77 -65.34
N GLU HA 786 -28.76 -10.32 -64.82
CA GLU HA 786 -27.49 -10.38 -65.53
C GLU HA 786 -27.58 -11.27 -66.78
N GLU HA 787 -28.26 -12.42 -66.69
CA GLU HA 787 -28.55 -13.27 -67.84
C GLU HA 787 -29.37 -12.55 -68.91
N ARG HA 788 -30.43 -11.83 -68.52
CA ARG HA 788 -31.22 -11.03 -69.47
C ARG HA 788 -30.38 -9.94 -70.15
N ARG HA 789 -29.51 -9.26 -69.40
CA ARG HA 789 -28.58 -8.26 -69.97
C ARG HA 789 -27.60 -8.90 -70.95
N ARG HA 790 -27.05 -10.08 -70.63
CA ARG HA 790 -26.15 -10.83 -71.54
C ARG HA 790 -26.86 -11.26 -72.82
N LYS HA 791 -28.08 -11.81 -72.72
CA LYS HA 791 -28.90 -12.16 -73.89
C LYS HA 791 -29.12 -10.96 -74.80
N ALA HA 792 -29.58 -9.83 -74.23
CA ALA HA 792 -29.84 -8.61 -74.99
C ALA HA 792 -28.57 -8.03 -75.65
N LEU HA 793 -27.41 -8.13 -74.98
CA LEU HA 793 -26.14 -7.67 -75.53
C LEU HA 793 -25.70 -8.53 -76.72
N LEU HA 794 -25.78 -9.87 -76.58
CA LEU HA 794 -25.42 -10.81 -77.64
C LEU HA 794 -26.36 -10.68 -78.85
N ASP HA 795 -27.67 -10.54 -78.63
CA ASP HA 795 -28.63 -10.29 -79.71
C ASP HA 795 -28.32 -8.99 -80.46
N LYS HA 796 -27.97 -7.93 -79.73
CA LYS HA 796 -27.59 -6.65 -80.35
C LYS HA 796 -26.30 -6.78 -81.17
N GLU HA 797 -25.30 -7.50 -80.66
CA GLU HA 797 -24.03 -7.74 -81.35
C GLU HA 797 -24.21 -8.55 -82.62
N PHE HA 798 -24.90 -9.69 -82.55
CA PHE HA 798 -25.15 -10.57 -83.70
C PHE HA 798 -26.08 -9.92 -84.73
N ARG HA 799 -27.14 -9.23 -84.31
CA ARG HA 799 -28.02 -8.51 -85.24
C ARG HA 799 -27.25 -7.46 -86.03
N ARG HA 800 -26.47 -6.62 -85.34
CA ARG HA 800 -25.64 -5.61 -85.98
C ARG HA 800 -24.68 -6.23 -86.98
N PHE HA 801 -24.01 -7.33 -86.60
CA PHE HA 801 -23.07 -7.99 -87.50
C PHE HA 801 -23.77 -8.60 -88.73
N ALA HA 802 -24.97 -9.16 -88.56
CA ALA HA 802 -25.78 -9.67 -89.68
C ALA HA 802 -26.24 -8.56 -90.64
N GLU HA 803 -26.64 -7.40 -90.12
CA GLU HA 803 -26.91 -6.20 -90.92
C GLU HA 803 -25.65 -5.75 -91.68
N GLU HA 804 -24.49 -5.74 -91.04
CA GLU HA 804 -23.21 -5.42 -91.69
C GLU HA 804 -22.83 -6.41 -92.81
N ILE HA 805 -23.23 -7.69 -92.72
CA ILE HA 805 -23.09 -8.69 -93.80
C ILE HA 805 -23.99 -8.33 -94.99
N SER HA 806 -25.26 -8.01 -94.71
CA SER HA 806 -26.23 -7.60 -95.73
C SER HA 806 -25.77 -6.33 -96.47
N GLU HA 807 -25.29 -5.32 -95.74
CA GLU HA 807 -24.72 -4.10 -96.32
C GLU HA 807 -23.49 -4.38 -97.20
N ALA HA 808 -22.58 -5.23 -96.74
CA ALA HA 808 -21.36 -5.58 -97.47
C ALA HA 808 -21.65 -6.35 -98.78
N SER HA 809 -22.81 -6.98 -98.89
CA SER HA 809 -23.25 -7.70 -100.08
C SER HA 809 -23.72 -6.79 -101.22
N ASN HA 810 -23.76 -5.46 -101.02
CA ASN HA 810 -24.29 -4.47 -101.98
C ASN HA 810 -25.73 -4.76 -102.44
N GLY HA 811 -26.58 -5.20 -101.51
CA GLY HA 811 -28.00 -5.50 -101.79
C GLY HA 811 -28.27 -6.86 -102.44
N LEU HA 812 -27.27 -7.75 -102.47
CA LEU HA 812 -27.48 -9.14 -102.91
C LEU HA 812 -28.17 -10.02 -101.86
N LEU HA 813 -28.04 -9.66 -100.58
CA LEU HA 813 -28.54 -10.46 -99.45
C LEU HA 813 -29.44 -9.60 -98.56
N ASP HA 814 -30.67 -10.06 -98.37
CA ASP HA 814 -31.58 -9.54 -97.36
C ASP HA 814 -31.41 -10.31 -96.04
N LEU HA 815 -31.46 -9.58 -94.92
CA LEU HA 815 -31.46 -10.18 -93.59
C LEU HA 815 -32.88 -10.59 -93.17
N GLU HA 816 -33.11 -11.89 -93.01
CA GLU HA 816 -34.39 -12.42 -92.57
C GLU HA 816 -34.41 -12.72 -91.06
N THR HA 817 -35.50 -12.37 -90.39
CA THR HA 817 -35.75 -12.69 -88.97
C THR HA 817 -37.05 -13.49 -88.85
N PRO HA 818 -37.07 -14.64 -88.15
CA PRO HA 818 -38.27 -15.47 -88.03
C PRO HA 818 -39.40 -14.81 -87.22
N PHE HA 819 -40.63 -15.02 -87.67
CA PHE HA 819 -41.85 -14.62 -86.98
C PHE HA 819 -42.27 -15.67 -85.95
N ARG HA 820 -41.80 -15.52 -84.71
CA ARG HA 820 -42.06 -16.49 -83.63
C ARG HA 820 -43.54 -16.73 -83.35
N GLU HA 821 -44.37 -15.69 -83.45
CA GLU HA 821 -45.82 -15.75 -83.17
C GLU HA 821 -46.58 -16.63 -84.16
N LEU HA 822 -46.03 -16.82 -85.37
CA LEU HA 822 -46.60 -17.67 -86.42
C LEU HA 822 -46.00 -19.09 -86.44
N GLY HA 823 -45.19 -19.43 -85.43
CA GLY HA 823 -44.52 -20.72 -85.35
C GLY HA 823 -45.45 -21.85 -84.93
N PHE HA 824 -45.21 -23.06 -85.45
CA PHE HA 824 -45.94 -24.26 -85.08
C PHE HA 824 -44.97 -25.43 -84.82
N THR HA 825 -45.38 -26.36 -83.97
CA THR HA 825 -44.56 -27.53 -83.63
C THR HA 825 -44.79 -28.67 -84.62
N GLY HA 826 -43.72 -29.38 -84.98
CA GLY HA 826 -43.76 -30.51 -85.90
C GLY HA 826 -42.47 -31.31 -85.91
N VAL HA 827 -42.46 -32.43 -86.63
CA VAL HA 827 -41.35 -33.39 -86.71
C VAL HA 827 -40.89 -33.52 -88.18
N PRO HA 828 -40.01 -32.64 -88.73
CA PRO HA 828 -39.50 -32.85 -90.09
C PRO HA 828 -38.51 -34.03 -90.13
N PHE HA 829 -37.80 -34.30 -89.04
CA PHE HA 829 -36.75 -35.36 -89.07
C PHE HA 829 -37.01 -36.42 -88.01
N ARG HA 830 -36.45 -36.24 -86.80
CA ARG HA 830 -36.57 -37.30 -85.74
C ARG HA 830 -36.95 -36.68 -84.41
N SER HA 831 -36.89 -35.35 -84.28
CA SER HA 831 -37.31 -34.66 -83.07
C SER HA 831 -38.44 -33.68 -83.37
N SER HA 832 -39.31 -33.47 -82.37
CA SER HA 832 -40.28 -32.38 -82.40
C SER HA 832 -39.55 -31.06 -82.21
N VAL HA 833 -39.80 -30.12 -83.11
CA VAL HA 833 -39.13 -28.83 -83.20
C VAL HA 833 -40.15 -27.76 -83.56
N LEU HA 834 -39.87 -26.52 -83.14
CA LEU HA 834 -40.66 -25.36 -83.55
C LEU HA 834 -40.24 -24.92 -84.96
N CYS HA 835 -41.12 -25.09 -85.94
CA CYS HA 835 -40.96 -24.56 -87.28
C CYS HA 835 -41.41 -23.10 -87.30
N LEU HA 836 -40.56 -22.22 -87.83
CA LEU HA 836 -40.75 -20.77 -87.81
C LEU HA 836 -40.84 -20.25 -89.25
N PRO HA 837 -41.95 -19.57 -89.63
CA PRO HA 837 -41.99 -18.85 -90.89
C PRO HA 837 -41.15 -17.57 -90.82
N THR HA 838 -40.57 -17.23 -91.94
CA THR HA 838 -39.85 -15.98 -92.23
C THR HA 838 -40.59 -15.26 -93.36
N ARG HA 839 -39.96 -14.26 -94.00
CA ARG HA 839 -40.57 -13.57 -95.15
C ARG HA 839 -40.73 -14.54 -96.33
N ASP HA 840 -39.67 -15.28 -96.65
CA ASP HA 840 -39.58 -16.07 -97.88
C ASP HA 840 -39.36 -17.58 -97.62
N CYS HA 841 -39.22 -17.98 -96.36
CA CYS HA 841 -38.89 -19.41 -96.09
C CYS HA 841 -39.55 -20.00 -94.84
N LEU HA 842 -39.66 -21.34 -94.78
CA LEU HA 842 -40.11 -22.03 -93.54
C LEU HA 842 -38.82 -22.62 -92.95
N ILE HA 843 -38.49 -22.28 -91.71
CA ILE HA 843 -37.17 -22.66 -91.17
C ILE HA 843 -37.24 -23.37 -89.82
N GLN HA 844 -36.23 -24.18 -89.57
CA GLN HA 844 -35.84 -24.65 -88.25
C GLN HA 844 -34.30 -24.67 -88.19
N LEU HA 845 -33.73 -23.87 -87.29
CA LEU HA 845 -32.27 -23.65 -87.23
C LEU HA 845 -31.63 -24.05 -85.89
N ILE HA 846 -32.45 -24.43 -84.90
CA ILE HA 846 -31.99 -24.69 -83.53
C ILE HA 846 -31.22 -26.01 -83.47
N ASP HA 847 -31.87 -27.09 -83.92
CA ASP HA 847 -31.34 -28.45 -83.91
C ASP HA 847 -30.85 -28.86 -85.30
N THR HA 848 -29.77 -29.65 -85.33
CA THR HA 848 -29.33 -30.30 -86.56
C THR HA 848 -30.05 -31.65 -86.74
N PRO HA 849 -30.48 -32.03 -87.94
CA PRO HA 849 -30.34 -31.32 -89.22
C PRO HA 849 -31.30 -30.13 -89.36
N PHE HA 850 -30.82 -29.08 -90.02
CA PHE HA 850 -31.59 -27.85 -90.26
C PHE HA 850 -32.65 -28.06 -91.33
N LEU HA 851 -33.78 -27.38 -91.17
CA LEU HA 851 -34.80 -27.27 -92.20
C LEU HA 851 -34.80 -25.86 -92.77
N VAL HA 852 -34.65 -25.73 -94.10
CA VAL HA 852 -34.85 -24.47 -94.82
C VAL HA 852 -35.66 -24.78 -96.08
N VAL HA 853 -36.93 -24.38 -96.06
CA VAL HA 853 -37.86 -24.53 -97.20
C VAL HA 853 -38.14 -23.15 -97.75
N THR HA 854 -37.71 -22.88 -98.98
CA THR HA 854 -38.04 -21.62 -99.68
C THR HA 854 -39.47 -21.71 -100.21
N LEU HA 855 -40.33 -20.75 -99.85
CA LEU HA 855 -41.76 -20.77 -100.18
C LEU HA 855 -42.01 -20.71 -101.68
N GLU HA 856 -41.21 -19.93 -102.42
CA GLU HA 856 -41.30 -19.80 -103.88
C GLU HA 856 -41.02 -21.11 -104.66
N GLU HA 857 -40.22 -22.02 -104.08
CA GLU HA 857 -39.89 -23.31 -104.70
C GLU HA 857 -40.97 -24.37 -104.51
N ILE HA 858 -41.98 -24.12 -103.69
CA ILE HA 858 -43.08 -25.05 -103.44
C ILE HA 858 -44.06 -24.99 -104.63
N GLU HA 859 -44.43 -26.17 -105.14
CA GLU HA 859 -45.48 -26.32 -106.14
C GLU HA 859 -46.84 -26.56 -105.45
N VAL HA 860 -46.91 -27.51 -104.51
CA VAL HA 860 -48.15 -27.82 -103.76
C VAL HA 860 -47.84 -28.34 -102.37
N ALA HA 861 -48.73 -28.05 -101.41
CA ALA HA 861 -48.71 -28.62 -100.08
C ALA HA 861 -49.84 -29.67 -99.92
N HIS HA 862 -49.54 -30.83 -99.34
CA HIS HA 862 -50.56 -31.85 -99.05
C HIS HA 862 -50.62 -32.13 -97.54
N LEU HA 863 -51.81 -32.00 -96.95
CA LEU HA 863 -52.09 -32.29 -95.55
C LEU HA 863 -52.59 -33.73 -95.41
N GLU HA 864 -51.74 -34.62 -94.91
CA GLU HA 864 -52.06 -36.03 -94.71
C GLU HA 864 -52.64 -36.29 -93.32
N ARG HA 865 -53.48 -37.33 -93.24
CA ARG HA 865 -54.15 -37.80 -92.02
C ARG HA 865 -55.09 -36.76 -91.41
N VAL HA 866 -55.66 -35.90 -92.23
CA VAL HA 866 -56.76 -35.01 -91.81
C VAL HA 866 -58.04 -35.83 -91.80
N GLN HA 867 -58.38 -36.31 -90.59
CA GLN HA 867 -59.63 -37.10 -90.38
C GLN HA 867 -59.99 -37.03 -88.89
N ASN HA 872 -53.25 -35.43 -84.52
CA ASN HA 872 -52.13 -34.85 -85.30
C ASN HA 872 -52.21 -35.19 -86.79
N PHE HA 873 -51.85 -34.23 -87.66
CA PHE HA 873 -51.76 -34.41 -89.10
C PHE HA 873 -50.29 -34.28 -89.56
N ASP HA 874 -50.01 -34.63 -90.81
CA ASP HA 874 -48.70 -34.41 -91.45
C ASP HA 874 -48.83 -33.41 -92.59
N LEU HA 875 -47.78 -32.63 -92.84
CA LEU HA 875 -47.70 -31.68 -93.95
C LEU HA 875 -46.59 -32.09 -94.90
N VAL HA 876 -46.89 -32.18 -96.19
CA VAL HA 876 -45.93 -32.55 -97.24
C VAL HA 876 -45.77 -31.40 -98.22
N PHE HA 877 -44.54 -30.95 -98.44
CA PHE HA 877 -44.20 -29.99 -99.48
C PHE HA 877 -43.66 -30.69 -100.71
N VAL HA 878 -44.32 -30.47 -101.84
CA VAL HA 878 -43.84 -30.83 -103.18
C VAL HA 878 -43.20 -29.59 -103.82
N PHE HA 879 -42.02 -29.76 -104.41
CA PHE HA 879 -41.29 -28.67 -105.06
C PHE HA 879 -41.59 -28.59 -106.57
N LYS HA 880 -41.38 -27.40 -107.16
CA LYS HA 880 -41.47 -27.17 -108.61
C LYS HA 880 -40.45 -28.00 -109.39
N ASP HA 881 -39.26 -28.17 -108.83
CA ASP HA 881 -38.27 -29.14 -109.32
C ASP HA 881 -38.63 -30.53 -108.82
N PHE HA 882 -39.25 -31.33 -109.69
CA PHE HA 882 -39.68 -32.68 -109.36
C PHE HA 882 -38.51 -33.63 -109.05
N SER HA 883 -37.26 -33.30 -109.40
CA SER HA 883 -36.08 -34.11 -109.03
C SER HA 883 -35.75 -34.00 -107.53
N LYS HA 884 -36.13 -32.89 -106.89
CA LYS HA 884 -35.94 -32.65 -105.46
C LYS HA 884 -36.91 -33.52 -104.65
N PRO HA 885 -36.44 -34.25 -103.63
CA PRO HA 885 -37.32 -35.06 -102.79
C PRO HA 885 -38.30 -34.18 -102.01
N VAL HA 886 -39.53 -34.68 -101.83
CA VAL HA 886 -40.56 -34.03 -101.01
C VAL HA 886 -40.10 -33.90 -99.55
N VAL HA 887 -40.55 -32.84 -98.88
CA VAL HA 887 -40.26 -32.60 -97.46
C VAL HA 887 -41.50 -32.89 -96.64
N HIS HA 888 -41.36 -33.78 -95.64
CA HIS HA 888 -42.41 -34.10 -94.69
C HIS HA 888 -42.20 -33.34 -93.38
N ILE HA 889 -43.26 -32.77 -92.82
CA ILE HA 889 -43.33 -32.27 -91.45
C ILE HA 889 -44.42 -33.05 -90.73
N ASN HA 890 -44.00 -34.02 -89.92
CA ASN HA 890 -44.92 -34.95 -89.30
C ASN HA 890 -45.45 -34.46 -87.95
N THR HA 891 -46.55 -35.04 -87.49
CA THR HA 891 -47.05 -34.90 -86.11
C THR HA 891 -47.32 -33.43 -85.73
N ILE HA 892 -47.94 -32.68 -86.64
CA ILE HA 892 -48.40 -31.32 -86.34
C ILE HA 892 -49.72 -31.42 -85.55
N PRO HA 893 -49.88 -30.72 -84.42
CA PRO HA 893 -51.12 -30.73 -83.66
C PRO HA 893 -52.31 -30.26 -84.49
N ILE HA 894 -53.44 -30.96 -84.41
CA ILE HA 894 -54.65 -30.63 -85.19
C ILE HA 894 -55.21 -29.24 -84.88
N GLU HA 895 -54.94 -28.71 -83.68
CA GLU HA 895 -55.29 -27.34 -83.28
C GLU HA 895 -54.67 -26.27 -84.21
N MET HA 896 -53.56 -26.59 -84.87
CA MET HA 896 -52.85 -25.71 -85.81
C MET HA 896 -53.30 -25.87 -87.27
N LEU HA 897 -54.22 -26.79 -87.58
CA LEU HA 897 -54.62 -27.10 -88.95
C LEU HA 897 -55.16 -25.85 -89.69
N GLU HA 898 -56.14 -25.18 -89.10
CA GLU HA 898 -56.81 -24.02 -89.70
C GLU HA 898 -55.87 -22.83 -89.85
N PHE HA 899 -54.93 -22.69 -88.92
CA PHE HA 899 -53.84 -21.71 -88.99
C PHE HA 899 -52.89 -22.02 -90.14
N VAL HA 900 -52.44 -23.27 -90.29
CA VAL HA 900 -51.56 -23.69 -91.39
C VAL HA 900 -52.25 -23.51 -92.75
N LYS HA 901 -53.54 -23.88 -92.89
CA LYS HA 901 -54.33 -23.64 -94.10
C LYS HA 901 -54.43 -22.15 -94.45
N GLN HA 902 -54.65 -21.31 -93.43
CA GLN HA 902 -54.70 -19.87 -93.63
C GLN HA 902 -53.34 -19.34 -94.10
N TRP HA 903 -52.26 -19.73 -93.40
CA TRP HA 903 -50.90 -19.32 -93.75
C TRP HA 903 -50.50 -19.74 -95.17
N LEU HA 904 -50.81 -20.97 -95.60
CA LEU HA 904 -50.56 -21.42 -96.97
C LEU HA 904 -51.33 -20.58 -97.99
N THR HA 905 -52.57 -20.19 -97.68
CA THR HA 905 -53.38 -19.32 -98.55
C THR HA 905 -52.79 -17.91 -98.64
N ASP HA 906 -52.37 -17.34 -97.50
CA ASP HA 906 -51.76 -16.00 -97.45
C ASP HA 906 -50.42 -15.92 -98.20
N VAL HA 907 -49.76 -17.07 -98.41
CA VAL HA 907 -48.48 -17.20 -99.15
C VAL HA 907 -48.70 -17.65 -100.61
N ASP HA 908 -49.95 -17.77 -101.08
CA ASP HA 908 -50.30 -18.24 -102.43
C ASP HA 908 -49.83 -19.67 -102.75
N ILE HA 909 -49.74 -20.55 -101.75
CA ILE HA 909 -49.43 -21.98 -101.94
C ILE HA 909 -50.74 -22.77 -102.00
N PRO HA 910 -51.02 -23.52 -103.09
CA PRO HA 910 -52.18 -24.39 -103.09
C PRO HA 910 -52.00 -25.52 -102.10
N TYR HA 911 -53.09 -25.94 -101.47
CA TYR HA 911 -53.07 -27.12 -100.63
C TYR HA 911 -54.20 -28.08 -100.95
N SER HA 912 -54.00 -29.34 -100.57
CA SER HA 912 -54.99 -30.41 -100.61
C SER HA 912 -54.94 -31.19 -99.30
N GLU HA 913 -56.02 -31.87 -98.94
CA GLU HA 913 -56.11 -32.65 -97.70
C GLU HA 913 -56.51 -34.09 -98.01
N GLY HA 914 -55.99 -35.03 -97.23
CA GLY HA 914 -56.25 -36.46 -97.41
C GLY HA 914 -56.21 -37.21 -96.09
N ALA HA 915 -57.04 -38.24 -95.95
CA ALA HA 915 -57.07 -39.09 -94.76
C ALA HA 915 -55.88 -40.07 -94.67
N VAL HA 916 -55.20 -40.33 -95.79
CA VAL HA 916 -54.18 -41.37 -95.93
C VAL HA 916 -52.82 -40.76 -96.29
N ASN HA 917 -51.73 -41.35 -95.78
CA ASN HA 917 -50.38 -41.01 -96.23
C ASN HA 917 -50.10 -41.61 -97.61
N LEU HA 918 -49.66 -40.77 -98.55
CA LEU HA 918 -49.39 -41.20 -99.93
C LEU HA 918 -47.95 -41.69 -100.11
N ASN HA 919 -47.75 -42.62 -101.04
CA ASN HA 919 -46.40 -43.03 -101.45
C ASN HA 919 -45.81 -42.05 -102.48
N TRP HA 920 -45.35 -40.89 -101.98
CA TRP HA 920 -44.71 -39.85 -102.78
C TRP HA 920 -43.52 -40.34 -103.60
N GLY HA 921 -42.78 -41.34 -103.11
CA GLY HA 921 -41.64 -41.91 -103.84
C GLY HA 921 -42.03 -42.64 -105.13
N THR HA 922 -43.23 -43.20 -105.19
CA THR HA 922 -43.80 -43.76 -106.43
C THR HA 922 -44.43 -42.66 -107.29
N ILE HA 923 -45.23 -41.77 -106.67
CA ILE HA 923 -45.92 -40.67 -107.37
C ILE HA 923 -44.91 -39.78 -108.11
N MET HA 924 -43.86 -39.30 -107.43
CA MET HA 924 -42.85 -38.44 -108.04
C MET HA 924 -42.08 -39.14 -109.17
N LYS HA 925 -41.90 -40.47 -109.12
CA LYS HA 925 -41.28 -41.21 -110.23
C LYS HA 925 -42.19 -41.28 -111.46
N THR HA 926 -43.49 -41.45 -111.25
CA THR HA 926 -44.47 -41.42 -112.33
C THR HA 926 -44.51 -40.04 -112.97
N ILE HA 927 -44.57 -38.98 -112.15
CA ILE HA 927 -44.56 -37.59 -112.63
C ILE HA 927 -43.24 -37.27 -113.36
N GLN HA 928 -42.10 -37.77 -112.86
CA GLN HA 928 -40.80 -37.54 -113.56
C GLN HA 928 -40.78 -38.26 -114.92
N ALA HA 929 -41.42 -39.43 -115.04
CA ALA HA 929 -41.38 -40.21 -116.26
C ALA HA 929 -42.08 -39.49 -117.42
N ASP HA 930 -43.24 -38.89 -117.15
CA ASP HA 930 -43.95 -38.03 -118.10
C ASP HA 930 -44.69 -36.89 -117.38
N PRO HA 931 -44.02 -35.73 -117.20
CA PRO HA 931 -44.65 -34.56 -116.59
C PRO HA 931 -45.78 -33.98 -117.43
N TYR HA 932 -45.73 -34.14 -118.76
CA TYR HA 932 -46.73 -33.57 -119.66
C TYR HA 932 -48.06 -34.32 -119.53
N GLU HA 933 -48.02 -35.66 -119.63
CA GLU HA 933 -49.20 -36.51 -119.45
C GLU HA 933 -49.85 -36.28 -118.07
N PHE HA 934 -49.04 -36.05 -117.03
CA PHE HA 934 -49.53 -35.74 -115.69
C PHE HA 934 -50.42 -34.48 -115.68
N PHE HA 935 -49.95 -33.37 -116.26
CA PHE HA 935 -50.76 -32.15 -116.33
C PHE HA 935 -51.92 -32.28 -117.34
N GLU HA 936 -51.71 -33.04 -118.41
CA GLU HA 936 -52.79 -33.26 -119.42
C GLU HA 936 -54.02 -33.85 -118.72
N ASN HA 937 -53.83 -34.88 -117.89
CA ASN HA 937 -54.97 -35.57 -117.21
C ASN HA 937 -55.71 -34.61 -116.27
N GLY HA 938 -54.99 -33.79 -115.50
CA GLY HA 938 -55.62 -32.89 -114.51
C GLY HA 938 -54.60 -32.41 -113.50
N GLY HA 939 -53.41 -33.00 -113.50
CA GLY HA 939 -52.32 -32.58 -112.63
C GLY HA 939 -52.56 -32.96 -111.16
N TRP HA 940 -52.55 -31.94 -110.29
CA TRP HA 940 -52.77 -32.18 -108.84
C TRP HA 940 -54.26 -32.13 -108.51
N SER HA 941 -54.61 -31.82 -107.26
CA SER HA 941 -56.03 -31.71 -106.82
C SER HA 941 -56.82 -32.99 -107.16
N PHE HA 942 -56.13 -34.14 -107.26
CA PHE HA 942 -56.76 -35.46 -107.54
C PHE HA 942 -58.25 -35.33 -107.90
N LEU HA 943 -58.53 -34.83 -109.12
CA LEU HA 943 -59.93 -34.62 -109.58
C LEU HA 943 -60.57 -35.97 -109.92
N GLY HA 944 -59.82 -36.87 -110.56
CA GLY HA 944 -60.36 -38.19 -110.94
C GLY HA 944 -61.20 -38.11 -112.22
N GLY HA 945 -61.89 -39.22 -112.56
CA GLY HA 945 -62.73 -39.25 -113.77
C GLY HA 945 -64.17 -38.88 -113.46
N GLY HA 946 -64.42 -37.63 -113.05
CA GLY HA 946 -65.79 -37.18 -112.75
C GLY HA 946 -66.47 -38.07 -111.73
N GLU HA 947 -67.64 -38.61 -112.06
CA GLU HA 947 -68.37 -39.54 -111.16
C GLU HA 947 -67.79 -40.94 -111.33
N SER HA 948 -67.03 -41.43 -110.35
CA SER HA 948 -66.39 -42.77 -110.45
C SER HA 948 -67.47 -43.86 -110.51
N ASP HA 949 -68.48 -43.78 -109.64
CA ASP HA 949 -69.57 -44.80 -109.61
C ASP HA 949 -70.91 -44.08 -109.46
N ASP HA 950 -71.94 -44.51 -110.20
CA ASP HA 950 -73.28 -43.88 -110.15
C ASP HA 950 -73.67 -43.61 -108.69
N GLU HA 951 -74.01 -42.35 -108.36
CA GLU HA 951 -74.36 -41.99 -106.97
C GLU HA 951 -75.60 -42.80 -106.54
N GLU HA 952 -75.50 -43.51 -105.42
CA GLU HA 952 -76.64 -44.36 -104.95
C GLU HA 952 -77.34 -43.68 -103.77
N SER HA 953 -76.80 -42.57 -103.26
CA SER HA 953 -77.37 -41.85 -102.09
C SER HA 953 -77.55 -42.79 -100.89
N GLU HA 954 -78.41 -42.41 -99.93
CA GLU HA 954 -78.64 -43.27 -98.73
C GLU HA 954 -79.78 -42.65 -97.90
N GLU HA 955 -79.73 -41.34 -97.67
CA GLU HA 955 -80.77 -40.65 -96.86
C GLU HA 955 -82.02 -40.44 -97.73
N GLU HA 956 -83.19 -40.85 -97.24
CA GLU HA 956 -84.42 -40.78 -98.07
C GLU HA 956 -85.50 -39.91 -97.41
N GLU HA 957 -85.17 -39.29 -96.26
CA GLU HA 957 -86.13 -38.40 -95.54
C GLU HA 957 -87.44 -39.16 -95.23
N SER HA 958 -87.36 -40.48 -95.02
CA SER HA 958 -88.56 -41.28 -94.66
C SER HA 958 -88.37 -41.91 -93.28
N GLU HA 959 -88.93 -41.29 -92.25
CA GLU HA 959 -88.76 -41.78 -90.85
C GLU HA 959 -89.33 -43.20 -90.73
N PHE HA 960 -88.54 -44.14 -90.20
CA PHE HA 960 -89.01 -45.54 -90.03
C PHE HA 960 -89.10 -45.86 -88.54
N GLN HA 961 -88.94 -47.14 -88.17
CA GLN HA 961 -89.00 -47.56 -86.75
C GLN HA 961 -90.25 -46.98 -86.08
N VAL HA 962 -91.44 -47.37 -86.56
CA VAL HA 962 -92.71 -46.84 -86.00
C VAL HA 962 -92.73 -47.04 -84.48
N SER HA 963 -92.85 -45.95 -83.72
CA SER HA 963 -92.87 -46.02 -82.24
C SER HA 963 -93.96 -45.11 -81.69
N ASP HA 964 -94.75 -45.61 -80.73
CA ASP HA 964 -95.82 -44.78 -80.11
C ASP HA 964 -95.17 -43.61 -79.34
N GLU HA 965 -95.70 -42.39 -79.52
CA GLU HA 965 -95.15 -41.20 -78.83
C GLU HA 965 -95.73 -41.13 -77.41
N ASP HA 966 -95.14 -41.88 -76.47
CA ASP HA 966 -95.62 -41.88 -75.07
C ASP HA 966 -95.41 -40.49 -74.45
N PRO HA 967 -94.29 -39.82 -74.77
CA PRO HA 967 -94.00 -38.47 -74.23
C PRO HA 967 -94.11 -38.50 -72.70
N GLU HA 968 -95.11 -37.81 -72.14
CA GLU HA 968 -95.33 -37.83 -70.67
C GLU HA 968 -96.14 -39.08 -70.30
N ASP HA 969 -95.51 -40.26 -70.36
CA ASP HA 969 -96.20 -41.52 -70.03
C ASP HA 969 -96.04 -41.84 -68.54
N GLU HA 970 -96.63 -42.96 -68.09
CA GLU HA 970 -96.53 -43.35 -66.66
C GLU HA 970 -95.58 -44.54 -66.52
N ASP HA 971 -96.09 -45.74 -66.21
CA ASP HA 971 -95.27 -46.97 -66.05
C ASP HA 971 -94.16 -46.78 -65.00
N VAL HA 972 -94.40 -45.94 -63.98
CA VAL HA 972 -93.40 -45.66 -62.93
C VAL HA 972 -94.09 -44.97 -61.75
N SER HA 973 -94.85 -43.89 -62.03
CA SER HA 973 -95.56 -43.12 -60.98
C SER HA 973 -94.60 -42.74 -59.83
N GLU HA 974 -94.92 -43.18 -58.61
CA GLU HA 974 -94.06 -42.87 -57.45
C GLU HA 974 -93.06 -44.02 -57.24
N GLU HA 975 -91.96 -44.01 -58.00
CA GLU HA 975 -90.91 -45.04 -57.81
C GLU HA 975 -90.52 -45.07 -56.33
N TYR HA 976 -90.77 -46.19 -55.65
CA TYR HA 976 -90.52 -46.30 -54.19
C TYR HA 976 -89.24 -45.57 -53.79
N SER HA 977 -89.42 -44.48 -53.01
CA SER HA 977 -88.30 -43.60 -52.62
C SER HA 977 -88.19 -43.51 -51.09
N ALA HA 978 -87.94 -44.62 -50.41
CA ALA HA 978 -87.87 -44.59 -48.93
C ALA HA 978 -86.66 -43.76 -48.53
N ALA HA 979 -86.89 -42.59 -47.90
CA ALA HA 979 -85.77 -41.68 -47.54
C ALA HA 979 -85.09 -42.17 -46.27
N GLU HA 980 -84.44 -43.34 -46.31
CA GLU HA 980 -83.68 -43.85 -45.14
C GLU HA 980 -82.49 -42.92 -44.93
N ASP HA 981 -81.70 -42.68 -45.99
CA ASP HA 981 -80.55 -41.75 -45.90
C ASP HA 981 -80.39 -41.03 -47.25
N MET IA 4 15.52 -76.10 -151.09
CA MET IA 4 14.16 -75.66 -150.72
C MET IA 4 14.27 -74.94 -149.40
N SER IA 5 13.98 -73.63 -149.37
CA SER IA 5 14.09 -72.81 -148.15
C SER IA 5 12.90 -73.13 -147.23
N THR IA 6 13.11 -73.98 -146.23
CA THR IA 6 12.17 -74.16 -145.12
C THR IA 6 12.30 -72.95 -144.20
N VAL IA 7 11.22 -72.19 -144.02
CA VAL IA 7 11.17 -71.13 -143.01
C VAL IA 7 10.56 -71.69 -141.73
N ASP IA 8 11.24 -71.45 -140.63
CA ASP IA 8 10.86 -71.93 -139.31
C ASP IA 8 10.87 -70.80 -138.29
N PHE IA 9 9.94 -70.90 -137.35
CA PHE IA 9 9.78 -69.98 -136.25
C PHE IA 9 9.79 -70.78 -134.96
N ASP IA 10 10.67 -70.41 -134.04
CA ASP IA 10 10.73 -70.96 -132.71
C ASP IA 10 9.78 -70.22 -131.76
N THR IA 11 9.43 -70.82 -130.63
CA THR IA 11 8.57 -70.14 -129.59
C THR IA 11 7.13 -69.85 -130.00
N ILE IA 12 6.59 -70.57 -130.97
CA ILE IA 12 5.20 -70.43 -131.40
C ILE IA 12 4.29 -71.39 -130.65
N PHE IA 13 3.08 -70.96 -130.30
CA PHE IA 13 2.11 -71.75 -129.56
C PHE IA 13 0.92 -72.10 -130.45
N LEU IA 14 0.41 -73.32 -130.34
CA LEU IA 14 -0.69 -73.83 -131.15
C LEU IA 14 -1.98 -73.86 -130.32
N ASN IA 15 -3.04 -73.21 -130.78
CA ASN IA 15 -4.36 -73.17 -130.14
C ASN IA 15 -4.31 -72.83 -128.64
N GLN IA 16 -3.44 -71.88 -128.25
CA GLN IA 16 -3.29 -71.45 -126.83
C GLN IA 16 -2.56 -72.51 -125.99
N SER IA 17 -1.73 -73.36 -126.61
CA SER IA 17 -0.93 -74.33 -125.88
C SER IA 17 -0.05 -73.66 -124.81
N LYS IA 18 0.12 -74.33 -123.68
CA LYS IA 18 1.03 -73.93 -122.61
C LYS IA 18 2.49 -74.06 -123.03
N ALA IA 19 2.83 -75.13 -123.76
CA ALA IA 19 4.18 -75.36 -124.23
C ALA IA 19 4.44 -74.61 -125.56
N PRO IA 20 5.59 -73.91 -125.69
CA PRO IA 20 6.04 -73.39 -126.97
C PRO IA 20 6.47 -74.53 -127.87
N GLY IA 21 6.35 -74.32 -129.18
CA GLY IA 21 6.78 -75.24 -130.22
C GLY IA 21 7.50 -74.53 -131.36
N ARG IA 22 8.01 -75.34 -132.27
CA ARG IA 22 8.63 -74.91 -133.53
C ARG IA 22 7.59 -75.04 -134.64
N PHE IA 23 7.27 -73.92 -135.25
CA PHE IA 23 6.41 -73.82 -136.42
C PHE IA 23 7.27 -73.86 -137.69
N ARG IA 24 6.83 -74.57 -138.73
CA ARG IA 24 7.52 -74.70 -140.02
C ARG IA 24 6.55 -74.58 -141.17
N ILE IA 25 6.98 -73.85 -142.19
CA ILE IA 25 6.27 -73.74 -143.46
C ILE IA 25 7.01 -74.58 -144.51
N THR IA 26 6.29 -75.50 -145.15
CA THR IA 26 6.81 -76.35 -146.23
C THR IA 26 5.84 -76.32 -147.41
N SER IA 27 6.31 -76.72 -148.59
CA SER IA 27 5.45 -76.83 -149.79
C SER IA 27 4.30 -77.82 -149.61
N SER IA 28 4.48 -78.82 -148.73
CA SER IA 28 3.44 -79.79 -148.38
C SER IA 28 2.37 -79.22 -147.42
N GLY IA 29 2.64 -78.12 -146.71
CA GLY IA 29 1.72 -77.57 -145.72
C GLY IA 29 2.39 -76.86 -144.54
N LEU IA 30 1.63 -76.71 -143.45
CA LEU IA 30 2.11 -76.16 -142.19
C LEU IA 30 2.40 -77.28 -141.20
N GLY IA 31 3.49 -77.15 -140.45
CA GLY IA 31 3.84 -78.08 -139.38
C GLY IA 31 4.13 -77.37 -138.07
N TRP IA 32 3.68 -77.93 -136.95
CA TRP IA 32 4.02 -77.44 -135.62
C TRP IA 32 4.41 -78.61 -134.72
N LYS IA 33 5.51 -78.48 -133.98
CA LYS IA 33 6.00 -79.50 -133.04
C LYS IA 33 6.32 -78.87 -131.70
N PRO IA 34 5.87 -79.42 -130.56
CA PRO IA 34 6.23 -78.90 -129.24
C PRO IA 34 7.74 -78.97 -129.00
N SER IA 35 8.29 -77.96 -128.32
CA SER IA 35 9.71 -77.96 -127.91
C SER IA 35 9.94 -79.00 -126.82
N SER IA 36 10.97 -79.83 -126.97
CA SER IA 36 11.26 -81.01 -126.13
C SER IA 36 11.68 -80.70 -124.67
N GLN IA 37 11.67 -79.44 -124.24
CA GLN IA 37 12.14 -79.03 -122.92
C GLN IA 37 11.09 -79.11 -121.80
N VAL IA 38 9.81 -79.40 -122.10
CA VAL IA 38 8.73 -79.45 -121.09
C VAL IA 38 8.12 -80.86 -121.00
N PRO IA 39 8.11 -81.52 -119.83
CA PRO IA 39 7.50 -82.84 -119.66
C PRO IA 39 5.97 -82.70 -119.77
N THR IA 40 5.49 -82.74 -121.00
CA THR IA 40 4.04 -82.55 -121.19
C THR IA 40 3.44 -83.94 -121.28
N LYS IA 41 2.84 -84.44 -120.20
CA LYS IA 41 2.17 -85.76 -120.33
C LYS IA 41 1.31 -85.58 -121.57
N GLY IA 42 1.62 -86.28 -122.67
CA GLY IA 42 0.93 -85.90 -123.91
C GLY IA 42 1.61 -86.39 -125.21
N LYS IA 43 0.90 -86.87 -126.29
CA LYS IA 43 1.61 -87.21 -127.53
C LYS IA 43 2.57 -86.09 -127.97
N THR IA 44 3.81 -86.47 -128.31
CA THR IA 44 4.85 -85.60 -128.89
C THR IA 44 4.74 -85.44 -130.41
N ASP IA 45 3.65 -85.92 -131.00
CA ASP IA 45 3.45 -85.97 -132.44
C ASP IA 45 3.31 -84.57 -133.03
N PRO IA 46 3.99 -84.28 -134.16
CA PRO IA 46 3.87 -82.99 -134.82
C PRO IA 46 2.46 -82.81 -135.37
N PHE IA 47 1.88 -81.63 -135.14
CA PHE IA 47 0.68 -81.18 -135.84
C PHE IA 47 1.06 -80.87 -137.30
N LEU IA 48 0.30 -81.40 -138.25
CA LEU IA 48 0.50 -81.19 -139.69
C LEU IA 48 -0.82 -80.77 -140.33
N LEU IA 49 -0.80 -79.66 -141.06
CA LEU IA 49 -1.91 -79.17 -141.87
C LEU IA 49 -1.49 -79.18 -143.35
N PRO IA 50 -2.13 -80.00 -144.21
CA PRO IA 50 -1.86 -80.03 -145.63
C PRO IA 50 -2.11 -78.67 -146.31
N SER IA 51 -1.33 -78.36 -147.35
CA SER IA 51 -1.50 -77.13 -148.14
C SER IA 51 -2.88 -77.01 -148.80
N GLY IA 52 -3.47 -78.13 -149.23
CA GLY IA 52 -4.80 -78.18 -149.85
C GLY IA 52 -5.95 -77.77 -148.92
N ASP IA 53 -5.75 -77.87 -147.61
CA ASP IA 53 -6.78 -77.56 -146.60
C ASP IA 53 -6.80 -76.08 -146.21
N ILE IA 54 -5.77 -75.30 -146.59
CA ILE IA 54 -5.68 -73.87 -146.27
C ILE IA 54 -6.61 -73.08 -147.19
N LEU IA 55 -7.55 -72.31 -146.61
CA LEU IA 55 -8.46 -71.43 -147.33
C LEU IA 55 -7.96 -69.98 -147.33
N SER IA 56 -7.74 -69.43 -146.14
CA SER IA 56 -7.29 -68.06 -145.96
C SER IA 56 -6.51 -67.92 -144.66
N VAL IA 57 -5.71 -66.86 -144.53
CA VAL IA 57 -4.88 -66.61 -143.36
C VAL IA 57 -4.98 -65.15 -142.96
N SER IA 58 -5.25 -64.91 -141.68
CA SER IA 58 -5.29 -63.57 -141.10
C SER IA 58 -4.19 -63.38 -140.05
N TRP IA 59 -3.70 -62.14 -139.99
CA TRP IA 59 -2.70 -61.66 -139.05
C TRP IA 59 -3.34 -60.64 -138.13
N SER IA 60 -3.16 -60.79 -136.82
CA SER IA 60 -3.78 -59.90 -135.84
C SER IA 60 -3.08 -59.97 -134.48
N ARG IA 61 -3.39 -59.03 -133.59
CA ARG IA 61 -2.83 -59.01 -132.25
C ARG IA 61 -3.43 -60.10 -131.37
N GLY IA 62 -2.58 -60.97 -130.81
CA GLY IA 62 -2.94 -61.99 -129.82
C GLY IA 62 -2.49 -61.63 -128.40
N TYR IA 63 -2.53 -62.57 -127.45
CA TYR IA 63 -2.00 -62.34 -126.09
C TYR IA 63 -0.46 -62.30 -126.04
N ARG IA 64 0.21 -63.22 -126.74
CA ARG IA 64 1.66 -63.44 -126.68
C ARG IA 64 2.44 -62.74 -127.81
N GLY IA 65 1.90 -61.65 -128.35
CA GLY IA 65 2.45 -60.97 -129.52
C GLY IA 65 1.45 -60.97 -130.66
N TRP IA 66 1.88 -61.35 -131.84
CA TRP IA 66 1.01 -61.48 -133.00
C TRP IA 66 0.54 -62.92 -133.17
N GLU IA 67 -0.67 -63.05 -133.69
CA GLU IA 67 -1.37 -64.30 -133.95
C GLU IA 67 -1.59 -64.43 -135.46
N LEU IA 68 -1.22 -65.61 -135.97
CA LEU IA 68 -1.58 -66.09 -137.29
C LEU IA 68 -2.78 -67.02 -137.16
N ARG IA 69 -3.92 -66.61 -137.69
CA ARG IA 69 -5.15 -67.41 -137.69
C ARG IA 69 -5.39 -67.97 -139.09
N VAL IA 70 -5.36 -69.30 -139.19
CA VAL IA 70 -5.51 -70.04 -140.44
C VAL IA 70 -6.92 -70.62 -140.53
N TYR IA 71 -7.66 -70.23 -141.54
CA TYR IA 71 -8.97 -70.77 -141.87
C TYR IA 71 -8.80 -71.97 -142.80
N THR IA 72 -9.36 -73.10 -142.41
CA THR IA 72 -9.31 -74.32 -143.22
C THR IA 72 -10.58 -74.50 -144.06
N ARG IA 73 -10.50 -75.30 -145.13
CA ARG IA 73 -11.67 -75.66 -145.96
C ARG IA 73 -12.68 -76.53 -145.22
N ASN IA 74 -12.27 -77.19 -144.14
CA ASN IA 74 -13.10 -78.03 -143.26
C ASN IA 74 -13.74 -77.22 -142.12
N ASP IA 75 -13.89 -75.90 -142.28
CA ASP IA 75 -14.55 -74.99 -141.32
C ASP IA 75 -13.92 -74.98 -139.91
N LYS IA 76 -12.66 -75.41 -139.80
CA LYS IA 76 -11.85 -75.30 -138.57
C LYS IA 76 -10.93 -74.08 -138.64
N VAL IA 77 -10.74 -73.46 -137.47
CA VAL IA 77 -9.81 -72.36 -137.27
C VAL IA 77 -8.61 -72.84 -136.47
N ILE IA 78 -7.41 -72.61 -136.99
CA ILE IA 78 -6.16 -72.90 -136.29
C ILE IA 78 -5.52 -71.58 -135.86
N MET IA 79 -5.19 -71.46 -134.58
CA MET IA 79 -4.57 -70.28 -134.00
C MET IA 79 -3.10 -70.57 -133.69
N LEU IA 80 -2.19 -69.75 -134.22
CA LEU IA 80 -0.77 -69.79 -133.92
C LEU IA 80 -0.34 -68.44 -133.35
N ASP IA 81 0.03 -68.41 -132.07
CA ASP IA 81 0.42 -67.13 -131.42
C ASP IA 81 1.88 -67.18 -130.94
N GLY IA 82 2.50 -66.00 -130.79
CA GLY IA 82 3.90 -65.86 -130.35
C GLY IA 82 4.81 -65.17 -131.36
N PHE IA 83 4.29 -64.74 -132.51
CA PHE IA 83 5.07 -64.03 -133.51
C PHE IA 83 5.40 -62.59 -133.10
N GLU IA 84 6.54 -62.10 -133.57
CA GLU IA 84 6.91 -60.70 -133.46
C GLU IA 84 6.35 -59.88 -134.63
N GLN IA 85 6.30 -58.55 -134.47
CA GLN IA 85 5.81 -57.67 -135.54
C GLN IA 85 6.71 -57.72 -136.78
N GLN IA 86 8.00 -58.01 -136.61
CA GLN IA 86 8.95 -58.07 -137.76
C GLN IA 86 8.65 -59.29 -138.63
N ASP IA 87 8.21 -60.40 -138.03
CA ASP IA 87 7.92 -61.65 -138.74
C ASP IA 87 6.86 -61.48 -139.84
N PHE IA 88 6.04 -60.42 -139.78
CA PHE IA 88 4.92 -60.20 -140.70
C PHE IA 88 5.36 -60.18 -142.17
N GLN IA 89 6.44 -59.44 -142.47
CA GLN IA 89 6.92 -59.33 -143.87
C GLN IA 89 7.36 -60.71 -144.38
N GLN IA 90 8.12 -61.45 -143.57
CA GLN IA 90 8.63 -62.79 -143.97
C GLN IA 90 7.44 -63.74 -144.17
N LEU IA 91 6.55 -63.82 -143.18
CA LEU IA 91 5.35 -64.68 -143.28
C LEU IA 91 4.50 -64.35 -144.50
N LYS IA 92 4.26 -63.05 -144.77
CA LYS IA 92 3.49 -62.61 -145.93
C LYS IA 92 4.10 -63.11 -147.23
N ASN IA 93 5.40 -62.95 -147.41
CA ASN IA 93 6.10 -63.38 -148.62
C ASN IA 93 6.08 -64.92 -148.76
N GLU IA 94 6.33 -65.66 -147.68
CA GLU IA 94 6.37 -67.13 -147.72
C GLU IA 94 5.00 -67.78 -147.92
N ILE IA 95 3.95 -67.28 -147.27
CA ILE IA 95 2.58 -67.77 -147.44
C ILE IA 95 2.09 -67.49 -148.87
N GLN IA 96 2.36 -66.28 -149.40
CA GLN IA 96 2.02 -65.94 -150.77
C GLN IA 96 2.75 -66.84 -151.77
N ARG IA 97 4.06 -67.05 -151.56
CA ARG IA 97 4.90 -67.88 -152.44
C ARG IA 97 4.50 -69.36 -152.41
N THR IA 98 4.19 -69.89 -151.23
CA THR IA 98 4.00 -71.34 -151.03
C THR IA 98 2.58 -71.78 -151.28
N PHE IA 99 1.58 -71.01 -150.82
CA PHE IA 99 0.16 -71.38 -150.87
C PHE IA 99 -0.66 -70.52 -151.82
N ASN IA 100 -0.11 -69.42 -152.36
CA ASN IA 100 -0.83 -68.44 -153.16
C ASN IA 100 -2.04 -67.82 -152.42
N VAL IA 101 -1.89 -67.62 -151.11
CA VAL IA 101 -2.90 -67.05 -150.22
C VAL IA 101 -2.42 -65.70 -149.69
N ASN IA 102 -3.26 -64.67 -149.77
CA ASN IA 102 -2.96 -63.36 -149.21
C ASN IA 102 -3.05 -63.40 -147.67
N LEU IA 103 -2.02 -62.87 -146.99
CA LEU IA 103 -2.05 -62.65 -145.55
C LEU IA 103 -2.76 -61.33 -145.21
N GLU IA 104 -3.99 -61.41 -144.69
CA GLU IA 104 -4.82 -60.25 -144.34
C GLU IA 104 -4.49 -59.69 -142.95
N HIS IA 105 -4.21 -58.39 -142.84
CA HIS IA 105 -4.04 -57.74 -141.54
C HIS IA 105 -5.40 -57.28 -140.98
N LYS IA 106 -5.83 -57.89 -139.87
CA LYS IA 106 -7.14 -57.64 -139.25
C LYS IA 106 -6.97 -56.83 -137.94
N GLU IA 107 -7.34 -55.55 -137.98
CA GLU IA 107 -7.35 -54.67 -136.80
C GLU IA 107 -8.59 -54.88 -135.92
N HIS IA 108 -8.36 -54.96 -134.61
CA HIS IA 108 -9.48 -55.24 -133.69
C HIS IA 108 -9.91 -54.01 -132.87
N SER IA 109 -11.20 -53.93 -132.54
CA SER IA 109 -11.75 -52.84 -131.75
C SER IA 109 -11.21 -52.88 -130.32
N LEU IA 110 -10.61 -51.77 -129.87
CA LEU IA 110 -10.09 -51.62 -128.50
C LEU IA 110 -10.89 -50.64 -127.66
N ARG IA 111 -12.09 -50.25 -128.11
CA ARG IA 111 -12.90 -49.19 -127.47
C ARG IA 111 -13.43 -49.57 -126.09
N GLY IA 112 -13.57 -50.86 -125.80
CA GLY IA 112 -14.12 -51.31 -124.50
C GLY IA 112 -15.64 -51.28 -124.40
N TRP IA 113 -16.35 -51.14 -125.52
CA TRP IA 113 -17.80 -51.18 -125.61
C TRP IA 113 -18.30 -52.62 -125.63
N ASN IA 114 -19.40 -52.88 -124.94
CA ASN IA 114 -20.05 -54.20 -124.94
C ASN IA 114 -21.23 -54.28 -125.92
N TRP IA 115 -21.43 -53.24 -126.72
CA TRP IA 115 -22.49 -53.27 -127.76
C TRP IA 115 -21.85 -53.38 -129.14
N GLY IA 116 -22.63 -53.78 -130.14
CA GLY IA 116 -22.13 -54.01 -131.48
C GLY IA 116 -23.12 -54.76 -132.35
N LYS IA 117 -22.60 -55.50 -133.33
CA LYS IA 117 -23.37 -56.42 -134.19
C LYS IA 117 -22.65 -57.77 -134.23
N THR IA 118 -23.35 -58.85 -133.97
CA THR IA 118 -22.87 -60.20 -134.21
C THR IA 118 -22.96 -60.53 -135.70
N GLN IA 119 -22.00 -61.34 -136.16
CA GLN IA 119 -21.94 -61.74 -137.59
C GLN IA 119 -21.51 -63.19 -137.72
N LEU IA 120 -22.43 -64.08 -138.07
CA LEU IA 120 -22.10 -65.53 -138.17
C LEU IA 120 -21.23 -65.78 -139.41
N THR IA 121 -19.89 -65.78 -139.27
CA THR IA 121 -19.00 -66.14 -140.41
C THR IA 121 -18.92 -67.67 -140.53
N ARG IA 122 -18.51 -68.20 -141.69
CA ARG IA 122 -18.47 -69.67 -141.96
C ARG IA 122 -17.92 -70.52 -140.81
N ALA IA 123 -16.80 -70.15 -140.17
CA ALA IA 123 -16.16 -70.99 -139.15
C ALA IA 123 -16.18 -70.40 -137.73
N GLU IA 124 -16.51 -69.12 -137.59
CA GLU IA 124 -16.49 -68.41 -136.31
C GLU IA 124 -17.66 -67.42 -136.17
N LEU IA 125 -18.14 -67.25 -134.94
CA LEU IA 125 -19.02 -66.17 -134.53
C LEU IA 125 -18.19 -64.91 -134.25
N VAL IA 126 -18.43 -63.82 -134.97
CA VAL IA 126 -17.71 -62.55 -134.83
C VAL IA 126 -18.58 -61.50 -134.16
N PHE IA 127 -18.07 -60.83 -133.13
CA PHE IA 127 -18.72 -59.66 -132.53
C PHE IA 127 -18.04 -58.38 -132.98
N ASN IA 128 -18.72 -57.57 -133.79
CA ASN IA 128 -18.19 -56.31 -134.30
C ASN IA 128 -18.61 -55.11 -133.46
N VAL IA 129 -17.63 -54.28 -133.08
CA VAL IA 129 -17.84 -52.99 -132.41
C VAL IA 129 -17.33 -51.88 -133.33
N ASN IA 130 -18.20 -50.96 -133.74
CA ASN IA 130 -17.84 -49.90 -134.73
C ASN IA 130 -17.11 -50.52 -135.92
N ASN IA 131 -17.79 -51.37 -136.67
CA ASN IA 131 -17.32 -52.00 -137.91
C ASN IA 131 -15.93 -52.66 -137.81
N ARG IA 132 -15.45 -52.93 -136.59
CA ARG IA 132 -14.21 -53.68 -136.34
C ARG IA 132 -14.51 -54.88 -135.45
N PRO IA 133 -13.89 -56.05 -135.69
CA PRO IA 133 -14.01 -57.23 -134.83
C PRO IA 133 -13.48 -56.91 -133.42
N ALA IA 134 -14.28 -57.13 -132.39
CA ALA IA 134 -13.82 -57.07 -131.00
C ALA IA 134 -13.27 -58.45 -130.57
N TRP IA 135 -13.99 -59.51 -130.91
CA TRP IA 135 -13.62 -60.89 -130.63
C TRP IA 135 -14.36 -61.84 -131.55
N GLU IA 136 -13.79 -63.04 -131.74
CA GLU IA 136 -14.38 -64.12 -132.50
C GLU IA 136 -14.27 -65.43 -131.72
N ILE IA 137 -15.31 -66.25 -131.81
CA ILE IA 137 -15.37 -67.57 -131.19
C ILE IA 137 -15.55 -68.61 -132.30
N PRO IA 138 -14.61 -69.55 -132.49
CA PRO IA 138 -14.78 -70.65 -133.43
C PRO IA 138 -15.96 -71.53 -133.05
N TYR IA 139 -16.75 -71.97 -134.03
CA TYR IA 139 -17.90 -72.84 -133.76
C TYR IA 139 -17.50 -74.16 -133.09
N SER IA 140 -16.29 -74.67 -133.38
CA SER IA 140 -15.74 -75.87 -132.73
C SER IA 140 -15.54 -75.73 -131.22
N GLU IA 141 -15.42 -74.51 -130.69
CA GLU IA 141 -15.31 -74.27 -129.24
C GLU IA 141 -16.68 -74.18 -128.55
N ILE IA 142 -17.78 -73.96 -129.29
CA ILE IA 142 -19.14 -73.88 -128.75
C ILE IA 142 -19.66 -75.30 -128.49
N SER IA 143 -19.98 -75.61 -127.24
CA SER IA 143 -20.51 -76.92 -126.84
C SER IA 143 -22.02 -77.01 -127.00
N ASN IA 144 -22.71 -75.92 -126.64
CA ASN IA 144 -24.15 -75.84 -126.61
C ASN IA 144 -24.60 -74.37 -126.69
N SER IA 145 -25.82 -74.14 -127.14
CA SER IA 145 -26.46 -72.83 -127.15
C SER IA 145 -27.89 -72.98 -126.67
N ASN IA 146 -28.38 -71.99 -125.91
CA ASN IA 146 -29.75 -72.06 -125.33
C ASN IA 146 -30.43 -70.69 -125.21
N LEU IA 147 -31.66 -70.55 -125.72
CA LEU IA 147 -32.41 -69.28 -125.57
C LEU IA 147 -32.85 -69.13 -124.11
N THR IA 148 -32.30 -68.15 -123.40
CA THR IA 148 -32.62 -67.98 -121.95
C THR IA 148 -33.63 -66.84 -121.76
N GLY IA 149 -34.04 -66.19 -122.84
CA GLY IA 149 -35.02 -65.09 -122.76
C GLY IA 149 -35.53 -64.70 -124.13
N ARG IA 150 -36.62 -63.94 -124.20
CA ARG IA 150 -37.15 -63.47 -125.51
C ARG IA 150 -36.11 -62.75 -126.38
N HIS IA 151 -35.05 -62.22 -125.76
CA HIS IA 151 -33.98 -61.46 -126.41
C HIS IA 151 -32.60 -61.92 -125.94
N GLU IA 152 -32.48 -63.12 -125.37
CA GLU IA 152 -31.25 -63.56 -124.70
C GLU IA 152 -30.80 -64.94 -125.15
N ILE IA 153 -29.54 -65.02 -125.57
CA ILE IA 153 -28.92 -66.23 -126.10
C ILE IA 153 -27.69 -66.54 -125.27
N SER IA 154 -27.65 -67.72 -124.66
CA SER IA 154 -26.54 -68.20 -123.87
C SER IA 154 -25.80 -69.29 -124.64
N MET IA 155 -24.50 -69.09 -124.85
CA MET IA 155 -23.60 -70.07 -125.47
C MET IA 155 -22.67 -70.62 -124.40
N GLU IA 156 -22.68 -71.94 -124.25
CA GLU IA 156 -21.72 -72.68 -123.43
C GLU IA 156 -20.54 -73.10 -124.30
N LEU IA 157 -19.34 -72.91 -123.79
CA LEU IA 157 -18.10 -73.27 -124.46
C LEU IA 157 -17.54 -74.54 -123.85
N ASN IA 158 -16.94 -75.38 -124.68
CA ASN IA 158 -16.25 -76.58 -124.21
C ASN IA 158 -15.06 -76.15 -123.34
N PRO IA 159 -15.12 -76.32 -121.99
CA PRO IA 159 -14.04 -75.85 -121.13
C PRO IA 159 -12.99 -76.96 -121.14
N LYS IA 160 -11.91 -76.78 -121.89
CA LYS IA 160 -10.92 -77.88 -122.06
C LYS IA 160 -10.37 -78.34 -120.72
N THR IA 161 -10.56 -79.61 -120.37
CA THR IA 161 -9.98 -80.15 -119.10
C THR IA 161 -8.83 -81.12 -119.41
N VAL IA 162 -9.14 -82.38 -119.75
CA VAL IA 162 -8.11 -83.40 -120.12
C VAL IA 162 -8.65 -84.26 -121.27
N ASP IA 163 -8.12 -84.09 -122.48
CA ASP IA 163 -8.58 -84.87 -123.67
C ASP IA 163 -7.34 -85.51 -124.27
N GLU IA 164 -7.44 -86.77 -124.72
CA GLU IA 164 -6.19 -87.42 -125.18
C GLU IA 164 -5.52 -86.76 -126.41
N ASN IA 165 -6.18 -85.78 -127.04
CA ASN IA 165 -5.75 -85.12 -128.28
C ASN IA 165 -5.45 -83.61 -128.16
N HIS IA 166 -5.49 -82.98 -126.97
CA HIS IA 166 -5.30 -81.52 -126.83
C HIS IA 166 -4.17 -81.14 -125.85
N TYR IA 167 -3.34 -80.17 -126.26
CA TYR IA 167 -2.27 -79.59 -125.42
C TYR IA 167 -2.87 -78.82 -124.23
N GLU IA 168 -2.24 -78.90 -123.05
CA GLU IA 168 -2.67 -78.13 -121.86
C GLU IA 168 -2.77 -76.63 -122.19
N THR IA 169 -3.92 -76.01 -121.92
CA THR IA 169 -4.13 -74.57 -122.07
C THR IA 169 -3.63 -73.79 -120.87
N LEU IA 170 -3.14 -72.57 -121.12
CA LEU IA 170 -2.55 -71.77 -120.00
C LEU IA 170 -3.35 -70.49 -119.76
N GLY IA 171 -4.02 -70.36 -118.62
CA GLY IA 171 -4.71 -69.12 -118.24
C GLY IA 171 -6.12 -69.31 -117.71
N ASP IA 172 -6.91 -68.24 -117.83
CA ASP IA 172 -8.32 -68.20 -117.45
C ASP IA 172 -9.16 -68.59 -118.67
N GLU IA 173 -10.09 -69.51 -118.49
CA GLU IA 173 -10.87 -70.08 -119.60
C GLU IA 173 -12.29 -69.51 -119.61
N LEU IA 174 -12.75 -69.10 -120.79
CA LEU IA 174 -14.13 -68.67 -121.02
C LEU IA 174 -15.05 -69.90 -121.08
N VAL IA 175 -16.11 -69.89 -120.29
CA VAL IA 175 -17.05 -71.03 -120.13
C VAL IA 175 -18.41 -70.73 -120.73
N GLU IA 176 -18.86 -69.48 -120.64
CA GLU IA 176 -20.21 -69.10 -121.04
C GLU IA 176 -20.22 -67.66 -121.52
N VAL IA 177 -20.91 -67.42 -122.65
CA VAL IA 177 -21.15 -66.10 -123.22
C VAL IA 177 -22.65 -65.90 -123.36
N ARG IA 178 -23.17 -64.81 -122.80
CA ARG IA 178 -24.58 -64.43 -122.98
C ARG IA 178 -24.67 -63.16 -123.80
N LEU IA 179 -25.44 -63.24 -124.88
CA LEU IA 179 -25.75 -62.12 -125.76
C LEU IA 179 -27.19 -61.67 -125.56
N TYR IA 180 -27.41 -60.37 -125.71
CA TYR IA 180 -28.72 -59.75 -125.75
C TYR IA 180 -28.95 -59.19 -127.15
N VAL IA 181 -29.95 -59.72 -127.84
CA VAL IA 181 -30.32 -59.37 -129.21
C VAL IA 181 -31.72 -58.76 -129.19
N PRO IA 182 -31.84 -57.42 -129.18
CA PRO IA 182 -33.13 -56.74 -129.19
C PRO IA 182 -33.85 -56.87 -130.54
N GLY IA 183 -35.16 -56.62 -130.54
CA GLY IA 183 -35.99 -56.48 -131.73
C GLY IA 183 -36.87 -57.69 -132.07
N GLN IA 184 -37.95 -57.43 -132.81
CA GLN IA 184 -38.89 -58.52 -133.18
C GLN IA 184 -39.01 -58.60 -134.71
N LYS IA 204 -36.02 -61.55 -133.26
CA LYS IA 204 -34.71 -61.54 -133.94
C LYS IA 204 -33.72 -62.52 -133.30
N SER IA 205 -33.79 -62.67 -131.97
CA SER IA 205 -32.95 -63.61 -131.22
C SER IA 205 -33.23 -65.10 -131.54
N GLN IA 206 -34.48 -65.44 -131.88
CA GLN IA 206 -34.85 -66.80 -132.24
C GLN IA 206 -34.28 -67.19 -133.60
N LEU IA 207 -34.37 -66.31 -134.60
CA LEU IA 207 -33.71 -66.53 -135.89
C LEU IA 207 -32.19 -66.63 -135.74
N PHE IA 208 -31.57 -65.76 -134.95
CA PHE IA 208 -30.13 -65.86 -134.70
C PHE IA 208 -29.75 -67.19 -134.06
N TYR IA 209 -30.55 -67.67 -133.11
CA TYR IA 209 -30.35 -68.98 -132.48
C TYR IA 209 -30.45 -70.13 -133.49
N GLU IA 210 -31.48 -70.12 -134.36
CA GLU IA 210 -31.63 -71.11 -135.43
C GLU IA 210 -30.43 -71.09 -136.39
N GLN IA 211 -30.01 -69.92 -136.87
CA GLN IA 211 -28.83 -69.80 -137.74
C GLN IA 211 -27.53 -70.24 -137.07
N LEU IA 212 -27.36 -69.96 -135.77
CA LEU IA 212 -26.20 -70.41 -135.01
C LEU IA 212 -26.20 -71.94 -134.90
N LYS IA 213 -27.37 -72.56 -134.68
CA LYS IA 213 -27.53 -74.01 -134.60
C LYS IA 213 -27.16 -74.70 -135.91
N ASP IA 214 -27.61 -74.15 -137.04
CA ASP IA 214 -27.29 -74.68 -138.37
C ASP IA 214 -25.80 -74.61 -138.69
N LYS IA 215 -25.14 -73.48 -138.36
CA LYS IA 215 -23.72 -73.27 -138.65
C LYS IA 215 -22.76 -73.94 -137.70
N ALA IA 216 -23.14 -74.07 -136.43
CA ALA IA 216 -22.27 -74.73 -135.44
C ALA IA 216 -22.40 -76.26 -135.53
N ASP IA 217 -23.29 -76.74 -136.40
CA ASP IA 217 -23.44 -78.22 -136.63
C ASP IA 217 -23.61 -78.95 -135.29
N PHE IA 218 -24.65 -78.60 -134.52
CA PHE IA 218 -24.93 -79.28 -133.24
C PHE IA 218 -25.72 -80.58 -133.47
N ASP IA 219 -26.92 -80.69 -132.90
CA ASP IA 219 -27.75 -81.91 -133.06
C ASP IA 219 -28.34 -81.96 -134.47
N THR IA 220 -28.41 -83.18 -135.04
CA THR IA 220 -29.10 -83.39 -136.34
C THR IA 220 -30.62 -83.41 -136.10
N THR IA 221 -31.32 -82.33 -136.47
CA THR IA 221 -32.80 -82.25 -136.29
C THR IA 221 -33.18 -82.71 -134.88
N SER IA 222 -34.16 -83.62 -134.77
CA SER IA 222 -34.59 -84.15 -133.46
C SER IA 222 -34.90 -85.65 -133.60
N GLU IA 223 -33.88 -86.47 -133.87
CA GLU IA 223 -34.07 -87.94 -134.02
C GLU IA 223 -34.08 -88.57 -132.62
N ALA IA 224 -35.15 -88.34 -131.85
CA ALA IA 224 -35.20 -88.83 -130.45
C ALA IA 224 -35.82 -90.23 -130.38
N ILE IA 225 -35.16 -91.16 -129.68
CA ILE IA 225 -35.72 -92.50 -129.47
C ILE IA 225 -37.15 -92.39 -128.93
N VAL IA 226 -37.38 -91.41 -128.06
CA VAL IA 226 -38.67 -91.10 -127.46
C VAL IA 226 -38.70 -89.65 -126.98
N SER IA 227 -39.84 -88.98 -127.10
CA SER IA 227 -40.11 -87.65 -126.57
C SER IA 227 -41.31 -87.68 -125.62
N PHE IA 228 -41.24 -86.87 -124.56
CA PHE IA 228 -42.33 -86.64 -123.63
C PHE IA 228 -42.58 -85.14 -123.54
N GLU IA 229 -43.77 -84.71 -123.93
CA GLU IA 229 -44.14 -83.30 -123.98
C GLU IA 229 -44.77 -82.83 -122.66
N ASP IA 230 -44.66 -81.53 -122.40
CA ASP IA 230 -45.38 -80.81 -121.32
C ASP IA 230 -45.17 -81.36 -119.88
N ILE IA 231 -43.99 -81.89 -119.56
CA ILE IA 231 -43.71 -82.40 -118.22
C ILE IA 231 -43.50 -81.25 -117.23
N LEU IA 232 -44.24 -81.27 -116.13
CA LEU IA 232 -44.07 -80.30 -115.04
C LEU IA 232 -42.86 -80.63 -114.16
N PHE IA 233 -41.88 -79.73 -114.13
CA PHE IA 233 -40.77 -79.76 -113.19
C PHE IA 233 -41.05 -78.83 -112.01
N LEU IA 234 -40.93 -79.36 -110.79
CA LEU IA 234 -40.87 -78.57 -109.55
C LEU IA 234 -39.50 -77.91 -109.37
N THR IA 235 -38.45 -78.53 -109.88
CA THR IA 235 -37.06 -78.06 -109.74
C THR IA 235 -36.23 -78.54 -110.94
N PRO IA 236 -35.68 -77.65 -111.78
CA PRO IA 236 -36.02 -76.22 -111.90
C PRO IA 236 -37.51 -76.03 -112.21
N ARG IA 237 -38.08 -74.93 -111.70
CA ARG IA 237 -39.53 -74.66 -111.90
C ARG IA 237 -39.81 -74.37 -113.37
N GLY IA 238 -40.68 -75.17 -114.00
CA GLY IA 238 -41.06 -74.94 -115.40
C GLY IA 238 -41.72 -76.16 -116.03
N ARG IA 239 -42.22 -76.01 -117.25
CA ARG IA 239 -42.64 -77.11 -118.10
C ARG IA 239 -41.56 -77.37 -119.14
N PHE IA 240 -41.23 -78.64 -119.33
CA PHE IA 240 -40.17 -79.06 -120.24
C PHE IA 240 -40.62 -80.24 -121.08
N GLU IA 241 -40.21 -80.24 -122.34
CA GLU IA 241 -40.22 -81.42 -123.18
C GLU IA 241 -38.93 -82.22 -122.93
N ILE IA 242 -39.06 -83.52 -122.71
CA ILE IA 242 -37.95 -84.44 -122.51
C ILE IA 242 -37.76 -85.28 -123.77
N SER IA 243 -36.68 -85.05 -124.51
CA SER IA 243 -36.31 -85.87 -125.68
C SER IA 243 -35.12 -86.78 -125.31
N MET IA 244 -35.29 -88.09 -125.45
CA MET IA 244 -34.25 -89.07 -125.11
C MET IA 244 -33.51 -89.58 -126.34
N TYR IA 245 -32.19 -89.62 -126.26
CA TYR IA 245 -31.29 -90.17 -127.28
C TYR IA 245 -30.44 -91.30 -126.70
N ALA IA 246 -29.71 -92.02 -127.56
CA ALA IA 246 -28.87 -93.14 -127.14
C ALA IA 246 -27.82 -92.76 -126.08
N ASN IA 247 -27.19 -91.59 -126.22
CA ASN IA 247 -26.09 -91.15 -125.34
C ASN IA 247 -26.45 -89.99 -124.41
N ASN IA 248 -27.56 -89.32 -124.75
CA ASN IA 248 -27.94 -88.08 -124.02
C ASN IA 248 -29.44 -87.87 -123.86
N LEU IA 249 -29.85 -87.11 -122.87
CA LEU IA 249 -31.19 -86.65 -122.58
C LEU IA 249 -31.23 -85.14 -122.83
N ARG IA 250 -32.23 -84.65 -123.57
CA ARG IA 250 -32.46 -83.23 -123.77
C ARG IA 250 -33.71 -82.79 -123.04
N LEU IA 251 -33.62 -81.66 -122.33
CA LEU IA 251 -34.74 -80.95 -121.74
C LEU IA 251 -34.93 -79.66 -122.52
N ARG IA 252 -36.03 -79.52 -123.25
CA ARG IA 252 -36.38 -78.29 -123.95
C ARG IA 252 -37.43 -77.53 -123.16
N GLY IA 253 -37.16 -76.26 -122.87
CA GLY IA 253 -38.08 -75.39 -122.15
C GLY IA 253 -38.26 -74.07 -122.88
N GLN IA 254 -39.31 -73.34 -122.51
CA GLN IA 254 -39.61 -72.05 -123.18
C GLN IA 254 -38.43 -71.08 -122.99
N SER IA 255 -37.78 -71.12 -121.83
CA SER IA 255 -36.70 -70.15 -121.55
C SER IA 255 -35.37 -70.83 -121.19
N TYR IA 256 -35.17 -72.11 -121.59
CA TYR IA 256 -33.87 -72.77 -121.35
C TYR IA 256 -33.80 -74.19 -121.95
N ASP IA 257 -32.71 -74.50 -122.66
CA ASP IA 257 -32.50 -75.86 -123.21
C ASP IA 257 -31.31 -76.50 -122.48
N TYR IA 258 -31.47 -77.72 -122.00
CA TYR IA 258 -30.42 -78.48 -121.32
C TYR IA 258 -30.13 -79.79 -122.06
N LYS IA 259 -28.84 -80.11 -122.20
CA LYS IA 259 -28.35 -81.40 -122.70
C LYS IA 259 -27.61 -82.12 -121.59
N ILE IA 260 -28.17 -83.23 -121.11
CA ILE IA 260 -27.60 -84.06 -120.04
C ILE IA 260 -27.09 -85.35 -120.66
N GLN IA 261 -25.83 -85.70 -120.46
CA GLN IA 261 -25.33 -87.00 -120.91
C GLN IA 261 -25.87 -88.13 -120.02
N ASN IA 262 -26.18 -89.29 -120.59
CA ASN IA 262 -26.72 -90.43 -119.84
C ASN IA 262 -25.75 -90.88 -118.72
N LYS IA 263 -24.43 -90.73 -118.93
CA LYS IA 263 -23.40 -91.00 -117.91
C LYS IA 263 -23.49 -90.10 -116.66
N ASN IA 264 -23.95 -88.85 -116.82
CA ASN IA 264 -24.06 -87.86 -115.75
C ASN IA 264 -25.27 -88.11 -114.83
N VAL IA 265 -26.23 -88.93 -115.25
CA VAL IA 265 -27.33 -89.36 -114.40
C VAL IA 265 -26.81 -90.40 -113.42
N LEU IA 266 -26.76 -90.04 -112.13
CA LEU IA 266 -26.26 -90.92 -111.08
C LEU IA 266 -27.35 -91.84 -110.53
N ARG IA 267 -28.55 -91.32 -110.28
CA ARG IA 267 -29.66 -92.02 -109.63
C ARG IA 267 -31.00 -91.53 -110.15
N ILE IA 268 -31.95 -92.46 -110.19
CA ILE IA 268 -33.35 -92.21 -110.55
C ILE IA 268 -34.21 -92.62 -109.36
N PHE IA 269 -35.02 -91.72 -108.83
CA PHE IA 269 -36.02 -92.03 -107.80
C PHE IA 269 -37.41 -91.94 -108.40
N SER IA 270 -38.27 -92.89 -108.06
CA SER IA 270 -39.69 -92.89 -108.43
C SER IA 270 -40.50 -93.01 -107.16
N LEU IA 271 -41.06 -91.90 -106.68
CA LEU IA 271 -41.64 -91.77 -105.34
C LEU IA 271 -43.08 -91.24 -105.42
N PRO IA 272 -44.06 -91.91 -104.81
CA PRO IA 272 -45.42 -91.40 -104.72
C PRO IA 272 -45.50 -90.24 -103.73
N ARG IA 273 -46.20 -89.16 -104.09
CA ARG IA 273 -46.49 -88.06 -103.15
C ARG IA 273 -47.56 -88.50 -102.15
N LEU IA 274 -47.49 -88.00 -100.92
CA LEU IA 274 -48.46 -88.36 -99.86
C LEU IA 274 -49.91 -87.89 -100.12
N ASP IA 275 -50.08 -87.04 -101.13
CA ASP IA 275 -51.45 -86.54 -101.49
C ASP IA 275 -52.21 -87.65 -102.22
N ASP IA 276 -51.52 -88.73 -102.59
CA ASP IA 276 -52.16 -89.90 -103.26
C ASP IA 276 -52.82 -89.47 -104.58
N ARG IA 277 -52.40 -88.31 -105.12
CA ARG IA 277 -52.95 -87.82 -106.42
C ARG IA 277 -51.80 -87.59 -107.39
N HIS IA 278 -50.56 -87.54 -106.90
CA HIS IA 278 -49.40 -87.23 -107.79
C HIS IA 278 -48.26 -88.23 -107.61
N HIS IA 279 -47.36 -88.31 -108.59
CA HIS IA 279 -46.18 -89.21 -108.50
C HIS IA 279 -44.93 -88.40 -108.90
N LEU IA 280 -43.85 -88.47 -108.11
CA LEU IA 280 -42.62 -87.75 -108.32
C LEU IA 280 -41.58 -88.66 -108.98
N VAL IA 281 -40.95 -88.16 -110.05
CA VAL IA 281 -39.74 -88.78 -110.61
C VAL IA 281 -38.59 -87.82 -110.44
N ILE IA 282 -37.50 -88.27 -109.80
CA ILE IA 282 -36.39 -87.40 -109.40
C ILE IA 282 -35.08 -87.93 -109.98
N LEU IA 283 -34.36 -87.07 -110.71
CA LEU IA 283 -33.06 -87.39 -111.28
C LEU IA 283 -31.95 -86.69 -110.52
N GLN IA 284 -30.98 -87.45 -110.02
CA GLN IA 284 -29.72 -86.89 -109.54
C GLN IA 284 -28.72 -86.77 -110.70
N VAL IA 285 -28.25 -85.56 -110.95
CA VAL IA 285 -27.33 -85.25 -112.06
C VAL IA 285 -26.02 -84.67 -111.51
N ASP IA 286 -24.90 -85.21 -111.99
CA ASP IA 286 -23.54 -84.72 -111.69
C ASP IA 286 -22.72 -84.61 -112.98
N PRO IA 287 -22.26 -83.41 -113.39
CA PRO IA 287 -22.37 -82.11 -112.70
C PRO IA 287 -23.81 -81.58 -112.60
N PRO IA 288 -24.15 -80.81 -111.55
CA PRO IA 288 -25.49 -80.25 -111.37
C PRO IA 288 -25.83 -79.26 -112.47
N LEU IA 289 -27.09 -79.30 -112.94
CA LEU IA 289 -27.55 -78.35 -113.98
C LEU IA 289 -27.43 -76.92 -113.45
N ARG IA 290 -27.23 -75.95 -114.35
CA ARG IA 290 -27.02 -74.54 -113.92
C ARG IA 290 -27.93 -73.55 -114.65
N GLN IA 291 -28.79 -72.83 -113.91
CA GLN IA 291 -29.65 -71.79 -114.43
C GLN IA 291 -29.13 -70.46 -113.88
N GLY IA 292 -28.37 -69.73 -114.69
CA GLY IA 292 -27.64 -68.55 -114.23
C GLY IA 292 -26.66 -68.91 -113.09
N GLN IA 293 -26.96 -68.47 -111.87
CA GLN IA 293 -26.03 -68.71 -110.73
C GLN IA 293 -26.48 -69.94 -109.94
N THR IA 294 -27.78 -70.25 -109.94
CA THR IA 294 -28.33 -71.36 -109.16
C THR IA 294 -28.04 -72.71 -109.80
N ARG IA 295 -27.84 -73.70 -108.92
CA ARG IA 295 -27.53 -75.08 -109.38
C ARG IA 295 -28.61 -76.06 -108.94
N TYR IA 296 -28.94 -77.02 -109.80
CA TYR IA 296 -29.92 -78.07 -109.57
C TYR IA 296 -29.23 -79.43 -109.66
N PRO IA 297 -28.74 -79.98 -108.53
CA PRO IA 297 -28.22 -81.35 -108.47
C PRO IA 297 -29.33 -82.40 -108.59
N PHE IA 298 -30.57 -82.03 -108.26
CA PHE IA 298 -31.75 -82.87 -108.39
C PHE IA 298 -32.77 -82.20 -109.29
N LEU IA 299 -33.30 -83.01 -110.22
CA LEU IA 299 -34.40 -82.54 -111.12
C LEU IA 299 -35.67 -83.26 -110.66
N VAL IA 300 -36.66 -82.52 -110.18
CA VAL IA 300 -37.90 -83.06 -109.60
C VAL IA 300 -39.04 -82.86 -110.58
N MET IA 301 -39.52 -83.94 -111.16
CA MET IA 301 -40.69 -83.97 -112.05
C MET IA 301 -41.92 -84.41 -111.27
N GLN IA 302 -43.07 -83.82 -111.64
CA GLN IA 302 -44.36 -84.13 -110.99
C GLN IA 302 -45.39 -84.58 -112.02
N PHE IA 303 -45.88 -85.81 -111.91
CA PHE IA 303 -46.88 -86.42 -112.79
C PHE IA 303 -48.20 -86.58 -112.04
N ASP IA 304 -49.32 -86.53 -112.75
CA ASP IA 304 -50.59 -87.05 -112.24
C ASP IA 304 -50.56 -88.59 -112.33
N ARG IA 305 -51.03 -89.28 -111.30
CA ARG IA 305 -51.10 -90.75 -111.28
C ARG IA 305 -52.06 -91.31 -112.32
N ASN IA 306 -53.08 -90.53 -112.69
CA ASN IA 306 -54.08 -90.92 -113.68
C ASN IA 306 -53.68 -90.57 -115.12
N GLU IA 307 -52.55 -89.91 -115.32
CA GLU IA 307 -52.04 -89.57 -116.63
C GLU IA 307 -51.47 -90.82 -117.31
N GLU IA 308 -52.12 -91.24 -118.40
CA GLU IA 308 -51.73 -92.39 -119.22
C GLU IA 308 -51.21 -91.91 -120.57
N LEU IA 309 -50.19 -92.58 -121.09
CA LEU IA 309 -49.55 -92.23 -122.35
C LEU IA 309 -49.23 -93.51 -123.12
N GLU IA 310 -49.47 -93.52 -124.43
CA GLU IA 310 -49.04 -94.58 -125.33
C GLU IA 310 -47.86 -94.07 -126.16
N VAL IA 311 -46.77 -94.85 -126.20
CA VAL IA 311 -45.53 -94.42 -126.87
C VAL IA 311 -44.88 -95.57 -127.61
N GLU IA 312 -44.63 -95.37 -128.90
CA GLU IA 312 -43.78 -96.24 -129.72
C GLU IA 312 -42.36 -95.68 -129.81
N LEU IA 313 -41.35 -96.54 -129.62
CA LEU IA 313 -39.96 -96.11 -129.73
C LEU IA 313 -39.57 -95.91 -131.19
N ASN IA 314 -38.89 -94.82 -131.51
CA ASN IA 314 -38.34 -94.58 -132.83
C ASN IA 314 -36.99 -95.32 -133.01
N LEU IA 315 -37.06 -96.63 -133.21
CA LEU IA 315 -35.90 -97.51 -133.41
C LEU IA 315 -36.18 -98.51 -134.55
N SER IA 316 -35.16 -98.78 -135.36
CA SER IA 316 -35.20 -99.86 -136.34
C SER IA 316 -35.19 -101.23 -135.64
N ASP IA 317 -35.83 -102.24 -136.24
CA ASP IA 317 -35.95 -103.58 -135.64
C ASP IA 317 -34.59 -104.26 -135.41
N GLU IA 318 -33.59 -103.96 -136.23
CA GLU IA 318 -32.21 -104.46 -136.09
C GLU IA 318 -31.48 -103.82 -134.91
N GLU IA 319 -31.62 -102.51 -134.72
CA GLU IA 319 -31.02 -101.78 -133.60
C GLU IA 319 -31.70 -102.13 -132.27
N TYR IA 320 -33.03 -102.30 -132.27
CA TYR IA 320 -33.77 -102.72 -131.09
C TYR IA 320 -33.30 -104.09 -130.59
N LYS IA 321 -33.26 -105.10 -131.48
CA LYS IA 321 -32.82 -106.46 -131.14
C LYS IA 321 -31.37 -106.50 -130.67
N SER IA 322 -30.47 -105.78 -131.33
CA SER IA 322 -29.05 -105.81 -131.00
C SER IA 322 -28.68 -105.09 -129.70
N LYS IA 323 -29.31 -103.95 -129.37
CA LYS IA 323 -28.88 -103.07 -128.27
C LYS IA 323 -29.86 -102.94 -127.10
N TYR IA 324 -31.16 -103.06 -127.36
CA TYR IA 324 -32.21 -102.65 -126.41
C TYR IA 324 -33.18 -103.76 -126.01
N GLU IA 325 -33.09 -104.94 -126.64
CA GLU IA 325 -33.88 -106.11 -126.28
C GLU IA 325 -33.66 -106.49 -124.81
N GLY IA 326 -34.77 -106.64 -124.07
CA GLY IA 326 -34.76 -106.88 -122.62
C GLY IA 326 -34.47 -105.65 -121.73
N LYS IA 327 -34.08 -104.51 -122.31
CA LYS IA 327 -33.91 -103.22 -121.59
C LYS IA 327 -35.08 -102.27 -121.79
N LEU IA 328 -35.66 -102.23 -122.99
CA LEU IA 328 -36.78 -101.36 -123.38
C LEU IA 328 -37.87 -102.19 -124.07
N ASN IA 329 -39.13 -101.77 -123.96
CA ASN IA 329 -40.21 -102.33 -124.76
C ASN IA 329 -40.32 -101.58 -126.08
N ARG IA 330 -40.60 -102.29 -127.19
CA ARG IA 330 -40.74 -101.69 -128.54
C ARG IA 330 -41.88 -100.68 -128.61
N SER IA 331 -42.98 -101.01 -127.96
CA SER IA 331 -44.15 -100.16 -127.73
C SER IA 331 -44.56 -100.30 -126.27
N TYR IA 332 -44.93 -99.20 -125.66
CA TYR IA 332 -45.55 -99.15 -124.34
C TYR IA 332 -47.05 -98.95 -124.56
N GLY IA 333 -47.88 -99.78 -123.94
CA GLY IA 333 -49.34 -99.60 -124.03
C GLY IA 333 -49.80 -98.36 -123.27
N THR IA 334 -51.11 -98.25 -123.02
CA THR IA 334 -51.63 -97.01 -122.37
C THR IA 334 -51.44 -97.15 -120.85
N ASP IA 335 -50.20 -96.99 -120.38
CA ASP IA 335 -49.89 -97.13 -118.92
C ASP IA 335 -49.56 -95.74 -118.36
N SER IA 336 -49.36 -95.65 -117.04
CA SER IA 336 -49.13 -94.34 -116.43
C SER IA 336 -47.80 -93.72 -116.93
N THR IA 337 -47.82 -92.45 -117.33
CA THR IA 337 -46.68 -91.74 -117.94
C THR IA 337 -45.38 -91.89 -117.13
N TYR IA 338 -45.47 -91.74 -115.80
CA TYR IA 338 -44.32 -91.84 -114.91
C TYR IA 338 -43.65 -93.23 -114.92
N LYS IA 339 -44.40 -94.32 -115.18
CA LYS IA 339 -43.87 -95.68 -115.27
C LYS IA 339 -43.09 -95.87 -116.57
N ILE IA 340 -43.68 -95.43 -117.69
CA ILE IA 340 -43.06 -95.47 -119.01
C ILE IA 340 -41.76 -94.67 -118.99
N LEU IA 341 -41.81 -93.43 -118.49
CA LEU IA 341 -40.63 -92.58 -118.34
C LEU IA 341 -39.55 -93.22 -117.47
N SER IA 342 -39.91 -93.77 -116.30
CA SER IA 342 -38.96 -94.44 -115.40
C SER IA 342 -38.32 -95.67 -116.07
N HIS IA 343 -39.08 -96.39 -116.89
CA HIS IA 343 -38.52 -97.59 -117.59
C HIS IA 343 -37.57 -97.12 -118.70
N CYS IA 344 -37.98 -96.15 -119.51
CA CYS IA 344 -37.11 -95.57 -120.55
C CYS IA 344 -35.80 -95.04 -119.96
N LEU IA 345 -35.86 -94.27 -118.86
CA LEU IA 345 -34.67 -93.78 -118.16
C LEU IA 345 -33.79 -94.91 -117.67
N ARG IA 346 -34.36 -95.98 -117.11
CA ARG IA 346 -33.62 -97.18 -116.68
C ARG IA 346 -32.91 -97.85 -117.85
N GLY IA 347 -33.59 -98.02 -118.97
CA GLY IA 347 -33.05 -98.69 -120.15
C GLY IA 347 -31.93 -97.92 -120.83
N LEU IA 348 -32.03 -96.59 -120.92
CA LEU IA 348 -31.04 -95.73 -121.58
C LEU IA 348 -29.87 -95.31 -120.70
N THR IA 349 -30.08 -95.09 -119.40
CA THR IA 349 -29.00 -94.69 -118.47
C THR IA 349 -28.34 -95.88 -117.77
N GLU IA 350 -28.94 -97.07 -117.86
CA GLU IA 350 -28.53 -98.29 -117.15
C GLU IA 350 -28.48 -98.11 -115.60
N ARG IA 351 -29.12 -97.06 -115.07
CA ARG IA 351 -29.25 -96.81 -113.65
C ARG IA 351 -30.49 -97.50 -113.09
N ARG IA 352 -30.38 -98.06 -111.89
CA ARG IA 352 -31.51 -98.66 -111.18
C ARG IA 352 -32.45 -97.57 -110.68
N VAL IA 353 -33.76 -97.78 -110.88
CA VAL IA 353 -34.81 -96.93 -110.32
C VAL IA 353 -35.01 -97.29 -108.85
N ILE IA 354 -34.92 -96.30 -107.98
CA ILE IA 354 -35.14 -96.44 -106.54
C ILE IA 354 -36.60 -96.12 -106.26
N THR IA 355 -37.36 -97.15 -105.89
CA THR IA 355 -38.76 -97.06 -105.43
C THR IA 355 -38.82 -96.96 -103.90
N PRO IA 356 -39.99 -96.62 -103.32
CA PRO IA 356 -40.17 -96.63 -101.87
C PRO IA 356 -39.80 -97.99 -101.27
N GLY IA 357 -39.13 -97.94 -100.11
CA GLY IA 357 -38.66 -99.11 -99.40
C GLY IA 357 -39.74 -99.79 -98.56
N SER IA 358 -39.33 -100.66 -97.64
CA SER IA 358 -40.25 -101.38 -96.75
C SER IA 358 -40.85 -100.52 -95.63
N PHE IA 359 -40.45 -99.24 -95.51
CA PHE IA 359 -40.97 -98.35 -94.49
C PHE IA 359 -42.44 -98.00 -94.74
N GLN IA 360 -43.25 -98.15 -93.69
CA GLN IA 360 -44.68 -97.75 -93.77
C GLN IA 360 -44.99 -96.90 -92.53
N SER IA 361 -45.51 -95.68 -92.72
CA SER IA 361 -45.79 -94.76 -91.59
C SER IA 361 -46.96 -95.31 -90.76
N GLN IA 362 -47.27 -94.69 -89.61
CA GLN IA 362 -48.47 -95.18 -88.86
C GLN IA 362 -49.68 -95.14 -89.78
N HIS IA 363 -49.80 -94.11 -90.62
CA HIS IA 363 -50.91 -93.95 -91.56
C HIS IA 363 -50.78 -94.80 -92.84
N MET IA 364 -49.92 -95.82 -92.84
CA MET IA 364 -49.63 -96.68 -94.00
C MET IA 364 -49.08 -95.92 -95.22
N GLN IA 365 -48.48 -94.76 -94.98
CA GLN IA 365 -47.90 -93.94 -96.04
C GLN IA 365 -46.40 -94.26 -96.24
N PRO IA 366 -45.87 -94.13 -97.47
CA PRO IA 366 -44.47 -94.44 -97.79
C PRO IA 366 -43.46 -93.38 -97.32
N GLY IA 367 -43.92 -92.26 -96.75
CA GLY IA 367 -43.11 -91.17 -96.27
C GLY IA 367 -43.84 -90.35 -95.21
N VAL IA 368 -43.17 -89.34 -94.66
CA VAL IA 368 -43.68 -88.52 -93.56
C VAL IA 368 -43.54 -87.03 -93.90
N ASN IA 369 -44.53 -86.22 -93.52
CA ASN IA 369 -44.44 -84.76 -93.65
C ASN IA 369 -43.47 -84.18 -92.61
N CYS IA 370 -42.59 -83.28 -93.03
CA CYS IA 370 -41.63 -82.60 -92.16
C CYS IA 370 -41.20 -81.26 -92.77
N SER IA 371 -40.59 -80.39 -91.98
CA SER IA 371 -39.97 -79.17 -92.47
C SER IA 371 -38.45 -79.24 -92.31
N LEU IA 372 -37.72 -78.92 -93.37
CA LEU IA 372 -36.28 -78.70 -93.30
C LEU IA 372 -36.05 -77.19 -93.33
N LYS IA 373 -35.65 -76.59 -92.21
CA LYS IA 373 -35.58 -75.12 -92.04
C LYS IA 373 -36.95 -74.48 -92.33
N ALA IA 374 -37.04 -73.54 -93.28
CA ALA IA 374 -38.29 -72.88 -93.69
C ALA IA 374 -39.06 -73.62 -94.80
N SER IA 375 -38.50 -74.71 -95.34
CA SER IA 375 -39.09 -75.48 -96.45
C SER IA 375 -39.86 -76.69 -95.95
N GLU IA 376 -41.17 -76.70 -96.15
CA GLU IA 376 -42.05 -77.84 -95.88
C GLU IA 376 -41.93 -78.90 -96.97
N GLY IA 377 -41.95 -80.18 -96.58
CA GLY IA 377 -41.77 -81.28 -97.50
C GLY IA 377 -41.99 -82.68 -96.94
N GLN IA 378 -41.53 -83.67 -97.70
CA GLN IA 378 -41.76 -85.09 -97.41
C GLN IA 378 -40.43 -85.81 -97.30
N ILE IA 379 -40.25 -86.56 -96.21
CA ILE IA 379 -39.10 -87.42 -95.98
C ILE IA 379 -39.46 -88.88 -96.29
N TYR IA 380 -38.69 -89.51 -97.16
CA TYR IA 380 -38.80 -90.91 -97.53
C TYR IA 380 -37.64 -91.70 -96.91
N LEU IA 381 -37.98 -92.72 -96.14
CA LEU IA 381 -37.03 -93.68 -95.58
C LEU IA 381 -36.93 -94.87 -96.54
N LEU IA 382 -35.98 -94.80 -97.46
CA LEU IA 382 -35.72 -95.85 -98.45
C LEU IA 382 -34.71 -96.86 -97.91
N ASP IA 383 -34.65 -98.07 -98.47
CA ASP IA 383 -33.82 -99.16 -97.92
C ASP IA 383 -32.32 -98.83 -97.75
N LYS IA 384 -31.76 -97.90 -98.53
CA LYS IA 384 -30.33 -97.55 -98.46
C LYS IA 384 -30.04 -96.11 -98.08
N CYS IA 385 -31.07 -95.27 -97.99
CA CYS IA 385 -30.90 -93.84 -97.83
C CYS IA 385 -32.18 -93.17 -97.35
N LEU IA 386 -31.99 -92.05 -96.67
CA LEU IA 386 -33.03 -91.08 -96.36
C LEU IA 386 -33.05 -90.04 -97.48
N PHE IA 387 -34.24 -89.76 -98.02
CA PHE IA 387 -34.42 -88.82 -99.12
C PHE IA 387 -35.51 -87.80 -98.79
N PHE IA 388 -35.19 -86.51 -98.82
CA PHE IA 388 -36.15 -85.42 -98.61
C PHE IA 388 -36.52 -84.79 -99.96
N ALA IA 389 -37.79 -84.92 -100.37
CA ALA IA 389 -38.15 -84.51 -101.76
C ALA IA 389 -38.74 -83.11 -101.93
N THR IA 390 -38.26 -82.07 -101.24
CA THR IA 390 -38.76 -80.69 -101.53
C THR IA 390 -37.62 -79.68 -101.46
N LYS IA 391 -37.47 -78.83 -102.49
CA LYS IA 391 -36.38 -77.80 -102.58
C LYS IA 391 -36.04 -77.19 -101.21
N PRO IA 392 -34.77 -77.31 -100.74
CA PRO IA 392 -33.77 -78.11 -101.47
C PRO IA 392 -33.92 -79.63 -101.27
N CYS IA 393 -33.64 -80.42 -102.31
CA CYS IA 393 -33.65 -81.88 -102.22
C CYS IA 393 -32.43 -82.36 -101.44
N VAL IA 394 -32.63 -83.27 -100.50
CA VAL IA 394 -31.54 -83.80 -99.67
C VAL IA 394 -31.49 -85.32 -99.77
N TYR IA 395 -30.34 -85.83 -100.20
CA TYR IA 395 -30.03 -87.26 -100.26
C TYR IA 395 -29.00 -87.61 -99.18
N LEU IA 396 -29.35 -88.54 -98.28
CA LEU IA 396 -28.48 -88.99 -97.20
C LEU IA 396 -28.37 -90.52 -97.21
N PRO IA 397 -27.25 -91.10 -97.68
CA PRO IA 397 -27.03 -92.54 -97.60
C PRO IA 397 -26.80 -92.98 -96.14
N TYR IA 398 -27.35 -94.13 -95.74
CA TYR IA 398 -27.18 -94.64 -94.37
C TYR IA 398 -25.71 -94.91 -94.01
N SER IA 399 -24.88 -95.28 -94.98
CA SER IA 399 -23.43 -95.48 -94.79
C SER IA 399 -22.70 -94.20 -94.35
N GLY IA 400 -23.25 -93.02 -94.63
CA GLY IA 400 -22.65 -91.73 -94.28
C GLY IA 400 -23.19 -91.14 -92.97
N ILE IA 401 -24.23 -91.72 -92.38
CA ILE IA 401 -24.88 -91.22 -91.18
C ILE IA 401 -24.15 -91.75 -89.94
N ILE IA 402 -23.71 -90.83 -89.06
CA ILE IA 402 -23.01 -91.15 -87.81
C ILE IA 402 -24.01 -91.50 -86.70
N SER IA 403 -25.00 -90.64 -86.51
CA SER IA 403 -26.10 -90.86 -85.57
C SER IA 403 -27.30 -89.98 -85.88
N VAL IA 404 -28.48 -90.44 -85.50
CA VAL IA 404 -29.73 -89.69 -85.56
C VAL IA 404 -30.17 -89.36 -84.14
N VAL IA 405 -30.36 -88.09 -83.84
CA VAL IA 405 -30.82 -87.60 -82.54
C VAL IA 405 -32.27 -87.18 -82.66
N THR IA 406 -33.15 -87.73 -81.83
CA THR IA 406 -34.54 -87.25 -81.73
C THR IA 406 -34.64 -86.27 -80.57
N SER IA 407 -35.05 -85.03 -80.85
CA SER IA 407 -35.27 -83.98 -79.84
C SER IA 407 -36.75 -83.63 -79.73
N ARG IA 408 -37.20 -83.24 -78.54
CA ARG IA 408 -38.53 -82.67 -78.33
C ARG IA 408 -38.47 -81.19 -78.64
N GLY IA 409 -39.38 -80.70 -79.50
CA GLY IA 409 -39.46 -79.27 -79.86
C GLY IA 409 -39.44 -78.38 -78.61
N SER IA 415 -45.74 -81.08 -76.80
CA SER IA 415 -45.64 -80.88 -78.25
C SER IA 415 -46.20 -82.12 -78.99
N ARG IA 416 -47.15 -81.90 -79.90
CA ARG IA 416 -47.70 -82.94 -80.80
C ARG IA 416 -46.68 -83.41 -81.85
N THR IA 417 -45.57 -82.70 -81.97
CA THR IA 417 -44.52 -82.95 -82.94
C THR IA 417 -43.16 -83.08 -82.25
N PHE IA 418 -42.21 -83.68 -82.97
CA PHE IA 418 -40.82 -83.86 -82.58
C PHE IA 418 -39.91 -83.59 -83.78
N ASP IA 419 -38.63 -83.40 -83.50
CA ASP IA 419 -37.62 -83.09 -84.49
C ASP IA 419 -36.56 -84.19 -84.56
N ILE IA 420 -36.05 -84.43 -85.76
CA ILE IA 420 -35.00 -85.41 -86.05
C ILE IA 420 -33.77 -84.69 -86.56
N GLU IA 421 -32.67 -84.74 -85.82
CA GLU IA 421 -31.37 -84.28 -86.27
C GLU IA 421 -30.52 -85.45 -86.79
N VAL IA 422 -30.21 -85.45 -88.08
CA VAL IA 422 -29.33 -86.44 -88.71
C VAL IA 422 -27.91 -85.89 -88.77
N GLN IA 423 -26.99 -86.50 -88.03
CA GLN IA 423 -25.56 -86.16 -88.04
C GLN IA 423 -24.79 -87.05 -89.03
N PHE IA 424 -23.97 -86.43 -89.87
CA PHE IA 424 -23.12 -87.09 -90.85
C PHE IA 424 -21.74 -86.41 -90.89
N SER IA 425 -20.76 -87.00 -91.58
CA SER IA 425 -19.37 -86.52 -91.58
C SER IA 425 -19.18 -85.08 -92.08
N GLY IA 426 -20.15 -84.53 -92.82
CA GLY IA 426 -20.12 -83.18 -93.40
C GLY IA 426 -21.02 -82.14 -92.72
N GLY IA 427 -21.68 -82.47 -91.60
CA GLY IA 427 -22.59 -81.55 -90.89
C GLY IA 427 -23.80 -82.25 -90.26
N SER IA 428 -24.84 -81.48 -89.94
CA SER IA 428 -26.13 -82.01 -89.46
C SER IA 428 -27.33 -81.38 -90.17
N HIS IA 429 -28.38 -82.16 -90.35
CA HIS IA 429 -29.67 -81.71 -90.88
C HIS IA 429 -30.78 -81.95 -89.86
N THR IA 430 -31.47 -80.89 -89.45
CA THR IA 430 -32.62 -80.93 -88.55
C THR IA 430 -33.91 -80.91 -89.35
N PHE IA 431 -34.67 -82.01 -89.32
CA PHE IA 431 -36.02 -82.12 -89.84
C PHE IA 431 -37.00 -81.88 -88.69
N ALA IA 432 -37.77 -80.81 -88.77
CA ALA IA 432 -38.69 -80.38 -87.73
C ALA IA 432 -40.15 -80.70 -88.07
N ASN IA 433 -41.03 -80.52 -87.07
CA ASN IA 433 -42.49 -80.59 -87.22
C ASN IA 433 -43.02 -81.96 -87.66
N ILE IA 434 -42.36 -83.04 -87.25
CA ILE IA 434 -42.81 -84.42 -87.53
C ILE IA 434 -43.83 -84.83 -86.48
N ASN IA 435 -44.95 -85.45 -86.88
CA ASN IA 435 -45.96 -85.93 -85.93
C ASN IA 435 -45.38 -86.99 -84.97
N LYS IA 436 -45.64 -86.85 -83.68
CA LYS IA 436 -45.11 -87.74 -82.62
C LYS IA 436 -45.49 -89.21 -82.78
N ASP IA 437 -46.65 -89.49 -83.38
CA ASP IA 437 -47.09 -90.85 -83.66
C ASP IA 437 -46.13 -91.58 -84.61
N GLU IA 438 -45.45 -90.85 -85.50
CA GLU IA 438 -44.46 -91.39 -86.43
C GLU IA 438 -43.09 -91.67 -85.79
N GLN IA 439 -42.89 -91.32 -84.51
CA GLN IA 439 -41.59 -91.49 -83.85
C GLN IA 439 -41.15 -92.96 -83.76
N LYS IA 440 -42.03 -93.85 -83.27
CA LYS IA 440 -41.68 -95.27 -83.08
C LYS IA 440 -41.40 -95.99 -84.41
N PRO IA 441 -42.26 -95.88 -85.45
CA PRO IA 441 -41.98 -96.48 -86.75
C PRO IA 441 -40.63 -96.05 -87.34
N ILE IA 442 -40.31 -94.76 -87.24
CA ILE IA 442 -39.04 -94.21 -87.76
C ILE IA 442 -37.84 -94.77 -86.98
N GLU IA 443 -37.91 -94.78 -85.64
CA GLU IA 443 -36.83 -95.31 -84.81
C GLU IA 443 -36.55 -96.79 -85.09
N ASP IA 444 -37.60 -97.61 -85.17
CA ASP IA 444 -37.50 -99.04 -85.42
C ASP IA 444 -36.93 -99.34 -86.80
N PHE IA 445 -37.36 -98.59 -87.82
CA PHE IA 445 -36.80 -98.70 -89.16
C PHE IA 445 -35.32 -98.32 -89.21
N LEU IA 446 -34.93 -97.18 -88.62
CA LEU IA 446 -33.54 -96.73 -88.60
C LEU IA 446 -32.61 -97.69 -87.83
N LYS IA 447 -33.09 -98.24 -86.70
CA LYS IA 447 -32.37 -99.30 -85.96
C LYS IA 447 -32.23 -100.55 -86.82
N GLY IA 448 -33.27 -100.93 -87.56
CA GLY IA 448 -33.23 -102.05 -88.51
C GLY IA 448 -32.21 -101.87 -89.64
N GLN IA 449 -32.02 -100.64 -90.12
CA GLN IA 449 -30.99 -100.27 -91.10
C GLN IA 449 -29.57 -100.11 -90.50
N GLY IA 450 -29.39 -100.36 -89.20
CA GLY IA 450 -28.09 -100.28 -88.53
C GLY IA 450 -27.64 -98.85 -88.18
N VAL IA 451 -28.54 -97.86 -88.22
CA VAL IA 451 -28.25 -96.47 -87.86
C VAL IA 451 -28.36 -96.27 -86.34
N ARG IA 452 -27.37 -95.57 -85.75
CA ARG IA 452 -27.38 -95.28 -84.30
C ARG IA 452 -28.40 -94.18 -83.98
N VAL IA 453 -29.49 -94.53 -83.29
CA VAL IA 453 -30.51 -93.59 -82.82
C VAL IA 453 -30.28 -93.22 -81.35
N LYS IA 454 -30.20 -91.93 -81.03
CA LYS IA 454 -30.09 -91.38 -79.67
C LYS IA 454 -31.35 -90.60 -79.31
N ASN IA 455 -32.00 -91.00 -78.22
CA ASN IA 455 -33.27 -90.35 -77.82
C ASN IA 455 -32.98 -89.35 -76.69
N GLU IA 456 -32.50 -88.15 -77.03
CA GLU IA 456 -32.15 -87.13 -76.01
C GLU IA 456 -32.58 -85.75 -76.51
#